data_1N6E
#
_entry.id   1N6E
#
_cell.length_a   95.47
_cell.length_b   245.10
_cell.length_c   157.89
_cell.angle_alpha   90
_cell.angle_beta   105.19
_cell.angle_gamma   90
#
_symmetry.space_group_name_H-M   'P 1 21 1'
#
loop_
_entity.id
_entity.type
_entity.pdbx_description
1 polymer 'Tricorn protease'
2 polymer DQTQKAAAELTFF
3 water water
#
loop_
_entity_poly.entity_id
_entity_poly.type
_entity_poly.pdbx_seq_one_letter_code
_entity_poly.pdbx_strand_id
1 'polypeptide(L)'
;MPSLMSFGSCQWIDQGRFSRSLYRNFKTFKLHEMHGLCMPNLLLNPDIHGDRIIFVCCDDLWEHDLKSGSTRKIVSNLGV
INNARFFPDGRKIAIRVMRGSSLNTADLYFYNGENGEIKRITYFSGKSTGRRMFTDVAGFDPDGNLIISTDAMQPFSSMT
CLYRVENDGINFVPLNLGPATHILFADGRRVIGRNTFELPHWKGYRGGTRGKIWIEVNSGAFKKIVDMSTHVSSPVIVGH
RIYFITDIDGFGQIYSTDLDGKDLRKHTSFTDYYPRHLNTDGRRILFSKGGSIYIFNPDTEKIEKIEIGDLESPEDRIIS
IPSKFAEDFSPLDGDLIAFVSRGQAFIQDVSGTYVLKVPEPLRIRYVRRGGDTKVAFIHGTREGDFLGIYDYRTGKAEKF
EENLGNVFAMGVDRNGKFAVVANDRFEIMTVDLETGKPTVIERSREAMITDFTISDNSRFIAYGFPLKHGETDGYVMQAI
HVYDMEGRKIFAATTENSHDYAPAFDADSKNLYYLSYRSLDPSPDRVVLNFSFEVVSKPFVIPLIPGSPNPTKLVPRSMT
SEAGEYDLNDMYKRSSPINVDPGDYRMIIPLESSILIYSVPVHGEFAAYYQGAPEKGVLLKYDVKTRKVTEVKNNLTDLR
LSADRKTVMVRKDDGKIYTFPLEKPEDERTVETDKRPLVSSIHEEFLQMYDEAWKLARDNYWNEAVAKEISERIYEKYRN
LVPLCKTRYDLSNVIVEMQGEYRTSHSYEMGGTFTDKDPFRSGRIACDFKLDGDHYVVAKAYAGDYSNEGEKSPIFEYGI
DPTGYLIEDIDGETVGAGSNIYRVLSEKAGTSARIRLSGKGGDKRDLMIDILDDDRFIRYRSWVEANRRYVHERSKGTIG
YIHIPDMGMMGLNEFYRLFINESSYQGLIVDVRFNGGGFVSQLIIEKLMNKRIGYDNPRRGTLSPYPTNSVRGKIIAITN
EYAGSDGDIFSFSFKKLGLGKLIGTRTWGGVVGITPKRRLIDGTVLTQPEFAFWFRDAGFGVENYGVDPDVEIEYAPHDY
LSGKDPQIDYAIDALIEELRNWNEELPQRPS
;
A,C,E,G,I,K
2 'polypeptide(L)' DQTQKAAAELTFF(0QE) B,D,F,H,J,L
#
loop_
_chem_comp.id
_chem_comp.type
_chem_comp.name
_chem_comp.formula
0QE non-polymer chloromethane 'C H3 Cl'
#
# COMPACT_ATOMS: atom_id res chain seq x y z
N MET A 39 -42.86 46.69 33.48
CA MET A 39 -42.39 45.29 33.31
C MET A 39 -42.07 44.62 34.66
N PRO A 40 -43.11 44.15 35.38
CA PRO A 40 -42.90 43.50 36.67
C PRO A 40 -42.25 42.13 36.56
N ASN A 41 -41.63 41.68 37.64
CA ASN A 41 -40.98 40.39 37.66
C ASN A 41 -41.85 39.33 38.34
N LEU A 42 -41.48 38.08 38.15
CA LEU A 42 -42.20 36.98 38.75
C LEU A 42 -41.52 36.72 40.09
N LEU A 43 -42.25 36.83 41.18
CA LEU A 43 -41.63 36.60 42.49
C LEU A 43 -42.13 35.28 43.07
N LEU A 44 -41.25 34.54 43.74
CA LEU A 44 -41.67 33.29 44.29
C LEU A 44 -40.82 32.82 45.44
N ASN A 45 -41.18 31.64 45.95
CA ASN A 45 -40.51 30.94 47.07
C ASN A 45 -39.95 31.85 48.14
N PRO A 46 -40.81 32.55 48.85
CA PRO A 46 -40.32 33.45 49.90
C PRO A 46 -40.16 32.89 51.30
N ASP A 47 -39.51 33.68 52.14
CA ASP A 47 -39.29 33.36 53.52
C ASP A 47 -39.27 34.71 54.21
N ILE A 48 -39.61 34.72 55.49
CA ILE A 48 -39.66 35.93 56.26
C ILE A 48 -38.99 35.80 57.62
N HIS A 49 -38.54 36.95 58.12
CA HIS A 49 -37.92 37.11 59.43
C HIS A 49 -38.04 38.56 59.82
N GLY A 50 -39.04 38.85 60.65
CA GLY A 50 -39.28 40.19 61.11
C GLY A 50 -39.86 41.04 60.00
N ASP A 51 -39.14 42.08 59.62
CA ASP A 51 -39.58 42.95 58.54
C ASP A 51 -38.81 42.66 57.29
N ARG A 52 -37.87 41.73 57.36
CA ARG A 52 -37.10 41.41 56.17
C ARG A 52 -37.74 40.20 55.54
N ILE A 53 -37.77 40.20 54.22
CA ILE A 53 -38.36 39.10 53.47
C ILE A 53 -37.48 38.73 52.27
N ILE A 54 -37.00 37.49 52.22
CA ILE A 54 -36.21 37.06 51.07
C ILE A 54 -37.07 36.28 50.10
N PHE A 55 -36.83 36.48 48.80
CA PHE A 55 -37.61 35.78 47.79
C PHE A 55 -36.76 35.61 46.57
N VAL A 56 -37.23 34.82 45.61
CA VAL A 56 -36.45 34.60 44.39
C VAL A 56 -36.95 35.37 43.18
N CYS A 57 -36.05 35.94 42.41
CA CYS A 57 -36.42 36.68 41.22
C CYS A 57 -35.29 36.53 40.22
N CYS A 58 -35.62 36.09 39.01
CA CYS A 58 -34.61 35.87 37.96
C CYS A 58 -33.49 34.88 38.43
N ASP A 59 -33.89 33.79 39.06
CA ASP A 59 -32.97 32.76 39.58
C ASP A 59 -32.02 33.25 40.68
N ASP A 60 -32.08 34.53 40.99
CA ASP A 60 -31.27 35.13 42.03
C ASP A 60 -32.08 35.39 43.30
N LEU A 61 -31.38 35.47 44.43
CA LEU A 61 -32.01 35.74 45.73
C LEU A 61 -32.08 37.20 46.12
N TRP A 62 -33.28 37.64 46.48
CA TRP A 62 -33.47 39.02 46.88
C TRP A 62 -34.00 39.18 48.32
N GLU A 63 -33.69 40.31 48.93
CA GLU A 63 -34.19 40.59 50.25
C GLU A 63 -34.99 41.90 50.18
N HIS A 64 -36.11 41.93 50.89
CA HIS A 64 -36.95 43.11 50.90
C HIS A 64 -37.30 43.52 52.31
N ASP A 65 -37.16 44.82 52.60
CA ASP A 65 -37.43 45.40 53.90
C ASP A 65 -38.76 46.11 53.95
N LEU A 66 -39.71 45.51 54.66
CA LEU A 66 -41.04 46.07 54.83
C LEU A 66 -40.98 47.47 55.40
N LYS A 67 -40.06 47.68 56.33
CA LYS A 67 -39.95 48.99 56.94
C LYS A 67 -39.62 50.10 55.96
N SER A 68 -38.58 49.94 55.17
CA SER A 68 -38.21 50.99 54.20
C SER A 68 -38.74 50.79 52.78
N GLY A 69 -39.17 49.58 52.48
CA GLY A 69 -39.66 49.31 51.15
C GLY A 69 -38.53 49.11 50.15
N SER A 70 -37.30 49.00 50.65
CA SER A 70 -36.14 48.79 49.79
C SER A 70 -35.96 47.30 49.44
N THR A 71 -35.49 47.06 48.21
CA THR A 71 -35.29 45.71 47.73
C THR A 71 -33.89 45.61 47.15
N ARG A 72 -33.21 44.51 47.40
CA ARG A 72 -31.89 44.35 46.86
C ARG A 72 -31.51 42.91 46.60
N LYS A 73 -30.62 42.69 45.63
CA LYS A 73 -30.16 41.34 45.31
C LYS A 73 -28.99 41.05 46.26
N ILE A 74 -29.09 39.98 47.03
CA ILE A 74 -28.06 39.67 48.02
C ILE A 74 -27.20 38.47 47.64
N VAL A 75 -27.58 37.78 46.58
CA VAL A 75 -26.78 36.65 46.13
C VAL A 75 -27.18 36.27 44.71
N SER A 76 -26.20 36.19 43.83
CA SER A 76 -26.45 35.84 42.44
C SER A 76 -25.29 35.11 41.76
N ASN A 77 -25.54 34.70 40.52
CA ASN A 77 -24.53 34.02 39.73
C ASN A 77 -24.09 32.70 40.31
N LEU A 78 -24.96 32.06 41.07
CA LEU A 78 -24.63 30.78 41.67
C LEU A 78 -25.28 29.68 40.87
N GLY A 79 -26.29 30.04 40.10
CA GLY A 79 -27.06 29.10 39.30
C GLY A 79 -28.50 29.39 39.66
N VAL A 80 -29.40 28.44 39.42
CA VAL A 80 -30.79 28.71 39.73
C VAL A 80 -31.15 28.35 41.16
N ILE A 81 -31.57 29.35 41.91
CA ILE A 81 -31.97 29.20 43.29
C ILE A 81 -33.48 29.07 43.34
N ASN A 82 -33.96 28.03 44.01
CA ASN A 82 -35.41 27.81 44.14
C ASN A 82 -35.89 27.83 45.59
N ASN A 83 -34.95 27.91 46.53
CA ASN A 83 -35.35 27.90 47.92
C ASN A 83 -34.28 28.56 48.78
N ALA A 84 -34.74 29.34 49.76
CA ALA A 84 -33.85 30.02 50.66
C ALA A 84 -34.57 30.07 51.99
N ARG A 85 -33.83 29.75 53.04
CA ARG A 85 -34.37 29.71 54.35
C ARG A 85 -33.49 30.40 55.36
N PHE A 86 -34.14 31.29 56.11
CA PHE A 86 -33.51 32.06 57.20
C PHE A 86 -33.14 31.17 58.37
N PHE A 87 -31.98 31.39 58.96
CA PHE A 87 -31.58 30.62 60.11
C PHE A 87 -32.29 31.25 61.29
N PRO A 88 -32.28 30.58 62.45
CA PRO A 88 -32.95 31.11 63.63
C PRO A 88 -32.62 32.57 63.86
N ASP A 89 -31.36 32.87 64.07
CA ASP A 89 -30.96 34.26 64.31
C ASP A 89 -31.35 35.26 63.23
N GLY A 90 -31.73 34.79 62.04
CA GLY A 90 -32.08 35.70 60.96
C GLY A 90 -30.83 36.34 60.33
N ARG A 91 -29.67 35.73 60.53
CA ARG A 91 -28.41 36.24 59.98
C ARG A 91 -27.91 35.43 58.76
N LYS A 92 -27.72 34.12 58.96
CA LYS A 92 -27.30 33.22 57.91
C LYS A 92 -28.53 32.75 57.15
N ILE A 93 -28.31 32.31 55.92
CA ILE A 93 -29.38 31.83 55.09
C ILE A 93 -28.97 30.58 54.32
N ALA A 94 -29.71 29.50 54.49
CA ALA A 94 -29.46 28.24 53.79
C ALA A 94 -30.13 28.40 52.41
N ILE A 95 -29.39 28.03 51.37
CA ILE A 95 -29.85 28.19 49.99
C ILE A 95 -29.72 26.93 49.15
N ARG A 96 -30.75 26.59 48.39
CA ARG A 96 -30.69 25.43 47.52
C ARG A 96 -30.52 25.96 46.10
N VAL A 97 -29.45 25.54 45.44
CA VAL A 97 -29.21 26.01 44.09
C VAL A 97 -29.03 24.86 43.15
N MET A 98 -29.57 25.01 41.95
CA MET A 98 -29.47 23.98 40.92
C MET A 98 -28.48 24.35 39.80
N ARG A 99 -27.80 23.34 39.24
CA ARG A 99 -26.84 23.51 38.12
C ARG A 99 -27.00 22.39 37.10
N GLY A 100 -26.42 22.58 35.90
CA GLY A 100 -26.52 21.64 34.78
C GLY A 100 -27.55 22.25 33.85
N SER A 101 -27.33 22.30 32.54
CA SER A 101 -28.27 22.96 31.62
C SER A 101 -29.72 22.70 31.91
N SER A 102 -30.01 21.48 32.33
CA SER A 102 -31.36 21.05 32.71
C SER A 102 -31.63 20.99 34.20
N LEU A 103 -30.80 21.66 35.00
CA LEU A 103 -30.93 21.70 36.46
C LEU A 103 -31.05 20.28 36.97
N ASN A 104 -30.23 19.41 36.39
CA ASN A 104 -30.21 18.00 36.74
C ASN A 104 -29.48 17.76 38.09
N THR A 105 -28.76 18.78 38.57
CA THR A 105 -28.00 18.62 39.81
C THR A 105 -28.27 19.74 40.82
N ALA A 106 -27.99 19.49 42.09
CA ALA A 106 -28.22 20.50 43.10
C ALA A 106 -27.34 20.35 44.36
N ASP A 107 -27.10 21.48 45.02
CA ASP A 107 -26.38 21.49 46.27
C ASP A 107 -26.73 22.71 47.12
N LEU A 108 -26.35 22.65 48.37
CA LEU A 108 -26.69 23.73 49.28
C LEU A 108 -25.53 24.64 49.64
N TYR A 109 -25.89 25.90 49.83
CA TYR A 109 -24.95 26.94 50.15
C TYR A 109 -25.42 27.68 51.38
N PHE A 110 -24.49 28.38 52.02
CA PHE A 110 -24.76 29.22 53.20
C PHE A 110 -24.45 30.63 52.79
N TYR A 111 -25.22 31.54 53.36
CA TYR A 111 -25.02 32.96 53.11
C TYR A 111 -25.02 33.66 54.46
N ASN A 112 -23.97 34.42 54.73
CA ASN A 112 -23.87 35.15 55.97
C ASN A 112 -24.11 36.62 55.65
N GLY A 113 -25.32 37.10 55.93
CA GLY A 113 -25.65 38.48 55.64
C GLY A 113 -24.77 39.51 56.32
N GLU A 114 -24.06 39.09 57.34
CA GLU A 114 -23.19 39.98 58.09
C GLU A 114 -22.00 40.44 57.25
N ASN A 115 -21.22 39.49 56.71
CA ASN A 115 -20.08 39.85 55.90
C ASN A 115 -20.35 39.65 54.42
N GLY A 116 -21.45 38.97 54.10
CA GLY A 116 -21.78 38.74 52.70
C GLY A 116 -21.03 37.57 52.12
N GLU A 117 -20.65 36.65 53.00
CA GLU A 117 -19.91 35.48 52.62
C GLU A 117 -20.81 34.38 52.11
N ILE A 118 -20.37 33.69 51.05
CA ILE A 118 -21.14 32.60 50.46
C ILE A 118 -20.25 31.37 50.63
N LYS A 119 -20.86 30.20 50.70
CA LYS A 119 -20.11 28.98 50.92
C LYS A 119 -20.91 27.72 50.64
N ARG A 120 -20.38 26.83 49.80
CA ARG A 120 -21.06 25.58 49.48
C ARG A 120 -20.97 24.67 50.70
N ILE A 121 -22.11 24.08 51.08
CA ILE A 121 -22.17 23.20 52.25
C ILE A 121 -22.22 21.72 51.92
N THR A 122 -22.91 21.35 50.83
CA THR A 122 -23.01 19.95 50.43
C THR A 122 -22.38 19.66 49.09
N TYR A 123 -21.68 18.54 49.00
CA TYR A 123 -21.05 18.14 47.74
C TYR A 123 -21.64 16.79 47.40
N PHE A 124 -22.95 16.69 47.48
CA PHE A 124 -23.64 15.47 47.22
C PHE A 124 -24.09 15.38 45.78
N SER A 125 -24.21 16.55 45.15
CA SER A 125 -24.65 16.66 43.78
C SER A 125 -25.98 15.92 43.65
N GLY A 126 -26.90 16.13 44.60
CA GLY A 126 -28.19 15.44 44.57
C GLY A 126 -28.93 15.45 43.25
N LYS A 127 -29.58 14.34 42.89
CA LYS A 127 -30.34 14.29 41.65
C LYS A 127 -31.69 14.97 41.87
N SER A 128 -32.08 15.82 40.93
CA SER A 128 -33.36 16.51 41.04
C SER A 128 -34.09 16.66 39.70
N THR A 129 -35.40 16.85 39.79
CA THR A 129 -36.25 17.05 38.63
C THR A 129 -37.29 18.08 39.07
N GLY A 130 -37.90 18.78 38.12
CA GLY A 130 -38.89 19.78 38.46
C GLY A 130 -39.88 19.33 39.53
N ARG A 131 -40.53 18.20 39.29
CA ARG A 131 -41.49 17.64 40.22
C ARG A 131 -40.87 17.23 41.55
N ARG A 132 -39.66 16.68 41.49
CA ARG A 132 -38.94 16.24 42.69
C ARG A 132 -37.60 16.93 42.87
N MET A 133 -37.65 18.14 43.39
CA MET A 133 -36.47 18.95 43.64
C MET A 133 -35.85 18.63 45.02
N PHE A 134 -35.29 17.42 45.11
CA PHE A 134 -34.69 16.90 46.32
C PHE A 134 -33.34 17.52 46.78
N THR A 135 -32.95 17.19 48.02
CA THR A 135 -31.75 17.73 48.63
C THR A 135 -32.03 19.21 48.90
N ASP A 136 -32.74 19.46 50.01
CA ASP A 136 -33.14 20.77 50.43
C ASP A 136 -33.06 21.01 51.93
N VAL A 137 -33.44 22.21 52.34
CA VAL A 137 -33.48 22.52 53.77
C VAL A 137 -34.74 21.84 54.36
N ALA A 138 -34.60 21.09 55.44
CA ALA A 138 -35.78 20.44 56.02
C ALA A 138 -36.40 21.27 57.14
N GLY A 139 -35.55 22.04 57.83
CA GLY A 139 -35.93 22.89 58.92
C GLY A 139 -34.72 23.17 59.80
N PHE A 140 -34.96 23.66 61.02
CA PHE A 140 -33.89 23.94 61.97
C PHE A 140 -34.24 23.38 63.32
N ASP A 141 -33.24 22.86 64.03
CA ASP A 141 -33.48 22.28 65.34
C ASP A 141 -33.53 23.39 66.39
N PRO A 142 -33.96 23.08 67.63
CA PRO A 142 -34.01 24.11 68.68
C PRO A 142 -32.71 24.91 68.83
N ASP A 143 -31.59 24.21 68.84
CA ASP A 143 -30.28 24.84 68.98
C ASP A 143 -29.89 25.74 67.81
N GLY A 144 -30.75 25.88 66.81
CA GLY A 144 -30.42 26.71 65.66
C GLY A 144 -29.67 25.97 64.55
N ASN A 145 -29.52 24.65 64.62
CA ASN A 145 -28.84 23.89 63.61
C ASN A 145 -29.70 23.53 62.42
N LEU A 146 -29.09 23.62 61.26
CA LEU A 146 -29.75 23.26 60.03
C LEU A 146 -29.93 21.75 59.89
N ILE A 147 -31.14 21.37 59.47
CA ILE A 147 -31.45 19.98 59.22
C ILE A 147 -31.84 19.89 57.76
N ILE A 148 -31.17 19.01 57.01
CA ILE A 148 -31.45 18.86 55.59
C ILE A 148 -32.09 17.53 55.27
N SER A 149 -32.74 17.51 54.13
CA SER A 149 -33.37 16.34 53.61
C SER A 149 -32.62 15.95 52.34
N THR A 150 -32.15 14.70 52.25
CA THR A 150 -31.48 14.31 51.02
C THR A 150 -31.45 12.83 50.82
N ASP A 151 -31.46 12.43 49.56
CA ASP A 151 -31.41 11.03 49.13
C ASP A 151 -30.03 10.74 48.59
N ALA A 152 -29.13 11.72 48.66
CA ALA A 152 -27.76 11.57 48.14
C ALA A 152 -27.03 10.32 48.62
N MET A 153 -27.26 9.89 49.85
CA MET A 153 -26.60 8.69 50.33
C MET A 153 -27.54 7.48 50.40
N GLN A 154 -28.64 7.56 49.69
CA GLN A 154 -29.61 6.47 49.71
C GLN A 154 -29.74 5.78 48.38
N PRO A 155 -30.18 4.52 48.41
CA PRO A 155 -30.34 3.78 47.17
C PRO A 155 -31.52 4.28 46.33
N PHE A 156 -32.47 4.95 46.97
CA PHE A 156 -33.66 5.45 46.25
C PHE A 156 -33.83 6.95 46.35
N SER A 157 -34.18 7.59 45.24
CA SER A 157 -34.39 9.04 45.26
C SER A 157 -35.51 9.49 46.22
N SER A 158 -36.57 8.70 46.40
CA SER A 158 -37.64 9.07 47.35
C SER A 158 -37.18 8.95 48.79
N MET A 159 -36.08 8.24 49.04
CA MET A 159 -35.63 8.10 50.42
C MET A 159 -34.91 9.35 50.91
N THR A 160 -35.58 10.50 50.83
CA THR A 160 -34.97 11.74 51.27
C THR A 160 -34.90 11.82 52.79
N CYS A 161 -33.91 11.15 53.37
CA CYS A 161 -33.69 11.08 54.81
C CYS A 161 -33.16 12.37 55.45
N LEU A 162 -33.48 12.59 56.73
CA LEU A 162 -33.05 13.80 57.48
C LEU A 162 -31.65 13.77 58.13
N TYR A 163 -30.91 14.84 57.88
CA TYR A 163 -29.57 14.91 58.40
C TYR A 163 -29.32 16.22 59.10
N ARG A 164 -28.61 16.18 60.22
CA ARG A 164 -28.24 17.44 60.86
C ARG A 164 -26.84 17.89 60.36
N VAL A 165 -26.79 19.06 59.73
CA VAL A 165 -25.54 19.62 59.21
C VAL A 165 -24.58 20.05 60.32
N GLU A 166 -23.30 19.74 60.17
CA GLU A 166 -22.30 20.12 61.17
C GLU A 166 -21.03 20.69 60.54
N ASN A 167 -20.40 21.64 61.26
CA ASN A 167 -19.16 22.30 60.85
C ASN A 167 -19.25 22.73 59.40
N ASP A 168 -20.44 23.14 58.98
CA ASP A 168 -20.67 23.61 57.62
C ASP A 168 -20.39 22.57 56.53
N GLY A 169 -20.86 21.34 56.73
CA GLY A 169 -20.65 20.33 55.72
C GLY A 169 -19.55 19.36 56.04
N ILE A 170 -18.83 19.55 57.14
CA ILE A 170 -17.76 18.64 57.47
C ILE A 170 -18.28 17.28 57.86
N ASN A 171 -19.45 17.31 58.50
CA ASN A 171 -20.08 16.11 59.01
C ASN A 171 -21.60 16.19 58.96
N PHE A 172 -22.25 15.04 58.80
CA PHE A 172 -23.69 14.98 58.72
C PHE A 172 -24.23 13.93 59.69
N VAL A 173 -25.13 14.32 60.56
CA VAL A 173 -25.65 13.35 61.50
C VAL A 173 -27.07 12.96 61.15
N PRO A 174 -27.31 11.67 60.90
CA PRO A 174 -28.64 11.20 60.55
C PRO A 174 -29.64 11.24 61.69
N LEU A 175 -30.86 11.65 61.41
CA LEU A 175 -31.88 11.70 62.41
C LEU A 175 -32.64 10.36 62.46
N ASN A 176 -32.53 9.53 61.42
CA ASN A 176 -33.20 8.24 61.44
C ASN A 176 -34.71 8.32 61.70
N LEU A 177 -35.38 9.19 60.95
CA LEU A 177 -36.79 9.36 61.10
C LEU A 177 -37.46 8.93 59.79
N GLY A 178 -36.67 8.32 58.92
CA GLY A 178 -37.18 7.88 57.64
C GLY A 178 -37.28 9.03 56.65
N PRO A 179 -37.83 8.81 55.45
CA PRO A 179 -37.98 9.88 54.44
C PRO A 179 -38.85 11.03 54.93
N ALA A 180 -38.42 12.26 54.69
CA ALA A 180 -39.18 13.41 55.14
C ALA A 180 -38.84 14.67 54.39
N THR A 181 -39.82 15.53 54.19
CA THR A 181 -39.59 16.75 53.46
C THR A 181 -39.41 17.92 54.41
N HIS A 182 -40.23 18.00 55.47
CA HIS A 182 -40.15 19.07 56.46
C HIS A 182 -40.07 18.58 57.88
N ILE A 183 -39.32 19.30 58.69
CA ILE A 183 -39.21 18.96 60.10
C ILE A 183 -39.39 20.26 60.87
N LEU A 184 -40.34 20.24 61.81
CA LEU A 184 -40.65 21.37 62.67
C LEU A 184 -40.52 20.97 64.14
N PHE A 185 -40.47 21.96 65.03
CA PHE A 185 -40.37 21.63 66.43
C PHE A 185 -41.41 22.40 67.24
N ALA A 186 -42.25 21.68 67.97
CA ALA A 186 -43.25 22.32 68.78
C ALA A 186 -43.16 21.74 70.18
N ASP A 187 -42.90 22.60 71.15
CA ASP A 187 -42.81 22.18 72.56
C ASP A 187 -41.94 20.93 72.75
N GLY A 188 -40.75 20.98 72.17
CA GLY A 188 -39.85 19.85 72.28
C GLY A 188 -40.33 18.64 71.52
N ARG A 189 -41.36 18.80 70.70
CA ARG A 189 -41.88 17.66 69.95
C ARG A 189 -41.53 17.81 68.49
N ARG A 190 -41.03 16.73 67.89
CA ARG A 190 -40.66 16.76 66.48
C ARG A 190 -41.89 16.58 65.60
N VAL A 191 -42.09 17.49 64.66
CA VAL A 191 -43.20 17.41 63.70
C VAL A 191 -42.60 17.03 62.34
N ILE A 192 -43.02 15.90 61.79
CA ILE A 192 -42.53 15.41 60.51
C ILE A 192 -43.50 15.60 59.36
N GLY A 193 -43.01 16.17 58.27
CA GLY A 193 -43.83 16.35 57.08
C GLY A 193 -43.31 15.44 55.94
N ARG A 194 -44.09 14.41 55.62
CA ARG A 194 -43.73 13.49 54.55
C ARG A 194 -44.34 13.89 53.19
N ASN A 195 -43.50 13.94 52.17
CA ASN A 195 -43.91 14.27 50.83
C ASN A 195 -44.66 15.58 50.81
N THR A 196 -44.31 16.47 51.72
CA THR A 196 -45.01 17.73 51.82
C THR A 196 -44.54 18.87 50.95
N PHE A 197 -43.85 18.56 49.86
CA PHE A 197 -43.41 19.59 48.94
C PHE A 197 -44.59 19.95 48.06
N GLU A 198 -44.49 21.04 47.31
CA GLU A 198 -45.58 21.43 46.44
C GLU A 198 -45.70 20.49 45.22
N LEU A 199 -46.92 20.39 44.67
CA LEU A 199 -47.15 19.60 43.50
C LEU A 199 -47.98 20.41 42.50
N PRO A 200 -47.39 21.45 41.88
CA PRO A 200 -48.10 22.29 40.91
C PRO A 200 -48.51 21.60 39.62
N HIS A 201 -47.87 20.49 39.32
CA HIS A 201 -48.17 19.77 38.08
C HIS A 201 -49.34 18.81 38.25
N TRP A 202 -49.82 18.62 39.48
CA TRP A 202 -50.95 17.73 39.69
C TRP A 202 -51.89 18.28 40.75
N LYS A 203 -52.79 19.15 40.32
CA LYS A 203 -53.72 19.71 41.25
C LYS A 203 -54.81 18.69 41.62
N GLY A 204 -55.28 18.75 42.85
CA GLY A 204 -56.31 17.83 43.30
C GLY A 204 -55.78 16.41 43.48
N TYR A 205 -54.45 16.26 43.55
CA TYR A 205 -53.85 14.93 43.76
C TYR A 205 -54.36 14.25 45.02
N ARG A 206 -54.78 12.98 44.94
CA ARG A 206 -55.29 12.26 46.13
C ARG A 206 -54.67 10.87 46.26
N GLY A 207 -53.50 10.69 45.66
CA GLY A 207 -52.85 9.39 45.65
C GLY A 207 -52.12 9.04 46.93
N GLY A 208 -51.63 7.81 46.99
CA GLY A 208 -50.94 7.31 48.17
C GLY A 208 -49.74 8.07 48.67
N THR A 209 -49.09 8.84 47.79
CA THR A 209 -47.90 9.65 48.10
C THR A 209 -48.23 11.10 48.48
N ARG A 210 -49.50 11.39 48.76
CA ARG A 210 -49.93 12.72 49.16
C ARG A 210 -49.31 13.10 50.48
N GLY A 211 -48.87 14.37 50.58
CA GLY A 211 -48.27 14.89 51.80
C GLY A 211 -49.11 14.59 53.07
N LYS A 212 -48.45 14.13 54.11
CA LYS A 212 -49.07 13.82 55.38
C LYS A 212 -48.18 14.40 56.48
N ILE A 213 -48.72 14.59 57.67
CA ILE A 213 -47.91 15.11 58.77
C ILE A 213 -47.98 14.17 59.98
N TRP A 214 -46.86 14.01 60.67
CA TRP A 214 -46.79 13.16 61.85
C TRP A 214 -46.22 14.03 62.96
N ILE A 215 -46.48 13.63 64.20
CA ILE A 215 -45.97 14.39 65.32
C ILE A 215 -45.55 13.44 66.40
N GLU A 216 -44.52 13.84 67.13
CA GLU A 216 -43.99 13.03 68.20
C GLU A 216 -44.88 13.21 69.41
N VAL A 217 -45.13 12.11 70.12
CA VAL A 217 -45.99 12.12 71.32
C VAL A 217 -45.22 11.60 72.55
N ASN A 218 -44.13 10.88 72.32
CA ASN A 218 -43.37 10.36 73.41
C ASN A 218 -41.89 10.13 73.06
N SER A 219 -41.09 11.18 73.21
CA SER A 219 -39.66 11.20 72.89
C SER A 219 -39.17 10.00 72.09
N GLY A 220 -39.92 9.68 71.04
CA GLY A 220 -39.60 8.56 70.18
C GLY A 220 -40.88 8.04 69.54
N ALA A 221 -42.02 8.20 70.22
CA ALA A 221 -43.27 7.72 69.68
C ALA A 221 -43.90 8.72 68.71
N PHE A 222 -44.26 8.26 67.51
CA PHE A 222 -44.87 9.17 66.54
C PHE A 222 -46.27 8.77 66.13
N LYS A 223 -47.07 9.78 65.81
CA LYS A 223 -48.43 9.54 65.42
C LYS A 223 -48.83 10.41 64.26
N LYS A 224 -49.50 9.84 63.27
CA LYS A 224 -49.92 10.61 62.12
C LYS A 224 -51.08 11.52 62.54
N ILE A 225 -50.95 12.82 62.30
CA ILE A 225 -51.98 13.77 62.70
C ILE A 225 -52.66 14.53 61.56
N VAL A 226 -52.07 14.57 60.37
CA VAL A 226 -52.73 15.22 59.27
C VAL A 226 -52.60 14.27 58.07
N ASP A 227 -53.75 13.74 57.66
CA ASP A 227 -53.81 12.82 56.56
C ASP A 227 -55.18 13.02 55.91
N MET A 228 -55.30 14.07 55.13
CA MET A 228 -56.52 14.39 54.45
C MET A 228 -56.64 13.64 53.17
N SER A 229 -57.78 13.85 52.51
CA SER A 229 -58.08 13.22 51.25
C SER A 229 -57.08 13.67 50.19
N THR A 230 -56.77 14.95 50.25
CA THR A 230 -55.82 15.53 49.32
C THR A 230 -54.43 15.76 49.91
N HIS A 231 -53.56 16.21 49.01
CA HIS A 231 -52.18 16.51 49.27
C HIS A 231 -51.99 17.76 50.12
N VAL A 232 -51.15 17.63 51.15
CA VAL A 232 -50.86 18.75 52.05
C VAL A 232 -49.42 19.18 51.83
N SER A 233 -49.18 20.48 51.64
CA SER A 233 -47.83 20.97 51.39
C SER A 233 -47.43 22.19 52.23
N SER A 234 -46.13 22.50 52.23
CA SER A 234 -45.59 23.66 52.92
C SER A 234 -46.12 23.87 54.32
N PRO A 235 -45.84 22.92 55.21
CA PRO A 235 -46.32 23.07 56.59
C PRO A 235 -45.47 24.06 57.38
N VAL A 236 -46.10 24.75 58.32
CA VAL A 236 -45.46 25.72 59.22
C VAL A 236 -46.25 25.78 60.52
N ILE A 237 -45.61 26.30 61.55
CA ILE A 237 -46.22 26.39 62.86
C ILE A 237 -46.20 27.82 63.41
N VAL A 238 -47.38 28.35 63.70
CA VAL A 238 -47.45 29.67 64.31
C VAL A 238 -48.28 29.47 65.56
N GLY A 239 -47.60 29.64 66.70
CA GLY A 239 -48.23 29.45 67.99
C GLY A 239 -48.33 27.94 68.27
N HIS A 240 -49.55 27.44 68.39
CA HIS A 240 -49.72 26.05 68.63
C HIS A 240 -50.58 25.46 67.55
N ARG A 241 -50.41 26.00 66.35
CA ARG A 241 -51.14 25.51 65.19
C ARG A 241 -50.21 25.29 64.00
N ILE A 242 -50.55 24.28 63.20
CA ILE A 242 -49.79 23.94 62.01
C ILE A 242 -50.56 24.47 60.83
N TYR A 243 -49.93 25.30 60.03
CA TYR A 243 -50.59 25.84 58.87
C TYR A 243 -49.99 25.17 57.62
N PHE A 244 -50.86 24.79 56.71
CA PHE A 244 -50.40 24.13 55.51
C PHE A 244 -51.35 24.48 54.38
N ILE A 245 -51.02 23.98 53.20
CA ILE A 245 -51.83 24.27 52.04
C ILE A 245 -52.46 22.99 51.52
N THR A 246 -53.63 23.12 50.93
CA THR A 246 -54.33 22.01 50.34
C THR A 246 -55.51 22.45 49.46
N ASP A 247 -55.93 21.58 48.57
CA ASP A 247 -57.03 21.92 47.71
C ASP A 247 -58.15 20.95 47.89
N ILE A 248 -58.42 20.62 49.16
CA ILE A 248 -59.47 19.69 49.48
C ILE A 248 -60.80 20.22 48.98
N ASP A 249 -60.91 21.54 48.87
CA ASP A 249 -62.14 22.19 48.41
C ASP A 249 -62.23 22.52 46.92
N GLY A 250 -61.19 22.20 46.16
CA GLY A 250 -61.21 22.48 44.73
C GLY A 250 -60.16 23.47 44.29
N PHE A 251 -59.60 24.21 45.23
CA PHE A 251 -58.59 25.18 44.91
C PHE A 251 -57.64 25.30 46.10
N GLY A 252 -56.41 25.75 45.84
CA GLY A 252 -55.42 25.89 46.90
C GLY A 252 -55.79 26.96 47.90
N GLN A 253 -55.80 26.61 49.18
CA GLN A 253 -56.10 27.53 50.27
C GLN A 253 -55.21 27.17 51.46
N ILE A 254 -55.07 28.10 52.40
CA ILE A 254 -54.29 27.86 53.58
C ILE A 254 -55.23 27.36 54.65
N TYR A 255 -54.79 26.37 55.41
CA TYR A 255 -55.60 25.77 56.48
C TYR A 255 -54.68 25.61 57.68
N SER A 256 -55.22 25.18 58.80
CA SER A 256 -54.43 24.94 59.98
C SER A 256 -55.21 24.05 60.93
N THR A 257 -54.49 23.40 61.85
CA THR A 257 -55.09 22.54 62.85
C THR A 257 -54.21 22.64 64.09
N ASP A 258 -54.67 22.11 65.20
CA ASP A 258 -53.84 22.15 66.40
C ASP A 258 -52.78 21.06 66.25
N LEU A 259 -51.90 20.92 67.23
CA LEU A 259 -50.86 19.91 67.15
C LEU A 259 -51.39 18.46 67.27
N ASP A 260 -52.69 18.28 67.07
CA ASP A 260 -53.28 16.93 67.11
C ASP A 260 -54.02 16.66 65.82
N GLY A 261 -53.98 17.63 64.92
CA GLY A 261 -54.64 17.48 63.66
C GLY A 261 -56.11 17.78 63.76
N LYS A 262 -56.56 18.15 64.95
CA LYS A 262 -57.97 18.47 65.18
C LYS A 262 -58.25 19.96 64.93
N ASP A 263 -59.53 20.32 64.90
CA ASP A 263 -59.97 21.71 64.72
C ASP A 263 -59.48 22.33 63.42
N LEU A 264 -59.88 21.76 62.30
CA LEU A 264 -59.48 22.27 61.00
C LEU A 264 -60.14 23.60 60.72
N ARG A 265 -59.41 24.49 60.04
CA ARG A 265 -59.88 25.84 59.69
C ARG A 265 -59.31 26.27 58.34
N LYS A 266 -60.16 26.98 57.60
CA LYS A 266 -59.83 27.52 56.28
C LYS A 266 -59.56 29.02 56.45
N HIS A 267 -58.36 29.49 56.12
CA HIS A 267 -58.05 30.90 56.30
C HIS A 267 -58.04 31.79 55.08
N THR A 268 -58.20 31.22 53.91
CA THR A 268 -58.14 32.03 52.69
C THR A 268 -59.16 31.54 51.71
N SER A 269 -59.48 32.36 50.73
CA SER A 269 -60.46 32.00 49.73
C SER A 269 -59.99 32.40 48.34
N PHE A 270 -58.74 32.13 48.05
CA PHE A 270 -58.20 32.49 46.76
C PHE A 270 -59.02 31.89 45.60
N THR A 271 -58.91 32.49 44.42
CA THR A 271 -59.62 31.96 43.25
C THR A 271 -58.84 32.22 41.97
N ASP A 272 -57.80 33.04 42.06
CA ASP A 272 -56.96 33.40 40.89
C ASP A 272 -55.80 32.43 40.62
N TYR A 273 -54.93 32.25 41.61
CA TYR A 273 -53.80 31.34 41.49
C TYR A 273 -53.60 30.65 42.80
N TYR A 274 -53.22 29.39 42.74
CA TYR A 274 -52.93 28.62 43.95
C TYR A 274 -51.80 29.29 44.76
N PRO A 275 -51.89 29.22 46.07
CA PRO A 275 -50.84 29.83 46.88
C PRO A 275 -49.72 28.77 47.02
N ARG A 276 -48.48 29.16 47.25
CA ARG A 276 -47.39 28.17 47.38
C ARG A 276 -46.29 28.62 48.28
N HIS A 277 -45.48 27.64 48.71
CA HIS A 277 -44.30 27.85 49.52
C HIS A 277 -44.54 28.57 50.83
N LEU A 278 -45.30 28.01 51.76
CA LEU A 278 -45.50 28.72 53.04
C LEU A 278 -44.22 28.75 53.87
N ASN A 279 -43.98 29.89 54.49
CA ASN A 279 -42.82 30.03 55.34
C ASN A 279 -43.18 31.04 56.43
N THR A 280 -42.50 30.93 57.56
CA THR A 280 -42.78 31.84 58.65
C THR A 280 -41.58 32.13 59.54
N ASP A 281 -41.73 33.11 60.42
CA ASP A 281 -40.71 33.49 61.39
C ASP A 281 -41.22 33.23 62.82
N GLY A 282 -42.47 32.79 62.93
CA GLY A 282 -43.06 32.51 64.22
C GLY A 282 -44.22 33.43 64.52
N ARG A 283 -44.26 34.55 63.81
CA ARG A 283 -45.34 35.51 63.98
C ARG A 283 -46.19 35.61 62.70
N ARG A 284 -45.57 35.91 61.57
CA ARG A 284 -46.30 36.00 60.30
C ARG A 284 -45.91 34.89 59.30
N ILE A 285 -46.82 34.66 58.35
CA ILE A 285 -46.66 33.63 57.33
C ILE A 285 -46.50 34.26 55.98
N LEU A 286 -45.52 33.78 55.23
CA LEU A 286 -45.22 34.35 53.92
C LEU A 286 -45.56 33.32 52.84
N PHE A 287 -45.85 33.78 51.63
CA PHE A 287 -46.16 32.83 50.57
C PHE A 287 -46.23 33.53 49.21
N SER A 288 -46.17 32.76 48.14
CA SER A 288 -46.24 33.36 46.83
C SER A 288 -47.53 32.96 46.13
N LYS A 289 -47.95 33.77 45.17
CA LYS A 289 -49.15 33.49 44.42
C LYS A 289 -49.14 34.35 43.16
N GLY A 290 -49.41 33.72 42.02
CA GLY A 290 -49.45 34.43 40.77
C GLY A 290 -48.29 35.39 40.55
N GLY A 291 -47.11 34.99 41.01
CA GLY A 291 -45.93 35.83 40.84
C GLY A 291 -45.80 36.99 41.81
N SER A 292 -46.52 36.96 42.93
CA SER A 292 -46.39 38.03 43.92
C SER A 292 -46.17 37.46 45.31
N ILE A 293 -45.69 38.30 46.21
CA ILE A 293 -45.44 37.84 47.56
C ILE A 293 -46.55 38.41 48.47
N TYR A 294 -47.13 37.53 49.29
CA TYR A 294 -48.18 37.92 50.20
C TYR A 294 -47.79 37.63 51.62
N ILE A 295 -48.48 38.29 52.54
CA ILE A 295 -48.29 38.07 53.96
C ILE A 295 -49.65 37.77 54.60
N PHE A 296 -49.65 36.83 55.52
CA PHE A 296 -50.83 36.40 56.26
C PHE A 296 -50.48 36.50 57.74
N ASN A 297 -51.26 37.32 58.46
CA ASN A 297 -51.04 37.47 59.89
C ASN A 297 -52.10 36.60 60.58
N PRO A 298 -51.68 35.51 61.21
CA PRO A 298 -52.59 34.59 61.90
C PRO A 298 -53.41 35.27 63.01
N ASP A 299 -52.80 36.19 63.74
CA ASP A 299 -53.50 36.86 64.82
C ASP A 299 -54.56 37.83 64.35
N THR A 300 -54.61 38.06 63.04
CA THR A 300 -55.57 38.98 62.45
C THR A 300 -56.32 38.37 61.31
N GLU A 301 -55.75 37.31 60.75
CA GLU A 301 -56.34 36.64 59.59
C GLU A 301 -56.38 37.60 58.39
N LYS A 302 -55.51 38.61 58.41
CA LYS A 302 -55.40 39.61 57.35
C LYS A 302 -54.29 39.20 56.38
N ILE A 303 -54.55 39.41 55.10
CA ILE A 303 -53.59 39.06 54.08
C ILE A 303 -53.35 40.25 53.18
N GLU A 304 -52.08 40.50 52.87
CA GLU A 304 -51.72 41.62 52.00
C GLU A 304 -50.52 41.36 51.11
N LYS A 305 -50.62 41.88 49.90
CA LYS A 305 -49.60 41.76 48.90
C LYS A 305 -48.49 42.73 49.24
N ILE A 306 -47.26 42.27 49.21
CA ILE A 306 -46.15 43.14 49.48
C ILE A 306 -45.84 43.84 48.18
N GLU A 307 -45.51 45.13 48.24
CA GLU A 307 -45.20 45.88 47.01
C GLU A 307 -43.73 45.80 46.65
N ILE A 308 -43.43 45.24 45.48
CA ILE A 308 -42.03 45.20 45.05
C ILE A 308 -41.83 45.89 43.71
N GLY A 309 -42.72 45.66 42.76
CA GLY A 309 -42.58 46.32 41.47
C GLY A 309 -41.37 45.85 40.68
N ASP A 310 -41.04 46.59 39.62
CA ASP A 310 -39.91 46.23 38.76
C ASP A 310 -38.64 46.01 39.54
N LEU A 311 -37.94 44.93 39.22
CA LEU A 311 -36.73 44.57 39.92
C LEU A 311 -35.58 44.31 38.97
N GLU A 312 -35.85 43.73 37.83
CA GLU A 312 -34.77 43.45 36.93
C GLU A 312 -35.31 43.07 35.56
N SER A 313 -34.77 43.69 34.53
CA SER A 313 -35.21 43.42 33.17
C SER A 313 -33.93 43.24 32.33
N PRO A 314 -33.43 42.01 32.22
CA PRO A 314 -32.23 41.74 31.43
C PRO A 314 -32.44 41.88 29.93
N GLU A 315 -31.33 41.85 29.20
CA GLU A 315 -31.32 41.99 27.74
C GLU A 315 -32.24 40.96 27.08
N ASP A 316 -33.19 41.41 26.29
CA ASP A 316 -34.13 40.51 25.65
C ASP A 316 -33.55 39.70 24.51
N ARG A 317 -32.61 40.29 23.79
CA ARG A 317 -31.94 39.70 22.64
C ARG A 317 -30.82 38.82 23.13
N ILE A 318 -30.92 37.52 22.85
CA ILE A 318 -29.92 36.54 23.27
C ILE A 318 -29.26 35.76 22.12
N ILE A 319 -28.04 35.33 22.41
CA ILE A 319 -27.21 34.58 21.49
C ILE A 319 -27.17 33.13 21.95
N SER A 320 -27.16 32.19 21.00
CA SER A 320 -27.16 30.75 21.30
C SER A 320 -26.29 29.98 20.32
N ILE A 321 -25.81 28.84 20.75
CA ILE A 321 -25.02 28.00 19.88
C ILE A 321 -25.99 27.16 19.05
N PRO A 322 -26.00 27.36 17.72
CA PRO A 322 -26.89 26.62 16.85
C PRO A 322 -26.86 25.12 16.95
N SER A 323 -25.68 24.56 17.15
CA SER A 323 -25.59 23.10 17.25
C SER A 323 -26.30 22.57 18.52
N LYS A 324 -26.26 23.36 19.60
CA LYS A 324 -26.91 22.98 20.83
C LYS A 324 -28.39 22.66 20.65
N PHE A 325 -29.07 23.32 19.73
CA PHE A 325 -30.49 23.10 19.53
C PHE A 325 -30.80 22.63 18.15
N ALA A 326 -29.78 22.16 17.46
CA ALA A 326 -29.96 21.72 16.07
C ALA A 326 -30.87 20.50 15.90
N GLU A 327 -31.67 20.49 14.86
CA GLU A 327 -32.59 19.40 14.62
C GLU A 327 -32.82 19.38 13.12
N ASP A 328 -33.06 18.22 12.55
CA ASP A 328 -33.30 18.20 11.11
C ASP A 328 -32.10 18.77 10.36
N PHE A 329 -31.37 17.91 9.65
CA PHE A 329 -30.23 18.35 8.85
C PHE A 329 -30.46 17.71 7.48
N SER A 330 -30.50 18.50 6.44
CA SER A 330 -30.76 17.93 5.12
C SER A 330 -29.81 18.50 4.04
N PRO A 331 -29.36 17.66 3.11
CA PRO A 331 -28.46 18.06 2.02
C PRO A 331 -29.23 18.64 0.81
N LEU A 332 -28.76 19.77 0.29
CA LEU A 332 -29.42 20.44 -0.83
C LEU A 332 -28.53 20.35 -2.08
N ASP A 333 -29.02 20.88 -3.20
CA ASP A 333 -28.22 20.88 -4.40
C ASP A 333 -27.03 21.78 -4.19
N GLY A 334 -26.05 21.66 -5.07
CA GLY A 334 -24.86 22.49 -4.96
C GLY A 334 -24.07 22.32 -3.68
N ASP A 335 -24.14 21.13 -3.07
CA ASP A 335 -23.37 20.91 -1.85
C ASP A 335 -23.77 21.84 -0.72
N LEU A 336 -25.02 22.25 -0.69
CA LEU A 336 -25.44 23.10 0.39
C LEU A 336 -26.11 22.26 1.45
N ILE A 337 -26.25 22.85 2.61
CA ILE A 337 -26.88 22.18 3.72
C ILE A 337 -28.03 23.03 4.26
N ALA A 338 -29.06 22.39 4.77
CA ALA A 338 -30.16 23.09 5.41
C ALA A 338 -30.30 22.41 6.75
N PHE A 339 -30.65 23.18 7.79
CA PHE A 339 -30.87 22.62 9.14
C PHE A 339 -31.72 23.59 9.95
N VAL A 340 -32.47 23.00 10.87
CA VAL A 340 -33.36 23.72 11.75
C VAL A 340 -32.72 23.78 13.15
N SER A 341 -32.84 24.92 13.82
CA SER A 341 -32.33 25.06 15.18
C SER A 341 -33.10 26.14 15.95
N ARG A 342 -33.60 25.76 17.12
CA ARG A 342 -34.34 26.69 17.97
C ARG A 342 -35.44 27.41 17.19
N GLY A 343 -36.17 26.65 16.38
CA GLY A 343 -37.29 27.17 15.58
C GLY A 343 -36.92 27.99 14.38
N GLN A 344 -35.63 28.09 14.09
CA GLN A 344 -35.13 28.87 12.97
C GLN A 344 -34.56 27.94 11.93
N ALA A 345 -34.43 28.39 10.69
CA ALA A 345 -33.87 27.53 9.65
C ALA A 345 -32.78 28.26 8.92
N PHE A 346 -31.86 27.49 8.36
CA PHE A 346 -30.72 28.08 7.68
C PHE A 346 -30.21 27.28 6.47
N ILE A 347 -29.79 27.99 5.45
CA ILE A 347 -29.21 27.37 4.27
C ILE A 347 -27.72 27.77 4.35
N GLN A 348 -26.82 26.80 4.37
CA GLN A 348 -25.43 27.14 4.47
C GLN A 348 -24.49 26.20 3.72
N ASP A 349 -23.22 26.61 3.54
CA ASP A 349 -22.26 25.73 2.89
C ASP A 349 -21.76 24.82 3.99
N VAL A 350 -21.14 23.70 3.67
CA VAL A 350 -20.69 22.81 4.74
C VAL A 350 -19.78 23.48 5.79
N SER A 351 -18.95 24.42 5.37
CA SER A 351 -18.06 25.10 6.32
C SER A 351 -18.78 26.05 7.27
N GLY A 352 -19.99 26.46 6.91
CA GLY A 352 -20.73 27.36 7.76
C GLY A 352 -20.19 28.78 7.68
N THR A 353 -19.54 29.09 6.59
CA THR A 353 -19.01 30.41 6.40
C THR A 353 -20.09 31.25 5.67
N TYR A 354 -20.77 30.66 4.69
CA TYR A 354 -21.86 31.37 4.01
C TYR A 354 -23.22 30.86 4.52
N VAL A 355 -23.89 31.67 5.36
CA VAL A 355 -25.18 31.30 5.97
C VAL A 355 -26.42 32.18 5.66
N LEU A 356 -27.52 31.55 5.31
CA LEU A 356 -28.75 32.27 5.07
C LEU A 356 -29.84 31.78 6.02
N LYS A 357 -30.45 32.74 6.72
CA LYS A 357 -31.53 32.43 7.63
C LYS A 357 -32.82 32.49 6.79
N VAL A 358 -33.72 31.56 6.99
CA VAL A 358 -34.96 31.57 6.25
C VAL A 358 -35.75 32.73 6.84
N PRO A 359 -36.29 33.61 5.99
CA PRO A 359 -37.08 34.76 6.44
C PRO A 359 -38.51 34.38 6.83
N GLU A 360 -38.65 33.71 7.98
CA GLU A 360 -39.97 33.30 8.49
C GLU A 360 -39.95 33.32 10.00
N PRO A 361 -41.01 33.90 10.61
CA PRO A 361 -41.16 34.01 12.08
C PRO A 361 -41.00 32.66 12.79
N LEU A 362 -40.96 32.70 14.11
CA LEU A 362 -40.79 31.47 14.88
C LEU A 362 -41.69 30.29 14.56
N ARG A 363 -41.01 29.16 14.78
CA ARG A 363 -41.43 27.79 14.63
C ARG A 363 -41.43 27.19 13.27
N ILE A 364 -40.24 26.92 12.75
CA ILE A 364 -40.07 26.23 11.49
C ILE A 364 -39.82 24.80 11.97
N ARG A 365 -40.62 23.83 11.56
CA ARG A 365 -40.38 22.50 12.08
C ARG A 365 -39.49 21.68 11.18
N TYR A 366 -39.71 21.82 9.87
CA TYR A 366 -38.97 21.08 8.87
C TYR A 366 -38.58 21.89 7.64
N VAL A 367 -37.49 21.48 7.00
CA VAL A 367 -36.98 22.11 5.79
C VAL A 367 -36.55 20.99 4.83
N ARG A 368 -36.96 21.12 3.57
CA ARG A 368 -36.69 20.11 2.56
C ARG A 368 -36.37 20.67 1.16
N ARG A 369 -35.45 20.04 0.46
CA ARG A 369 -35.10 20.45 -0.89
C ARG A 369 -36.38 20.50 -1.75
N GLY A 370 -36.64 21.63 -2.40
CA GLY A 370 -37.82 21.82 -3.21
C GLY A 370 -37.44 22.06 -4.65
N GLY A 371 -36.15 22.25 -4.92
CA GLY A 371 -35.70 22.51 -6.28
C GLY A 371 -34.27 23.04 -6.34
N ASP A 372 -33.81 23.43 -7.52
CA ASP A 372 -32.45 23.97 -7.71
C ASP A 372 -32.04 24.86 -6.56
N THR A 373 -32.81 25.93 -6.33
CA THR A 373 -32.51 26.87 -5.28
C THR A 373 -33.73 27.14 -4.40
N LYS A 374 -34.65 26.18 -4.34
CA LYS A 374 -35.86 26.33 -3.54
C LYS A 374 -35.94 25.30 -2.43
N VAL A 375 -36.62 25.65 -1.35
CA VAL A 375 -36.74 24.73 -0.25
C VAL A 375 -38.17 24.83 0.34
N ALA A 376 -38.78 23.70 0.65
CA ALA A 376 -40.10 23.70 1.25
C ALA A 376 -39.91 23.56 2.75
N PHE A 377 -40.77 24.17 3.53
CA PHE A 377 -40.63 24.08 4.97
C PHE A 377 -41.99 23.98 5.63
N ILE A 378 -41.97 23.57 6.90
CA ILE A 378 -43.19 23.49 7.65
C ILE A 378 -43.10 24.54 8.75
N HIS A 379 -44.07 25.47 8.76
CA HIS A 379 -44.12 26.52 9.77
C HIS A 379 -45.25 26.22 10.77
N GLY A 380 -44.90 26.19 12.03
CA GLY A 380 -45.87 25.93 13.06
C GLY A 380 -46.30 27.14 13.86
N THR A 381 -47.60 27.23 14.11
CA THR A 381 -48.16 28.34 14.89
C THR A 381 -49.11 27.73 15.86
N ARG A 382 -49.80 28.58 16.61
CA ARG A 382 -50.76 28.10 17.60
C ARG A 382 -51.95 27.42 16.90
N GLU A 383 -52.30 27.88 15.70
CA GLU A 383 -53.42 27.32 14.95
C GLU A 383 -53.07 25.95 14.32
N GLY A 384 -51.79 25.73 14.04
CA GLY A 384 -51.36 24.48 13.43
C GLY A 384 -50.17 24.62 12.53
N ASP A 385 -49.94 23.59 11.72
CA ASP A 385 -48.78 23.58 10.82
C ASP A 385 -49.19 23.96 9.40
N PHE A 386 -48.30 24.69 8.71
CA PHE A 386 -48.52 25.15 7.34
C PHE A 386 -47.31 24.90 6.42
N LEU A 387 -47.58 24.62 5.15
CA LEU A 387 -46.54 24.37 4.19
C LEU A 387 -46.08 25.72 3.66
N GLY A 388 -44.78 25.86 3.45
CA GLY A 388 -44.21 27.10 2.95
C GLY A 388 -43.08 26.80 1.99
N ILE A 389 -42.74 27.77 1.16
CA ILE A 389 -41.68 27.59 0.19
C ILE A 389 -40.75 28.78 0.26
N TYR A 390 -39.48 28.56 -0.01
CA TYR A 390 -38.53 29.66 0.04
C TYR A 390 -37.47 29.48 -0.99
N ASP A 391 -37.27 30.51 -1.78
CA ASP A 391 -36.24 30.47 -2.82
C ASP A 391 -35.01 31.26 -2.33
N TYR A 392 -33.96 30.56 -1.93
CA TYR A 392 -32.81 31.27 -1.41
C TYR A 392 -31.93 32.01 -2.41
N ARG A 393 -32.22 31.85 -3.69
CA ARG A 393 -31.46 32.59 -4.69
C ARG A 393 -32.11 33.97 -4.86
N THR A 394 -33.40 33.99 -5.17
CA THR A 394 -34.12 35.25 -5.36
C THR A 394 -34.51 35.91 -4.06
N GLY A 395 -34.67 35.10 -3.01
CA GLY A 395 -35.08 35.65 -1.74
C GLY A 395 -36.57 35.58 -1.46
N LYS A 396 -37.41 35.39 -2.48
CA LYS A 396 -38.86 35.30 -2.31
C LYS A 396 -39.19 34.15 -1.33
N ALA A 397 -40.35 34.22 -0.70
CA ALA A 397 -40.75 33.19 0.25
C ALA A 397 -42.23 33.25 0.55
N GLU A 398 -43.04 32.63 -0.29
CA GLU A 398 -44.49 32.60 -0.09
C GLU A 398 -44.77 31.63 1.05
N LYS A 399 -45.97 31.66 1.60
CA LYS A 399 -46.32 30.76 2.70
C LYS A 399 -47.82 30.47 2.69
N PHE A 400 -48.20 29.30 2.22
CA PHE A 400 -49.60 28.93 2.17
C PHE A 400 -50.32 29.11 3.49
N GLU A 401 -51.65 29.25 3.41
CA GLU A 401 -52.48 29.45 4.59
C GLU A 401 -53.36 28.22 4.92
N GLU A 402 -53.27 27.17 4.11
CA GLU A 402 -54.04 25.96 4.36
C GLU A 402 -53.40 25.24 5.56
N ASN A 403 -54.21 24.98 6.58
CA ASN A 403 -53.73 24.32 7.78
C ASN A 403 -53.62 22.83 7.55
N LEU A 404 -52.45 22.25 7.83
CA LEU A 404 -52.22 20.83 7.61
C LEU A 404 -52.37 19.97 8.84
N GLY A 405 -52.63 20.61 9.97
CA GLY A 405 -52.77 19.89 11.22
C GLY A 405 -51.41 19.85 11.89
N ASN A 406 -51.17 18.81 12.69
CA ASN A 406 -49.87 18.67 13.35
C ASN A 406 -49.02 17.76 12.46
N VAL A 407 -48.08 18.37 11.74
CA VAL A 407 -47.23 17.63 10.80
C VAL A 407 -46.05 16.93 11.44
N PHE A 408 -45.86 15.68 11.08
CA PHE A 408 -44.71 14.99 11.63
C PHE A 408 -43.77 14.46 10.58
N ALA A 409 -44.13 14.62 9.31
CA ALA A 409 -43.26 14.23 8.22
C ALA A 409 -43.55 15.06 7.00
N MET A 410 -42.53 15.28 6.19
CA MET A 410 -42.69 16.09 5.00
C MET A 410 -41.65 15.71 3.94
N GLY A 411 -42.07 15.65 2.67
CA GLY A 411 -41.17 15.32 1.59
C GLY A 411 -41.60 16.03 0.33
N VAL A 412 -40.68 16.28 -0.60
CA VAL A 412 -41.03 16.96 -1.84
C VAL A 412 -40.60 16.10 -3.01
N ASP A 413 -41.37 16.08 -4.11
CA ASP A 413 -40.98 15.23 -5.22
C ASP A 413 -39.77 15.81 -5.92
N ARG A 414 -38.96 14.94 -6.52
CA ARG A 414 -37.76 15.38 -7.21
C ARG A 414 -38.00 16.48 -8.24
N ASN A 415 -39.20 16.55 -8.78
CA ASN A 415 -39.55 17.53 -9.79
C ASN A 415 -40.21 18.78 -9.23
N GLY A 416 -40.07 18.99 -7.92
CA GLY A 416 -40.65 20.17 -7.27
C GLY A 416 -42.11 20.52 -7.58
N LYS A 417 -42.92 19.53 -7.92
CA LYS A 417 -44.33 19.79 -8.23
C LYS A 417 -45.17 19.73 -6.94
N PHE A 418 -45.06 18.66 -6.18
CA PHE A 418 -45.86 18.54 -4.98
C PHE A 418 -45.03 18.07 -3.77
N ALA A 419 -45.65 18.12 -2.60
CA ALA A 419 -45.02 17.64 -1.38
C ALA A 419 -45.94 16.54 -0.82
N VAL A 420 -45.41 15.78 0.14
CA VAL A 420 -46.14 14.74 0.82
C VAL A 420 -46.00 15.08 2.29
N VAL A 421 -47.09 14.95 3.03
CA VAL A 421 -47.14 15.33 4.45
C VAL A 421 -47.98 14.35 5.31
N ALA A 422 -47.52 14.12 6.54
CA ALA A 422 -48.18 13.25 7.49
C ALA A 422 -48.48 14.08 8.71
N ASN A 423 -49.66 13.84 9.30
CA ASN A 423 -50.07 14.56 10.51
C ASN A 423 -50.57 13.60 11.55
N ASP A 424 -50.89 14.15 12.71
CA ASP A 424 -51.40 13.34 13.80
C ASP A 424 -52.85 12.89 13.65
N ARG A 425 -53.48 13.20 12.53
CA ARG A 425 -54.81 12.73 12.26
C ARG A 425 -54.63 11.37 11.58
N PHE A 426 -53.37 10.95 11.44
CA PHE A 426 -53.05 9.66 10.80
C PHE A 426 -53.36 9.73 9.30
N GLU A 427 -53.20 10.92 8.71
CA GLU A 427 -53.44 11.12 7.27
C GLU A 427 -52.14 11.31 6.51
N ILE A 428 -52.10 10.80 5.29
CA ILE A 428 -50.98 10.98 4.39
C ILE A 428 -51.65 11.78 3.26
N MET A 429 -50.97 12.80 2.74
CA MET A 429 -51.54 13.64 1.71
C MET A 429 -50.48 14.31 0.83
N THR A 430 -50.96 14.88 -0.25
CA THR A 430 -50.09 15.59 -1.17
C THR A 430 -50.54 17.05 -1.16
N VAL A 431 -49.57 17.94 -1.20
CA VAL A 431 -49.91 19.34 -1.21
C VAL A 431 -49.35 19.92 -2.49
N ASP A 432 -50.24 20.47 -3.31
CA ASP A 432 -49.84 21.07 -4.58
C ASP A 432 -48.94 22.26 -4.28
N LEU A 433 -47.64 22.14 -4.53
CA LEU A 433 -46.71 23.24 -4.24
C LEU A 433 -46.97 24.55 -5.01
N GLU A 434 -47.83 24.49 -6.01
CA GLU A 434 -48.17 25.65 -6.83
C GLU A 434 -49.25 26.50 -6.13
N THR A 435 -50.35 25.85 -5.70
CA THR A 435 -51.46 26.52 -5.03
C THR A 435 -51.36 26.39 -3.52
N GLY A 436 -51.33 25.15 -3.04
CA GLY A 436 -51.24 24.94 -1.61
C GLY A 436 -52.34 24.00 -1.16
N LYS A 437 -53.22 23.66 -2.09
CA LYS A 437 -54.33 22.76 -1.79
C LYS A 437 -53.87 21.38 -1.35
N PRO A 438 -54.15 21.01 -0.10
CA PRO A 438 -53.75 19.70 0.37
C PRO A 438 -54.79 18.70 -0.16
N THR A 439 -54.36 17.45 -0.36
CA THR A 439 -55.25 16.40 -0.85
C THR A 439 -54.89 15.09 -0.19
N VAL A 440 -55.77 14.65 0.70
CA VAL A 440 -55.59 13.44 1.45
C VAL A 440 -55.62 12.20 0.59
N ILE A 441 -54.59 11.38 0.71
CA ILE A 441 -54.54 10.16 -0.05
C ILE A 441 -55.19 9.07 0.75
N GLU A 442 -54.72 8.88 1.96
CA GLU A 442 -55.27 7.83 2.81
C GLU A 442 -55.06 8.16 4.28
N ARG A 443 -55.92 7.58 5.12
CA ARG A 443 -55.89 7.80 6.53
C ARG A 443 -55.86 6.49 7.27
N SER A 444 -54.95 6.35 8.23
CA SER A 444 -54.83 5.12 9.01
C SER A 444 -55.59 5.37 10.27
N ARG A 445 -56.07 4.34 10.94
CA ARG A 445 -56.77 4.63 12.16
C ARG A 445 -55.99 4.13 13.38
N GLU A 446 -54.72 3.81 13.16
CA GLU A 446 -53.90 3.30 14.24
C GLU A 446 -52.74 4.21 14.61
N ALA A 447 -52.01 4.72 13.62
CA ALA A 447 -50.83 5.55 13.88
C ALA A 447 -50.46 6.42 12.69
N MET A 448 -49.49 7.32 12.86
CA MET A 448 -49.09 8.20 11.78
C MET A 448 -48.40 7.52 10.59
N ILE A 449 -48.61 8.08 9.40
CA ILE A 449 -48.02 7.53 8.17
C ILE A 449 -46.78 8.37 7.82
N THR A 450 -45.75 8.31 8.66
CA THR A 450 -44.54 9.08 8.44
C THR A 450 -43.44 8.41 7.61
N ASP A 451 -43.60 7.13 7.27
CA ASP A 451 -42.62 6.41 6.46
C ASP A 451 -43.04 6.33 4.97
N PHE A 452 -42.55 7.27 4.17
CA PHE A 452 -42.94 7.28 2.78
C PHE A 452 -41.89 7.76 1.84
N THR A 453 -42.10 7.46 0.58
CA THR A 453 -41.20 7.85 -0.45
C THR A 453 -41.92 8.12 -1.79
N ILE A 454 -41.29 8.94 -2.62
CA ILE A 454 -41.83 9.31 -3.92
C ILE A 454 -40.85 8.86 -4.99
N SER A 455 -41.39 8.24 -6.05
CA SER A 455 -40.55 7.77 -7.13
C SER A 455 -39.96 8.96 -7.88
N ASP A 456 -38.83 8.73 -8.56
CA ASP A 456 -38.18 9.80 -9.31
C ASP A 456 -39.03 10.43 -10.43
N ASN A 457 -39.92 9.66 -11.05
CA ASN A 457 -40.77 10.23 -12.08
C ASN A 457 -42.03 10.88 -11.48
N SER A 458 -42.07 10.97 -10.15
CA SER A 458 -43.19 11.61 -9.45
C SER A 458 -44.55 10.94 -9.62
N ARG A 459 -44.56 9.72 -10.14
CA ARG A 459 -45.80 9.05 -10.38
C ARG A 459 -46.39 8.24 -9.24
N PHE A 460 -45.54 7.62 -8.43
CA PHE A 460 -46.03 6.79 -7.35
C PHE A 460 -45.61 7.25 -5.99
N ILE A 461 -46.40 6.89 -4.97
CA ILE A 461 -46.01 7.22 -3.61
C ILE A 461 -46.16 5.95 -2.77
N ALA A 462 -45.04 5.44 -2.25
CA ALA A 462 -45.07 4.25 -1.42
C ALA A 462 -44.89 4.69 0.03
N TYR A 463 -45.69 4.09 0.92
CA TYR A 463 -45.66 4.42 2.33
C TYR A 463 -46.15 3.27 3.25
N GLY A 464 -45.66 3.25 4.49
CA GLY A 464 -46.07 2.21 5.40
C GLY A 464 -47.43 2.63 5.90
N PHE A 465 -48.38 1.68 5.93
CA PHE A 465 -49.74 1.97 6.38
C PHE A 465 -50.07 1.17 7.64
N PRO A 466 -49.99 1.81 8.82
CA PRO A 466 -50.30 1.03 10.02
C PRO A 466 -51.76 0.52 10.04
N LEU A 467 -51.96 -0.70 10.53
CA LEU A 467 -53.28 -1.31 10.59
C LEU A 467 -53.38 -2.37 11.69
N LYS A 468 -54.62 -2.74 12.01
CA LYS A 468 -54.86 -3.79 13.02
C LYS A 468 -55.87 -4.74 12.42
N HIS A 469 -55.82 -6.00 12.84
CA HIS A 469 -56.79 -6.93 12.32
C HIS A 469 -58.05 -6.71 13.11
N GLY A 470 -57.90 -6.53 14.42
CA GLY A 470 -59.05 -6.28 15.25
C GLY A 470 -58.88 -4.97 15.97
N GLU A 471 -59.97 -4.35 16.42
CA GLU A 471 -59.87 -3.09 17.13
C GLU A 471 -59.13 -3.18 18.46
N THR A 472 -59.22 -4.32 19.13
CA THR A 472 -58.57 -4.46 20.41
C THR A 472 -57.32 -5.30 20.32
N ASP A 473 -56.80 -5.42 19.10
CA ASP A 473 -55.58 -6.20 18.81
C ASP A 473 -54.40 -5.62 19.56
N GLY A 474 -53.55 -6.46 20.14
CA GLY A 474 -52.38 -5.98 20.85
C GLY A 474 -51.19 -5.55 19.97
N TYR A 475 -51.24 -5.84 18.68
CA TYR A 475 -50.17 -5.49 17.81
C TYR A 475 -50.69 -4.71 16.60
N VAL A 476 -49.91 -3.73 16.17
CA VAL A 476 -50.27 -2.95 15.04
C VAL A 476 -49.37 -3.44 13.92
N MET A 477 -50.00 -3.84 12.82
CA MET A 477 -49.28 -4.31 11.69
C MET A 477 -48.97 -3.15 10.78
N GLN A 478 -48.15 -3.38 9.76
CA GLN A 478 -47.83 -2.31 8.80
C GLN A 478 -47.56 -2.91 7.42
N ALA A 479 -48.33 -2.46 6.45
CA ALA A 479 -48.21 -2.90 5.10
C ALA A 479 -47.80 -1.73 4.22
N ILE A 480 -47.05 -1.98 3.16
CA ILE A 480 -46.67 -0.90 2.28
C ILE A 480 -47.80 -0.69 1.28
N HIS A 481 -48.12 0.57 1.04
CA HIS A 481 -49.16 0.96 0.06
C HIS A 481 -48.52 1.84 -1.00
N VAL A 482 -49.04 1.74 -2.20
CA VAL A 482 -48.52 2.53 -3.27
C VAL A 482 -49.67 3.30 -3.88
N TYR A 483 -49.49 4.62 -4.02
CA TYR A 483 -50.47 5.52 -4.63
C TYR A 483 -49.99 5.93 -6.02
N ASP A 484 -50.84 5.72 -7.03
CA ASP A 484 -50.55 6.09 -8.41
C ASP A 484 -51.21 7.43 -8.73
N MET A 485 -50.41 8.48 -8.93
CA MET A 485 -50.97 9.80 -9.25
C MET A 485 -51.90 9.72 -10.48
N GLU A 486 -51.61 8.85 -11.42
CA GLU A 486 -52.46 8.70 -12.57
C GLU A 486 -53.40 7.58 -12.22
N GLY A 487 -54.69 7.82 -12.35
CA GLY A 487 -55.65 6.78 -12.01
C GLY A 487 -56.06 7.03 -10.58
N ARG A 488 -55.20 7.71 -9.84
CA ARG A 488 -55.50 8.03 -8.47
C ARG A 488 -56.06 6.84 -7.73
N LYS A 489 -55.34 5.72 -7.75
CA LYS A 489 -55.77 4.54 -7.03
C LYS A 489 -54.67 4.04 -6.12
N ILE A 490 -55.06 3.40 -5.03
CA ILE A 490 -54.09 2.88 -4.09
C ILE A 490 -53.94 1.38 -4.22
N PHE A 491 -52.69 0.89 -4.34
CA PHE A 491 -52.48 -0.55 -4.46
C PHE A 491 -51.75 -1.09 -3.27
N ALA A 492 -51.93 -2.38 -3.03
CA ALA A 492 -51.25 -3.02 -1.90
C ALA A 492 -49.94 -3.62 -2.38
N ALA A 493 -48.83 -3.04 -1.92
CA ALA A 493 -47.52 -3.54 -2.31
C ALA A 493 -47.22 -4.81 -1.51
N THR A 494 -47.80 -4.89 -0.32
CA THR A 494 -47.50 -6.00 0.54
C THR A 494 -48.70 -6.51 1.37
N THR A 495 -48.60 -7.71 1.92
CA THR A 495 -49.68 -8.26 2.72
C THR A 495 -49.71 -7.61 4.10
N GLU A 496 -50.78 -7.80 4.86
CA GLU A 496 -50.84 -7.14 6.17
C GLU A 496 -50.64 -8.01 7.39
N ASN A 497 -49.68 -8.92 7.28
CA ASN A 497 -49.39 -9.85 8.36
C ASN A 497 -48.17 -9.52 9.20
N SER A 498 -47.49 -8.43 8.88
CA SER A 498 -46.38 -8.09 9.71
C SER A 498 -46.01 -6.63 9.58
N HIS A 499 -44.72 -6.35 9.66
CA HIS A 499 -44.25 -5.01 9.62
C HIS A 499 -43.33 -4.78 8.42
N ASP A 500 -43.85 -4.04 7.44
CA ASP A 500 -43.13 -3.69 6.22
C ASP A 500 -42.82 -2.20 6.26
N TYR A 501 -41.57 -1.83 5.93
CA TYR A 501 -41.21 -0.42 6.03
C TYR A 501 -40.05 0.00 5.12
N ALA A 502 -39.67 1.26 5.28
CA ALA A 502 -38.59 1.90 4.56
C ALA A 502 -38.65 1.76 3.02
N PRO A 503 -39.84 1.94 2.41
CA PRO A 503 -39.91 1.79 0.95
C PRO A 503 -38.94 2.73 0.24
N ALA A 504 -38.46 2.32 -0.93
CA ALA A 504 -37.51 3.10 -1.72
C ALA A 504 -37.58 2.68 -3.19
N PHE A 505 -37.76 3.64 -4.10
CA PHE A 505 -37.83 3.30 -5.51
C PHE A 505 -36.43 3.33 -6.12
N ASP A 506 -36.21 2.61 -7.21
CA ASP A 506 -34.90 2.71 -7.82
C ASP A 506 -34.99 3.93 -8.74
N ALA A 507 -33.86 4.51 -9.06
CA ALA A 507 -33.84 5.70 -9.89
C ALA A 507 -34.70 5.61 -11.14
N ASP A 508 -34.71 4.45 -11.79
CA ASP A 508 -35.49 4.27 -13.01
C ASP A 508 -36.97 4.16 -12.74
N SER A 509 -37.36 4.10 -11.47
CA SER A 509 -38.78 3.94 -11.14
C SER A 509 -39.36 2.60 -11.69
N LYS A 510 -38.59 1.51 -11.69
CA LYS A 510 -39.09 0.23 -12.21
C LYS A 510 -39.35 -0.80 -11.11
N ASN A 511 -38.67 -0.67 -9.98
CA ASN A 511 -38.82 -1.58 -8.88
C ASN A 511 -38.96 -0.85 -7.56
N LEU A 512 -39.77 -1.41 -6.67
CA LEU A 512 -39.94 -0.85 -5.35
C LEU A 512 -39.20 -1.74 -4.34
N TYR A 513 -38.27 -1.17 -3.62
CA TYR A 513 -37.55 -1.91 -2.61
C TYR A 513 -38.12 -1.50 -1.25
N TYR A 514 -38.01 -2.36 -0.25
CA TYR A 514 -38.47 -2.05 1.11
C TYR A 514 -37.90 -3.12 2.07
N LEU A 515 -38.14 -2.94 3.37
CA LEU A 515 -37.66 -3.88 4.39
C LEU A 515 -38.86 -4.48 5.16
N SER A 516 -38.63 -5.61 5.85
CA SER A 516 -39.65 -6.28 6.64
C SER A 516 -39.01 -7.04 7.80
N TYR A 517 -39.82 -7.31 8.81
CA TYR A 517 -39.40 -8.07 9.96
C TYR A 517 -40.10 -9.38 9.81
N ARG A 518 -40.06 -9.95 8.62
CA ARG A 518 -40.81 -11.16 8.43
C ARG A 518 -39.98 -12.39 8.51
N SER A 519 -38.67 -12.24 8.59
CA SER A 519 -37.80 -13.42 8.61
C SER A 519 -37.65 -14.02 9.99
N LEU A 520 -38.74 -14.52 10.53
CA LEU A 520 -38.71 -15.08 11.83
C LEU A 520 -37.68 -16.19 11.99
N ASP A 521 -36.86 -16.01 13.01
CA ASP A 521 -35.82 -16.95 13.42
C ASP A 521 -35.44 -16.52 14.84
N PRO A 522 -35.62 -17.40 15.82
CA PRO A 522 -35.30 -16.98 17.20
C PRO A 522 -33.83 -16.97 17.65
N SER A 523 -33.51 -16.10 18.59
CA SER A 523 -32.17 -16.05 19.18
C SER A 523 -32.34 -16.38 20.64
N PRO A 524 -31.47 -17.23 21.19
CA PRO A 524 -31.54 -17.64 22.62
C PRO A 524 -31.02 -16.57 23.60
N ASP A 525 -31.65 -16.53 24.77
CA ASP A 525 -31.31 -15.64 25.87
C ASP A 525 -30.16 -16.32 26.63
N ARG A 526 -29.14 -15.58 27.08
CA ARG A 526 -28.03 -16.21 27.73
C ARG A 526 -28.17 -16.53 29.17
N VAL A 527 -29.20 -15.98 29.78
CA VAL A 527 -29.46 -16.11 31.20
C VAL A 527 -30.75 -16.83 31.59
N VAL A 528 -31.82 -16.43 30.94
CA VAL A 528 -33.17 -16.94 31.20
C VAL A 528 -33.64 -17.87 30.09
N LEU A 529 -34.44 -18.88 30.43
CA LEU A 529 -34.95 -19.74 29.38
C LEU A 529 -35.89 -18.86 28.54
N ASN A 530 -35.38 -18.31 27.44
CA ASN A 530 -36.19 -17.41 26.66
C ASN A 530 -35.62 -17.26 25.25
N PHE A 531 -36.40 -16.68 24.32
CA PHE A 531 -35.97 -16.49 22.96
C PHE A 531 -36.65 -15.28 22.40
N SER A 532 -35.99 -14.56 21.50
CA SER A 532 -36.63 -13.38 20.92
C SER A 532 -36.16 -13.14 19.51
N PHE A 533 -36.90 -12.33 18.76
CA PHE A 533 -36.53 -12.05 17.40
C PHE A 533 -35.59 -10.82 17.26
N GLU A 534 -34.30 -11.11 17.17
CA GLU A 534 -33.26 -10.11 17.09
C GLU A 534 -32.83 -9.81 15.69
N VAL A 535 -32.63 -10.87 14.92
CA VAL A 535 -32.18 -10.68 13.55
C VAL A 535 -33.16 -11.26 12.57
N VAL A 536 -34.21 -10.50 12.30
CA VAL A 536 -35.24 -11.00 11.43
C VAL A 536 -35.63 -9.95 10.41
N SER A 537 -34.72 -9.04 10.14
CA SER A 537 -34.97 -8.05 9.15
C SER A 537 -34.34 -8.47 7.82
N LYS A 538 -35.10 -8.31 6.76
CA LYS A 538 -34.60 -8.69 5.48
C LYS A 538 -35.20 -7.80 4.44
N PRO A 539 -34.43 -7.48 3.35
CA PRO A 539 -34.92 -6.62 2.28
C PRO A 539 -35.69 -7.42 1.20
N PHE A 540 -36.62 -6.77 0.51
CA PHE A 540 -37.43 -7.41 -0.53
C PHE A 540 -37.59 -6.42 -1.64
N VAL A 541 -37.95 -6.89 -2.82
CA VAL A 541 -38.14 -5.99 -3.91
C VAL A 541 -39.40 -6.39 -4.66
N ILE A 542 -39.95 -5.45 -5.40
CA ILE A 542 -41.15 -5.69 -6.19
C ILE A 542 -41.07 -4.96 -7.51
N PRO A 543 -40.97 -5.71 -8.62
CA PRO A 543 -40.90 -5.06 -9.95
C PRO A 543 -42.30 -4.49 -10.30
N LEU A 544 -42.32 -3.24 -10.73
CA LEU A 544 -43.54 -2.53 -11.08
C LEU A 544 -44.15 -2.99 -12.41
N ILE A 545 -43.37 -3.72 -13.18
CA ILE A 545 -43.79 -4.28 -14.46
C ILE A 545 -43.82 -5.80 -14.39
N PRO A 546 -45.02 -6.37 -14.27
CA PRO A 546 -45.23 -7.83 -14.19
C PRO A 546 -44.40 -8.60 -15.20
N GLY A 547 -43.84 -9.73 -14.79
CA GLY A 547 -43.05 -10.51 -15.73
C GLY A 547 -41.60 -10.12 -15.72
N SER A 548 -41.30 -9.08 -14.97
CA SER A 548 -39.94 -8.59 -14.83
C SER A 548 -39.42 -9.27 -13.58
N PRO A 549 -38.22 -9.83 -13.64
CA PRO A 549 -37.70 -10.50 -12.44
C PRO A 549 -37.03 -9.55 -11.41
N ASN A 550 -36.73 -10.13 -10.25
CA ASN A 550 -36.04 -9.43 -9.19
C ASN A 550 -34.66 -9.09 -9.78
N PRO A 551 -34.40 -7.80 -9.97
CA PRO A 551 -33.10 -7.39 -10.54
C PRO A 551 -31.85 -7.95 -9.85
N THR A 552 -31.87 -8.10 -8.53
CA THR A 552 -30.70 -8.63 -7.85
C THR A 552 -30.52 -10.15 -8.08
N LYS A 553 -31.47 -10.78 -8.75
CA LYS A 553 -31.31 -12.20 -9.03
C LYS A 553 -30.39 -12.42 -10.21
N LEU A 554 -29.99 -11.36 -10.88
CA LEU A 554 -29.07 -11.47 -12.02
C LEU A 554 -29.55 -12.49 -13.05
N VAL A 555 -30.79 -12.38 -13.47
CA VAL A 555 -31.28 -13.31 -14.47
C VAL A 555 -30.83 -12.75 -15.80
N PRO A 556 -30.13 -13.56 -16.64
CA PRO A 556 -29.67 -13.08 -17.93
C PRO A 556 -30.78 -12.40 -18.71
N ARG A 557 -30.49 -11.22 -19.22
CA ARG A 557 -31.46 -10.46 -19.99
C ARG A 557 -32.02 -11.20 -21.21
N SER A 558 -31.16 -11.95 -21.88
CA SER A 558 -31.54 -12.70 -23.06
C SER A 558 -32.56 -13.78 -22.73
N MET A 559 -32.57 -14.21 -21.48
CA MET A 559 -33.46 -15.26 -21.04
C MET A 559 -34.75 -14.75 -20.41
N THR A 560 -34.85 -13.44 -20.28
CA THR A 560 -36.05 -12.83 -19.69
C THR A 560 -36.72 -12.00 -20.76
N SER A 561 -38.02 -12.18 -20.91
CA SER A 561 -38.76 -11.43 -21.92
C SER A 561 -39.51 -10.32 -21.23
N GLU A 562 -38.81 -9.26 -20.84
CA GLU A 562 -39.48 -8.14 -20.19
C GLU A 562 -40.14 -7.24 -21.23
N ALA A 563 -39.96 -5.94 -21.07
CA ALA A 563 -40.53 -4.96 -22.00
C ALA A 563 -42.05 -4.91 -21.86
N GLY A 564 -42.51 -4.87 -20.61
CA GLY A 564 -43.94 -4.79 -20.36
C GLY A 564 -44.26 -3.36 -19.96
N GLU A 565 -45.43 -3.18 -19.35
CA GLU A 565 -45.85 -1.86 -18.89
C GLU A 565 -46.28 -1.92 -17.40
N TYR A 566 -46.37 -0.78 -16.73
CA TYR A 566 -46.79 -0.73 -15.32
C TYR A 566 -48.09 -1.41 -15.03
N ASP A 567 -48.09 -2.20 -13.97
CA ASP A 567 -49.30 -2.86 -13.53
C ASP A 567 -49.08 -3.13 -12.04
N LEU A 568 -49.78 -2.40 -11.19
CA LEU A 568 -49.61 -2.58 -9.78
C LEU A 568 -50.59 -3.54 -9.16
N ASN A 569 -51.37 -4.24 -9.95
CA ASN A 569 -52.32 -5.19 -9.38
C ASN A 569 -51.63 -6.43 -8.84
N ASP A 570 -52.07 -6.88 -7.69
CA ASP A 570 -51.51 -8.07 -7.07
C ASP A 570 -50.01 -8.02 -7.11
N MET A 571 -49.45 -6.83 -6.97
CA MET A 571 -48.00 -6.74 -7.02
C MET A 571 -47.35 -7.43 -5.80
N TYR A 572 -48.07 -7.55 -4.69
CA TYR A 572 -47.55 -8.23 -3.51
C TYR A 572 -47.28 -9.70 -3.82
N LYS A 573 -47.84 -10.22 -4.90
CA LYS A 573 -47.59 -11.61 -5.27
C LYS A 573 -46.25 -11.81 -5.96
N ARG A 574 -45.74 -10.76 -6.60
CA ARG A 574 -44.48 -10.80 -7.33
C ARG A 574 -43.34 -10.46 -6.40
N SER A 575 -43.65 -10.12 -5.15
CA SER A 575 -42.58 -9.74 -4.24
C SER A 575 -41.50 -10.83 -4.23
N SER A 576 -40.28 -10.40 -3.94
CA SER A 576 -39.11 -11.28 -3.90
C SER A 576 -38.07 -10.69 -2.93
N PRO A 577 -37.35 -11.53 -2.18
CA PRO A 577 -36.34 -11.02 -1.25
C PRO A 577 -34.98 -10.84 -1.91
N ILE A 578 -34.08 -10.13 -1.25
CA ILE A 578 -32.78 -10.06 -1.85
C ILE A 578 -31.88 -10.88 -0.91
N ASN A 579 -30.95 -11.63 -1.52
CA ASN A 579 -30.07 -12.54 -0.81
C ASN A 579 -29.07 -11.88 0.07
N VAL A 580 -29.55 -11.40 1.21
CA VAL A 580 -28.74 -10.70 2.18
C VAL A 580 -29.07 -11.32 3.50
N ASP A 581 -28.04 -11.54 4.31
CA ASP A 581 -28.23 -12.11 5.62
C ASP A 581 -29.20 -11.27 6.45
N PRO A 582 -30.05 -11.93 7.22
CA PRO A 582 -31.01 -11.22 8.06
C PRO A 582 -30.22 -10.42 9.08
N GLY A 583 -30.80 -9.30 9.48
CA GLY A 583 -30.19 -8.46 10.48
C GLY A 583 -31.25 -7.51 11.03
N ASP A 584 -30.84 -6.29 11.40
CA ASP A 584 -31.76 -5.25 11.89
C ASP A 584 -31.46 -4.00 11.02
N TYR A 585 -32.17 -3.93 9.90
CA TYR A 585 -32.02 -2.89 8.90
C TYR A 585 -33.02 -1.76 9.05
N ARG A 586 -32.54 -0.55 8.83
CA ARG A 586 -33.41 0.61 8.99
C ARG A 586 -33.61 1.41 7.71
N MET A 587 -32.96 1.00 6.65
CA MET A 587 -33.05 1.74 5.42
C MET A 587 -32.39 0.97 4.30
N ILE A 588 -32.93 1.11 3.12
CA ILE A 588 -32.34 0.44 1.98
C ILE A 588 -32.28 1.46 0.85
N ILE A 589 -31.12 1.59 0.20
CA ILE A 589 -30.98 2.54 -0.89
C ILE A 589 -30.47 1.82 -2.12
N PRO A 590 -31.36 1.59 -3.07
CA PRO A 590 -30.99 0.91 -4.31
C PRO A 590 -30.23 1.85 -5.23
N LEU A 591 -29.04 1.41 -5.64
CA LEU A 591 -28.17 2.17 -6.53
C LEU A 591 -27.94 1.34 -7.80
N GLU A 592 -27.16 1.87 -8.72
CA GLU A 592 -26.94 1.21 -10.00
C GLU A 592 -26.52 -0.25 -9.94
N SER A 593 -25.33 -0.51 -9.43
CA SER A 593 -24.84 -1.87 -9.36
C SER A 593 -24.63 -2.31 -7.92
N SER A 594 -25.21 -1.55 -7.00
CA SER A 594 -25.12 -1.93 -5.60
C SER A 594 -26.33 -1.40 -4.82
N ILE A 595 -26.43 -1.81 -3.56
CA ILE A 595 -27.53 -1.40 -2.68
C ILE A 595 -26.97 -1.05 -1.33
N LEU A 596 -27.30 0.13 -0.82
CA LEU A 596 -26.80 0.51 0.48
C LEU A 596 -27.84 0.12 1.51
N ILE A 597 -27.38 -0.34 2.67
CA ILE A 597 -28.27 -0.74 3.73
C ILE A 597 -27.73 -0.26 5.04
N TYR A 598 -28.62 0.23 5.89
CA TYR A 598 -28.28 0.77 7.19
C TYR A 598 -28.62 -0.35 8.16
N SER A 599 -27.64 -0.74 8.96
CA SER A 599 -27.74 -1.86 9.88
C SER A 599 -27.42 -1.45 11.31
N VAL A 600 -28.20 -1.99 12.26
CA VAL A 600 -28.00 -1.72 13.67
C VAL A 600 -27.68 -3.00 14.42
N PRO A 601 -26.41 -3.16 14.90
CA PRO A 601 -25.99 -4.37 15.63
C PRO A 601 -26.83 -4.52 16.88
N VAL A 602 -27.08 -5.75 17.30
CA VAL A 602 -27.86 -6.00 18.49
C VAL A 602 -27.11 -5.41 19.66
N HIS A 603 -27.84 -4.67 20.50
CA HIS A 603 -27.28 -3.99 21.65
C HIS A 603 -28.30 -3.92 22.82
N GLY A 604 -27.79 -3.69 24.01
CA GLY A 604 -28.64 -3.56 25.18
C GLY A 604 -29.38 -2.24 25.11
N GLU A 605 -30.38 -2.08 25.97
CA GLU A 605 -31.19 -0.87 26.01
C GLU A 605 -30.98 0.00 27.21
N PHE A 606 -30.16 -0.44 28.15
CA PHE A 606 -29.98 0.34 29.36
C PHE A 606 -29.49 1.78 29.17
N ALA A 607 -28.43 1.96 28.38
CA ALA A 607 -27.85 3.27 28.15
C ALA A 607 -28.84 4.18 27.47
N ALA A 608 -29.56 3.65 26.51
CA ALA A 608 -30.53 4.44 25.79
C ALA A 608 -31.74 4.81 26.63
N TYR A 609 -32.06 3.93 27.57
CA TYR A 609 -33.22 4.14 28.42
C TYR A 609 -32.98 5.10 29.59
N TYR A 610 -31.76 5.13 30.14
CA TYR A 610 -31.47 5.96 31.28
C TYR A 610 -30.39 7.02 31.03
N GLN A 611 -29.79 7.01 29.86
CA GLN A 611 -28.73 7.98 29.61
C GLN A 611 -28.92 8.64 28.27
N GLY A 612 -30.06 8.42 27.66
CA GLY A 612 -30.29 9.01 26.36
C GLY A 612 -29.29 8.55 25.31
N ALA A 613 -28.56 7.46 25.55
CA ALA A 613 -27.58 6.98 24.57
C ALA A 613 -28.22 6.67 23.20
N PRO A 614 -27.67 7.26 22.13
CA PRO A 614 -28.16 7.06 20.77
C PRO A 614 -27.87 5.65 20.27
N GLU A 615 -28.66 5.21 19.29
CA GLU A 615 -28.53 3.89 18.71
C GLU A 615 -27.43 3.93 17.65
N LYS A 616 -26.40 3.09 17.80
CA LYS A 616 -25.30 3.06 16.82
C LYS A 616 -25.57 2.12 15.64
N GLY A 617 -25.47 2.67 14.42
CA GLY A 617 -25.68 1.91 13.21
C GLY A 617 -24.40 1.93 12.38
N VAL A 618 -24.44 1.27 11.23
CA VAL A 618 -23.32 1.19 10.34
C VAL A 618 -23.95 1.14 8.93
N LEU A 619 -23.29 1.74 7.95
CA LEU A 619 -23.78 1.78 6.59
C LEU A 619 -23.10 0.66 5.84
N LEU A 620 -23.89 -0.24 5.26
CA LEU A 620 -23.38 -1.38 4.52
C LEU A 620 -23.61 -1.22 3.03
N LYS A 621 -22.78 -1.87 2.24
CA LYS A 621 -22.91 -1.83 0.81
C LYS A 621 -23.03 -3.27 0.32
N TYR A 622 -24.03 -3.51 -0.48
CA TYR A 622 -24.28 -4.81 -1.05
C TYR A 622 -24.04 -4.74 -2.54
N ASP A 623 -23.01 -5.44 -3.00
CA ASP A 623 -22.65 -5.45 -4.42
C ASP A 623 -23.60 -6.43 -5.12
N VAL A 624 -24.41 -5.93 -6.06
CA VAL A 624 -25.38 -6.80 -6.72
C VAL A 624 -24.77 -7.91 -7.54
N LYS A 625 -23.62 -7.62 -8.13
CA LYS A 625 -22.92 -8.57 -8.96
C LYS A 625 -22.20 -9.68 -8.19
N THR A 626 -21.41 -9.32 -7.17
CA THR A 626 -20.65 -10.30 -6.38
C THR A 626 -21.39 -10.79 -5.18
N ARG A 627 -22.48 -10.11 -4.84
CA ARG A 627 -23.28 -10.43 -3.68
C ARG A 627 -22.50 -10.33 -2.38
N LYS A 628 -21.43 -9.55 -2.41
CA LYS A 628 -20.58 -9.37 -1.24
C LYS A 628 -20.95 -8.09 -0.52
N VAL A 629 -20.98 -8.17 0.79
CA VAL A 629 -21.32 -7.04 1.65
C VAL A 629 -20.09 -6.45 2.33
N THR A 630 -20.07 -5.13 2.48
CA THR A 630 -18.94 -4.48 3.11
C THR A 630 -19.38 -3.26 3.86
N GLU A 631 -18.61 -2.89 4.86
CA GLU A 631 -18.87 -1.74 5.69
C GLU A 631 -18.37 -0.48 5.04
N VAL A 632 -19.25 0.49 4.85
CA VAL A 632 -18.91 1.77 4.25
C VAL A 632 -18.64 2.86 5.32
N LYS A 633 -19.30 2.77 6.48
CA LYS A 633 -19.13 3.79 7.51
C LYS A 633 -19.75 3.35 8.84
N ASN A 634 -19.02 3.44 9.94
CA ASN A 634 -19.62 3.07 11.21
C ASN A 634 -19.83 4.25 12.19
N ASN A 635 -20.24 3.90 13.40
CA ASN A 635 -20.51 4.89 14.44
C ASN A 635 -21.53 5.92 13.99
N LEU A 636 -22.47 5.47 13.18
CA LEU A 636 -23.48 6.37 12.69
C LEU A 636 -24.69 6.39 13.61
N THR A 637 -25.41 7.50 13.65
CA THR A 637 -26.62 7.54 14.46
C THR A 637 -27.80 8.01 13.62
N ASP A 638 -27.50 8.50 12.42
CA ASP A 638 -28.55 8.98 11.53
C ASP A 638 -27.95 9.20 10.11
N LEU A 639 -28.76 9.04 9.06
CA LEU A 639 -28.28 9.21 7.70
C LEU A 639 -29.31 9.82 6.78
N ARG A 640 -28.89 10.75 5.92
CA ARG A 640 -29.81 11.38 4.96
C ARG A 640 -29.13 11.28 3.63
N LEU A 641 -29.91 11.26 2.57
CA LEU A 641 -29.32 11.15 1.26
C LEU A 641 -29.87 12.23 0.34
N SER A 642 -28.97 12.73 -0.48
CA SER A 642 -29.17 13.76 -1.48
C SER A 642 -30.28 13.38 -2.46
N ALA A 643 -30.77 14.38 -3.20
CA ALA A 643 -31.83 14.18 -4.20
C ALA A 643 -31.30 13.37 -5.36
N ASP A 644 -30.08 13.69 -5.77
CA ASP A 644 -29.46 12.98 -6.87
C ASP A 644 -28.72 11.72 -6.38
N ARG A 645 -28.95 11.32 -5.13
CA ARG A 645 -28.29 10.15 -4.56
C ARG A 645 -26.76 10.22 -4.66
N LYS A 646 -26.19 11.39 -4.83
CA LYS A 646 -24.75 11.47 -4.92
C LYS A 646 -24.07 11.87 -3.59
N THR A 647 -24.77 12.64 -2.77
CA THR A 647 -24.21 13.10 -1.50
C THR A 647 -24.83 12.45 -0.29
N VAL A 648 -23.99 12.11 0.68
CA VAL A 648 -24.49 11.49 1.88
C VAL A 648 -24.20 12.40 3.06
N MET A 649 -25.18 12.59 3.92
CA MET A 649 -25.05 13.40 5.10
C MET A 649 -25.34 12.48 6.26
N VAL A 650 -24.50 12.52 7.29
CA VAL A 650 -24.73 11.64 8.44
C VAL A 650 -24.43 12.31 9.76
N ARG A 651 -24.81 11.64 10.84
CA ARG A 651 -24.53 12.12 12.16
C ARG A 651 -23.83 10.92 12.78
N LYS A 652 -22.79 11.17 13.58
CA LYS A 652 -22.12 10.05 14.21
C LYS A 652 -22.38 10.09 15.69
N ASP A 653 -21.85 9.08 16.37
CA ASP A 653 -22.03 8.93 17.80
C ASP A 653 -21.41 10.03 18.62
N ASP A 654 -20.57 10.85 17.98
CA ASP A 654 -19.99 11.98 18.69
C ASP A 654 -20.93 13.21 18.58
N GLY A 655 -22.11 13.02 18.01
CA GLY A 655 -23.04 14.10 17.89
C GLY A 655 -22.81 15.04 16.74
N LYS A 656 -21.65 14.92 16.08
CA LYS A 656 -21.32 15.81 14.94
C LYS A 656 -21.90 15.34 13.60
N ILE A 657 -22.07 16.30 12.69
CA ILE A 657 -22.63 16.01 11.39
C ILE A 657 -21.56 15.99 10.31
N TYR A 658 -21.64 14.99 9.45
CA TYR A 658 -20.66 14.85 8.38
C TYR A 658 -21.29 14.68 7.04
N THR A 659 -20.50 14.95 6.03
CA THR A 659 -20.99 14.81 4.67
C THR A 659 -19.89 14.22 3.76
N PHE A 660 -20.27 13.24 2.96
CA PHE A 660 -19.32 12.60 2.05
C PHE A 660 -19.99 12.19 0.76
N PRO A 661 -19.21 12.14 -0.32
CA PRO A 661 -19.73 11.74 -1.63
C PRO A 661 -19.93 10.24 -1.62
N LEU A 662 -21.03 9.80 -2.23
CA LEU A 662 -21.32 8.37 -2.28
C LEU A 662 -20.21 7.65 -3.06
N GLU A 663 -19.52 8.38 -3.93
CA GLU A 663 -18.42 7.83 -4.74
C GLU A 663 -17.11 7.63 -3.96
N LYS A 664 -16.78 8.58 -3.08
CA LYS A 664 -15.57 8.49 -2.28
C LYS A 664 -15.87 8.78 -0.80
N PRO A 665 -16.52 7.83 -0.11
CA PRO A 665 -16.87 8.00 1.31
C PRO A 665 -15.69 8.29 2.22
N GLU A 666 -14.48 8.21 1.68
CA GLU A 666 -13.29 8.48 2.48
C GLU A 666 -13.10 9.98 2.55
N ASP A 667 -13.74 10.72 1.65
CA ASP A 667 -13.61 12.18 1.65
C ASP A 667 -14.79 12.86 2.32
N GLU A 668 -14.98 12.62 3.62
CA GLU A 668 -16.07 13.27 4.32
C GLU A 668 -15.58 14.58 4.93
N ARG A 669 -16.50 15.55 5.09
CA ARG A 669 -16.17 16.82 5.71
C ARG A 669 -17.12 16.98 6.87
N THR A 670 -16.73 17.78 7.85
CA THR A 670 -17.58 18.03 9.03
C THR A 670 -18.39 19.25 8.74
N VAL A 671 -19.68 19.18 8.99
CA VAL A 671 -20.55 20.34 8.77
C VAL A 671 -20.43 21.26 9.97
N GLU A 672 -19.93 22.48 9.74
CA GLU A 672 -19.77 23.46 10.79
C GLU A 672 -20.97 24.36 10.80
N THR A 673 -21.56 24.52 11.97
CA THR A 673 -22.76 25.31 12.12
C THR A 673 -22.63 26.42 13.16
N ASP A 674 -21.59 26.35 13.99
CA ASP A 674 -21.42 27.32 15.05
C ASP A 674 -20.52 28.46 14.72
N LYS A 675 -20.29 28.73 13.45
CA LYS A 675 -19.45 29.84 13.10
C LYS A 675 -20.23 31.14 13.36
N ARG A 676 -21.54 31.07 13.20
CA ARG A 676 -22.42 32.21 13.40
C ARG A 676 -23.35 31.97 14.60
N PRO A 677 -23.51 32.96 15.49
CA PRO A 677 -24.38 32.82 16.66
C PRO A 677 -25.86 32.77 16.24
N LEU A 678 -26.66 32.11 17.05
CA LEU A 678 -28.09 32.05 16.80
C LEU A 678 -28.67 33.29 17.51
N VAL A 679 -29.56 34.05 16.87
CA VAL A 679 -30.11 35.23 17.50
C VAL A 679 -31.59 35.14 17.72
N SER A 680 -32.03 35.41 18.94
CA SER A 680 -33.45 35.36 19.26
C SER A 680 -33.85 36.34 20.35
N SER A 681 -35.16 36.40 20.61
CA SER A 681 -35.80 37.26 21.63
C SER A 681 -36.43 36.44 22.75
N ILE A 682 -35.94 36.62 23.96
CA ILE A 682 -36.49 35.90 25.08
C ILE A 682 -38.00 35.92 25.11
N HIS A 683 -38.59 37.11 25.06
CA HIS A 683 -40.04 37.20 25.14
C HIS A 683 -40.78 36.58 23.95
N GLU A 684 -40.19 36.64 22.76
CA GLU A 684 -40.90 36.06 21.66
C GLU A 684 -40.92 34.53 21.81
N GLU A 685 -39.81 33.95 22.29
CA GLU A 685 -39.68 32.50 22.47
C GLU A 685 -40.54 32.00 23.63
N PHE A 686 -40.53 32.77 24.72
CA PHE A 686 -41.35 32.43 25.88
C PHE A 686 -42.84 32.34 25.51
N LEU A 687 -43.33 33.32 24.76
CA LEU A 687 -44.70 33.29 24.33
C LEU A 687 -44.92 32.10 23.48
N GLN A 688 -44.02 31.91 22.53
CA GLN A 688 -44.10 30.77 21.60
C GLN A 688 -44.15 29.42 22.33
N MET A 689 -43.19 29.21 23.25
CA MET A 689 -43.09 27.98 24.03
C MET A 689 -44.30 27.74 24.92
N TYR A 690 -44.80 28.79 25.55
CA TYR A 690 -45.96 28.65 26.42
C TYR A 690 -47.13 28.21 25.55
N ASP A 691 -47.33 28.89 24.42
CA ASP A 691 -48.45 28.51 23.54
C ASP A 691 -48.34 27.05 23.07
N GLU A 692 -47.11 26.61 22.78
CA GLU A 692 -46.90 25.26 22.29
C GLU A 692 -47.19 24.25 23.37
N ALA A 693 -46.68 24.54 24.56
CA ALA A 693 -46.90 23.66 25.71
C ALA A 693 -48.40 23.57 25.96
N TRP A 694 -49.08 24.71 25.94
CA TRP A 694 -50.50 24.75 26.18
C TRP A 694 -51.21 23.96 25.09
N LYS A 695 -50.74 24.11 23.85
CA LYS A 695 -51.37 23.42 22.72
C LYS A 695 -51.20 21.91 22.72
N LEU A 696 -50.03 21.47 23.21
CA LEU A 696 -49.74 20.05 23.30
C LEU A 696 -50.59 19.45 24.42
N ALA A 697 -50.63 20.15 25.53
CA ALA A 697 -51.38 19.69 26.69
C ALA A 697 -52.82 19.45 26.26
N ARG A 698 -53.33 20.28 25.36
CA ARG A 698 -54.69 20.14 24.89
C ARG A 698 -54.86 19.06 23.84
N ASP A 699 -53.99 19.13 22.84
CA ASP A 699 -54.04 18.17 21.74
C ASP A 699 -53.82 16.69 22.15
N ASN A 700 -52.97 16.44 23.15
CA ASN A 700 -52.65 15.11 23.58
C ASN A 700 -53.32 14.52 24.80
N TYR A 701 -54.04 15.33 25.55
CA TYR A 701 -54.73 14.83 26.75
C TYR A 701 -55.59 13.65 26.31
N TRP A 702 -55.60 12.58 27.09
CA TRP A 702 -56.36 11.39 26.69
C TRP A 702 -57.85 11.61 26.43
N ASN A 703 -58.44 12.57 27.13
CA ASN A 703 -59.84 12.85 26.96
C ASN A 703 -60.09 14.18 26.25
N GLU A 704 -60.57 14.10 25.02
CA GLU A 704 -60.85 15.26 24.19
C GLU A 704 -61.86 16.22 24.79
N ALA A 705 -62.99 15.72 25.26
CA ALA A 705 -63.98 16.63 25.84
C ALA A 705 -63.34 17.43 26.97
N VAL A 706 -62.75 16.72 27.90
CA VAL A 706 -62.10 17.38 29.00
C VAL A 706 -61.10 18.38 28.52
N ALA A 707 -60.31 17.99 27.54
CA ALA A 707 -59.29 18.89 27.01
C ALA A 707 -59.86 20.21 26.48
N LYS A 708 -61.08 20.17 25.96
CA LYS A 708 -61.74 21.35 25.41
C LYS A 708 -62.08 22.36 26.51
N GLU A 709 -62.65 21.89 27.61
CA GLU A 709 -62.99 22.80 28.67
C GLU A 709 -61.79 23.31 29.47
N ILE A 710 -60.95 22.38 29.94
CA ILE A 710 -59.74 22.72 30.71
C ILE A 710 -58.82 23.70 29.96
N SER A 711 -58.53 23.39 28.70
CA SER A 711 -57.64 24.24 27.93
C SER A 711 -58.13 25.67 27.84
N GLU A 712 -59.35 25.85 27.31
CA GLU A 712 -59.93 27.19 27.15
C GLU A 712 -60.12 27.97 28.44
N ARG A 713 -60.28 27.25 29.55
CA ARG A 713 -60.47 27.87 30.83
C ARG A 713 -59.16 28.26 31.52
N ILE A 714 -58.02 27.88 30.97
CA ILE A 714 -56.75 28.22 31.64
C ILE A 714 -55.77 29.00 30.78
N TYR A 715 -56.03 29.09 29.49
CA TYR A 715 -55.14 29.78 28.60
C TYR A 715 -54.67 31.16 29.06
N GLU A 716 -55.59 32.13 29.04
CA GLU A 716 -55.33 33.52 29.43
C GLU A 716 -54.74 33.66 30.80
N LYS A 717 -55.32 32.95 31.76
CA LYS A 717 -54.84 32.99 33.14
C LYS A 717 -53.34 32.82 33.27
N TYR A 718 -52.79 31.78 32.65
CA TYR A 718 -51.37 31.54 32.73
C TYR A 718 -50.54 32.28 31.68
N ARG A 719 -51.20 32.73 30.62
CA ARG A 719 -50.52 33.49 29.59
C ARG A 719 -50.15 34.86 30.14
N ASN A 720 -50.96 35.39 31.04
CA ASN A 720 -50.68 36.71 31.62
C ASN A 720 -49.41 36.74 32.42
N LEU A 721 -48.91 35.57 32.83
CA LEU A 721 -47.69 35.53 33.64
C LEU A 721 -46.44 35.41 32.80
N VAL A 722 -46.60 35.00 31.55
CA VAL A 722 -45.46 34.82 30.70
C VAL A 722 -44.63 36.10 30.54
N PRO A 723 -45.27 37.25 30.28
CA PRO A 723 -44.49 38.49 30.13
C PRO A 723 -43.69 38.86 31.39
N LEU A 724 -44.03 38.30 32.55
CA LEU A 724 -43.27 38.55 33.77
C LEU A 724 -42.05 37.63 33.83
N CYS A 725 -42.00 36.60 33.00
CA CYS A 725 -40.86 35.70 33.02
C CYS A 725 -39.66 36.25 32.28
N LYS A 726 -38.51 36.17 32.91
CA LYS A 726 -37.26 36.63 32.30
C LYS A 726 -36.26 35.50 32.19
N THR A 727 -36.51 34.39 32.88
CA THR A 727 -35.62 33.24 32.80
C THR A 727 -36.36 31.95 32.51
N ARG A 728 -35.66 30.95 32.00
CA ARG A 728 -36.25 29.69 31.68
C ARG A 728 -36.95 29.08 32.87
N TYR A 729 -36.33 29.20 34.03
CA TYR A 729 -36.90 28.69 35.25
C TYR A 729 -38.23 29.43 35.55
N ASP A 730 -38.32 30.70 35.15
CA ASP A 730 -39.54 31.49 35.31
C ASP A 730 -40.65 30.86 34.49
N LEU A 731 -40.34 30.62 33.22
CA LEU A 731 -41.31 30.03 32.30
C LEU A 731 -41.78 28.65 32.78
N SER A 732 -40.88 27.92 33.42
CA SER A 732 -41.16 26.62 33.90
C SER A 732 -42.22 26.72 34.99
N ASN A 733 -42.09 27.68 35.89
CA ASN A 733 -43.06 27.86 36.94
C ASN A 733 -44.41 28.11 36.35
N VAL A 734 -44.44 28.89 35.28
CA VAL A 734 -45.71 29.17 34.68
C VAL A 734 -46.25 27.95 33.94
N ILE A 735 -45.43 27.32 33.10
CA ILE A 735 -45.90 26.18 32.33
C ILE A 735 -46.37 25.00 33.15
N VAL A 736 -45.62 24.64 34.20
CA VAL A 736 -46.00 23.50 35.01
C VAL A 736 -47.35 23.72 35.72
N GLU A 737 -47.56 24.93 36.22
CA GLU A 737 -48.80 25.30 36.88
C GLU A 737 -49.95 25.16 35.89
N MET A 738 -49.74 25.56 34.64
CA MET A 738 -50.81 25.39 33.69
C MET A 738 -50.99 23.91 33.42
N GLN A 739 -49.92 23.12 33.49
CA GLN A 739 -50.05 21.67 33.28
C GLN A 739 -50.87 20.98 34.42
N GLY A 740 -50.70 21.47 35.65
CA GLY A 740 -51.41 20.93 36.79
C GLY A 740 -52.91 21.04 36.63
N GLU A 741 -53.39 22.05 35.88
CA GLU A 741 -54.81 22.25 35.63
C GLU A 741 -55.48 21.00 35.08
N TYR A 742 -54.70 20.03 34.59
CA TYR A 742 -55.31 18.82 34.05
C TYR A 742 -55.52 17.82 35.15
N ARG A 743 -55.04 18.15 36.34
CA ARG A 743 -55.26 17.28 37.49
C ARG A 743 -55.07 15.79 37.21
N THR A 744 -54.13 15.48 36.34
CA THR A 744 -53.86 14.08 35.99
C THR A 744 -52.37 13.82 36.23
N SER A 745 -51.99 12.57 36.33
CA SER A 745 -50.58 12.20 36.52
C SER A 745 -49.81 12.40 35.20
N HIS A 746 -48.52 12.10 35.21
CA HIS A 746 -47.64 12.18 34.07
C HIS A 746 -47.56 13.43 33.22
N SER A 747 -47.65 14.59 33.86
CA SER A 747 -47.56 15.90 33.18
C SER A 747 -46.23 16.43 33.61
N TYR A 748 -45.20 16.11 32.85
CA TYR A 748 -43.85 16.54 33.23
C TYR A 748 -43.21 17.52 32.29
N GLU A 749 -42.10 18.03 32.72
CA GLU A 749 -41.32 18.97 31.91
C GLU A 749 -39.88 18.54 32.14
N MET A 750 -39.24 18.01 31.09
CA MET A 750 -37.87 17.49 31.17
C MET A 750 -36.92 18.19 30.19
N GLY A 751 -35.62 18.17 30.48
CA GLY A 751 -34.65 18.79 29.60
C GLY A 751 -34.82 20.29 29.48
N GLY A 752 -34.28 20.90 28.43
CA GLY A 752 -34.40 22.33 28.31
C GLY A 752 -33.11 22.93 28.80
N THR A 753 -32.91 24.23 28.56
CA THR A 753 -31.69 24.92 28.95
C THR A 753 -32.08 26.04 29.94
N PHE A 754 -31.76 25.85 31.22
CA PHE A 754 -32.12 26.82 32.24
C PHE A 754 -30.92 27.60 32.70
N THR A 755 -29.74 27.01 32.54
CA THR A 755 -28.53 27.67 32.99
C THR A 755 -27.34 27.28 32.12
N ASP A 756 -26.23 27.96 32.29
CA ASP A 756 -25.07 27.61 31.52
C ASP A 756 -23.97 27.21 32.52
N LYS A 757 -24.38 26.96 33.76
CA LYS A 757 -23.47 26.56 34.83
C LYS A 757 -23.19 25.07 34.78
N ASP A 758 -21.93 24.70 34.99
CA ASP A 758 -21.60 23.26 34.99
C ASP A 758 -22.25 22.54 36.14
N PRO A 759 -22.78 21.34 35.90
CA PRO A 759 -23.41 20.57 36.97
C PRO A 759 -22.49 20.34 38.17
N PHE A 760 -23.11 20.24 39.34
CA PHE A 760 -22.37 19.99 40.56
C PHE A 760 -21.77 18.62 40.44
N ARG A 761 -20.58 18.44 40.99
CA ARG A 761 -19.92 17.16 40.95
C ARG A 761 -19.89 16.62 42.37
N SER A 762 -19.82 15.30 42.48
CA SER A 762 -19.74 14.65 43.79
C SER A 762 -18.72 13.50 43.70
N GLY A 763 -17.84 13.38 44.70
CA GLY A 763 -16.86 12.34 44.69
C GLY A 763 -17.29 11.17 45.51
N ARG A 764 -17.46 9.99 44.89
CA ARG A 764 -17.90 8.86 45.66
C ARG A 764 -17.06 7.60 45.61
N ILE A 765 -17.03 6.87 46.72
CA ILE A 765 -16.27 5.62 46.78
C ILE A 765 -17.10 4.56 47.49
N ALA A 766 -18.41 4.77 47.44
CA ALA A 766 -19.34 3.85 48.03
C ALA A 766 -18.97 3.57 49.47
N CYS A 767 -18.81 4.61 50.25
CA CYS A 767 -18.49 4.47 51.67
C CYS A 767 -19.23 5.55 52.44
N ASP A 768 -19.45 5.29 53.72
CA ASP A 768 -20.08 6.27 54.58
C ASP A 768 -19.04 6.71 55.60
N PHE A 769 -18.74 8.00 55.63
CA PHE A 769 -17.76 8.50 56.57
C PHE A 769 -18.40 9.06 57.83
N LYS A 770 -17.68 8.92 58.93
CA LYS A 770 -18.13 9.43 60.22
C LYS A 770 -17.01 10.26 60.85
N LEU A 771 -17.32 11.50 61.20
CA LEU A 771 -16.31 12.37 61.82
C LEU A 771 -16.18 11.99 63.27
N ASP A 772 -15.16 11.20 63.57
CA ASP A 772 -14.91 10.79 64.94
C ASP A 772 -13.62 11.44 65.46
N GLY A 773 -13.74 12.36 66.40
CA GLY A 773 -12.56 13.02 66.88
C GLY A 773 -12.18 13.99 65.77
N ASP A 774 -10.95 13.93 65.26
CA ASP A 774 -10.57 14.85 64.18
C ASP A 774 -10.20 14.08 62.93
N HIS A 775 -10.74 12.86 62.84
CA HIS A 775 -10.51 11.95 61.73
C HIS A 775 -11.80 11.39 61.24
N TYR A 776 -11.82 11.05 59.98
CA TYR A 776 -12.98 10.44 59.39
C TYR A 776 -12.72 8.93 59.42
N VAL A 777 -13.74 8.19 59.77
CA VAL A 777 -13.64 6.77 59.81
C VAL A 777 -14.70 6.24 58.85
N VAL A 778 -14.34 5.20 58.10
CA VAL A 778 -15.29 4.58 57.21
C VAL A 778 -16.32 3.87 58.08
N ALA A 779 -17.52 4.41 58.12
CA ALA A 779 -18.61 3.88 58.93
C ALA A 779 -19.27 2.67 58.30
N LYS A 780 -19.23 2.64 56.96
CA LYS A 780 -19.83 1.58 56.19
C LYS A 780 -19.21 1.51 54.80
N ALA A 781 -18.92 0.28 54.35
CA ALA A 781 -18.35 0.04 53.04
C ALA A 781 -19.32 -0.81 52.22
N TYR A 782 -20.11 -0.18 51.37
CA TYR A 782 -21.13 -0.85 50.54
C TYR A 782 -20.67 -1.86 49.48
N ALA A 783 -21.40 -2.97 49.39
CA ALA A 783 -21.13 -4.06 48.43
C ALA A 783 -22.39 -4.90 48.16
N GLY A 784 -22.67 -5.15 46.88
CA GLY A 784 -23.79 -5.97 46.50
C GLY A 784 -23.21 -7.36 46.23
N ASP A 785 -23.10 -7.73 44.96
CA ASP A 785 -22.55 -9.02 44.58
C ASP A 785 -21.10 -8.75 44.20
N TYR A 786 -20.16 -9.14 45.05
CA TYR A 786 -18.76 -8.88 44.79
C TYR A 786 -18.27 -9.21 43.36
N SER A 787 -18.88 -10.21 42.72
CA SER A 787 -18.48 -10.61 41.38
C SER A 787 -19.19 -9.85 40.23
N ASN A 788 -20.22 -9.09 40.54
CA ASN A 788 -20.81 -8.34 39.46
C ASN A 788 -19.97 -7.11 39.18
N GLU A 789 -20.33 -6.42 38.12
CA GLU A 789 -19.63 -5.21 37.77
C GLU A 789 -20.27 -4.04 38.48
N GLY A 790 -19.44 -3.13 38.95
CA GLY A 790 -19.96 -1.97 39.65
C GLY A 790 -20.91 -2.14 40.84
N GLU A 791 -20.64 -3.09 41.74
CA GLU A 791 -21.48 -3.25 42.92
C GLU A 791 -20.74 -3.21 44.28
N LYS A 792 -19.64 -2.47 44.36
CA LYS A 792 -18.93 -2.45 45.62
C LYS A 792 -18.00 -1.27 45.62
N SER A 793 -17.43 -0.95 46.77
CA SER A 793 -16.53 0.17 46.86
C SER A 793 -15.25 -0.22 46.17
N PRO A 794 -14.72 0.66 45.31
CA PRO A 794 -13.46 0.39 44.58
C PRO A 794 -12.27 -0.01 45.43
N ILE A 795 -12.35 0.23 46.73
CA ILE A 795 -11.27 -0.14 47.62
C ILE A 795 -11.18 -1.67 47.71
N PHE A 796 -12.32 -2.36 47.61
CA PHE A 796 -12.31 -3.84 47.68
C PHE A 796 -11.36 -4.48 46.68
N GLU A 797 -11.14 -3.84 45.53
CA GLU A 797 -10.25 -4.38 44.52
C GLU A 797 -8.82 -4.57 45.02
N TYR A 798 -8.48 -3.89 46.13
CA TYR A 798 -7.16 -4.04 46.71
C TYR A 798 -7.12 -5.11 47.76
N GLY A 799 -8.25 -5.81 47.91
CA GLY A 799 -8.31 -6.90 48.85
C GLY A 799 -8.46 -6.54 50.29
N ILE A 800 -9.24 -5.52 50.60
CA ILE A 800 -9.48 -5.18 52.00
C ILE A 800 -10.82 -4.51 52.13
N ASP A 801 -11.47 -4.71 53.27
CA ASP A 801 -12.74 -4.06 53.54
C ASP A 801 -12.38 -2.82 54.35
N PRO A 802 -12.62 -1.63 53.79
CA PRO A 802 -12.35 -0.33 54.38
C PRO A 802 -13.12 0.00 55.66
N THR A 803 -14.14 -0.79 55.98
CA THR A 803 -14.94 -0.54 57.18
C THR A 803 -14.07 -0.48 58.42
N GLY A 804 -14.26 0.57 59.20
CA GLY A 804 -13.47 0.73 60.38
C GLY A 804 -12.15 1.47 60.23
N TYR A 805 -11.60 1.54 59.01
CA TYR A 805 -10.36 2.26 58.80
C TYR A 805 -10.56 3.78 58.93
N LEU A 806 -9.45 4.48 59.11
CA LEU A 806 -9.43 5.93 59.25
C LEU A 806 -8.83 6.49 57.99
N ILE A 807 -9.44 7.53 57.45
CA ILE A 807 -8.89 8.10 56.24
C ILE A 807 -7.96 9.22 56.65
N GLU A 808 -6.67 8.97 56.55
CA GLU A 808 -5.67 9.96 56.89
C GLU A 808 -5.72 11.11 55.90
N ASP A 809 -5.60 10.81 54.63
CA ASP A 809 -5.62 11.86 53.61
C ASP A 809 -5.89 11.33 52.19
N ILE A 810 -6.14 12.27 51.29
CA ILE A 810 -6.43 11.95 49.92
C ILE A 810 -5.56 12.84 49.03
N ASP A 811 -4.73 12.22 48.20
CA ASP A 811 -3.81 12.95 47.31
C ASP A 811 -2.92 13.94 48.05
N GLY A 812 -2.30 13.46 49.12
CA GLY A 812 -1.43 14.32 49.90
C GLY A 812 -2.16 15.34 50.80
N GLU A 813 -3.44 15.51 50.61
CA GLU A 813 -4.16 16.47 51.44
C GLU A 813 -4.83 15.82 52.62
N THR A 814 -4.49 16.29 53.81
CA THR A 814 -5.06 15.79 55.04
C THR A 814 -6.56 16.14 55.09
N VAL A 815 -7.37 15.15 55.46
CA VAL A 815 -8.81 15.34 55.61
C VAL A 815 -9.18 14.99 57.06
N GLY A 816 -10.22 15.60 57.57
CA GLY A 816 -10.64 15.33 58.93
C GLY A 816 -11.30 16.56 59.51
N ALA A 817 -11.20 16.71 60.84
CA ALA A 817 -11.81 17.82 61.56
C ALA A 817 -11.82 19.17 60.84
N GLY A 818 -10.69 19.54 60.23
CA GLY A 818 -10.67 20.80 59.54
C GLY A 818 -10.63 20.68 58.04
N SER A 819 -11.10 19.55 57.50
CA SER A 819 -11.08 19.37 56.05
C SER A 819 -12.17 18.46 55.54
N ASN A 820 -13.14 19.11 54.92
CA ASN A 820 -14.30 18.48 54.35
C ASN A 820 -13.90 17.41 53.36
N ILE A 821 -14.07 16.15 53.73
CA ILE A 821 -13.73 15.07 52.83
C ILE A 821 -14.64 15.04 51.62
N TYR A 822 -15.90 15.40 51.81
CA TYR A 822 -16.84 15.40 50.68
C TYR A 822 -16.32 16.31 49.56
N ARG A 823 -15.80 17.49 49.92
CA ARG A 823 -15.27 18.44 48.94
C ARG A 823 -14.01 17.93 48.22
N VAL A 824 -13.06 17.39 49.00
CA VAL A 824 -11.83 16.87 48.45
C VAL A 824 -12.19 15.82 47.42
N LEU A 825 -13.06 14.89 47.80
CA LEU A 825 -13.48 13.85 46.86
C LEU A 825 -14.14 14.50 45.66
N SER A 826 -14.96 15.52 45.94
CA SER A 826 -15.66 16.21 44.89
C SER A 826 -14.73 16.59 43.78
N GLU A 827 -13.57 17.13 44.13
CA GLU A 827 -12.57 17.59 43.16
C GLU A 827 -11.70 16.53 42.49
N LYS A 828 -11.89 15.27 42.87
CA LYS A 828 -11.14 14.15 42.30
C LYS A 828 -12.05 13.22 41.50
N ALA A 829 -13.35 13.48 41.56
CA ALA A 829 -14.33 12.64 40.89
C ALA A 829 -13.94 12.38 39.45
N GLY A 830 -14.03 11.12 39.06
CA GLY A 830 -13.72 10.76 37.71
C GLY A 830 -12.27 10.43 37.45
N THR A 831 -11.46 10.37 38.50
CA THR A 831 -10.03 10.03 38.39
C THR A 831 -9.63 9.18 39.57
N SER A 832 -8.36 8.78 39.61
CA SER A 832 -7.87 7.98 40.73
C SER A 832 -6.99 8.82 41.61
N ALA A 833 -7.22 8.71 42.91
CA ALA A 833 -6.44 9.49 43.86
C ALA A 833 -5.78 8.56 44.87
N ARG A 834 -4.66 9.01 45.39
CA ARG A 834 -3.96 8.20 46.38
C ARG A 834 -4.63 8.42 47.73
N ILE A 835 -5.18 7.36 48.32
CA ILE A 835 -5.85 7.46 49.61
C ILE A 835 -4.98 6.76 50.63
N ARG A 836 -4.76 7.40 51.79
CA ARG A 836 -3.96 6.81 52.88
C ARG A 836 -4.96 6.33 53.92
N LEU A 837 -4.95 5.04 54.26
CA LEU A 837 -5.88 4.50 55.26
C LEU A 837 -5.12 3.91 56.46
N SER A 838 -5.76 3.85 57.61
CA SER A 838 -5.19 3.28 58.81
C SER A 838 -6.21 2.40 59.51
N GLY A 839 -5.82 1.16 59.79
CA GLY A 839 -6.74 0.25 60.47
C GLY A 839 -6.22 -0.24 61.82
N LYS A 840 -6.57 -1.48 62.16
CA LYS A 840 -6.15 -2.13 63.40
C LYS A 840 -4.63 -2.11 63.51
N GLY A 841 -4.13 -1.42 64.53
CA GLY A 841 -2.71 -1.31 64.76
C GLY A 841 -1.99 -0.54 63.67
N GLY A 842 -0.74 -0.89 63.45
CA GLY A 842 0.06 -0.23 62.43
C GLY A 842 -0.40 -0.62 61.04
N ASP A 843 -1.67 -0.97 60.90
CA ASP A 843 -2.20 -1.36 59.59
C ASP A 843 -2.40 -0.12 58.72
N LYS A 844 -1.38 0.28 57.97
CA LYS A 844 -1.47 1.45 57.13
C LYS A 844 -1.45 1.11 55.64
N ARG A 845 -2.38 1.66 54.87
CA ARG A 845 -2.45 1.39 53.44
C ARG A 845 -2.37 2.66 52.59
N ASP A 846 -1.79 2.51 51.42
CA ASP A 846 -1.64 3.62 50.50
C ASP A 846 -2.05 3.12 49.10
N LEU A 847 -3.29 3.42 48.73
CA LEU A 847 -3.84 2.94 47.46
C LEU A 847 -4.34 3.99 46.47
N MET A 848 -4.33 3.65 45.19
CA MET A 848 -4.83 4.56 44.17
C MET A 848 -6.28 4.11 44.00
N ILE A 849 -7.19 4.91 44.53
CA ILE A 849 -8.60 4.59 44.47
C ILE A 849 -9.41 5.31 43.40
N ASP A 850 -10.24 4.56 42.70
CA ASP A 850 -11.06 5.17 41.68
C ASP A 850 -12.13 5.96 42.44
N ILE A 851 -12.29 7.22 42.08
CA ILE A 851 -13.30 8.04 42.71
C ILE A 851 -14.45 8.20 41.75
N LEU A 852 -15.56 7.53 42.04
CA LEU A 852 -16.74 7.56 41.19
C LEU A 852 -17.48 8.89 41.10
N ASP A 853 -18.23 9.12 40.04
CA ASP A 853 -19.02 10.34 39.94
C ASP A 853 -20.33 10.07 40.67
N ASP A 854 -20.69 8.79 40.81
CA ASP A 854 -21.92 8.40 41.46
C ASP A 854 -21.77 7.01 42.08
N ASP A 855 -22.63 6.65 43.03
CA ASP A 855 -22.52 5.34 43.63
C ASP A 855 -23.88 4.83 44.12
N ARG A 856 -24.94 5.40 43.56
CA ARG A 856 -26.31 5.02 43.88
C ARG A 856 -26.59 3.55 43.59
N PHE A 857 -26.18 3.10 42.42
CA PHE A 857 -26.41 1.71 42.07
C PHE A 857 -25.73 0.75 43.06
N ILE A 858 -24.51 1.08 43.49
CA ILE A 858 -23.80 0.26 44.45
C ILE A 858 -24.59 0.25 45.75
N ARG A 859 -25.09 1.40 46.19
CA ARG A 859 -25.88 1.43 47.42
C ARG A 859 -27.11 0.56 47.26
N TYR A 860 -27.79 0.70 46.11
CA TYR A 860 -28.99 -0.06 45.80
C TYR A 860 -28.78 -1.56 45.89
N ARG A 861 -27.82 -2.09 45.15
CA ARG A 861 -27.58 -3.54 45.15
C ARG A 861 -27.17 -4.05 46.54
N SER A 862 -26.45 -3.22 47.28
CA SER A 862 -26.01 -3.54 48.63
C SER A 862 -27.30 -3.75 49.48
N TRP A 863 -28.23 -2.80 49.36
CA TRP A 863 -29.51 -2.84 50.05
C TRP A 863 -30.26 -4.13 49.69
N VAL A 864 -30.38 -4.39 48.40
CA VAL A 864 -31.05 -5.59 47.95
C VAL A 864 -30.39 -6.84 48.53
N GLU A 865 -29.07 -6.95 48.47
CA GLU A 865 -28.41 -8.14 49.03
C GLU A 865 -28.51 -8.23 50.54
N ALA A 866 -28.68 -7.08 51.18
CA ALA A 866 -28.86 -7.07 52.62
C ALA A 866 -30.28 -7.66 52.91
N ASN A 867 -31.31 -7.15 52.23
CA ASN A 867 -32.65 -7.63 52.47
C ASN A 867 -32.75 -9.07 52.10
N ARG A 868 -32.03 -9.44 51.05
CA ARG A 868 -32.05 -10.80 50.62
C ARG A 868 -31.39 -11.67 51.69
N ARG A 869 -30.27 -11.22 52.27
CA ARG A 869 -29.67 -12.07 53.31
C ARG A 869 -30.57 -12.22 54.52
N TYR A 870 -31.21 -11.11 54.86
CA TYR A 870 -32.10 -11.02 55.99
C TYR A 870 -33.29 -11.98 55.86
N VAL A 871 -33.95 -11.96 54.71
CA VAL A 871 -35.05 -12.82 54.49
C VAL A 871 -34.65 -14.27 54.59
N HIS A 872 -33.50 -14.62 54.03
CA HIS A 872 -33.02 -16.02 54.10
C HIS A 872 -32.78 -16.44 55.53
N GLU A 873 -32.24 -15.52 56.36
CA GLU A 873 -31.97 -15.88 57.74
C GLU A 873 -33.17 -15.93 58.63
N ARG A 874 -34.11 -15.01 58.43
CA ARG A 874 -35.29 -14.96 59.26
C ARG A 874 -36.28 -16.08 58.95
N SER A 875 -36.31 -16.56 57.71
CA SER A 875 -37.23 -17.64 57.30
C SER A 875 -36.48 -18.96 57.41
N LYS A 876 -35.24 -18.88 57.92
CA LYS A 876 -34.40 -20.07 58.10
C LYS A 876 -34.13 -20.74 56.77
N GLY A 877 -33.91 -19.94 55.73
CA GLY A 877 -33.67 -20.50 54.42
C GLY A 877 -34.91 -21.04 53.69
N THR A 878 -36.09 -20.64 54.13
CA THR A 878 -37.28 -21.15 53.46
C THR A 878 -37.98 -20.16 52.52
N ILE A 879 -37.53 -18.91 52.51
CA ILE A 879 -38.15 -17.86 51.71
C ILE A 879 -37.17 -17.07 50.83
N GLY A 880 -37.56 -16.83 49.58
CA GLY A 880 -36.73 -16.10 48.66
C GLY A 880 -37.09 -14.64 48.66
N TYR A 881 -36.26 -13.82 48.01
CA TYR A 881 -36.49 -12.38 47.94
C TYR A 881 -35.98 -11.75 46.63
N ILE A 882 -36.82 -10.89 46.09
CA ILE A 882 -36.57 -10.21 44.85
C ILE A 882 -37.07 -8.78 44.98
N HIS A 883 -36.32 -7.85 44.41
CA HIS A 883 -36.74 -6.45 44.42
C HIS A 883 -36.82 -5.90 43.00
N ILE A 884 -37.83 -5.07 42.76
CA ILE A 884 -37.99 -4.49 41.45
C ILE A 884 -37.99 -2.97 41.57
N PRO A 885 -36.87 -2.33 41.20
CA PRO A 885 -36.63 -0.90 41.24
C PRO A 885 -37.51 -0.06 40.32
N ASP A 886 -37.80 -0.56 39.12
CA ASP A 886 -38.68 0.14 38.23
C ASP A 886 -39.20 -0.82 37.25
N MET A 887 -40.02 -0.34 36.31
CA MET A 887 -40.61 -1.23 35.32
C MET A 887 -40.04 -0.92 33.99
N GLY A 888 -38.76 -0.55 34.00
CA GLY A 888 -38.07 -0.24 32.78
C GLY A 888 -36.98 -1.31 32.58
N MET A 889 -35.87 -0.95 31.94
CA MET A 889 -34.84 -1.89 31.71
C MET A 889 -34.18 -2.29 33.01
N MET A 890 -33.92 -1.33 33.89
CA MET A 890 -33.32 -1.68 35.16
C MET A 890 -34.18 -2.72 35.90
N GLY A 891 -35.51 -2.58 35.85
CA GLY A 891 -36.35 -3.50 36.58
C GLY A 891 -36.27 -4.89 36.01
N LEU A 892 -36.12 -4.95 34.70
CA LEU A 892 -36.00 -6.23 34.01
C LEU A 892 -34.71 -6.92 34.43
N ASN A 893 -33.63 -6.17 34.57
CA ASN A 893 -32.35 -6.70 35.00
C ASN A 893 -32.36 -7.27 36.40
N GLU A 894 -32.85 -6.45 37.32
CA GLU A 894 -32.93 -6.78 38.73
C GLU A 894 -33.89 -7.91 38.98
N PHE A 895 -35.06 -7.84 38.39
CA PHE A 895 -36.00 -8.94 38.56
C PHE A 895 -35.31 -10.29 38.18
N TYR A 896 -34.74 -10.40 36.98
CA TYR A 896 -34.11 -11.66 36.64
C TYR A 896 -32.84 -11.95 37.40
N ARG A 897 -32.08 -10.91 37.75
CA ARG A 897 -30.84 -11.10 38.49
C ARG A 897 -31.04 -11.91 39.72
N LEU A 898 -32.19 -11.75 40.36
CA LEU A 898 -32.47 -12.54 41.54
C LEU A 898 -33.46 -13.64 41.23
N PHE A 899 -34.43 -13.38 40.35
CA PHE A 899 -35.42 -14.39 40.05
C PHE A 899 -34.87 -15.80 39.81
N ILE A 900 -33.77 -15.88 39.06
CA ILE A 900 -33.18 -17.16 38.73
C ILE A 900 -32.61 -17.92 39.92
N ASN A 901 -32.55 -17.30 41.10
CA ASN A 901 -32.02 -17.98 42.28
C ASN A 901 -32.96 -17.97 43.43
N GLU A 902 -34.02 -17.19 43.36
CA GLU A 902 -34.92 -17.08 44.50
C GLU A 902 -36.30 -17.61 44.29
N SER A 903 -36.56 -18.13 43.11
CA SER A 903 -37.88 -18.57 42.80
C SER A 903 -38.24 -19.98 43.31
N SER A 904 -37.25 -20.73 43.78
CA SER A 904 -37.51 -22.08 44.24
C SER A 904 -37.48 -22.36 45.71
N TYR A 905 -37.84 -21.35 46.50
CA TYR A 905 -37.94 -21.55 47.92
C TYR A 905 -39.40 -21.83 48.16
N GLN A 906 -39.72 -22.29 49.37
CA GLN A 906 -41.11 -22.56 49.76
C GLN A 906 -41.94 -21.31 49.53
N GLY A 907 -41.37 -20.14 49.83
CA GLY A 907 -42.09 -18.89 49.67
C GLY A 907 -41.24 -17.87 48.96
N LEU A 908 -41.88 -16.81 48.49
CA LEU A 908 -41.15 -15.78 47.78
C LEU A 908 -41.71 -14.39 48.04
N ILE A 909 -40.83 -13.45 48.37
CA ILE A 909 -41.27 -12.10 48.59
C ILE A 909 -40.88 -11.32 47.37
N VAL A 910 -41.84 -10.59 46.81
CA VAL A 910 -41.61 -9.73 45.63
C VAL A 910 -41.83 -8.34 46.15
N ASP A 911 -40.73 -7.66 46.44
CA ASP A 911 -40.74 -6.29 46.98
C ASP A 911 -40.74 -5.33 45.81
N VAL A 912 -41.79 -4.54 45.68
CA VAL A 912 -41.74 -3.58 44.60
C VAL A 912 -41.82 -2.21 45.15
N ARG A 913 -41.36 -2.05 46.39
CA ARG A 913 -41.37 -0.72 47.01
C ARG A 913 -40.43 0.24 46.25
N PHE A 914 -40.84 1.52 46.11
CA PHE A 914 -40.07 2.55 45.42
C PHE A 914 -39.96 2.28 43.91
N ASN A 915 -40.82 1.40 43.42
CA ASN A 915 -40.76 1.09 42.02
C ASN A 915 -41.17 2.30 41.17
N GLY A 916 -40.23 2.75 40.36
CA GLY A 916 -40.48 3.90 39.51
C GLY A 916 -41.43 3.78 38.31
N GLY A 917 -42.05 2.61 38.10
CA GLY A 917 -42.92 2.50 36.95
C GLY A 917 -42.18 2.28 35.65
N GLY A 918 -42.93 2.33 34.54
CA GLY A 918 -42.36 2.12 33.23
C GLY A 918 -43.37 1.40 32.36
N PHE A 919 -43.10 0.15 32.00
CA PHE A 919 -44.06 -0.58 31.18
C PHE A 919 -43.86 -2.10 31.16
N VAL A 920 -42.91 -2.64 31.92
CA VAL A 920 -42.71 -4.07 31.83
C VAL A 920 -43.41 -4.92 32.88
N SER A 921 -44.28 -4.29 33.65
CA SER A 921 -45.00 -5.03 34.68
C SER A 921 -45.66 -6.27 34.09
N GLN A 922 -46.27 -6.12 32.91
CA GLN A 922 -46.92 -7.28 32.29
C GLN A 922 -45.94 -8.44 32.00
N LEU A 923 -44.73 -8.14 31.56
CA LEU A 923 -43.76 -9.21 31.30
C LEU A 923 -43.31 -9.91 32.60
N ILE A 924 -43.30 -9.19 33.70
CA ILE A 924 -42.88 -9.76 34.98
C ILE A 924 -44.04 -10.55 35.60
N ILE A 925 -45.25 -9.98 35.57
CA ILE A 925 -46.44 -10.62 36.10
C ILE A 925 -46.58 -12.00 35.39
N GLU A 926 -46.21 -12.08 34.10
CA GLU A 926 -46.31 -13.31 33.30
C GLU A 926 -45.45 -14.47 33.85
N LYS A 927 -44.28 -14.09 34.32
CA LYS A 927 -43.35 -15.00 34.94
C LYS A 927 -43.92 -15.45 36.28
N LEU A 928 -44.37 -14.51 37.09
CA LEU A 928 -44.92 -14.86 38.38
C LEU A 928 -46.20 -15.68 38.25
N MET A 929 -46.85 -15.58 37.09
CA MET A 929 -48.10 -16.30 36.86
C MET A 929 -47.90 -17.75 36.58
N ASN A 930 -46.70 -18.11 36.15
CA ASN A 930 -46.40 -19.50 35.84
C ASN A 930 -46.66 -20.45 37.01
N LYS A 931 -47.58 -21.39 36.82
CA LYS A 931 -47.88 -22.32 37.87
C LYS A 931 -47.09 -23.60 37.61
N ARG A 932 -46.33 -24.06 38.60
CA ARG A 932 -45.53 -25.28 38.47
C ARG A 932 -46.44 -26.51 38.51
N ILE A 933 -46.45 -27.28 37.44
CA ILE A 933 -47.31 -28.45 37.38
C ILE A 933 -46.58 -29.74 37.05
N GLY A 934 -45.29 -29.67 36.89
CA GLY A 934 -44.53 -30.87 36.61
C GLY A 934 -43.06 -30.80 36.96
N TYR A 935 -42.41 -31.94 36.81
CA TYR A 935 -41.00 -32.03 37.10
C TYR A 935 -40.36 -32.97 36.12
N ASP A 936 -39.06 -32.82 35.99
CA ASP A 936 -38.25 -33.61 35.11
C ASP A 936 -37.30 -34.47 35.95
N ASN A 937 -37.35 -35.79 35.78
CA ASN A 937 -36.48 -36.69 36.53
C ASN A 937 -35.33 -37.23 35.74
N PRO A 938 -34.12 -36.80 36.07
CA PRO A 938 -32.91 -37.24 35.36
C PRO A 938 -32.24 -38.46 35.94
N ARG A 939 -31.46 -39.14 35.10
CA ARG A 939 -30.71 -40.30 35.56
C ARG A 939 -29.70 -39.84 36.59
N ARG A 940 -29.07 -38.70 36.30
CA ARG A 940 -28.08 -38.10 37.21
C ARG A 940 -28.39 -36.61 37.33
N GLY A 941 -28.22 -36.03 38.52
CA GLY A 941 -28.52 -34.63 38.70
C GLY A 941 -29.78 -34.44 39.54
N THR A 942 -30.35 -33.25 39.50
CA THR A 942 -31.54 -32.96 40.28
C THR A 942 -32.79 -32.66 39.43
N LEU A 943 -33.95 -32.60 40.07
CA LEU A 943 -35.19 -32.30 39.37
C LEU A 943 -35.19 -30.97 38.65
N SER A 944 -35.83 -30.92 37.50
CA SER A 944 -35.98 -29.68 36.76
C SER A 944 -37.46 -29.35 36.83
N PRO A 945 -37.83 -28.13 37.24
CA PRO A 945 -39.26 -27.76 37.33
C PRO A 945 -39.88 -27.33 36.02
N TYR A 946 -41.14 -27.64 35.83
CA TYR A 946 -41.85 -27.25 34.62
C TYR A 946 -43.12 -26.47 34.99
N PRO A 947 -43.23 -25.19 34.55
CA PRO A 947 -42.25 -24.52 33.70
C PRO A 947 -40.97 -24.17 34.53
N THR A 948 -39.90 -23.94 33.80
CA THR A 948 -38.61 -23.56 34.35
C THR A 948 -38.78 -22.20 35.04
N ASN A 949 -39.53 -21.30 34.40
CA ASN A 949 -39.72 -20.00 34.99
C ASN A 949 -40.92 -19.90 35.87
N SER A 950 -41.03 -20.82 36.82
CA SER A 950 -42.17 -20.79 37.72
C SER A 950 -41.72 -20.67 39.15
N VAL A 951 -42.56 -20.04 39.94
CA VAL A 951 -42.26 -19.91 41.35
C VAL A 951 -42.72 -21.25 41.97
N ARG A 952 -41.96 -21.70 42.95
CA ARG A 952 -42.24 -22.95 43.58
C ARG A 952 -43.42 -22.96 44.57
N GLY A 953 -43.49 -21.95 45.42
CA GLY A 953 -44.53 -21.87 46.42
C GLY A 953 -45.32 -20.58 46.52
N LYS A 954 -45.60 -20.14 47.74
CA LYS A 954 -46.39 -18.93 48.00
C LYS A 954 -45.66 -17.62 47.73
N ILE A 955 -46.36 -16.67 47.15
CA ILE A 955 -45.76 -15.41 46.85
C ILE A 955 -46.39 -14.34 47.69
N ILE A 956 -45.59 -13.35 48.05
CA ILE A 956 -46.08 -12.25 48.83
C ILE A 956 -45.47 -10.97 48.24
N ALA A 957 -46.33 -9.98 47.97
CA ALA A 957 -45.88 -8.71 47.42
C ALA A 957 -45.86 -7.61 48.47
N ILE A 958 -44.84 -6.76 48.34
CA ILE A 958 -44.64 -5.62 49.22
C ILE A 958 -44.60 -4.38 48.36
N THR A 959 -45.37 -3.36 48.73
CA THR A 959 -45.43 -2.09 47.99
C THR A 959 -45.64 -0.92 48.95
N ASN A 960 -45.29 0.29 48.51
CA ASN A 960 -45.51 1.49 49.30
C ASN A 960 -45.97 2.63 48.40
N GLU A 961 -46.10 3.82 48.99
CA GLU A 961 -46.56 5.00 48.30
C GLU A 961 -45.55 5.50 47.32
N TYR A 962 -44.39 4.86 47.26
CA TYR A 962 -43.35 5.32 46.33
C TYR A 962 -43.25 4.42 45.12
N ALA A 963 -44.19 3.49 45.01
CA ALA A 963 -44.24 2.61 43.86
C ALA A 963 -45.38 3.24 43.07
N GLY A 964 -45.19 3.54 41.80
CA GLY A 964 -46.27 4.14 41.06
C GLY A 964 -46.25 3.83 39.59
N SER A 965 -47.34 4.26 38.92
CA SER A 965 -47.53 4.09 37.49
C SER A 965 -47.56 2.62 37.12
N ASP A 966 -46.61 2.17 36.32
CA ASP A 966 -46.60 0.76 35.97
C ASP A 966 -46.50 -0.01 37.30
N GLY A 967 -45.98 0.67 38.31
CA GLY A 967 -45.89 0.10 39.64
C GLY A 967 -47.28 -0.02 40.26
N ASP A 968 -48.18 0.87 39.84
CA ASP A 968 -49.57 0.87 40.30
C ASP A 968 -50.25 -0.32 39.60
N ILE A 969 -49.95 -0.43 38.31
CA ILE A 969 -50.52 -1.47 37.49
C ILE A 969 -50.11 -2.84 38.00
N PHE A 970 -48.81 -3.05 38.19
CA PHE A 970 -48.32 -4.33 38.72
C PHE A 970 -49.02 -4.68 40.05
N SER A 971 -49.14 -3.69 40.94
CA SER A 971 -49.75 -3.85 42.23
C SER A 971 -51.20 -4.30 42.16
N PHE A 972 -51.98 -3.58 41.36
CA PHE A 972 -53.38 -3.91 41.16
C PHE A 972 -53.52 -5.32 40.57
N SER A 973 -52.65 -5.59 39.60
CA SER A 973 -52.58 -6.87 38.90
C SER A 973 -52.36 -8.09 39.81
N PHE A 974 -51.37 -7.97 40.69
CA PHE A 974 -50.99 -9.01 41.60
C PHE A 974 -52.24 -9.42 42.40
N LYS A 975 -52.99 -8.45 42.89
CA LYS A 975 -54.18 -8.79 43.64
C LYS A 975 -55.20 -9.32 42.67
N LYS A 976 -55.48 -8.59 41.61
CA LYS A 976 -56.49 -9.05 40.68
C LYS A 976 -56.32 -10.50 40.18
N LEU A 977 -55.09 -10.95 39.92
CA LEU A 977 -54.84 -12.31 39.45
C LEU A 977 -54.72 -13.31 40.60
N GLY A 978 -54.81 -12.80 41.82
CA GLY A 978 -54.69 -13.64 42.99
C GLY A 978 -53.35 -14.31 43.20
N LEU A 979 -52.27 -13.66 42.79
CA LEU A 979 -50.91 -14.22 42.92
C LEU A 979 -50.45 -14.34 44.38
N GLY A 980 -51.07 -13.57 45.27
CA GLY A 980 -50.72 -13.61 46.67
C GLY A 980 -51.27 -12.38 47.38
N LYS A 981 -50.89 -12.17 48.64
CA LYS A 981 -51.36 -11.00 49.39
C LYS A 981 -50.44 -9.83 49.07
N LEU A 982 -50.97 -8.61 49.12
CA LEU A 982 -50.21 -7.41 48.86
C LEU A 982 -50.05 -6.67 50.19
N ILE A 983 -48.79 -6.45 50.61
CA ILE A 983 -48.46 -5.78 51.88
C ILE A 983 -47.83 -4.39 51.70
N GLY A 984 -48.07 -3.49 52.64
CA GLY A 984 -47.50 -2.16 52.58
C GLY A 984 -48.41 -0.97 52.79
N THR A 985 -48.32 0.00 51.87
CA THR A 985 -49.18 1.19 51.92
C THR A 985 -49.64 1.53 50.51
N ARG A 986 -50.82 2.16 50.41
CA ARG A 986 -51.38 2.54 49.12
C ARG A 986 -50.31 3.21 48.26
N THR A 987 -50.32 2.84 46.98
CA THR A 987 -49.37 3.33 46.00
C THR A 987 -49.70 4.69 45.40
N TRP A 988 -48.71 5.24 44.67
CA TRP A 988 -48.78 6.54 44.03
C TRP A 988 -50.10 6.95 43.42
N GLY A 989 -50.62 6.15 42.49
CA GLY A 989 -51.89 6.47 41.84
C GLY A 989 -51.81 7.24 40.53
N GLY A 990 -50.80 6.98 39.71
CA GLY A 990 -50.66 7.70 38.46
C GLY A 990 -50.60 6.73 37.31
N VAL A 991 -51.74 6.50 36.70
CA VAL A 991 -51.81 5.54 35.60
C VAL A 991 -52.32 6.06 34.28
N VAL A 992 -51.90 7.25 33.92
CA VAL A 992 -52.27 7.73 32.59
C VAL A 992 -50.94 7.95 31.88
N GLY A 993 -50.57 7.00 31.03
CA GLY A 993 -49.31 7.02 30.33
C GLY A 993 -49.04 8.06 29.26
N ILE A 994 -47.77 8.16 28.90
CA ILE A 994 -47.27 9.14 27.93
C ILE A 994 -46.39 8.54 26.86
N THR A 995 -46.34 9.24 25.74
CA THR A 995 -45.45 8.89 24.59
C THR A 995 -45.17 10.22 23.92
N PRO A 996 -44.27 11.00 24.50
CA PRO A 996 -44.00 12.30 23.88
C PRO A 996 -43.43 12.19 22.43
N LYS A 997 -43.78 13.16 21.60
CA LYS A 997 -43.27 13.13 20.26
C LYS A 997 -42.87 14.52 19.76
N ARG A 998 -42.82 15.50 20.68
CA ARG A 998 -42.38 16.85 20.36
C ARG A 998 -41.61 17.52 21.47
N ARG A 999 -40.63 18.35 21.10
CA ARG A 999 -39.79 19.07 22.06
C ARG A 999 -39.99 20.53 21.79
N LEU A 1000 -39.82 21.39 22.81
CA LEU A 1000 -39.95 22.82 22.60
C LEU A 1000 -38.68 23.26 21.85
N ILE A 1001 -38.73 24.45 21.25
CA ILE A 1001 -37.61 24.99 20.51
C ILE A 1001 -36.27 25.03 21.28
N ASP A 1002 -36.29 24.84 22.59
CA ASP A 1002 -35.08 24.86 23.39
C ASP A 1002 -34.61 23.45 23.85
N GLY A 1003 -35.30 22.42 23.37
CA GLY A 1003 -34.96 21.07 23.73
C GLY A 1003 -35.90 20.45 24.75
N THR A 1004 -36.57 21.31 25.51
CA THR A 1004 -37.47 20.85 26.52
C THR A 1004 -38.44 19.77 25.99
N VAL A 1005 -38.61 18.73 26.80
CA VAL A 1005 -39.52 17.66 26.47
C VAL A 1005 -40.67 17.71 27.48
N LEU A 1006 -41.86 18.01 26.99
CA LEU A 1006 -43.02 18.09 27.86
C LEU A 1006 -43.77 16.78 27.67
N THR A 1007 -44.51 16.32 28.69
CA THR A 1007 -45.28 15.10 28.56
C THR A 1007 -46.72 15.37 28.84
N GLN A 1008 -47.60 14.68 28.12
CA GLN A 1008 -49.03 14.84 28.29
C GLN A 1008 -49.66 13.47 28.59
N PRO A 1009 -50.52 13.39 29.62
CA PRO A 1009 -51.16 12.11 29.96
C PRO A 1009 -52.15 11.83 28.81
N GLU A 1010 -51.72 10.96 27.90
CA GLU A 1010 -52.42 10.60 26.68
C GLU A 1010 -53.06 9.23 26.62
N PHE A 1011 -52.69 8.33 27.51
CA PHE A 1011 -53.23 6.97 27.46
C PHE A 1011 -53.80 6.50 28.78
N ALA A 1012 -55.07 6.74 29.00
CA ALA A 1012 -55.69 6.34 30.27
C ALA A 1012 -55.82 4.81 30.49
N PHE A 1013 -55.20 4.29 31.53
CA PHE A 1013 -55.29 2.88 31.79
C PHE A 1013 -56.66 2.51 32.39
N TRP A 1014 -57.25 1.47 31.84
CA TRP A 1014 -58.54 1.06 32.32
C TRP A 1014 -58.48 -0.38 32.77
N PHE A 1015 -58.84 -0.57 34.02
CA PHE A 1015 -58.85 -1.89 34.59
C PHE A 1015 -60.27 -2.42 34.57
N ARG A 1016 -60.44 -3.66 34.14
CA ARG A 1016 -61.74 -4.24 34.12
C ARG A 1016 -62.21 -4.33 35.57
N ASP A 1017 -63.40 -3.82 35.86
CA ASP A 1017 -63.93 -3.86 37.22
C ASP A 1017 -63.25 -2.84 38.15
N ALA A 1018 -62.97 -1.65 37.63
CA ALA A 1018 -62.34 -0.57 38.39
C ALA A 1018 -62.26 0.68 37.55
N GLY A 1019 -62.45 0.51 36.24
CA GLY A 1019 -62.41 1.63 35.32
C GLY A 1019 -61.12 2.41 35.35
N PHE A 1020 -61.20 3.71 35.53
CA PHE A 1020 -59.99 4.49 35.57
C PHE A 1020 -59.64 4.82 37.00
N GLY A 1021 -60.45 4.25 37.88
CA GLY A 1021 -60.35 4.44 39.31
C GLY A 1021 -58.98 4.52 39.99
N VAL A 1022 -58.05 3.71 39.52
CA VAL A 1022 -56.72 3.72 40.10
C VAL A 1022 -56.13 5.11 39.94
N GLU A 1023 -56.47 5.80 38.85
CA GLU A 1023 -55.90 7.14 38.65
C GLU A 1023 -56.34 8.06 39.75
N ASN A 1024 -55.34 8.74 40.31
CA ASN A 1024 -55.51 9.69 41.41
C ASN A 1024 -55.97 9.00 42.69
N TYR A 1025 -55.58 7.75 42.85
CA TYR A 1025 -55.94 7.02 44.04
C TYR A 1025 -54.90 5.99 44.41
N GLY A 1026 -54.46 5.20 43.45
CA GLY A 1026 -53.48 4.18 43.78
C GLY A 1026 -54.09 2.82 44.07
N VAL A 1027 -53.29 1.95 44.65
CA VAL A 1027 -53.73 0.61 44.97
C VAL A 1027 -53.56 0.30 46.44
N ASP A 1028 -54.69 0.00 47.08
CA ASP A 1028 -54.75 -0.40 48.48
C ASP A 1028 -54.21 -1.83 48.67
N PRO A 1029 -53.36 -2.03 49.69
CA PRO A 1029 -52.80 -3.35 49.96
C PRO A 1029 -53.81 -4.15 50.79
N ASP A 1030 -53.75 -5.48 50.70
CA ASP A 1030 -54.64 -6.32 51.47
C ASP A 1030 -54.44 -6.05 52.95
N VAL A 1031 -53.18 -5.89 53.35
CA VAL A 1031 -52.81 -5.63 54.73
C VAL A 1031 -52.01 -4.35 54.79
N GLU A 1032 -52.53 -3.34 55.46
CA GLU A 1032 -51.83 -2.05 55.55
C GLU A 1032 -50.78 -2.11 56.63
N ILE A 1033 -49.54 -1.76 56.29
CA ILE A 1033 -48.50 -1.76 57.30
C ILE A 1033 -47.69 -0.50 57.17
N GLU A 1034 -48.06 0.50 57.98
CA GLU A 1034 -47.36 1.77 57.99
C GLU A 1034 -45.89 1.52 58.36
N TYR A 1035 -45.04 2.44 57.94
CA TYR A 1035 -43.63 2.42 58.27
C TYR A 1035 -43.45 3.77 58.98
N ALA A 1036 -43.85 3.87 60.24
CA ALA A 1036 -43.75 5.13 60.99
C ALA A 1036 -42.31 5.57 61.31
N PRO A 1037 -42.13 6.85 61.71
CA PRO A 1037 -40.81 7.41 62.07
C PRO A 1037 -40.11 6.64 63.20
N HIS A 1038 -40.88 6.15 64.16
CA HIS A 1038 -40.26 5.42 65.26
C HIS A 1038 -39.77 4.04 64.81
N ASP A 1039 -40.26 3.57 63.66
CA ASP A 1039 -39.83 2.28 63.12
C ASP A 1039 -38.39 2.50 62.60
N TYR A 1040 -38.18 3.62 61.94
CA TYR A 1040 -36.88 3.91 61.46
C TYR A 1040 -35.92 4.12 62.65
N LEU A 1041 -36.37 4.77 63.72
CA LEU A 1041 -35.50 5.00 64.88
C LEU A 1041 -35.05 3.71 65.51
N SER A 1042 -35.86 2.66 65.36
CA SER A 1042 -35.53 1.38 65.97
C SER A 1042 -34.79 0.49 64.98
N GLY A 1043 -34.47 1.04 63.83
CA GLY A 1043 -33.77 0.23 62.85
C GLY A 1043 -34.51 -1.03 62.41
N LYS A 1044 -35.84 -0.97 62.31
CA LYS A 1044 -36.60 -2.14 61.91
C LYS A 1044 -37.48 -1.86 60.68
N ASP A 1045 -37.55 -2.82 59.77
CA ASP A 1045 -38.40 -2.71 58.59
C ASP A 1045 -39.67 -3.54 58.88
N PRO A 1046 -40.75 -2.86 59.33
CA PRO A 1046 -42.01 -3.54 59.65
C PRO A 1046 -42.66 -4.21 58.41
N GLN A 1047 -42.51 -3.61 57.25
CA GLN A 1047 -43.12 -4.18 56.06
C GLN A 1047 -42.50 -5.51 55.68
N ILE A 1048 -41.18 -5.59 55.74
CA ILE A 1048 -40.54 -6.83 55.37
C ILE A 1048 -40.71 -7.89 56.44
N ASP A 1049 -40.76 -7.48 57.69
CA ASP A 1049 -40.96 -8.43 58.77
C ASP A 1049 -42.32 -9.10 58.71
N TYR A 1050 -43.34 -8.31 58.40
CA TYR A 1050 -44.67 -8.83 58.32
C TYR A 1050 -44.73 -9.76 57.12
N ALA A 1051 -44.07 -9.37 56.04
CA ALA A 1051 -44.04 -10.20 54.81
C ALA A 1051 -43.50 -11.57 55.16
N ILE A 1052 -42.37 -11.60 55.88
CA ILE A 1052 -41.74 -12.86 56.28
C ILE A 1052 -42.63 -13.65 57.22
N ASP A 1053 -43.05 -12.99 58.29
CA ASP A 1053 -43.90 -13.64 59.26
C ASP A 1053 -45.14 -14.23 58.60
N ALA A 1054 -45.80 -13.46 57.76
CA ALA A 1054 -46.99 -13.90 57.04
C ALA A 1054 -46.78 -15.14 56.19
N LEU A 1055 -45.69 -15.19 55.45
CA LEU A 1055 -45.42 -16.34 54.62
C LEU A 1055 -45.11 -17.54 55.49
N ILE A 1056 -44.34 -17.31 56.56
CA ILE A 1056 -44.00 -18.37 57.44
C ILE A 1056 -45.30 -19.02 57.92
N GLU A 1057 -46.26 -18.20 58.32
CA GLU A 1057 -47.54 -18.71 58.80
C GLU A 1057 -48.24 -19.47 57.68
N GLU A 1058 -48.16 -18.99 56.45
CA GLU A 1058 -48.81 -19.66 55.33
C GLU A 1058 -48.10 -20.93 54.93
N LEU A 1059 -46.85 -21.07 55.35
CA LEU A 1059 -46.08 -22.27 55.04
C LEU A 1059 -46.06 -23.22 56.23
N ARG A 1060 -47.16 -23.95 56.40
CA ARG A 1060 -47.29 -24.93 57.47
C ARG A 1060 -48.20 -26.03 56.94
N ASN A 1061 -47.97 -26.44 55.70
CA ASN A 1061 -48.79 -27.49 55.08
C ASN A 1061 -47.90 -28.45 54.28
N THR B 3 -35.65 9.44 12.32
CA THR B 3 -34.54 8.69 12.94
C THR B 3 -34.85 7.18 13.02
N GLN B 4 -34.21 6.40 12.13
CA GLN B 4 -34.37 4.93 12.04
C GLN B 4 -35.82 4.52 11.75
N LYS B 5 -36.03 3.23 11.58
CA LYS B 5 -37.38 2.70 11.28
C LYS B 5 -37.76 1.63 12.31
N ALA B 6 -37.07 1.66 13.45
CA ALA B 6 -37.32 0.72 14.53
C ALA B 6 -37.19 1.39 15.90
N ALA B 7 -37.19 2.73 15.93
CA ALA B 7 -37.11 3.46 17.21
C ALA B 7 -38.47 3.34 17.92
N ALA B 8 -38.69 2.19 18.56
CA ALA B 8 -39.91 1.84 19.28
C ALA B 8 -40.51 3.01 20.07
N GLU B 9 -41.84 3.17 19.99
CA GLU B 9 -42.52 4.22 20.72
C GLU B 9 -43.73 3.66 21.46
N LEU B 10 -43.47 3.06 22.63
CA LEU B 10 -44.54 2.50 23.45
C LEU B 10 -44.92 3.48 24.56
N THR B 11 -46.07 3.22 25.18
CA THR B 11 -46.56 4.09 26.25
C THR B 11 -45.90 3.85 27.60
N PHE B 12 -45.35 4.91 28.16
CA PHE B 12 -44.68 4.82 29.44
C PHE B 12 -45.62 5.14 30.60
N PHE B 13 -45.45 4.42 31.70
CA PHE B 13 -46.25 4.66 32.93
C PHE B 13 -45.26 4.82 34.13
C1 0QE B 14 -45.71 5.29 35.08
N MET C 39 -19.87 -68.30 8.54
CA MET C 39 -20.23 -66.84 8.61
C MET C 39 -21.60 -66.52 7.95
N PRO C 40 -22.71 -66.80 8.68
CA PRO C 40 -24.05 -66.54 8.13
C PRO C 40 -24.38 -65.07 8.04
N ASN C 41 -25.32 -64.73 7.18
CA ASN C 41 -25.73 -63.35 7.01
C ASN C 41 -27.00 -63.04 7.76
N LEU C 42 -27.27 -61.76 7.91
CA LEU C 42 -28.48 -61.32 8.58
C LEU C 42 -29.54 -61.20 7.49
N LEU C 43 -30.65 -61.90 7.62
CA LEU C 43 -31.68 -61.84 6.58
C LEU C 43 -32.88 -61.11 7.16
N LEU C 44 -33.54 -60.30 6.33
CA LEU C 44 -34.67 -59.59 6.81
C LEU C 44 -35.63 -59.16 5.74
N ASN C 45 -36.68 -58.45 6.16
CA ASN C 45 -37.74 -57.91 5.31
C ASN C 45 -38.13 -58.75 4.11
N PRO C 46 -38.68 -59.93 4.34
CA PRO C 46 -39.05 -60.77 3.21
C PRO C 46 -40.44 -60.62 2.62
N ASP C 47 -40.62 -61.27 1.49
CA ASP C 47 -41.87 -61.33 0.78
C ASP C 47 -41.85 -62.66 0.07
N ILE C 48 -43.04 -63.18 -0.20
CA ILE C 48 -43.20 -64.45 -0.83
C ILE C 48 -44.23 -64.46 -1.95
N HIS C 49 -44.00 -65.37 -2.89
CA HIS C 49 -44.87 -65.63 -4.02
C HIS C 49 -44.60 -67.04 -4.53
N GLY C 50 -45.45 -67.96 -4.11
CA GLY C 50 -45.33 -69.34 -4.52
C GLY C 50 -44.19 -69.98 -3.79
N ASP C 51 -43.20 -70.45 -4.55
CA ASP C 51 -42.01 -71.07 -3.97
C ASP C 51 -40.86 -70.11 -4.00
N ARG C 52 -41.06 -68.93 -4.53
CA ARG C 52 -39.99 -67.98 -4.58
C ARG C 52 -40.16 -67.02 -3.41
N ILE C 53 -39.04 -66.67 -2.81
CA ILE C 53 -39.05 -65.77 -1.67
C ILE C 53 -37.96 -64.71 -1.77
N ILE C 54 -38.33 -63.44 -1.81
CA ILE C 54 -37.31 -62.38 -1.86
C ILE C 54 -37.06 -61.81 -0.49
N PHE C 55 -35.80 -61.49 -0.20
CA PHE C 55 -35.47 -60.95 1.11
C PHE C 55 -34.27 -60.05 0.95
N VAL C 56 -33.90 -59.35 2.01
CA VAL C 56 -32.77 -58.42 1.95
C VAL C 56 -31.52 -58.95 2.66
N CYS C 57 -30.36 -58.79 2.05
CA CYS C 57 -29.14 -59.24 2.66
C CYS C 57 -28.05 -58.30 2.19
N CYS C 58 -27.28 -57.74 3.12
CA CYS C 58 -26.20 -56.79 2.77
C CYS C 58 -26.72 -55.62 1.90
N ASP C 59 -27.86 -55.05 2.27
CA ASP C 59 -28.52 -53.94 1.59
C ASP C 59 -29.01 -54.25 0.15
N ASP C 60 -28.72 -55.45 -0.33
CA ASP C 60 -29.09 -55.89 -1.65
C ASP C 60 -30.28 -56.85 -1.59
N LEU C 61 -31.00 -56.97 -2.70
CA LEU C 61 -32.16 -57.84 -2.79
C LEU C 61 -31.88 -59.25 -3.29
N TRP C 62 -32.34 -60.24 -2.56
CA TRP C 62 -32.11 -61.61 -2.99
C TRP C 62 -33.40 -62.37 -3.20
N GLU C 63 -33.33 -63.41 -4.02
CA GLU C 63 -34.49 -64.26 -4.26
C GLU C 63 -34.09 -65.70 -3.97
N HIS C 64 -34.98 -66.41 -3.29
CA HIS C 64 -34.71 -67.80 -2.94
C HIS C 64 -35.85 -68.70 -3.37
N ASP C 65 -35.48 -69.81 -4.00
CA ASP C 65 -36.39 -70.81 -4.50
C ASP C 65 -36.48 -72.02 -3.59
N LEU C 66 -37.60 -72.14 -2.90
CA LEU C 66 -37.88 -73.24 -2.01
C LEU C 66 -37.76 -74.58 -2.74
N LYS C 67 -38.20 -74.62 -3.98
CA LYS C 67 -38.12 -75.85 -4.72
C LYS C 67 -36.68 -76.37 -4.88
N SER C 68 -35.78 -75.56 -5.42
CA SER C 68 -34.41 -76.00 -5.61
C SER C 68 -33.42 -75.63 -4.50
N GLY C 69 -33.82 -74.72 -3.63
CA GLY C 69 -32.92 -74.31 -2.57
C GLY C 69 -31.86 -73.34 -3.05
N SER C 70 -31.99 -72.84 -4.29
CA SER C 70 -31.01 -71.89 -4.84
C SER C 70 -31.32 -70.46 -4.41
N THR C 71 -30.24 -69.70 -4.21
CA THR C 71 -30.37 -68.32 -3.77
C THR C 71 -29.51 -67.44 -4.68
N ARG C 72 -30.03 -66.27 -5.04
CA ARG C 72 -29.28 -65.40 -5.90
C ARG C 72 -29.59 -63.95 -5.68
N LYS C 73 -28.61 -63.08 -5.96
CA LYS C 73 -28.82 -61.65 -5.82
C LYS C 73 -29.43 -61.18 -7.13
N ILE C 74 -30.59 -60.54 -7.06
CA ILE C 74 -31.30 -60.09 -8.27
C ILE C 74 -31.27 -58.59 -8.51
N VAL C 75 -30.74 -57.86 -7.55
CA VAL C 75 -30.65 -56.41 -7.70
C VAL C 75 -29.73 -55.86 -6.61
N SER C 76 -28.75 -55.08 -7.04
CA SER C 76 -27.79 -54.50 -6.13
C SER C 76 -27.20 -53.18 -6.60
N ASN C 77 -26.37 -52.57 -5.75
CA ASN C 77 -25.70 -51.32 -6.06
C ASN C 77 -26.67 -50.18 -6.31
N LEU C 78 -27.85 -50.24 -5.69
CA LEU C 78 -28.84 -49.19 -5.85
C LEU C 78 -28.81 -48.31 -4.63
N GLY C 79 -28.27 -48.85 -3.55
CA GLY C 79 -28.20 -48.14 -2.28
C GLY C 79 -28.77 -49.11 -1.27
N VAL C 80 -29.21 -48.64 -0.12
CA VAL C 80 -29.77 -49.58 0.84
C VAL C 80 -31.27 -49.82 0.62
N ILE C 81 -31.60 -51.08 0.39
CA ILE C 81 -32.96 -51.55 0.17
C ILE C 81 -33.48 -52.14 1.48
N ASN C 82 -34.62 -51.64 1.92
CA ASN C 82 -35.23 -52.11 3.16
C ASN C 82 -36.59 -52.76 2.93
N ASN C 83 -37.11 -52.71 1.70
CA ASN C 83 -38.41 -53.30 1.44
C ASN C 83 -38.55 -53.66 -0.02
N ALA C 84 -39.17 -54.81 -0.26
CA ALA C 84 -39.39 -55.27 -1.61
C ALA C 84 -40.73 -56.02 -1.59
N ARG C 85 -41.55 -55.74 -2.60
CA ARG C 85 -42.85 -56.32 -2.68
C ARG C 85 -43.18 -56.80 -4.06
N PHE C 86 -43.59 -58.08 -4.11
CA PHE C 86 -44.01 -58.77 -5.34
C PHE C 86 -45.30 -58.18 -5.87
N PHE C 87 -45.38 -58.01 -7.18
CA PHE C 87 -46.58 -57.50 -7.79
C PHE C 87 -47.50 -58.72 -7.87
N PRO C 88 -48.79 -58.49 -8.17
CA PRO C 88 -49.75 -59.60 -8.27
C PRO C 88 -49.20 -60.76 -9.09
N ASP C 89 -48.89 -60.51 -10.35
CA ASP C 89 -48.37 -61.57 -11.22
C ASP C 89 -47.11 -62.28 -10.71
N GLY C 90 -46.40 -61.69 -9.75
CA GLY C 90 -45.19 -62.31 -9.25
C GLY C 90 -44.03 -62.12 -10.21
N ARG C 91 -44.15 -61.17 -11.12
CA ARG C 91 -43.10 -60.89 -12.10
C ARG C 91 -42.28 -59.62 -11.75
N LYS C 92 -42.97 -58.48 -11.65
CA LYS C 92 -42.37 -57.20 -11.29
C LYS C 92 -42.26 -57.13 -9.78
N ILE C 93 -41.35 -56.30 -9.31
CA ILE C 93 -41.16 -56.12 -7.89
C ILE C 93 -40.95 -54.65 -7.57
N ALA C 94 -41.76 -54.13 -6.64
CA ALA C 94 -41.66 -52.74 -6.18
C ALA C 94 -40.63 -52.75 -5.07
N ILE C 95 -39.66 -51.83 -5.17
CA ILE C 95 -38.53 -51.74 -4.22
C ILE C 95 -38.33 -50.34 -3.60
N ARG C 96 -38.11 -50.31 -2.30
CA ARG C 96 -37.86 -49.05 -1.65
C ARG C 96 -36.36 -49.00 -1.35
N VAL C 97 -35.69 -47.98 -1.85
CA VAL C 97 -34.27 -47.85 -1.60
C VAL C 97 -33.89 -46.51 -1.02
N MET C 98 -33.00 -46.55 -0.06
CA MET C 98 -32.54 -45.33 0.60
C MET C 98 -31.16 -44.87 0.10
N ARG C 99 -30.93 -43.57 0.09
CA ARG C 99 -29.64 -42.94 -0.32
C ARG C 99 -29.29 -41.76 0.59
N GLY C 100 -28.02 -41.32 0.54
CA GLY C 100 -27.50 -40.23 1.39
C GLY C 100 -26.74 -40.93 2.51
N SER C 101 -25.51 -40.52 2.84
CA SER C 101 -24.69 -41.20 3.86
C SER C 101 -25.46 -41.69 5.06
N SER C 102 -26.46 -40.91 5.47
CA SER C 102 -27.33 -41.24 6.59
C SER C 102 -28.71 -41.78 6.22
N LEU C 103 -28.88 -42.19 4.95
CA LEU C 103 -30.15 -42.73 4.46
C LEU C 103 -31.25 -41.73 4.76
N ASN C 104 -30.91 -40.46 4.57
CA ASN C 104 -31.82 -39.35 4.79
C ASN C 104 -32.86 -39.21 3.65
N THR C 105 -32.61 -39.88 2.53
CA THR C 105 -33.53 -39.80 1.38
C THR C 105 -33.97 -41.19 0.86
N ALA C 106 -35.08 -41.22 0.14
CA ALA C 106 -35.57 -42.49 -0.39
C ALA C 106 -36.48 -42.34 -1.61
N ASP C 107 -36.51 -43.38 -2.44
CA ASP C 107 -37.38 -43.43 -3.61
C ASP C 107 -37.64 -44.88 -4.02
N LEU C 108 -38.62 -45.04 -4.88
CA LEU C 108 -39.01 -46.37 -5.28
C LEU C 108 -38.59 -46.73 -6.69
N TYR C 109 -38.28 -48.01 -6.85
CA TYR C 109 -37.84 -48.57 -8.11
C TYR C 109 -38.71 -49.76 -8.47
N PHE C 110 -38.69 -50.12 -9.76
CA PHE C 110 -39.40 -51.29 -10.28
C PHE C 110 -38.36 -52.25 -10.78
N TYR C 111 -38.63 -53.53 -10.60
CA TYR C 111 -37.75 -54.56 -11.07
C TYR C 111 -38.60 -55.59 -11.83
N ASN C 112 -38.24 -55.83 -13.09
CA ASN C 112 -38.93 -56.78 -13.93
C ASN C 112 -38.06 -58.02 -14.02
N GLY C 113 -38.43 -59.04 -13.25
CA GLY C 113 -37.65 -60.27 -13.28
C GLY C 113 -37.55 -60.96 -14.63
N GLU C 114 -38.40 -60.56 -15.55
CA GLU C 114 -38.39 -61.16 -16.86
C GLU C 114 -37.14 -60.77 -17.63
N ASN C 115 -36.88 -59.48 -17.78
CA ASN C 115 -35.73 -59.04 -18.52
C ASN C 115 -34.61 -58.56 -17.61
N GLY C 116 -34.93 -58.39 -16.34
CA GLY C 116 -33.93 -57.93 -15.38
C GLY C 116 -33.76 -56.42 -15.44
N GLU C 117 -34.82 -55.76 -15.86
CA GLU C 117 -34.81 -54.32 -15.98
C GLU C 117 -35.09 -53.63 -14.66
N ILE C 118 -34.36 -52.54 -14.39
CA ILE C 118 -34.55 -51.77 -13.17
C ILE C 118 -35.00 -50.41 -13.63
N LYS C 119 -35.75 -49.70 -12.79
CA LYS C 119 -36.28 -48.39 -13.16
C LYS C 119 -36.82 -47.58 -11.99
N ARG C 120 -36.34 -46.36 -11.82
CA ARG C 120 -36.81 -45.49 -10.75
C ARG C 120 -38.23 -45.05 -11.06
N ILE C 121 -39.11 -45.17 -10.09
CA ILE C 121 -40.50 -44.80 -10.27
C ILE C 121 -40.90 -43.46 -9.66
N THR C 122 -40.36 -43.14 -8.47
CA THR C 122 -40.66 -41.88 -7.81
C THR C 122 -39.45 -40.95 -7.71
N TYR C 123 -39.65 -39.66 -7.97
CA TYR C 123 -38.59 -38.67 -7.84
C TYR C 123 -39.05 -37.67 -6.79
N PHE C 124 -39.52 -38.19 -5.66
CA PHE C 124 -40.04 -37.37 -4.57
C PHE C 124 -38.96 -37.08 -3.54
N SER C 125 -37.94 -37.94 -3.53
CA SER C 125 -36.84 -37.85 -2.59
C SER C 125 -37.42 -37.75 -1.18
N GLY C 126 -38.39 -38.61 -0.87
CA GLY C 126 -39.03 -38.56 0.44
C GLY C 126 -38.10 -38.54 1.65
N LYS C 127 -38.46 -37.77 2.68
CA LYS C 127 -37.64 -37.71 3.88
C LYS C 127 -37.91 -38.94 4.73
N SER C 128 -36.84 -39.56 5.22
CA SER C 128 -36.99 -40.75 6.05
C SER C 128 -35.98 -40.80 7.21
N THR C 129 -36.33 -41.55 8.24
CA THR C 129 -35.49 -41.76 9.41
C THR C 129 -35.70 -43.24 9.79
N GLY C 130 -34.77 -43.80 10.53
CA GLY C 130 -34.89 -45.20 10.93
C GLY C 130 -36.29 -45.56 11.44
N ARG C 131 -36.76 -44.80 12.42
CA ARG C 131 -38.07 -45.03 13.02
C ARG C 131 -39.22 -44.79 12.04
N ARG C 132 -39.07 -43.77 11.20
CA ARG C 132 -40.07 -43.43 10.21
C ARG C 132 -39.55 -43.48 8.77
N MET C 133 -39.48 -44.69 8.25
CA MET C 133 -39.02 -44.96 6.89
C MET C 133 -40.16 -44.82 5.86
N PHE C 134 -40.62 -43.58 5.72
CA PHE C 134 -41.71 -43.23 4.83
C PHE C 134 -41.46 -43.30 3.30
N THR C 135 -42.54 -43.20 2.53
CA THR C 135 -42.51 -43.31 1.06
C THR C 135 -42.18 -44.76 0.72
N ASP C 136 -43.20 -45.61 0.79
CA ASP C 136 -43.07 -47.03 0.57
C ASP C 136 -44.25 -47.61 -0.20
N VAL C 137 -44.20 -48.93 -0.38
CA VAL C 137 -45.27 -49.64 -1.06
C VAL C 137 -46.41 -49.79 -0.03
N ALA C 138 -47.63 -49.43 -0.40
CA ALA C 138 -48.75 -49.55 0.54
C ALA C 138 -49.54 -50.86 0.33
N GLY C 139 -49.53 -51.33 -0.91
CA GLY C 139 -50.21 -52.55 -1.29
C GLY C 139 -50.50 -52.52 -2.77
N PHE C 140 -51.39 -53.39 -3.24
CA PHE C 140 -51.76 -53.45 -4.66
C PHE C 140 -53.28 -53.52 -4.77
N ASP C 141 -53.84 -52.83 -5.76
CA ASP C 141 -55.26 -52.82 -5.98
C ASP C 141 -55.66 -54.10 -6.73
N PRO C 142 -56.97 -54.39 -6.79
CA PRO C 142 -57.43 -55.60 -7.50
C PRO C 142 -56.85 -55.77 -8.91
N ASP C 143 -56.86 -54.69 -9.68
CA ASP C 143 -56.34 -54.70 -11.04
C ASP C 143 -54.83 -54.92 -11.12
N GLY C 144 -54.17 -55.13 -9.98
CA GLY C 144 -52.72 -55.34 -9.99
C GLY C 144 -51.88 -54.06 -9.95
N ASN C 145 -52.48 -52.89 -9.75
CA ASN C 145 -51.74 -51.65 -9.69
C ASN C 145 -51.12 -51.37 -8.33
N LEU C 146 -49.93 -50.80 -8.36
CA LEU C 146 -49.21 -50.46 -7.17
C LEU C 146 -49.80 -49.22 -6.51
N ILE C 147 -49.95 -49.28 -5.18
CA ILE C 147 -50.43 -48.16 -4.39
C ILE C 147 -49.33 -47.85 -3.40
N ILE C 148 -48.91 -46.60 -3.38
CA ILE C 148 -47.85 -46.18 -2.50
C ILE C 148 -48.34 -45.23 -1.45
N SER C 149 -47.56 -45.19 -0.38
CA SER C 149 -47.81 -44.31 0.72
C SER C 149 -46.69 -43.26 0.72
N THR C 150 -47.03 -41.97 0.73
CA THR C 150 -45.98 -40.98 0.80
C THR C 150 -46.47 -39.63 1.28
N ASP C 151 -45.56 -38.92 1.97
CA ASP C 151 -45.80 -37.61 2.52
C ASP C 151 -45.10 -36.59 1.66
N ALA C 152 -44.46 -37.06 0.60
CA ALA C 152 -43.69 -36.20 -0.30
C ALA C 152 -44.43 -34.94 -0.77
N MET C 153 -45.75 -35.02 -0.94
CA MET C 153 -46.49 -33.85 -1.38
C MET C 153 -47.34 -33.28 -0.28
N GLN C 154 -47.01 -33.61 0.96
CA GLN C 154 -47.77 -33.13 2.09
C GLN C 154 -46.97 -32.19 2.98
N PRO C 155 -47.68 -31.33 3.71
CA PRO C 155 -46.99 -30.40 4.60
C PRO C 155 -46.39 -31.11 5.83
N PHE C 156 -46.89 -32.31 6.16
CA PHE C 156 -46.41 -33.03 7.33
C PHE C 156 -45.88 -34.41 7.01
N SER C 157 -44.76 -34.79 7.62
CA SER C 157 -44.19 -36.11 7.35
C SER C 157 -45.10 -37.27 7.73
N SER C 158 -45.89 -37.12 8.80
CA SER C 158 -46.83 -38.18 9.19
C SER C 158 -48.01 -38.28 8.22
N MET C 159 -48.23 -37.27 7.37
CA MET C 159 -49.34 -37.36 6.44
C MET C 159 -49.03 -38.26 5.25
N THR C 160 -48.60 -39.49 5.52
CA THR C 160 -48.29 -40.40 4.43
C THR C 160 -49.56 -40.89 3.72
N CYS C 161 -50.03 -40.08 2.80
CA CYS C 161 -51.24 -40.34 2.01
C CYS C 161 -51.08 -41.42 0.90
N LEU C 162 -52.17 -42.11 0.58
CA LEU C 162 -52.16 -43.16 -0.45
C LEU C 162 -52.32 -42.69 -1.90
N TYR C 163 -51.47 -43.22 -2.76
CA TYR C 163 -51.49 -42.83 -4.13
C TYR C 163 -51.45 -44.03 -5.05
N ARG C 164 -52.18 -43.98 -6.15
CA ARG C 164 -52.10 -45.08 -7.11
C ARG C 164 -51.09 -44.72 -8.23
N VAL C 165 -50.04 -45.52 -8.35
CA VAL C 165 -48.99 -45.26 -9.33
C VAL C 165 -49.46 -45.52 -10.74
N GLU C 166 -49.11 -44.65 -11.68
CA GLU C 166 -49.51 -44.84 -13.08
C GLU C 166 -48.37 -44.59 -14.07
N ASN C 167 -48.40 -45.33 -15.19
CA ASN C 167 -47.42 -45.22 -16.27
C ASN C 167 -46.03 -45.21 -15.69
N ASP C 168 -45.84 -45.95 -14.62
CA ASP C 168 -44.53 -46.04 -13.99
C ASP C 168 -43.99 -44.71 -13.45
N GLY C 169 -44.84 -43.95 -12.77
CA GLY C 169 -44.37 -42.70 -12.21
C GLY C 169 -44.73 -41.46 -13.00
N ILE C 170 -45.38 -41.64 -14.15
CA ILE C 170 -45.77 -40.50 -14.97
C ILE C 170 -46.88 -39.71 -14.29
N ASN C 171 -47.73 -40.43 -13.56
CA ASN C 171 -48.86 -39.84 -12.89
C ASN C 171 -49.21 -40.56 -11.60
N PHE C 172 -49.73 -39.81 -10.62
CA PHE C 172 -50.10 -40.37 -9.34
C PHE C 172 -51.53 -40.01 -8.98
N VAL C 173 -52.34 -40.99 -8.68
CA VAL C 173 -53.71 -40.69 -8.37
C VAL C 173 -53.98 -40.89 -6.89
N PRO C 174 -54.40 -39.81 -6.20
CA PRO C 174 -54.69 -39.91 -4.76
C PRO C 174 -55.92 -40.75 -4.42
N LEU C 175 -55.83 -41.51 -3.36
CA LEU C 175 -56.96 -42.30 -2.95
C LEU C 175 -57.82 -41.52 -1.94
N ASN C 176 -57.26 -40.47 -1.35
CA ASN C 176 -58.01 -39.65 -0.40
C ASN C 176 -58.61 -40.45 0.74
N LEU C 177 -57.80 -41.27 1.37
CA LEU C 177 -58.25 -42.07 2.46
C LEU C 177 -57.52 -41.63 3.73
N GLY C 178 -56.80 -40.52 3.63
CA GLY C 178 -56.05 -40.01 4.77
C GLY C 178 -54.73 -40.76 4.92
N PRO C 179 -53.95 -40.45 5.97
CA PRO C 179 -52.67 -41.11 6.20
C PRO C 179 -52.78 -42.61 6.38
N ALA C 180 -51.93 -43.37 5.72
CA ALA C 180 -51.99 -44.82 5.87
C ALA C 180 -50.69 -45.53 5.53
N THR C 181 -50.41 -46.61 6.20
CA THR C 181 -49.20 -47.34 5.95
C THR C 181 -49.49 -48.54 5.07
N HIS C 182 -50.56 -49.30 5.33
CA HIS C 182 -50.90 -50.45 4.49
C HIS C 182 -52.31 -50.41 3.94
N ILE C 183 -52.48 -50.94 2.74
CA ILE C 183 -53.82 -51.01 2.16
C ILE C 183 -53.97 -52.43 1.58
N LEU C 184 -55.02 -53.09 2.03
CA LEU C 184 -55.35 -54.45 1.59
C LEU C 184 -56.76 -54.49 0.96
N PHE C 185 -57.05 -55.54 0.21
CA PHE C 185 -58.38 -55.65 -0.39
C PHE C 185 -59.03 -57.00 -0.10
N ALA C 186 -60.18 -56.97 0.55
CA ALA C 186 -60.88 -58.20 0.87
C ALA C 186 -62.30 -58.07 0.35
N ASP C 187 -62.69 -58.97 -0.55
CA ASP C 187 -64.05 -59.00 -1.10
C ASP C 187 -64.53 -57.63 -1.56
N GLY C 188 -63.67 -56.94 -2.30
CA GLY C 188 -64.00 -55.62 -2.80
C GLY C 188 -64.01 -54.59 -1.71
N ARG C 189 -63.51 -54.94 -0.53
CA ARG C 189 -63.53 -53.98 0.58
C ARG C 189 -62.13 -53.52 0.87
N ARG C 190 -61.95 -52.21 1.03
CA ARG C 190 -60.64 -51.64 1.31
C ARG C 190 -60.32 -51.78 2.78
N VAL C 191 -59.16 -52.36 3.09
CA VAL C 191 -58.68 -52.50 4.46
C VAL C 191 -57.51 -51.52 4.65
N ILE C 192 -57.66 -50.56 5.57
CA ILE C 192 -56.65 -49.55 5.84
C ILE C 192 -55.85 -49.82 7.11
N GLY C 193 -54.53 -49.77 6.98
CA GLY C 193 -53.64 -49.95 8.13
C GLY C 193 -52.94 -48.61 8.45
N ARG C 194 -53.33 -47.97 9.54
CA ARG C 194 -52.73 -46.71 9.96
C ARG C 194 -51.59 -46.92 10.96
N ASN C 195 -50.45 -46.28 10.68
CA ASN C 195 -49.28 -46.37 11.53
C ASN C 195 -48.91 -47.81 11.81
N THR C 196 -49.21 -48.68 10.85
CA THR C 196 -48.92 -50.09 11.05
C THR C 196 -47.51 -50.57 10.69
N PHE C 197 -46.55 -49.66 10.62
CA PHE C 197 -45.19 -50.06 10.32
C PHE C 197 -44.61 -50.64 11.60
N GLU C 198 -43.45 -51.29 11.53
CA GLU C 198 -42.85 -51.88 12.70
C GLU C 198 -42.25 -50.81 13.61
N LEU C 199 -42.20 -51.11 14.91
CA LEU C 199 -41.59 -50.20 15.86
C LEU C 199 -40.61 -50.95 16.75
N PRO C 200 -39.45 -51.37 16.21
CA PRO C 200 -38.43 -52.11 16.98
C PRO C 200 -37.74 -51.30 18.11
N HIS C 201 -37.78 -49.98 18.00
CA HIS C 201 -37.15 -49.16 19.02
C HIS C 201 -38.02 -48.92 20.23
N TRP C 202 -39.30 -49.29 20.15
CA TRP C 202 -40.18 -49.11 21.30
C TRP C 202 -41.11 -50.30 21.49
N LYS C 203 -40.62 -51.32 22.17
CA LYS C 203 -41.42 -52.50 22.41
C LYS C 203 -42.50 -52.23 23.48
N GLY C 204 -43.65 -52.85 23.30
CA GLY C 204 -44.74 -52.66 24.25
C GLY C 204 -45.38 -51.28 24.16
N TYR C 205 -45.14 -50.58 23.05
CA TYR C 205 -45.72 -49.24 22.87
C TYR C 205 -47.27 -49.26 22.95
N ARG C 206 -47.87 -48.38 23.74
CA ARG C 206 -49.32 -48.32 23.86
C ARG C 206 -49.86 -46.88 23.69
N GLY C 207 -49.11 -46.05 22.98
CA GLY C 207 -49.49 -44.66 22.81
C GLY C 207 -50.54 -44.40 21.74
N GLY C 208 -50.99 -43.18 21.67
CA GLY C 208 -52.01 -42.79 20.72
C GLY C 208 -51.76 -43.04 19.25
N THR C 209 -50.50 -43.21 18.87
CA THR C 209 -50.08 -43.43 17.47
C THR C 209 -49.86 -44.90 17.15
N ARG C 210 -50.31 -45.79 18.05
CA ARG C 210 -50.18 -47.23 17.85
C ARG C 210 -50.98 -47.68 16.61
N GLY C 211 -50.37 -48.57 15.83
CA GLY C 211 -51.01 -49.10 14.64
C GLY C 211 -52.45 -49.60 14.90
N LYS C 212 -53.38 -49.22 14.02
CA LYS C 212 -54.77 -49.62 14.10
C LYS C 212 -55.25 -50.02 12.71
N ILE C 213 -56.32 -50.81 12.63
CA ILE C 213 -56.81 -51.19 11.32
C ILE C 213 -58.27 -50.79 11.11
N TRP C 214 -58.61 -50.36 9.90
CA TRP C 214 -59.98 -49.96 9.57
C TRP C 214 -60.39 -50.76 8.35
N ILE C 215 -61.69 -50.90 8.15
CA ILE C 215 -62.18 -51.65 7.03
C ILE C 215 -63.42 -50.96 6.46
N GLU C 216 -63.55 -51.06 5.15
CA GLU C 216 -64.68 -50.44 4.47
C GLU C 216 -65.88 -51.34 4.68
N VAL C 217 -67.05 -50.73 4.88
CA VAL C 217 -68.29 -51.46 5.11
C VAL C 217 -69.35 -51.07 4.10
N ASN C 218 -69.16 -49.93 3.47
CA ASN C 218 -70.13 -49.47 2.50
C ASN C 218 -69.51 -48.51 1.48
N SER C 219 -68.94 -49.09 0.42
CA SER C 219 -68.26 -48.38 -0.68
C SER C 219 -67.94 -46.91 -0.40
N GLY C 220 -67.38 -46.68 0.78
CA GLY C 220 -67.04 -45.34 1.22
C GLY C 220 -67.12 -45.25 2.73
N ALA C 221 -67.94 -46.09 3.35
CA ALA C 221 -68.08 -46.04 4.81
C ALA C 221 -66.97 -46.90 5.46
N PHE C 222 -66.28 -46.35 6.45
CA PHE C 222 -65.21 -47.10 7.10
C PHE C 222 -65.41 -47.26 8.57
N LYS C 223 -64.93 -48.36 9.10
CA LYS C 223 -65.09 -48.64 10.50
C LYS C 223 -63.80 -49.22 11.10
N LYS C 224 -63.38 -48.72 12.25
CA LYS C 224 -62.19 -49.22 12.87
C LYS C 224 -62.46 -50.63 13.43
N ILE C 225 -61.65 -51.61 13.02
CA ILE C 225 -61.84 -53.00 13.47
C ILE C 225 -60.75 -53.60 14.32
N VAL C 226 -59.55 -53.03 14.28
CA VAL C 226 -58.50 -53.55 15.15
C VAL C 226 -57.87 -52.33 15.83
N ASP C 227 -58.07 -52.26 17.13
CA ASP C 227 -57.55 -51.19 17.94
C ASP C 227 -57.32 -51.79 19.32
N MET C 228 -56.22 -52.50 19.45
CA MET C 228 -55.84 -53.13 20.70
C MET C 228 -55.09 -52.16 21.56
N SER C 229 -54.76 -52.65 22.74
CA SER C 229 -54.03 -51.88 23.73
C SER C 229 -52.64 -51.51 23.22
N THR C 230 -52.04 -52.46 22.53
CA THR C 230 -50.73 -52.25 21.98
C THR C 230 -50.74 -52.03 20.47
N HIS C 231 -49.53 -51.76 19.97
CA HIS C 231 -49.26 -51.49 18.59
C HIS C 231 -49.42 -52.71 17.71
N VAL C 232 -50.11 -52.52 16.58
CA VAL C 232 -50.29 -53.60 15.62
C VAL C 232 -49.49 -53.28 14.36
N SER C 233 -48.72 -54.24 13.85
CA SER C 233 -47.91 -53.97 12.64
C SER C 233 -47.97 -55.05 11.60
N SER C 234 -47.46 -54.75 10.41
CA SER C 234 -47.39 -55.69 9.29
C SER C 234 -48.63 -56.52 9.06
N PRO C 235 -49.74 -55.84 8.76
CA PRO C 235 -50.99 -56.59 8.51
C PRO C 235 -50.99 -57.28 7.13
N VAL C 236 -51.65 -58.43 7.09
CA VAL C 236 -51.82 -59.23 5.88
C VAL C 236 -53.13 -60.03 5.96
N ILE C 237 -53.63 -60.45 4.82
CA ILE C 237 -54.87 -61.21 4.76
C ILE C 237 -54.68 -62.56 4.08
N VAL C 238 -55.03 -63.62 4.79
CA VAL C 238 -54.98 -64.96 4.21
C VAL C 238 -56.37 -65.51 4.43
N GLY C 239 -57.07 -65.70 3.31
CA GLY C 239 -58.44 -66.19 3.35
C GLY C 239 -59.35 -65.06 3.77
N HIS C 240 -60.01 -65.22 4.90
CA HIS C 240 -60.89 -64.17 5.36
C HIS C 240 -60.46 -63.75 6.75
N ARG C 241 -59.16 -63.74 6.95
CA ARG C 241 -58.58 -63.34 8.22
C ARG C 241 -57.39 -62.41 8.02
N ILE C 242 -57.27 -61.43 8.93
CA ILE C 242 -56.20 -60.46 8.90
C ILE C 242 -55.17 -60.91 9.91
N TYR C 243 -53.94 -61.09 9.47
CA TYR C 243 -52.88 -61.49 10.36
C TYR C 243 -51.98 -60.32 10.58
N PHE C 244 -51.60 -60.10 11.82
CA PHE C 244 -50.72 -58.97 12.16
C PHE C 244 -49.87 -59.35 13.36
N ILE C 245 -48.97 -58.44 13.70
CA ILE C 245 -48.09 -58.69 14.80
C ILE C 245 -48.37 -57.73 15.94
N THR C 246 -48.14 -58.18 17.16
CA THR C 246 -48.33 -57.36 18.33
C THR C 246 -47.70 -58.00 19.57
N ASP C 247 -47.47 -57.20 20.60
CA ASP C 247 -46.88 -57.72 21.81
C ASP C 247 -47.77 -57.44 22.98
N ILE C 248 -49.07 -57.60 22.75
CA ILE C 248 -50.06 -57.42 23.78
C ILE C 248 -49.76 -58.31 24.99
N ASP C 249 -49.14 -59.47 24.74
CA ASP C 249 -48.79 -60.41 25.80
C ASP C 249 -47.40 -60.30 26.43
N GLY C 250 -46.59 -59.36 25.96
CA GLY C 250 -45.25 -59.19 26.50
C GLY C 250 -44.13 -59.44 25.50
N PHE C 251 -44.46 -60.06 24.38
CA PHE C 251 -43.48 -60.36 23.37
C PHE C 251 -44.18 -60.39 22.01
N GLY C 252 -43.45 -60.12 20.94
CA GLY C 252 -44.05 -60.11 19.63
C GLY C 252 -44.49 -61.50 19.22
N GLN C 253 -45.72 -61.58 18.74
CA GLN C 253 -46.34 -62.81 18.27
C GLN C 253 -47.27 -62.48 17.11
N ILE C 254 -47.59 -63.46 16.30
CA ILE C 254 -48.50 -63.28 15.20
C ILE C 254 -49.91 -63.59 15.69
N TYR C 255 -50.87 -62.77 15.30
CA TYR C 255 -52.29 -62.95 15.69
C TYR C 255 -53.12 -62.76 14.45
N SER C 256 -54.43 -62.94 14.58
CA SER C 256 -55.32 -62.74 13.46
C SER C 256 -56.74 -62.60 13.98
N THR C 257 -57.60 -62.03 13.14
CA THR C 257 -59.00 -61.84 13.48
C THR C 257 -59.75 -61.92 12.16
N ASP C 258 -61.08 -61.97 12.22
CA ASP C 258 -61.85 -62.00 10.99
C ASP C 258 -61.90 -60.56 10.49
N LEU C 259 -62.54 -60.35 9.33
CA LEU C 259 -62.65 -59.01 8.79
C LEU C 259 -63.56 -58.06 9.62
N ASP C 260 -63.82 -58.41 10.87
CA ASP C 260 -64.60 -57.56 11.74
C ASP C 260 -63.84 -57.29 13.02
N GLY C 261 -62.61 -57.81 13.06
CA GLY C 261 -61.78 -57.61 14.21
C GLY C 261 -62.17 -58.52 15.34
N LYS C 262 -63.14 -59.41 15.11
CA LYS C 262 -63.59 -60.35 16.14
C LYS C 262 -62.80 -61.67 16.04
N ASP C 263 -62.95 -62.53 17.05
CA ASP C 263 -62.31 -63.84 17.08
C ASP C 263 -60.78 -63.77 17.05
N LEU C 264 -60.19 -63.14 18.04
CA LEU C 264 -58.76 -63.02 18.11
C LEU C 264 -58.13 -64.36 18.38
N ARG C 265 -56.95 -64.58 17.79
CA ARG C 265 -56.19 -65.83 17.96
C ARG C 265 -54.68 -65.57 17.93
N LYS C 266 -53.98 -66.33 18.76
CA LYS C 266 -52.53 -66.26 18.88
C LYS C 266 -51.95 -67.46 18.12
N HIS C 267 -51.09 -67.24 17.11
CA HIS C 267 -50.57 -68.35 16.37
C HIS C 267 -49.14 -68.73 16.60
N THR C 268 -48.41 -67.94 17.37
CA THR C 268 -46.99 -68.23 17.62
C THR C 268 -46.67 -67.99 19.06
N SER C 269 -45.53 -68.56 19.50
CA SER C 269 -45.12 -68.40 20.88
C SER C 269 -43.63 -68.11 20.97
N PHE C 270 -43.14 -67.26 20.10
CA PHE C 270 -41.73 -66.92 20.10
C PHE C 270 -41.25 -66.41 21.46
N THR C 271 -39.96 -66.56 21.72
CA THR C 271 -39.37 -66.08 22.97
C THR C 271 -37.94 -65.59 22.76
N ASP C 272 -37.37 -65.85 21.59
CA ASP C 272 -36.00 -65.44 21.29
C ASP C 272 -35.86 -64.02 20.72
N TYR C 273 -36.53 -63.77 19.60
CA TYR C 273 -36.52 -62.46 18.98
C TYR C 273 -37.89 -62.17 18.43
N TYR C 274 -38.28 -60.91 18.49
CA TYR C 274 -39.58 -60.50 17.96
C TYR C 274 -39.66 -60.82 16.45
N PRO C 275 -40.85 -61.16 15.98
CA PRO C 275 -40.99 -61.45 14.55
C PRO C 275 -41.27 -60.11 13.86
N ARG C 276 -40.89 -59.95 12.59
CA ARG C 276 -41.16 -58.67 11.89
C ARG C 276 -41.43 -58.82 10.42
N HIS C 277 -42.01 -57.77 9.84
CA HIS C 277 -42.28 -57.69 8.40
C HIS C 277 -43.14 -58.79 7.84
N LEU C 278 -44.40 -58.92 8.27
CA LEU C 278 -45.25 -59.97 7.66
C LEU C 278 -45.60 -59.70 6.20
N ASN C 279 -45.53 -60.73 5.38
CA ASN C 279 -45.87 -60.59 4.01
C ASN C 279 -46.45 -61.93 3.58
N THR C 280 -47.29 -61.89 2.53
CA THR C 280 -47.92 -63.09 2.05
C THR C 280 -48.20 -63.04 0.55
N ASP C 281 -48.56 -64.21 -0.01
CA ASP C 281 -48.94 -64.37 -1.42
C ASP C 281 -50.40 -64.81 -1.52
N GLY C 282 -51.03 -64.97 -0.36
CA GLY C 282 -52.42 -65.39 -0.33
C GLY C 282 -52.60 -66.77 0.26
N ARG C 283 -51.51 -67.53 0.32
CA ARG C 283 -51.54 -68.88 0.84
C ARG C 283 -50.62 -69.00 2.07
N ARG C 284 -49.36 -68.60 1.96
CA ARG C 284 -48.45 -68.65 3.09
C ARG C 284 -47.97 -67.25 3.52
N ILE C 285 -47.53 -67.16 4.77
CA ILE C 285 -47.07 -65.92 5.36
C ILE C 285 -45.58 -65.99 5.60
N LEU C 286 -44.89 -64.92 5.25
CA LEU C 286 -43.44 -64.90 5.40
C LEU C 286 -43.05 -63.88 6.45
N PHE C 287 -41.91 -64.06 7.10
CA PHE C 287 -41.48 -63.08 8.09
C PHE C 287 -40.04 -63.30 8.53
N SER C 288 -39.46 -62.30 9.18
CA SER C 288 -38.10 -62.45 9.62
C SER C 288 -38.03 -62.46 11.10
N LYS C 289 -36.98 -63.06 11.65
CA LYS C 289 -36.79 -63.11 13.09
C LYS C 289 -35.33 -63.47 13.38
N GLY C 290 -34.72 -62.72 14.29
CA GLY C 290 -33.35 -62.99 14.64
C GLY C 290 -32.42 -63.20 13.45
N GLY C 291 -32.65 -62.47 12.37
CA GLY C 291 -31.82 -62.62 11.19
C GLY C 291 -32.11 -63.81 10.31
N SER C 292 -33.26 -64.45 10.48
CA SER C 292 -33.60 -65.58 9.61
C SER C 292 -34.98 -65.41 9.00
N ILE C 293 -35.23 -66.15 7.93
CA ILE C 293 -36.52 -66.07 7.28
C ILE C 293 -37.36 -67.29 7.67
N TYR C 294 -38.61 -67.04 8.07
CA TYR C 294 -39.52 -68.12 8.46
C TYR C 294 -40.75 -68.12 7.59
N ILE C 295 -41.44 -69.25 7.61
CA ILE C 295 -42.68 -69.40 6.90
C ILE C 295 -43.74 -69.94 7.86
N PHE C 296 -44.94 -69.40 7.74
CA PHE C 296 -46.06 -69.78 8.56
C PHE C 296 -47.20 -70.17 7.61
N ASN C 297 -47.68 -71.40 7.72
CA ASN C 297 -48.77 -71.85 6.88
C ASN C 297 -50.01 -71.77 7.75
N PRO C 298 -50.95 -70.86 7.42
CA PRO C 298 -52.18 -70.71 8.18
C PRO C 298 -53.06 -71.95 8.23
N ASP C 299 -53.12 -72.70 7.13
CA ASP C 299 -53.95 -73.88 7.06
C ASP C 299 -53.40 -75.03 7.88
N THR C 300 -52.21 -74.84 8.42
CA THR C 300 -51.55 -75.88 9.21
C THR C 300 -51.05 -75.35 10.53
N GLU C 301 -50.87 -74.05 10.58
CA GLU C 301 -50.35 -73.39 11.78
C GLU C 301 -48.90 -73.88 12.04
N LYS C 302 -48.25 -74.36 10.99
CA LYS C 302 -46.87 -74.84 11.06
C LYS C 302 -45.91 -73.73 10.64
N ILE C 303 -44.80 -73.64 11.36
CA ILE C 303 -43.80 -72.63 11.10
C ILE C 303 -42.45 -73.26 10.93
N GLU C 304 -41.72 -72.81 9.91
CA GLU C 304 -40.38 -73.34 9.64
C GLU C 304 -39.42 -72.33 9.08
N LYS C 305 -38.18 -72.47 9.53
CA LYS C 305 -37.09 -71.62 9.12
C LYS C 305 -36.62 -72.05 7.74
N ILE C 306 -36.48 -71.11 6.84
CA ILE C 306 -36.01 -71.43 5.51
C ILE C 306 -34.50 -71.52 5.59
N GLU C 307 -33.90 -72.49 4.90
CA GLU C 307 -32.45 -72.63 4.94
C GLU C 307 -31.77 -71.80 3.87
N ILE C 308 -30.93 -70.85 4.28
CA ILE C 308 -30.21 -70.06 3.29
C ILE C 308 -28.68 -70.16 3.48
N GLY C 309 -28.22 -70.13 4.72
CA GLY C 309 -26.79 -70.24 4.97
C GLY C 309 -26.00 -69.06 4.42
N ASP C 310 -24.67 -69.20 4.39
CA ASP C 310 -23.79 -68.13 3.90
C ASP C 310 -24.20 -67.64 2.54
N LEU C 311 -24.20 -66.31 2.39
CA LEU C 311 -24.61 -65.70 1.15
C LEU C 311 -23.59 -64.69 0.62
N GLU C 312 -22.97 -63.98 1.51
CA GLU C 312 -22.02 -62.98 1.08
C GLU C 312 -21.16 -62.49 2.23
N SER C 313 -19.85 -62.51 2.03
CA SER C 313 -18.93 -62.07 3.07
C SER C 313 -17.94 -61.12 2.41
N PRO C 314 -18.26 -59.81 2.42
CA PRO C 314 -17.38 -58.81 1.80
C PRO C 314 -16.09 -58.57 2.60
N GLU C 315 -15.16 -57.86 1.96
CA GLU C 315 -13.85 -57.54 2.53
C GLU C 315 -14.02 -56.86 3.89
N ASP C 316 -13.41 -57.44 4.92
CA ASP C 316 -13.52 -56.91 6.26
C ASP C 316 -12.74 -55.62 6.50
N ARG C 317 -11.60 -55.51 5.81
CA ARG C 317 -10.69 -54.38 5.90
C ARG C 317 -11.17 -53.26 4.99
N ILE C 318 -11.54 -52.13 5.60
CA ILE C 318 -12.05 -50.98 4.85
C ILE C 318 -11.22 -49.71 5.01
N ILE C 319 -11.33 -48.87 3.98
CA ILE C 319 -10.65 -47.61 3.89
C ILE C 319 -11.66 -46.49 4.08
N SER C 320 -11.27 -45.43 4.79
CA SER C 320 -12.15 -44.29 5.06
C SER C 320 -11.41 -42.97 5.00
N ILE C 321 -12.13 -41.91 4.70
CA ILE C 321 -11.55 -40.58 4.65
C ILE C 321 -11.49 -40.05 6.06
N PRO C 322 -10.27 -39.87 6.61
CA PRO C 322 -10.09 -39.37 7.96
C PRO C 322 -10.85 -38.10 8.33
N SER C 323 -10.93 -37.15 7.40
CA SER C 323 -11.65 -35.89 7.71
C SER C 323 -13.15 -36.13 7.92
N LYS C 324 -13.73 -37.08 7.19
CA LYS C 324 -15.13 -37.41 7.33
C LYS C 324 -15.50 -37.75 8.77
N PHE C 325 -14.62 -38.37 9.53
CA PHE C 325 -14.93 -38.74 10.89
C PHE C 325 -14.04 -38.08 11.92
N ALA C 326 -13.32 -37.05 11.50
CA ALA C 326 -12.41 -36.36 12.38
C ALA C 326 -13.08 -35.64 13.56
N GLU C 327 -12.44 -35.73 14.72
CA GLU C 327 -12.96 -35.11 15.93
C GLU C 327 -11.76 -34.75 16.78
N ASP C 328 -11.84 -33.70 17.57
CA ASP C 328 -10.70 -33.35 18.39
C ASP C 328 -9.47 -33.07 17.51
N PHE C 329 -9.02 -31.83 17.44
CA PHE C 329 -7.82 -31.45 16.68
C PHE C 329 -7.01 -30.61 17.65
N SER C 330 -5.79 -31.00 17.91
CA SER C 330 -4.97 -30.24 18.86
C SER C 330 -3.54 -30.00 18.33
N PRO C 331 -2.99 -28.81 18.59
CA PRO C 331 -1.63 -28.43 18.16
C PRO C 331 -0.58 -28.90 19.16
N LEU C 332 0.49 -29.52 18.67
CA LEU C 332 1.57 -30.03 19.51
C LEU C 332 2.83 -29.20 19.32
N ASP C 333 3.87 -29.51 20.09
CA ASP C 333 5.13 -28.81 19.93
C ASP C 333 5.68 -29.10 18.54
N GLY C 334 6.67 -28.33 18.12
CA GLY C 334 7.27 -28.54 16.82
C GLY C 334 6.31 -28.41 15.65
N ASP C 335 5.26 -27.61 15.78
CA ASP C 335 4.34 -27.45 14.66
C ASP C 335 3.66 -28.75 14.25
N LEU C 336 3.47 -29.65 15.19
CA LEU C 336 2.82 -30.89 14.84
C LEU C 336 1.37 -30.79 15.18
N ILE C 337 0.58 -31.69 14.62
CA ILE C 337 -0.85 -31.74 14.88
C ILE C 337 -1.25 -33.11 15.36
N ALA C 338 -2.24 -33.17 16.25
CA ALA C 338 -2.78 -34.45 16.68
C ALA C 338 -4.28 -34.33 16.43
N PHE C 339 -4.91 -35.44 16.06
CA PHE C 339 -6.36 -35.47 15.84
C PHE C 339 -6.87 -36.90 15.95
N VAL C 340 -8.13 -36.98 16.33
CA VAL C 340 -8.81 -38.24 16.50
C VAL C 340 -9.79 -38.42 15.34
N SER C 341 -9.93 -39.65 14.85
CA SER C 341 -10.87 -39.94 13.80
C SER C 341 -11.25 -41.40 13.82
N ARG C 342 -12.58 -41.66 13.82
CA ARG C 342 -13.10 -43.03 13.81
C ARG C 342 -12.44 -43.90 14.85
N GLY C 343 -12.27 -43.34 16.05
CA GLY C 343 -11.69 -44.06 17.17
C GLY C 343 -10.20 -44.23 17.16
N GLN C 344 -9.53 -43.67 16.15
CA GLN C 344 -8.08 -43.77 16.01
C GLN C 344 -7.47 -42.41 16.25
N ALA C 345 -6.18 -42.37 16.57
CA ALA C 345 -5.51 -41.10 16.78
C ALA C 345 -4.26 -41.01 15.91
N PHE C 346 -3.86 -39.78 15.56
CA PHE C 346 -2.69 -39.60 14.71
C PHE C 346 -1.88 -38.35 15.03
N ILE C 347 -0.57 -38.47 14.90
CA ILE C 347 0.32 -37.34 15.11
C ILE C 347 0.81 -37.06 13.69
N GLN C 348 0.66 -35.83 13.21
CA GLN C 348 1.11 -35.51 11.87
C GLN C 348 1.61 -34.07 11.70
N ASP C 349 2.23 -33.77 10.55
CA ASP C 349 2.72 -32.43 10.26
C ASP C 349 1.51 -31.77 9.61
N VAL C 350 1.47 -30.46 9.52
CA VAL C 350 0.28 -29.84 8.96
C VAL C 350 -0.08 -30.34 7.57
N SER C 351 0.93 -30.64 6.75
CA SER C 351 0.67 -31.08 5.38
C SER C 351 0.07 -32.48 5.31
N GLY C 352 0.21 -33.25 6.39
CA GLY C 352 -0.32 -34.60 6.39
C GLY C 352 0.51 -35.52 5.53
N THR C 353 1.78 -35.18 5.35
CA THR C 353 2.68 -36.01 4.59
C THR C 353 3.35 -36.99 5.57
N TYR C 354 3.71 -36.53 6.76
CA TYR C 354 4.32 -37.39 7.77
C TYR C 354 3.28 -37.71 8.88
N VAL C 355 2.75 -38.91 8.86
CA VAL C 355 1.72 -39.34 9.80
C VAL C 355 2.04 -40.55 10.69
N LEU C 356 1.71 -40.44 11.98
CA LEU C 356 1.92 -41.52 12.91
C LEU C 356 0.59 -41.83 13.59
N LYS C 357 0.24 -43.11 13.56
CA LYS C 357 -0.97 -43.60 14.18
C LYS C 357 -0.60 -43.95 15.60
N VAL C 358 -1.46 -43.65 16.55
CA VAL C 358 -1.14 -43.98 17.92
C VAL C 358 -1.34 -45.49 18.02
N PRO C 359 -0.36 -46.22 18.57
CA PRO C 359 -0.46 -47.68 18.71
C PRO C 359 -1.36 -48.12 19.86
N GLU C 360 -2.67 -47.92 19.71
CA GLU C 360 -3.66 -48.32 20.74
C GLU C 360 -4.94 -48.78 20.09
N PRO C 361 -5.50 -49.90 20.56
CA PRO C 361 -6.74 -50.47 20.03
C PRO C 361 -7.91 -49.47 19.96
N LEU C 362 -9.00 -49.90 19.35
CA LEU C 362 -10.15 -49.02 19.24
C LEU C 362 -10.63 -48.30 20.47
N ARG C 363 -11.12 -47.11 20.13
CA ARG C 363 -11.71 -46.10 20.97
C ARG C 363 -10.80 -45.20 21.74
N ILE C 364 -10.15 -44.29 21.03
CA ILE C 364 -9.35 -43.25 21.64
C ILE C 364 -10.35 -42.08 21.62
N ARG C 365 -10.62 -41.48 22.75
CA ARG C 365 -11.60 -40.40 22.70
C ARG C 365 -10.93 -39.06 22.56
N TYR C 366 -9.82 -38.89 23.28
CA TYR C 366 -9.09 -37.62 23.31
C TYR C 366 -7.56 -37.75 23.28
N VAL C 367 -6.92 -36.74 22.73
CA VAL C 367 -5.47 -36.70 22.63
C VAL C 367 -5.02 -35.30 23.02
N ARG C 368 -3.99 -35.23 23.86
CA ARG C 368 -3.48 -33.96 24.37
C ARG C 368 -1.96 -33.89 24.54
N ARG C 369 -1.39 -32.74 24.22
CA ARG C 369 0.04 -32.52 24.39
C ARG C 369 0.43 -32.88 25.84
N GLY C 370 1.42 -33.77 26.00
CA GLY C 370 1.87 -34.21 27.32
C GLY C 370 3.33 -33.83 27.53
N GLY C 371 3.99 -33.33 26.50
CA GLY C 371 5.40 -32.96 26.61
C GLY C 371 6.09 -32.78 25.26
N ASP C 372 7.39 -32.53 25.26
CA ASP C 372 8.16 -32.33 24.02
C ASP C 372 7.68 -33.24 22.90
N THR C 373 7.73 -34.54 23.16
CA THR C 373 7.33 -35.52 22.17
C THR C 373 6.37 -36.54 22.76
N LYS C 374 5.65 -36.15 23.81
CA LYS C 374 4.68 -37.06 24.46
C LYS C 374 3.24 -36.56 24.35
N VAL C 375 2.30 -37.47 24.36
CA VAL C 375 0.91 -37.06 24.27
C VAL C 375 0.07 -37.95 25.18
N ALA C 376 -0.88 -37.36 25.90
CA ALA C 376 -1.75 -38.14 26.78
C ALA C 376 -3.05 -38.37 26.00
N PHE C 377 -3.69 -39.49 26.24
CA PHE C 377 -4.92 -39.77 25.53
C PHE C 377 -5.89 -40.47 26.43
N ILE C 378 -7.14 -40.48 26.01
CA ILE C 378 -8.15 -41.18 26.76
C ILE C 378 -8.62 -42.34 25.91
N HIS C 379 -8.48 -43.56 26.45
CA HIS C 379 -8.88 -44.77 25.76
C HIS C 379 -10.18 -45.32 26.37
N GLY C 380 -11.19 -45.52 25.52
CA GLY C 380 -12.45 -46.01 26.00
C GLY C 380 -12.74 -47.45 25.66
N THR C 381 -13.26 -48.19 26.64
CA THR C 381 -13.59 -49.60 26.45
C THR C 381 -14.94 -49.79 27.04
N ARG C 382 -15.41 -51.02 27.03
CA ARG C 382 -16.73 -51.33 27.59
C ARG C 382 -16.75 -51.09 29.11
N GLU C 383 -15.62 -51.28 29.78
CA GLU C 383 -15.54 -51.07 31.22
C GLU C 383 -15.50 -49.59 31.61
N GLY C 384 -15.00 -48.75 30.69
CA GLY C 384 -14.92 -47.32 30.97
C GLY C 384 -13.74 -46.65 30.27
N ASP C 385 -13.44 -45.44 30.70
CA ASP C 385 -12.36 -44.67 30.12
C ASP C 385 -11.10 -44.73 30.97
N PHE C 386 -9.94 -44.76 30.29
CA PHE C 386 -8.63 -44.84 30.96
C PHE C 386 -7.64 -43.82 30.38
N LEU C 387 -6.74 -43.34 31.22
CA LEU C 387 -5.74 -42.38 30.81
C LEU C 387 -4.56 -43.15 30.26
N GLY C 388 -3.97 -42.63 29.19
CA GLY C 388 -2.83 -43.27 28.56
C GLY C 388 -1.82 -42.23 28.10
N ILE C 389 -0.59 -42.66 27.86
CA ILE C 389 0.45 -41.77 27.44
C ILE C 389 1.17 -42.38 26.26
N TYR C 390 1.62 -41.54 25.35
CA TYR C 390 2.32 -42.09 24.21
C TYR C 390 3.44 -41.17 23.80
N ASP C 391 4.63 -41.75 23.64
CA ASP C 391 5.79 -40.96 23.23
C ASP C 391 6.06 -41.25 21.77
N TYR C 392 5.69 -40.31 20.90
CA TYR C 392 5.89 -40.53 19.48
C TYR C 392 7.34 -40.47 18.95
N ARG C 393 8.27 -40.08 19.80
CA ARG C 393 9.65 -40.08 19.36
C ARG C 393 10.23 -41.50 19.57
N THR C 394 10.13 -42.00 20.79
CA THR C 394 10.65 -43.32 21.13
C THR C 394 9.71 -44.44 20.71
N GLY C 395 8.43 -44.12 20.61
CA GLY C 395 7.46 -45.15 20.26
C GLY C 395 6.80 -45.85 21.44
N LYS C 396 7.34 -45.72 22.66
CA LYS C 396 6.77 -46.35 23.84
C LYS C 396 5.34 -45.81 24.04
N ALA C 397 4.50 -46.57 24.75
CA ALA C 397 3.13 -46.15 24.99
C ALA C 397 2.47 -46.94 26.10
N GLU C 398 2.71 -46.54 27.34
CA GLU C 398 2.12 -47.20 28.49
C GLU C 398 0.63 -46.85 28.51
N LYS C 399 -0.16 -47.54 29.31
CA LYS C 399 -1.60 -47.25 29.40
C LYS C 399 -2.13 -47.67 30.76
N PHE C 400 -2.39 -46.69 31.62
CA PHE C 400 -2.87 -46.99 32.95
C PHE C 400 -4.13 -47.87 32.97
N GLU C 401 -4.35 -48.54 34.09
CA GLU C 401 -5.50 -49.43 34.24
C GLU C 401 -6.57 -48.87 35.21
N GLU C 402 -6.31 -47.71 35.79
CA GLU C 402 -7.27 -47.09 36.70
C GLU C 402 -8.44 -46.54 35.87
N ASN C 403 -9.65 -46.99 36.18
CA ASN C 403 -10.83 -46.57 35.46
C ASN C 403 -11.26 -45.17 35.88
N LEU C 404 -11.43 -44.25 34.92
CA LEU C 404 -11.81 -42.88 35.24
C LEU C 404 -13.27 -42.56 35.09
N GLY C 405 -14.03 -43.55 34.66
CA GLY C 405 -15.46 -43.36 34.47
C GLY C 405 -15.68 -42.95 33.04
N ASN C 406 -16.75 -42.20 32.79
CA ASN C 406 -16.99 -41.72 31.43
C ASN C 406 -16.40 -40.33 31.31
N VAL C 407 -15.25 -40.22 30.63
CA VAL C 407 -14.56 -38.94 30.56
C VAL C 407 -15.09 -37.99 29.50
N PHE C 408 -15.26 -36.74 29.86
CA PHE C 408 -15.72 -35.80 28.85
C PHE C 408 -14.76 -34.62 28.63
N ALA C 409 -13.71 -34.53 29.43
CA ALA C 409 -12.72 -33.49 29.26
C ALA C 409 -11.39 -33.97 29.82
N MET C 410 -10.31 -33.47 29.23
CA MET C 410 -9.00 -33.89 29.63
C MET C 410 -7.96 -32.79 29.32
N GLY C 411 -7.03 -32.56 30.25
CA GLY C 411 -5.99 -31.57 30.03
C GLY C 411 -4.73 -32.01 30.74
N VAL C 412 -3.57 -31.53 30.28
CA VAL C 412 -2.30 -31.90 30.91
C VAL C 412 -1.57 -30.62 31.31
N ASP C 413 -0.86 -30.63 32.43
CA ASP C 413 -0.18 -29.40 32.81
C ASP C 413 1.01 -29.15 31.91
N ARG C 414 1.36 -27.89 31.73
CA ARG C 414 2.47 -27.54 30.86
C ARG C 414 3.75 -28.27 31.21
N ASN C 415 3.89 -28.68 32.46
CA ASN C 415 5.08 -29.40 32.90
C ASN C 415 4.97 -30.93 32.85
N GLY C 416 3.99 -31.42 32.10
CA GLY C 416 3.83 -32.85 31.96
C GLY C 416 3.83 -33.70 33.22
N LYS C 417 3.47 -33.12 34.36
CA LYS C 417 3.45 -33.85 35.62
C LYS C 417 2.10 -34.54 35.82
N PHE C 418 1.00 -33.82 35.70
CA PHE C 418 -0.28 -34.45 35.90
C PHE C 418 -1.28 -34.05 34.80
N ALA C 419 -2.45 -34.68 34.84
CA ALA C 419 -3.51 -34.37 33.93
C ALA C 419 -4.74 -34.02 34.78
N VAL C 420 -5.75 -33.41 34.15
CA VAL C 420 -6.99 -33.04 34.80
C VAL C 420 -8.05 -33.69 33.96
N VAL C 421 -9.02 -34.34 34.61
CA VAL C 421 -10.09 -35.06 33.93
C VAL C 421 -11.49 -34.85 34.54
N ALA C 422 -12.51 -34.80 33.68
CA ALA C 422 -13.88 -34.64 34.08
C ALA C 422 -14.68 -35.84 33.57
N ASN C 423 -15.59 -36.33 34.40
CA ASN C 423 -16.42 -37.47 34.03
C ASN C 423 -17.88 -37.18 34.28
N ASP C 424 -18.73 -38.14 33.92
CA ASP C 424 -20.15 -37.99 34.11
C ASP C 424 -20.62 -38.21 35.55
N ARG C 425 -19.70 -38.41 36.46
CA ARG C 425 -20.04 -38.54 37.84
C ARG C 425 -19.99 -37.11 38.39
N PHE C 426 -19.74 -36.15 37.51
CA PHE C 426 -19.65 -34.74 37.90
C PHE C 426 -18.42 -34.49 38.78
N GLU C 427 -17.35 -35.25 38.56
CA GLU C 427 -16.11 -35.08 39.30
C GLU C 427 -15.01 -34.45 38.45
N ILE C 428 -14.17 -33.67 39.10
CA ILE C 428 -13.03 -33.06 38.46
C ILE C 428 -11.90 -33.68 39.28
N MET C 429 -10.83 -34.09 38.61
CA MET C 429 -9.73 -34.75 39.30
C MET C 429 -8.41 -34.61 38.58
N THR C 430 -7.35 -34.95 39.30
CA THR C 430 -6.00 -34.91 38.75
C THR C 430 -5.51 -36.34 38.71
N VAL C 431 -4.81 -36.67 37.65
CA VAL C 431 -4.28 -38.00 37.52
C VAL C 431 -2.78 -37.89 37.42
N ASP C 432 -2.08 -38.48 38.38
CA ASP C 432 -0.62 -38.45 38.39
C ASP C 432 -0.11 -39.15 37.14
N LEU C 433 0.42 -38.41 36.17
CA LEU C 433 0.91 -39.02 34.93
C LEU C 433 2.07 -40.01 35.10
N GLU C 434 2.67 -40.04 36.28
CA GLU C 434 3.78 -40.95 36.58
C GLU C 434 3.26 -42.35 36.94
N THR C 435 2.32 -42.41 37.89
CA THR C 435 1.72 -43.65 38.35
C THR C 435 0.39 -43.94 37.67
N GLY C 436 -0.56 -43.03 37.78
CA GLY C 436 -1.86 -43.23 37.15
C GLY C 436 -2.95 -43.04 38.17
N LYS C 437 -2.55 -42.89 39.42
CA LYS C 437 -3.50 -42.70 40.51
C LYS C 437 -4.37 -41.44 40.34
N PRO C 438 -5.69 -41.64 40.17
CA PRO C 438 -6.55 -40.48 40.02
C PRO C 438 -6.84 -39.94 41.42
N THR C 439 -7.06 -38.62 41.51
CA THR C 439 -7.36 -38.00 42.79
C THR C 439 -8.41 -36.91 42.58
N VAL C 440 -9.60 -37.20 43.08
CA VAL C 440 -10.74 -36.30 42.96
C VAL C 440 -10.56 -35.00 43.74
N ILE C 441 -10.74 -33.88 43.03
CA ILE C 441 -10.60 -32.60 43.67
C ILE C 441 -11.95 -32.21 44.22
N GLU C 442 -12.94 -32.18 43.35
CA GLU C 442 -14.27 -31.79 43.73
C GLU C 442 -15.34 -32.42 42.83
N ARG C 443 -16.54 -32.53 43.39
CA ARG C 443 -17.64 -33.12 42.69
C ARG C 443 -18.83 -32.22 42.75
N SER C 444 -19.44 -31.96 41.59
CA SER C 444 -20.62 -31.11 41.50
C SER C 444 -21.82 -32.05 41.50
N ARG C 445 -22.97 -31.58 41.95
CA ARG C 445 -24.09 -32.49 41.94
C ARG C 445 -25.13 -32.07 40.91
N GLU C 446 -24.74 -31.17 40.02
CA GLU C 446 -25.67 -30.69 38.99
C GLU C 446 -25.27 -31.07 37.58
N ALA C 447 -24.00 -30.86 37.23
CA ALA C 447 -23.52 -31.12 35.87
C ALA C 447 -22.00 -31.37 35.82
N MET C 448 -21.48 -31.80 34.67
CA MET C 448 -20.05 -32.04 34.54
C MET C 448 -19.14 -30.81 34.63
N ILE C 449 -17.96 -31.00 35.21
CA ILE C 449 -16.97 -29.92 35.36
C ILE C 449 -15.96 -29.98 34.18
N THR C 450 -16.40 -29.66 32.97
CA THR C 450 -15.54 -29.75 31.82
C THR C 450 -14.80 -28.48 31.43
N ASP C 451 -15.10 -27.38 32.10
CA ASP C 451 -14.48 -26.10 31.81
C ASP C 451 -13.38 -25.79 32.84
N PHE C 452 -12.14 -26.11 32.49
CA PHE C 452 -11.06 -25.88 33.40
C PHE C 452 -9.78 -25.50 32.77
N THR C 453 -8.87 -25.00 33.59
CA THR C 453 -7.56 -24.62 33.12
C THR C 453 -6.50 -24.80 34.22
N ILE C 454 -5.26 -24.98 33.79
CA ILE C 454 -4.13 -25.15 34.71
C ILE C 454 -3.13 -24.02 34.48
N SER C 455 -2.65 -23.43 35.58
CA SER C 455 -1.69 -22.35 35.48
C SER C 455 -0.35 -22.88 34.94
N ASP C 456 0.44 -21.99 34.34
CA ASP C 456 1.70 -22.39 33.79
C ASP C 456 2.67 -22.97 34.80
N ASN C 457 2.64 -22.51 36.06
CA ASN C 457 3.53 -23.07 37.05
C ASN C 457 2.94 -24.34 37.67
N SER C 458 1.86 -24.83 37.12
CA SER C 458 1.23 -26.06 37.58
C SER C 458 0.70 -26.05 39.03
N ARG C 459 0.60 -24.88 39.61
CA ARG C 459 0.15 -24.77 40.97
C ARG C 459 -1.33 -24.68 41.21
N PHE C 460 -2.04 -24.00 40.31
CA PHE C 460 -3.47 -23.84 40.52
C PHE C 460 -4.33 -24.44 39.44
N ILE C 461 -5.55 -24.81 39.80
CA ILE C 461 -6.48 -25.31 38.79
C ILE C 461 -7.81 -24.53 38.92
N ALA C 462 -8.17 -23.78 37.91
CA ALA C 462 -9.41 -23.03 37.94
C ALA C 462 -10.41 -23.76 37.04
N TYR C 463 -11.64 -23.90 37.54
CA TYR C 463 -12.68 -24.55 36.78
C TYR C 463 -14.09 -24.03 37.12
N GLY C 464 -15.03 -24.16 36.18
CA GLY C 464 -16.39 -23.74 36.42
C GLY C 464 -17.03 -24.82 37.24
N PHE C 465 -17.73 -24.45 38.31
CA PHE C 465 -18.36 -25.46 39.20
C PHE C 465 -19.88 -25.30 39.20
N PRO C 466 -20.58 -26.15 38.45
CA PRO C 466 -22.04 -26.00 38.43
C PRO C 466 -22.70 -26.20 39.78
N LEU C 467 -23.69 -25.38 40.11
CA LEU C 467 -24.38 -25.47 41.40
C LEU C 467 -25.80 -24.93 41.32
N LYS C 468 -26.59 -25.24 42.34
CA LYS C 468 -27.98 -24.75 42.42
C LYS C 468 -28.18 -24.23 43.82
N HIS C 469 -29.06 -23.25 43.97
CA HIS C 469 -29.29 -22.74 45.30
C HIS C 469 -30.23 -23.70 45.97
N GLY C 470 -31.19 -24.19 45.22
CA GLY C 470 -32.13 -25.15 45.77
C GLY C 470 -32.14 -26.39 44.92
N GLU C 471 -32.53 -27.53 45.48
CA GLU C 471 -32.58 -28.77 44.73
C GLU C 471 -33.57 -28.77 43.56
N THR C 472 -34.66 -28.04 43.69
CA THR C 472 -35.64 -28.00 42.63
C THR C 472 -35.57 -26.72 41.83
N ASP C 473 -34.47 -26.00 41.96
CA ASP C 473 -34.22 -24.73 41.28
C ASP C 473 -34.25 -24.94 39.78
N GLY C 474 -34.86 -24.02 39.04
CA GLY C 474 -34.93 -24.16 37.59
C GLY C 474 -33.67 -23.72 36.83
N TYR C 475 -32.74 -23.11 37.52
CA TYR C 475 -31.52 -22.66 36.89
C TYR C 475 -30.28 -23.19 37.60
N VAL C 476 -29.29 -23.55 36.81
CA VAL C 476 -28.08 -24.06 37.39
C VAL C 476 -27.10 -22.93 37.28
N MET C 477 -26.50 -22.55 38.40
CA MET C 477 -25.54 -21.50 38.39
C MET C 477 -24.15 -22.10 38.17
N GLN C 478 -23.16 -21.23 37.98
CA GLN C 478 -21.80 -21.69 37.81
C GLN C 478 -20.81 -20.66 38.35
N ALA C 479 -19.98 -21.12 39.27
CA ALA C 479 -18.98 -20.27 39.89
C ALA C 479 -17.61 -20.85 39.58
N ILE C 480 -16.60 -19.99 39.46
CA ILE C 480 -15.27 -20.46 39.18
C ILE C 480 -14.65 -20.83 40.51
N HIS C 481 -14.00 -21.99 40.54
CA HIS C 481 -13.27 -22.47 41.73
C HIS C 481 -11.77 -22.61 41.39
N VAL C 482 -10.96 -22.41 42.40
CA VAL C 482 -9.55 -22.55 42.19
C VAL C 482 -8.98 -23.54 43.19
N TYR C 483 -8.29 -24.55 42.67
CA TYR C 483 -7.63 -25.55 43.52
C TYR C 483 -6.11 -25.26 43.59
N ASP C 484 -5.58 -25.22 44.81
CA ASP C 484 -4.16 -24.97 45.03
C ASP C 484 -3.49 -26.30 45.32
N MET C 485 -2.62 -26.76 44.43
CA MET C 485 -1.91 -28.04 44.67
C MET C 485 -1.15 -28.00 46.01
N GLU C 486 -0.67 -26.84 46.43
CA GLU C 486 0.03 -26.75 47.71
C GLU C 486 -1.02 -26.33 48.68
N GLY C 487 -1.16 -27.07 49.75
CA GLY C 487 -2.19 -26.71 50.72
C GLY C 487 -3.43 -27.53 50.39
N ARG C 488 -3.50 -27.96 49.15
CA ARG C 488 -4.61 -28.77 48.71
C ARG C 488 -5.94 -28.22 49.21
N LYS C 489 -6.22 -26.96 48.95
CA LYS C 489 -7.47 -26.35 49.37
C LYS C 489 -8.14 -25.69 48.18
N ILE C 490 -9.46 -25.66 48.21
CA ILE C 490 -10.22 -25.06 47.14
C ILE C 490 -10.70 -23.67 47.52
N PHE C 491 -10.48 -22.67 46.66
CA PHE C 491 -10.96 -21.33 46.97
C PHE C 491 -12.03 -20.89 45.98
N ALA C 492 -12.87 -19.96 46.40
CA ALA C 492 -13.92 -19.45 45.52
C ALA C 492 -13.43 -18.22 44.76
N ALA C 493 -13.20 -18.39 43.47
CA ALA C 493 -12.76 -17.26 42.66
C ALA C 493 -13.92 -16.29 42.43
N THR C 494 -15.13 -16.82 42.46
CA THR C 494 -16.26 -15.99 42.18
C THR C 494 -17.54 -16.35 42.99
N THR C 495 -18.50 -15.43 43.04
CA THR C 495 -19.73 -15.67 43.77
C THR C 495 -20.61 -16.65 43.00
N GLU C 496 -21.64 -17.18 43.65
CA GLU C 496 -22.49 -18.14 42.96
C GLU C 496 -23.87 -17.66 42.49
N ASN C 497 -23.91 -16.44 42.00
CA ASN C 497 -25.16 -15.86 41.55
C ASN C 497 -25.41 -15.87 40.06
N SER C 498 -24.44 -16.37 39.30
CA SER C 498 -24.68 -16.40 37.89
C SER C 498 -23.87 -17.45 37.18
N HIS C 499 -23.43 -17.11 35.99
CA HIS C 499 -22.68 -18.04 35.18
C HIS C 499 -21.29 -17.50 34.85
N ASP C 500 -20.28 -18.08 35.47
CA ASP C 500 -18.89 -17.69 35.28
C ASP C 500 -18.19 -18.82 34.55
N TYR C 501 -17.37 -18.49 33.55
CA TYR C 501 -16.74 -19.55 32.78
C TYR C 501 -15.46 -19.15 32.08
N ALA C 502 -14.97 -20.08 31.26
CA ALA C 502 -13.75 -19.91 30.49
C ALA C 502 -12.51 -19.38 31.27
N PRO C 503 -12.25 -19.90 32.48
CA PRO C 503 -11.07 -19.37 33.21
C PRO C 503 -9.77 -19.55 32.42
N ALA C 504 -8.86 -18.60 32.60
CA ALA C 504 -7.57 -18.61 31.93
C ALA C 504 -6.51 -17.85 32.74
N PHE C 505 -5.38 -18.49 33.02
CA PHE C 505 -4.32 -17.83 33.78
C PHE C 505 -3.39 -17.06 32.83
N ASP C 506 -2.73 -16.04 33.33
CA ASP C 506 -1.81 -15.37 32.43
C ASP C 506 -0.50 -16.16 32.56
N ALA C 507 0.32 -16.10 31.52
CA ALA C 507 1.59 -16.83 31.52
C ALA C 507 2.36 -16.75 32.84
N ASP C 508 2.43 -15.57 33.45
CA ASP C 508 3.15 -15.39 34.71
C ASP C 508 2.48 -16.04 35.88
N SER C 509 1.26 -16.54 35.69
CA SER C 509 0.52 -17.11 36.80
C SER C 509 0.22 -16.07 37.92
N LYS C 510 -0.06 -14.81 37.58
CA LYS C 510 -0.32 -13.81 38.61
C LYS C 510 -1.77 -13.36 38.66
N ASN C 511 -2.48 -13.51 37.55
CA ASN C 511 -3.86 -13.11 37.47
C ASN C 511 -4.72 -14.16 36.83
N LEU C 512 -5.95 -14.30 37.31
CA LEU C 512 -6.87 -15.25 36.73
C LEU C 512 -7.94 -14.48 35.93
N TYR C 513 -8.02 -14.76 34.64
CA TYR C 513 -9.02 -14.13 33.82
C TYR C 513 -10.15 -15.12 33.61
N TYR C 514 -11.35 -14.63 33.36
CA TYR C 514 -12.49 -15.49 33.06
C TYR C 514 -13.63 -14.65 32.46
N LEU C 515 -14.72 -15.29 32.07
CA LEU C 515 -15.88 -14.58 31.49
C LEU C 515 -17.14 -14.82 32.36
N SER C 516 -18.14 -13.96 32.21
CA SER C 516 -19.41 -14.07 32.93
C SER C 516 -20.56 -13.52 32.12
N TYR C 517 -21.76 -13.96 32.47
CA TYR C 517 -22.97 -13.45 31.83
C TYR C 517 -23.64 -12.60 32.87
N ARG C 518 -22.86 -11.75 33.52
CA ARG C 518 -23.42 -10.96 34.60
C ARG C 518 -23.80 -9.60 34.21
N SER C 519 -23.42 -9.16 33.01
CA SER C 519 -23.72 -7.79 32.59
C SER C 519 -25.12 -7.64 32.04
N LEU C 520 -26.10 -7.86 32.91
CA LEU C 520 -27.46 -7.72 32.47
C LEU C 520 -27.79 -6.36 31.86
N ASP C 521 -28.33 -6.44 30.65
CA ASP C 521 -28.81 -5.32 29.87
C ASP C 521 -29.76 -5.93 28.81
N PRO C 522 -31.02 -5.51 28.80
CA PRO C 522 -31.92 -6.13 27.80
C PRO C 522 -31.92 -5.64 26.37
N SER C 523 -32.25 -6.52 25.45
CA SER C 523 -32.34 -6.14 24.05
C SER C 523 -33.82 -6.38 23.66
N PRO C 524 -34.41 -5.43 22.93
CA PRO C 524 -35.81 -5.55 22.49
C PRO C 524 -36.02 -6.53 21.34
N ASP C 525 -37.18 -7.19 21.36
CA ASP C 525 -37.65 -8.12 20.33
C ASP C 525 -38.26 -7.25 19.22
N ARG C 526 -38.02 -7.57 17.95
CA ARG C 526 -38.54 -6.75 16.88
C ARG C 526 -39.98 -6.96 16.47
N VAL C 527 -40.55 -8.06 16.93
CA VAL C 527 -41.88 -8.48 16.56
C VAL C 527 -42.91 -8.52 17.70
N VAL C 528 -42.48 -9.16 18.79
CA VAL C 528 -43.30 -9.39 19.98
C VAL C 528 -42.90 -8.49 21.13
N LEU C 529 -43.84 -8.12 21.99
CA LEU C 529 -43.47 -7.30 23.12
C LEU C 529 -42.61 -8.20 24.01
N ASN C 530 -41.30 -8.10 23.88
CA ASN C 530 -40.44 -8.98 24.66
C ASN C 530 -39.00 -8.45 24.74
N PHE C 531 -38.19 -9.02 25.63
CA PHE C 531 -36.79 -8.60 25.78
C PHE C 531 -35.97 -9.76 26.25
N SER C 532 -34.71 -9.81 25.85
CA SER C 532 -33.88 -10.92 26.29
C SER C 532 -32.46 -10.49 26.46
N PHE C 533 -31.68 -11.30 27.15
CA PHE C 533 -30.28 -10.97 27.32
C PHE C 533 -29.38 -11.56 26.21
N GLU C 534 -29.03 -10.71 25.25
CA GLU C 534 -28.24 -11.10 24.10
C GLU C 534 -26.80 -10.74 24.27
N VAL C 535 -26.55 -9.52 24.69
CA VAL C 535 -25.17 -9.08 24.86
C VAL C 535 -24.87 -8.73 26.27
N VAL C 536 -24.60 -9.75 27.07
CA VAL C 536 -24.37 -9.53 28.48
C VAL C 536 -23.12 -10.27 28.96
N SER C 537 -22.24 -10.59 28.04
CA SER C 537 -21.02 -11.26 28.38
C SER C 537 -19.90 -10.24 28.55
N LYS C 538 -19.11 -10.42 29.59
CA LYS C 538 -18.06 -9.49 29.82
C LYS C 538 -16.94 -10.18 30.53
N PRO C 539 -15.68 -9.80 30.23
CA PRO C 539 -14.49 -10.42 30.87
C PRO C 539 -14.15 -9.74 32.21
N PHE C 540 -13.56 -10.50 33.11
CA PHE C 540 -13.18 -10.01 34.43
C PHE C 540 -11.82 -10.61 34.75
N VAL C 541 -11.12 -10.04 35.73
CA VAL C 541 -9.84 -10.57 36.11
C VAL C 541 -9.74 -10.56 37.59
N ILE C 542 -8.87 -11.41 38.11
CA ILE C 542 -8.62 -11.47 39.55
C ILE C 542 -7.14 -11.67 39.82
N PRO C 543 -6.46 -10.68 40.41
CA PRO C 543 -5.03 -10.80 40.72
C PRO C 543 -4.86 -11.78 41.89
N LEU C 544 -3.94 -12.72 41.74
CA LEU C 544 -3.69 -13.76 42.73
C LEU C 544 -2.94 -13.24 43.99
N ILE C 545 -2.38 -12.04 43.86
CA ILE C 545 -1.67 -11.39 44.95
C ILE C 545 -2.43 -10.14 45.38
N PRO C 546 -3.09 -10.21 46.53
CA PRO C 546 -3.86 -9.09 47.09
C PRO C 546 -3.09 -7.78 47.05
N GLY C 547 -3.78 -6.68 46.74
CA GLY C 547 -3.11 -5.38 46.70
C GLY C 547 -2.57 -5.08 45.33
N SER C 548 -2.65 -6.08 44.47
CA SER C 548 -2.17 -5.91 43.10
C SER C 548 -3.41 -5.47 42.33
N PRO C 549 -3.27 -4.50 41.44
CA PRO C 549 -4.45 -4.05 40.70
C PRO C 549 -4.73 -4.83 39.42
N ASN C 550 -5.88 -4.57 38.83
CA ASN C 550 -6.28 -5.17 37.58
C ASN C 550 -5.24 -4.69 36.55
N PRO C 551 -4.45 -5.61 36.02
CA PRO C 551 -3.44 -5.19 35.04
C PRO C 551 -3.94 -4.35 33.86
N THR C 552 -5.12 -4.63 33.32
CA THR C 552 -5.59 -3.85 32.19
C THR C 552 -5.97 -2.42 32.56
N LYS C 553 -6.00 -2.11 33.85
CA LYS C 553 -6.35 -0.74 34.26
C LYS C 553 -5.18 0.22 34.06
N LEU C 554 -4.01 -0.32 33.69
CA LEU C 554 -2.83 0.49 33.44
C LEU C 554 -2.52 1.44 34.58
N VAL C 555 -2.48 0.94 35.80
CA VAL C 555 -2.16 1.79 36.93
C VAL C 555 -0.63 1.89 36.95
N PRO C 556 -0.09 3.13 36.94
CA PRO C 556 1.35 3.31 36.95
C PRO C 556 2.00 2.48 38.04
N ARG C 557 3.06 1.76 37.66
CA ARG C 557 3.77 0.91 38.60
C ARG C 557 4.33 1.65 39.81
N SER C 558 4.81 2.87 39.58
CA SER C 558 5.37 3.70 40.65
C SER C 558 4.32 4.05 41.69
N MET C 559 3.07 4.07 41.27
CA MET C 559 1.98 4.42 42.16
C MET C 559 1.32 3.23 42.84
N THR C 560 1.74 2.02 42.48
CA THR C 560 1.19 0.81 43.09
C THR C 560 2.28 0.12 43.87
N SER C 561 1.96 -0.22 45.12
CA SER C 561 2.92 -0.90 45.97
C SER C 561 2.62 -2.40 45.98
N GLU C 562 2.95 -3.09 44.90
CA GLU C 562 2.70 -4.53 44.87
C GLU C 562 3.82 -5.27 45.62
N ALA C 563 4.30 -6.34 45.02
CA ALA C 563 5.37 -7.15 45.59
C ALA C 563 4.86 -7.91 46.81
N GLY C 564 3.69 -8.52 46.67
CA GLY C 564 3.12 -9.29 47.76
C GLY C 564 3.30 -10.76 47.43
N GLU C 565 2.55 -11.60 48.13
CA GLU C 565 2.60 -13.05 47.90
C GLU C 565 1.19 -13.62 47.64
N TYR C 566 1.09 -14.84 47.11
CA TYR C 566 -0.19 -15.46 46.83
C TYR C 566 -1.11 -15.55 48.01
N ASP C 567 -2.35 -15.20 47.78
CA ASP C 567 -3.36 -15.30 48.81
C ASP C 567 -4.68 -15.43 48.08
N LEU C 568 -5.27 -16.62 48.10
CA LEU C 568 -6.51 -16.79 47.39
C LEU C 568 -7.74 -16.57 48.25
N ASN C 569 -7.57 -16.10 49.48
CA ASN C 569 -8.75 -15.85 50.30
C ASN C 569 -9.57 -14.66 49.86
N ASP C 570 -10.88 -14.82 49.84
CA ASP C 570 -11.79 -13.75 49.45
C ASP C 570 -11.31 -13.12 48.16
N MET C 571 -10.77 -13.92 47.28
CA MET C 571 -10.28 -13.33 46.04
C MET C 571 -11.46 -12.82 45.18
N TYR C 572 -12.65 -13.38 45.38
CA TYR C 572 -13.80 -12.89 44.63
C TYR C 572 -14.12 -11.45 44.96
N LYS C 573 -13.55 -10.94 46.04
CA LYS C 573 -13.78 -9.54 46.39
C LYS C 573 -12.89 -8.58 45.61
N ARG C 574 -11.77 -9.06 45.11
CA ARG C 574 -10.82 -8.25 44.35
C ARG C 574 -11.13 -8.34 42.89
N SER C 575 -12.14 -9.11 42.53
CA SER C 575 -12.46 -9.21 41.11
C SER C 575 -12.67 -7.81 40.51
N SER C 576 -12.40 -7.71 39.21
CA SER C 576 -12.48 -6.46 38.46
C SER C 576 -12.74 -6.78 36.99
N PRO C 577 -13.54 -5.97 36.30
CA PRO C 577 -13.83 -6.24 34.89
C PRO C 577 -12.80 -5.60 33.95
N ILE C 578 -12.81 -6.00 32.69
CA ILE C 578 -11.90 -5.32 31.81
C ILE C 578 -12.82 -4.52 30.88
N ASN C 579 -12.40 -3.28 30.59
CA ASN C 579 -13.15 -2.34 29.80
C ASN C 579 -13.36 -2.71 28.36
N VAL C 580 -14.25 -3.67 28.16
CA VAL C 580 -14.53 -4.19 26.85
C VAL C 580 -16.03 -4.21 26.73
N ASP C 581 -16.53 -3.77 25.59
CA ASP C 581 -17.95 -3.76 25.33
C ASP C 581 -18.55 -5.14 25.54
N PRO C 582 -19.73 -5.18 26.15
CA PRO C 582 -20.39 -6.46 26.39
C PRO C 582 -20.68 -7.11 25.05
N GLY C 583 -20.67 -8.43 25.01
CA GLY C 583 -20.98 -9.20 23.82
C GLY C 583 -21.38 -10.62 24.18
N ASP C 584 -21.00 -11.59 23.36
CA ASP C 584 -21.23 -13.01 23.63
C ASP C 584 -19.88 -13.67 23.34
N TYR C 585 -19.08 -13.74 24.40
CA TYR C 585 -17.73 -14.26 24.39
C TYR C 585 -17.66 -15.69 24.85
N ARG C 586 -16.80 -16.45 24.18
CA ARG C 586 -16.65 -17.86 24.53
C ARG C 586 -15.27 -18.26 25.03
N MET C 587 -14.36 -17.30 25.09
CA MET C 587 -13.02 -17.60 25.47
C MET C 587 -12.20 -16.33 25.60
N ILE C 588 -11.31 -16.32 26.54
CA ILE C 588 -10.47 -15.17 26.72
C ILE C 588 -9.03 -15.70 26.86
N ILE C 589 -8.10 -15.12 26.10
CA ILE C 589 -6.69 -15.54 26.17
C ILE C 589 -5.79 -14.33 26.46
N PRO C 590 -5.34 -14.23 27.70
CA PRO C 590 -4.48 -13.13 28.11
C PRO C 590 -3.08 -13.33 27.59
N LEU C 591 -2.58 -12.31 26.88
CA LEU C 591 -1.26 -12.30 26.30
C LEU C 591 -0.47 -11.14 26.91
N GLU C 592 0.76 -10.95 26.44
CA GLU C 592 1.62 -9.93 27.00
C GLU C 592 1.03 -8.53 27.06
N SER C 593 0.83 -7.91 25.90
CA SER C 593 0.30 -6.57 25.89
C SER C 593 -1.09 -6.53 25.22
N SER C 594 -1.69 -7.70 25.10
CA SER C 594 -3.02 -7.78 24.52
C SER C 594 -3.75 -9.01 25.05
N ILE C 595 -5.05 -9.07 24.74
CA ILE C 595 -5.93 -10.14 25.15
C ILE C 595 -6.77 -10.58 23.98
N LEU C 596 -6.80 -11.87 23.69
CA LEU C 596 -7.60 -12.36 22.59
C LEU C 596 -8.92 -12.79 23.16
N ILE C 597 -9.98 -12.53 22.40
CA ILE C 597 -11.34 -12.89 22.82
C ILE C 597 -12.10 -13.46 21.65
N TYR C 598 -12.83 -14.53 21.91
CA TYR C 598 -13.63 -15.19 20.90
C TYR C 598 -15.06 -14.66 21.11
N SER C 599 -15.63 -14.15 20.04
CA SER C 599 -16.92 -13.52 20.06
C SER C 599 -17.88 -14.13 19.07
N VAL C 600 -19.13 -14.32 19.49
CA VAL C 600 -20.17 -14.88 18.60
C VAL C 600 -21.29 -13.86 18.37
N PRO C 601 -21.38 -13.30 17.15
CA PRO C 601 -22.43 -12.33 16.83
C PRO C 601 -23.81 -12.92 17.07
N VAL C 602 -24.78 -12.10 17.41
CA VAL C 602 -26.12 -12.60 17.67
C VAL C 602 -26.64 -13.11 16.37
N HIS C 603 -27.22 -14.31 16.39
CA HIS C 603 -27.75 -14.97 15.22
C HIS C 603 -29.03 -15.81 15.58
N GLY C 604 -29.80 -16.14 14.54
CA GLY C 604 -30.98 -16.98 14.74
C GLY C 604 -30.55 -18.40 15.01
N GLU C 605 -31.49 -19.22 15.47
CA GLU C 605 -31.22 -20.62 15.79
C GLU C 605 -31.83 -21.64 14.82
N PHE C 606 -32.58 -21.19 13.85
CA PHE C 606 -33.21 -22.12 12.96
C PHE C 606 -32.29 -23.05 12.20
N ALA C 607 -31.25 -22.50 11.58
CA ALA C 607 -30.32 -23.29 10.81
C ALA C 607 -29.60 -24.31 11.67
N ALA C 608 -29.22 -23.90 12.87
CA ALA C 608 -28.50 -24.79 13.76
C ALA C 608 -29.40 -25.87 14.33
N TYR C 609 -30.68 -25.57 14.40
CA TYR C 609 -31.63 -26.48 14.99
C TYR C 609 -32.16 -27.51 13.99
N TYR C 610 -32.29 -27.15 12.72
CA TYR C 610 -32.81 -28.08 11.73
C TYR C 610 -31.84 -28.44 10.62
N GLN C 611 -30.66 -27.83 10.61
CA GLN C 611 -29.70 -28.11 9.55
C GLN C 611 -28.33 -28.34 10.10
N GLY C 612 -28.23 -28.52 11.41
CA GLY C 612 -26.91 -28.71 11.97
C GLY C 612 -25.94 -27.55 11.68
N ALA C 613 -26.41 -26.38 11.27
CA ALA C 613 -25.53 -25.26 10.99
C ALA C 613 -24.69 -24.89 12.22
N PRO C 614 -23.36 -24.82 12.06
CA PRO C 614 -22.43 -24.48 13.14
C PRO C 614 -22.55 -23.03 13.52
N GLU C 615 -22.13 -22.72 14.74
CA GLU C 615 -22.16 -21.35 15.27
C GLU C 615 -20.93 -20.57 14.77
N LYS C 616 -21.13 -19.47 14.08
CA LYS C 616 -20.01 -18.68 13.56
C LYS C 616 -19.48 -17.64 14.55
N GLY C 617 -18.17 -17.71 14.80
CA GLY C 617 -17.55 -16.78 15.73
C GLY C 617 -16.49 -15.98 15.00
N VAL C 618 -15.80 -15.12 15.75
CA VAL C 618 -14.75 -14.29 15.21
C VAL C 618 -13.73 -14.09 16.34
N LEU C 619 -12.45 -14.04 16.01
CA LEU C 619 -11.40 -13.89 17.00
C LEU C 619 -11.04 -12.43 17.09
N LEU C 620 -11.16 -11.85 18.28
CA LEU C 620 -10.89 -10.42 18.48
C LEU C 620 -9.64 -10.23 19.27
N LYS C 621 -9.02 -9.08 19.08
CA LYS C 621 -7.81 -8.72 19.80
C LYS C 621 -8.06 -7.44 20.53
N TYR C 622 -7.75 -7.44 21.82
CA TYR C 622 -7.94 -6.27 22.67
C TYR C 622 -6.58 -5.79 23.09
N ASP C 623 -6.22 -4.61 22.63
CA ASP C 623 -4.91 -4.02 22.93
C ASP C 623 -4.99 -3.42 24.35
N VAL C 624 -4.20 -3.91 25.28
CA VAL C 624 -4.29 -3.42 26.64
C VAL C 624 -3.91 -1.97 26.79
N LYS C 625 -2.95 -1.53 25.98
CA LYS C 625 -2.46 -0.16 26.01
C LYS C 625 -3.42 0.86 25.39
N THR C 626 -3.91 0.59 24.18
CA THR C 626 -4.79 1.52 23.48
C THR C 626 -6.26 1.25 23.75
N ARG C 627 -6.54 0.10 24.33
CA ARG C 627 -7.89 -0.34 24.60
C ARG C 627 -8.74 -0.44 23.35
N LYS C 628 -8.08 -0.60 22.22
CA LYS C 628 -8.76 -0.71 20.94
C LYS C 628 -8.92 -2.17 20.55
N VAL C 629 -10.09 -2.49 20.02
CA VAL C 629 -10.41 -3.85 19.63
C VAL C 629 -10.39 -4.02 18.12
N THR C 630 -9.96 -5.19 17.65
CA THR C 630 -9.89 -5.42 16.22
C THR C 630 -10.13 -6.86 15.91
N GLU C 631 -10.55 -7.12 14.69
CA GLU C 631 -10.84 -8.45 14.24
C GLU C 631 -9.59 -9.13 13.73
N VAL C 632 -9.25 -10.29 14.28
CA VAL C 632 -8.09 -11.05 13.86
C VAL C 632 -8.45 -12.17 12.86
N LYS C 633 -9.66 -12.72 12.95
CA LYS C 633 -10.03 -13.82 12.06
C LYS C 633 -11.51 -14.13 12.14
N ASN C 634 -12.20 -14.20 11.01
CA ASN C 634 -13.63 -14.52 11.07
C ASN C 634 -14.02 -15.89 10.48
N ASN C 635 -15.32 -16.15 10.43
CA ASN C 635 -15.83 -17.41 9.93
C ASN C 635 -15.28 -18.59 10.69
N LEU C 636 -15.05 -18.40 11.98
CA LEU C 636 -14.53 -19.46 12.79
C LEU C 636 -15.66 -20.29 13.43
N THR C 637 -15.39 -21.55 13.72
CA THR C 637 -16.41 -22.37 14.38
C THR C 637 -15.81 -23.03 15.59
N ASP C 638 -14.48 -22.95 15.71
CA ASP C 638 -13.77 -23.56 16.84
C ASP C 638 -12.29 -23.06 16.88
N LEU C 639 -11.70 -22.97 18.06
CA LEU C 639 -10.33 -22.51 18.18
C LEU C 639 -9.57 -23.22 19.28
N ARG C 640 -8.31 -23.56 19.01
CA ARG C 640 -7.47 -24.22 20.01
C ARG C 640 -6.22 -23.43 20.05
N LEU C 641 -5.52 -23.45 21.19
CA LEU C 641 -4.27 -22.72 21.28
C LEU C 641 -3.16 -23.59 21.83
N SER C 642 -1.99 -23.38 21.24
CA SER C 642 -0.75 -24.06 21.56
C SER C 642 -0.40 -23.95 23.04
N ALA C 643 0.55 -24.78 23.48
CA ALA C 643 1.01 -24.78 24.88
C ALA C 643 1.82 -23.52 25.16
N ASP C 644 2.64 -23.13 24.21
CA ASP C 644 3.45 -21.95 24.36
C ASP C 644 2.68 -20.70 23.88
N ARG C 645 1.37 -20.82 23.68
CA ARG C 645 0.54 -19.72 23.21
C ARG C 645 1.05 -19.07 21.92
N LYS C 646 1.90 -19.76 21.17
CA LYS C 646 2.43 -19.17 19.95
C LYS C 646 1.66 -19.58 18.69
N THR C 647 1.11 -20.79 18.68
CA THR C 647 0.37 -21.30 17.53
C THR C 647 -1.13 -21.38 17.73
N VAL C 648 -1.88 -20.99 16.71
CA VAL C 648 -3.31 -21.05 16.81
C VAL C 648 -3.86 -22.04 15.76
N MET C 649 -4.77 -22.90 16.20
CA MET C 649 -5.37 -23.86 15.32
C MET C 649 -6.85 -23.54 15.33
N VAL C 650 -7.48 -23.51 14.16
CA VAL C 650 -8.91 -23.22 14.12
C VAL C 650 -9.67 -24.06 13.10
N ARG C 651 -10.97 -23.97 13.17
CA ARG C 651 -11.84 -24.64 12.21
C ARG C 651 -12.73 -23.52 11.71
N LYS C 652 -12.96 -23.47 10.41
CA LYS C 652 -13.83 -22.42 9.89
C LYS C 652 -15.13 -23.00 9.44
N ASP C 653 -16.02 -22.10 9.02
CA ASP C 653 -17.36 -22.48 8.61
C ASP C 653 -17.38 -23.38 7.40
N ASP C 654 -16.25 -23.54 6.76
CA ASP C 654 -16.17 -24.44 5.60
C ASP C 654 -15.83 -25.85 6.06
N GLY C 655 -15.71 -26.04 7.37
CA GLY C 655 -15.40 -27.36 7.88
C GLY C 655 -13.93 -27.70 7.90
N LYS C 656 -13.11 -26.90 7.21
CA LYS C 656 -11.67 -27.12 7.18
C LYS C 656 -10.89 -26.59 8.40
N ILE C 657 -9.78 -27.24 8.68
CA ILE C 657 -8.93 -26.88 9.79
C ILE C 657 -7.72 -26.07 9.34
N TYR C 658 -7.44 -25.00 10.07
CA TYR C 658 -6.32 -24.14 9.74
C TYR C 658 -5.43 -23.89 10.91
N THR C 659 -4.25 -23.42 10.58
CA THR C 659 -3.26 -23.13 11.61
C THR C 659 -2.46 -21.88 11.24
N PHE C 660 -2.29 -20.99 12.21
CA PHE C 660 -1.53 -19.77 11.95
C PHE C 660 -0.80 -19.34 13.20
N PRO C 661 0.32 -18.63 13.02
CA PRO C 661 1.11 -18.15 14.17
C PRO C 661 0.39 -16.97 14.77
N LEU C 662 0.41 -16.88 16.08
CA LEU C 662 -0.25 -15.79 16.77
C LEU C 662 0.39 -14.46 16.38
N GLU C 663 1.66 -14.51 15.96
CA GLU C 663 2.42 -13.33 15.55
C GLU C 663 2.01 -12.82 14.15
N LYS C 664 1.76 -13.74 13.21
CA LYS C 664 1.40 -13.38 11.86
C LYS C 664 0.18 -14.18 11.39
N PRO C 665 -1.02 -13.86 11.92
CA PRO C 665 -2.26 -14.57 11.56
C PRO C 665 -2.56 -14.55 10.07
N GLU C 666 -1.79 -13.80 9.30
CA GLU C 666 -2.03 -13.74 7.87
C GLU C 666 -1.39 -14.94 7.22
N ASP C 667 -0.46 -15.58 7.94
CA ASP C 667 0.21 -16.77 7.39
C ASP C 667 -0.39 -18.09 7.91
N GLU C 668 -1.64 -18.36 7.56
CA GLU C 668 -2.26 -19.60 8.01
C GLU C 668 -2.07 -20.65 6.96
N ARG C 669 -2.05 -21.91 7.37
CA ARG C 669 -1.93 -23.04 6.46
C ARG C 669 -3.12 -23.93 6.72
N THR C 670 -3.50 -24.74 5.72
CA THR C 670 -4.62 -25.66 5.85
C THR C 670 -4.07 -26.98 6.31
N VAL C 671 -4.68 -27.56 7.33
CA VAL C 671 -4.21 -28.84 7.83
C VAL C 671 -4.80 -29.92 6.94
N GLU C 672 -3.93 -30.66 6.25
CA GLU C 672 -4.34 -31.73 5.37
C GLU C 672 -4.27 -33.04 6.15
N THR C 673 -5.36 -33.79 6.10
CA THR C 673 -5.47 -35.03 6.83
C THR C 673 -5.84 -36.20 5.94
N ASP C 674 -6.28 -35.90 4.73
CA ASP C 674 -6.72 -36.95 3.82
C ASP C 674 -5.71 -37.46 2.85
N LYS C 675 -4.44 -37.22 3.14
CA LYS C 675 -3.40 -37.69 2.25
C LYS C 675 -3.27 -39.21 2.42
N ARG C 676 -3.52 -39.69 3.63
CA ARG C 676 -3.44 -41.09 3.97
C ARG C 676 -4.83 -41.66 4.32
N PRO C 677 -5.19 -42.82 3.78
CA PRO C 677 -6.50 -43.44 4.08
C PRO C 677 -6.60 -43.90 5.53
N LEU C 678 -7.80 -43.94 6.05
CA LEU C 678 -8.00 -44.45 7.40
C LEU C 678 -8.23 -45.97 7.23
N VAL C 679 -7.58 -46.81 8.03
CA VAL C 679 -7.75 -48.25 7.87
C VAL C 679 -8.40 -48.91 9.09
N SER C 680 -9.46 -49.68 8.83
CA SER C 680 -10.16 -50.36 9.90
C SER C 680 -10.79 -51.69 9.49
N SER C 681 -11.31 -52.40 10.50
CA SER C 681 -11.98 -53.69 10.35
C SER C 681 -13.46 -53.60 10.66
N ILE C 682 -14.29 -53.90 9.67
CA ILE C 682 -15.73 -53.86 9.88
C ILE C 682 -16.17 -54.58 11.15
N HIS C 683 -15.76 -55.84 11.33
CA HIS C 683 -16.17 -56.58 12.50
C HIS C 683 -15.64 -56.04 13.81
N GLU C 684 -14.45 -55.44 13.80
CA GLU C 684 -13.95 -54.93 15.07
C GLU C 684 -14.77 -53.69 15.47
N GLU C 685 -15.13 -52.88 14.47
CA GLU C 685 -15.88 -51.65 14.71
C GLU C 685 -17.29 -51.94 15.09
N PHE C 686 -17.89 -52.92 14.41
CA PHE C 686 -19.27 -53.32 14.70
C PHE C 686 -19.40 -53.80 16.14
N LEU C 687 -18.46 -54.61 16.60
CA LEU C 687 -18.48 -55.07 17.98
C LEU C 687 -18.36 -53.90 18.90
N GLN C 688 -17.37 -53.06 18.60
CA GLN C 688 -17.11 -51.87 19.40
C GLN C 688 -18.36 -50.96 19.50
N MET C 689 -18.95 -50.64 18.34
CA MET C 689 -20.11 -49.79 18.28
C MET C 689 -21.33 -50.37 19.00
N TYR C 690 -21.54 -51.67 18.86
CA TYR C 690 -22.66 -52.32 19.53
C TYR C 690 -22.44 -52.17 21.02
N ASP C 691 -21.26 -52.56 21.50
CA ASP C 691 -20.99 -52.43 22.93
C ASP C 691 -21.16 -51.00 23.45
N GLU C 692 -20.77 -50.00 22.67
CA GLU C 692 -20.90 -48.61 23.10
C GLU C 692 -22.34 -48.19 23.16
N ALA C 693 -23.11 -48.58 22.15
CA ALA C 693 -24.53 -48.28 22.09
C ALA C 693 -25.21 -48.93 23.29
N TRP C 694 -24.87 -50.19 23.53
CA TRP C 694 -25.43 -50.92 24.66
C TRP C 694 -25.05 -50.26 25.98
N LYS C 695 -23.81 -49.79 26.07
CA LYS C 695 -23.33 -49.14 27.28
C LYS C 695 -23.94 -47.80 27.55
N LEU C 696 -24.21 -47.06 26.49
CA LEU C 696 -24.84 -45.75 26.63
C LEU C 696 -26.29 -45.96 27.04
N ALA C 697 -26.95 -46.86 26.37
CA ALA C 697 -28.33 -47.16 26.69
C ALA C 697 -28.48 -47.47 28.17
N ARG C 698 -27.49 -48.14 28.74
CA ARG C 698 -27.54 -48.48 30.16
C ARG C 698 -27.16 -47.33 31.07
N ASP C 699 -26.03 -46.71 30.76
CA ASP C 699 -25.55 -45.58 31.55
C ASP C 699 -26.50 -44.36 31.62
N ASN C 700 -27.23 -44.08 30.53
CA ASN C 700 -28.07 -42.90 30.48
C ASN C 700 -29.57 -43.05 30.70
N TYR C 701 -30.04 -44.29 30.73
CA TYR C 701 -31.47 -44.53 30.94
C TYR C 701 -31.84 -43.79 32.21
N TRP C 702 -32.99 -43.12 32.22
CA TRP C 702 -33.40 -42.32 33.37
C TRP C 702 -33.48 -43.07 34.68
N ASN C 703 -33.81 -44.36 34.60
CA ASN C 703 -33.95 -45.17 35.79
C ASN C 703 -32.83 -46.20 35.91
N GLU C 704 -31.94 -45.97 36.88
CA GLU C 704 -30.79 -46.84 37.12
C GLU C 704 -31.15 -48.30 37.43
N ALA C 705 -32.09 -48.52 38.35
CA ALA C 705 -32.46 -49.88 38.69
C ALA C 705 -32.88 -50.62 37.43
N VAL C 706 -33.85 -50.04 36.73
CA VAL C 706 -34.33 -50.64 35.51
C VAL C 706 -33.19 -50.90 34.56
N ALA C 707 -32.29 -49.93 34.42
CA ALA C 707 -31.17 -50.08 33.51
C ALA C 707 -30.30 -51.30 33.85
N LYS C 708 -30.20 -51.62 35.14
CA LYS C 708 -29.40 -52.76 35.58
C LYS C 708 -29.99 -54.07 35.07
N GLU C 709 -31.29 -54.26 35.26
CA GLU C 709 -31.89 -55.51 34.81
C GLU C 709 -32.07 -55.63 33.30
N ILE C 710 -32.60 -54.59 32.65
CA ILE C 710 -32.78 -54.59 31.20
C ILE C 710 -31.45 -54.81 30.46
N SER C 711 -30.45 -54.03 30.83
CA SER C 711 -29.16 -54.14 30.15
C SER C 711 -28.58 -55.56 30.20
N GLU C 712 -28.41 -56.10 31.41
CA GLU C 712 -27.84 -57.44 31.57
C GLU C 712 -28.64 -58.57 30.95
N ARG C 713 -29.93 -58.35 30.81
CA ARG C 713 -30.81 -59.33 30.25
C ARG C 713 -30.87 -59.28 28.71
N ILE C 714 -30.25 -58.28 28.08
CA ILE C 714 -30.32 -58.20 26.62
C ILE C 714 -28.98 -58.21 25.90
N TYR C 715 -27.92 -58.02 26.66
CA TYR C 715 -26.59 -57.95 26.08
C TYR C 715 -26.24 -59.07 25.09
N GLU C 716 -26.06 -60.28 25.61
CA GLU C 716 -25.70 -61.44 24.82
C GLU C 716 -26.66 -61.68 23.67
N LYS C 717 -27.95 -61.62 23.96
CA LYS C 717 -28.97 -61.86 22.95
C LYS C 717 -28.73 -61.08 21.65
N TYR C 718 -28.52 -59.78 21.75
CA TYR C 718 -28.28 -58.97 20.58
C TYR C 718 -26.81 -58.93 20.10
N ARG C 719 -25.89 -59.28 20.99
CA ARG C 719 -24.50 -59.33 20.63
C ARG C 719 -24.26 -60.50 19.65
N ASN C 720 -25.01 -61.59 19.81
CA ASN C 720 -24.87 -62.74 18.94
C ASN C 720 -25.21 -62.44 17.49
N LEU C 721 -25.91 -61.34 17.23
CA LEU C 721 -26.27 -61.04 15.85
C LEU C 721 -25.25 -60.13 15.20
N VAL C 722 -24.42 -59.50 15.99
CA VAL C 722 -23.45 -58.59 15.44
C VAL C 722 -22.53 -59.23 14.43
N PRO C 723 -22.01 -60.42 14.75
CA PRO C 723 -21.10 -61.06 13.77
C PRO C 723 -21.80 -61.41 12.43
N LEU C 724 -23.13 -61.41 12.39
CA LEU C 724 -23.82 -61.66 11.14
C LEU C 724 -23.94 -60.37 10.33
N CYS C 725 -23.71 -59.23 10.97
CA CYS C 725 -23.81 -57.96 10.26
C CYS C 725 -22.57 -57.66 9.40
N LYS C 726 -22.82 -57.27 8.15
CA LYS C 726 -21.76 -56.95 7.22
C LYS C 726 -21.89 -55.52 6.74
N THR C 727 -23.04 -54.88 7.01
CA THR C 727 -23.23 -53.50 6.61
C THR C 727 -23.73 -52.67 7.77
N ARG C 728 -23.53 -51.36 7.67
CA ARG C 728 -23.96 -50.46 8.71
C ARG C 728 -25.47 -50.62 8.99
N TYR C 729 -26.26 -50.76 7.92
CA TYR C 729 -27.69 -50.94 8.03
C TYR C 729 -27.97 -52.23 8.80
N ASP C 730 -27.13 -53.24 8.65
CA ASP C 730 -27.26 -54.50 9.38
C ASP C 730 -27.13 -54.21 10.86
N LEU C 731 -26.05 -53.48 11.22
CA LEU C 731 -25.78 -53.15 12.62
C LEU C 731 -26.92 -52.33 13.22
N SER C 732 -27.52 -51.47 12.38
CA SER C 732 -28.62 -50.65 12.78
C SER C 732 -29.80 -51.53 13.21
N ASN C 733 -30.12 -52.54 12.41
CA ASN C 733 -31.21 -53.43 12.75
C ASN C 733 -30.98 -54.07 14.08
N VAL C 734 -29.74 -54.45 14.32
CA VAL C 734 -29.43 -55.06 15.59
C VAL C 734 -29.47 -54.03 16.72
N ILE C 735 -28.78 -52.92 16.58
CA ILE C 735 -28.79 -51.90 17.64
C ILE C 735 -30.16 -51.33 18.04
N VAL C 736 -30.99 -50.99 17.07
CA VAL C 736 -32.33 -50.45 17.37
C VAL C 736 -33.20 -51.45 18.16
N GLU C 737 -33.14 -52.72 17.77
CA GLU C 737 -33.86 -53.77 18.44
C GLU C 737 -33.39 -53.87 19.88
N MET C 738 -32.09 -53.75 20.13
CA MET C 738 -31.68 -53.82 21.53
C MET C 738 -32.17 -52.57 22.22
N GLN C 739 -32.22 -51.42 21.53
CA GLN C 739 -32.73 -50.19 22.15
C GLN C 739 -34.23 -50.30 22.54
N GLY C 740 -35.03 -50.99 21.72
CA GLY C 740 -36.43 -51.18 22.01
C GLY C 740 -36.69 -51.90 23.33
N GLU C 741 -35.72 -52.74 23.76
CA GLU C 741 -35.80 -53.46 25.02
C GLU C 741 -36.09 -52.56 26.21
N TYR C 742 -35.87 -51.27 26.06
CA TYR C 742 -36.11 -50.34 27.16
C TYR C 742 -37.54 -49.90 27.16
N ARG C 743 -38.29 -50.32 26.14
CA ARG C 743 -39.70 -50.02 26.07
C ARG C 743 -40.07 -48.58 26.45
N THR C 744 -39.21 -47.65 26.09
CA THR C 744 -39.45 -46.25 26.41
C THR C 744 -39.37 -45.44 25.12
N SER C 745 -39.91 -44.24 25.14
CA SER C 745 -39.82 -43.37 23.97
C SER C 745 -38.37 -42.81 23.82
N HIS C 746 -38.18 -41.99 22.79
CA HIS C 746 -36.92 -41.31 22.52
C HIS C 746 -35.61 -42.10 22.44
N SER C 747 -35.67 -43.32 21.89
CA SER C 747 -34.51 -44.18 21.73
C SER C 747 -34.27 -44.19 20.26
N TYR C 748 -33.49 -43.22 19.80
CA TYR C 748 -33.24 -43.10 18.37
C TYR C 748 -31.83 -43.37 17.94
N GLU C 749 -31.66 -43.39 16.64
CA GLU C 749 -30.34 -43.63 16.05
C GLU C 749 -30.32 -42.70 14.84
N MET C 750 -29.50 -41.66 14.92
CA MET C 750 -29.39 -40.66 13.85
C MET C 750 -27.97 -40.55 13.27
N GLY C 751 -27.88 -40.06 12.04
CA GLY C 751 -26.58 -39.90 11.42
C GLY C 751 -25.89 -41.19 11.18
N GLY C 752 -24.59 -41.18 10.93
CA GLY C 752 -23.89 -42.42 10.68
C GLY C 752 -23.68 -42.50 9.20
N THR C 753 -22.82 -43.42 8.77
CA THR C 753 -22.53 -43.59 7.35
C THR C 753 -22.99 -44.97 6.94
N PHE C 754 -24.09 -45.05 6.18
CA PHE C 754 -24.64 -46.33 5.74
C PHE C 754 -24.36 -46.62 4.30
N THR C 755 -24.11 -45.57 3.53
CA THR C 755 -23.88 -45.72 2.09
C THR C 755 -22.98 -44.59 1.58
N ASP C 756 -22.51 -44.73 0.35
CA ASP C 756 -21.69 -43.69 -0.21
C ASP C 756 -22.43 -43.15 -1.44
N LYS C 757 -23.71 -43.52 -1.56
CA LYS C 757 -24.53 -43.08 -2.69
C LYS C 757 -25.09 -41.69 -2.48
N ASP C 758 -25.05 -40.87 -3.52
CA ASP C 758 -25.60 -39.52 -3.38
C ASP C 758 -27.09 -39.53 -3.12
N PRO C 759 -27.54 -38.68 -2.19
CA PRO C 759 -28.96 -38.62 -1.87
C PRO C 759 -29.83 -38.36 -3.11
N PHE C 760 -31.06 -38.89 -3.05
CA PHE C 760 -32.06 -38.71 -4.11
C PHE C 760 -32.44 -37.26 -4.19
N ARG C 761 -32.57 -36.75 -5.40
CA ARG C 761 -32.92 -35.35 -5.60
C ARG C 761 -34.35 -35.28 -6.11
N SER C 762 -35.01 -34.17 -5.82
CA SER C 762 -36.39 -33.98 -6.26
C SER C 762 -36.52 -32.53 -6.73
N GLY C 763 -37.18 -32.32 -7.86
CA GLY C 763 -37.36 -30.98 -8.38
C GLY C 763 -38.70 -30.41 -8.01
N ARG C 764 -38.74 -29.34 -7.24
CA ARG C 764 -40.03 -28.81 -6.85
C ARG C 764 -40.28 -27.36 -7.17
N ILE C 765 -41.54 -27.04 -7.47
CA ILE C 765 -41.95 -25.67 -7.77
C ILE C 765 -43.22 -25.36 -7.05
N ALA C 766 -43.48 -26.11 -5.99
CA ALA C 766 -44.67 -25.91 -5.18
C ALA C 766 -45.92 -25.92 -6.01
N CYS C 767 -46.07 -26.95 -6.82
CA CYS C 767 -47.25 -27.11 -7.65
C CYS C 767 -47.65 -28.58 -7.65
N ASP C 768 -48.91 -28.83 -7.96
CA ASP C 768 -49.38 -30.20 -8.08
C ASP C 768 -49.75 -30.39 -9.53
N PHE C 769 -49.15 -31.38 -10.18
CA PHE C 769 -49.45 -31.64 -11.57
C PHE C 769 -50.45 -32.76 -11.72
N LYS C 770 -51.26 -32.67 -12.77
CA LYS C 770 -52.26 -33.67 -13.09
C LYS C 770 -52.13 -34.06 -14.55
N LEU C 771 -51.97 -35.35 -14.83
CA LEU C 771 -51.83 -35.81 -16.21
C LEU C 771 -53.21 -35.88 -16.86
N ASP C 772 -53.54 -34.84 -17.61
CA ASP C 772 -54.81 -34.79 -18.29
C ASP C 772 -54.62 -34.90 -19.81
N GLY C 773 -55.05 -36.01 -20.39
CA GLY C 773 -54.83 -36.17 -21.81
C GLY C 773 -53.36 -36.54 -21.94
N ASP C 774 -52.60 -35.80 -22.73
CA ASP C 774 -51.17 -36.10 -22.85
C ASP C 774 -50.32 -34.89 -22.41
N HIS C 775 -50.93 -34.08 -21.55
CA HIS C 775 -50.32 -32.88 -21.01
C HIS C 775 -50.52 -32.82 -19.53
N TYR C 776 -49.59 -32.17 -18.86
CA TYR C 776 -49.68 -32.01 -17.43
C TYR C 776 -50.29 -30.64 -17.24
N VAL C 777 -51.21 -30.56 -16.29
CA VAL C 777 -51.86 -29.31 -15.97
C VAL C 777 -51.56 -29.03 -14.49
N VAL C 778 -51.30 -27.78 -14.17
CA VAL C 778 -51.05 -27.42 -12.79
C VAL C 778 -52.39 -27.54 -12.08
N ALA C 779 -52.51 -28.57 -11.26
CA ALA C 779 -53.74 -28.82 -10.51
C ALA C 779 -53.89 -27.88 -9.34
N LYS C 780 -52.76 -27.46 -8.75
CA LYS C 780 -52.74 -26.57 -7.61
C LYS C 780 -51.41 -25.83 -7.50
N ALA C 781 -51.50 -24.53 -7.19
CA ALA C 781 -50.32 -23.67 -7.03
C ALA C 781 -50.30 -23.15 -5.61
N TYR C 782 -49.50 -23.79 -4.76
CA TYR C 782 -49.38 -23.43 -3.33
C TYR C 782 -48.78 -22.04 -2.99
N ALA C 783 -49.39 -21.41 -1.98
CA ALA C 783 -48.98 -20.10 -1.50
C ALA C 783 -49.48 -19.86 -0.06
N GLY C 784 -48.58 -19.39 0.81
CA GLY C 784 -48.93 -19.08 2.18
C GLY C 784 -49.14 -17.55 2.21
N ASP C 785 -48.19 -16.82 2.78
CA ASP C 785 -48.28 -15.37 2.85
C ASP C 785 -47.40 -14.89 1.70
N TYR C 786 -48.02 -14.37 0.64
CA TYR C 786 -47.31 -13.91 -0.52
C TYR C 786 -46.10 -12.99 -0.22
N SER C 787 -46.17 -12.21 0.87
CA SER C 787 -45.10 -11.28 1.20
C SER C 787 -43.97 -11.89 2.04
N ASN C 788 -44.20 -13.06 2.63
CA ASN C 788 -43.12 -13.68 3.36
C ASN C 788 -42.12 -14.27 2.40
N GLU C 789 -41.01 -14.72 2.94
CA GLU C 789 -39.97 -15.34 2.14
C GLU C 789 -40.24 -16.83 2.05
N GLY C 790 -40.07 -17.37 0.86
CA GLY C 790 -40.26 -18.79 0.62
C GLY C 790 -41.58 -19.40 0.97
N GLU C 791 -42.69 -18.76 0.61
CA GLU C 791 -44.03 -19.31 0.91
C GLU C 791 -44.96 -19.39 -0.30
N LYS C 792 -44.40 -19.57 -1.48
CA LYS C 792 -45.26 -19.65 -2.64
C LYS C 792 -44.48 -20.26 -3.77
N SER C 793 -45.15 -20.61 -4.85
CA SER C 793 -44.47 -21.18 -5.98
C SER C 793 -43.71 -20.08 -6.67
N PRO C 794 -42.43 -20.33 -7.00
CA PRO C 794 -41.57 -19.33 -7.67
C PRO C 794 -42.16 -18.74 -8.93
N ILE C 795 -43.20 -19.37 -9.49
CA ILE C 795 -43.84 -18.84 -10.69
C ILE C 795 -44.55 -17.53 -10.35
N PHE C 796 -45.07 -17.41 -9.13
CA PHE C 796 -45.77 -16.18 -8.76
C PHE C 796 -44.95 -14.91 -8.97
N GLU C 797 -43.64 -15.02 -8.81
CA GLU C 797 -42.77 -13.87 -8.99
C GLU C 797 -42.90 -13.22 -10.36
N TYR C 798 -43.42 -13.99 -11.32
CA TYR C 798 -43.62 -13.45 -12.66
C TYR C 798 -44.98 -12.82 -12.83
N GLY C 799 -45.72 -12.74 -11.73
CA GLY C 799 -47.01 -12.12 -11.77
C GLY C 799 -48.12 -12.92 -12.37
N ILE C 800 -48.15 -14.24 -12.14
CA ILE C 800 -49.26 -15.05 -12.64
C ILE C 800 -49.44 -16.26 -11.76
N ASP C 801 -50.69 -16.71 -11.63
CA ASP C 801 -51.01 -17.90 -10.85
C ASP C 801 -51.05 -19.01 -11.86
N PRO C 802 -50.12 -19.97 -11.76
CA PRO C 802 -49.98 -21.14 -12.64
C PRO C 802 -51.11 -22.13 -12.64
N THR C 803 -52.02 -22.00 -11.67
CA THR C 803 -53.14 -22.91 -11.57
C THR C 803 -53.92 -22.96 -12.89
N GLY C 804 -54.18 -24.17 -13.35
CA GLY C 804 -54.91 -24.31 -14.57
C GLY C 804 -54.09 -24.31 -15.85
N TYR C 805 -52.88 -23.75 -15.83
CA TYR C 805 -52.04 -23.74 -17.03
C TYR C 805 -51.53 -25.14 -17.35
N LEU C 806 -51.08 -25.32 -18.58
CA LEU C 806 -50.54 -26.57 -19.06
C LEU C 806 -49.05 -26.39 -19.22
N ILE C 807 -48.30 -27.38 -18.76
CA ILE C 807 -46.87 -27.28 -18.88
C ILE C 807 -46.47 -27.94 -20.17
N GLU C 808 -46.15 -27.13 -21.16
CA GLU C 808 -45.72 -27.63 -22.46
C GLU C 808 -44.39 -28.36 -22.33
N ASP C 809 -43.38 -27.67 -21.80
CA ASP C 809 -42.07 -28.27 -21.65
C ASP C 809 -41.17 -27.52 -20.67
N ILE C 810 -40.06 -28.16 -20.35
CA ILE C 810 -39.10 -27.62 -19.41
C ILE C 810 -37.73 -27.73 -20.04
N ASP C 811 -37.05 -26.59 -20.21
CA ASP C 811 -35.72 -26.53 -20.81
C ASP C 811 -35.69 -27.22 -22.17
N GLY C 812 -36.62 -26.83 -23.03
CA GLY C 812 -36.70 -27.40 -24.36
C GLY C 812 -37.21 -28.83 -24.41
N GLU C 813 -37.31 -29.51 -23.29
CA GLU C 813 -37.80 -30.88 -23.31
C GLU C 813 -39.29 -30.99 -23.04
N THR C 814 -39.99 -31.58 -24.00
CA THR C 814 -41.42 -31.77 -23.88
C THR C 814 -41.74 -32.73 -22.75
N VAL C 815 -42.71 -32.34 -21.93
CA VAL C 815 -43.16 -33.19 -20.83
C VAL C 815 -44.65 -33.50 -21.04
N GLY C 816 -45.09 -34.64 -20.55
CA GLY C 816 -46.47 -35.00 -20.71
C GLY C 816 -46.62 -36.50 -20.73
N ALA C 817 -47.65 -36.96 -21.43
CA ALA C 817 -47.95 -38.40 -21.55
C ALA C 817 -46.74 -39.33 -21.64
N GLY C 818 -45.76 -38.95 -22.45
CA GLY C 818 -44.60 -39.81 -22.54
C GLY C 818 -43.37 -39.25 -21.87
N SER C 819 -43.54 -38.36 -20.89
CA SER C 819 -42.38 -37.77 -20.26
C SER C 819 -42.64 -37.32 -18.84
N ASN C 820 -42.10 -38.11 -17.93
CA ASN C 820 -42.20 -37.92 -16.50
C ASN C 820 -41.71 -36.56 -16.05
N ILE C 821 -42.63 -35.64 -15.78
CA ILE C 821 -42.25 -34.31 -15.35
C ILE C 821 -41.47 -34.33 -14.02
N TYR C 822 -41.81 -35.24 -13.12
CA TYR C 822 -41.12 -35.33 -11.84
C TYR C 822 -39.63 -35.56 -12.06
N ARG C 823 -39.28 -36.42 -13.01
CA ARG C 823 -37.87 -36.70 -13.32
C ARG C 823 -37.16 -35.50 -13.95
N VAL C 824 -37.78 -34.88 -14.95
CA VAL C 824 -37.18 -33.74 -15.61
C VAL C 824 -36.89 -32.71 -14.53
N LEU C 825 -37.87 -32.42 -13.68
CA LEU C 825 -37.64 -31.45 -12.63
C LEU C 825 -36.51 -31.95 -11.74
N SER C 826 -36.51 -33.24 -11.48
CA SER C 826 -35.52 -33.84 -10.62
C SER C 826 -34.13 -33.40 -11.04
N GLU C 827 -33.88 -33.44 -12.35
CA GLU C 827 -32.57 -33.10 -12.92
C GLU C 827 -32.23 -31.61 -13.07
N LYS C 828 -33.15 -30.74 -12.67
CA LYS C 828 -32.94 -29.30 -12.74
C LYS C 828 -32.96 -28.69 -11.34
N ALA C 829 -33.20 -29.52 -10.33
CA ALA C 829 -33.29 -29.04 -8.97
C ALA C 829 -32.08 -28.21 -8.63
N GLY C 830 -32.33 -27.07 -7.99
CA GLY C 830 -31.24 -26.23 -7.58
C GLY C 830 -30.80 -25.22 -8.63
N THR C 831 -31.49 -25.16 -9.75
CA THR C 831 -31.14 -24.20 -10.81
C THR C 831 -32.41 -23.63 -11.41
N SER C 832 -32.29 -22.75 -12.41
CA SER C 832 -33.45 -22.18 -13.03
C SER C 832 -33.55 -22.78 -14.39
N ALA C 833 -34.78 -23.13 -14.75
CA ALA C 833 -35.05 -23.73 -16.04
C ALA C 833 -36.15 -22.96 -16.76
N ARG C 834 -36.05 -22.95 -18.08
CA ARG C 834 -37.06 -22.28 -18.86
C ARG C 834 -38.31 -23.20 -18.91
N ILE C 835 -39.44 -22.70 -18.42
CA ILE C 835 -40.66 -23.47 -18.43
C ILE C 835 -41.61 -22.81 -19.42
N ARG C 836 -42.24 -23.59 -20.28
CA ARG C 836 -43.21 -23.05 -21.25
C ARG C 836 -44.60 -23.38 -20.70
N LEU C 837 -45.43 -22.38 -20.47
CA LEU C 837 -46.78 -22.63 -19.96
C LEU C 837 -47.87 -22.14 -20.94
N SER C 838 -49.05 -22.74 -20.87
CA SER C 838 -50.18 -22.35 -21.71
C SER C 838 -51.45 -22.25 -20.88
N GLY C 839 -52.12 -21.11 -20.96
CA GLY C 839 -53.35 -20.94 -20.20
C GLY C 839 -54.58 -20.69 -21.07
N LYS C 840 -55.50 -19.87 -20.57
CA LYS C 840 -56.73 -19.52 -21.28
C LYS C 840 -56.41 -18.90 -22.63
N GLY C 841 -56.84 -19.57 -23.69
CA GLY C 841 -56.59 -19.10 -25.05
C GLY C 841 -55.12 -19.13 -25.42
N GLY C 842 -54.74 -18.20 -26.29
CA GLY C 842 -53.36 -18.11 -26.72
C GLY C 842 -52.47 -17.57 -25.61
N ASP C 843 -52.85 -17.79 -24.36
CA ASP C 843 -52.06 -17.29 -23.24
C ASP C 843 -50.82 -18.19 -23.06
N LYS C 844 -49.72 -17.85 -23.73
CA LYS C 844 -48.51 -18.63 -23.64
C LYS C 844 -47.39 -17.90 -22.92
N ARG C 845 -46.75 -18.54 -21.95
CA ARG C 845 -45.66 -17.93 -21.20
C ARG C 845 -44.36 -18.70 -21.26
N ASP C 846 -43.27 -17.97 -21.24
CA ASP C 846 -41.95 -18.59 -21.30
C ASP C 846 -41.09 -17.95 -20.18
N LEU C 847 -40.97 -18.66 -19.06
CA LEU C 847 -40.25 -18.12 -17.91
C LEU C 847 -39.07 -18.94 -17.36
N MET C 848 -38.13 -18.27 -16.71
CA MET C 848 -37.01 -18.97 -16.11
C MET C 848 -37.45 -19.16 -14.67
N ILE C 849 -37.79 -20.40 -14.34
CA ILE C 849 -38.28 -20.71 -13.02
C ILE C 849 -37.27 -21.37 -12.09
N ASP C 850 -37.23 -20.89 -10.87
CA ASP C 850 -36.33 -21.49 -9.92
C ASP C 850 -36.95 -22.84 -9.57
N ILE C 851 -36.13 -23.89 -9.63
CA ILE C 851 -36.60 -25.21 -9.29
C ILE C 851 -36.00 -25.57 -7.93
N LEU C 852 -36.86 -25.59 -6.90
CA LEU C 852 -36.44 -25.87 -5.55
C LEU C 852 -36.01 -27.30 -5.28
N ASP C 853 -35.23 -27.51 -4.23
CA ASP C 853 -34.82 -28.86 -3.88
C ASP C 853 -35.92 -29.45 -3.00
N ASP C 854 -36.69 -28.55 -2.38
CA ASP C 854 -37.77 -28.96 -1.48
C ASP C 854 -38.86 -27.88 -1.48
N ASP C 855 -40.06 -28.24 -1.04
CA ASP C 855 -41.13 -27.26 -1.01
C ASP C 855 -42.14 -27.56 0.11
N ARG C 856 -41.71 -28.36 1.07
CA ARG C 856 -42.52 -28.75 2.21
C ARG C 856 -43.00 -27.53 2.98
N PHE C 857 -42.08 -26.63 3.29
CA PHE C 857 -42.44 -25.42 4.04
C PHE C 857 -43.53 -24.61 3.31
N ILE C 858 -43.40 -24.47 2.01
CA ILE C 858 -44.40 -23.76 1.23
C ILE C 858 -45.76 -24.48 1.37
N ARG C 859 -45.79 -25.80 1.25
CA ARG C 859 -47.03 -26.53 1.39
C ARG C 859 -47.61 -26.29 2.77
N TYR C 860 -46.75 -26.37 3.78
CA TYR C 860 -47.14 -26.17 5.16
C TYR C 860 -47.83 -24.83 5.37
N ARG C 861 -47.16 -23.74 5.03
CA ARG C 861 -47.72 -22.39 5.26
C ARG C 861 -49.03 -22.17 4.46
N SER C 862 -49.11 -22.83 3.32
CA SER C 862 -50.27 -22.77 2.46
C SER C 862 -51.47 -23.39 3.26
N TRP C 863 -51.21 -24.55 3.81
CA TRP C 863 -52.15 -25.30 4.60
C TRP C 863 -52.61 -24.43 5.78
N VAL C 864 -51.64 -23.82 6.47
CA VAL C 864 -51.97 -23.00 7.60
C VAL C 864 -52.83 -21.82 7.21
N GLU C 865 -52.50 -21.16 6.13
CA GLU C 865 -53.31 -20.03 5.70
C GLU C 865 -54.69 -20.45 5.16
N ALA C 866 -54.76 -21.68 4.67
CA ALA C 866 -56.03 -22.17 4.21
C ALA C 866 -56.92 -22.38 5.45
N ASN C 867 -56.40 -23.08 6.45
CA ASN C 867 -57.18 -23.33 7.64
C ASN C 867 -57.53 -22.05 8.31
N ARG C 868 -56.62 -21.08 8.24
CA ARG C 868 -56.85 -19.81 8.87
C ARG C 868 -57.96 -19.07 8.11
N ARG C 869 -57.95 -19.14 6.79
CA ARG C 869 -59.04 -18.46 6.08
C ARG C 869 -60.40 -19.10 6.35
N TYR C 870 -60.38 -20.43 6.42
CA TYR C 870 -61.53 -21.25 6.66
C TYR C 870 -62.16 -20.91 8.01
N VAL C 871 -61.38 -20.92 9.08
CA VAL C 871 -61.88 -20.59 10.39
C VAL C 871 -62.48 -19.19 10.43
N HIS C 872 -61.84 -18.21 9.80
CA HIS C 872 -62.37 -16.85 9.75
C HIS C 872 -63.70 -16.80 9.03
N GLU C 873 -63.87 -17.62 7.98
CA GLU C 873 -65.13 -17.59 7.25
C GLU C 873 -66.26 -18.33 7.90
N ARG C 874 -65.94 -19.47 8.52
CA ARG C 874 -66.95 -20.26 9.16
C ARG C 874 -67.46 -19.66 10.49
N SER C 875 -66.63 -18.87 11.17
CA SER C 875 -67.01 -18.25 12.44
C SER C 875 -67.46 -16.85 12.16
N LYS C 876 -67.50 -16.52 10.87
CA LYS C 876 -67.95 -15.20 10.40
C LYS C 876 -67.04 -14.12 10.96
N GLY C 877 -65.74 -14.39 10.98
CA GLY C 877 -64.81 -13.39 11.48
C GLY C 877 -64.77 -13.28 12.99
N THR C 878 -65.29 -14.28 13.70
CA THR C 878 -65.28 -14.20 15.16
C THR C 878 -64.25 -15.09 15.86
N ILE C 879 -63.54 -15.92 15.10
CA ILE C 879 -62.58 -16.84 15.67
C ILE C 879 -61.20 -16.84 14.99
N GLY C 880 -60.13 -16.81 15.80
CA GLY C 880 -58.79 -16.80 15.25
C GLY C 880 -58.26 -18.20 15.12
N TYR C 881 -57.11 -18.35 14.46
CA TYR C 881 -56.49 -19.63 14.28
C TYR C 881 -54.96 -19.56 14.25
N ILE C 882 -54.33 -20.50 14.96
CA ILE C 882 -52.91 -20.61 15.07
C ILE C 882 -52.50 -22.08 15.01
N HIS C 883 -51.42 -22.37 14.29
CA HIS C 883 -50.94 -23.74 14.25
C HIS C 883 -49.51 -23.84 14.74
N ILE C 884 -49.23 -24.90 15.50
CA ILE C 884 -47.86 -25.08 16.02
C ILE C 884 -47.33 -26.40 15.50
N PRO C 885 -46.41 -26.34 14.52
CA PRO C 885 -45.76 -27.47 13.88
C PRO C 885 -44.83 -28.31 14.80
N ASP C 886 -44.12 -27.67 15.73
CA ASP C 886 -43.31 -28.41 16.67
C ASP C 886 -43.05 -27.54 17.82
N MET C 887 -42.25 -28.01 18.76
CA MET C 887 -41.95 -27.22 19.95
C MET C 887 -40.47 -26.84 19.93
N GLY C 888 -39.98 -26.60 18.73
CA GLY C 888 -38.62 -26.20 18.54
C GLY C 888 -38.61 -24.76 18.04
N MET C 889 -37.63 -24.39 17.22
CA MET C 889 -37.56 -23.04 16.76
C MET C 889 -38.68 -22.80 15.74
N MET C 890 -38.93 -23.78 14.89
CA MET C 890 -40.00 -23.57 13.92
C MET C 890 -41.32 -23.31 14.65
N GLY C 891 -41.56 -24.00 15.76
CA GLY C 891 -42.81 -23.78 16.47
C GLY C 891 -42.94 -22.41 17.02
N LEU C 892 -41.82 -21.88 17.48
CA LEU C 892 -41.76 -20.52 18.05
C LEU C 892 -42.06 -19.50 16.95
N ASN C 893 -41.55 -19.73 15.76
CA ASN C 893 -41.80 -18.85 14.63
C ASN C 893 -43.23 -18.77 14.20
N GLU C 894 -43.80 -19.95 13.97
CA GLU C 894 -45.18 -20.10 13.54
C GLU C 894 -46.18 -19.64 14.58
N PHE C 895 -45.96 -20.02 15.82
CA PHE C 895 -46.84 -19.57 16.86
C PHE C 895 -46.91 -18.01 16.82
N TYR C 896 -45.77 -17.33 16.93
CA TYR C 896 -45.83 -15.89 16.90
C TYR C 896 -46.29 -15.33 15.57
N ARG C 897 -45.92 -15.98 14.48
CA ARG C 897 -46.29 -15.48 13.14
C ARG C 897 -47.77 -15.23 13.02
N LEU C 898 -48.56 -16.06 13.69
CA LEU C 898 -49.99 -15.90 13.68
C LEU C 898 -50.49 -15.30 14.97
N PHE C 899 -49.88 -15.68 16.08
CA PHE C 899 -50.34 -15.15 17.35
C PHE C 899 -50.59 -13.65 17.38
N ILE C 900 -49.69 -12.88 16.80
CA ILE C 900 -49.82 -11.44 16.83
C ILE C 900 -51.00 -10.87 16.05
N ASN C 901 -51.73 -11.72 15.32
CA ASN C 901 -52.89 -11.24 14.56
C ASN C 901 -54.13 -12.00 14.85
N GLU C 902 -54.02 -13.11 15.57
CA GLU C 902 -55.18 -13.96 15.81
C GLU C 902 -55.60 -14.06 17.24
N SER C 903 -54.89 -13.38 18.11
CA SER C 903 -55.19 -13.48 19.51
C SER C 903 -56.34 -12.62 20.01
N SER C 904 -56.80 -11.69 19.17
CA SER C 904 -57.88 -10.77 19.60
C SER C 904 -59.24 -10.98 19.02
N TYR C 905 -59.58 -12.21 18.70
CA TYR C 905 -60.91 -12.52 18.21
C TYR C 905 -61.65 -12.96 19.45
N GLN C 906 -62.96 -13.08 19.33
CA GLN C 906 -63.79 -13.56 20.42
C GLN C 906 -63.30 -14.93 20.85
N GLY C 907 -62.85 -15.74 19.89
CA GLY C 907 -62.35 -17.07 20.19
C GLY C 907 -61.06 -17.37 19.45
N LEU C 908 -60.35 -18.39 19.91
CA LEU C 908 -59.10 -18.75 19.32
C LEU C 908 -58.90 -20.26 19.29
N ILE C 909 -58.50 -20.77 18.13
CA ILE C 909 -58.25 -22.17 18.02
C ILE C 909 -56.75 -22.33 17.98
N VAL C 910 -56.23 -23.20 18.84
CA VAL C 910 -54.81 -23.47 18.87
C VAL C 910 -54.66 -24.90 18.42
N ASP C 911 -54.34 -25.08 17.14
CA ASP C 911 -54.18 -26.41 16.53
C ASP C 911 -52.75 -26.87 16.75
N VAL C 912 -52.56 -27.95 17.50
CA VAL C 912 -51.22 -28.43 17.62
C VAL C 912 -51.11 -29.80 17.02
N ARG C 913 -51.95 -30.14 16.05
CA ARG C 913 -51.88 -31.45 15.42
C ARG C 913 -50.56 -31.61 14.66
N PHE C 914 -50.00 -32.82 14.66
CA PHE C 914 -48.74 -33.15 14.01
C PHE C 914 -47.54 -32.45 14.65
N ASN C 915 -47.74 -31.93 15.85
CA ASN C 915 -46.66 -31.23 16.52
C ASN C 915 -45.51 -32.19 16.91
N GLY C 916 -44.37 -31.93 16.30
CA GLY C 916 -43.20 -32.76 16.51
C GLY C 916 -42.52 -32.71 17.86
N GLY C 917 -43.01 -31.91 18.81
CA GLY C 917 -42.34 -31.85 20.09
C GLY C 917 -41.11 -30.95 20.10
N GLY C 918 -40.36 -31.02 21.18
CA GLY C 918 -39.18 -30.18 21.33
C GLY C 918 -39.05 -29.79 22.77
N PHE C 919 -39.21 -28.50 23.07
CA PHE C 919 -39.09 -28.07 24.46
C PHE C 919 -39.68 -26.67 24.75
N VAL C 920 -40.28 -26.01 23.77
CA VAL C 920 -40.78 -24.68 24.07
C VAL C 920 -42.24 -24.58 24.48
N SER C 921 -42.86 -25.72 24.72
CA SER C 921 -44.26 -25.74 25.11
C SER C 921 -44.52 -24.83 26.28
N GLN C 922 -43.62 -24.84 27.25
CA GLN C 922 -43.80 -23.96 28.41
C GLN C 922 -43.78 -22.47 28.02
N LEU C 923 -42.93 -22.06 27.07
CA LEU C 923 -42.89 -20.65 26.67
C LEU C 923 -44.18 -20.26 25.96
N ILE C 924 -44.79 -21.19 25.26
CA ILE C 924 -46.03 -20.89 24.55
C ILE C 924 -47.25 -20.91 25.50
N ILE C 925 -47.28 -21.91 26.39
CA ILE C 925 -48.34 -22.03 27.37
C ILE C 925 -48.42 -20.75 28.19
N GLU C 926 -47.24 -20.15 28.46
CA GLU C 926 -47.12 -18.88 29.24
C GLU C 926 -47.86 -17.71 28.60
N LYS C 927 -47.73 -17.65 27.28
CA LYS C 927 -48.40 -16.64 26.50
C LYS C 927 -49.90 -16.90 26.57
N LEU C 928 -50.33 -18.13 26.31
CA LEU C 928 -51.75 -18.46 26.34
C LEU C 928 -52.35 -18.29 27.70
N MET C 929 -51.50 -18.32 28.73
CA MET C 929 -51.96 -18.20 30.12
C MET C 929 -52.30 -16.77 30.49
N ASN C 930 -51.76 -15.83 29.76
CA ASN C 930 -52.03 -14.44 30.05
C ASN C 930 -53.52 -14.09 30.03
N LYS C 931 -54.03 -13.65 31.16
CA LYS C 931 -55.42 -13.28 31.24
C LYS C 931 -55.53 -11.76 31.07
N ARG C 932 -56.37 -11.33 30.13
CA ARG C 932 -56.58 -9.90 29.87
C ARG C 932 -57.41 -9.26 30.98
N ILE C 933 -56.83 -8.29 31.67
CA ILE C 933 -57.53 -7.67 32.78
C ILE C 933 -57.64 -6.16 32.68
N GLY C 934 -57.09 -5.62 31.61
CA GLY C 934 -57.17 -4.19 31.45
C GLY C 934 -57.05 -3.70 30.03
N TYR C 935 -57.23 -2.39 29.88
CA TYR C 935 -57.12 -1.78 28.58
C TYR C 935 -56.52 -0.41 28.75
N ASP C 936 -56.02 0.08 27.64
CA ASP C 936 -55.38 1.37 27.57
C ASP C 936 -56.22 2.23 26.65
N ASN C 937 -56.66 3.40 27.14
CA ASN C 937 -57.45 4.31 26.33
C ASN C 937 -56.67 5.52 25.85
N PRO C 938 -56.46 5.60 24.55
CA PRO C 938 -55.71 6.71 23.96
C PRO C 938 -56.56 7.87 23.49
N ARG C 939 -55.91 9.05 23.39
CA ARG C 939 -56.61 10.22 22.90
C ARG C 939 -57.00 9.98 21.45
N ARG C 940 -56.10 9.33 20.73
CA ARG C 940 -56.32 8.99 19.32
C ARG C 940 -55.83 7.55 19.08
N GLY C 941 -56.53 6.82 18.21
CA GLY C 941 -56.14 5.44 17.98
C GLY C 941 -57.12 4.47 18.66
N THR C 942 -56.71 3.21 18.81
CA THR C 942 -57.60 2.21 19.42
C THR C 942 -57.12 1.67 20.78
N LEU C 943 -57.94 0.88 21.44
CA LEU C 943 -57.57 0.32 22.70
C LEU C 943 -56.36 -0.56 22.63
N SER C 944 -55.56 -0.57 23.69
CA SER C 944 -54.41 -1.46 23.77
C SER C 944 -54.72 -2.43 24.90
N PRO C 945 -54.68 -3.73 24.67
CA PRO C 945 -54.99 -4.70 25.73
C PRO C 945 -53.82 -4.93 26.70
N TYR C 946 -54.14 -5.24 27.95
CA TYR C 946 -53.14 -5.49 28.98
C TYR C 946 -53.46 -6.84 29.66
N PRO C 947 -52.55 -7.83 29.56
CA PRO C 947 -51.26 -7.71 28.90
C PRO C 947 -51.47 -7.67 27.36
N THR C 948 -50.45 -7.17 26.67
CA THR C 948 -50.40 -7.10 25.23
C THR C 948 -50.42 -8.54 24.68
N ASN C 949 -49.69 -9.45 25.32
CA ASN C 949 -49.70 -10.80 24.85
C ASN C 949 -50.76 -11.66 25.48
N SER C 950 -51.99 -11.23 25.41
CA SER C 950 -53.05 -12.01 26.01
C SER C 950 -54.08 -12.32 24.96
N VAL C 951 -54.74 -13.45 25.16
CA VAL C 951 -55.80 -13.86 24.27
C VAL C 951 -57.03 -13.10 24.77
N ARG C 952 -57.84 -12.67 23.83
CA ARG C 952 -59.03 -11.92 24.18
C ARG C 952 -60.17 -12.73 24.77
N GLY C 953 -60.51 -13.87 24.14
CA GLY C 953 -61.61 -14.70 24.58
C GLY C 953 -61.33 -16.16 24.88
N LYS C 954 -62.24 -17.03 24.41
CA LYS C 954 -62.15 -18.46 24.65
C LYS C 954 -61.13 -19.16 23.76
N ILE C 955 -60.43 -20.15 24.31
CA ILE C 955 -59.45 -20.85 23.55
C ILE C 955 -59.86 -22.28 23.41
N ILE C 956 -59.49 -22.87 22.30
CA ILE C 956 -59.83 -24.25 22.05
C ILE C 956 -58.58 -24.89 21.40
N ALA C 957 -58.17 -26.03 21.94
CA ALA C 957 -57.01 -26.74 21.40
C ALA C 957 -57.42 -27.97 20.61
N ILE C 958 -56.67 -28.20 19.54
CA ILE C 958 -56.87 -29.35 18.68
C ILE C 958 -55.57 -30.12 18.64
N THR C 959 -55.65 -31.44 18.87
CA THR C 959 -54.47 -32.31 18.86
C THR C 959 -54.83 -33.70 18.28
N ASN C 960 -53.82 -34.44 17.81
CA ASN C 960 -54.03 -35.78 17.31
C ASN C 960 -52.88 -36.71 17.76
N GLU C 961 -52.89 -37.94 17.25
CA GLU C 961 -51.93 -38.94 17.60
C GLU C 961 -50.59 -38.64 17.00
N TYR C 962 -50.49 -37.56 16.24
CA TYR C 962 -49.21 -37.23 15.60
C TYR C 962 -48.53 -36.07 16.30
N ALA C 963 -49.12 -35.63 17.41
CA ALA C 963 -48.58 -34.59 18.23
C ALA C 963 -47.95 -35.39 19.36
N GLY C 964 -46.67 -35.19 19.64
CA GLY C 964 -46.08 -35.95 20.73
C GLY C 964 -44.97 -35.22 21.47
N SER C 965 -44.50 -35.89 22.52
CA SER C 965 -43.40 -35.40 23.34
C SER C 965 -43.70 -34.06 23.94
N ASP C 966 -42.96 -33.02 23.60
CA ASP C 966 -43.27 -31.73 24.18
C ASP C 966 -44.70 -31.41 23.74
N GLY C 967 -45.13 -32.08 22.67
CA GLY C 967 -46.49 -31.93 22.18
C GLY C 967 -47.46 -32.65 23.12
N ASP C 968 -46.98 -33.68 23.83
CA ASP C 968 -47.77 -34.42 24.80
C ASP C 968 -47.88 -33.48 26.01
N ILE C 969 -46.75 -32.91 26.38
CA ILE C 969 -46.67 -32.02 27.51
C ILE C 969 -47.60 -30.82 27.35
N PHE C 970 -47.48 -30.14 26.22
CA PHE C 970 -48.34 -28.99 25.97
C PHE C 970 -49.83 -29.41 26.11
N SER C 971 -50.19 -30.55 25.53
CA SER C 971 -51.54 -31.08 25.54
C SER C 971 -52.07 -31.30 26.94
N PHE C 972 -51.30 -32.01 27.74
CA PHE C 972 -51.67 -32.28 29.12
C PHE C 972 -51.82 -30.97 29.90
N SER C 973 -50.90 -30.06 29.63
CA SER C 973 -50.83 -28.73 30.27
C SER C 973 -52.05 -27.86 30.04
N PHE C 974 -52.47 -27.80 28.78
CA PHE C 974 -53.62 -27.02 28.39
C PHE C 974 -54.83 -27.48 29.23
N LYS C 975 -55.05 -28.79 29.37
CA LYS C 975 -56.14 -29.25 30.16
C LYS C 975 -55.88 -28.93 31.61
N LYS C 976 -54.72 -29.33 32.11
CA LYS C 976 -54.37 -29.13 33.51
C LYS C 976 -54.52 -27.69 34.00
N LEU C 977 -54.16 -26.69 33.18
CA LEU C 977 -54.30 -25.29 33.58
C LEU C 977 -55.69 -24.72 33.26
N GLY C 978 -56.52 -25.56 32.67
CA GLY C 978 -57.85 -25.16 32.31
C GLY C 978 -57.94 -24.02 31.32
N LEU C 979 -57.04 -24.01 30.33
CA LEU C 979 -57.00 -22.96 29.30
C LEU C 979 -58.17 -23.10 28.32
N GLY C 980 -58.76 -24.29 28.25
CA GLY C 980 -59.88 -24.53 27.36
C GLY C 980 -60.11 -26.01 27.17
N LYS C 981 -60.98 -26.39 26.24
CA LYS C 981 -61.24 -27.79 25.96
C LYS C 981 -60.22 -28.29 24.97
N LEU C 982 -59.86 -29.58 25.06
CA LEU C 982 -58.90 -30.18 24.14
C LEU C 982 -59.66 -31.12 23.22
N ILE C 983 -59.52 -30.91 21.91
CA ILE C 983 -60.24 -31.70 20.88
C ILE C 983 -59.33 -32.55 19.99
N GLY C 984 -59.82 -33.69 19.54
CA GLY C 984 -59.03 -34.55 18.66
C GLY C 984 -58.93 -36.01 19.04
N THR C 985 -57.71 -36.52 19.03
CA THR C 985 -57.44 -37.93 19.40
C THR C 985 -56.20 -38.00 20.30
N ARG C 986 -56.18 -38.99 21.19
CA ARG C 986 -55.07 -39.20 22.11
C ARG C 986 -53.73 -39.07 21.38
N THR C 987 -52.81 -38.36 22.03
CA THR C 987 -51.48 -38.08 21.50
C THR C 987 -50.47 -39.21 21.62
N TRP C 988 -49.34 -39.03 20.95
CA TRP C 988 -48.23 -39.96 20.88
C TRP C 988 -47.85 -40.71 22.14
N GLY C 989 -47.62 -39.97 23.22
CA GLY C 989 -47.24 -40.60 24.48
C GLY C 989 -45.75 -40.84 24.77
N GLY C 990 -44.89 -39.97 24.29
CA GLY C 990 -43.47 -40.15 24.53
C GLY C 990 -42.90 -38.96 25.29
N VAL C 991 -42.81 -39.09 26.60
CA VAL C 991 -42.33 -37.98 27.39
C VAL C 991 -41.11 -38.25 28.24
N VAL C 992 -40.14 -38.97 27.69
CA VAL C 992 -38.90 -39.15 28.42
C VAL C 992 -37.83 -38.51 27.53
N GLY C 993 -37.43 -37.28 27.87
CA GLY C 993 -36.47 -36.56 27.09
C GLY C 993 -35.03 -37.05 26.99
N ILE C 994 -34.31 -36.46 26.04
CA ILE C 994 -32.93 -36.79 25.73
C ILE C 994 -32.03 -35.57 25.60
N THR C 995 -30.73 -35.79 25.84
CA THR C 995 -29.66 -34.77 25.70
C THR C 995 -28.44 -35.59 25.36
N PRO C 996 -28.32 -36.01 24.10
CA PRO C 996 -27.15 -36.81 23.77
C PRO C 996 -25.83 -36.08 23.94
N LYS C 997 -24.78 -36.79 24.31
CA LYS C 997 -23.50 -36.14 24.45
C LYS C 997 -22.36 -37.00 23.93
N ARG C 998 -22.71 -38.07 23.20
CA ARG C 998 -21.74 -38.95 22.55
C ARG C 998 -22.18 -39.50 21.21
N ARG C 999 -21.22 -39.64 20.29
CA ARG C 999 -21.47 -40.16 18.94
C ARG C 999 -20.65 -41.42 18.81
N LEU C 1000 -21.07 -42.34 17.96
CA LEU C 1000 -20.31 -43.54 17.76
C LEU C 1000 -19.10 -43.13 16.85
N ILE C 1001 -18.08 -43.98 16.80
CA ILE C 1001 -16.89 -43.74 16.01
C ILE C 1001 -17.19 -43.41 14.53
N ASP C 1002 -18.41 -43.67 14.05
CA ASP C 1002 -18.74 -43.39 12.66
C ASP C 1002 -19.63 -42.16 12.47
N GLY C 1003 -19.86 -41.42 13.54
CA GLY C 1003 -20.69 -40.22 13.48
C GLY C 1003 -22.10 -40.40 14.05
N THR C 1004 -22.55 -41.66 14.02
CA THR C 1004 -23.86 -41.97 14.51
C THR C 1004 -24.14 -41.31 15.85
N VAL C 1005 -25.33 -40.74 15.98
CA VAL C 1005 -25.76 -40.13 17.23
C VAL C 1005 -26.92 -40.99 17.76
N LEU C 1006 -26.72 -41.61 18.91
CA LEU C 1006 -27.75 -42.43 19.50
C LEU C 1006 -28.37 -41.59 20.62
N THR C 1007 -29.65 -41.84 20.94
CA THR C 1007 -30.28 -41.11 22.03
C THR C 1007 -30.79 -42.09 23.05
N GLN C 1008 -30.74 -41.68 24.31
CA GLN C 1008 -31.20 -42.49 25.42
C GLN C 1008 -32.22 -41.71 26.24
N PRO C 1009 -33.39 -42.31 26.54
CA PRO C 1009 -34.41 -41.62 27.33
C PRO C 1009 -33.84 -41.47 28.74
N GLU C 1010 -33.32 -40.27 28.99
CA GLU C 1010 -32.63 -39.91 30.24
C GLU C 1010 -33.36 -39.00 31.24
N PHE C 1011 -34.41 -38.32 30.79
CA PHE C 1011 -35.11 -37.40 31.67
C PHE C 1011 -36.63 -37.63 31.75
N ALA C 1012 -37.06 -38.48 32.64
CA ALA C 1012 -38.50 -38.78 32.73
C ALA C 1012 -39.38 -37.63 33.21
N PHE C 1013 -40.34 -37.24 32.38
CA PHE C 1013 -41.21 -36.14 32.77
C PHE C 1013 -42.27 -36.61 33.79
N TRP C 1014 -42.42 -35.83 34.82
CA TRP C 1014 -43.36 -36.17 35.86
C TRP C 1014 -44.37 -35.07 36.04
N PHE C 1015 -45.62 -35.44 35.87
CA PHE C 1015 -46.68 -34.47 36.01
C PHE C 1015 -47.28 -34.65 37.37
N ARG C 1016 -47.53 -33.55 38.04
CA ARG C 1016 -48.13 -33.61 39.36
C ARG C 1016 -49.54 -34.17 39.17
N ASP C 1017 -49.88 -35.22 39.91
CA ASP C 1017 -51.22 -35.80 39.78
C ASP C 1017 -51.35 -36.62 38.51
N ALA C 1018 -50.32 -37.38 38.16
CA ALA C 1018 -50.31 -38.23 36.97
C ALA C 1018 -49.00 -39.01 36.91
N GLY C 1019 -48.00 -38.56 37.67
CA GLY C 1019 -46.71 -39.24 37.71
C GLY C 1019 -46.07 -39.34 36.35
N PHE C 1020 -45.67 -40.54 35.98
CA PHE C 1020 -45.03 -40.70 34.70
C PHE C 1020 -45.99 -41.23 33.70
N GLY C 1021 -47.22 -41.39 34.17
CA GLY C 1021 -48.32 -41.90 33.40
C GLY C 1021 -48.47 -41.59 31.93
N VAL C 1022 -48.20 -40.35 31.56
CA VAL C 1022 -48.31 -39.92 30.18
C VAL C 1022 -47.40 -40.78 29.32
N GLU C 1023 -46.26 -41.21 29.87
CA GLU C 1023 -45.35 -42.04 29.09
C GLU C 1023 -46.01 -43.33 28.70
N ASN C 1024 -45.92 -43.62 27.42
CA ASN C 1024 -46.47 -44.82 26.83
C ASN C 1024 -48.00 -44.83 26.88
N TYR C 1025 -48.60 -43.65 26.83
CA TYR C 1025 -50.02 -43.56 26.83
C TYR C 1025 -50.45 -42.32 26.10
N GLY C 1026 -49.90 -41.18 26.42
CA GLY C 1026 -50.35 -39.96 25.73
C GLY C 1026 -51.36 -39.14 26.50
N VAL C 1027 -52.01 -38.24 25.80
CA VAL C 1027 -53.01 -37.40 26.44
C VAL C 1027 -54.40 -37.50 25.76
N ASP C 1028 -55.38 -37.91 26.55
CA ASP C 1028 -56.76 -38.00 26.09
C ASP C 1028 -57.38 -36.61 25.98
N PRO C 1029 -58.09 -36.37 24.89
CA PRO C 1029 -58.75 -35.08 24.69
C PRO C 1029 -60.08 -35.10 25.44
N ASP C 1030 -60.60 -33.92 25.76
CA ASP C 1030 -61.87 -33.82 26.45
C ASP C 1030 -62.96 -34.39 25.57
N VAL C 1031 -62.86 -34.10 24.28
CA VAL C 1031 -63.81 -34.56 23.30
C VAL C 1031 -63.09 -35.31 22.21
N GLU C 1032 -63.36 -36.60 22.08
CA GLU C 1032 -62.69 -37.39 21.07
C GLU C 1032 -63.35 -37.22 19.71
N ILE C 1033 -62.56 -36.86 18.71
CA ILE C 1033 -63.10 -36.70 17.38
C ILE C 1033 -62.21 -37.40 16.38
N GLU C 1034 -62.59 -38.62 16.03
CA GLU C 1034 -61.85 -39.40 15.05
C GLU C 1034 -61.90 -38.66 13.72
N TYR C 1035 -60.89 -38.93 12.90
CA TYR C 1035 -60.76 -38.39 11.55
C TYR C 1035 -60.69 -39.66 10.71
N ALA C 1036 -61.85 -40.29 10.47
CA ALA C 1036 -61.90 -41.54 9.70
C ALA C 1036 -61.58 -41.37 8.22
N PRO C 1037 -61.32 -42.48 7.53
CA PRO C 1037 -61.02 -42.49 6.09
C PRO C 1037 -62.12 -41.87 5.24
N HIS C 1038 -63.39 -42.07 5.62
CA HIS C 1038 -64.48 -41.49 4.83
C HIS C 1038 -64.57 -39.98 5.01
N ASP C 1039 -63.94 -39.46 6.07
CA ASP C 1039 -63.93 -38.01 6.31
C ASP C 1039 -63.00 -37.42 5.24
N TYR C 1040 -61.88 -38.08 5.02
CA TYR C 1040 -60.97 -37.62 4.02
C TYR C 1040 -61.61 -37.72 2.62
N LEU C 1041 -62.38 -38.78 2.36
CA LEU C 1041 -63.02 -38.94 1.04
C LEU C 1041 -64.02 -37.82 0.75
N SER C 1042 -64.58 -37.25 1.81
CA SER C 1042 -65.55 -36.19 1.67
C SER C 1042 -64.90 -34.83 1.69
N GLY C 1043 -63.58 -34.81 1.78
CA GLY C 1043 -62.91 -33.54 1.84
C GLY C 1043 -63.31 -32.68 3.02
N LYS C 1044 -63.54 -33.26 4.18
CA LYS C 1044 -63.92 -32.48 5.35
C LYS C 1044 -62.99 -32.74 6.55
N ASP C 1045 -62.68 -31.70 7.30
CA ASP C 1045 -61.84 -31.83 8.49
C ASP C 1045 -62.79 -31.77 9.68
N PRO C 1046 -63.17 -32.96 10.20
CA PRO C 1046 -64.09 -33.04 11.34
C PRO C 1046 -63.54 -32.40 12.63
N GLN C 1047 -62.25 -32.50 12.85
CA GLN C 1047 -61.66 -31.93 14.05
C GLN C 1047 -61.76 -30.40 14.07
N ILE C 1048 -61.42 -29.76 12.96
CA ILE C 1048 -61.48 -28.33 12.95
C ILE C 1048 -62.93 -27.84 12.96
N ASP C 1049 -63.82 -28.57 12.31
CA ASP C 1049 -65.23 -28.15 12.28
C ASP C 1049 -65.85 -28.16 13.66
N TYR C 1050 -65.50 -29.19 14.42
CA TYR C 1050 -66.04 -29.31 15.76
C TYR C 1050 -65.44 -28.17 16.58
N ALA C 1051 -64.16 -27.90 16.37
CA ALA C 1051 -63.50 -26.85 17.12
C ALA C 1051 -64.23 -25.53 16.93
N ILE C 1052 -64.54 -25.23 15.68
CA ILE C 1052 -65.27 -23.98 15.34
C ILE C 1052 -66.68 -23.98 15.91
N ASP C 1053 -67.44 -25.02 15.60
CA ASP C 1053 -68.78 -25.15 16.10
C ASP C 1053 -68.80 -25.01 17.60
N ALA C 1054 -67.90 -25.71 18.28
CA ALA C 1054 -67.82 -25.66 19.75
C ALA C 1054 -67.60 -24.27 20.30
N LEU C 1055 -66.69 -23.52 19.70
CA LEU C 1055 -66.40 -22.17 20.19
C LEU C 1055 -67.59 -21.28 19.92
N ILE C 1056 -68.16 -21.43 18.72
CA ILE C 1056 -69.32 -20.65 18.38
C ILE C 1056 -70.39 -20.83 19.47
N GLU C 1057 -70.62 -22.07 19.89
CA GLU C 1057 -71.60 -22.35 20.92
C GLU C 1057 -71.19 -21.70 22.23
N GLU C 1058 -69.90 -21.69 22.52
CA GLU C 1058 -69.41 -21.09 23.76
C GLU C 1058 -69.46 -19.59 23.70
N LEU C 1059 -69.51 -19.04 22.50
CA LEU C 1059 -69.57 -17.59 22.32
C LEU C 1059 -70.99 -17.12 22.09
N ARG C 1060 -71.75 -17.03 23.19
CA ARG C 1060 -73.13 -16.57 23.13
C ARG C 1060 -73.43 -15.88 24.46
N ASN C 1061 -72.48 -15.07 24.91
CA ASN C 1061 -72.65 -14.35 26.17
C ASN C 1061 -72.16 -12.93 26.04
N THR D 3 -16.26 -27.32 22.45
CA THR D 3 -16.78 -26.37 21.46
C THR D 3 -17.61 -25.25 22.13
N GLN D 4 -17.02 -24.04 22.17
CA GLN D 4 -17.64 -22.85 22.79
C GLN D 4 -17.96 -23.05 24.27
N LYS D 5 -18.44 -22.00 24.93
CA LYS D 5 -18.79 -22.06 26.35
C LYS D 5 -20.23 -21.63 26.55
N ALA D 6 -21.01 -21.69 25.47
CA ALA D 6 -22.41 -21.30 25.49
C ALA D 6 -23.26 -22.22 24.59
N ALA D 7 -22.70 -23.36 24.18
CA ALA D 7 -23.43 -24.33 23.36
C ALA D 7 -24.47 -25.04 24.25
N ALA D 8 -25.58 -24.33 24.50
CA ALA D 8 -26.71 -24.80 25.33
C ALA D 8 -27.03 -26.29 25.15
N GLU D 9 -27.27 -26.99 26.26
CA GLU D 9 -27.61 -28.40 26.22
C GLU D 9 -28.82 -28.67 27.10
N LEU D 10 -30.01 -28.40 26.55
CA LEU D 10 -31.24 -28.63 27.28
C LEU D 10 -31.89 -29.94 26.83
N THR D 11 -32.82 -30.44 27.63
CA THR D 11 -33.49 -31.69 27.34
C THR D 11 -34.57 -31.60 26.26
N PHE D 12 -34.43 -32.42 25.23
CA PHE D 12 -35.40 -32.42 24.15
C PHE D 12 -36.51 -33.44 24.36
N PHE D 13 -37.72 -33.08 23.97
CA PHE D 13 -38.88 -33.98 24.05
C PHE D 13 -39.55 -34.03 22.64
C1 0QE D 14 -40.28 -34.98 22.44
N MET E 39 44.40 30.45 -47.58
CA MET E 39 43.83 30.38 -46.20
C MET E 39 44.94 30.46 -45.11
N PRO E 40 45.44 31.67 -44.83
CA PRO E 40 46.49 31.85 -43.83
C PRO E 40 45.99 31.66 -42.38
N ASN E 41 46.90 31.37 -41.48
CA ASN E 41 46.54 31.15 -40.11
C ASN E 41 46.83 32.38 -39.26
N LEU E 42 46.27 32.40 -38.05
CA LEU E 42 46.48 33.50 -37.13
C LEU E 42 47.72 33.08 -36.31
N LEU E 43 48.77 33.91 -36.32
CA LEU E 43 49.96 33.57 -35.57
C LEU E 43 50.08 34.49 -34.39
N LEU E 44 50.54 33.99 -33.27
CA LEU E 44 50.67 34.87 -32.13
C LEU E 44 51.63 34.36 -31.08
N ASN E 45 51.73 35.15 -30.01
CA ASN E 45 52.61 34.88 -28.85
C ASN E 45 53.94 34.21 -29.19
N PRO E 46 54.81 34.93 -29.90
CA PRO E 46 56.08 34.33 -30.27
C PRO E 46 57.24 34.52 -29.28
N ASP E 47 58.31 33.80 -29.59
CA ASP E 47 59.55 33.86 -28.83
C ASP E 47 60.63 33.49 -29.86
N ILE E 48 61.83 34.00 -29.62
CA ILE E 48 62.94 33.78 -30.52
C ILE E 48 64.19 33.40 -29.80
N HIS E 49 65.04 32.71 -30.55
CA HIS E 49 66.36 32.26 -30.10
C HIS E 49 67.18 31.95 -31.33
N GLY E 50 68.01 32.93 -31.72
CA GLY E 50 68.86 32.77 -32.89
C GLY E 50 68.05 32.92 -34.15
N ASP E 51 68.04 31.87 -34.97
CA ASP E 51 67.27 31.86 -36.21
C ASP E 51 66.01 31.08 -36.04
N ARG E 52 65.83 30.48 -34.85
CA ARG E 52 64.62 29.70 -34.59
C ARG E 52 63.63 30.58 -33.87
N ILE E 53 62.39 30.44 -34.29
CA ILE E 53 61.31 31.23 -33.71
C ILE E 53 60.07 30.36 -33.44
N ILE E 54 59.67 30.29 -32.16
CA ILE E 54 58.47 29.51 -31.83
C ILE E 54 57.29 30.43 -31.67
N PHE E 55 56.14 29.97 -32.14
CA PHE E 55 54.93 30.77 -32.05
C PHE E 55 53.72 29.84 -31.94
N VAL E 56 52.55 30.41 -31.63
CA VAL E 56 51.34 29.61 -31.50
C VAL E 56 50.44 29.66 -32.74
N CYS E 57 49.95 28.52 -33.20
CA CYS E 57 49.03 28.47 -34.33
C CYS E 57 48.05 27.30 -34.06
N CYS E 58 46.74 27.58 -34.11
CA CYS E 58 45.71 26.57 -33.82
C CYS E 58 45.94 25.89 -32.45
N ASP E 59 46.14 26.71 -31.41
CA ASP E 59 46.37 26.28 -30.01
C ASP E 59 47.62 25.39 -29.81
N ASP E 60 48.27 25.04 -30.93
CA ASP E 60 49.48 24.20 -30.91
C ASP E 60 50.73 25.01 -31.11
N LEU E 61 51.86 24.49 -30.64
CA LEU E 61 53.16 25.17 -30.73
C LEU E 61 53.96 24.87 -31.98
N TRP E 62 54.41 25.92 -32.63
CA TRP E 62 55.21 25.73 -33.83
C TRP E 62 56.61 26.36 -33.73
N GLU E 63 57.54 25.84 -34.51
CA GLU E 63 58.88 26.40 -34.56
C GLU E 63 59.20 26.73 -36.00
N HIS E 64 59.79 27.89 -36.22
CA HIS E 64 60.15 28.31 -37.56
C HIS E 64 61.61 28.72 -37.64
N ASP E 65 62.26 28.23 -38.69
CA ASP E 65 63.69 28.48 -38.95
C ASP E 65 63.90 29.52 -40.02
N LEU E 66 64.33 30.70 -39.60
CA LEU E 66 64.61 31.82 -40.50
C LEU E 66 65.59 31.41 -41.61
N LYS E 67 66.59 30.61 -41.23
CA LYS E 67 67.58 30.18 -42.20
C LYS E 67 67.00 29.40 -43.39
N SER E 68 66.22 28.34 -43.11
CA SER E 68 65.64 27.53 -44.19
C SER E 68 64.20 27.87 -44.56
N GLY E 69 63.54 28.63 -43.70
CA GLY E 69 62.16 28.99 -44.00
C GLY E 69 61.19 27.87 -43.68
N SER E 70 61.68 26.82 -43.01
CA SER E 70 60.84 25.67 -42.67
C SER E 70 60.04 25.92 -41.40
N THR E 71 58.85 25.38 -41.35
CA THR E 71 57.97 25.54 -40.20
C THR E 71 57.43 24.18 -39.81
N ARG E 72 57.40 23.88 -38.52
CA ARG E 72 56.86 22.59 -38.11
C ARG E 72 56.18 22.64 -36.74
N LYS E 73 55.24 21.72 -36.53
CA LYS E 73 54.56 21.67 -35.25
C LYS E 73 55.41 20.81 -34.32
N ILE E 74 55.86 21.36 -33.20
CA ILE E 74 56.71 20.64 -32.27
C ILE E 74 56.01 20.13 -31.03
N VAL E 75 54.75 20.50 -30.83
CA VAL E 75 54.03 20.03 -29.66
C VAL E 75 52.57 20.37 -29.85
N SER E 76 51.71 19.38 -29.62
CA SER E 76 50.26 19.56 -29.79
C SER E 76 49.42 18.59 -28.96
N ASN E 77 48.11 18.74 -29.07
CA ASN E 77 47.17 17.89 -28.33
C ASN E 77 47.36 17.96 -26.80
N LEU E 78 47.86 19.09 -26.31
CA LEU E 78 48.06 19.26 -24.88
C LEU E 78 46.94 20.11 -24.32
N GLY E 79 46.28 20.85 -25.22
CA GLY E 79 45.19 21.76 -24.87
C GLY E 79 45.56 23.09 -25.52
N VAL E 80 44.99 24.18 -25.04
CA VAL E 80 45.31 25.47 -25.62
C VAL E 80 46.56 26.04 -25.00
N ILE E 81 47.54 26.29 -25.87
CA ILE E 81 48.84 26.86 -25.50
C ILE E 81 48.79 28.32 -25.84
N ASN E 82 49.08 29.18 -24.88
CA ASN E 82 49.05 30.64 -25.15
C ASN E 82 50.46 31.28 -24.93
N ASN E 83 51.44 30.51 -24.47
CA ASN E 83 52.72 31.11 -24.22
C ASN E 83 53.77 30.03 -24.20
N ALA E 84 54.90 30.34 -24.81
CA ALA E 84 56.01 29.40 -24.86
C ALA E 84 57.26 30.25 -24.71
N ARG E 85 58.18 29.76 -23.90
CA ARG E 85 59.40 30.47 -23.63
C ARG E 85 60.64 29.59 -23.66
N PHE E 86 61.59 29.98 -24.51
CA PHE E 86 62.87 29.31 -24.69
C PHE E 86 63.72 29.41 -23.42
N PHE E 87 64.39 28.33 -23.08
CA PHE E 87 65.29 28.36 -21.94
C PHE E 87 66.58 29.01 -22.44
N PRO E 88 67.48 29.40 -21.52
CA PRO E 88 68.74 30.03 -21.91
C PRO E 88 69.41 29.27 -23.07
N ASP E 89 69.77 28.02 -22.84
CA ASP E 89 70.43 27.23 -23.87
C ASP E 89 69.66 27.13 -25.18
N GLY E 90 68.38 27.49 -25.18
CA GLY E 90 67.60 27.39 -26.41
C GLY E 90 67.28 25.93 -26.77
N ARG E 91 67.29 25.06 -25.78
CA ARG E 91 66.99 23.63 -26.01
C ARG E 91 65.59 23.28 -25.47
N LYS E 92 65.41 23.47 -24.16
CA LYS E 92 64.15 23.22 -23.48
C LYS E 92 63.25 24.42 -23.68
N ILE E 93 61.95 24.21 -23.50
CA ILE E 93 60.99 25.27 -23.67
C ILE E 93 59.88 25.13 -22.61
N ALA E 94 59.67 26.21 -21.86
CA ALA E 94 58.62 26.24 -20.85
C ALA E 94 57.35 26.63 -21.60
N ILE E 95 56.28 25.89 -21.34
CA ILE E 95 54.99 26.10 -22.01
C ILE E 95 53.80 26.23 -21.07
N ARG E 96 52.93 27.21 -21.32
CA ARG E 96 51.75 27.39 -20.49
C ARG E 96 50.59 26.90 -21.31
N VAL E 97 49.88 25.90 -20.76
CA VAL E 97 48.74 25.36 -21.46
C VAL E 97 47.47 25.40 -20.57
N MET E 98 46.36 25.73 -21.22
CA MET E 98 45.09 25.82 -20.56
C MET E 98 44.18 24.64 -20.90
N ARG E 99 43.34 24.25 -19.93
CA ARG E 99 42.37 23.14 -20.07
C ARG E 99 41.01 23.48 -19.38
N GLY E 100 39.98 22.69 -19.69
CA GLY E 100 38.62 22.90 -19.17
C GLY E 100 37.89 23.55 -20.35
N SER E 101 36.68 23.11 -20.69
CA SER E 101 35.96 23.67 -21.85
C SER E 101 36.08 25.19 -21.99
N SER E 102 36.17 25.89 -20.86
CA SER E 102 36.31 27.34 -20.88
C SER E 102 37.72 27.84 -20.49
N LEU E 103 38.70 26.96 -20.58
CA LEU E 103 40.08 27.28 -20.26
C LEU E 103 40.16 27.88 -18.87
N ASN E 104 39.34 27.33 -17.99
CA ASN E 104 39.25 27.77 -16.60
C ASN E 104 40.51 27.33 -15.79
N THR E 105 41.23 26.34 -16.29
CA THR E 105 42.42 25.88 -15.56
C THR E 105 43.73 25.94 -16.37
N ALA E 106 44.86 25.97 -15.67
CA ALA E 106 46.12 26.01 -16.39
C ALA E 106 47.32 25.44 -15.64
N ASP E 107 48.29 24.95 -16.40
CA ASP E 107 49.53 24.44 -15.80
C ASP E 107 50.71 24.50 -16.78
N LEU E 108 51.90 24.27 -16.25
CA LEU E 108 53.07 24.41 -17.10
C LEU E 108 53.74 23.10 -17.42
N TYR E 109 54.22 23.03 -18.66
CA TYR E 109 54.92 21.88 -19.21
C TYR E 109 56.30 22.28 -19.71
N PHE E 110 57.18 21.27 -19.80
CA PHE E 110 58.55 21.44 -20.32
C PHE E 110 58.60 20.67 -21.62
N TYR E 111 59.39 21.20 -22.54
CA TYR E 111 59.60 20.55 -23.81
C TYR E 111 61.08 20.51 -24.07
N ASN E 112 61.61 19.32 -24.32
CA ASN E 112 63.03 19.15 -24.60
C ASN E 112 63.20 18.88 -26.09
N GLY E 113 63.56 19.91 -26.84
CA GLY E 113 63.70 19.79 -28.29
C GLY E 113 64.70 18.75 -28.74
N GLU E 114 65.54 18.32 -27.81
CA GLU E 114 66.55 17.33 -28.13
C GLU E 114 65.89 15.94 -28.40
N ASN E 115 65.16 15.43 -27.42
CA ASN E 115 64.52 14.12 -27.58
C ASN E 115 63.04 14.23 -27.90
N GLY E 116 62.49 15.44 -27.77
CA GLY E 116 61.08 15.64 -28.05
C GLY E 116 60.20 15.20 -26.88
N GLU E 117 60.79 15.24 -25.70
CA GLU E 117 60.09 14.84 -24.51
C GLU E 117 59.22 15.97 -23.97
N ILE E 118 58.03 15.61 -23.49
CA ILE E 118 57.10 16.58 -22.92
C ILE E 118 56.96 16.17 -21.47
N LYS E 119 56.61 17.12 -20.61
CA LYS E 119 56.49 16.81 -19.19
C LYS E 119 55.83 17.93 -18.40
N ARG E 120 54.79 17.58 -17.64
CA ARG E 120 54.06 18.58 -16.85
C ARG E 120 54.95 18.91 -15.65
N ILE E 121 55.07 20.22 -15.37
CA ILE E 121 55.91 20.72 -14.29
C ILE E 121 55.15 21.19 -13.06
N THR E 122 53.99 21.81 -13.27
CA THR E 122 53.17 22.27 -12.15
C THR E 122 51.79 21.58 -12.02
N TYR E 123 51.42 21.25 -10.80
CA TYR E 123 50.12 20.60 -10.57
C TYR E 123 49.34 21.52 -9.64
N PHE E 124 49.31 22.80 -10.00
CA PHE E 124 48.64 23.82 -9.19
C PHE E 124 47.23 24.05 -9.68
N SER E 125 47.01 23.72 -10.95
CA SER E 125 45.72 23.91 -11.58
C SER E 125 45.32 25.37 -11.37
N GLY E 126 46.23 26.29 -11.63
CA GLY E 126 45.95 27.71 -11.44
C GLY E 126 44.69 28.25 -12.09
N LYS E 127 43.98 29.13 -11.39
CA LYS E 127 42.75 29.72 -11.94
C LYS E 127 43.13 30.79 -12.95
N SER E 128 42.49 30.76 -14.10
CA SER E 128 42.77 31.77 -15.11
C SER E 128 41.51 32.21 -15.87
N THR E 129 41.60 33.41 -16.45
CA THR E 129 40.51 34.00 -17.24
C THR E 129 41.22 34.70 -18.41
N GLY E 130 40.47 34.97 -19.48
CA GLY E 130 41.05 35.63 -20.64
C GLY E 130 41.93 36.81 -20.24
N ARG E 131 41.32 37.76 -19.54
CA ARG E 131 42.01 38.97 -19.09
C ARG E 131 43.17 38.70 -18.12
N ARG E 132 42.99 37.71 -17.24
CA ARG E 132 44.01 37.34 -16.26
C ARG E 132 44.46 35.91 -16.39
N MET E 133 45.35 35.68 -17.36
CA MET E 133 45.88 34.34 -17.63
C MET E 133 47.10 34.04 -16.77
N PHE E 134 46.83 33.90 -15.47
CA PHE E 134 47.86 33.65 -14.47
C PHE E 134 48.52 32.27 -14.46
N THR E 135 49.59 32.16 -13.67
CA THR E 135 50.40 30.94 -13.57
C THR E 135 51.11 30.78 -14.92
N ASP E 136 52.21 31.52 -15.08
CA ASP E 136 53.01 31.54 -16.31
C ASP E 136 54.52 31.58 -16.07
N VAL E 137 55.26 31.70 -17.15
CA VAL E 137 56.72 31.81 -17.06
C VAL E 137 57.00 33.28 -16.72
N ALA E 138 57.84 33.55 -15.71
CA ALA E 138 58.11 34.93 -15.33
C ALA E 138 59.43 35.39 -15.94
N GLY E 139 60.34 34.42 -16.14
CA GLY E 139 61.63 34.68 -16.73
C GLY E 139 62.58 33.55 -16.33
N PHE E 140 63.88 33.82 -16.53
CA PHE E 140 64.92 32.85 -16.18
C PHE E 140 66.03 33.57 -15.42
N ASP E 141 66.59 32.87 -14.45
CA ASP E 141 67.63 33.46 -13.64
C ASP E 141 68.97 33.30 -14.38
N PRO E 142 70.04 33.96 -13.90
CA PRO E 142 71.36 33.84 -14.56
C PRO E 142 71.77 32.39 -14.79
N ASP E 143 71.60 31.55 -13.76
CA ASP E 143 71.97 30.15 -13.84
C ASP E 143 71.13 29.36 -14.80
N GLY E 144 70.21 30.02 -15.49
CA GLY E 144 69.37 29.33 -16.46
C GLY E 144 68.15 28.66 -15.89
N ASN E 145 67.85 28.92 -14.61
CA ASN E 145 66.66 28.31 -13.97
C ASN E 145 65.38 29.08 -14.26
N LEU E 146 64.31 28.32 -14.47
CA LEU E 146 63.02 28.88 -14.75
C LEU E 146 62.40 29.49 -13.50
N ILE E 147 61.86 30.71 -13.67
CA ILE E 147 61.18 31.39 -12.56
C ILE E 147 59.73 31.60 -13.01
N ILE E 148 58.79 31.13 -12.21
CA ILE E 148 57.39 31.25 -12.56
C ILE E 148 56.63 32.21 -11.67
N SER E 149 55.54 32.70 -12.23
CA SER E 149 54.66 33.57 -11.52
C SER E 149 53.37 32.79 -11.27
N THR E 150 52.93 32.67 -10.01
CA THR E 150 51.67 31.99 -9.73
C THR E 150 51.00 32.38 -8.41
N ASP E 151 49.67 32.39 -8.43
CA ASP E 151 48.85 32.72 -7.27
C ASP E 151 48.31 31.42 -6.66
N ALA E 152 48.72 30.30 -7.24
CA ALA E 152 48.25 29.00 -6.82
C ALA E 152 48.34 28.76 -5.33
N MET E 153 49.34 29.31 -4.67
CA MET E 153 49.43 29.10 -3.23
C MET E 153 49.10 30.35 -2.44
N GLN E 154 48.45 31.30 -3.10
CA GLN E 154 48.09 32.54 -2.44
C GLN E 154 46.61 32.70 -2.22
N PRO E 155 46.25 33.50 -1.23
CA PRO E 155 44.83 33.71 -0.95
C PRO E 155 44.15 34.58 -2.01
N PHE E 156 44.94 35.30 -2.79
CA PHE E 156 44.34 36.18 -3.80
C PHE E 156 44.89 35.90 -5.21
N SER E 157 44.02 35.92 -6.21
CA SER E 157 44.47 35.64 -7.56
C SER E 157 45.49 36.67 -8.06
N SER E 158 45.32 37.93 -7.68
CA SER E 158 46.29 38.96 -8.10
C SER E 158 47.67 38.76 -7.43
N MET E 159 47.72 37.96 -6.37
CA MET E 159 49.01 37.76 -5.70
C MET E 159 49.90 36.77 -6.45
N THR E 160 50.16 37.02 -7.73
CA THR E 160 50.97 36.13 -8.52
C THR E 160 52.44 36.27 -8.13
N CYS E 161 52.80 35.61 -7.03
CA CYS E 161 54.17 35.64 -6.50
C CYS E 161 55.20 34.84 -7.35
N LEU E 162 56.48 35.23 -7.24
CA LEU E 162 57.55 34.58 -8.01
C LEU E 162 58.17 33.35 -7.36
N TYR E 163 58.32 32.30 -8.14
CA TYR E 163 58.89 31.08 -7.60
C TYR E 163 59.97 30.52 -8.51
N ARG E 164 61.01 29.96 -7.92
CA ARG E 164 62.07 29.38 -8.73
C ARG E 164 61.81 27.89 -8.84
N VAL E 165 61.56 27.40 -10.05
CA VAL E 165 61.28 25.97 -10.27
C VAL E 165 62.51 25.09 -10.03
N GLU E 166 62.32 23.93 -9.41
CA GLU E 166 63.43 23.02 -9.13
C GLU E 166 63.06 21.57 -9.40
N ASN E 167 64.07 20.78 -9.80
CA ASN E 167 63.92 19.36 -10.07
C ASN E 167 62.68 19.09 -10.91
N ASP E 168 62.36 20.05 -11.77
CA ASP E 168 61.21 19.92 -12.65
C ASP E 168 59.85 19.84 -11.94
N GLY E 169 59.64 20.70 -10.95
CA GLY E 169 58.37 20.71 -10.24
C GLY E 169 58.42 20.04 -8.90
N ILE E 170 59.54 19.38 -8.56
CA ILE E 170 59.64 18.70 -7.28
C ILE E 170 59.61 19.69 -6.14
N ASN E 171 60.21 20.84 -6.37
CA ASN E 171 60.32 21.86 -5.35
C ASN E 171 60.23 23.25 -5.92
N PHE E 172 59.64 24.18 -5.17
CA PHE E 172 59.48 25.58 -5.60
C PHE E 172 60.05 26.52 -4.58
N VAL E 173 60.94 27.40 -5.02
CA VAL E 173 61.55 28.33 -4.07
C VAL E 173 61.03 29.75 -4.30
N PRO E 174 60.37 30.31 -3.26
CA PRO E 174 59.83 31.66 -3.38
C PRO E 174 60.92 32.72 -3.45
N LEU E 175 60.68 33.74 -4.27
CA LEU E 175 61.64 34.82 -4.38
C LEU E 175 61.30 35.93 -3.41
N ASN E 176 60.05 35.97 -2.95
CA ASN E 176 59.64 37.00 -1.97
C ASN E 176 59.87 38.41 -2.47
N LEU E 177 59.41 38.70 -3.68
CA LEU E 177 59.54 40.01 -4.27
C LEU E 177 58.15 40.57 -4.48
N GLY E 178 57.16 39.91 -3.89
CA GLY E 178 55.76 40.34 -4.04
C GLY E 178 55.19 39.95 -5.39
N PRO E 179 53.95 40.39 -5.72
CA PRO E 179 53.31 40.06 -7.00
C PRO E 179 54.04 40.56 -8.23
N ALA E 180 54.24 39.70 -9.21
CA ALA E 180 54.97 40.13 -10.40
C ALA E 180 54.65 39.31 -11.62
N THR E 181 54.62 39.95 -12.76
CA THR E 181 54.35 39.25 -13.99
C THR E 181 55.66 38.86 -14.73
N HIS E 182 56.65 39.76 -14.79
CA HIS E 182 57.92 39.45 -15.43
C HIS E 182 59.11 39.74 -14.57
N ILE E 183 60.13 38.91 -14.71
CA ILE E 183 61.38 39.11 -14.01
C ILE E 183 62.53 39.01 -15.01
N LEU E 184 63.37 40.05 -15.05
CA LEU E 184 64.54 40.13 -15.97
C LEU E 184 65.80 40.35 -15.16
N PHE E 185 66.95 40.11 -15.78
CA PHE E 185 68.21 40.32 -15.05
C PHE E 185 69.17 41.14 -15.88
N ALA E 186 69.59 42.28 -15.34
CA ALA E 186 70.53 43.15 -16.03
C ALA E 186 71.66 43.44 -15.09
N ASP E 187 72.87 43.05 -15.48
CA ASP E 187 74.07 43.27 -14.69
C ASP E 187 73.94 42.86 -13.20
N GLY E 188 73.45 41.63 -13.00
CA GLY E 188 73.25 41.12 -11.65
C GLY E 188 72.15 41.89 -10.94
N ARG E 189 71.37 42.66 -11.69
CA ARG E 189 70.30 43.41 -11.06
C ARG E 189 68.94 42.85 -11.48
N ARG E 190 68.07 42.60 -10.50
CA ARG E 190 66.75 42.06 -10.81
C ARG E 190 65.84 43.18 -11.28
N VAL E 191 65.15 42.93 -12.40
CA VAL E 191 64.21 43.87 -12.98
C VAL E 191 62.83 43.22 -12.80
N ILE E 192 61.90 43.89 -12.09
CA ILE E 192 60.56 43.36 -11.81
C ILE E 192 59.47 44.04 -12.62
N GLY E 193 58.68 43.27 -13.35
CA GLY E 193 57.56 43.84 -14.09
C GLY E 193 56.22 43.49 -13.38
N ARG E 194 55.55 44.49 -12.81
CA ARG E 194 54.28 44.31 -12.13
C ARG E 194 53.09 44.58 -13.03
N ASN E 195 52.14 43.61 -13.09
CA ASN E 195 50.94 43.73 -13.92
C ASN E 195 51.31 44.09 -15.34
N THR E 196 52.44 43.55 -15.81
CA THR E 196 52.91 43.88 -17.15
C THR E 196 52.44 42.96 -18.25
N PHE E 197 51.35 42.24 -18.02
CA PHE E 197 50.83 41.36 -19.07
C PHE E 197 50.07 42.27 -20.03
N GLU E 198 49.65 41.73 -21.18
CA GLU E 198 48.90 42.51 -22.14
C GLU E 198 47.44 42.72 -21.71
N LEU E 199 46.86 43.83 -22.14
CA LEU E 199 45.47 44.15 -21.84
C LEU E 199 44.73 44.56 -23.12
N PRO E 200 44.51 43.60 -24.05
CA PRO E 200 43.83 43.89 -25.31
C PRO E 200 42.37 44.29 -25.17
N HIS E 201 41.78 43.95 -24.04
CA HIS E 201 40.37 44.29 -23.87
C HIS E 201 40.17 45.74 -23.40
N TRP E 202 41.25 46.41 -22.98
CA TRP E 202 41.12 47.78 -22.49
C TRP E 202 42.28 48.63 -22.99
N LYS E 203 42.13 49.16 -24.19
CA LYS E 203 43.16 50.00 -24.77
C LYS E 203 43.13 51.39 -24.12
N GLY E 204 44.30 51.99 -23.97
CA GLY E 204 44.38 53.31 -23.35
C GLY E 204 44.16 53.29 -21.85
N TYR E 205 44.23 52.10 -21.25
CA TYR E 205 44.03 51.97 -19.79
C TYR E 205 45.06 52.83 -19.02
N ARG E 206 44.61 53.61 -18.03
CA ARG E 206 45.49 54.46 -17.21
C ARG E 206 45.14 54.32 -15.71
N GLY E 207 44.59 53.17 -15.34
CA GLY E 207 44.17 52.92 -13.97
C GLY E 207 45.30 52.55 -13.05
N GLY E 208 44.98 52.48 -11.76
CA GLY E 208 45.97 52.16 -10.75
C GLY E 208 46.72 50.84 -10.89
N THR E 209 46.18 49.93 -11.69
CA THR E 209 46.77 48.59 -11.90
C THR E 209 47.63 48.51 -13.17
N ARG E 210 47.90 49.65 -13.79
CA ARG E 210 48.70 49.68 -15.01
C ARG E 210 50.11 49.13 -14.80
N GLY E 211 50.58 48.39 -15.79
CA GLY E 211 51.91 47.81 -15.67
C GLY E 211 52.99 48.84 -15.33
N LYS E 212 53.87 48.48 -14.42
CA LYS E 212 54.94 49.34 -13.98
C LYS E 212 56.22 48.50 -13.88
N ILE E 213 57.39 49.14 -13.95
CA ILE E 213 58.64 48.38 -13.83
C ILE E 213 59.49 48.89 -12.67
N TRP E 214 60.12 47.97 -11.96
CA TRP E 214 60.99 48.30 -10.85
C TRP E 214 62.33 47.65 -11.10
N ILE E 215 63.37 48.22 -10.50
CA ILE E 215 64.70 47.65 -10.69
C ILE E 215 65.47 47.69 -9.39
N GLU E 216 66.31 46.68 -9.21
CA GLU E 216 67.10 46.58 -8.00
C GLU E 216 68.25 47.56 -8.14
N VAL E 217 68.63 48.20 -7.04
CA VAL E 217 69.72 49.18 -7.03
C VAL E 217 70.76 48.83 -5.98
N ASN E 218 70.39 47.96 -5.04
CA ASN E 218 71.31 47.56 -4.00
C ASN E 218 70.95 46.20 -3.39
N SER E 219 71.44 45.13 -4.03
CA SER E 219 71.18 43.72 -3.65
C SER E 219 70.05 43.49 -2.61
N GLY E 220 68.94 44.18 -2.86
CA GLY E 220 67.79 44.11 -1.99
C GLY E 220 67.00 45.40 -2.11
N ALA E 221 67.66 46.50 -2.45
CA ALA E 221 66.96 47.77 -2.57
C ALA E 221 66.30 47.93 -3.95
N PHE E 222 65.00 48.25 -3.97
CA PHE E 222 64.29 48.41 -5.25
C PHE E 222 63.75 49.80 -5.48
N LYS E 223 63.67 50.19 -6.75
CA LYS E 223 63.20 51.51 -7.10
C LYS E 223 62.36 51.43 -8.35
N LYS E 224 61.21 52.07 -8.31
CA LYS E 224 60.34 52.06 -9.48
C LYS E 224 60.94 52.93 -10.61
N ILE E 225 61.15 52.37 -11.79
CA ILE E 225 61.74 53.12 -12.89
C ILE E 225 60.88 53.36 -14.10
N VAL E 226 59.78 52.65 -14.23
CA VAL E 226 58.92 52.92 -15.38
C VAL E 226 57.49 52.91 -14.87
N ASP E 227 56.93 54.11 -14.85
CA ASP E 227 55.59 54.28 -14.36
C ASP E 227 54.97 55.40 -15.15
N MET E 228 54.56 55.08 -16.36
CA MET E 228 53.96 56.06 -17.25
C MET E 228 52.51 56.22 -16.99
N SER E 229 51.93 57.18 -17.69
CA SER E 229 50.52 57.48 -17.59
C SER E 229 49.70 56.25 -17.98
N THR E 230 50.14 55.54 -19.01
CA THR E 230 49.45 54.36 -19.47
C THR E 230 50.11 53.07 -19.06
N HIS E 231 49.45 52.01 -19.45
CA HIS E 231 49.84 50.64 -19.14
C HIS E 231 51.05 50.18 -19.96
N VAL E 232 52.02 49.56 -19.28
CA VAL E 232 53.22 49.06 -19.93
C VAL E 232 53.22 47.52 -19.91
N SER E 233 53.41 46.90 -21.07
CA SER E 233 53.41 45.42 -21.11
C SER E 233 54.58 44.79 -21.87
N SER E 234 54.74 43.47 -21.71
CA SER E 234 55.79 42.68 -22.39
C SER E 234 57.16 43.29 -22.35
N PRO E 235 57.72 43.45 -21.17
CA PRO E 235 59.05 44.05 -21.09
C PRO E 235 60.14 43.07 -21.46
N VAL E 236 61.21 43.59 -22.06
CA VAL E 236 62.38 42.84 -22.47
C VAL E 236 63.62 43.73 -22.40
N ILE E 237 64.79 43.09 -22.35
CA ILE E 237 66.04 43.82 -22.28
C ILE E 237 67.00 43.43 -23.40
N VAL E 238 67.41 44.42 -24.18
CA VAL E 238 68.37 44.16 -25.25
C VAL E 238 69.46 45.20 -25.00
N GLY E 239 70.60 44.66 -24.59
CA GLY E 239 71.75 45.49 -24.30
C GLY E 239 71.54 46.05 -22.91
N HIS E 240 71.47 47.37 -22.82
CA HIS E 240 71.26 47.99 -21.53
C HIS E 240 70.00 48.83 -21.58
N ARG E 241 69.05 48.35 -22.37
CA ARG E 241 67.77 49.02 -22.52
C ARG E 241 66.60 48.07 -22.37
N ILE E 242 65.55 48.57 -21.75
CA ILE E 242 64.34 47.82 -21.52
C ILE E 242 63.34 48.22 -22.60
N TYR E 243 62.87 47.26 -23.37
CA TYR E 243 61.91 47.56 -24.40
C TYR E 243 60.56 47.03 -23.95
N PHE E 244 59.52 47.84 -24.12
CA PHE E 244 58.18 47.44 -23.71
C PHE E 244 57.18 48.05 -24.66
N ILE E 245 55.91 47.73 -24.40
CA ILE E 245 54.84 48.23 -25.24
C ILE E 245 53.92 49.13 -24.46
N THR E 246 53.37 50.13 -25.14
CA THR E 246 52.44 51.06 -24.53
C THR E 246 51.71 51.91 -25.56
N ASP E 247 50.58 52.48 -25.15
CA ASP E 247 49.81 53.29 -26.08
C ASP E 247 49.63 54.69 -25.52
N ILE E 248 50.71 55.21 -24.94
CA ILE E 248 50.72 56.54 -24.38
C ILE E 248 50.35 57.56 -25.47
N ASP E 249 50.65 57.23 -26.72
CA ASP E 249 50.37 58.13 -27.85
C ASP E 249 49.06 57.90 -28.58
N GLY E 250 48.28 56.92 -28.13
CA GLY E 250 47.00 56.64 -28.79
C GLY E 250 46.92 55.28 -29.50
N PHE E 251 48.08 54.64 -29.63
CA PHE E 251 48.14 53.36 -30.32
C PHE E 251 49.34 52.57 -29.81
N GLY E 252 49.24 51.25 -29.86
CA GLY E 252 50.33 50.42 -29.37
C GLY E 252 51.60 50.62 -30.17
N GLN E 253 52.72 50.85 -29.47
CA GLN E 253 54.01 51.03 -30.10
C GLN E 253 55.05 50.46 -29.16
N ILE E 254 56.23 50.18 -29.68
CA ILE E 254 57.31 49.67 -28.86
C ILE E 254 58.14 50.88 -28.43
N TYR E 255 58.61 50.87 -27.18
CA TYR E 255 59.42 51.96 -26.65
C TYR E 255 60.54 51.31 -25.90
N SER E 256 61.41 52.13 -25.32
CA SER E 256 62.51 51.58 -24.50
C SER E 256 63.10 52.71 -23.68
N THR E 257 63.82 52.36 -22.62
CA THR E 257 64.47 53.34 -21.78
C THR E 257 65.69 52.65 -21.20
N ASP E 258 66.61 53.42 -20.61
CA ASP E 258 67.80 52.80 -20.01
C ASP E 258 67.34 52.11 -18.75
N LEU E 259 68.27 51.44 -18.07
CA LEU E 259 67.94 50.76 -16.82
C LEU E 259 67.61 51.72 -15.66
N ASP E 260 67.27 52.97 -16.00
CA ASP E 260 66.91 53.97 -14.98
C ASP E 260 65.57 54.55 -15.34
N GLY E 261 65.02 54.09 -16.45
CA GLY E 261 63.74 54.59 -16.88
C GLY E 261 63.87 55.91 -17.62
N LYS E 262 65.10 56.39 -17.77
CA LYS E 262 65.37 57.65 -18.46
C LYS E 262 65.59 57.43 -19.97
N ASP E 263 65.59 58.52 -20.73
CA ASP E 263 65.82 58.47 -22.17
C ASP E 263 64.77 57.64 -22.92
N LEU E 264 63.53 58.06 -22.84
CA LEU E 264 62.47 57.36 -23.54
C LEU E 264 62.63 57.49 -25.06
N ARG E 265 62.26 56.43 -25.78
CA ARG E 265 62.33 56.41 -27.26
C ARG E 265 61.23 55.55 -27.86
N LYS E 266 60.67 56.05 -28.96
CA LYS E 266 59.60 55.39 -29.71
C LYS E 266 60.22 54.71 -30.92
N HIS E 267 60.10 53.39 -31.05
CA HIS E 267 60.74 52.70 -32.16
C HIS E 267 59.85 52.23 -33.29
N THR E 268 58.53 52.35 -33.12
CA THR E 268 57.63 51.90 -34.15
C THR E 268 56.51 52.91 -34.35
N SER E 269 55.81 52.78 -35.47
CA SER E 269 54.70 53.69 -35.76
C SER E 269 53.53 52.96 -36.36
N PHE E 270 53.22 51.80 -35.78
CA PHE E 270 52.10 50.99 -36.25
C PHE E 270 50.80 51.78 -36.29
N THR E 271 49.87 51.34 -37.14
CA THR E 271 48.58 52.02 -37.23
C THR E 271 47.45 51.04 -37.56
N ASP E 272 47.82 49.81 -37.95
CA ASP E 272 46.85 48.77 -38.28
C ASP E 272 46.33 47.94 -37.07
N TYR E 273 47.23 47.28 -36.35
CA TYR E 273 46.87 46.50 -35.19
C TYR E 273 47.92 46.67 -34.13
N TYR E 274 47.49 46.68 -32.88
CA TYR E 274 48.43 46.84 -31.77
C TYR E 274 49.45 45.71 -31.79
N PRO E 275 50.68 46.00 -31.39
CA PRO E 275 51.69 44.93 -31.35
C PRO E 275 51.52 44.21 -30.01
N ARG E 276 51.89 42.93 -29.89
CA ARG E 276 51.77 42.23 -28.61
C ARG E 276 52.83 41.17 -28.35
N HIS E 277 52.97 40.80 -27.08
CA HIS E 277 53.86 39.73 -26.66
C HIS E 277 55.33 39.91 -27.00
N LEU E 278 55.99 40.94 -26.49
CA LEU E 278 57.43 41.07 -26.83
C LEU E 278 58.29 39.97 -26.24
N ASN E 279 59.22 39.46 -27.04
CA ASN E 279 60.14 38.45 -26.53
C ASN E 279 61.47 38.60 -27.26
N THR E 280 62.54 38.15 -26.63
CA THR E 280 63.84 38.31 -27.22
C THR E 280 64.81 37.24 -26.84
N ASP E 281 65.95 37.23 -27.51
CA ASP E 281 67.03 36.26 -27.23
C ASP E 281 68.27 37.00 -26.76
N GLY E 282 68.19 38.33 -26.77
CA GLY E 282 69.31 39.15 -26.36
C GLY E 282 69.85 40.01 -27.51
N ARG E 283 69.47 39.62 -28.73
CA ARG E 283 69.90 40.34 -29.90
C ARG E 283 68.70 40.92 -30.64
N ARG E 284 67.73 40.08 -31.02
CA ARG E 284 66.54 40.58 -31.71
C ARG E 284 65.26 40.39 -30.87
N ILE E 285 64.26 41.22 -31.17
CA ILE E 285 62.97 41.23 -30.47
C ILE E 285 61.91 40.67 -31.38
N LEU E 286 61.07 39.83 -30.83
CA LEU E 286 60.01 39.19 -31.59
C LEU E 286 58.66 39.65 -31.09
N PHE E 287 57.66 39.67 -31.97
CA PHE E 287 56.33 40.09 -31.52
C PHE E 287 55.27 39.76 -32.54
N SER E 288 54.01 39.80 -32.13
CA SER E 288 52.94 39.48 -33.07
C SER E 288 52.10 40.69 -33.32
N LYS E 289 51.42 40.70 -34.46
CA LYS E 289 50.57 41.82 -34.80
C LYS E 289 49.64 41.43 -35.95
N GLY E 290 48.34 41.71 -35.76
CA GLY E 290 47.36 41.39 -36.79
C GLY E 290 47.46 39.96 -37.27
N GLY E 291 47.88 39.06 -36.38
CA GLY E 291 47.99 37.67 -36.76
C GLY E 291 49.26 37.29 -37.51
N SER E 292 50.31 38.12 -37.38
CA SER E 292 51.57 37.78 -38.07
C SER E 292 52.73 37.96 -37.11
N ILE E 293 53.86 37.36 -37.44
CA ILE E 293 55.01 37.47 -36.58
C ILE E 293 56.01 38.46 -37.19
N TYR E 294 56.49 39.39 -36.37
CA TYR E 294 57.45 40.38 -36.82
C TYR E 294 58.74 40.29 -36.04
N ILE E 295 59.78 40.87 -36.61
CA ILE E 295 61.08 40.94 -35.97
C ILE E 295 61.55 42.40 -35.96
N PHE E 296 62.14 42.81 -34.84
CA PHE E 296 62.66 44.14 -34.66
C PHE E 296 64.11 44.01 -34.23
N ASN E 297 65.00 44.59 -35.03
CA ASN E 297 66.42 44.55 -34.69
C ASN E 297 66.72 45.92 -34.08
N PRO E 298 67.05 45.95 -32.79
CA PRO E 298 67.37 47.18 -32.08
C PRO E 298 68.58 47.91 -32.68
N ASP E 299 69.60 47.14 -33.10
CA ASP E 299 70.82 47.74 -33.64
C ASP E 299 70.60 48.36 -35.02
N THR E 300 69.43 48.16 -35.59
CA THR E 300 69.13 48.70 -36.91
C THR E 300 67.83 49.46 -36.91
N GLU E 301 66.98 49.14 -35.93
CA GLU E 301 65.67 49.75 -35.81
C GLU E 301 64.84 49.32 -37.03
N LYS E 302 65.22 48.19 -37.63
CA LYS E 302 64.51 47.64 -38.78
C LYS E 302 63.50 46.59 -38.32
N ILE E 303 62.33 46.59 -38.96
CA ILE E 303 61.28 45.66 -38.62
C ILE E 303 60.79 44.95 -39.87
N GLU E 304 60.61 43.65 -39.76
CA GLU E 304 60.12 42.86 -40.87
C GLU E 304 59.24 41.67 -40.45
N LYS E 305 58.25 41.44 -41.29
CA LYS E 305 57.29 40.36 -41.12
C LYS E 305 57.95 39.07 -41.54
N ILE E 306 57.85 38.05 -40.69
CA ILE E 306 58.43 36.77 -41.05
C ILE E 306 57.42 36.06 -41.96
N GLU E 307 57.90 35.36 -42.97
CA GLU E 307 56.98 34.67 -43.89
C GLU E 307 56.65 33.27 -43.44
N ILE E 308 55.38 33.01 -43.16
CA ILE E 308 55.01 31.66 -42.76
C ILE E 308 53.97 31.06 -43.70
N GLY E 309 52.97 31.86 -44.10
CA GLY E 309 51.94 31.33 -45.00
C GLY E 309 51.08 30.25 -44.36
N ASP E 310 50.29 29.56 -45.18
CA ASP E 310 49.41 28.51 -44.68
C ASP E 310 50.16 27.49 -43.85
N LEU E 311 49.55 27.10 -42.74
CA LEU E 311 50.16 26.16 -41.84
C LEU E 311 49.25 25.00 -41.49
N GLU E 312 47.97 25.28 -41.35
CA GLU E 312 47.03 24.23 -40.99
C GLU E 312 45.60 24.67 -41.20
N SER E 313 44.83 23.86 -41.90
CA SER E 313 43.44 24.17 -42.17
C SER E 313 42.63 22.90 -41.83
N PRO E 314 42.15 22.79 -40.57
CA PRO E 314 41.37 21.62 -40.14
C PRO E 314 39.98 21.56 -40.75
N GLU E 315 39.33 20.42 -40.58
CA GLU E 315 37.98 20.17 -41.08
C GLU E 315 37.00 21.27 -40.64
N ASP E 316 36.36 21.93 -41.60
CA ASP E 316 35.43 23.00 -41.28
C ASP E 316 34.11 22.55 -40.66
N ARG E 317 33.65 21.38 -41.09
CA ARG E 317 32.41 20.78 -40.64
C ARG E 317 32.64 20.03 -39.31
N ILE E 318 31.98 20.50 -38.24
CA ILE E 318 32.12 19.93 -36.91
C ILE E 318 30.82 19.41 -36.29
N ILE E 319 31.00 18.43 -35.42
CA ILE E 319 29.92 17.76 -34.74
C ILE E 319 29.91 18.20 -33.29
N SER E 320 28.72 18.38 -32.73
CA SER E 320 28.56 18.84 -31.34
C SER E 320 27.41 18.17 -30.65
N ILE E 321 27.49 18.08 -29.33
CA ILE E 321 26.44 17.48 -28.52
C ILE E 321 25.36 18.52 -28.31
N PRO E 322 24.19 18.31 -28.91
CA PRO E 322 23.09 19.28 -28.78
C PRO E 322 22.72 19.71 -27.36
N SER E 323 22.85 18.81 -26.40
CA SER E 323 22.50 19.15 -25.05
C SER E 323 23.49 20.16 -24.48
N LYS E 324 24.75 20.03 -24.85
CA LYS E 324 25.79 20.95 -24.37
C LYS E 324 25.45 22.41 -24.64
N PHE E 325 24.75 22.68 -25.74
CA PHE E 325 24.45 24.07 -26.07
C PHE E 325 22.95 24.32 -26.13
N ALA E 326 22.18 23.41 -25.56
CA ALA E 326 20.74 23.53 -25.60
C ALA E 326 20.18 24.74 -24.84
N GLU E 327 19.17 25.38 -25.39
CA GLU E 327 18.55 26.54 -24.76
C GLU E 327 17.10 26.57 -25.25
N ASP E 328 16.18 27.05 -24.43
CA ASP E 328 14.81 27.10 -24.88
C ASP E 328 14.28 25.71 -25.22
N PHE E 329 13.40 25.18 -24.39
CA PHE E 329 12.81 23.85 -24.63
C PHE E 329 11.32 24.08 -24.47
N SER E 330 10.55 23.78 -25.50
CA SER E 330 9.11 24.00 -25.44
C SER E 330 8.31 22.79 -25.96
N PRO E 331 7.22 22.45 -25.27
CA PRO E 331 6.34 21.32 -25.62
C PRO E 331 5.35 21.69 -26.75
N LEU E 332 5.19 20.83 -27.75
CA LEU E 332 4.29 21.10 -28.87
C LEU E 332 3.13 20.10 -28.86
N ASP E 333 2.18 20.28 -29.77
CA ASP E 333 1.07 19.36 -29.86
C ASP E 333 1.59 17.97 -30.21
N GLY E 334 0.76 16.95 -30.03
CA GLY E 334 1.17 15.60 -30.35
C GLY E 334 2.36 15.09 -29.58
N ASP E 335 2.57 15.57 -28.36
CA ASP E 335 3.70 15.11 -27.57
C ASP E 335 5.05 15.36 -28.25
N LEU E 336 5.13 16.41 -29.04
CA LEU E 336 6.39 16.72 -29.65
C LEU E 336 7.11 17.79 -28.85
N ILE E 337 8.42 17.83 -29.03
CA ILE E 337 9.28 18.78 -28.36
C ILE E 337 10.03 19.66 -29.38
N ALA E 338 10.24 20.90 -28.99
CA ALA E 338 11.01 21.84 -29.81
C ALA E 338 12.09 22.39 -28.87
N PHE E 339 13.27 22.64 -29.43
CA PHE E 339 14.36 23.18 -28.66
C PHE E 339 15.37 23.80 -29.57
N VAL E 340 16.05 24.81 -29.04
CA VAL E 340 17.09 25.55 -29.73
C VAL E 340 18.44 25.11 -29.17
N SER E 341 19.45 24.98 -30.05
CA SER E 341 20.80 24.62 -29.64
C SER E 341 21.80 25.13 -30.66
N ARG E 342 22.80 25.87 -30.17
CA ARG E 342 23.87 26.41 -31.01
C ARG E 342 23.32 27.13 -32.22
N GLY E 343 22.27 27.93 -32.00
CA GLY E 343 21.66 28.72 -33.07
C GLY E 343 20.79 27.94 -34.03
N GLN E 344 20.60 26.65 -33.79
CA GLN E 344 19.76 25.82 -34.66
C GLN E 344 18.51 25.41 -33.92
N ALA E 345 17.47 24.99 -34.64
CA ALA E 345 16.25 24.58 -33.97
C ALA E 345 15.81 23.19 -34.40
N PHE E 346 15.07 22.49 -33.55
CA PHE E 346 14.66 21.14 -33.88
C PHE E 346 13.29 20.73 -33.32
N ILE E 347 12.55 19.99 -34.14
CA ILE E 347 11.26 19.47 -33.71
C ILE E 347 11.52 17.97 -33.56
N GLN E 348 11.27 17.40 -32.39
CA GLN E 348 11.53 15.97 -32.19
C GLN E 348 10.55 15.30 -31.24
N ASP E 349 10.57 13.97 -31.17
CA ASP E 349 9.70 13.23 -30.25
C ASP E 349 10.53 13.20 -28.94
N VAL E 350 9.91 12.87 -27.82
CA VAL E 350 10.70 12.92 -26.60
C VAL E 350 11.90 12.04 -26.66
N SER E 351 11.81 10.88 -27.32
CA SER E 351 12.97 9.95 -27.34
C SER E 351 14.15 10.47 -28.16
N GLY E 352 13.88 11.41 -29.05
CA GLY E 352 14.96 11.97 -29.86
C GLY E 352 15.31 11.05 -31.01
N THR E 353 14.37 10.18 -31.36
CA THR E 353 14.59 9.25 -32.45
C THR E 353 14.12 9.89 -33.75
N TYR E 354 13.00 10.60 -33.73
CA TYR E 354 12.50 11.30 -34.93
C TYR E 354 12.79 12.83 -34.79
N VAL E 355 13.81 13.31 -35.51
CA VAL E 355 14.21 14.71 -35.41
C VAL E 355 14.16 15.55 -36.68
N LEU E 356 13.59 16.75 -36.58
CA LEU E 356 13.54 17.66 -37.72
C LEU E 356 14.23 18.96 -37.39
N LYS E 357 15.16 19.35 -38.26
CA LYS E 357 15.89 20.59 -38.11
C LYS E 357 15.08 21.64 -38.80
N VAL E 358 14.99 22.82 -38.21
CA VAL E 358 14.23 23.87 -38.85
C VAL E 358 15.12 24.34 -39.97
N PRO E 359 14.55 24.46 -41.19
CA PRO E 359 15.28 24.91 -42.37
C PRO E 359 15.47 26.42 -42.40
N GLU E 360 16.36 26.93 -41.52
CA GLU E 360 16.65 28.36 -41.44
C GLU E 360 18.11 28.57 -41.04
N PRO E 361 18.82 29.46 -41.74
CA PRO E 361 20.24 29.76 -41.49
C PRO E 361 20.52 30.15 -40.03
N LEU E 362 21.79 30.25 -39.68
CA LEU E 362 22.15 30.58 -38.30
C LEU E 362 21.46 31.73 -37.63
N ARG E 363 21.35 31.46 -36.32
CA ARG E 363 20.77 32.27 -35.27
C ARG E 363 19.28 32.28 -35.11
N ILE E 364 18.74 31.18 -34.60
CA ILE E 364 17.33 31.08 -34.28
C ILE E 364 17.41 31.35 -32.78
N ARG E 365 16.68 32.33 -32.29
CA ARG E 365 16.76 32.59 -30.86
C ARG E 365 15.71 31.86 -30.06
N TYR E 366 14.49 31.83 -30.63
CA TYR E 366 13.35 31.20 -29.99
C TYR E 366 12.43 30.43 -30.92
N VAL E 367 11.76 29.41 -30.37
CA VAL E 367 10.82 28.60 -31.12
C VAL E 367 9.57 28.46 -30.25
N ARG E 368 8.40 28.58 -30.88
CA ARG E 368 7.13 28.53 -30.14
C ARG E 368 5.97 27.90 -30.90
N ARG E 369 5.19 27.07 -30.21
CA ARG E 369 4.00 26.44 -30.79
C ARG E 369 3.13 27.50 -31.49
N GLY E 370 2.87 27.32 -32.79
CA GLY E 370 2.08 28.27 -33.56
C GLY E 370 0.81 27.63 -34.10
N GLY E 371 0.65 26.33 -33.91
CA GLY E 371 -0.53 25.63 -34.40
C GLY E 371 -0.36 24.12 -34.40
N ASP E 372 -1.36 23.40 -34.92
CA ASP E 372 -1.31 21.94 -34.98
C ASP E 372 0.07 21.40 -35.33
N THR E 373 0.60 21.86 -36.47
CA THR E 373 1.90 21.42 -36.93
C THR E 373 2.79 22.60 -37.32
N LYS E 374 2.50 23.77 -36.77
CA LYS E 374 3.26 24.99 -37.09
C LYS E 374 3.99 25.54 -35.86
N VAL E 375 5.09 26.24 -36.10
CA VAL E 375 5.85 26.78 -35.00
C VAL E 375 6.40 28.14 -35.41
N ALA E 376 6.34 29.12 -34.52
CA ALA E 376 6.86 30.44 -34.85
C ALA E 376 8.25 30.51 -34.25
N PHE E 377 9.14 31.25 -34.90
CA PHE E 377 10.48 31.35 -34.35
C PHE E 377 11.04 32.73 -34.56
N ILE E 378 12.07 33.06 -33.79
CA ILE E 378 12.72 34.35 -33.93
C ILE E 378 14.10 34.10 -34.52
N HIS E 379 14.35 34.70 -35.69
CA HIS E 379 15.62 34.54 -36.38
C HIS E 379 16.45 35.79 -36.22
N GLY E 380 17.67 35.65 -35.71
CA GLY E 380 18.54 36.80 -35.50
C GLY E 380 19.67 36.96 -36.49
N THR E 381 19.84 38.16 -37.01
CA THR E 381 20.92 38.47 -37.95
C THR E 381 21.62 39.72 -37.47
N ARG E 382 22.58 40.18 -38.24
CA ARG E 382 23.33 41.38 -37.87
C ARG E 382 22.40 42.62 -37.84
N GLU E 383 21.40 42.65 -38.71
CA GLU E 383 20.45 43.77 -38.77
C GLU E 383 19.46 43.78 -37.60
N GLY E 384 19.16 42.59 -37.06
CA GLY E 384 18.24 42.47 -35.94
C GLY E 384 17.47 41.15 -35.92
N ASP E 385 16.39 41.15 -35.14
CA ASP E 385 15.57 39.97 -34.98
C ASP E 385 14.31 40.06 -35.84
N PHE E 386 13.89 38.92 -36.39
CA PHE E 386 12.70 38.81 -37.27
C PHE E 386 11.83 37.59 -36.89
N LEU E 387 10.54 37.75 -37.12
CA LEU E 387 9.58 36.70 -36.79
C LEU E 387 9.48 35.79 -38.00
N GLY E 388 9.43 34.49 -37.73
CA GLY E 388 9.33 33.50 -38.78
C GLY E 388 8.34 32.41 -38.39
N ILE E 389 7.89 31.65 -39.38
CA ILE E 389 6.95 30.58 -39.15
C ILE E 389 7.41 29.35 -39.90
N TYR E 390 7.16 28.18 -39.34
CA TYR E 390 7.58 26.97 -40.00
C TYR E 390 6.57 25.90 -39.75
N ASP E 391 6.13 25.27 -40.84
CA ASP E 391 5.18 24.17 -40.73
C ASP E 391 5.93 22.85 -40.93
N TYR E 392 6.23 22.16 -39.83
CA TYR E 392 6.96 20.91 -39.95
C TYR E 392 6.25 19.74 -40.63
N ARG E 393 4.95 19.89 -40.92
CA ARG E 393 4.22 18.82 -41.59
C ARG E 393 4.43 18.94 -43.10
N THR E 394 4.12 20.11 -43.64
CA THR E 394 4.28 20.36 -45.07
C THR E 394 5.72 20.69 -45.45
N GLY E 395 6.47 21.25 -44.51
CA GLY E 395 7.84 21.61 -44.77
C GLY E 395 8.04 23.08 -45.12
N LYS E 396 6.96 23.79 -45.49
CA LYS E 396 7.03 25.21 -45.83
C LYS E 396 7.60 25.99 -44.65
N ALA E 397 8.18 27.16 -44.93
CA ALA E 397 8.77 27.98 -43.88
C ALA E 397 9.02 29.41 -44.32
N GLU E 398 8.00 30.24 -44.28
CA GLU E 398 8.12 31.65 -44.69
C GLU E 398 8.89 32.38 -43.59
N LYS E 399 9.38 33.57 -43.87
CA LYS E 399 10.14 34.33 -42.88
C LYS E 399 9.98 35.82 -43.15
N PHE E 400 9.18 36.48 -42.32
CA PHE E 400 8.94 37.91 -42.46
C PHE E 400 10.23 38.74 -42.51
N GLU E 401 10.14 39.93 -43.09
CA GLU E 401 11.28 40.81 -43.23
C GLU E 401 11.20 42.05 -42.33
N GLU E 402 10.11 42.19 -41.60
CA GLU E 402 9.94 43.32 -40.69
C GLU E 402 10.87 43.12 -39.51
N ASN E 403 11.76 44.09 -39.28
CA ASN E 403 12.71 44.01 -38.18
C ASN E 403 12.04 44.31 -36.83
N LEU E 404 12.17 43.42 -35.85
CA LEU E 404 11.55 43.61 -34.55
C LEU E 404 12.46 44.19 -33.48
N GLY E 405 13.72 44.39 -33.84
CA GLY E 405 14.67 44.92 -32.88
C GLY E 405 15.31 43.75 -32.19
N ASN E 406 15.79 43.95 -30.96
CA ASN E 406 16.40 42.86 -30.23
C ASN E 406 15.33 42.20 -29.35
N VAL E 407 14.86 41.04 -29.81
CA VAL E 407 13.78 40.36 -29.10
C VAL E 407 14.23 39.54 -27.91
N PHE E 408 13.50 39.68 -26.81
CA PHE E 408 13.87 38.89 -25.65
C PHE E 408 12.75 37.99 -25.16
N ALA E 409 11.59 38.09 -25.79
CA ALA E 409 10.47 37.24 -25.43
C ALA E 409 9.55 37.11 -26.62
N MET E 410 8.86 35.97 -26.70
CA MET E 410 7.98 35.72 -27.82
C MET E 410 6.87 34.73 -27.43
N GLY E 411 5.66 34.96 -27.93
CA GLY E 411 4.56 34.06 -27.63
C GLY E 411 3.55 34.10 -28.74
N VAL E 412 2.80 33.01 -28.91
CA VAL E 412 1.78 32.97 -29.96
C VAL E 412 0.41 32.68 -29.34
N ASP E 413 -0.66 33.26 -29.87
CA ASP E 413 -1.94 32.98 -29.27
C ASP E 413 -2.36 31.56 -29.59
N ARG E 414 -3.16 30.98 -28.71
CA ARG E 414 -3.65 29.63 -28.89
C ARG E 414 -4.29 29.39 -30.26
N ASN E 415 -4.84 30.45 -30.84
CA ASN E 415 -5.52 30.33 -32.14
C ASN E 415 -4.62 30.63 -33.35
N GLY E 416 -3.31 30.65 -33.10
CA GLY E 416 -2.37 30.88 -34.19
C GLY E 416 -2.59 32.10 -35.08
N LYS E 417 -3.25 33.13 -34.55
CA LYS E 417 -3.53 34.34 -35.32
C LYS E 417 -2.40 35.36 -35.22
N PHE E 418 -1.94 35.64 -34.01
CA PHE E 418 -0.87 36.62 -33.85
C PHE E 418 0.14 36.17 -32.83
N ALA E 419 1.23 36.92 -32.74
CA ALA E 419 2.27 36.62 -31.75
C ALA E 419 2.48 37.87 -30.91
N VAL E 420 3.13 37.70 -29.77
CA VAL E 420 3.44 38.83 -28.90
C VAL E 420 4.95 38.82 -28.74
N VAL E 421 5.57 39.99 -28.85
CA VAL E 421 7.02 40.11 -28.77
C VAL E 421 7.52 41.31 -27.95
N ALA E 422 8.61 41.11 -27.21
CA ALA E 422 9.21 42.16 -26.40
C ALA E 422 10.63 42.34 -26.91
N ASN E 423 11.09 43.59 -26.93
CA ASN E 423 12.44 43.92 -27.38
C ASN E 423 13.14 44.84 -26.39
N ASP E 424 14.40 45.15 -26.69
CA ASP E 424 15.18 45.99 -25.82
C ASP E 424 14.84 47.47 -25.95
N ARG E 425 13.86 47.79 -26.78
CA ARG E 425 13.41 49.17 -26.85
C ARG E 425 12.30 49.30 -25.78
N PHE E 426 12.11 48.26 -24.98
CA PHE E 426 11.12 48.28 -23.93
C PHE E 426 9.70 48.32 -24.49
N GLU E 427 9.51 47.76 -25.69
CA GLU E 427 8.19 47.71 -26.32
C GLU E 427 7.58 46.32 -26.26
N ILE E 428 6.25 46.27 -26.18
CA ILE E 428 5.53 45.02 -26.16
C ILE E 428 4.68 45.23 -27.39
N MET E 429 4.53 44.19 -28.22
CA MET E 429 3.76 44.34 -29.45
C MET E 429 3.17 43.03 -29.96
N THR E 430 2.26 43.17 -30.91
CA THR E 430 1.63 42.02 -31.53
C THR E 430 2.05 42.00 -32.97
N VAL E 431 2.34 40.81 -33.47
CA VAL E 431 2.75 40.69 -34.84
C VAL E 431 1.75 39.80 -35.56
N ASP E 432 1.09 40.36 -36.56
CA ASP E 432 0.10 39.61 -37.32
C ASP E 432 0.78 38.43 -38.02
N LEU E 433 0.55 37.21 -37.54
CA LEU E 433 1.20 36.05 -38.14
C LEU E 433 0.87 35.79 -39.61
N GLU E 434 -0.13 36.50 -40.11
CA GLU E 434 -0.56 36.35 -41.51
C GLU E 434 0.33 37.18 -42.44
N THR E 435 0.47 38.47 -42.12
CA THR E 435 1.27 39.40 -42.91
C THR E 435 2.68 39.57 -42.34
N GLY E 436 2.77 39.97 -41.08
CA GLY E 436 4.07 40.14 -40.46
C GLY E 436 4.15 41.52 -39.85
N LYS E 437 3.13 42.34 -40.10
CA LYS E 437 3.09 43.71 -39.61
C LYS E 437 3.11 43.77 -38.09
N PRO E 438 4.19 44.33 -37.53
CA PRO E 438 4.24 44.43 -36.06
C PRO E 438 3.40 45.65 -35.63
N THR E 439 2.82 45.57 -34.44
CA THR E 439 2.02 46.67 -33.92
C THR E 439 2.26 46.83 -32.42
N VAL E 440 2.94 47.92 -32.08
CA VAL E 440 3.30 48.22 -30.71
C VAL E 440 2.09 48.54 -29.85
N ILE E 441 1.96 47.79 -28.75
CA ILE E 441 0.87 48.01 -27.83
C ILE E 441 1.29 49.09 -26.83
N GLU E 442 2.41 48.87 -26.17
CA GLU E 442 2.88 49.83 -25.19
C GLU E 442 4.38 49.72 -25.00
N ARG E 443 4.98 50.82 -24.54
CA ARG E 443 6.39 50.89 -24.33
C ARG E 443 6.68 51.41 -22.93
N SER E 444 7.57 50.72 -22.22
CA SER E 444 7.97 51.09 -20.87
C SER E 444 9.27 51.88 -21.01
N ARG E 445 9.57 52.74 -20.06
CA ARG E 445 10.77 53.48 -20.20
C ARG E 445 11.77 53.09 -19.14
N GLU E 446 11.53 51.96 -18.49
CA GLU E 446 12.45 51.52 -17.46
C GLU E 446 13.14 50.19 -17.78
N ALA E 447 12.36 49.20 -18.23
CA ALA E 447 12.89 47.87 -18.52
C ALA E 447 12.04 47.11 -19.56
N MET E 448 12.48 45.93 -19.97
CA MET E 448 11.76 45.14 -20.94
C MET E 448 10.46 44.52 -20.44
N ILE E 449 9.50 44.38 -21.33
CA ILE E 449 8.19 43.81 -21.00
C ILE E 449 8.20 42.34 -21.48
N THR E 450 8.99 41.52 -20.78
CA THR E 450 9.05 40.11 -21.15
C THR E 450 8.07 39.17 -20.41
N ASP E 451 7.33 39.68 -19.41
CA ASP E 451 6.39 38.87 -18.66
C ASP E 451 4.94 39.07 -19.10
N PHE E 452 4.49 38.24 -20.02
CA PHE E 452 3.15 38.39 -20.53
C PHE E 452 2.40 37.12 -20.83
N THR E 453 1.11 37.28 -21.06
CA THR E 453 0.28 36.13 -21.39
C THR E 453 -0.93 36.52 -22.22
N ILE E 454 -1.43 35.57 -22.98
CA ILE E 454 -2.58 35.79 -23.86
C ILE E 454 -3.71 34.89 -23.42
N SER E 455 -4.90 35.43 -23.35
CA SER E 455 -6.04 34.63 -22.94
C SER E 455 -6.34 33.59 -24.03
N ASP E 456 -7.05 32.52 -23.65
CA ASP E 456 -7.39 31.45 -24.61
C ASP E 456 -8.29 31.92 -25.75
N ASN E 457 -9.17 32.90 -25.51
CA ASN E 457 -10.00 33.37 -26.61
C ASN E 457 -9.28 34.45 -27.45
N SER E 458 -7.99 34.65 -27.18
CA SER E 458 -7.16 35.59 -27.91
C SER E 458 -7.60 37.04 -27.84
N ARG E 459 -8.42 37.36 -26.85
CA ARG E 459 -8.92 38.73 -26.74
C ARG E 459 -8.10 39.67 -25.87
N PHE E 460 -7.46 39.16 -24.84
CA PHE E 460 -6.74 40.05 -23.97
C PHE E 460 -5.27 39.73 -23.85
N ILE E 461 -4.47 40.73 -23.52
CA ILE E 461 -3.05 40.45 -23.29
C ILE E 461 -2.65 41.08 -21.96
N ALA E 462 -2.24 40.26 -21.00
CA ALA E 462 -1.83 40.76 -19.68
C ALA E 462 -0.34 40.66 -19.59
N TYR E 463 0.30 41.71 -19.10
CA TYR E 463 1.76 41.75 -18.99
C TYR E 463 2.30 42.69 -17.87
N GLY E 464 3.49 42.38 -17.35
CA GLY E 464 4.03 43.24 -16.32
C GLY E 464 4.59 44.48 -17.02
N PHE E 465 4.28 45.66 -16.50
CA PHE E 465 4.73 46.91 -17.09
C PHE E 465 5.66 47.64 -16.13
N PRO E 466 6.97 47.53 -16.35
CA PRO E 466 7.87 48.23 -15.41
C PRO E 466 7.68 49.74 -15.42
N LEU E 467 7.78 50.38 -14.25
CA LEU E 467 7.58 51.82 -14.14
C LEU E 467 8.26 52.39 -12.90
N LYS E 468 8.42 53.71 -12.87
CA LYS E 468 9.03 54.38 -11.73
C LYS E 468 8.15 55.56 -11.40
N HIS E 469 8.14 55.94 -10.13
CA HIS E 469 7.33 57.09 -9.77
C HIS E 469 8.11 58.33 -10.17
N GLY E 470 9.42 58.32 -9.91
CA GLY E 470 10.25 59.44 -10.29
C GLY E 470 11.35 58.97 -11.21
N GLU E 471 11.91 59.87 -12.00
CA GLU E 471 12.99 59.48 -12.92
C GLU E 471 14.26 58.99 -12.23
N THR E 472 14.56 59.53 -11.06
CA THR E 472 15.75 59.13 -10.36
C THR E 472 15.45 58.21 -9.21
N ASP E 473 14.28 57.56 -9.25
CA ASP E 473 13.81 56.64 -8.22
C ASP E 473 14.74 55.44 -8.15
N GLY E 474 15.06 54.98 -6.95
CA GLY E 474 15.92 53.83 -6.80
C GLY E 474 15.28 52.47 -7.01
N TYR E 475 13.96 52.45 -7.16
CA TYR E 475 13.26 51.19 -7.33
C TYR E 475 12.34 51.24 -8.54
N VAL E 476 12.28 50.15 -9.27
CA VAL E 476 11.41 50.10 -10.42
C VAL E 476 10.22 49.24 -9.98
N MET E 477 9.03 49.78 -10.13
CA MET E 477 7.86 49.07 -9.75
C MET E 477 7.38 48.31 -10.96
N GLN E 478 6.33 47.51 -10.80
CA GLN E 478 5.76 46.76 -11.93
C GLN E 478 4.30 46.49 -11.66
N ALA E 479 3.48 46.88 -12.60
CA ALA E 479 2.06 46.73 -12.47
C ALA E 479 1.61 45.91 -13.65
N ILE E 480 0.55 45.12 -13.48
CA ILE E 480 0.07 44.31 -14.59
C ILE E 480 -0.88 45.16 -15.43
N HIS E 481 -0.71 45.08 -16.74
CA HIS E 481 -1.56 45.80 -17.68
C HIS E 481 -2.33 44.81 -18.54
N VAL E 482 -3.50 45.20 -18.98
CA VAL E 482 -4.24 44.28 -19.83
C VAL E 482 -4.63 45.01 -21.10
N TYR E 483 -4.36 44.40 -22.24
CA TYR E 483 -4.71 44.98 -23.52
C TYR E 483 -5.88 44.23 -24.11
N ASP E 484 -6.92 44.97 -24.49
CA ASP E 484 -8.12 44.39 -25.11
C ASP E 484 -8.04 44.55 -26.64
N MET E 485 -7.88 43.46 -27.39
CA MET E 485 -7.82 43.53 -28.85
C MET E 485 -9.06 44.21 -29.43
N GLU E 486 -10.20 44.10 -28.76
CA GLU E 486 -11.39 44.79 -29.23
C GLU E 486 -11.44 46.09 -28.45
N GLY E 487 -11.53 47.20 -29.15
CA GLY E 487 -11.56 48.46 -28.47
C GLY E 487 -10.13 48.94 -28.39
N ARG E 488 -9.20 48.02 -28.57
CA ARG E 488 -7.79 48.38 -28.57
C ARG E 488 -7.45 49.41 -27.47
N LYS E 489 -7.81 49.11 -26.23
CA LYS E 489 -7.48 50.00 -25.11
C LYS E 489 -6.74 49.22 -24.03
N ILE E 490 -5.90 49.93 -23.28
CA ILE E 490 -5.13 49.31 -22.22
C ILE E 490 -5.74 49.57 -20.83
N PHE E 491 -5.94 48.53 -20.03
CA PHE E 491 -6.51 48.73 -18.70
C PHE E 491 -5.50 48.36 -17.62
N ALA E 492 -5.67 48.97 -16.45
CA ALA E 492 -4.76 48.71 -15.34
C ALA E 492 -5.31 47.60 -14.47
N ALA E 493 -4.69 46.44 -14.54
CA ALA E 493 -5.12 45.30 -13.76
C ALA E 493 -4.73 45.51 -12.31
N THR E 494 -3.65 46.26 -12.09
CA THR E 494 -3.18 46.42 -10.74
C THR E 494 -2.58 47.82 -10.46
N THR E 495 -2.44 48.20 -9.19
CA THR E 495 -1.91 49.52 -8.84
C THR E 495 -0.39 49.54 -9.04
N GLU E 496 0.23 50.71 -9.01
CA GLU E 496 1.66 50.74 -9.27
C GLU E 496 2.58 50.95 -8.09
N ASN E 497 2.22 50.35 -6.97
CA ASN E 497 2.99 50.49 -5.75
C ASN E 497 3.93 49.36 -5.42
N SER E 498 3.96 48.34 -6.26
CA SER E 498 4.88 47.28 -5.95
C SER E 498 5.26 46.46 -7.16
N HIS E 499 5.47 45.17 -6.95
CA HIS E 499 5.88 44.32 -8.02
C HIS E 499 4.86 43.22 -8.28
N ASP E 500 4.15 43.35 -9.39
CA ASP E 500 3.12 42.39 -9.79
C ASP E 500 3.61 41.65 -11.04
N TYR E 501 3.44 40.33 -11.05
CA TYR E 501 3.97 39.56 -12.17
C TYR E 501 3.28 38.21 -12.43
N ALA E 502 3.86 37.46 -13.37
CA ALA E 502 3.38 36.17 -13.76
C ALA E 502 1.88 36.07 -14.10
N PRO E 503 1.34 37.05 -14.81
CA PRO E 503 -0.11 36.94 -15.13
C PRO E 503 -0.49 35.66 -15.80
N ALA E 504 -1.72 35.19 -15.59
CA ALA E 504 -2.21 33.95 -16.19
C ALA E 504 -3.75 33.93 -16.22
N PHE E 505 -4.33 33.65 -17.40
CA PHE E 505 -5.77 33.63 -17.52
C PHE E 505 -6.25 32.23 -17.28
N ASP E 506 -7.48 32.07 -16.83
CA ASP E 506 -7.96 30.70 -16.66
C ASP E 506 -8.43 30.33 -18.06
N ALA E 507 -8.56 29.03 -18.28
CA ALA E 507 -8.99 28.53 -19.58
C ALA E 507 -10.24 29.21 -20.12
N ASP E 508 -11.26 29.44 -19.27
CA ASP E 508 -12.51 30.09 -19.71
C ASP E 508 -12.36 31.57 -20.03
N SER E 509 -11.20 32.14 -19.72
CA SER E 509 -10.97 33.57 -19.95
C SER E 509 -11.94 34.42 -19.11
N LYS E 510 -12.19 34.05 -17.87
CA LYS E 510 -13.08 34.84 -17.03
C LYS E 510 -12.38 35.55 -15.87
N ASN E 511 -11.24 35.00 -15.47
CA ASN E 511 -10.49 35.59 -14.41
C ASN E 511 -9.01 35.72 -14.77
N LEU E 512 -8.37 36.78 -14.26
CA LEU E 512 -6.95 36.96 -14.46
C LEU E 512 -6.22 36.65 -13.13
N TYR E 513 -5.32 35.68 -13.16
CA TYR E 513 -4.53 35.37 -11.96
C TYR E 513 -3.13 35.97 -12.15
N TYR E 514 -2.47 36.27 -11.05
CA TYR E 514 -1.13 36.78 -11.11
C TYR E 514 -0.48 36.74 -9.71
N LEU E 515 0.82 37.06 -9.60
CA LEU E 515 1.50 37.05 -8.31
C LEU E 515 1.96 38.47 -7.93
N SER E 516 2.32 38.68 -6.66
CA SER E 516 2.78 39.98 -6.16
C SER E 516 3.68 39.78 -4.96
N TYR E 517 4.53 40.76 -4.71
CA TYR E 517 5.44 40.76 -3.55
C TYR E 517 4.83 41.80 -2.65
N ARG E 518 3.52 41.76 -2.49
CA ARG E 518 2.93 42.78 -1.69
C ARG E 518 2.66 42.38 -0.27
N SER E 519 2.85 41.12 0.05
CA SER E 519 2.57 40.68 1.40
C SER E 519 3.69 40.92 2.39
N LEU E 520 3.97 42.19 2.64
CA LEU E 520 5.05 42.50 3.52
C LEU E 520 4.95 41.91 4.91
N ASP E 521 6.01 41.19 5.25
CA ASP E 521 6.17 40.60 6.56
C ASP E 521 7.69 40.35 6.71
N PRO E 522 8.31 40.90 7.74
CA PRO E 522 9.76 40.67 7.87
C PRO E 522 10.26 39.35 8.47
N SER E 523 11.44 38.90 8.04
CA SER E 523 12.03 37.70 8.61
C SER E 523 13.31 38.19 9.26
N PRO E 524 13.64 37.68 10.46
CA PRO E 524 14.84 38.06 11.19
C PRO E 524 16.12 37.39 10.66
N ASP E 525 17.23 38.12 10.78
CA ASP E 525 18.56 37.67 10.40
C ASP E 525 19.09 36.89 11.61
N ARG E 526 19.73 35.75 11.39
CA ARG E 526 20.24 35.00 12.51
C ARG E 526 21.58 35.45 13.12
N VAL E 527 22.28 36.36 12.44
CA VAL E 527 23.58 36.79 12.88
C VAL E 527 23.69 38.25 13.21
N VAL E 528 23.12 39.05 12.32
CA VAL E 528 23.19 40.50 12.44
C VAL E 528 21.84 41.08 12.78
N LEU E 529 21.81 42.21 13.48
CA LEU E 529 20.54 42.83 13.79
C LEU E 529 19.99 43.33 12.44
N ASN E 530 19.15 42.55 11.80
CA ASN E 530 18.62 42.91 10.50
C ASN E 530 17.35 42.14 10.16
N PHE E 531 16.60 42.60 9.16
CA PHE E 531 15.37 41.94 8.75
C PHE E 531 15.20 42.11 7.26
N SER E 532 14.58 41.15 6.60
CA SER E 532 14.38 41.31 5.17
C SER E 532 13.10 40.63 4.75
N PHE E 533 12.61 40.93 3.55
CA PHE E 533 11.42 40.29 3.04
C PHE E 533 11.75 39.03 2.24
N GLU E 534 11.60 37.90 2.90
CA GLU E 534 11.86 36.60 2.30
C GLU E 534 10.61 35.91 1.76
N VAL E 535 9.58 35.85 2.59
CA VAL E 535 8.34 35.22 2.18
C VAL E 535 7.18 36.20 2.15
N VAL E 536 7.07 36.91 1.06
CA VAL E 536 6.07 37.94 0.93
C VAL E 536 5.40 37.85 -0.42
N SER E 537 5.45 36.67 -1.02
CA SER E 537 4.83 36.50 -2.32
C SER E 537 3.47 35.83 -2.13
N LYS E 538 2.48 36.35 -2.83
CA LYS E 538 1.19 35.78 -2.68
C LYS E 538 0.45 35.93 -3.98
N PRO E 539 -0.45 34.96 -4.30
CA PRO E 539 -1.25 35.00 -5.53
C PRO E 539 -2.53 35.83 -5.35
N PHE E 540 -3.05 36.39 -6.43
CA PHE E 540 -4.26 37.21 -6.38
C PHE E 540 -5.04 36.91 -7.63
N VAL E 541 -6.31 37.27 -7.65
CA VAL E 541 -7.08 37.03 -8.86
C VAL E 541 -7.94 38.23 -9.11
N ILE E 542 -8.44 38.33 -10.34
CA ILE E 542 -9.28 39.43 -10.74
C ILE E 542 -10.29 38.93 -11.74
N PRO E 543 -11.58 38.95 -11.37
CA PRO E 543 -12.64 38.50 -12.28
C PRO E 543 -12.86 39.55 -13.34
N LEU E 544 -12.86 39.12 -14.61
CA LEU E 544 -13.03 40.03 -15.74
C LEU E 544 -14.45 40.56 -15.89
N ILE E 545 -15.40 39.93 -15.18
CA ILE E 545 -16.80 40.33 -15.18
C ILE E 545 -17.18 40.85 -13.81
N PRO E 546 -17.34 42.16 -13.67
CA PRO E 546 -17.70 42.79 -12.40
C PRO E 546 -18.89 42.11 -11.71
N GLY E 547 -18.83 42.00 -10.39
CA GLY E 547 -19.92 41.40 -9.68
C GLY E 547 -19.69 39.93 -9.53
N SER E 548 -18.70 39.44 -10.23
CA SER E 548 -18.36 38.04 -10.14
C SER E 548 -17.33 37.93 -9.00
N PRO E 549 -17.48 36.92 -8.12
CA PRO E 549 -16.53 36.78 -7.01
C PRO E 549 -15.26 36.02 -7.32
N ASN E 550 -14.33 36.07 -6.37
CA ASN E 550 -13.07 35.36 -6.48
C ASN E 550 -13.46 33.88 -6.49
N PRO E 551 -13.24 33.20 -7.61
CA PRO E 551 -13.59 31.79 -7.69
C PRO E 551 -13.07 30.89 -6.57
N THR E 552 -11.85 31.12 -6.09
CA THR E 552 -11.31 30.27 -5.03
C THR E 552 -11.97 30.52 -3.68
N LYS E 553 -12.83 31.51 -3.59
CA LYS E 553 -13.53 31.77 -2.33
C LYS E 553 -14.70 30.81 -2.14
N LEU E 554 -15.02 30.02 -3.16
CA LEU E 554 -16.11 29.05 -3.06
C LEU E 554 -17.40 29.65 -2.56
N VAL E 555 -17.83 30.76 -3.15
CA VAL E 555 -19.09 31.36 -2.79
C VAL E 555 -20.17 30.58 -3.55
N PRO E 556 -21.14 30.01 -2.83
CA PRO E 556 -22.21 29.24 -3.48
C PRO E 556 -22.80 29.99 -4.67
N ARG E 557 -22.90 29.28 -5.79
CA ARG E 557 -23.46 29.87 -7.00
C ARG E 557 -24.89 30.44 -6.86
N SER E 558 -25.71 29.77 -6.05
CA SER E 558 -27.07 30.19 -5.83
C SER E 558 -27.11 31.56 -5.14
N MET E 559 -26.07 31.86 -4.38
CA MET E 559 -25.99 33.09 -3.63
C MET E 559 -25.27 34.23 -4.36
N THR E 560 -24.76 33.95 -5.55
CA THR E 560 -24.09 34.98 -6.33
C THR E 560 -24.87 35.23 -7.60
N SER E 561 -25.14 36.49 -7.88
CA SER E 561 -25.88 36.84 -9.09
C SER E 561 -24.91 37.29 -10.17
N GLU E 562 -24.17 36.36 -10.77
CA GLU E 562 -23.25 36.74 -11.83
C GLU E 562 -24.02 36.94 -13.15
N ALA E 563 -23.46 36.37 -14.23
CA ALA E 563 -24.06 36.47 -15.54
C ALA E 563 -23.96 37.91 -16.07
N GLY E 564 -22.79 38.52 -15.91
CA GLY E 564 -22.58 39.86 -16.40
C GLY E 564 -21.72 39.79 -17.67
N GLU E 565 -21.17 40.91 -18.07
CA GLU E 565 -20.35 40.95 -19.26
C GLU E 565 -18.98 41.55 -18.92
N TYR E 566 -18.01 41.44 -19.84
CA TYR E 566 -16.65 41.95 -19.62
C TYR E 566 -16.62 43.42 -19.33
N ASP E 567 -15.84 43.79 -18.33
CA ASP E 567 -15.69 45.19 -18.00
C ASP E 567 -14.35 45.31 -17.28
N LEU E 568 -13.33 45.80 -17.98
CA LEU E 568 -12.03 45.92 -17.37
C LEU E 568 -11.79 47.25 -16.65
N ASN E 569 -12.81 48.11 -16.50
CA ASN E 569 -12.61 49.37 -15.80
C ASN E 569 -12.44 49.20 -14.31
N ASP E 570 -11.48 49.89 -13.74
CA ASP E 570 -11.23 49.81 -12.32
C ASP E 570 -11.18 48.36 -11.84
N MET E 571 -10.67 47.47 -12.67
CA MET E 571 -10.63 46.07 -12.28
C MET E 571 -9.63 45.85 -11.13
N TYR E 572 -8.67 46.73 -10.98
CA TYR E 572 -7.74 46.62 -9.87
C TYR E 572 -8.48 46.78 -8.54
N LYS E 573 -9.68 47.32 -8.57
CA LYS E 573 -10.44 47.47 -7.32
C LYS E 573 -11.14 46.16 -6.88
N ARG E 574 -11.38 45.26 -7.83
CA ARG E 574 -12.05 43.98 -7.55
C ARG E 574 -11.02 42.91 -7.21
N SER E 575 -9.75 43.25 -7.31
CA SER E 575 -8.71 42.26 -7.02
C SER E 575 -8.96 41.61 -5.66
N SER E 576 -8.52 40.37 -5.56
CA SER E 576 -8.70 39.56 -4.37
C SER E 576 -7.55 38.53 -4.28
N PRO E 577 -7.09 38.21 -3.07
CA PRO E 577 -6.00 37.24 -2.95
C PRO E 577 -6.53 35.82 -2.84
N ILE E 578 -5.66 34.83 -3.00
CA ILE E 578 -6.16 33.49 -2.81
C ILE E 578 -5.46 33.05 -1.50
N ASN E 579 -6.22 32.32 -0.69
CA ASN E 579 -5.80 31.88 0.63
C ASN E 579 -4.72 30.85 0.62
N VAL E 580 -3.51 31.32 0.28
CA VAL E 580 -2.34 30.48 0.22
C VAL E 580 -1.26 31.12 1.02
N ASP E 581 -0.57 30.34 1.81
CA ASP E 581 0.51 30.86 2.63
C ASP E 581 1.52 31.67 1.77
N PRO E 582 2.02 32.77 2.31
CA PRO E 582 2.99 33.59 1.59
C PRO E 582 4.25 32.75 1.43
N GLY E 583 4.93 32.94 0.31
CA GLY E 583 6.18 32.26 0.02
C GLY E 583 6.94 33.04 -1.04
N ASP E 584 7.69 32.36 -1.90
CA ASP E 584 8.44 32.96 -3.02
C ASP E 584 8.03 32.19 -4.28
N TYR E 585 6.96 32.67 -4.91
CA TYR E 585 6.36 32.07 -6.05
C TYR E 585 6.77 32.70 -7.33
N ARG E 586 6.96 31.86 -8.36
CA ARG E 586 7.42 32.34 -9.65
C ARG E 586 6.43 32.11 -10.79
N MET E 587 5.35 31.41 -10.51
CA MET E 587 4.38 31.12 -11.53
C MET E 587 3.11 30.59 -10.93
N ILE E 588 1.98 30.90 -11.54
CA ILE E 588 0.75 30.40 -11.06
C ILE E 588 0.01 29.90 -12.29
N ILE E 589 -0.55 28.69 -12.23
CA ILE E 589 -1.29 28.09 -13.36
C ILE E 589 -2.65 27.64 -12.86
N PRO E 590 -3.69 28.40 -13.19
CA PRO E 590 -5.05 28.08 -12.77
C PRO E 590 -5.61 26.94 -13.61
N LEU E 591 -6.07 25.91 -12.92
CA LEU E 591 -6.67 24.75 -13.56
C LEU E 591 -8.12 24.61 -13.11
N GLU E 592 -8.82 23.58 -13.59
CA GLU E 592 -10.23 23.41 -13.26
C GLU E 592 -10.59 23.48 -11.78
N SER E 593 -10.14 22.48 -11.01
CA SER E 593 -10.46 22.47 -9.60
C SER E 593 -9.20 22.59 -8.74
N SER E 594 -8.13 23.08 -9.35
CA SER E 594 -6.91 23.28 -8.62
C SER E 594 -6.08 24.35 -9.30
N ILE E 595 -5.00 24.76 -8.61
CA ILE E 595 -4.10 25.79 -9.13
C ILE E 595 -2.69 25.33 -8.87
N LEU E 596 -1.85 25.34 -9.89
CA LEU E 596 -0.47 24.94 -9.70
C LEU E 596 0.33 26.19 -9.39
N ILE E 597 1.30 26.07 -8.50
CA ILE E 597 2.19 27.17 -8.14
C ILE E 597 3.62 26.70 -8.04
N TYR E 598 4.51 27.48 -8.61
CA TYR E 598 5.92 27.16 -8.58
C TYR E 598 6.48 27.96 -7.40
N SER E 599 7.15 27.25 -6.50
CA SER E 599 7.70 27.84 -5.29
C SER E 599 9.20 27.63 -5.14
N VAL E 600 9.91 28.64 -4.64
CA VAL E 600 11.35 28.52 -4.43
C VAL E 600 11.69 28.74 -2.95
N PRO E 601 12.13 27.68 -2.25
CA PRO E 601 12.50 27.77 -0.84
C PRO E 601 13.61 28.79 -0.65
N VAL E 602 13.59 29.44 0.52
CA VAL E 602 14.62 30.41 0.83
C VAL E 602 15.98 29.70 0.81
N HIS E 603 16.96 30.35 0.18
CA HIS E 603 18.30 29.75 0.06
C HIS E 603 19.39 30.80 -0.03
N GLY E 604 20.61 30.39 0.29
CA GLY E 604 21.76 31.28 0.18
C GLY E 604 22.07 31.57 -1.27
N GLU E 605 22.86 32.60 -1.53
CA GLU E 605 23.20 32.99 -2.88
C GLU E 605 24.64 32.70 -3.26
N PHE E 606 25.44 32.22 -2.32
CA PHE E 606 26.84 31.98 -2.62
C PHE E 606 27.13 31.03 -3.79
N ALA E 607 26.47 29.89 -3.81
CA ALA E 607 26.70 28.92 -4.87
C ALA E 607 26.27 29.46 -6.22
N ALA E 608 25.18 30.20 -6.25
CA ALA E 608 24.69 30.73 -7.51
C ALA E 608 25.50 31.86 -8.00
N TYR E 609 26.18 32.52 -7.07
CA TYR E 609 26.99 33.70 -7.39
C TYR E 609 28.42 33.36 -7.84
N TYR E 610 28.98 32.29 -7.30
CA TYR E 610 30.32 31.91 -7.66
C TYR E 610 30.45 30.55 -8.32
N GLN E 611 29.35 29.81 -8.44
CA GLN E 611 29.46 28.48 -9.04
C GLN E 611 28.37 28.26 -10.05
N GLY E 612 27.69 29.34 -10.42
CA GLY E 612 26.59 29.20 -11.37
C GLY E 612 25.50 28.25 -10.91
N ALA E 613 25.46 27.90 -9.61
CA ALA E 613 24.41 26.99 -9.11
C ALA E 613 22.97 27.50 -9.42
N PRO E 614 22.18 26.66 -10.10
CA PRO E 614 20.81 27.01 -10.45
C PRO E 614 19.92 27.11 -9.23
N GLU E 615 18.82 27.84 -9.38
CA GLU E 615 17.87 28.04 -8.31
C GLU E 615 16.91 26.83 -8.26
N LYS E 616 16.83 26.14 -7.11
CA LYS E 616 15.93 24.98 -6.98
C LYS E 616 14.50 25.34 -6.54
N GLY E 617 13.53 24.92 -7.35
CA GLY E 617 12.13 25.19 -7.08
C GLY E 617 11.37 23.89 -6.91
N VAL E 618 10.10 24.00 -6.64
CA VAL E 618 9.26 22.82 -6.43
C VAL E 618 7.89 23.21 -6.98
N LEU E 619 7.17 22.26 -7.57
CA LEU E 619 5.87 22.53 -8.15
C LEU E 619 4.81 22.16 -7.14
N LEU E 620 3.98 23.14 -6.72
CA LEU E 620 2.94 22.87 -5.74
C LEU E 620 1.55 22.84 -6.36
N LYS E 621 0.65 22.13 -5.70
CA LYS E 621 -0.72 22.03 -6.17
C LYS E 621 -1.62 22.50 -5.06
N TYR E 622 -2.49 23.44 -5.38
CA TYR E 622 -3.43 23.99 -4.44
C TYR E 622 -4.82 23.53 -4.85
N ASP E 623 -5.43 22.71 -4.01
CA ASP E 623 -6.77 22.19 -4.27
C ASP E 623 -7.79 23.28 -3.92
N VAL E 624 -8.53 23.79 -4.90
CA VAL E 624 -9.47 24.88 -4.61
C VAL E 624 -10.57 24.53 -3.62
N LYS E 625 -11.00 23.27 -3.67
CA LYS E 625 -12.05 22.77 -2.81
C LYS E 625 -11.63 22.53 -1.37
N THR E 626 -10.51 21.84 -1.16
CA THR E 626 -10.03 21.52 0.19
C THR E 626 -9.03 22.53 0.72
N ARG E 627 -8.58 23.42 -0.16
CA ARG E 627 -7.60 24.43 0.18
C ARG E 627 -6.32 23.83 0.72
N LYS E 628 -6.09 22.57 0.40
CA LYS E 628 -4.87 21.90 0.84
C LYS E 628 -3.79 21.93 -0.25
N VAL E 629 -2.57 22.17 0.18
CA VAL E 629 -1.43 22.25 -0.72
C VAL E 629 -0.58 21.01 -0.67
N THR E 630 -0.04 20.62 -1.81
CA THR E 630 0.81 19.44 -1.84
C THR E 630 1.93 19.62 -2.85
N GLU E 631 2.98 18.84 -2.66
CA GLU E 631 4.13 18.88 -3.54
C GLU E 631 3.91 17.94 -4.70
N VAL E 632 3.99 18.46 -5.91
CA VAL E 632 3.83 17.66 -7.14
C VAL E 632 5.19 17.23 -7.74
N LYS E 633 6.24 18.02 -7.56
CA LYS E 633 7.54 17.71 -8.15
C LYS E 633 8.66 18.61 -7.62
N ASN E 634 9.76 18.02 -7.17
CA ASN E 634 10.85 18.86 -6.64
C ASN E 634 12.13 18.83 -7.48
N ASN E 635 13.16 19.50 -6.99
CA ASN E 635 14.43 19.59 -7.70
C ASN E 635 14.28 20.18 -9.09
N LEU E 636 13.30 21.05 -9.25
CA LEU E 636 13.09 21.68 -10.52
C LEU E 636 13.94 22.96 -10.67
N THR E 637 14.27 23.32 -11.90
CA THR E 637 15.03 24.56 -12.10
C THR E 637 14.30 25.40 -13.15
N ASP E 638 13.32 24.79 -13.83
CA ASP E 638 12.56 25.49 -14.88
C ASP E 638 11.31 24.69 -15.28
N LEU E 639 10.25 25.36 -15.68
CA LEU E 639 9.03 24.65 -16.06
C LEU E 639 8.28 25.34 -17.20
N ARG E 640 7.74 24.54 -18.12
CA ARG E 640 7.00 25.06 -19.26
C ARG E 640 5.73 24.26 -19.33
N LEU E 641 4.68 24.87 -19.85
CA LEU E 641 3.44 24.16 -19.92
C LEU E 641 2.88 24.19 -21.33
N SER E 642 2.30 23.05 -21.70
CA SER E 642 1.65 22.81 -22.97
C SER E 642 0.57 23.84 -23.28
N ALA E 643 0.12 23.90 -24.53
CA ALA E 643 -0.92 24.83 -24.97
C ALA E 643 -2.26 24.40 -24.41
N ASP E 644 -2.48 23.09 -24.39
CA ASP E 644 -3.72 22.58 -23.87
C ASP E 644 -3.61 22.34 -22.36
N ARG E 645 -2.56 22.88 -21.73
CA ARG E 645 -2.37 22.69 -20.29
C ARG E 645 -2.37 21.21 -19.87
N LYS E 646 -2.14 20.30 -20.81
CA LYS E 646 -2.16 18.89 -20.43
C LYS E 646 -0.77 18.28 -20.19
N THR E 647 0.24 18.82 -20.87
CA THR E 647 1.62 18.32 -20.74
C THR E 647 2.52 19.30 -20.01
N VAL E 648 3.38 18.77 -19.16
CA VAL E 648 4.32 19.61 -18.43
C VAL E 648 5.75 19.22 -18.81
N MET E 649 6.55 20.22 -19.11
CA MET E 649 7.93 19.98 -19.46
C MET E 649 8.76 20.69 -18.41
N VAL E 650 9.77 20.02 -17.88
CA VAL E 650 10.59 20.65 -16.86
C VAL E 650 12.08 20.31 -16.99
N ARG E 651 12.89 21.04 -16.24
CA ARG E 651 14.30 20.82 -16.18
C ARG E 651 14.55 20.66 -14.71
N LYS E 652 15.39 19.71 -14.34
CA LYS E 652 15.69 19.53 -12.95
C LYS E 652 17.12 19.96 -12.67
N ASP E 653 17.46 19.91 -11.38
CA ASP E 653 18.79 20.31 -10.90
C ASP E 653 19.91 19.48 -11.47
N ASP E 654 19.58 18.38 -12.15
CA ASP E 654 20.61 17.55 -12.74
C ASP E 654 20.87 18.01 -14.15
N GLY E 655 20.20 19.09 -14.56
CA GLY E 655 20.39 19.60 -15.91
C GLY E 655 19.59 18.91 -17.01
N LYS E 656 18.96 17.79 -16.67
CA LYS E 656 18.18 17.06 -17.65
C LYS E 656 16.74 17.61 -17.79
N ILE E 657 16.14 17.38 -18.95
CA ILE E 657 14.78 17.82 -19.26
C ILE E 657 13.81 16.67 -19.19
N TYR E 658 12.68 16.91 -18.58
CA TYR E 658 11.71 15.85 -18.44
C TYR E 658 10.36 16.29 -18.86
N THR E 659 9.50 15.33 -19.09
CA THR E 659 8.15 15.63 -19.50
C THR E 659 7.14 14.70 -18.83
N PHE E 660 6.03 15.25 -18.36
CA PHE E 660 5.03 14.42 -17.70
C PHE E 660 3.64 14.98 -17.89
N PRO E 661 2.63 14.09 -17.86
CA PRO E 661 1.24 14.54 -18.04
C PRO E 661 0.78 15.20 -16.76
N LEU E 662 0.03 16.28 -16.90
CA LEU E 662 -0.45 16.97 -15.73
C LEU E 662 -1.35 16.05 -14.90
N GLU E 663 -1.97 15.06 -15.56
CA GLU E 663 -2.85 14.09 -14.93
C GLU E 663 -2.13 13.01 -14.10
N LYS E 664 -0.98 12.55 -14.58
CA LYS E 664 -0.20 11.54 -13.89
C LYS E 664 1.28 11.95 -13.86
N PRO E 665 1.63 12.94 -13.03
CA PRO E 665 3.01 13.41 -12.90
C PRO E 665 4.00 12.33 -12.52
N GLU E 666 3.51 11.15 -12.18
CA GLU E 666 4.39 10.07 -11.80
C GLU E 666 4.94 9.43 -13.07
N ASP E 667 4.28 9.65 -14.20
CA ASP E 667 4.73 9.07 -15.47
C ASP E 667 5.55 10.06 -16.32
N GLU E 668 6.68 10.53 -15.80
CA GLU E 668 7.51 11.46 -16.55
C GLU E 668 8.55 10.68 -17.37
N ARG E 669 8.94 11.23 -18.52
CA ARG E 669 9.96 10.63 -19.38
C ARG E 669 11.06 11.65 -19.53
N THR E 670 12.26 11.16 -19.80
CA THR E 670 13.41 12.03 -20.00
C THR E 670 13.50 12.40 -21.50
N VAL E 671 13.63 13.68 -21.79
CA VAL E 671 13.74 14.10 -23.18
C VAL E 671 15.17 13.87 -23.66
N GLU E 672 15.34 12.95 -24.61
CA GLU E 672 16.67 12.65 -25.16
C GLU E 672 16.90 13.52 -26.40
N THR E 673 18.05 14.19 -26.44
CA THR E 673 18.38 15.11 -27.54
C THR E 673 19.72 14.79 -28.19
N ASP E 674 20.51 13.94 -27.56
CA ASP E 674 21.82 13.64 -28.06
C ASP E 674 21.92 12.40 -28.90
N LYS E 675 20.78 11.93 -29.39
CA LYS E 675 20.82 10.74 -30.21
C LYS E 675 21.39 11.09 -31.58
N ARG E 676 21.17 12.34 -31.97
CA ARG E 676 21.67 12.86 -33.24
C ARG E 676 22.70 13.98 -33.00
N PRO E 677 23.83 13.94 -33.75
CA PRO E 677 24.89 14.95 -33.61
C PRO E 677 24.45 16.29 -34.15
N LEU E 678 24.95 17.37 -33.56
CA LEU E 678 24.62 18.70 -34.04
C LEU E 678 25.68 18.95 -35.16
N VAL E 679 25.26 19.45 -36.31
CA VAL E 679 26.21 19.70 -37.42
C VAL E 679 26.34 21.16 -37.81
N SER E 680 27.58 21.67 -37.79
CA SER E 680 27.80 23.05 -38.15
C SER E 680 29.15 23.28 -38.86
N SER E 681 29.34 24.53 -39.32
CA SER E 681 30.55 25.01 -40.02
C SER E 681 31.33 26.02 -39.18
N ILE E 682 32.57 25.67 -38.82
CA ILE E 682 33.38 26.57 -38.02
C ILE E 682 33.35 27.99 -38.55
N HIS E 683 33.67 28.17 -39.84
CA HIS E 683 33.70 29.54 -40.37
C HIS E 683 32.36 30.24 -40.41
N GLU E 684 31.27 29.51 -40.60
CA GLU E 684 30.00 30.20 -40.61
C GLU E 684 29.66 30.71 -39.21
N GLU E 685 30.02 29.92 -38.20
CA GLU E 685 29.74 30.25 -36.80
C GLU E 685 30.63 31.39 -36.33
N PHE E 686 31.92 31.29 -36.68
CA PHE E 686 32.91 32.31 -36.32
C PHE E 686 32.49 33.70 -36.85
N LEU E 687 32.01 33.75 -38.09
CA LEU E 687 31.54 35.01 -38.65
C LEU E 687 30.35 35.48 -37.87
N GLN E 688 29.41 34.56 -37.66
CA GLN E 688 28.18 34.86 -36.93
C GLN E 688 28.49 35.36 -35.53
N MET E 689 29.35 34.64 -34.80
CA MET E 689 29.71 35.05 -33.45
C MET E 689 30.41 36.41 -33.40
N TYR E 690 31.33 36.63 -34.34
CA TYR E 690 32.05 37.89 -34.37
C TYR E 690 31.03 39.00 -34.59
N ASP E 691 30.16 38.84 -35.58
CA ASP E 691 29.19 39.88 -35.83
C ASP E 691 28.30 40.13 -34.63
N GLU E 692 27.95 39.07 -33.89
CA GLU E 692 27.07 39.23 -32.72
C GLU E 692 27.80 39.99 -31.61
N ALA E 693 29.04 39.58 -31.36
CA ALA E 693 29.88 40.20 -30.35
C ALA E 693 29.99 41.66 -30.68
N TRP E 694 30.30 41.92 -31.95
CA TRP E 694 30.45 43.32 -32.40
C TRP E 694 29.15 44.10 -32.22
N LYS E 695 28.03 43.45 -32.52
CA LYS E 695 26.72 44.08 -32.41
C LYS E 695 26.29 44.37 -30.98
N LEU E 696 26.67 43.48 -30.08
CA LEU E 696 26.32 43.66 -28.68
C LEU E 696 27.14 44.80 -28.14
N ALA E 697 28.44 44.76 -28.46
CA ALA E 697 29.38 45.79 -28.01
C ALA E 697 28.82 47.18 -28.38
N ARG E 698 28.18 47.26 -29.54
CA ARG E 698 27.64 48.51 -30.01
C ARG E 698 26.31 48.88 -29.38
N ASP E 699 25.41 47.90 -29.38
CA ASP E 699 24.08 48.10 -28.82
C ASP E 699 24.04 48.37 -27.30
N ASN E 700 24.97 47.79 -26.54
CA ASN E 700 24.94 47.98 -25.10
C ASN E 700 25.92 48.94 -24.47
N TYR E 701 26.85 49.49 -25.26
CA TYR E 701 27.80 50.45 -24.72
C TYR E 701 26.97 51.55 -24.07
N TRP E 702 27.39 52.00 -22.89
CA TRP E 702 26.63 53.02 -22.17
C TRP E 702 26.39 54.32 -22.93
N ASN E 703 27.34 54.69 -23.79
CA ASN E 703 27.22 55.91 -24.56
C ASN E 703 26.93 55.65 -26.04
N GLU E 704 25.70 55.93 -26.46
CA GLU E 704 25.27 55.72 -27.83
C GLU E 704 26.09 56.47 -28.89
N ALA E 705 26.32 57.76 -28.70
CA ALA E 705 27.12 58.51 -29.67
C ALA E 705 28.45 57.81 -29.89
N VAL E 706 29.18 57.61 -28.79
CA VAL E 706 30.47 56.94 -28.85
C VAL E 706 30.35 55.61 -29.57
N ALA E 707 29.32 54.84 -29.22
CA ALA E 707 29.13 53.53 -29.83
C ALA E 707 29.00 53.60 -31.33
N LYS E 708 28.42 54.69 -31.84
CA LYS E 708 28.25 54.85 -33.29
C LYS E 708 29.61 54.97 -34.03
N GLU E 709 30.49 55.83 -33.52
CA GLU E 709 31.77 56.02 -34.16
C GLU E 709 32.71 54.85 -33.94
N ILE E 710 32.87 54.40 -32.69
CA ILE E 710 33.76 53.28 -32.36
C ILE E 710 33.41 52.04 -33.16
N SER E 711 32.14 51.67 -33.13
CA SER E 711 31.70 50.47 -33.83
C SER E 711 32.00 50.47 -35.34
N GLU E 712 31.55 51.50 -36.05
CA GLU E 712 31.78 51.59 -37.48
C GLU E 712 33.23 51.67 -37.89
N ARG E 713 34.04 52.21 -37.01
CA ARG E 713 35.46 52.40 -37.26
C ARG E 713 36.28 51.12 -36.97
N ILE E 714 35.69 50.10 -36.37
CA ILE E 714 36.47 48.89 -36.06
C ILE E 714 35.95 47.58 -36.66
N TYR E 715 34.74 47.66 -37.22
CA TYR E 715 34.13 46.50 -37.81
C TYR E 715 34.99 45.71 -38.79
N GLU E 716 35.19 46.26 -39.98
CA GLU E 716 35.99 45.63 -41.04
C GLU E 716 37.38 45.23 -40.56
N LYS E 717 38.03 46.13 -39.81
CA LYS E 717 39.39 45.86 -39.33
C LYS E 717 39.54 44.50 -38.65
N TYR E 718 38.64 44.21 -37.73
CA TYR E 718 38.72 42.95 -36.99
C TYR E 718 38.00 41.82 -37.68
N ARG E 719 37.09 42.16 -38.58
CA ARG E 719 36.39 41.14 -39.32
C ARG E 719 37.36 40.43 -40.26
N ASN E 720 38.33 41.16 -40.80
CA ASN E 720 39.30 40.58 -41.73
C ASN E 720 40.15 39.50 -41.09
N LEU E 721 40.19 39.44 -39.77
CA LEU E 721 41.00 38.42 -39.13
C LEU E 721 40.20 37.16 -38.87
N VAL E 722 38.87 37.28 -38.88
CA VAL E 722 38.01 36.14 -38.57
C VAL E 722 38.26 34.92 -39.46
N PRO E 723 38.40 35.12 -40.78
CA PRO E 723 38.65 33.98 -41.66
C PRO E 723 39.99 33.29 -41.37
N LEU E 724 40.90 33.94 -40.65
CA LEU E 724 42.18 33.32 -40.31
C LEU E 724 42.03 32.46 -39.06
N CYS E 725 40.91 32.63 -38.35
CA CYS E 725 40.69 31.83 -37.13
C CYS E 725 40.19 30.43 -37.41
N LYS E 726 40.84 29.46 -36.80
CA LYS E 726 40.43 28.08 -36.96
C LYS E 726 40.01 27.46 -35.62
N THR E 727 40.36 28.11 -34.50
CA THR E 727 39.97 27.60 -33.21
C THR E 727 39.21 28.65 -32.41
N ARG E 728 38.48 28.20 -31.39
CA ARG E 728 37.74 29.13 -30.57
C ARG E 728 38.70 30.18 -29.98
N TYR E 729 39.84 29.73 -29.46
CA TYR E 729 40.85 30.60 -28.88
C TYR E 729 41.30 31.63 -29.90
N ASP E 730 41.32 31.28 -31.19
CA ASP E 730 41.68 32.24 -32.25
C ASP E 730 40.65 33.36 -32.29
N LEU E 731 39.36 32.97 -32.28
CA LEU E 731 38.26 33.92 -32.36
C LEU E 731 38.28 34.85 -31.14
N SER E 732 38.72 34.28 -30.02
CA SER E 732 38.79 35.00 -28.79
C SER E 732 39.77 36.14 -28.95
N ASN E 733 40.96 35.82 -29.50
CA ASN E 733 41.98 36.85 -29.71
C ASN E 733 41.42 37.96 -30.56
N VAL E 734 40.67 37.59 -31.58
CA VAL E 734 40.12 38.62 -32.41
C VAL E 734 39.01 39.41 -31.68
N ILE E 735 38.03 38.71 -31.11
CA ILE E 735 36.93 39.41 -30.44
C ILE E 735 37.37 40.33 -29.28
N VAL E 736 38.28 39.86 -28.44
CA VAL E 736 38.67 40.71 -27.32
C VAL E 736 39.36 42.00 -27.81
N GLU E 737 40.20 41.87 -28.82
CA GLU E 737 40.88 43.01 -29.38
C GLU E 737 39.85 43.99 -29.89
N MET E 738 38.81 43.50 -30.54
CA MET E 738 37.82 44.48 -31.00
C MET E 738 37.08 45.06 -29.79
N GLN E 739 36.98 44.31 -28.69
CA GLN E 739 36.31 44.85 -27.50
C GLN E 739 37.16 45.97 -26.87
N GLY E 740 38.49 45.82 -26.94
CA GLY E 740 39.41 46.82 -26.37
C GLY E 740 39.22 48.19 -26.98
N GLU E 741 38.75 48.20 -28.22
CA GLU E 741 38.50 49.43 -28.95
C GLU E 741 37.58 50.40 -28.21
N TYR E 742 36.85 49.91 -27.22
CA TYR E 742 35.95 50.80 -26.49
C TYR E 742 36.70 51.46 -25.33
N ARG E 743 37.96 51.08 -25.15
CA ARG E 743 38.79 51.68 -24.12
C ARG E 743 38.04 51.91 -22.83
N THR E 744 37.16 50.98 -22.47
CA THR E 744 36.41 51.10 -21.23
C THR E 744 36.62 49.82 -20.44
N SER E 745 36.31 49.87 -19.14
CA SER E 745 36.43 48.67 -18.30
C SER E 745 35.27 47.70 -18.58
N HIS E 746 35.26 46.59 -17.84
CA HIS E 746 34.23 45.55 -17.92
C HIS E 746 33.81 44.98 -19.27
N SER E 747 34.77 44.85 -20.18
CA SER E 747 34.52 44.26 -21.51
C SER E 747 35.14 42.87 -21.41
N TYR E 748 34.35 41.89 -20.96
CA TYR E 748 34.90 40.57 -20.79
C TYR E 748 34.34 39.53 -21.73
N GLU E 749 34.97 38.37 -21.69
CA GLU E 749 34.55 37.24 -22.49
C GLU E 749 34.66 36.07 -21.54
N MET E 750 33.51 35.49 -21.16
CA MET E 750 33.46 34.36 -20.24
C MET E 750 32.76 33.11 -20.84
N GLY E 751 33.10 31.94 -20.31
CA GLY E 751 32.49 30.73 -20.80
C GLY E 751 32.87 30.42 -22.23
N GLY E 752 32.08 29.58 -22.89
CA GLY E 752 32.40 29.22 -24.25
C GLY E 752 33.12 27.87 -24.21
N THR E 753 33.28 27.27 -25.38
CA THR E 753 33.91 25.96 -25.48
C THR E 753 35.15 26.12 -26.34
N PHE E 754 36.33 26.05 -25.71
CA PHE E 754 37.59 26.24 -26.44
C PHE E 754 38.30 24.92 -26.60
N THR E 755 38.01 23.99 -25.70
CA THR E 755 38.69 22.71 -25.75
C THR E 755 37.77 21.58 -25.23
N ASP E 756 38.18 20.33 -25.44
CA ASP E 756 37.40 19.23 -24.97
C ASP E 756 38.28 18.48 -23.99
N LYS E 757 39.36 19.13 -23.57
CA LYS E 757 40.30 18.54 -22.59
C LYS E 757 39.82 18.71 -21.15
N ASP E 758 39.96 17.65 -20.35
CA ASP E 758 39.55 17.79 -18.94
C ASP E 758 40.40 18.78 -18.20
N PRO E 759 39.78 19.61 -17.37
CA PRO E 759 40.54 20.60 -16.60
C PRO E 759 41.66 19.97 -15.76
N PHE E 760 42.70 20.75 -15.52
CA PHE E 760 43.80 20.30 -14.71
C PHE E 760 43.27 20.12 -13.28
N ARG E 761 43.80 19.14 -12.58
CA ARG E 761 43.39 18.91 -11.20
C ARG E 761 44.56 19.23 -10.31
N SER E 762 44.27 19.56 -9.06
CA SER E 762 45.31 19.90 -8.09
C SER E 762 44.92 19.28 -6.73
N GLY E 763 45.89 18.65 -6.05
CA GLY E 763 45.61 17.99 -4.79
C GLY E 763 46.01 18.90 -3.66
N ARG E 764 45.05 19.33 -2.84
CA ARG E 764 45.42 20.23 -1.76
C ARG E 764 45.00 19.83 -0.36
N ILE E 765 45.85 20.14 0.62
CA ILE E 765 45.56 19.83 2.00
C ILE E 765 45.89 21.02 2.86
N ALA E 766 45.85 22.20 2.23
CA ALA E 766 46.12 23.47 2.92
C ALA E 766 47.40 23.39 3.71
N CYS E 767 48.47 23.03 3.03
CA CYS E 767 49.77 22.97 3.67
C CYS E 767 50.81 23.42 2.65
N ASP E 768 51.95 23.86 3.15
CA ASP E 768 53.05 24.29 2.29
C ASP E 768 54.17 23.30 2.55
N PHE E 769 54.61 22.64 1.49
CA PHE E 769 55.70 21.67 1.63
C PHE E 769 57.05 22.29 1.26
N LYS E 770 58.09 21.79 1.91
CA LYS E 770 59.45 22.26 1.68
C LYS E 770 60.35 21.06 1.51
N LEU E 771 61.04 20.99 0.37
CA LEU E 771 61.93 19.87 0.08
C LEU E 771 63.24 20.04 0.85
N ASP E 772 63.33 19.38 1.98
CA ASP E 772 64.51 19.46 2.82
C ASP E 772 65.22 18.11 2.81
N GLY E 773 66.41 18.06 2.22
CA GLY E 773 67.10 16.79 2.16
C GLY E 773 66.38 16.02 1.08
N ASP E 774 65.87 14.83 1.42
CA ASP E 774 65.15 14.02 0.42
C ASP E 774 63.76 13.72 0.90
N HIS E 775 63.28 14.57 1.79
CA HIS E 775 61.95 14.47 2.35
C HIS E 775 61.24 15.81 2.28
N TYR E 776 59.92 15.75 2.27
CA TYR E 776 59.11 16.96 2.25
C TYR E 776 58.73 17.20 3.68
N VAL E 777 58.79 18.44 4.10
CA VAL E 777 58.43 18.81 5.45
C VAL E 777 57.30 19.85 5.35
N VAL E 778 56.31 19.73 6.22
CA VAL E 778 55.23 20.67 6.19
C VAL E 778 55.79 21.97 6.73
N ALA E 779 55.96 22.94 5.83
CA ALA E 779 56.51 24.27 6.14
C ALA E 779 55.52 25.14 6.85
N LYS E 780 54.24 24.95 6.49
CA LYS E 780 53.13 25.72 7.04
C LYS E 780 51.82 24.97 6.93
N ALA E 781 51.01 25.04 8.01
CA ALA E 781 49.73 24.36 8.06
C ALA E 781 48.68 25.47 8.30
N TYR E 782 48.02 25.88 7.22
CA TYR E 782 47.01 26.91 7.26
C TYR E 782 45.74 26.64 8.03
N ALA E 783 45.26 27.68 8.72
CA ALA E 783 44.03 27.64 9.52
C ALA E 783 43.47 29.04 9.78
N GLY E 784 42.15 29.21 9.63
CA GLY E 784 41.51 30.50 9.91
C GLY E 784 40.83 30.30 11.25
N ASP E 785 39.50 30.18 11.27
CA ASP E 785 38.75 29.98 12.51
C ASP E 785 38.50 28.48 12.66
N TYR E 786 39.26 27.82 13.53
CA TYR E 786 39.14 26.39 13.71
C TYR E 786 37.69 25.84 13.80
N SER E 787 36.77 26.64 14.32
CA SER E 787 35.38 26.22 14.45
C SER E 787 34.51 26.43 13.21
N ASN E 788 34.93 27.25 12.26
CA ASN E 788 34.10 27.39 11.07
C ASN E 788 34.29 26.16 10.19
N GLU E 789 33.49 26.14 9.13
CA GLU E 789 33.55 25.07 8.16
C GLU E 789 34.58 25.44 7.10
N GLY E 790 35.35 24.45 6.68
CA GLY E 790 36.34 24.66 5.64
C GLY E 790 37.38 25.75 5.80
N GLU E 791 37.96 25.90 7.00
CA GLU E 791 38.98 26.93 7.22
C GLU E 791 40.26 26.38 7.84
N LYS E 792 40.66 25.18 7.49
CA LYS E 792 41.89 24.65 8.06
C LYS E 792 42.30 23.40 7.29
N SER E 793 43.51 22.95 7.55
CA SER E 793 43.97 21.77 6.86
C SER E 793 43.22 20.58 7.43
N PRO E 794 42.70 19.69 6.56
CA PRO E 794 41.96 18.51 7.04
C PRO E 794 42.71 17.64 8.04
N ILE E 795 44.01 17.85 8.15
CA ILE E 795 44.80 17.07 9.11
C ILE E 795 44.42 17.46 10.55
N PHE E 796 44.08 18.72 10.77
CA PHE E 796 43.70 19.17 12.11
C PHE E 796 42.59 18.31 12.74
N GLU E 797 41.65 17.81 11.93
CA GLU E 797 40.56 16.99 12.47
C GLU E 797 41.07 15.77 13.25
N TYR E 798 42.31 15.36 13.01
CA TYR E 798 42.88 14.23 13.73
C TYR E 798 43.55 14.67 15.00
N GLY E 799 43.43 15.95 15.31
CA GLY E 799 44.02 16.44 16.53
C GLY E 799 45.51 16.67 16.57
N ILE E 800 46.08 17.16 15.48
CA ILE E 800 47.51 17.47 15.46
C ILE E 800 47.78 18.55 14.45
N ASP E 801 48.78 19.39 14.73
CA ASP E 801 49.17 20.44 13.79
C ASP E 801 50.34 19.82 13.01
N PRO E 802 50.14 19.58 11.70
CA PRO E 802 51.13 18.99 10.78
C PRO E 802 52.42 19.77 10.60
N THR E 803 52.42 21.03 11.02
CA THR E 803 53.60 21.87 10.87
C THR E 803 54.84 21.19 11.43
N GLY E 804 55.92 21.19 10.63
CA GLY E 804 57.15 20.59 11.09
C GLY E 804 57.27 19.12 10.85
N TYR E 805 56.16 18.39 10.62
CA TYR E 805 56.22 16.95 10.35
C TYR E 805 56.79 16.68 8.95
N LEU E 806 57.22 15.45 8.73
CA LEU E 806 57.76 15.01 7.44
C LEU E 806 56.76 14.09 6.80
N ILE E 807 56.51 14.30 5.53
CA ILE E 807 55.57 13.45 4.87
C ILE E 807 56.32 12.28 4.26
N GLU E 808 56.23 11.11 4.92
CA GLU E 808 56.89 9.91 4.45
C GLU E 808 56.34 9.48 3.11
N ASP E 809 55.02 9.26 3.05
CA ASP E 809 54.40 8.82 1.81
C ASP E 809 52.92 9.02 1.83
N ILE E 810 52.32 8.86 0.65
CA ILE E 810 50.89 9.03 0.47
C ILE E 810 50.37 7.79 -0.29
N ASP E 811 49.38 7.11 0.31
CA ASP E 811 48.77 5.92 -0.26
C ASP E 811 49.84 4.89 -0.66
N GLY E 812 50.71 4.59 0.29
CA GLY E 812 51.77 3.62 0.06
C GLY E 812 52.89 4.09 -0.85
N GLU E 813 52.73 5.23 -1.52
CA GLU E 813 53.78 5.72 -2.41
C GLU E 813 54.70 6.73 -1.74
N THR E 814 55.98 6.42 -1.74
CA THR E 814 56.95 7.30 -1.14
C THR E 814 57.05 8.61 -1.92
N VAL E 815 57.06 9.71 -1.18
CA VAL E 815 57.20 11.03 -1.80
C VAL E 815 58.45 11.66 -1.21
N GLY E 816 59.08 12.54 -1.98
CA GLY E 816 60.27 13.19 -1.52
C GLY E 816 61.17 13.52 -2.69
N ALA E 817 62.48 13.59 -2.41
CA ALA E 817 63.50 13.92 -3.43
C ALA E 817 63.22 13.40 -4.84
N GLY E 818 62.81 12.14 -4.96
CA GLY E 818 62.55 11.65 -6.29
C GLY E 818 61.09 11.46 -6.61
N SER E 819 60.22 12.11 -5.84
CA SER E 819 58.76 11.96 -6.08
C SER E 819 57.94 13.22 -5.77
N ASN E 820 57.51 13.87 -6.85
CA ASN E 820 56.74 15.08 -6.81
C ASN E 820 55.46 14.95 -6.00
N ILE E 821 55.47 15.49 -4.80
CA ILE E 821 54.30 15.38 -3.96
C ILE E 821 53.09 16.09 -4.56
N TYR E 822 53.32 17.16 -5.29
CA TYR E 822 52.22 17.89 -5.91
C TYR E 822 51.45 16.95 -6.85
N ARG E 823 52.18 16.15 -7.64
CA ARG E 823 51.56 15.23 -8.59
C ARG E 823 50.78 14.09 -7.90
N VAL E 824 51.41 13.48 -6.90
CA VAL E 824 50.76 12.41 -6.17
C VAL E 824 49.43 12.97 -5.62
N LEU E 825 49.47 14.13 -4.97
CA LEU E 825 48.26 14.73 -4.45
C LEU E 825 47.30 15.00 -5.61
N SER E 826 47.82 15.50 -6.71
CA SER E 826 47.00 15.77 -7.85
C SER E 826 46.10 14.59 -8.18
N GLU E 827 46.64 13.39 -8.16
CA GLU E 827 45.91 12.17 -8.51
C GLU E 827 44.95 11.59 -7.44
N LYS E 828 44.92 12.21 -6.27
CA LYS E 828 44.06 11.77 -5.18
C LYS E 828 43.03 12.86 -4.84
N ALA E 829 43.10 13.99 -5.55
CA ALA E 829 42.17 15.06 -5.28
C ALA E 829 40.72 14.56 -5.33
N GLY E 830 39.96 14.99 -4.34
CA GLY E 830 38.56 14.61 -4.27
C GLY E 830 38.27 13.34 -3.50
N THR E 831 39.31 12.73 -2.93
CA THR E 831 39.17 11.50 -2.15
C THR E 831 40.04 11.55 -0.89
N SER E 832 40.03 10.47 -0.13
CA SER E 832 40.87 10.40 1.06
C SER E 832 41.99 9.44 0.78
N ALA E 833 43.18 9.82 1.22
CA ALA E 833 44.36 9.00 1.01
C ALA E 833 45.06 8.83 2.33
N ARG E 834 45.70 7.67 2.49
CA ARG E 834 46.43 7.40 3.71
C ARG E 834 47.75 8.18 3.63
N ILE E 835 48.00 9.06 4.60
CA ILE E 835 49.22 9.84 4.60
C ILE E 835 50.04 9.39 5.79
N ARG E 836 51.33 9.16 5.59
CA ARG E 836 52.20 8.74 6.69
C ARG E 836 53.02 9.98 7.11
N LEU E 837 52.92 10.40 8.37
CA LEU E 837 53.68 11.57 8.84
C LEU E 837 54.64 11.21 9.99
N SER E 838 55.73 11.98 10.10
CA SER E 838 56.74 11.77 11.15
C SER E 838 57.09 13.10 11.80
N GLY E 839 56.96 13.17 13.12
CA GLY E 839 57.27 14.40 13.82
C GLY E 839 58.42 14.24 14.79
N LYS E 840 58.36 14.99 15.90
CA LYS E 840 59.38 14.96 16.96
C LYS E 840 59.57 13.53 17.48
N GLY E 841 60.78 13.02 17.34
CA GLY E 841 61.08 11.68 17.79
C GLY E 841 60.32 10.61 17.02
N GLY E 842 60.03 9.50 17.71
CA GLY E 842 59.30 8.40 17.10
C GLY E 842 57.83 8.75 16.89
N ASP E 843 57.52 10.05 16.76
CA ASP E 843 56.15 10.49 16.56
C ASP E 843 55.69 10.18 15.12
N LYS E 844 55.15 8.99 14.89
CA LYS E 844 54.70 8.61 13.56
C LYS E 844 53.16 8.49 13.49
N ARG E 845 52.55 9.11 12.49
CA ARG E 845 51.10 9.05 12.34
C ARG E 845 50.68 8.46 11.00
N ASP E 846 49.56 7.75 11.03
CA ASP E 846 49.05 7.14 9.81
C ASP E 846 47.56 7.52 9.69
N LEU E 847 47.25 8.53 8.87
CA LEU E 847 45.88 9.00 8.76
C LEU E 847 45.23 9.03 7.38
N MET E 848 43.91 8.92 7.35
CA MET E 848 43.20 9.02 6.08
C MET E 848 42.85 10.50 5.97
N ILE E 849 43.53 11.19 5.07
CA ILE E 849 43.30 12.61 4.92
C ILE E 849 42.48 12.98 3.72
N ASP E 850 41.58 13.94 3.90
CA ASP E 850 40.78 14.38 2.76
C ASP E 850 41.71 15.25 1.90
N ILE E 851 41.74 14.96 0.62
CA ILE E 851 42.53 15.73 -0.30
C ILE E 851 41.62 16.64 -1.10
N LEU E 852 41.66 17.93 -0.77
CA LEU E 852 40.81 18.94 -1.43
C LEU E 852 41.11 19.22 -2.89
N ASP E 853 40.13 19.71 -3.64
CA ASP E 853 40.37 20.04 -5.02
C ASP E 853 40.92 21.45 -5.05
N ASP E 854 40.71 22.19 -3.98
CA ASP E 854 41.18 23.58 -3.89
C ASP E 854 41.31 23.95 -2.41
N ASP E 855 42.07 24.98 -2.09
CA ASP E 855 42.23 25.38 -0.71
C ASP E 855 42.47 26.89 -0.58
N ARG E 856 42.06 27.60 -1.62
CA ARG E 856 42.19 29.06 -1.63
C ARG E 856 41.48 29.74 -0.44
N PHE E 857 40.23 29.37 -0.24
CA PHE E 857 39.47 29.98 0.84
C PHE E 857 40.16 29.74 2.17
N ILE E 858 40.71 28.54 2.37
CA ILE E 858 41.42 28.25 3.64
C ILE E 858 42.62 29.19 3.77
N ARG E 859 43.36 29.39 2.67
CA ARG E 859 44.52 30.28 2.74
C ARG E 859 44.01 31.68 3.06
N TYR E 860 42.99 32.11 2.33
CA TYR E 860 42.42 33.43 2.55
C TYR E 860 42.06 33.72 3.99
N ARG E 861 41.21 32.88 4.60
CA ARG E 861 40.77 33.07 5.98
C ARG E 861 41.94 33.02 6.96
N SER E 862 42.94 32.21 6.63
CA SER E 862 44.16 32.09 7.46
C SER E 862 44.80 33.47 7.47
N TRP E 863 45.00 34.01 6.28
CA TRP E 863 45.56 35.35 6.10
C TRP E 863 44.81 36.40 6.95
N VAL E 864 43.51 36.48 6.71
CA VAL E 864 42.70 37.41 7.47
C VAL E 864 42.89 37.21 8.97
N GLU E 865 42.88 36.00 9.48
CA GLU E 865 43.03 35.84 10.93
C GLU E 865 44.43 36.18 11.41
N ALA E 866 45.39 36.09 10.49
CA ALA E 866 46.75 36.41 10.83
C ALA E 866 46.82 37.93 10.95
N ASN E 867 46.25 38.64 9.97
CA ASN E 867 46.29 40.10 10.01
C ASN E 867 45.49 40.59 11.21
N ARG E 868 44.42 39.87 11.50
CA ARG E 868 43.59 40.27 12.61
C ARG E 868 44.32 40.06 13.91
N ARG E 869 45.05 38.96 14.03
CA ARG E 869 45.79 38.81 15.30
C ARG E 869 46.86 39.90 15.44
N TYR E 870 47.55 40.14 14.32
CA TYR E 870 48.61 41.12 14.24
C TYR E 870 48.13 42.49 14.66
N VAL E 871 47.03 42.96 14.08
CA VAL E 871 46.52 44.26 14.45
C VAL E 871 46.17 44.32 15.95
N HIS E 872 45.57 43.27 16.50
CA HIS E 872 45.24 43.30 17.93
C HIS E 872 46.54 43.38 18.76
N GLU E 873 47.61 42.72 18.35
CA GLU E 873 48.83 42.75 19.13
C GLU E 873 49.62 44.05 19.01
N ARG E 874 49.64 44.60 17.81
CA ARG E 874 50.39 45.83 17.62
C ARG E 874 49.70 47.06 18.23
N SER E 875 48.37 47.05 18.29
CA SER E 875 47.62 48.17 18.85
C SER E 875 47.36 47.88 20.33
N LYS E 876 47.91 46.77 20.82
CA LYS E 876 47.76 46.38 22.21
C LYS E 876 46.30 46.15 22.55
N GLY E 877 45.54 45.57 21.63
CA GLY E 877 44.14 45.30 21.86
C GLY E 877 43.25 46.52 21.71
N THR E 878 43.75 47.60 21.10
CA THR E 878 42.92 48.79 20.95
C THR E 878 42.31 49.02 19.56
N ILE E 879 42.66 48.17 18.59
CA ILE E 879 42.19 48.34 17.23
C ILE E 879 41.62 47.04 16.61
N GLY E 880 40.49 47.17 15.92
CA GLY E 880 39.91 46.02 15.26
C GLY E 880 40.37 45.90 13.82
N TYR E 881 40.00 44.78 13.18
CA TYR E 881 40.37 44.58 11.79
C TYR E 881 39.32 43.75 11.03
N ILE E 882 39.00 44.24 9.84
CA ILE E 882 38.04 43.62 8.93
C ILE E 882 38.57 43.68 7.47
N HIS E 883 38.46 42.56 6.76
CA HIS E 883 38.86 42.51 5.37
C HIS E 883 37.68 42.18 4.45
N ILE E 884 37.61 42.87 3.33
CA ILE E 884 36.53 42.63 2.38
C ILE E 884 37.13 42.20 1.07
N PRO E 885 37.02 40.91 0.75
CA PRO E 885 37.52 40.26 -0.46
C PRO E 885 36.86 40.71 -1.75
N ASP E 886 35.55 40.95 -1.72
CA ASP E 886 34.89 41.46 -2.92
C ASP E 886 33.62 42.14 -2.50
N MET E 887 32.86 42.64 -3.46
CA MET E 887 31.62 43.31 -3.15
C MET E 887 30.45 42.45 -3.60
N GLY E 888 30.66 41.15 -3.53
CA GLY E 888 29.63 40.23 -3.90
C GLY E 888 29.17 39.50 -2.64
N MET E 889 28.68 38.28 -2.77
CA MET E 889 28.21 37.55 -1.61
C MET E 889 29.37 37.25 -0.64
N MET E 890 30.52 36.88 -1.18
CA MET E 890 31.64 36.58 -0.31
C MET E 890 32.01 37.81 0.52
N GLY E 891 31.88 38.99 -0.09
CA GLY E 891 32.24 40.21 0.62
C GLY E 891 31.30 40.49 1.78
N LEU E 892 30.03 40.17 1.59
CA LEU E 892 29.00 40.32 2.60
C LEU E 892 29.25 39.34 3.75
N ASN E 893 29.74 38.14 3.43
CA ASN E 893 30.00 37.13 4.47
C ASN E 893 31.14 37.51 5.38
N GLU E 894 32.27 37.83 4.75
CA GLU E 894 33.50 38.20 5.43
C GLU E 894 33.35 39.49 6.23
N PHE E 895 32.70 40.48 5.60
CA PHE E 895 32.50 41.75 6.32
C PHE E 895 31.75 41.48 7.64
N TYR E 896 30.59 40.85 7.57
CA TYR E 896 29.92 40.60 8.84
C TYR E 896 30.68 39.62 9.70
N ARG E 897 31.25 38.57 9.11
CA ARG E 897 32.00 37.59 9.90
C ARG E 897 32.94 38.20 10.93
N LEU E 898 33.53 39.33 10.59
CA LEU E 898 34.41 39.98 11.54
C LEU E 898 33.75 41.25 12.12
N PHE E 899 32.95 41.94 11.30
CA PHE E 899 32.34 43.14 11.79
C PHE E 899 31.69 43.00 13.16
N ILE E 900 30.98 41.89 13.40
CA ILE E 900 30.28 41.70 14.67
C ILE E 900 31.21 41.55 15.85
N ASN E 901 32.51 41.41 15.63
CA ASN E 901 33.45 41.31 16.76
C ASN E 901 34.54 42.37 16.79
N GLU E 902 34.69 43.12 15.71
CA GLU E 902 35.77 44.08 15.60
C GLU E 902 35.32 45.53 15.55
N SER E 903 34.01 45.75 15.59
CA SER E 903 33.51 47.10 15.47
C SER E 903 33.57 47.91 16.76
N SER E 904 33.87 47.27 17.87
CA SER E 904 33.88 48.00 19.13
C SER E 904 35.21 48.25 19.77
N TYR E 905 36.21 48.40 18.95
CA TYR E 905 37.51 48.75 19.48
C TYR E 905 37.60 50.26 19.34
N GLN E 906 38.59 50.85 19.99
CA GLN E 906 38.83 52.29 19.90
C GLN E 906 38.99 52.66 18.43
N GLY E 907 39.61 51.77 17.66
CA GLY E 907 39.82 52.06 16.27
C GLY E 907 39.47 50.85 15.44
N LEU E 908 39.32 51.04 14.14
CA LEU E 908 38.98 49.96 13.25
C LEU E 908 39.61 50.10 11.88
N ILE E 909 40.26 49.04 11.43
CA ILE E 909 40.86 49.09 10.11
C ILE E 909 39.99 48.29 9.19
N VAL E 910 39.63 48.89 8.06
CA VAL E 910 38.79 48.23 7.07
C VAL E 910 39.74 48.08 5.88
N ASP E 911 40.24 46.87 5.71
CA ASP E 911 41.15 46.54 4.65
C ASP E 911 40.37 46.08 3.46
N VAL E 912 40.36 46.85 2.37
CA VAL E 912 39.65 46.34 1.22
C VAL E 912 40.61 46.03 0.08
N ARG E 913 41.86 45.71 0.43
CA ARG E 913 42.83 45.41 -0.62
C ARG E 913 42.47 44.16 -1.37
N PHE E 914 42.66 44.15 -2.69
CA PHE E 914 42.38 42.99 -3.57
C PHE E 914 40.90 42.79 -3.73
N ASN E 915 40.13 43.78 -3.33
CA ASN E 915 38.70 43.67 -3.45
C ASN E 915 38.21 43.59 -4.87
N GLY E 916 37.64 42.41 -5.20
CA GLY E 916 37.13 42.10 -6.53
C GLY E 916 35.95 42.87 -7.03
N GLY E 917 35.41 43.81 -6.26
CA GLY E 917 34.23 44.51 -6.72
C GLY E 917 32.89 43.70 -6.62
N GLY E 918 31.86 44.22 -7.28
CA GLY E 918 30.55 43.59 -7.29
C GLY E 918 29.49 44.67 -7.25
N PHE E 919 28.76 44.77 -6.14
CA PHE E 919 27.71 45.80 -6.02
C PHE E 919 27.25 46.07 -4.60
N VAL E 920 27.78 45.39 -3.61
CA VAL E 920 27.28 45.65 -2.26
C VAL E 920 27.98 46.70 -1.46
N SER E 921 28.86 47.44 -2.10
CA SER E 921 29.62 48.48 -1.39
C SER E 921 28.66 49.43 -0.69
N GLN E 922 27.56 49.78 -1.33
CA GLN E 922 26.63 50.70 -0.67
C GLN E 922 26.07 50.10 0.64
N LEU E 923 25.78 48.79 0.67
CA LEU E 923 25.25 48.15 1.88
C LEU E 923 26.28 48.12 3.00
N ILE E 924 27.55 48.03 2.63
CA ILE E 924 28.57 48.01 3.66
C ILE E 924 28.84 49.43 4.18
N ILE E 925 29.00 50.39 3.26
CA ILE E 925 29.22 51.80 3.60
C ILE E 925 28.15 52.24 4.60
N GLU E 926 26.91 51.77 4.39
CA GLU E 926 25.76 52.10 5.27
C GLU E 926 26.00 51.71 6.73
N LYS E 927 26.56 50.52 6.91
CA LYS E 927 26.91 50.03 8.23
C LYS E 927 28.00 50.91 8.83
N LEU E 928 29.08 51.16 8.06
CA LEU E 928 30.19 51.98 8.54
C LEU E 928 29.77 53.42 8.82
N MET E 929 28.71 53.85 8.16
CA MET E 929 28.20 55.20 8.32
C MET E 929 27.47 55.42 9.64
N ASN E 930 26.98 54.33 10.24
CA ASN E 930 26.26 54.46 11.50
C ASN E 930 27.11 55.12 12.58
N LYS E 931 26.60 56.23 13.10
CA LYS E 931 27.29 56.97 14.14
C LYS E 931 26.70 56.59 15.48
N ARG E 932 27.54 56.13 16.40
CA ARG E 932 27.08 55.75 17.72
C ARG E 932 26.69 56.99 18.51
N ILE E 933 25.43 57.10 18.94
CA ILE E 933 25.02 58.27 19.69
C ILE E 933 24.33 57.96 21.02
N GLY E 934 24.27 56.67 21.36
CA GLY E 934 23.67 56.30 22.62
C GLY E 934 24.08 54.95 23.17
N TYR E 935 23.59 54.64 24.35
CA TYR E 935 23.88 53.38 24.97
C TYR E 935 22.66 52.93 25.78
N ASP E 936 22.67 51.63 26.07
CA ASP E 936 21.62 51.01 26.81
C ASP E 936 22.21 50.53 28.11
N ASN E 937 21.61 50.93 29.23
CA ASN E 937 22.07 50.53 30.54
C ASN E 937 21.21 49.49 31.21
N PRO E 938 21.70 48.25 31.31
CA PRO E 938 20.95 47.17 31.92
C PRO E 938 21.14 46.99 33.41
N ARG E 939 20.18 46.32 34.05
CA ARG E 939 20.30 46.07 35.48
C ARG E 939 21.47 45.11 35.64
N ARG E 940 21.58 44.14 34.75
CA ARG E 940 22.66 43.17 34.80
C ARG E 940 23.23 43.02 33.39
N GLY E 941 24.53 42.80 33.28
CA GLY E 941 25.14 42.66 31.96
C GLY E 941 25.94 43.88 31.58
N THR E 942 26.19 44.07 30.30
CA THR E 942 26.98 45.23 29.89
C THR E 942 26.19 46.19 28.98
N LEU E 943 26.80 47.33 28.67
CA LEU E 943 26.17 48.32 27.81
C LEU E 943 25.89 47.84 26.41
N SER E 944 24.79 48.30 25.82
CA SER E 944 24.45 47.95 24.45
C SER E 944 24.54 49.24 23.68
N PRO E 945 25.33 49.27 22.61
CA PRO E 945 25.48 50.49 21.80
C PRO E 945 24.34 50.76 20.84
N TYR E 946 24.04 52.03 20.61
CA TYR E 946 23.00 52.41 19.69
C TYR E 946 23.41 53.44 18.63
N PRO E 947 23.45 53.03 17.35
CA PRO E 947 22.82 51.82 16.82
C PRO E 947 23.79 50.62 17.19
N THR E 948 23.23 49.41 17.06
CA THR E 948 23.92 48.15 17.34
C THR E 948 25.01 47.99 16.27
N ASN E 949 24.69 48.36 15.05
CA ASN E 949 25.62 48.20 13.98
C ASN E 949 26.42 49.43 13.72
N SER E 950 27.00 49.96 14.77
CA SER E 950 27.82 51.14 14.62
C SER E 950 29.26 50.87 15.05
N VAL E 951 30.18 51.59 14.42
CA VAL E 951 31.56 51.46 14.79
C VAL E 951 31.72 52.36 16.00
N ARG E 952 32.51 51.87 16.95
CA ARG E 952 32.76 52.61 18.18
C ARG E 952 33.67 53.87 18.05
N GLY E 953 34.80 53.72 17.34
CA GLY E 953 35.74 54.80 17.20
C GLY E 953 36.16 55.21 15.80
N LYS E 954 37.46 55.48 15.66
CA LYS E 954 38.07 55.93 14.38
C LYS E 954 38.20 54.82 13.37
N ILE E 955 37.88 55.12 12.13
CA ILE E 955 38.02 54.12 11.12
C ILE E 955 39.15 54.46 10.15
N ILE E 956 39.82 53.46 9.63
CA ILE E 956 40.88 53.70 8.68
C ILE E 956 40.73 52.66 7.58
N ALA E 957 40.75 53.11 6.34
CA ALA E 957 40.63 52.19 5.20
C ALA E 957 41.99 51.99 4.51
N ILE E 958 42.19 50.75 4.04
CA ILE E 958 43.38 50.34 3.33
C ILE E 958 42.94 49.80 1.99
N THR E 959 43.57 50.24 0.89
CA THR E 959 43.21 49.80 -0.45
C THR E 959 44.47 49.76 -1.33
N ASN E 960 44.41 49.05 -2.46
CA ASN E 960 45.53 48.98 -3.39
C ASN E 960 45.01 48.89 -4.82
N GLU E 961 45.95 48.80 -5.75
CA GLU E 961 45.62 48.75 -7.18
C GLU E 961 44.85 47.49 -7.57
N TYR E 962 44.66 46.59 -6.61
CA TYR E 962 43.97 45.33 -6.91
C TYR E 962 42.53 45.35 -6.40
N ALA E 963 42.13 46.53 -5.90
CA ALA E 963 40.78 46.76 -5.43
C ALA E 963 40.13 47.50 -6.59
N GLY E 964 39.04 47.03 -7.13
CA GLY E 964 38.47 47.73 -8.25
C GLY E 964 36.98 47.61 -8.43
N SER E 965 36.47 48.44 -9.34
CA SER E 965 35.03 48.47 -9.64
C SER E 965 34.22 48.87 -8.42
N ASP E 966 33.35 47.97 -7.95
CA ASP E 966 32.58 48.36 -6.77
C ASP E 966 33.62 48.66 -5.67
N GLY E 967 34.84 48.16 -5.90
CA GLY E 967 35.95 48.41 -4.99
C GLY E 967 36.40 49.84 -5.15
N ASP E 968 36.28 50.37 -6.36
CA ASP E 968 36.67 51.76 -6.65
C ASP E 968 35.62 52.64 -5.96
N ILE E 969 34.35 52.27 -6.15
CA ILE E 969 33.20 53.00 -5.62
C ILE E 969 33.26 53.07 -4.09
N PHE E 970 33.47 51.93 -3.44
CA PHE E 970 33.59 51.95 -2.00
C PHE E 970 34.70 52.93 -1.56
N SER E 971 35.87 52.82 -2.22
CA SER E 971 37.04 53.64 -1.93
C SER E 971 36.75 55.12 -2.03
N PHE E 972 36.22 55.54 -3.17
CA PHE E 972 35.86 56.93 -3.39
C PHE E 972 34.89 57.42 -2.31
N SER E 973 33.90 56.56 -2.03
CA SER E 973 32.85 56.81 -1.07
C SER E 973 33.37 57.03 0.33
N PHE E 974 34.27 56.16 0.77
CA PHE E 974 34.84 56.28 2.09
C PHE E 974 35.42 57.69 2.29
N LYS E 975 36.17 58.18 1.31
CA LYS E 975 36.72 59.52 1.43
C LYS E 975 35.59 60.55 1.33
N LYS E 976 34.76 60.44 0.29
CA LYS E 976 33.68 61.39 0.09
C LYS E 976 32.79 61.62 1.31
N LEU E 977 32.48 60.57 2.08
CA LEU E 977 31.61 60.69 3.25
C LEU E 977 32.41 60.97 4.49
N GLY E 978 33.72 61.09 4.32
CA GLY E 978 34.58 61.37 5.44
C GLY E 978 34.55 60.36 6.56
N LEU E 979 34.43 59.08 6.22
CA LEU E 979 34.42 58.03 7.23
C LEU E 979 35.78 57.85 7.88
N GLY E 980 36.84 58.33 7.19
CA GLY E 980 38.19 58.21 7.74
C GLY E 980 39.21 58.44 6.66
N LYS E 981 40.48 58.16 6.95
CA LYS E 981 41.54 58.36 5.95
C LYS E 981 41.66 57.08 5.12
N LEU E 982 42.04 57.22 3.86
CA LEU E 982 42.23 56.09 2.97
C LEU E 982 43.73 55.90 2.75
N ILE E 983 44.24 54.69 3.03
CA ILE E 983 45.66 54.33 2.89
C ILE E 983 45.95 53.29 1.81
N GLY E 984 47.12 53.40 1.15
CA GLY E 984 47.50 52.44 0.13
C GLY E 984 47.99 53.00 -1.20
N THR E 985 47.45 52.45 -2.29
CA THR E 985 47.82 52.88 -3.63
C THR E 985 46.56 53.00 -4.50
N ARG E 986 46.61 53.91 -5.48
CA ARG E 986 45.48 54.15 -6.34
C ARG E 986 44.92 52.81 -6.82
N THR E 987 43.59 52.75 -6.85
CA THR E 987 42.83 51.58 -7.24
C THR E 987 42.64 51.40 -8.74
N TRP E 988 42.24 50.20 -9.11
CA TRP E 988 41.99 49.78 -10.49
C TRP E 988 41.41 50.77 -11.51
N GLY E 989 40.34 51.49 -11.15
CA GLY E 989 39.74 52.44 -12.07
C GLY E 989 38.72 51.95 -13.09
N GLY E 990 37.95 50.90 -12.79
CA GLY E 990 36.94 50.43 -13.74
C GLY E 990 35.54 50.52 -13.15
N VAL E 991 34.84 51.61 -13.46
CA VAL E 991 33.52 51.78 -12.90
C VAL E 991 32.38 51.92 -13.88
N VAL E 992 32.41 51.14 -14.95
CA VAL E 992 31.27 51.14 -15.87
C VAL E 992 30.72 49.71 -15.79
N GLY E 993 29.64 49.53 -15.04
CA GLY E 993 29.07 48.22 -14.83
C GLY E 993 28.37 47.49 -15.96
N ILE E 994 28.17 46.19 -15.73
CA ILE E 994 27.54 45.32 -16.72
C ILE E 994 26.34 44.51 -16.18
N THR E 995 25.50 44.05 -17.12
CA THR E 995 24.32 43.22 -16.85
C THR E 995 24.10 42.47 -18.14
N PRO E 996 24.91 41.44 -18.38
CA PRO E 996 24.72 40.70 -19.64
C PRO E 996 23.35 40.03 -19.76
N LYS E 997 22.86 39.93 -20.99
CA LYS E 997 21.59 39.29 -21.14
C LYS E 997 21.54 38.44 -22.40
N ARG E 998 22.71 38.22 -23.00
CA ARG E 998 22.85 37.33 -24.17
C ARG E 998 24.15 36.54 -24.18
N ARG E 999 24.08 35.35 -24.74
CA ARG E 999 25.23 34.44 -24.82
C ARG E 999 25.42 34.12 -26.30
N LEU E 1000 26.67 33.85 -26.70
CA LEU E 1000 26.88 33.51 -28.10
C LEU E 1000 26.33 32.07 -28.27
N ILE E 1001 26.12 31.65 -29.52
CA ILE E 1001 25.62 30.34 -29.81
C ILE E 1001 26.42 29.22 -29.19
N ASP E 1002 27.61 29.51 -28.66
CA ASP E 1002 28.45 28.47 -28.07
C ASP E 1002 28.51 28.55 -26.56
N GLY E 1003 27.66 29.38 -26.01
CA GLY E 1003 27.60 29.52 -24.55
C GLY E 1003 28.35 30.72 -24.04
N THR E 1004 29.30 31.18 -24.82
CA THR E 1004 30.09 32.32 -24.44
C THR E 1004 29.24 33.48 -23.92
N VAL E 1005 29.69 34.08 -22.83
CA VAL E 1005 28.98 35.22 -22.26
C VAL E 1005 29.93 36.43 -22.39
N LEU E 1006 29.54 37.39 -23.21
CA LEU E 1006 30.35 38.59 -23.38
C LEU E 1006 29.72 39.68 -22.51
N THR E 1007 30.52 40.63 -22.03
CA THR E 1007 29.95 41.72 -21.22
C THR E 1007 30.26 43.02 -21.91
N GLN E 1008 29.36 43.99 -21.75
CA GLN E 1008 29.51 45.31 -22.36
C GLN E 1008 29.35 46.36 -21.27
N PRO E 1009 30.31 47.32 -21.20
CA PRO E 1009 30.19 48.38 -20.18
C PRO E 1009 28.96 49.20 -20.60
N GLU E 1010 27.86 48.95 -19.88
CA GLU E 1010 26.54 49.53 -20.12
C GLU E 1010 26.05 50.56 -19.13
N PHE E 1011 26.62 50.59 -17.94
CA PHE E 1011 26.13 51.53 -16.92
C PHE E 1011 27.24 52.35 -16.31
N ALA E 1012 27.46 53.56 -16.84
CA ALA E 1012 28.54 54.40 -16.36
C ALA E 1012 28.27 55.05 -15.02
N PHE E 1013 29.11 54.74 -14.03
CA PHE E 1013 28.94 55.34 -12.71
C PHE E 1013 29.37 56.81 -12.70
N TRP E 1014 28.51 57.64 -12.12
CA TRP E 1014 28.77 59.07 -12.06
C TRP E 1014 28.75 59.51 -10.63
N PHE E 1015 29.87 60.08 -10.22
CA PHE E 1015 29.99 60.55 -8.87
C PHE E 1015 29.74 62.03 -8.90
N ARG E 1016 28.98 62.51 -7.94
CA ARG E 1016 28.71 63.94 -7.85
C ARG E 1016 30.05 64.62 -7.52
N ASP E 1017 30.43 65.63 -8.29
CA ASP E 1017 31.71 66.30 -8.02
C ASP E 1017 32.91 65.44 -8.45
N ALA E 1018 32.78 64.77 -9.60
CA ALA E 1018 33.83 63.91 -10.15
C ALA E 1018 33.39 63.31 -11.48
N GLY E 1019 32.10 63.42 -11.77
CA GLY E 1019 31.57 62.89 -13.03
C GLY E 1019 31.92 61.43 -13.25
N PHE E 1020 32.50 61.15 -14.41
CA PHE E 1020 32.86 59.77 -14.72
C PHE E 1020 34.33 59.56 -14.49
N GLY E 1021 34.95 60.64 -14.00
CA GLY E 1021 36.37 60.68 -13.75
C GLY E 1021 37.07 59.48 -13.17
N VAL E 1022 36.41 58.78 -12.26
CA VAL E 1022 37.00 57.58 -11.67
C VAL E 1022 37.31 56.54 -12.78
N GLU E 1023 36.48 56.47 -13.81
CA GLU E 1023 36.72 55.53 -14.88
C GLU E 1023 38.05 55.83 -15.56
N ASN E 1024 38.84 54.76 -15.70
CA ASN E 1024 40.17 54.79 -16.29
C ASN E 1024 41.17 55.59 -15.47
N TYR E 1025 40.96 55.61 -14.16
CA TYR E 1025 41.86 56.34 -13.30
C TYR E 1025 41.90 55.73 -11.92
N GLY E 1026 40.75 55.53 -11.30
CA GLY E 1026 40.72 54.93 -9.98
C GLY E 1026 40.55 55.95 -8.88
N VAL E 1027 40.94 55.56 -7.67
CA VAL E 1027 40.80 56.43 -6.54
C VAL E 1027 42.11 56.54 -5.76
N ASP E 1028 42.56 57.80 -5.66
CA ASP E 1028 43.80 58.11 -4.97
C ASP E 1028 43.57 58.07 -3.48
N PRO E 1029 44.51 57.47 -2.74
CA PRO E 1029 44.41 57.39 -1.28
C PRO E 1029 44.88 58.72 -0.69
N ASP E 1030 44.44 59.04 0.54
CA ASP E 1030 44.87 60.26 1.20
C ASP E 1030 46.36 60.20 1.43
N VAL E 1031 46.84 59.03 1.83
CA VAL E 1031 48.25 58.79 2.11
C VAL E 1031 48.72 57.64 1.23
N GLU E 1032 49.66 57.91 0.34
CA GLU E 1032 50.14 56.86 -0.55
C GLU E 1032 51.22 56.04 0.14
N ILE E 1033 51.05 54.73 0.14
CA ILE E 1033 52.05 53.88 0.76
C ILE E 1033 52.33 52.72 -0.16
N GLU E 1034 53.39 52.86 -0.95
CA GLU E 1034 53.80 51.83 -1.88
C GLU E 1034 54.19 50.59 -1.08
N TYR E 1035 54.06 49.43 -1.71
CA TYR E 1035 54.44 48.15 -1.13
C TYR E 1035 55.52 47.66 -2.09
N ALA E 1036 56.75 48.14 -1.92
CA ALA E 1036 57.83 47.77 -2.84
C ALA E 1036 58.32 46.33 -2.66
N PRO E 1037 59.10 45.81 -3.63
CA PRO E 1037 59.66 44.45 -3.60
C PRO E 1037 60.54 44.21 -2.36
N HIS E 1038 61.28 45.24 -1.93
CA HIS E 1038 62.13 45.04 -0.75
C HIS E 1038 61.30 44.94 0.53
N ASP E 1039 60.03 45.37 0.46
CA ASP E 1039 59.13 45.29 1.62
C ASP E 1039 58.80 43.82 1.79
N TYR E 1040 58.52 43.17 0.66
CA TYR E 1040 58.20 41.74 0.69
C TYR E 1040 59.42 40.94 1.13
N LEU E 1041 60.62 41.35 0.71
CA LEU E 1041 61.84 40.64 1.10
C LEU E 1041 62.08 40.69 2.60
N SER E 1042 61.61 41.75 3.23
CA SER E 1042 61.79 41.90 4.68
C SER E 1042 60.61 41.32 5.43
N GLY E 1043 59.66 40.75 4.71
CA GLY E 1043 58.50 40.20 5.38
C GLY E 1043 57.69 41.23 6.19
N LYS E 1044 57.54 42.44 5.65
CA LYS E 1044 56.79 43.47 6.36
C LYS E 1044 55.67 44.08 5.50
N ASP E 1045 54.50 44.31 6.11
CA ASP E 1045 53.37 44.90 5.39
C ASP E 1045 53.32 46.35 5.78
N PRO E 1046 53.94 47.22 4.95
CA PRO E 1046 53.98 48.67 5.22
C PRO E 1046 52.60 49.31 5.22
N GLN E 1047 51.70 48.83 4.37
CA GLN E 1047 50.35 49.42 4.36
C GLN E 1047 49.62 49.19 5.71
N ILE E 1048 49.66 47.97 6.21
CA ILE E 1048 48.98 47.71 7.45
C ILE E 1048 49.68 48.36 8.63
N ASP E 1049 51.00 48.46 8.57
CA ASP E 1049 51.71 49.08 9.71
C ASP E 1049 51.39 50.53 9.84
N TYR E 1050 51.32 51.18 8.69
CA TYR E 1050 50.99 52.59 8.68
C TYR E 1050 49.55 52.72 9.19
N ALA E 1051 48.67 51.83 8.71
CA ALA E 1051 47.28 51.90 9.17
C ALA E 1051 47.22 51.87 10.68
N ILE E 1052 47.93 50.91 11.29
CA ILE E 1052 47.96 50.79 12.75
C ILE E 1052 48.57 52.00 13.43
N ASP E 1053 49.78 52.36 12.99
CA ASP E 1053 50.46 53.50 13.57
C ASP E 1053 49.60 54.76 13.50
N ALA E 1054 48.98 54.98 12.36
CA ALA E 1054 48.14 56.14 12.13
C ALA E 1054 46.98 56.22 13.11
N LEU E 1055 46.31 55.09 13.32
CA LEU E 1055 45.17 55.09 14.24
C LEU E 1055 45.65 55.28 15.66
N ILE E 1056 46.78 54.66 15.97
CA ILE E 1056 47.31 54.81 17.29
C ILE E 1056 47.53 56.30 17.58
N GLU E 1057 48.08 57.00 16.60
CA GLU E 1057 48.33 58.43 16.75
C GLU E 1057 47.00 59.20 16.90
N GLU E 1058 45.98 58.76 16.17
CA GLU E 1058 44.69 59.43 16.24
C GLU E 1058 43.97 59.11 17.54
N LEU E 1059 44.35 58.02 18.19
CA LEU E 1059 43.73 57.63 19.44
C LEU E 1059 44.58 58.06 20.64
N ARG E 1060 44.46 59.34 20.97
CA ARG E 1060 45.19 59.91 22.11
C ARG E 1060 44.30 61.04 22.68
N ASN E 1061 43.00 60.79 22.73
CA ASN E 1061 42.07 61.78 23.25
C ASN E 1061 41.06 61.15 24.20
N THR F 3 13.21 32.15 -17.43
CA THR F 3 13.59 31.42 -16.22
C THR F 3 13.17 32.19 -14.94
N GLN F 4 12.12 31.70 -14.27
CA GLN F 4 11.60 32.31 -13.03
C GLN F 4 11.13 33.76 -13.23
N LYS F 5 10.57 34.34 -12.18
CA LYS F 5 10.08 35.72 -12.23
C LYS F 5 10.70 36.55 -11.10
N ALA F 6 11.81 36.04 -10.58
CA ALA F 6 12.55 36.69 -9.51
C ALA F 6 14.08 36.56 -9.69
N ALA F 7 14.52 36.17 -10.89
CA ALA F 7 15.96 36.05 -11.16
C ALA F 7 16.53 37.47 -11.32
N ALA F 8 16.76 38.12 -10.18
CA ALA F 8 17.30 39.49 -10.10
C ALA F 8 18.38 39.81 -11.13
N GLU F 9 18.30 41.00 -11.73
CA GLU F 9 19.30 41.40 -12.72
C GLU F 9 19.81 42.81 -12.43
N LEU F 10 20.73 42.90 -11.49
CA LEU F 10 21.29 44.18 -11.12
C LEU F 10 22.64 44.39 -11.82
N THR F 11 23.12 45.63 -11.81
CA THR F 11 24.39 45.99 -12.46
C THR F 11 25.61 45.61 -11.64
N PHE F 12 26.51 44.84 -12.25
CA PHE F 12 27.71 44.42 -11.57
C PHE F 12 28.87 45.35 -11.85
N PHE F 13 29.69 45.58 -10.82
CA PHE F 13 30.89 46.41 -10.97
C PHE F 13 32.12 45.61 -10.46
C1 0QE F 14 33.20 46.04 -10.81
N MET G 39 -13.36 41.35 57.12
CA MET G 39 -12.87 41.22 55.71
C MET G 39 -13.47 42.31 54.80
N PRO G 40 -12.88 43.52 54.81
CA PRO G 40 -13.39 44.62 53.98
C PRO G 40 -13.04 44.44 52.50
N ASN G 41 -13.82 45.12 51.65
CA ASN G 41 -13.58 45.02 50.22
C ASN G 41 -12.82 46.21 49.68
N LEU G 42 -12.26 46.06 48.48
CA LEU G 42 -11.57 47.13 47.83
C LEU G 42 -12.63 47.93 47.06
N LEU G 43 -12.79 49.22 47.36
CA LEU G 43 -13.79 50.03 46.67
C LEU G 43 -13.10 51.01 45.77
N LEU G 44 -13.63 51.19 44.57
CA LEU G 44 -13.02 52.12 43.64
C LEU G 44 -13.97 52.70 42.62
N ASN G 45 -13.39 53.56 41.77
CA ASN G 45 -14.07 54.25 40.66
C ASN G 45 -15.50 54.70 40.94
N PRO G 46 -15.66 55.61 41.89
CA PRO G 46 -17.00 56.06 42.21
C PRO G 46 -17.58 57.20 41.38
N ASP G 47 -18.86 57.42 41.62
CA ASP G 47 -19.63 58.49 41.02
C ASP G 47 -20.73 58.81 42.03
N ILE G 48 -21.19 60.05 41.98
CA ILE G 48 -22.19 60.52 42.92
C ILE G 48 -23.31 61.30 42.26
N HIS G 49 -24.47 61.27 42.92
CA HIS G 49 -25.66 62.00 42.53
C HIS G 49 -26.57 62.13 43.73
N GLY G 50 -26.50 63.28 44.39
CA GLY G 50 -27.31 63.54 45.57
C GLY G 50 -26.76 62.80 46.77
N ASP G 51 -27.57 61.89 47.32
CA ASP G 51 -27.17 61.08 48.45
C ASP G 51 -26.81 59.68 47.97
N ARG G 52 -26.99 59.39 46.69
CA ARG G 52 -26.67 58.08 46.19
C ARG G 52 -25.29 58.11 45.56
N ILE G 53 -24.54 57.07 45.84
CA ILE G 53 -23.19 56.94 45.35
C ILE G 53 -22.94 55.55 44.78
N ILE G 54 -22.59 55.47 43.50
CA ILE G 54 -22.26 54.18 42.89
C ILE G 54 -20.73 53.99 42.84
N PHE G 55 -20.30 52.77 43.08
CA PHE G 55 -18.89 52.48 43.07
C PHE G 55 -18.71 51.03 42.63
N VAL G 56 -17.47 50.63 42.37
CA VAL G 56 -17.20 49.25 41.96
C VAL G 56 -16.64 48.37 43.08
N CYS G 57 -17.14 47.14 43.19
CA CYS G 57 -16.63 46.20 44.20
C CYS G 57 -16.76 44.79 43.64
N CYS G 58 -15.65 44.07 43.56
CA CYS G 58 -15.66 42.72 43.01
C CYS G 58 -16.15 42.70 41.55
N ASP G 59 -15.65 43.64 40.75
CA ASP G 59 -15.97 43.79 39.32
C ASP G 59 -17.45 44.09 39.05
N ASP G 60 -18.24 44.18 40.12
CA ASP G 60 -19.68 44.47 40.04
C ASP G 60 -19.98 45.89 40.53
N LEU G 61 -21.09 46.45 40.04
CA LEU G 61 -21.50 47.80 40.39
C LEU G 61 -22.41 47.86 41.58
N TRP G 62 -22.04 48.74 42.51
CA TRP G 62 -22.84 48.92 43.71
C TRP G 62 -23.36 50.35 43.88
N GLU G 63 -24.46 50.47 44.60
CA GLU G 63 -24.98 51.80 44.89
C GLU G 63 -25.12 51.93 46.40
N HIS G 64 -24.72 53.08 46.92
CA HIS G 64 -24.81 53.33 48.34
C HIS G 64 -25.57 54.60 48.64
N ASP G 65 -26.49 54.52 49.61
CA ASP G 65 -27.31 55.65 50.05
C ASP G 65 -26.80 56.27 51.35
N LEU G 66 -26.25 57.47 51.24
CA LEU G 66 -25.75 58.23 52.38
C LEU G 66 -26.84 58.41 53.43
N LYS G 67 -28.04 58.67 52.99
CA LYS G 67 -29.12 58.88 53.92
C LYS G 67 -29.37 57.67 54.84
N SER G 68 -29.55 56.48 54.29
CA SER G 68 -29.84 55.30 55.12
C SER G 68 -28.62 54.42 55.43
N GLY G 69 -27.54 54.62 54.71
CA GLY G 69 -26.37 53.79 54.95
C GLY G 69 -26.46 52.42 54.30
N SER G 70 -27.48 52.20 53.48
CA SER G 70 -27.68 50.92 52.81
C SER G 70 -26.84 50.82 51.54
N THR G 71 -26.37 49.60 51.29
CA THR G 71 -25.55 49.32 50.14
C THR G 71 -26.10 48.13 49.39
N ARG G 72 -26.15 48.20 48.07
CA ARG G 72 -26.64 47.07 47.30
C ARG G 72 -25.99 46.93 45.93
N LYS G 73 -25.94 45.69 45.46
CA LYS G 73 -25.40 45.44 44.14
C LYS G 73 -26.54 45.68 43.15
N ILE G 74 -26.34 46.60 42.19
CA ILE G 74 -27.39 46.93 41.21
C ILE G 74 -27.15 46.34 39.83
N VAL G 75 -25.99 45.73 39.61
CA VAL G 75 -25.66 45.17 38.31
C VAL G 75 -24.43 44.29 38.40
N SER G 76 -24.53 43.06 37.90
CA SER G 76 -23.41 42.15 37.99
C SER G 76 -23.41 41.11 36.89
N ASN G 77 -22.43 40.23 36.90
CA ASN G 77 -22.32 39.17 35.91
C ASN G 77 -22.24 39.66 34.46
N LEU G 78 -21.75 40.88 34.28
CA LEU G 78 -21.61 41.44 32.94
C LEU G 78 -20.15 41.32 32.49
N GLY G 79 -19.28 41.17 33.48
CA GLY G 79 -17.87 41.09 33.21
C GLY G 79 -17.25 42.07 34.19
N VAL G 80 -16.03 42.51 33.90
CA VAL G 80 -15.40 43.47 34.79
C VAL G 80 -15.77 44.92 34.42
N ILE G 81 -16.35 45.60 35.40
CA ILE G 81 -16.81 46.94 35.24
C ILE G 81 -15.76 47.80 35.91
N ASN G 82 -15.25 48.81 35.18
CA ASN G 82 -14.25 49.71 35.75
C ASN G 82 -14.72 51.15 35.81
N ASN G 83 -15.89 51.45 35.25
CA ASN G 83 -16.35 52.81 35.28
C ASN G 83 -17.85 52.83 35.14
N ALA G 84 -18.48 53.76 35.85
CA ALA G 84 -19.91 53.89 35.82
C ALA G 84 -20.21 55.37 35.99
N ARG G 85 -21.15 55.86 35.18
CA ARG G 85 -21.47 57.27 35.23
C ARG G 85 -22.92 57.55 35.19
N PHE G 86 -23.37 58.30 36.20
CA PHE G 86 -24.76 58.73 36.31
C PHE G 86 -25.12 59.66 35.17
N PHE G 87 -26.34 59.51 34.65
CA PHE G 87 -26.84 60.41 33.63
C PHE G 87 -27.34 61.67 34.38
N PRO G 88 -27.61 62.75 33.65
CA PRO G 88 -28.08 63.98 34.28
C PRO G 88 -29.18 63.71 35.29
N ASP G 89 -30.29 63.15 34.83
CA ASP G 89 -31.41 62.88 35.74
C ASP G 89 -31.07 61.99 36.94
N GLY G 90 -29.94 61.30 36.90
CA GLY G 90 -29.60 60.44 38.02
C GLY G 90 -30.41 59.14 38.01
N ARG G 91 -30.97 58.80 36.85
CA ARG G 91 -31.79 57.60 36.72
C ARG G 91 -31.02 56.50 35.98
N LYS G 92 -30.62 56.78 34.75
CA LYS G 92 -29.86 55.87 33.92
C LYS G 92 -28.40 55.98 34.28
N ILE G 93 -27.64 54.93 33.97
CA ILE G 93 -26.23 54.90 34.27
C ILE G 93 -25.46 54.29 33.12
N ALA G 94 -24.48 55.02 32.59
CA ALA G 94 -23.62 54.51 31.53
C ALA G 94 -22.53 53.70 32.23
N ILE G 95 -22.29 52.50 31.71
CA ILE G 95 -21.33 51.56 32.29
C ILE G 95 -20.28 51.03 31.28
N ARG G 96 -19.02 51.00 31.68
CA ARG G 96 -18.00 50.46 30.79
C ARG G 96 -17.63 49.11 31.34
N VAL G 97 -17.72 48.08 30.50
CA VAL G 97 -17.41 46.75 30.97
C VAL G 97 -16.45 46.05 30.05
N MET G 98 -15.50 45.35 30.65
CA MET G 98 -14.49 44.61 29.94
C MET G 98 -14.76 43.11 29.93
N ARG G 99 -14.32 42.46 28.84
CA ARG G 99 -14.47 41.02 28.61
C ARG G 99 -13.22 40.43 27.90
N GLY G 100 -13.11 39.09 27.93
CA GLY G 100 -11.94 38.41 27.37
C GLY G 100 -11.08 38.06 28.58
N SER G 101 -10.54 36.85 28.68
CA SER G 101 -9.74 36.46 29.87
C SER G 101 -8.81 37.51 30.38
N SER G 102 -8.24 38.27 29.46
CA SER G 102 -7.30 39.34 29.77
C SER G 102 -7.90 40.74 29.63
N LEU G 103 -9.23 40.83 29.60
CA LEU G 103 -9.90 42.11 29.48
C LEU G 103 -9.33 42.86 28.29
N ASN G 104 -9.16 42.10 27.21
CA ASN G 104 -8.66 42.63 25.94
C ASN G 104 -9.76 43.40 25.16
N THR G 105 -11.01 43.22 25.55
CA THR G 105 -12.10 43.91 24.85
C THR G 105 -13.06 44.67 25.79
N ALA G 106 -13.76 45.65 25.25
CA ALA G 106 -14.68 46.41 26.05
C ALA G 106 -15.84 47.07 25.28
N ASP G 107 -16.95 47.28 25.99
CA ASP G 107 -18.08 47.94 25.39
C ASP G 107 -18.93 48.59 26.47
N LEU G 108 -19.87 49.43 26.04
CA LEU G 108 -20.70 50.14 26.98
C LEU G 108 -22.14 49.65 27.08
N TYR G 109 -22.65 49.72 28.30
CA TYR G 109 -24.00 49.32 28.64
C TYR G 109 -24.73 50.47 29.34
N PHE G 110 -26.06 50.39 29.30
CA PHE G 110 -26.94 51.35 29.95
C PHE G 110 -27.67 50.58 31.03
N TYR G 111 -27.93 51.27 32.12
CA TYR G 111 -28.66 50.71 33.22
C TYR G 111 -29.73 51.69 33.61
N ASN G 112 -30.97 51.22 33.67
CA ASN G 112 -32.09 52.07 34.01
C ASN G 112 -32.52 51.66 35.42
N GLY G 113 -32.12 52.47 36.41
CA GLY G 113 -32.47 52.18 37.79
C GLY G 113 -33.95 52.10 38.09
N GLU G 114 -34.76 52.62 37.18
CA GLU G 114 -36.18 52.61 37.35
C GLU G 114 -36.75 51.22 37.22
N ASN G 115 -36.49 50.55 36.10
CA ASN G 115 -37.02 49.20 35.91
C ASN G 115 -35.93 48.14 36.11
N GLY G 116 -34.68 48.59 36.18
CA GLY G 116 -33.58 47.66 36.39
C GLY G 116 -33.18 46.97 35.09
N GLU G 117 -33.45 47.67 34.00
CA GLU G 117 -33.13 47.16 32.71
C GLU G 117 -31.66 47.41 32.34
N ILE G 118 -31.03 46.42 31.72
CA ILE G 118 -29.64 46.52 31.29
C ILE G 118 -29.67 46.43 29.77
N LYS G 119 -28.67 46.99 29.11
CA LYS G 119 -28.66 47.02 27.65
C LYS G 119 -27.32 47.46 27.08
N ARG G 120 -26.79 46.65 26.16
CA ARG G 120 -25.53 46.95 25.50
C ARG G 120 -25.77 48.09 24.52
N ILE G 121 -24.92 49.12 24.58
CA ILE G 121 -25.04 50.28 23.70
C ILE G 121 -24.05 50.29 22.54
N THR G 122 -22.81 49.84 22.79
CA THR G 122 -21.77 49.81 21.72
C THR G 122 -21.26 48.40 21.33
N TYR G 123 -21.13 48.16 20.05
CA TYR G 123 -20.70 46.87 19.58
C TYR G 123 -19.46 47.16 18.79
N PHE G 124 -18.56 47.91 19.40
CA PHE G 124 -17.30 48.31 18.74
C PHE G 124 -16.19 47.35 19.13
N SER G 125 -16.41 46.68 20.27
CA SER G 125 -15.43 45.75 20.82
C SER G 125 -14.07 46.48 20.94
N GLY G 126 -14.09 47.71 21.44
CA GLY G 126 -12.86 48.49 21.56
C GLY G 126 -11.66 47.78 22.19
N LYS G 127 -10.47 48.04 21.64
CA LYS G 127 -9.25 47.45 22.20
C LYS G 127 -8.84 48.20 23.47
N SER G 128 -8.49 47.48 24.52
CA SER G 128 -8.08 48.14 25.73
C SER G 128 -6.97 47.38 26.44
N THR G 129 -6.26 48.10 27.31
CA THR G 129 -5.17 47.56 28.10
C THR G 129 -5.25 48.28 29.41
N GLY G 130 -4.68 47.68 30.45
CA GLY G 130 -4.72 48.29 31.78
C GLY G 130 -4.39 49.79 31.75
N ARG G 131 -3.25 50.13 31.16
CA ARG G 131 -2.83 51.52 31.07
C ARG G 131 -3.75 52.37 30.20
N ARG G 132 -4.24 51.79 29.12
CA ARG G 132 -5.13 52.50 28.19
C ARG G 132 -6.47 51.80 28.04
N MET G 133 -7.35 52.05 29.01
CA MET G 133 -8.68 51.48 29.00
C MET G 133 -9.65 52.36 28.21
N PHE G 134 -9.48 52.33 26.90
CA PHE G 134 -10.25 53.15 25.96
C PHE G 134 -11.72 52.72 25.70
N THR G 135 -12.46 53.55 24.98
CA THR G 135 -13.88 53.35 24.73
C THR G 135 -14.61 53.47 26.06
N ASP G 136 -14.88 54.71 26.47
CA ASP G 136 -15.52 55.02 27.75
C ASP G 136 -16.51 56.18 27.67
N VAL G 137 -17.06 56.55 28.81
CA VAL G 137 -17.98 57.65 28.85
C VAL G 137 -17.10 58.90 28.86
N ALA G 138 -17.43 59.91 28.05
CA ALA G 138 -16.59 61.12 28.02
C ALA G 138 -17.22 62.24 28.85
N GLY G 139 -18.55 62.23 28.89
CA GLY G 139 -19.30 63.20 29.65
C GLY G 139 -20.72 63.24 29.12
N PHE G 140 -21.48 64.26 29.49
CA PHE G 140 -22.84 64.42 29.01
C PHE G 140 -23.02 65.82 28.52
N ASP G 141 -23.82 65.97 27.46
CA ASP G 141 -24.08 67.27 26.89
C ASP G 141 -25.22 67.96 27.67
N PRO G 142 -25.42 69.27 27.44
CA PRO G 142 -26.47 70.00 28.15
C PRO G 142 -27.81 69.28 28.14
N ASP G 143 -28.19 68.85 26.94
CA ASP G 143 -29.44 68.13 26.74
C ASP G 143 -29.55 66.77 27.44
N GLY G 144 -28.51 66.38 28.17
CA GLY G 144 -28.56 65.12 28.88
C GLY G 144 -28.09 63.94 28.07
N ASN G 145 -27.59 64.19 26.86
CA ASN G 145 -27.10 63.09 26.01
C ASN G 145 -25.68 62.63 26.35
N LEU G 146 -25.49 61.32 26.26
CA LEU G 146 -24.22 60.71 26.56
C LEU G 146 -23.21 60.91 25.45
N ILE G 147 -22.00 61.33 25.81
CA ILE G 147 -20.94 61.53 24.84
C ILE G 147 -19.85 60.54 25.20
N ILE G 148 -19.46 59.73 24.23
CA ILE G 148 -18.43 58.74 24.47
C ILE G 148 -17.15 59.03 23.72
N SER G 149 -16.08 58.45 24.24
CA SER G 149 -14.77 58.57 23.67
C SER G 149 -14.39 57.18 23.18
N THR G 150 -14.04 57.06 21.90
CA THR G 150 -13.61 55.77 21.37
C THR G 150 -12.72 55.87 20.12
N ASP G 151 -11.80 54.93 20.02
CA ASP G 151 -10.89 54.82 18.90
C ASP G 151 -11.35 53.69 17.98
N ALA G 152 -12.49 53.10 18.30
CA ALA G 152 -13.05 51.97 17.54
C ALA G 152 -13.14 52.21 16.05
N MET G 153 -13.43 53.44 15.62
CA MET G 153 -13.51 53.69 14.19
C MET G 153 -12.29 54.47 13.66
N GLN G 154 -11.24 54.48 14.45
CA GLN G 154 -10.05 55.22 14.06
C GLN G 154 -8.90 54.31 13.75
N PRO G 155 -7.96 54.79 12.93
CA PRO G 155 -6.79 54.00 12.58
C PRO G 155 -5.80 53.84 13.72
N PHE G 156 -5.88 54.71 14.71
CA PHE G 156 -4.94 54.66 15.85
C PHE G 156 -5.65 54.57 17.19
N SER G 157 -5.13 53.73 18.08
CA SER G 157 -5.78 53.58 19.37
C SER G 157 -5.84 54.87 20.20
N SER G 158 -4.80 55.72 20.10
CA SER G 158 -4.78 56.99 20.83
C SER G 158 -5.80 57.99 20.27
N MET G 159 -6.29 57.75 19.05
CA MET G 159 -7.27 58.66 18.48
C MET G 159 -8.64 58.45 19.06
N THR G 160 -8.75 58.53 20.38
CA THR G 160 -10.05 58.35 21.03
C THR G 160 -10.95 59.58 20.83
N CYS G 161 -11.59 59.64 19.64
CA CYS G 161 -12.45 60.72 19.26
C CYS G 161 -13.83 60.74 19.96
N LEU G 162 -14.42 61.92 20.10
CA LEU G 162 -15.70 62.08 20.80
C LEU G 162 -16.94 61.85 19.94
N TYR G 163 -17.86 61.05 20.44
CA TYR G 163 -19.08 60.78 19.73
C TYR G 163 -20.32 60.97 20.58
N ARG G 164 -21.38 61.51 20.00
CA ARG G 164 -22.63 61.67 20.75
C ARG G 164 -23.48 60.42 20.49
N VAL G 165 -23.79 59.69 21.54
CA VAL G 165 -24.63 58.50 21.42
C VAL G 165 -26.11 58.83 21.12
N GLU G 166 -26.74 58.10 20.21
CA GLU G 166 -28.12 58.32 19.85
C GLU G 166 -28.94 57.06 19.76
N ASN G 167 -30.23 57.16 20.08
CA ASN G 167 -31.16 56.02 20.02
C ASN G 167 -30.55 54.79 20.64
N ASP G 168 -29.77 55.00 21.69
CA ASP G 168 -29.13 53.91 22.42
C ASP G 168 -28.18 53.05 21.59
N GLY G 169 -27.32 53.69 20.78
CA GLY G 169 -26.39 52.94 19.97
C GLY G 169 -26.80 52.74 18.53
N ILE G 170 -27.96 53.24 18.15
CA ILE G 170 -28.40 53.10 16.77
C ILE G 170 -27.54 53.95 15.87
N ASN G 171 -27.17 55.14 16.37
CA ASN G 171 -26.43 56.09 15.62
C ASN G 171 -25.39 56.81 16.51
N PHE G 172 -24.25 57.20 15.92
CA PHE G 172 -23.19 57.94 16.63
C PHE G 172 -22.83 59.21 15.91
N VAL G 173 -22.90 60.34 16.58
CA VAL G 173 -22.56 61.58 15.91
C VAL G 173 -21.23 62.11 16.41
N PRO G 174 -20.26 62.27 15.50
CA PRO G 174 -18.93 62.77 15.86
C PRO G 174 -18.90 64.24 16.23
N LEU G 175 -18.15 64.58 17.26
CA LEU G 175 -18.05 65.96 17.68
C LEU G 175 -16.92 66.66 16.96
N ASN G 176 -16.00 65.90 16.36
CA ASN G 176 -14.88 66.48 15.63
C ASN G 176 -14.08 67.46 16.46
N LEU G 177 -13.68 67.05 17.64
CA LEU G 177 -12.91 67.90 18.53
C LEU G 177 -11.52 67.28 18.71
N GLY G 178 -11.25 66.25 17.92
CA GLY G 178 -9.98 65.56 18.04
C GLY G 178 -9.99 64.60 19.22
N PRO G 179 -8.86 63.92 19.49
CA PRO G 179 -8.78 62.97 20.61
C PRO G 179 -9.03 63.56 21.97
N ALA G 180 -9.86 62.90 22.77
CA ALA G 180 -10.19 63.42 24.09
C ALA G 180 -10.68 62.35 25.07
N THR G 181 -10.40 62.58 26.34
CA THR G 181 -10.79 61.66 27.34
C THR G 181 -12.05 62.15 28.08
N HIS G 182 -12.09 63.43 28.42
CA HIS G 182 -13.25 64.00 29.09
C HIS G 182 -13.78 65.21 28.39
N ILE G 183 -15.09 65.39 28.49
CA ILE G 183 -15.73 66.57 27.93
C ILE G 183 -16.72 67.12 28.97
N LEU G 184 -16.55 68.39 29.33
CA LEU G 184 -17.39 69.05 30.33
C LEU G 184 -18.06 70.27 29.72
N PHE G 185 -19.07 70.80 30.39
CA PHE G 185 -19.75 71.98 29.87
C PHE G 185 -19.93 73.06 30.96
N ALA G 186 -19.37 74.23 30.70
CA ALA G 186 -19.47 75.31 31.64
C ALA G 186 -19.94 76.52 30.88
N ASP G 187 -21.08 77.08 31.32
CA ASP G 187 -21.65 78.27 30.70
C ASP G 187 -21.66 78.21 29.16
N GLY G 188 -22.22 77.13 28.63
CA GLY G 188 -22.28 76.97 27.19
C GLY G 188 -20.92 76.80 26.57
N ARG G 189 -19.90 76.60 27.37
CA ARG G 189 -18.57 76.42 26.82
C ARG G 189 -18.10 74.96 26.95
N ARG G 190 -17.52 74.43 25.88
CA ARG G 190 -17.02 73.06 25.92
C ARG G 190 -15.66 73.02 26.58
N VAL G 191 -15.51 72.12 27.54
CA VAL G 191 -14.22 71.96 28.22
C VAL G 191 -13.68 70.60 27.76
N ILE G 192 -12.51 70.58 27.11
CA ILE G 192 -11.89 69.32 26.64
C ILE G 192 -10.74 68.82 27.52
N GLY G 193 -10.78 67.55 27.88
CA GLY G 193 -9.72 66.95 28.69
C GLY G 193 -8.96 65.94 27.82
N ARG G 194 -7.75 66.30 27.41
CA ARG G 194 -6.93 65.38 26.61
C ARG G 194 -5.98 64.48 27.46
N ASN G 195 -6.04 63.18 27.21
CA ASN G 195 -5.19 62.23 27.91
C ASN G 195 -5.34 62.42 29.41
N THR G 196 -6.54 62.79 29.85
CA THR G 196 -6.78 63.02 31.25
C THR G 196 -7.21 61.82 32.07
N PHE G 197 -6.91 60.63 31.60
CA PHE G 197 -7.25 59.44 32.37
C PHE G 197 -6.16 59.29 33.46
N GLU G 198 -6.36 58.35 34.38
CA GLU G 198 -5.41 58.13 35.44
C GLU G 198 -4.20 57.33 34.94
N LEU G 199 -3.05 57.58 35.55
CA LEU G 199 -1.85 56.87 35.22
C LEU G 199 -1.19 56.34 36.49
N PRO G 200 -1.80 55.33 37.14
CA PRO G 200 -1.24 54.76 38.37
C PRO G 200 0.09 54.07 38.19
N HIS G 201 0.37 53.63 36.97
CA HIS G 201 1.63 52.93 36.72
C HIS G 201 2.79 53.85 36.56
N TRP G 202 2.54 55.15 36.45
CA TRP G 202 3.66 56.08 36.27
C TRP G 202 3.45 57.38 37.06
N LYS G 203 3.80 57.34 38.32
CA LYS G 203 3.65 58.49 39.16
C LYS G 203 4.74 59.54 38.81
N GLY G 204 4.39 60.82 38.95
CA GLY G 204 5.31 61.89 38.62
C GLY G 204 5.61 62.03 37.15
N TYR G 205 4.76 61.44 36.28
CA TYR G 205 4.95 61.52 34.82
C TYR G 205 4.92 62.99 34.33
N ARG G 206 5.89 63.38 33.49
CA ARG G 206 5.95 64.76 32.96
C ARG G 206 6.22 64.77 31.46
N GLY G 207 5.90 63.67 30.79
CA GLY G 207 6.11 63.57 29.36
C GLY G 207 5.12 64.34 28.50
N GLY G 208 5.36 64.32 27.20
CA GLY G 208 4.52 65.07 26.29
C GLY G 208 3.07 64.66 26.17
N THR G 209 2.71 63.49 26.71
CA THR G 209 1.34 62.95 26.66
C THR G 209 0.59 63.22 27.95
N ARG G 210 1.16 64.05 28.81
CA ARG G 210 0.54 64.35 30.08
C ARG G 210 -0.80 65.04 29.91
N GLY G 211 -1.79 64.63 30.70
CA GLY G 211 -3.10 65.23 30.64
C GLY G 211 -3.08 66.76 30.62
N LYS G 212 -3.87 67.37 29.73
CA LYS G 212 -3.96 68.82 29.60
C LYS G 212 -5.43 69.17 29.45
N ILE G 213 -5.79 70.42 29.75
CA ILE G 213 -7.17 70.81 29.57
C ILE G 213 -7.32 72.01 28.64
N TRP G 214 -8.34 71.97 27.78
CA TRP G 214 -8.64 73.07 26.85
C TRP G 214 -10.05 73.55 27.10
N ILE G 215 -10.30 74.81 26.75
CA ILE G 215 -11.64 75.34 26.92
C ILE G 215 -12.01 76.18 25.73
N GLU G 216 -13.29 76.15 25.40
CA GLU G 216 -13.81 76.92 24.28
C GLU G 216 -13.95 78.36 24.73
N VAL G 217 -13.61 79.30 23.86
CA VAL G 217 -13.70 80.74 24.16
C VAL G 217 -14.60 81.47 23.17
N ASN G 218 -14.83 80.83 22.02
CA ASN G 218 -15.65 81.42 20.99
C ASN G 218 -16.30 80.39 20.06
N SER G 219 -17.48 79.88 20.49
CA SER G 219 -18.30 78.84 19.80
C SER G 219 -17.59 78.12 18.64
N GLY G 220 -16.33 77.74 18.92
CA GLY G 220 -15.49 77.06 17.94
C GLY G 220 -14.04 77.35 18.28
N ALA G 221 -13.74 78.49 18.91
CA ALA G 221 -12.35 78.78 19.24
C ALA G 221 -11.89 78.13 20.58
N PHE G 222 -10.80 77.37 20.54
CA PHE G 222 -10.29 76.71 21.77
C PHE G 222 -8.93 77.17 22.25
N LYS G 223 -8.75 77.14 23.55
CA LYS G 223 -7.53 77.60 24.16
C LYS G 223 -7.12 76.69 25.28
N LYS G 224 -5.85 76.33 25.32
CA LYS G 224 -5.37 75.43 26.37
C LYS G 224 -5.26 76.21 27.68
N ILE G 225 -5.94 75.73 28.73
CA ILE G 225 -5.94 76.41 30.02
C ILE G 225 -5.30 75.69 31.18
N VAL G 226 -5.00 74.41 31.05
CA VAL G 226 -4.33 73.72 32.14
C VAL G 226 -3.31 72.80 31.53
N ASP G 227 -2.07 73.20 31.69
CA ASP G 227 -0.96 72.48 31.12
C ASP G 227 0.18 72.67 32.11
N MET G 228 0.13 71.88 33.16
CA MET G 228 1.15 71.88 34.19
C MET G 228 2.32 70.97 33.81
N SER G 229 3.33 71.04 34.66
CA SER G 229 4.56 70.26 34.50
C SER G 229 4.23 68.78 34.54
N THR G 230 3.31 68.41 35.42
CA THR G 230 2.88 67.03 35.55
C THR G 230 1.53 66.73 34.92
N HIS G 231 1.22 65.46 34.97
CA HIS G 231 -0.01 64.90 34.44
C HIS G 231 -1.26 65.28 35.26
N VAL G 232 -2.30 65.73 34.57
CA VAL G 232 -3.55 66.11 35.18
C VAL G 232 -4.63 65.08 34.84
N SER G 233 -5.34 64.56 35.82
CA SER G 233 -6.37 63.56 35.53
C SER G 233 -7.73 63.81 36.21
N SER G 234 -8.73 63.04 35.80
CA SER G 234 -10.06 63.13 36.37
C SER G 234 -10.58 64.54 36.60
N PRO G 235 -10.76 65.32 35.53
CA PRO G 235 -11.26 66.70 35.70
C PRO G 235 -12.79 66.73 35.96
N VAL G 236 -13.23 67.69 36.75
CA VAL G 236 -14.63 67.90 37.06
C VAL G 236 -14.83 69.39 37.30
N ILE G 237 -16.10 69.80 37.27
CA ILE G 237 -16.44 71.20 37.46
C ILE G 237 -17.48 71.42 38.54
N VAL G 238 -17.13 72.19 39.57
CA VAL G 238 -18.10 72.48 40.61
C VAL G 238 -18.11 73.97 40.70
N GLY G 239 -19.24 74.53 40.34
CA GLY G 239 -19.38 75.98 40.33
C GLY G 239 -18.70 76.51 39.09
N HIS G 240 -17.71 77.35 39.30
CA HIS G 240 -17.01 77.88 38.16
C HIS G 240 -15.53 77.56 38.24
N ARG G 241 -15.25 76.40 38.82
CA ARG G 241 -13.90 75.90 38.98
C ARG G 241 -13.80 74.50 38.48
N ILE G 242 -12.63 74.19 37.94
CA ILE G 242 -12.32 72.87 37.42
C ILE G 242 -11.45 72.19 38.44
N TYR G 243 -11.90 71.04 38.94
CA TYR G 243 -11.11 70.31 39.89
C TYR G 243 -10.48 69.11 39.20
N PHE G 244 -9.21 68.86 39.49
CA PHE G 244 -8.52 67.74 38.89
C PHE G 244 -7.47 67.25 39.85
N ILE G 245 -6.79 66.17 39.45
CA ILE G 245 -5.78 65.58 40.28
C ILE G 245 -4.44 65.69 39.64
N THR G 246 -3.40 65.81 40.47
CA THR G 246 -2.03 65.90 40.00
C THR G 246 -1.02 65.73 41.12
N ASP G 247 0.20 65.37 40.76
CA ASP G 247 1.24 65.17 41.75
C ASP G 247 2.41 66.08 41.52
N ILE G 248 2.08 67.31 41.14
CA ILE G 248 3.08 68.35 40.89
C ILE G 248 3.95 68.55 42.13
N ASP G 249 3.40 68.27 43.32
CA ASP G 249 4.12 68.42 44.59
C ASP G 249 4.81 67.17 45.15
N GLY G 250 4.67 66.04 44.46
CA GLY G 250 5.30 64.81 44.89
C GLY G 250 4.33 63.70 45.21
N PHE G 251 3.08 64.06 45.36
CA PHE G 251 2.08 63.08 45.68
C PHE G 251 0.74 63.54 45.09
N GLY G 252 -0.17 62.60 44.87
CA GLY G 252 -1.45 62.94 44.32
C GLY G 252 -2.31 63.74 45.25
N GLN G 253 -2.81 64.86 44.76
CA GLN G 253 -3.67 65.74 45.53
C GLN G 253 -4.70 66.33 44.58
N ILE G 254 -5.78 66.86 45.13
CA ILE G 254 -6.83 67.49 44.35
C ILE G 254 -6.54 68.99 44.27
N TYR G 255 -6.72 69.56 43.09
CA TYR G 255 -6.44 70.98 42.88
C TYR G 255 -7.60 71.52 42.08
N SER G 256 -7.59 72.82 41.83
CA SER G 256 -8.64 73.42 41.02
C SER G 256 -8.18 74.77 40.53
N THR G 257 -8.81 75.25 39.47
CA THR G 257 -8.51 76.58 38.93
C THR G 257 -9.81 77.12 38.36
N ASP G 258 -9.85 78.40 38.02
CA ASP G 258 -11.05 78.95 37.43
C ASP G 258 -11.11 78.45 35.97
N LEU G 259 -12.15 78.84 35.24
CA LEU G 259 -12.27 78.41 33.85
C LEU G 259 -11.26 79.04 32.93
N ASP G 260 -10.17 79.59 33.47
CA ASP G 260 -9.11 80.19 32.66
C ASP G 260 -7.80 79.54 33.02
N GLY G 261 -7.85 78.60 33.95
CA GLY G 261 -6.65 77.94 34.38
C GLY G 261 -5.87 78.77 35.38
N LYS G 262 -6.42 79.93 35.75
CA LYS G 262 -5.79 80.82 36.72
C LYS G 262 -6.23 80.52 38.16
N ASP G 263 -5.51 81.08 39.12
CA ASP G 263 -5.85 80.89 40.53
C ASP G 263 -5.79 79.43 41.00
N LEU G 264 -4.61 78.82 40.90
CA LEU G 264 -4.46 77.44 41.32
C LEU G 264 -4.62 77.31 42.83
N ARG G 265 -5.17 76.18 43.27
CA ARG G 265 -5.37 75.89 44.69
C ARG G 265 -5.26 74.40 45.00
N LYS G 266 -4.63 74.10 46.13
CA LYS G 266 -4.42 72.74 46.61
C LYS G 266 -5.47 72.48 47.69
N HIS G 267 -6.31 71.46 47.53
CA HIS G 267 -7.35 71.21 48.52
C HIS G 267 -7.17 70.02 49.42
N THR G 268 -6.15 69.21 49.18
CA THR G 268 -5.95 68.02 49.99
C THR G 268 -4.47 67.84 50.27
N SER G 269 -4.16 67.09 51.32
CA SER G 269 -2.78 66.83 51.68
C SER G 269 -2.52 65.34 51.96
N PHE G 270 -3.08 64.48 51.11
CA PHE G 270 -2.92 63.08 51.30
C PHE G 270 -1.46 62.66 51.41
N THR G 271 -1.22 61.52 52.06
CA THR G 271 0.15 61.01 52.17
C THR G 271 0.17 59.49 52.16
N ASP G 272 -1.00 58.87 52.28
CA ASP G 272 -1.09 57.42 52.32
C ASP G 272 -1.19 56.75 50.96
N TYR G 273 -2.19 57.13 50.18
CA TYR G 273 -2.41 56.59 48.84
C TYR G 273 -2.90 57.69 47.94
N TYR G 274 -2.46 57.68 46.68
CA TYR G 274 -2.92 58.65 45.72
C TYR G 274 -4.44 58.62 45.57
N PRO G 275 -5.06 59.77 45.36
CA PRO G 275 -6.53 59.76 45.20
C PRO G 275 -6.80 59.49 43.71
N ARG G 276 -7.97 58.96 43.36
CA ARG G 276 -8.23 58.68 41.93
C ARG G 276 -9.68 58.75 41.56
N HIS G 277 -9.91 58.87 40.26
CA HIS G 277 -11.26 58.87 39.69
C HIS G 277 -12.19 59.96 40.22
N LEU G 278 -11.88 61.25 40.02
CA LEU G 278 -12.81 62.26 40.50
C LEU G 278 -14.14 62.27 39.74
N ASN G 279 -15.23 62.42 40.48
CA ASN G 279 -16.52 62.50 39.85
C ASN G 279 -17.39 63.41 40.71
N THR G 280 -18.40 64.00 40.11
CA THR G 280 -19.27 64.90 40.84
C THR G 280 -20.70 64.94 40.29
N ASP G 281 -21.59 65.59 41.05
CA ASP G 281 -22.99 65.77 40.67
C ASP G 281 -23.26 67.25 40.49
N GLY G 282 -22.26 68.08 40.82
CA GLY G 282 -22.40 69.52 40.70
C GLY G 282 -22.31 70.22 42.04
N ARG G 283 -22.43 69.44 43.11
CA ARG G 283 -22.32 69.98 44.44
C ARG G 283 -21.14 69.34 45.20
N ARG G 284 -21.11 68.00 45.25
CA ARG G 284 -19.99 67.34 45.93
C ARG G 284 -19.14 66.52 44.96
N ILE G 285 -17.91 66.27 45.36
CA ILE G 285 -16.95 65.53 44.57
C ILE G 285 -16.68 64.20 45.23
N LEU G 286 -16.62 63.15 44.43
CA LEU G 286 -16.40 61.81 44.94
C LEU G 286 -15.07 61.26 44.41
N PHE G 287 -14.43 60.38 45.17
CA PHE G 287 -13.17 59.80 44.71
C PHE G 287 -12.78 58.59 45.52
N SER G 288 -11.86 57.78 45.00
CA SER G 288 -11.44 56.61 45.75
C SER G 288 -10.01 56.79 46.22
N LYS G 289 -9.64 56.08 47.27
CA LYS G 289 -8.30 56.15 47.79
C LYS G 289 -8.02 54.97 48.68
N GLY G 290 -6.90 54.28 48.44
CA GLY G 290 -6.55 53.13 49.27
C GLY G 290 -7.70 52.15 49.46
N GLY G 291 -8.54 52.00 48.43
CA GLY G 291 -9.64 51.07 48.53
C GLY G 291 -10.87 51.56 49.27
N SER G 292 -10.99 52.87 49.46
CA SER G 292 -12.17 53.44 50.13
C SER G 292 -12.76 54.60 49.34
N ILE G 293 -14.00 54.93 49.66
CA ILE G 293 -14.66 56.01 48.96
C ILE G 293 -14.74 57.27 49.86
N TYR G 294 -14.30 58.40 49.30
CA TYR G 294 -14.28 59.64 50.03
C TYR G 294 -15.16 60.69 49.38
N ILE G 295 -15.53 61.69 50.16
CA ILE G 295 -16.33 62.80 49.67
C ILE G 295 -15.64 64.09 50.03
N PHE G 296 -15.65 65.00 49.09
CA PHE G 296 -15.04 66.33 49.23
C PHE G 296 -16.12 67.35 48.95
N ASN G 297 -16.38 68.21 49.91
CA ASN G 297 -17.37 69.26 49.70
C ASN G 297 -16.59 70.55 49.44
N PRO G 298 -16.66 71.06 48.21
CA PRO G 298 -15.95 72.28 47.82
C PRO G 298 -16.33 73.49 48.65
N ASP G 299 -17.60 73.61 48.99
CA ASP G 299 -18.05 74.75 49.77
C ASP G 299 -17.58 74.73 51.23
N THR G 300 -16.98 73.63 51.63
CA THR G 300 -16.51 73.49 52.99
C THR G 300 -15.07 73.07 53.04
N GLU G 301 -14.62 72.47 51.95
CA GLU G 301 -13.26 71.98 51.85
C GLU G 301 -13.11 70.83 52.85
N LYS G 302 -14.24 70.22 53.23
CA LYS G 302 -14.25 69.08 54.16
C LYS G 302 -14.24 67.75 53.37
N ILE G 303 -13.51 66.78 53.91
CA ILE G 303 -13.40 65.49 53.28
C ILE G 303 -13.69 64.42 54.29
N GLU G 304 -14.47 63.43 53.87
CA GLU G 304 -14.80 62.31 54.75
C GLU G 304 -14.98 61.00 54.01
N LYS G 305 -14.52 59.94 54.67
CA LYS G 305 -14.59 58.59 54.18
C LYS G 305 -16.00 58.11 54.37
N ILE G 306 -16.57 57.52 53.33
CA ILE G 306 -17.94 56.99 53.43
C ILE G 306 -17.83 55.60 54.05
N GLU G 307 -18.74 55.26 54.96
CA GLU G 307 -18.69 53.97 55.60
C GLU G 307 -19.40 52.92 54.81
N ILE G 308 -18.69 51.88 54.38
CA ILE G 308 -19.34 50.79 53.67
C ILE G 308 -19.13 49.42 54.37
N GLY G 309 -17.92 49.13 54.82
CA GLY G 309 -17.67 47.87 55.49
C GLY G 309 -17.80 46.68 54.56
N ASP G 310 -17.80 45.48 55.13
CA ASP G 310 -17.91 44.26 54.35
C ASP G 310 -19.06 44.29 53.38
N LEU G 311 -18.83 43.81 52.18
CA LEU G 311 -19.84 43.82 51.15
C LEU G 311 -19.97 42.47 50.46
N GLU G 312 -18.86 41.79 50.27
CA GLU G 312 -18.93 40.52 49.60
C GLU G 312 -17.63 39.76 49.78
N SER G 313 -17.76 38.50 50.17
CA SER G 313 -16.59 37.66 50.38
C SER G 313 -16.90 36.33 49.68
N PRO G 314 -16.49 36.20 48.40
CA PRO G 314 -16.75 34.96 47.67
C PRO G 314 -15.88 33.79 48.14
N GLU G 315 -16.22 32.59 47.66
CA GLU G 315 -15.52 31.35 48.00
C GLU G 315 -14.04 31.50 47.72
N ASP G 316 -13.20 31.23 48.72
CA ASP G 316 -11.77 31.36 48.56
C ASP G 316 -11.09 30.28 47.75
N ARG G 317 -11.62 29.07 47.85
CA ARG G 317 -11.13 27.90 47.15
C ARG G 317 -11.69 27.87 45.74
N ILE G 318 -10.80 27.93 44.75
CA ILE G 318 -11.20 27.93 43.34
C ILE G 318 -10.63 26.79 42.52
N ILE G 319 -11.39 26.47 41.47
CA ILE G 319 -11.04 25.40 40.54
C ILE G 319 -10.54 26.01 39.23
N SER G 320 -9.52 25.39 38.62
CA SER G 320 -8.96 25.88 37.36
C SER G 320 -8.59 24.76 36.41
N ILE G 321 -8.60 25.06 35.13
CA ILE G 321 -8.22 24.09 34.13
C ILE G 321 -6.69 24.08 34.08
N PRO G 322 -6.07 22.97 34.48
CA PRO G 322 -4.61 22.84 34.47
C PRO G 322 -3.91 23.18 33.14
N SER G 323 -4.50 22.80 32.01
CA SER G 323 -3.88 23.08 30.73
C SER G 323 -3.82 24.59 30.50
N LYS G 324 -4.84 25.33 30.93
CA LYS G 324 -4.89 26.80 30.78
C LYS G 324 -3.64 27.51 31.33
N PHE G 325 -3.05 26.97 32.41
CA PHE G 325 -1.87 27.61 33.00
C PHE G 325 -0.68 26.70 32.98
N ALA G 326 -0.72 25.66 32.17
CA ALA G 326 0.38 24.70 32.12
C ALA G 326 1.69 25.28 31.57
N GLU G 327 2.78 24.86 32.17
CA GLU G 327 4.10 25.31 31.75
C GLU G 327 5.06 24.19 32.09
N ASP G 328 6.13 24.05 31.32
CA ASP G 328 7.09 22.99 31.63
C ASP G 328 6.44 21.60 31.59
N PHE G 329 6.73 20.81 30.57
CA PHE G 329 6.17 19.47 30.47
C PHE G 329 7.41 18.60 30.23
N SER G 330 7.57 17.58 31.05
CA SER G 330 8.75 16.73 30.94
C SER G 330 8.39 15.25 31.10
N PRO G 331 8.99 14.38 30.26
CA PRO G 331 8.77 12.93 30.28
C PRO G 331 9.63 12.23 31.37
N LEU G 332 9.02 11.35 32.15
CA LEU G 332 9.72 10.63 33.22
C LEU G 332 9.85 9.16 32.88
N ASP G 333 10.52 8.40 33.74
CA ASP G 333 10.65 6.97 33.50
C ASP G 333 9.27 6.33 33.60
N GLY G 334 9.15 5.09 33.14
CA GLY G 334 7.87 4.41 33.19
C GLY G 334 6.76 5.09 32.40
N ASP G 335 7.10 5.86 31.37
CA ASP G 335 6.06 6.51 30.58
C ASP G 335 5.22 7.49 31.41
N LEU G 336 5.81 8.10 32.43
CA LEU G 336 5.04 9.05 33.20
C LEU G 336 5.37 10.43 32.71
N ILE G 337 4.51 11.37 33.07
CA ILE G 337 4.68 12.75 32.68
C ILE G 337 4.69 13.67 33.92
N ALA G 338 5.49 14.72 33.87
CA ALA G 338 5.50 15.70 34.93
C ALA G 338 5.22 17.05 34.25
N PHE G 339 4.52 17.92 34.95
CA PHE G 339 4.24 19.24 34.40
C PHE G 339 3.90 20.19 35.50
N VAL G 340 4.21 21.45 35.25
CA VAL G 340 3.92 22.52 36.19
C VAL G 340 2.70 23.36 35.68
N SER G 341 1.83 23.73 36.60
CA SER G 341 0.69 24.58 36.27
C SER G 341 0.27 25.43 37.45
N ARG G 342 0.13 26.73 37.22
CA ARG G 342 -0.30 27.66 38.27
C ARG G 342 0.47 27.50 39.57
N GLY G 343 1.79 27.31 39.45
CA GLY G 343 2.67 27.16 40.60
C GLY G 343 2.62 25.82 41.29
N GLN G 344 1.90 24.87 40.73
CA GLN G 344 1.79 23.55 41.31
C GLN G 344 2.45 22.55 40.36
N ALA G 345 2.81 21.38 40.85
CA ALA G 345 3.43 20.38 40.01
C ALA G 345 2.70 19.06 40.13
N PHE G 346 2.76 18.26 39.07
CA PHE G 346 2.06 16.97 39.05
C PHE G 346 2.76 15.87 38.29
N ILE G 347 2.68 14.65 38.83
CA ILE G 347 3.25 13.46 38.19
C ILE G 347 2.00 12.69 37.76
N GLN G 348 1.90 12.34 36.47
CA GLN G 348 0.72 11.63 35.99
C GLN G 348 1.01 10.69 34.82
N ASP G 349 0.04 9.87 34.46
CA ASP G 349 0.22 8.96 33.34
C ASP G 349 -0.21 9.78 32.14
N VAL G 350 0.11 9.38 30.92
CA VAL G 350 -0.29 10.25 29.81
C VAL G 350 -1.81 10.52 29.80
N SER G 351 -2.61 9.51 30.11
CA SER G 351 -4.05 9.70 30.07
C SER G 351 -4.58 10.70 31.08
N GLY G 352 -3.81 10.97 32.12
CA GLY G 352 -4.24 11.92 33.14
C GLY G 352 -5.28 11.33 34.07
N THR G 353 -5.30 10.01 34.16
CA THR G 353 -6.24 9.32 35.02
C THR G 353 -5.57 9.13 36.38
N TYR G 354 -4.27 8.83 36.38
CA TYR G 354 -3.52 8.67 37.65
C TYR G 354 -2.63 9.89 37.86
N VAL G 355 -3.06 10.76 38.77
CA VAL G 355 -2.36 12.03 39.04
C VAL G 355 -1.84 12.23 40.46
N LEU G 356 -0.60 12.69 40.59
CA LEU G 356 -0.02 13.00 41.92
C LEU G 356 0.45 14.45 41.93
N LYS G 357 0.03 15.16 42.95
CA LYS G 357 0.43 16.53 43.13
C LYS G 357 1.67 16.50 43.98
N VAL G 358 2.67 17.31 43.62
CA VAL G 358 3.86 17.37 44.41
C VAL G 358 3.47 18.08 45.72
N PRO G 359 3.83 17.52 46.86
CA PRO G 359 3.53 18.07 48.19
C PRO G 359 4.48 19.20 48.57
N GLU G 360 4.30 20.36 47.92
CA GLU G 360 5.14 21.54 48.17
C GLU G 360 4.30 22.80 47.96
N PRO G 361 4.38 23.76 48.90
CA PRO G 361 3.63 25.02 48.83
C PRO G 361 3.85 25.80 47.55
N LEU G 362 3.08 26.86 47.37
CA LEU G 362 3.20 27.64 46.15
C LEU G 362 4.57 28.08 45.66
N ARG G 363 4.58 28.08 44.34
CA ARG G 363 5.64 28.44 43.43
C ARG G 363 6.69 27.40 43.12
N ILE G 364 6.29 26.42 42.32
CA ILE G 364 7.23 25.40 41.86
C ILE G 364 7.51 25.95 40.47
N ARG G 365 8.76 26.20 40.14
CA ARG G 365 9.03 26.73 38.82
C ARG G 365 9.32 25.65 37.81
N TYR G 366 10.11 24.65 38.24
CA TYR G 366 10.51 23.56 37.35
C TYR G 366 10.51 22.21 37.99
N VAL G 367 10.34 21.19 37.16
CA VAL G 367 10.34 19.81 37.61
C VAL G 367 11.18 18.97 36.63
N ARG G 368 12.04 18.11 37.15
CA ARG G 368 12.93 17.32 36.33
C ARG G 368 13.22 15.89 36.83
N ARG G 369 13.22 14.94 35.91
CA ARG G 369 13.54 13.54 36.24
C ARG G 369 14.83 13.49 37.07
N GLY G 370 14.74 12.90 38.27
CA GLY G 370 15.89 12.81 39.16
C GLY G 370 16.30 11.37 39.40
N GLY G 371 15.47 10.44 38.95
CA GLY G 371 15.77 9.03 39.14
C GLY G 371 14.60 8.12 38.79
N ASP G 372 14.72 6.83 39.08
CA ASP G 372 13.65 5.86 38.81
C ASP G 372 12.28 6.43 39.18
N THR G 373 12.13 6.81 40.45
CA THR G 373 10.87 7.36 40.92
C THR G 373 11.05 8.71 41.64
N LYS G 374 12.12 9.42 41.34
CA LYS G 374 12.43 10.69 41.98
C LYS G 374 12.43 11.84 40.98
N VAL G 375 12.13 13.04 41.46
CA VAL G 375 12.11 14.20 40.58
C VAL G 375 12.67 15.40 41.34
N ALA G 376 13.51 16.20 40.68
CA ALA G 376 14.03 17.38 41.33
C ALA G 376 13.17 18.55 40.90
N PHE G 377 13.04 19.55 41.75
CA PHE G 377 12.21 20.68 41.38
C PHE G 377 12.78 21.96 41.92
N ILE G 378 12.34 23.08 41.34
CA ILE G 378 12.79 24.36 41.80
C ILE G 378 11.60 25.04 42.46
N HIS G 379 11.75 25.39 43.73
CA HIS G 379 10.70 26.04 44.51
C HIS G 379 11.05 27.49 44.72
N GLY G 380 10.16 28.38 44.27
CA GLY G 380 10.39 29.79 44.42
C GLY G 380 9.64 30.47 45.55
N THR G 381 10.32 31.34 46.27
CA THR G 381 9.70 32.08 47.36
C THR G 381 10.17 33.52 47.20
N ARG G 382 9.75 34.36 48.14
CA ARG G 382 10.10 35.77 48.13
C ARG G 382 11.62 35.95 48.30
N GLU G 383 12.24 35.02 49.05
CA GLU G 383 13.69 35.09 49.28
C GLU G 383 14.51 34.64 48.05
N GLY G 384 13.94 33.74 47.27
CA GLY G 384 14.60 33.25 46.09
C GLY G 384 14.23 31.84 45.70
N ASP G 385 15.00 31.29 44.77
CA ASP G 385 14.75 29.93 44.31
C ASP G 385 15.61 28.88 45.05
N PHE G 386 15.02 27.69 45.29
CA PHE G 386 15.69 26.61 46.01
C PHE G 386 15.49 25.26 45.31
N LEU G 387 16.49 24.39 45.44
CA LEU G 387 16.42 23.08 44.82
C LEU G 387 15.72 22.15 45.79
N GLY G 388 14.86 21.29 45.23
CA GLY G 388 14.11 20.33 46.02
C GLY G 388 14.05 18.98 45.31
N ILE G 389 13.76 17.93 46.06
CA ILE G 389 13.68 16.59 45.49
C ILE G 389 12.40 15.95 45.99
N TYR G 390 11.80 15.10 45.17
CA TYR G 390 10.58 14.46 45.62
C TYR G 390 10.52 13.08 45.07
N ASP G 391 10.25 12.12 45.95
CA ASP G 391 10.14 10.73 45.53
C ASP G 391 8.66 10.34 45.49
N TYR G 392 8.09 10.25 44.31
CA TYR G 392 6.68 9.95 44.19
C TYR G 392 6.29 8.52 44.50
N ARG G 393 7.27 7.65 44.71
CA ARG G 393 6.93 6.27 45.06
C ARG G 393 6.72 6.20 46.59
N THR G 394 7.73 6.64 47.34
CA THR G 394 7.68 6.62 48.79
C THR G 394 6.88 7.78 49.40
N GLY G 395 6.81 8.88 48.67
CA GLY G 395 6.08 10.04 49.15
C GLY G 395 7.01 11.06 49.81
N LYS G 396 8.23 10.67 50.19
CA LYS G 396 9.15 11.61 50.84
C LYS G 396 9.43 12.79 49.93
N ALA G 397 9.81 13.93 50.52
CA ALA G 397 10.11 15.13 49.73
C ALA G 397 10.91 16.18 50.50
N GLU G 398 12.22 16.00 50.57
CA GLU G 398 13.09 16.94 51.25
C GLU G 398 13.14 18.22 50.42
N LYS G 399 13.66 19.30 51.00
CA LYS G 399 13.77 20.57 50.27
C LYS G 399 14.91 21.37 50.84
N PHE G 400 16.01 21.44 50.11
CA PHE G 400 17.19 22.18 50.55
C PHE G 400 16.88 23.63 50.89
N GLU G 401 17.74 24.24 51.71
CA GLU G 401 17.57 25.62 52.14
C GLU G 401 18.59 26.59 51.53
N GLU G 402 19.51 26.06 50.74
CA GLU G 402 20.51 26.90 50.11
C GLU G 402 19.84 27.68 48.98
N ASN G 403 19.92 29.00 49.03
CA ASN G 403 19.29 29.87 48.04
C ASN G 403 20.12 29.90 46.76
N LEU G 404 19.48 29.62 45.62
CA LEU G 404 20.22 29.59 44.34
C LEU G 404 20.09 30.86 43.51
N GLY G 405 19.32 31.81 44.00
CA GLY G 405 19.14 33.03 43.26
C GLY G 405 17.88 32.88 42.45
N ASN G 406 17.83 33.58 41.32
CA ASN G 406 16.65 33.46 40.44
C ASN G 406 17.00 32.46 39.34
N VAL G 407 16.47 31.25 39.47
CA VAL G 407 16.80 30.19 38.53
C VAL G 407 16.03 30.22 37.24
N PHE G 408 16.74 30.04 36.14
CA PHE G 408 16.05 30.03 34.89
C PHE G 408 16.24 28.73 34.12
N ALA G 409 17.10 27.86 34.62
CA ALA G 409 17.31 26.55 34.00
C ALA G 409 17.76 25.53 35.04
N MET G 410 17.43 24.28 34.78
CA MET G 410 17.73 23.24 35.71
C MET G 410 17.82 21.89 35.01
N GLY G 411 18.76 21.05 35.44
CA GLY G 411 18.91 19.73 34.86
C GLY G 411 19.54 18.79 35.87
N VAL G 412 19.32 17.49 35.71
CA VAL G 412 19.86 16.52 36.64
C VAL G 412 20.63 15.49 35.86
N ASP G 413 21.73 14.98 36.41
CA ASP G 413 22.50 14.01 35.64
C ASP G 413 21.78 12.69 35.60
N ARG G 414 21.99 11.93 34.54
CA ARG G 414 21.34 10.64 34.39
C ARG G 414 21.49 9.72 35.59
N ASN G 415 22.56 9.90 36.37
CA ASN G 415 22.82 9.08 37.53
C ASN G 415 22.29 9.69 38.84
N GLY G 416 21.40 10.66 38.73
CA GLY G 416 20.83 11.30 39.91
C GLY G 416 21.77 11.70 41.02
N LYS G 417 23.01 12.03 40.69
CA LYS G 417 24.00 12.46 41.68
C LYS G 417 23.93 13.96 41.90
N PHE G 418 23.95 14.73 40.82
CA PHE G 418 23.90 16.18 40.98
C PHE G 418 22.94 16.82 39.99
N ALA G 419 22.73 18.12 40.14
CA ALA G 419 21.90 18.89 39.22
C ALA G 419 22.75 20.05 38.70
N VAL G 420 22.28 20.68 37.63
CA VAL G 420 22.97 21.85 37.07
C VAL G 420 21.91 22.93 37.06
N VAL G 421 22.30 24.14 37.46
CA VAL G 421 21.40 25.28 37.55
C VAL G 421 21.97 26.59 37.01
N ALA G 422 21.12 27.39 36.37
CA ALA G 422 21.47 28.70 35.83
C ALA G 422 20.59 29.73 36.53
N ASN G 423 21.17 30.91 36.83
CA ASN G 423 20.43 31.97 37.48
C ASN G 423 20.69 33.28 36.81
N ASP G 424 20.03 34.32 37.31
CA ASP G 424 20.19 35.65 36.73
C ASP G 424 21.49 36.37 37.14
N ARG G 425 22.34 35.69 37.91
CA ARG G 425 23.60 36.27 38.26
C ARG G 425 24.56 35.84 37.14
N PHE G 426 24.02 35.16 36.12
CA PHE G 426 24.82 34.70 34.98
C PHE G 426 25.75 33.57 35.38
N GLU G 427 25.38 32.81 36.43
CA GLU G 427 26.20 31.70 36.92
C GLU G 427 25.65 30.35 36.54
N ILE G 428 26.55 29.42 36.30
CA ILE G 428 26.20 28.05 35.97
C ILE G 428 26.85 27.29 37.15
N MET G 429 26.12 26.34 37.72
CA MET G 429 26.63 25.63 38.87
C MET G 429 26.04 24.23 39.00
N THR G 430 26.67 23.45 39.87
CA THR G 430 26.22 22.10 40.15
C THR G 430 25.77 22.06 41.58
N VAL G 431 24.68 21.37 41.83
CA VAL G 431 24.17 21.28 43.17
C VAL G 431 24.17 19.82 43.58
N ASP G 432 24.94 19.50 44.62
CA ASP G 432 25.03 18.14 45.11
C ASP G 432 23.67 17.69 45.61
N LEU G 433 22.97 16.85 44.85
CA LEU G 433 21.63 16.40 45.25
C LEU G 433 21.55 15.67 46.58
N GLU G 434 22.70 15.31 47.13
CA GLU G 434 22.77 14.59 48.40
C GLU G 434 22.67 15.58 49.58
N THR G 435 23.52 16.61 49.55
CA THR G 435 23.55 17.63 50.59
C THR G 435 22.73 18.90 50.23
N GLY G 436 23.06 19.49 49.10
CA GLY G 436 22.35 20.68 48.67
C GLY G 436 23.34 21.77 48.36
N LYS G 437 24.60 21.53 48.72
CA LYS G 437 25.63 22.52 48.50
C LYS G 437 25.81 22.91 47.03
N PRO G 438 25.53 24.17 46.72
CA PRO G 438 25.69 24.59 45.32
C PRO G 438 27.19 24.89 45.10
N THR G 439 27.66 24.71 43.88
CA THR G 439 29.03 24.97 43.53
C THR G 439 29.14 25.58 42.14
N VAL G 440 29.47 26.87 42.13
CA VAL G 440 29.58 27.63 40.91
C VAL G 440 30.71 27.14 40.01
N ILE G 441 30.37 26.83 38.76
CA ILE G 441 31.36 26.38 37.78
C ILE G 441 31.94 27.60 37.07
N GLU G 442 31.07 28.40 36.51
CA GLU G 442 31.52 29.57 35.81
C GLU G 442 30.42 30.63 35.75
N ARG G 443 30.83 31.87 35.58
CA ARG G 443 29.91 32.98 35.53
C ARG G 443 30.23 33.85 34.33
N SER G 444 29.19 34.17 33.57
CA SER G 444 29.30 34.99 32.37
C SER G 444 28.99 36.42 32.81
N ARG G 445 29.48 37.42 32.11
CA ARG G 445 29.13 38.74 32.54
C ARG G 445 28.22 39.42 31.53
N GLU G 446 27.67 38.62 30.62
CA GLU G 446 26.82 39.17 29.58
C GLU G 446 25.38 38.73 29.64
N ALA G 447 25.16 37.43 29.80
CA ALA G 447 23.82 36.85 29.81
C ALA G 447 23.77 35.51 30.56
N MET G 448 22.56 34.96 30.76
CA MET G 448 22.40 33.69 31.48
C MET G 448 22.93 32.47 30.74
N ILE G 449 23.44 31.50 31.51
CA ILE G 449 23.97 30.26 30.93
C ILE G 449 22.88 29.19 31.06
N THR G 450 21.82 29.34 30.28
CA THR G 450 20.73 28.37 30.33
C THR G 450 20.80 27.22 29.33
N ASP G 451 21.75 27.27 28.39
CA ASP G 451 21.89 26.21 27.38
C ASP G 451 22.99 25.21 27.72
N PHE G 452 22.63 24.13 28.39
CA PHE G 452 23.63 23.18 28.80
C PHE G 452 23.22 21.73 28.78
N THR G 453 24.22 20.85 28.82
CA THR G 453 23.95 19.45 28.85
C THR G 453 25.00 18.66 29.64
N ILE G 454 24.58 17.49 30.13
CA ILE G 454 25.43 16.63 30.95
C ILE G 454 25.61 15.33 30.23
N SER G 455 26.85 14.83 30.14
CA SER G 455 27.10 13.57 29.45
C SER G 455 26.48 12.43 30.27
N ASP G 456 26.20 11.31 29.62
CA ASP G 456 25.63 10.16 30.29
C ASP G 456 26.48 9.56 31.38
N ASN G 457 27.80 9.67 31.30
CA ASN G 457 28.62 9.14 32.40
C ASN G 457 28.81 10.15 33.53
N SER G 458 28.12 11.29 33.42
CA SER G 458 28.13 12.35 34.43
C SER G 458 29.48 13.01 34.65
N ARG G 459 30.40 12.83 33.69
CA ARG G 459 31.71 13.41 33.79
C ARG G 459 31.89 14.81 33.27
N PHE G 460 31.22 15.14 32.19
CA PHE G 460 31.41 16.46 31.61
C PHE G 460 30.16 17.31 31.54
N ILE G 461 30.32 18.62 31.53
CA ILE G 461 29.17 19.50 31.38
C ILE G 461 29.45 20.49 30.30
N ALA G 462 28.66 20.43 29.22
CA ALA G 462 28.84 21.34 28.08
C ALA G 462 27.75 22.37 28.08
N TYR G 463 28.12 23.64 27.90
CA TYR G 463 27.15 24.75 27.93
C TYR G 463 27.58 25.96 27.07
N GLY G 464 26.59 26.74 26.64
CA GLY G 464 26.87 27.92 25.86
C GLY G 464 27.29 28.99 26.84
N PHE G 465 28.39 29.69 26.56
CA PHE G 465 28.90 30.71 27.46
C PHE G 465 28.89 32.08 26.76
N PRO G 466 27.88 32.92 27.05
CA PRO G 466 27.86 34.23 26.39
C PRO G 466 29.07 35.10 26.75
N LEU G 467 29.59 35.81 25.77
CA LEU G 467 30.77 36.66 25.98
C LEU G 467 30.81 37.81 24.96
N LYS G 468 31.64 38.82 25.24
CA LYS G 468 31.78 39.95 24.34
C LYS G 468 33.24 40.18 24.18
N HIS G 469 33.64 40.74 23.04
CA HIS G 469 35.06 40.99 22.85
C HIS G 469 35.37 42.28 23.56
N GLY G 470 34.46 43.24 23.45
CA GLY G 470 34.64 44.52 24.14
C GLY G 470 33.45 44.78 25.05
N GLU G 471 33.62 45.61 26.06
CA GLU G 471 32.53 45.92 26.97
C GLU G 471 31.37 46.64 26.33
N THR G 472 31.65 47.47 25.35
CA THR G 472 30.59 48.21 24.66
C THR G 472 30.28 47.60 23.30
N ASP G 473 30.61 46.33 23.13
CA ASP G 473 30.40 45.61 21.87
C ASP G 473 28.91 45.45 21.60
N GLY G 474 28.50 45.67 20.35
CA GLY G 474 27.10 45.55 20.02
C GLY G 474 26.55 44.14 19.88
N TYR G 475 27.42 43.15 19.85
CA TYR G 475 26.98 41.80 19.72
C TYR G 475 27.58 40.92 20.85
N VAL G 476 26.78 39.96 21.31
CA VAL G 476 27.23 39.09 22.35
C VAL G 476 27.51 37.81 21.63
N MET G 477 28.68 37.24 21.85
CA MET G 477 29.04 36.00 21.18
C MET G 477 28.72 34.87 22.13
N GLN G 478 28.88 33.63 21.68
CA GLN G 478 28.62 32.51 22.53
C GLN G 478 29.43 31.33 22.11
N ALA G 479 30.26 30.86 23.04
CA ALA G 479 31.13 29.73 22.76
C ALA G 479 30.72 28.57 23.66
N ILE G 480 30.92 27.34 23.22
CA ILE G 480 30.57 26.21 24.06
C ILE G 480 31.77 25.90 24.98
N HIS G 481 31.46 25.68 26.25
CA HIS G 481 32.47 25.35 27.24
C HIS G 481 32.17 23.96 27.78
N VAL G 482 33.23 23.26 28.16
CA VAL G 482 33.06 21.94 28.73
C VAL G 482 33.74 21.88 30.09
N TYR G 483 32.98 21.43 31.10
CA TYR G 483 33.53 21.28 32.46
C TYR G 483 33.71 19.81 32.78
N ASP G 484 34.92 19.45 33.19
CA ASP G 484 35.28 18.08 33.56
C ASP G 484 35.20 17.91 35.06
N MET G 485 34.23 17.14 35.55
CA MET G 485 34.11 16.96 37.01
C MET G 485 35.44 16.44 37.62
N GLU G 486 36.21 15.67 36.86
CA GLU G 486 37.49 15.20 37.35
C GLU G 486 38.52 16.18 36.87
N GLY G 487 39.28 16.73 37.78
CA GLY G 487 40.29 17.70 37.39
C GLY G 487 39.66 19.06 37.58
N ARG G 488 38.33 19.07 37.60
CA ARG G 488 37.57 20.30 37.79
C ARG G 488 38.17 21.46 36.98
N LYS G 489 38.34 21.24 35.68
CA LYS G 489 38.87 22.30 34.82
C LYS G 489 37.91 22.55 33.65
N ILE G 490 37.90 23.78 33.17
CA ILE G 490 37.01 24.14 32.09
C ILE G 490 37.78 24.21 30.76
N PHE G 491 37.24 23.58 29.72
CA PHE G 491 37.92 23.62 28.43
C PHE G 491 37.08 24.31 27.41
N ALA G 492 37.74 24.83 26.40
CA ALA G 492 37.04 25.54 25.33
C ALA G 492 36.72 24.60 24.20
N ALA G 493 35.44 24.23 24.10
CA ALA G 493 34.99 23.35 23.02
C ALA G 493 35.01 24.09 21.66
N THR G 494 34.83 25.40 21.70
CA THR G 494 34.73 26.12 20.47
C THR G 494 35.30 27.54 20.58
N THR G 495 35.64 28.16 19.43
CA THR G 495 36.20 29.51 19.41
C THR G 495 35.13 30.55 19.75
N GLU G 496 35.51 31.78 20.10
CA GLU G 496 34.52 32.79 20.48
C GLU G 496 34.16 33.85 19.44
N ASN G 497 34.06 33.43 18.19
CA ASN G 497 33.78 34.35 17.12
C ASN G 497 32.37 34.36 16.62
N SER G 498 31.53 33.51 17.21
CA SER G 498 30.15 33.53 16.77
C SER G 498 29.23 32.95 17.79
N HIS G 499 28.17 32.33 17.32
CA HIS G 499 27.16 31.79 18.18
C HIS G 499 27.07 30.29 18.11
N ASP G 500 27.55 29.61 19.15
CA ASP G 500 27.54 28.13 19.21
C ASP G 500 26.56 27.74 20.29
N TYR G 501 25.77 26.70 20.02
CA TYR G 501 24.73 26.35 21.00
C TYR G 501 24.22 24.94 20.90
N ALA G 502 23.23 24.66 21.73
CA ALA G 502 22.57 23.33 21.77
C ALA G 502 23.50 22.14 21.92
N PRO G 503 24.53 22.22 22.79
CA PRO G 503 25.42 21.06 22.92
C PRO G 503 24.67 19.77 23.27
N ALA G 504 25.18 18.64 22.81
CA ALA G 504 24.58 17.33 23.10
C ALA G 504 25.64 16.22 22.99
N PHE G 505 25.73 15.37 23.99
CA PHE G 505 26.72 14.29 23.99
C PHE G 505 26.09 13.06 23.39
N ASP G 506 26.88 12.19 22.81
CA ASP G 506 26.29 10.94 22.32
C ASP G 506 26.23 10.01 23.54
N ALA G 507 25.34 9.04 23.49
CA ALA G 507 25.17 8.13 24.60
C ALA G 507 26.48 7.59 25.17
N ASP G 508 27.42 7.25 24.28
CA ASP G 508 28.72 6.70 24.73
C ASP G 508 29.62 7.73 25.38
N SER G 509 29.24 9.01 25.32
CA SER G 509 30.07 10.07 25.91
C SER G 509 31.43 10.12 25.17
N LYS G 510 31.48 9.90 23.86
CA LYS G 510 32.75 9.98 23.17
C LYS G 510 32.87 11.23 22.25
N ASN G 511 31.73 11.78 21.85
CA ASN G 511 31.70 12.93 20.98
C ASN G 511 30.73 13.98 21.45
N LEU G 512 31.10 15.25 21.29
CA LEU G 512 30.24 16.36 21.68
C LEU G 512 29.63 16.97 20.42
N TYR G 513 28.30 16.95 20.29
CA TYR G 513 27.66 17.55 19.12
C TYR G 513 27.09 18.85 19.55
N TYR G 514 26.95 19.78 18.62
CA TYR G 514 26.34 21.12 18.92
C TYR G 514 25.98 21.82 17.63
N LEU G 515 25.39 22.99 17.73
CA LEU G 515 25.01 23.77 16.53
C LEU G 515 25.72 25.14 16.52
N SER G 516 25.79 25.77 15.34
CA SER G 516 26.41 27.10 15.17
C SER G 516 25.77 27.88 14.03
N TYR G 517 25.89 29.20 14.10
CA TYR G 517 25.35 30.09 13.07
C TYR G 517 26.59 30.58 12.35
N ARG G 518 27.51 29.67 12.07
CA ARG G 518 28.75 30.11 11.45
C ARG G 518 28.77 29.99 9.95
N SER G 519 27.78 29.29 9.37
CA SER G 519 27.78 29.08 7.93
C SER G 519 27.26 30.24 7.14
N LEU G 520 27.97 31.37 7.23
CA LEU G 520 27.53 32.55 6.56
C LEU G 520 27.33 32.35 5.07
N ASP G 521 26.15 32.76 4.63
CA ASP G 521 25.74 32.72 3.24
C ASP G 521 24.50 33.61 3.18
N PRO G 522 24.56 34.67 2.39
CA PRO G 522 23.39 35.57 2.33
C PRO G 522 22.18 35.17 1.52
N SER G 523 20.99 35.66 1.92
CA SER G 523 19.78 35.42 1.17
C SER G 523 19.26 36.78 0.79
N PRO G 524 18.84 36.95 -0.48
CA PRO G 524 18.32 38.22 -0.99
C PRO G 524 16.89 38.56 -0.51
N ASP G 525 16.64 39.85 -0.34
CA ASP G 525 15.37 40.42 0.06
C ASP G 525 14.57 40.55 -1.25
N ARG G 526 13.28 40.24 -1.23
CA ARG G 526 12.51 40.29 -2.47
C ARG G 526 11.94 41.67 -2.81
N VAL G 527 12.04 42.60 -1.88
CA VAL G 527 11.49 43.93 -2.10
C VAL G 527 12.51 45.09 -2.07
N VAL G 528 13.40 45.04 -1.10
CA VAL G 528 14.38 46.07 -0.88
C VAL G 528 15.76 45.55 -1.22
N LEU G 529 16.67 46.45 -1.62
CA LEU G 529 18.02 46.01 -1.93
C LEU G 529 18.65 45.66 -0.59
N ASN G 530 18.58 44.39 -0.21
CA ASN G 530 19.11 43.99 1.09
C ASN G 530 19.38 42.47 1.09
N PHE G 531 20.07 42.00 2.13
CA PHE G 531 20.42 40.59 2.26
C PHE G 531 20.54 40.26 3.71
N SER G 532 20.18 39.04 4.10
CA SER G 532 20.34 38.70 5.52
C SER G 532 20.73 37.25 5.68
N PHE G 533 21.14 36.86 6.87
CA PHE G 533 21.51 35.49 7.10
C PHE G 533 20.32 34.70 7.62
N GLU G 534 19.67 33.98 6.72
CA GLU G 534 18.49 33.18 7.06
C GLU G 534 18.83 31.71 7.30
N VAL G 535 19.60 31.11 6.41
CA VAL G 535 19.94 29.72 6.56
C VAL G 535 21.43 29.54 6.68
N VAL G 536 21.94 29.75 7.89
CA VAL G 536 23.38 29.66 8.16
C VAL G 536 23.66 28.81 9.37
N SER G 537 22.72 27.92 9.71
CA SER G 537 22.87 27.09 10.87
C SER G 537 23.31 25.71 10.39
N LYS G 538 24.31 25.15 11.07
CA LYS G 538 24.83 23.89 10.69
C LYS G 538 25.34 23.19 11.93
N PRO G 539 25.27 21.86 11.94
CA PRO G 539 25.76 21.08 13.10
C PRO G 539 27.27 20.74 12.99
N PHE G 540 27.90 20.54 14.13
CA PHE G 540 29.32 20.22 14.17
C PHE G 540 29.52 19.16 15.23
N VAL G 541 30.65 18.49 15.21
CA VAL G 541 30.89 17.49 16.24
C VAL G 541 32.34 17.61 16.68
N ILE G 542 32.63 17.11 17.87
CA ILE G 542 33.97 17.15 18.39
C ILE G 542 34.23 15.86 19.16
N PRO G 543 35.17 15.03 18.69
CA PRO G 543 35.50 13.78 19.37
C PRO G 543 36.34 14.07 20.61
N LEU G 544 35.91 13.52 21.74
CA LEU G 544 36.54 13.74 23.03
C LEU G 544 37.90 13.06 23.18
N ILE G 545 38.17 12.15 22.26
CA ILE G 545 39.43 11.41 22.22
C ILE G 545 40.19 11.80 20.97
N PRO G 546 41.28 12.56 21.12
CA PRO G 546 42.12 13.02 20.00
C PRO G 546 42.52 11.87 19.07
N GLY G 547 42.49 12.11 17.78
CA GLY G 547 42.90 11.07 16.85
C GLY G 547 41.70 10.29 16.38
N SER G 548 40.59 10.52 17.06
CA SER G 548 39.36 9.86 16.67
C SER G 548 38.71 10.78 15.62
N PRO G 549 38.15 10.20 14.55
CA PRO G 549 37.53 11.04 13.52
C PRO G 549 36.05 11.37 13.78
N ASN G 550 35.53 12.28 12.96
CA ASN G 550 34.12 12.67 13.04
C ASN G 550 33.33 11.41 12.69
N PRO G 551 32.58 10.85 13.66
CA PRO G 551 31.80 9.63 13.39
C PRO G 551 30.92 9.66 12.16
N THR G 552 30.29 10.79 11.86
CA THR G 552 29.43 10.83 10.68
C THR G 552 30.21 10.81 9.38
N LYS G 553 31.52 10.88 9.43
CA LYS G 553 32.29 10.83 8.17
C LYS G 553 32.42 9.41 7.65
N LEU G 554 32.01 8.44 8.45
CA LEU G 554 32.08 7.05 8.02
C LEU G 554 33.48 6.64 7.54
N VAL G 555 34.49 6.90 8.35
CA VAL G 555 35.82 6.50 7.99
C VAL G 555 35.92 5.07 8.46
N PRO G 556 36.31 4.15 7.58
CA PRO G 556 36.43 2.73 7.95
C PRO G 556 37.26 2.54 9.20
N ARG G 557 36.72 1.75 10.13
CA ARG G 557 37.41 1.49 11.39
C ARG G 557 38.81 0.89 11.22
N SER G 558 38.99 0.05 10.21
CA SER G 558 40.27 -0.60 9.98
C SER G 558 41.31 0.41 9.59
N MET G 559 40.85 1.50 9.01
CA MET G 559 41.75 2.56 8.57
C MET G 559 42.01 3.69 9.59
N THR G 560 41.34 3.60 10.74
CA THR G 560 41.52 4.58 11.79
C THR G 560 42.13 3.92 13.02
N SER G 561 43.19 4.50 13.55
CA SER G 561 43.82 3.95 14.73
C SER G 561 43.37 4.70 15.96
N GLU G 562 42.15 4.44 16.41
CA GLU G 562 41.66 5.14 17.61
C GLU G 562 42.20 4.45 18.85
N ALA G 563 41.32 4.22 19.82
CA ALA G 563 41.70 3.57 21.07
C ALA G 563 42.57 4.48 21.92
N GLY G 564 42.19 5.76 22.00
CA GLY G 564 42.95 6.71 22.79
C GLY G 564 42.21 6.97 24.10
N GLU G 565 42.58 8.05 24.76
CA GLU G 565 41.94 8.41 26.02
C GLU G 565 41.47 9.87 25.96
N TYR G 566 40.61 10.27 26.89
CA TYR G 566 40.07 11.65 26.93
C TYR G 566 41.11 12.73 27.01
N ASP G 567 40.94 13.73 26.16
CA ASP G 567 41.85 14.85 26.16
C ASP G 567 41.06 16.00 25.62
N LEU G 568 40.67 16.93 26.49
CA LEU G 568 39.89 18.07 26.03
C LEU G 568 40.70 19.27 25.65
N ASN G 569 42.03 19.13 25.59
CA ASN G 569 42.88 20.28 25.21
C ASN G 569 42.76 20.62 23.73
N ASP G 570 42.65 21.91 23.43
CA ASP G 570 42.57 22.35 22.05
C ASP G 570 41.57 21.53 21.27
N MET G 571 40.49 21.11 21.94
CA MET G 571 39.49 20.28 21.27
C MET G 571 38.78 21.06 20.18
N TYR G 572 38.71 22.39 20.32
CA TYR G 572 38.09 23.20 19.28
C TYR G 572 38.86 23.06 17.96
N LYS G 573 40.09 22.55 17.99
CA LYS G 573 40.82 22.41 16.75
C LYS G 573 40.38 21.18 15.95
N ARG G 574 39.89 20.17 16.66
CA ARG G 574 39.44 18.90 16.06
C ARG G 574 37.98 19.00 15.59
N SER G 575 37.33 20.12 15.86
CA SER G 575 35.95 20.28 15.49
C SER G 575 35.78 19.95 14.03
N SER G 576 34.60 19.45 13.68
CA SER G 576 34.30 19.05 12.32
C SER G 576 32.78 19.19 12.12
N PRO G 577 32.34 19.54 10.89
CA PRO G 577 30.90 19.69 10.67
C PRO G 577 30.26 18.39 10.21
N ILE G 578 28.94 18.34 10.20
CA ILE G 578 28.35 17.14 9.67
C ILE G 578 27.67 17.60 8.39
N ASN G 579 27.79 16.77 7.36
CA ASN G 579 27.28 17.05 6.02
C ASN G 579 25.79 17.17 5.90
N VAL G 580 25.28 18.26 6.43
CA VAL G 580 23.85 18.53 6.42
C VAL G 580 23.66 19.92 5.86
N ASP G 581 22.70 20.07 4.97
CA ASP G 581 22.37 21.36 4.40
C ASP G 581 22.12 22.41 5.47
N PRO G 582 22.64 23.59 5.26
CA PRO G 582 22.46 24.68 6.22
C PRO G 582 20.97 24.98 6.33
N GLY G 583 20.53 25.39 7.52
CA GLY G 583 19.13 25.70 7.77
C GLY G 583 19.06 26.54 9.05
N ASP G 584 17.98 26.38 9.82
CA ASP G 584 17.78 27.09 11.10
C ASP G 584 17.38 25.99 12.09
N TYR G 585 18.42 25.42 12.69
CA TYR G 585 18.30 24.37 13.64
C TYR G 585 18.30 24.80 15.07
N ARG G 586 17.47 24.15 15.88
CA ARG G 586 17.40 24.54 17.29
C ARG G 586 17.83 23.44 18.24
N MET G 587 18.15 22.28 17.70
CA MET G 587 18.50 21.18 18.57
C MET G 587 19.04 20.04 17.76
N ILE G 588 19.99 19.31 18.33
CA ILE G 588 20.55 18.16 17.62
C ILE G 588 20.59 17.04 18.62
N ILE G 589 20.05 15.89 18.24
CA ILE G 589 20.06 14.70 19.13
C ILE G 589 20.76 13.55 18.46
N PRO G 590 22.00 13.28 18.86
CA PRO G 590 22.74 12.18 18.26
C PRO G 590 22.25 10.82 18.77
N LEU G 591 21.91 9.95 17.84
CA LEU G 591 21.44 8.61 18.14
C LEU G 591 22.40 7.60 17.52
N GLU G 592 22.11 6.31 17.72
CA GLU G 592 23.00 5.26 17.23
C GLU G 592 23.47 5.37 15.77
N SER G 593 22.55 5.20 14.84
CA SER G 593 22.88 5.25 13.44
C SER G 593 22.17 6.41 12.75
N SER G 594 21.70 7.36 13.54
CA SER G 594 21.06 8.54 12.98
C SER G 594 21.16 9.70 13.97
N ILE G 595 20.76 10.87 13.49
CA ILE G 595 20.79 12.10 14.29
C ILE G 595 19.48 12.86 14.06
N LEU G 596 18.82 13.23 15.14
CA LEU G 596 17.61 13.98 15.00
C LEU G 596 17.97 15.46 15.05
N ILE G 597 17.28 16.27 14.26
CA ILE G 597 17.52 17.68 14.22
C ILE G 597 16.21 18.42 14.15
N TYR G 598 16.08 19.46 14.94
CA TYR G 598 14.88 20.27 14.97
C TYR G 598 15.14 21.47 14.06
N SER G 599 14.29 21.60 13.05
CA SER G 599 14.42 22.65 12.06
C SER G 599 13.26 23.63 12.00
N VAL G 600 13.55 24.93 11.84
CA VAL G 600 12.51 25.94 11.76
C VAL G 600 12.55 26.65 10.42
N PRO G 601 11.58 26.41 9.52
CA PRO G 601 11.50 27.03 8.19
C PRO G 601 11.49 28.55 8.32
N VAL G 602 12.04 29.24 7.34
CA VAL G 602 12.05 30.68 7.39
C VAL G 602 10.61 31.19 7.35
N HIS G 603 10.31 32.14 8.21
CA HIS G 603 8.95 32.68 8.31
C HIS G 603 8.93 34.17 8.71
N GLY G 604 7.82 34.85 8.40
CA GLY G 604 7.66 36.22 8.80
C GLY G 604 7.46 36.32 10.29
N GLU G 605 7.65 37.51 10.87
CA GLU G 605 7.53 37.72 12.31
C GLU G 605 6.29 38.47 12.75
N PHE G 606 5.45 38.92 11.82
CA PHE G 606 4.29 39.66 12.18
C PHE G 606 3.33 38.99 13.12
N ALA G 607 2.96 37.76 12.82
CA ALA G 607 2.01 37.04 13.68
C ALA G 607 2.56 36.83 15.10
N ALA G 608 3.84 36.50 15.18
CA ALA G 608 4.43 36.24 16.47
C ALA G 608 4.60 37.50 17.28
N TYR G 609 4.73 38.61 16.58
CA TYR G 609 4.97 39.89 17.21
C TYR G 609 3.71 40.59 17.68
N TYR G 610 2.61 40.37 16.97
CA TYR G 610 1.37 41.00 17.34
C TYR G 610 0.24 40.04 17.72
N GLN G 611 0.44 38.73 17.56
CA GLN G 611 -0.63 37.81 17.88
C GLN G 611 -0.11 36.65 18.71
N GLY G 612 1.07 36.80 19.30
CA GLY G 612 1.62 35.71 20.08
C GLY G 612 1.78 34.40 19.30
N ALA G 613 1.69 34.42 17.96
CA ALA G 613 1.84 33.19 17.19
C ALA G 613 3.16 32.47 17.47
N PRO G 614 3.08 31.18 17.84
CA PRO G 614 4.25 30.36 18.15
C PRO G 614 5.05 30.05 16.89
N GLU G 615 6.33 29.76 17.09
CA GLU G 615 7.23 29.43 16.01
C GLU G 615 7.04 27.95 15.61
N LYS G 616 6.73 27.68 14.34
CA LYS G 616 6.54 26.31 13.87
C LYS G 616 7.83 25.64 13.39
N GLY G 617 8.13 24.49 14.00
CA GLY G 617 9.29 23.71 13.65
C GLY G 617 8.87 22.33 13.15
N VAL G 618 9.86 21.54 12.74
CA VAL G 618 9.65 20.21 12.24
C VAL G 618 10.85 19.40 12.79
N LEU G 619 10.63 18.11 13.06
CA LEU G 619 11.68 17.23 13.59
C LEU G 619 12.24 16.44 12.42
N LEU G 620 13.54 16.60 12.14
CA LEU G 620 14.15 15.89 11.02
C LEU G 620 14.99 14.72 11.49
N LYS G 621 15.19 13.76 10.60
CA LYS G 621 16.03 12.62 10.92
C LYS G 621 17.13 12.56 9.89
N TYR G 622 18.37 12.45 10.33
CA TYR G 622 19.52 12.37 9.44
C TYR G 622 20.12 10.99 9.61
N ASP G 623 20.06 10.20 8.55
CA ASP G 623 20.60 8.84 8.56
C ASP G 623 22.11 8.92 8.36
N VAL G 624 22.89 8.49 9.36
CA VAL G 624 24.33 8.63 9.23
C VAL G 624 24.93 7.85 8.08
N LYS G 625 24.35 6.68 7.83
CA LYS G 625 24.81 5.79 6.77
C LYS G 625 24.47 6.22 5.35
N THR G 626 23.23 6.64 5.09
CA THR G 626 22.82 7.06 3.74
C THR G 626 22.88 8.55 3.55
N ARG G 627 23.12 9.26 4.65
CA ARG G 627 23.19 10.72 4.65
C ARG G 627 21.94 11.36 4.13
N LYS G 628 20.83 10.62 4.19
CA LYS G 628 19.55 11.12 3.72
C LYS G 628 18.72 11.66 4.87
N VAL G 629 18.08 12.79 4.61
CA VAL G 629 17.25 13.45 5.59
C VAL G 629 15.77 13.24 5.34
N THR G 630 14.99 13.14 6.41
CA THR G 630 13.56 12.95 6.26
C THR G 630 12.82 13.60 7.41
N GLU G 631 11.57 13.95 7.15
CA GLU G 631 10.72 14.59 8.13
C GLU G 631 10.08 13.57 9.05
N VAL G 632 10.27 13.71 10.35
CA VAL G 632 9.71 12.79 11.32
C VAL G 632 8.39 13.30 11.94
N LYS G 633 8.26 14.62 12.07
CA LYS G 633 7.05 15.19 12.67
C LYS G 633 6.96 16.70 12.45
N ASN G 634 5.83 17.20 11.94
CA ASN G 634 5.73 18.64 11.73
C ASN G 634 4.72 19.34 12.65
N ASN G 635 4.51 20.64 12.41
CA ASN G 635 3.64 21.48 13.22
C ASN G 635 4.04 21.46 14.69
N LEU G 636 5.34 21.35 14.94
CA LEU G 636 5.84 21.32 16.29
C LEU G 636 6.14 22.68 16.83
N THR G 637 6.01 22.90 18.13
CA THR G 637 6.37 24.22 18.65
C THR G 637 7.36 24.04 19.80
N ASP G 638 7.55 22.81 20.26
CA ASP G 638 8.47 22.51 21.35
C ASP G 638 8.72 21.00 21.45
N LEU G 639 9.90 20.58 21.89
CA LEU G 639 10.23 19.16 21.97
C LEU G 639 11.12 18.82 23.18
N ARG G 640 10.82 17.73 23.86
CA ARG G 640 11.60 17.32 25.00
C ARG G 640 11.91 15.88 24.74
N LEU G 641 12.99 15.39 25.34
CA LEU G 641 13.36 14.00 25.12
C LEU G 641 13.67 13.30 26.43
N SER G 642 13.20 12.07 26.50
CA SER G 642 13.35 11.17 27.64
C SER G 642 14.80 11.04 28.06
N ALA G 643 15.04 10.45 29.23
CA ALA G 643 16.39 10.25 29.77
C ALA G 643 17.09 9.13 29.01
N ASP G 644 16.34 8.11 28.68
CA ASP G 644 16.88 6.99 27.94
C ASP G 644 16.76 7.25 26.44
N ARG G 645 16.47 8.48 26.04
CA ARG G 645 16.35 8.82 24.62
C ARG G 645 15.32 7.96 23.86
N LYS G 646 14.44 7.27 24.59
CA LYS G 646 13.46 6.41 23.92
C LYS G 646 12.09 7.05 23.70
N THR G 647 11.71 7.97 24.59
CA THR G 647 10.43 8.65 24.49
C THR G 647 10.55 10.11 24.08
N VAL G 648 9.65 10.54 23.21
CA VAL G 648 9.65 11.92 22.76
C VAL G 648 8.35 12.60 23.17
N MET G 649 8.47 13.77 23.75
CA MET G 649 7.30 14.54 24.17
C MET G 649 7.35 15.81 23.36
N VAL G 650 6.20 16.24 22.84
CA VAL G 650 6.20 17.47 22.04
C VAL G 650 4.94 18.27 22.23
N ARG G 651 4.96 19.47 21.70
CA ARG G 651 3.82 20.35 21.73
C ARG G 651 3.66 20.76 20.28
N LYS G 652 2.43 20.76 19.81
CA LYS G 652 2.20 21.16 18.44
C LYS G 652 1.57 22.53 18.40
N ASP G 653 1.37 23.00 17.16
CA ASP G 653 0.81 24.32 16.92
C ASP G 653 -0.60 24.47 17.40
N ASP G 654 -1.23 23.36 17.75
CA ASP G 654 -2.60 23.41 18.25
C ASP G 654 -2.58 23.61 19.76
N GLY G 655 -1.39 23.79 20.33
CA GLY G 655 -1.29 23.97 21.77
C GLY G 655 -1.32 22.71 22.60
N LYS G 656 -1.65 21.57 21.97
CA LYS G 656 -1.71 20.30 22.68
C LYS G 656 -0.35 19.59 22.82
N ILE G 657 -0.23 18.76 23.86
CA ILE G 657 0.99 18.03 24.12
C ILE G 657 0.87 16.59 23.71
N TYR G 658 1.88 16.09 23.00
CA TYR G 658 1.85 14.71 22.57
C TYR G 658 3.06 13.95 22.97
N THR G 659 2.98 12.63 22.87
CA THR G 659 4.09 11.79 23.22
C THR G 659 4.16 10.57 22.29
N PHE G 660 5.36 10.26 21.80
CA PHE G 660 5.52 9.13 20.91
C PHE G 660 6.87 8.49 21.10
N PRO G 661 6.96 7.19 20.82
CA PRO G 661 8.22 6.47 20.97
C PRO G 661 9.13 6.86 19.83
N LEU G 662 10.41 7.00 20.12
CA LEU G 662 11.38 7.37 19.10
C LEU G 662 11.44 6.28 18.03
N GLU G 663 11.07 5.05 18.41
CA GLU G 663 11.08 3.90 17.50
C GLU G 663 9.89 3.90 16.52
N LYS G 664 8.72 4.29 17.01
CA LYS G 664 7.51 4.32 16.18
C LYS G 664 6.76 5.65 16.35
N PRO G 665 7.32 6.74 15.80
CA PRO G 665 6.69 8.06 15.89
C PRO G 665 5.27 8.13 15.36
N GLU G 666 4.82 7.07 14.73
CA GLU G 666 3.46 7.07 14.22
C GLU G 666 2.48 6.76 15.37
N ASP G 667 3.00 6.18 16.45
CA ASP G 667 2.16 5.85 17.61
C ASP G 667 2.22 6.91 18.72
N GLU G 668 1.79 8.12 18.44
CA GLU G 668 1.80 9.17 19.45
C GLU G 668 0.46 9.18 20.17
N ARG G 669 0.47 9.61 21.43
CA ARG G 669 -0.74 9.73 22.22
C ARG G 669 -0.80 11.17 22.68
N THR G 670 -2.01 11.65 22.98
CA THR G 670 -2.23 13.02 23.45
C THR G 670 -2.17 13.01 24.97
N VAL G 671 -1.39 13.92 25.56
CA VAL G 671 -1.28 13.94 27.01
C VAL G 671 -2.48 14.70 27.55
N GLU G 672 -3.33 14.01 28.30
CA GLU G 672 -4.51 14.63 28.89
C GLU G 672 -4.17 15.10 30.30
N THR G 673 -4.48 16.35 30.59
CA THR G 673 -4.17 16.96 31.89
C THR G 673 -5.40 17.57 32.60
N ASP G 674 -6.48 17.74 31.87
CA ASP G 674 -7.67 18.36 32.43
C ASP G 674 -8.71 17.39 32.99
N LYS G 675 -8.32 16.15 33.22
CA LYS G 675 -9.28 15.20 33.74
C LYS G 675 -9.56 15.58 35.19
N ARG G 676 -8.56 16.18 35.84
CA ARG G 676 -8.64 16.59 37.25
C ARG G 676 -8.53 18.11 37.38
N PRO G 677 -9.40 18.72 38.19
CA PRO G 677 -9.39 20.17 38.39
C PRO G 677 -8.18 20.64 39.17
N LEU G 678 -7.73 21.85 38.91
CA LEU G 678 -6.59 22.39 39.63
C LEU G 678 -7.25 23.05 40.83
N VAL G 679 -6.72 22.85 42.03
CA VAL G 679 -7.32 23.45 43.21
C VAL G 679 -6.41 24.43 43.92
N SER G 680 -6.93 25.63 44.20
CA SER G 680 -6.14 26.66 44.84
C SER G 680 -6.97 27.61 45.70
N SER G 681 -6.24 28.48 46.41
CA SER G 681 -6.80 29.52 47.32
C SER G 681 -6.53 30.91 46.78
N ILE G 682 -7.60 31.64 46.48
CA ILE G 682 -7.46 33.00 45.98
C ILE G 682 -6.47 33.82 46.80
N HIS G 683 -6.68 33.90 48.11
CA HIS G 683 -5.80 34.70 48.94
C HIS G 683 -4.36 34.20 49.02
N GLU G 684 -4.14 32.90 48.93
CA GLU G 684 -2.77 32.45 48.98
C GLU G 684 -2.07 32.86 47.68
N GLU G 685 -2.78 32.80 46.56
CA GLU G 685 -2.22 33.15 45.26
C GLU G 685 -1.96 34.64 45.15
N PHE G 686 -2.97 35.41 45.58
CA PHE G 686 -2.87 36.86 45.53
C PHE G 686 -1.60 37.36 46.29
N LEU G 687 -1.38 36.84 47.50
CA LEU G 687 -0.22 37.23 48.27
C LEU G 687 1.02 36.82 47.54
N GLN G 688 1.00 35.59 47.03
CA GLN G 688 2.13 35.05 46.30
C GLN G 688 2.42 35.95 45.10
N MET G 689 1.39 36.25 44.29
CA MET G 689 1.54 37.05 43.09
C MET G 689 2.02 38.47 43.38
N TYR G 690 1.47 39.07 44.42
CA TYR G 690 1.88 40.41 44.79
C TYR G 690 3.36 40.40 45.17
N ASP G 691 3.75 39.46 46.02
CA ASP G 691 5.13 39.40 46.39
C ASP G 691 6.04 39.21 45.19
N GLU G 692 5.62 38.38 44.23
CA GLU G 692 6.46 38.14 43.03
C GLU G 692 6.60 39.39 42.15
N ALA G 693 5.47 40.08 41.94
CA ALA G 693 5.43 41.29 41.15
C ALA G 693 6.35 42.28 41.84
N TRP G 694 6.20 42.41 43.15
CA TRP G 694 7.02 43.34 43.92
C TRP G 694 8.51 42.96 43.83
N LYS G 695 8.81 41.65 43.85
CA LYS G 695 10.17 41.22 43.81
C LYS G 695 10.79 41.40 42.44
N LEU G 696 9.99 41.26 41.39
CA LEU G 696 10.49 41.40 40.04
C LEU G 696 10.80 42.89 39.82
N ALA G 697 9.85 43.73 40.22
CA ALA G 697 9.98 45.16 40.07
C ALA G 697 11.29 45.60 40.69
N ARG G 698 11.65 44.99 41.81
CA ARG G 698 12.89 45.35 42.48
C ARG G 698 14.15 44.77 41.85
N ASP G 699 14.08 43.48 41.52
CA ASP G 699 15.19 42.78 40.93
C ASP G 699 15.57 43.26 39.52
N ASN G 700 14.58 43.69 38.73
CA ASN G 700 14.85 44.11 37.38
C ASN G 700 14.97 45.59 37.05
N TYR G 701 14.61 46.44 38.00
CA TYR G 701 14.71 47.89 37.78
C TYR G 701 16.13 48.18 37.36
N TRP G 702 16.27 48.99 36.32
CA TRP G 702 17.57 49.31 35.78
C TRP G 702 18.58 49.87 36.78
N ASN G 703 18.11 50.60 37.78
CA ASN G 703 19.00 51.16 38.78
C ASN G 703 18.84 50.43 40.13
N GLU G 704 19.88 49.68 40.50
CA GLU G 704 19.90 48.91 41.74
C GLU G 704 19.76 49.74 43.01
N ALA G 705 20.50 50.83 43.12
CA ALA G 705 20.38 51.67 44.31
C ALA G 705 18.93 52.10 44.47
N VAL G 706 18.40 52.72 43.42
CA VAL G 706 17.04 53.18 43.47
C VAL G 706 16.09 52.06 43.85
N ALA G 707 16.30 50.90 43.25
CA ALA G 707 15.44 49.78 43.54
C ALA G 707 15.43 49.40 45.01
N LYS G 708 16.55 49.62 45.71
CA LYS G 708 16.66 49.27 47.13
C LYS G 708 15.76 50.14 47.98
N GLU G 709 15.80 51.44 47.76
CA GLU G 709 14.98 52.35 48.54
C GLU G 709 13.49 52.26 48.19
N ILE G 710 13.18 52.41 46.90
CA ILE G 710 11.80 52.35 46.41
C ILE G 710 11.08 51.09 46.86
N SER G 711 11.73 49.95 46.66
CA SER G 711 11.12 48.67 47.02
C SER G 711 10.77 48.58 48.50
N GLU G 712 11.74 48.82 49.37
CA GLU G 712 11.52 48.73 50.80
C GLU G 712 10.52 49.72 51.35
N ARG G 713 10.43 50.85 50.69
CA ARG G 713 9.54 51.90 51.11
C ARG G 713 8.09 51.70 50.63
N ILE G 714 7.83 50.73 49.75
CA ILE G 714 6.45 50.55 49.24
C ILE G 714 5.85 49.18 49.50
N TYR G 715 6.68 48.23 49.96
CA TYR G 715 6.22 46.88 50.21
C TYR G 715 4.95 46.76 51.07
N GLU G 716 5.09 47.04 52.36
CA GLU G 716 3.99 46.96 53.32
C GLU G 716 2.78 47.78 52.91
N LYS G 717 3.02 49.00 52.47
CA LYS G 717 1.93 49.89 52.05
C LYS G 717 0.94 49.23 51.08
N TYR G 718 1.46 48.59 50.04
CA TYR G 718 0.59 47.98 49.07
C TYR G 718 0.18 46.56 49.43
N ARG G 719 0.97 45.93 50.29
CA ARG G 719 0.67 44.58 50.73
C ARG G 719 -0.58 44.58 51.59
N ASN G 720 -0.79 45.67 52.32
CA ASN G 720 -1.97 45.78 53.17
C ASN G 720 -3.28 45.79 52.40
N LEU G 721 -3.21 46.06 51.10
CA LEU G 721 -4.42 46.10 50.32
C LEU G 721 -4.75 44.73 49.72
N VAL G 722 -3.75 43.88 49.59
CA VAL G 722 -3.96 42.57 48.99
C VAL G 722 -5.08 41.78 49.64
N PRO G 723 -5.14 41.74 50.98
CA PRO G 723 -6.21 40.99 51.62
C PRO G 723 -7.62 41.52 51.33
N LEU G 724 -7.72 42.74 50.84
CA LEU G 724 -9.00 43.29 50.48
C LEU G 724 -9.37 42.89 49.06
N CYS G 725 -8.44 42.35 48.30
CA CYS G 725 -8.76 41.95 46.95
C CYS G 725 -9.44 40.59 46.90
N LYS G 726 -10.48 40.49 46.09
CA LYS G 726 -11.18 39.22 45.91
C LYS G 726 -11.20 38.83 44.45
N THR G 727 -10.88 39.76 43.55
CA THR G 727 -10.84 39.43 42.13
C THR G 727 -9.49 39.79 41.53
N ARG G 728 -9.19 39.20 40.39
CA ARG G 728 -7.93 39.46 39.73
C ARG G 728 -7.80 40.95 39.41
N TYR G 729 -8.89 41.58 38.98
CA TYR G 729 -8.92 43.00 38.68
C TYR G 729 -8.57 43.78 39.93
N ASP G 730 -9.02 43.30 41.08
CA ASP G 730 -8.68 43.94 42.36
C ASP G 730 -7.14 43.95 42.55
N LEU G 731 -6.53 42.76 42.39
CA LEU G 731 -5.09 42.62 42.54
C LEU G 731 -4.35 43.52 41.58
N SER G 732 -4.89 43.65 40.39
CA SER G 732 -4.31 44.50 39.36
C SER G 732 -4.24 45.93 39.86
N ASN G 733 -5.33 46.42 40.46
CA ASN G 733 -5.36 47.77 40.97
C ASN G 733 -4.26 47.95 41.98
N VAL G 734 -4.12 46.98 42.86
CA VAL G 734 -3.05 47.08 43.81
C VAL G 734 -1.65 46.96 43.17
N ILE G 735 -1.37 45.90 42.43
CA ILE G 735 -0.07 45.74 41.80
C ILE G 735 0.41 46.92 40.91
N VAL G 736 -0.46 47.48 40.08
CA VAL G 736 -0.08 48.56 39.19
C VAL G 736 0.31 49.82 39.97
N GLU G 737 -0.43 50.09 41.03
CA GLU G 737 -0.15 51.23 41.89
C GLU G 737 1.21 51.04 42.52
N MET G 738 1.56 49.82 42.91
CA MET G 738 2.88 49.66 43.47
C MET G 738 3.93 49.77 42.34
N GLN G 739 3.58 49.41 41.11
CA GLN G 739 4.53 49.56 40.01
C GLN G 739 4.79 51.05 39.72
N GLY G 740 3.75 51.89 39.87
CA GLY G 740 3.87 53.33 39.64
C GLY G 740 4.89 54.00 40.53
N GLU G 741 5.12 53.41 41.71
CA GLU G 741 6.11 53.94 42.65
C GLU G 741 7.50 54.04 42.04
N TYR G 742 7.75 53.39 40.91
CA TYR G 742 9.07 53.51 40.33
C TYR G 742 9.17 54.72 39.43
N ARG G 743 8.02 55.39 39.24
CA ARG G 743 7.96 56.62 38.48
C ARG G 743 8.77 56.56 37.19
N THR G 744 8.74 55.41 36.55
CA THR G 744 9.49 55.21 35.31
C THR G 744 8.51 54.66 34.28
N SER G 745 8.84 54.77 33.01
CA SER G 745 8.00 54.24 31.95
C SER G 745 8.12 52.71 31.90
N HIS G 746 7.39 52.12 30.96
CA HIS G 746 7.35 50.67 30.68
C HIS G 746 7.11 49.68 31.86
N SER G 747 6.22 50.04 32.75
CA SER G 747 5.89 49.21 33.90
C SER G 747 4.50 48.74 33.58
N TYR G 748 4.40 47.66 32.84
CA TYR G 748 3.07 47.18 32.44
C TYR G 748 2.62 45.86 33.08
N GLU G 749 1.36 45.57 32.85
CA GLU G 749 0.77 44.34 33.33
C GLU G 749 -0.09 43.83 32.16
N MET G 750 0.36 42.74 31.54
CA MET G 750 -0.33 42.16 30.41
C MET G 750 -0.79 40.71 30.67
N GLY G 751 -1.78 40.25 29.91
CA GLY G 751 -2.23 38.87 30.08
C GLY G 751 -2.84 38.62 31.44
N GLY G 752 -3.02 37.36 31.80
CA GLY G 752 -3.59 37.07 33.10
C GLY G 752 -5.02 36.69 32.85
N THR G 753 -5.68 36.12 33.85
CA THR G 753 -7.07 35.69 33.72
C THR G 753 -7.91 36.51 34.69
N PHE G 754 -8.71 37.45 34.18
CA PHE G 754 -9.53 38.30 35.02
C PHE G 754 -10.99 37.91 34.97
N THR G 755 -11.38 37.25 33.91
CA THR G 755 -12.78 36.86 33.72
C THR G 755 -12.87 35.60 32.87
N ASP G 756 -14.05 35.00 32.86
CA ASP G 756 -14.24 33.83 32.04
C ASP G 756 -15.30 34.16 31.00
N LYS G 757 -15.58 35.44 30.83
CA LYS G 757 -16.55 35.94 29.85
C LYS G 757 -15.93 36.02 28.46
N ASP G 758 -16.67 35.57 27.45
CA ASP G 758 -16.16 35.65 26.09
C ASP G 758 -16.00 37.09 25.66
N PRO G 759 -14.89 37.39 24.98
CA PRO G 759 -14.66 38.76 24.51
C PRO G 759 -15.78 39.30 23.64
N PHE G 760 -15.96 40.62 23.70
CA PHE G 760 -16.96 41.30 22.92
C PHE G 760 -16.56 41.11 21.48
N ARG G 761 -17.54 41.04 20.59
CA ARG G 761 -17.28 40.87 19.16
C ARG G 761 -17.82 42.10 18.45
N SER G 762 -17.24 42.44 17.31
CA SER G 762 -17.66 43.58 16.54
C SER G 762 -17.69 43.16 15.07
N GLY G 763 -18.74 43.55 14.34
CA GLY G 763 -18.85 43.18 12.93
C GLY G 763 -18.38 44.34 12.08
N ARG G 764 -17.35 44.14 11.27
CA ARG G 764 -16.88 45.25 10.45
C ARG G 764 -16.75 44.99 8.97
N ILE G 765 -17.05 46.01 8.17
CA ILE G 765 -16.92 45.88 6.74
C ILE G 765 -16.19 47.09 6.17
N ALA G 766 -15.38 47.70 7.03
CA ALA G 766 -14.61 48.89 6.70
C ALA G 766 -15.49 49.96 6.05
N CYS G 767 -16.59 50.29 6.70
CA CYS G 767 -17.47 51.32 6.21
C CYS G 767 -17.95 52.13 7.38
N ASP G 768 -18.36 53.37 7.10
CA ASP G 768 -18.91 54.26 8.13
C ASP G 768 -20.39 54.47 7.77
N PHE G 769 -21.26 54.17 8.71
CA PHE G 769 -22.67 54.32 8.45
C PHE G 769 -23.20 55.59 9.08
N LYS G 770 -24.22 56.13 8.44
CA LYS G 770 -24.89 57.35 8.89
C LYS G 770 -26.41 57.11 8.88
N LEU G 771 -27.05 57.33 10.01
CA LEU G 771 -28.48 57.17 10.12
C LEU G 771 -29.21 58.39 9.54
N ASP G 772 -29.61 58.25 8.29
CA ASP G 772 -30.29 59.31 7.58
C ASP G 772 -31.75 58.91 7.38
N GLY G 773 -32.67 59.64 8.01
CA GLY G 773 -34.07 59.25 7.89
C GLY G 773 -34.22 57.95 8.70
N ASP G 774 -34.67 56.88 8.06
CA ASP G 774 -34.83 55.64 8.80
C ASP G 774 -34.00 54.53 8.18
N HIS G 775 -32.98 54.96 7.46
CA HIS G 775 -32.08 54.06 6.73
C HIS G 775 -30.67 54.46 7.01
N TYR G 776 -29.78 53.47 6.93
CA TYR G 776 -28.37 53.71 7.11
C TYR G 776 -27.79 53.90 5.73
N VAL G 777 -26.87 54.84 5.62
CA VAL G 777 -26.23 55.11 4.36
C VAL G 777 -24.74 54.98 4.59
N VAL G 778 -24.04 54.39 3.62
CA VAL G 778 -22.61 54.25 3.75
C VAL G 778 -22.03 55.64 3.56
N ALA G 779 -21.57 56.21 4.66
CA ALA G 779 -20.99 57.55 4.71
C ALA G 779 -19.59 57.56 4.14
N LYS G 780 -18.88 56.44 4.29
CA LYS G 780 -17.52 56.32 3.81
C LYS G 780 -17.14 54.85 3.65
N ALA G 781 -16.42 54.54 2.56
CA ALA G 781 -15.98 53.19 2.25
C ALA G 781 -14.45 53.26 2.18
N TYR G 782 -13.80 52.77 3.22
CA TYR G 782 -12.34 52.78 3.32
C TYR G 782 -11.57 51.84 2.39
N ALA G 783 -10.44 52.34 1.89
CA ALA G 783 -9.54 51.61 0.99
C ALA G 783 -8.14 52.24 0.98
N GLY G 784 -7.12 51.39 1.07
CA GLY G 784 -5.74 51.86 1.05
C GLY G 784 -5.26 51.57 -0.37
N ASP G 785 -4.44 50.53 -0.54
CA ASP G 785 -3.95 50.14 -1.86
C ASP G 785 -4.84 48.96 -2.31
N TYR G 786 -5.77 49.24 -3.22
CA TYR G 786 -6.68 48.24 -3.78
C TYR G 786 -6.06 46.86 -4.12
N SER G 787 -4.80 46.86 -4.54
CA SER G 787 -4.12 45.63 -4.89
C SER G 787 -3.44 44.91 -3.71
N ASN G 788 -3.32 45.56 -2.55
CA ASN G 788 -2.73 44.84 -1.43
C ASN G 788 -3.80 43.98 -0.81
N GLU G 789 -3.37 43.12 0.10
CA GLU G 789 -4.25 42.20 0.82
C GLU G 789 -4.81 42.95 2.01
N GLY G 790 -6.10 42.78 2.24
CA GLY G 790 -6.77 43.38 3.39
C GLY G 790 -6.67 44.86 3.61
N GLU G 791 -6.91 45.64 2.56
CA GLU G 791 -6.80 47.10 2.67
C GLU G 791 -8.00 47.81 2.08
N LYS G 792 -9.15 47.16 2.09
CA LYS G 792 -10.33 47.81 1.55
C LYS G 792 -11.56 47.10 2.07
N SER G 793 -12.71 47.72 1.88
CA SER G 793 -13.95 47.11 2.31
C SER G 793 -14.19 45.93 1.40
N PRO G 794 -14.58 44.78 1.96
CA PRO G 794 -14.86 43.57 1.17
C PRO G 794 -15.90 43.75 0.08
N ILE G 795 -16.67 44.81 0.17
CA ILE G 795 -17.68 45.06 -0.86
C ILE G 795 -17.00 45.39 -2.20
N PHE G 796 -15.82 46.01 -2.16
CA PHE G 796 -15.12 46.34 -3.40
C PHE G 796 -14.89 45.12 -4.29
N GLU G 797 -14.71 43.93 -3.70
CA GLU G 797 -14.49 42.73 -4.49
C GLU G 797 -15.62 42.43 -5.47
N TYR G 798 -16.77 43.07 -5.27
CA TYR G 798 -17.90 42.83 -6.17
C TYR G 798 -17.95 43.87 -7.24
N GLY G 799 -16.92 44.70 -7.26
CA GLY G 799 -16.85 45.72 -8.28
C GLY G 799 -17.71 46.96 -8.11
N ILE G 800 -17.86 47.44 -6.88
CA ILE G 800 -18.65 48.66 -6.68
C ILE G 800 -18.18 49.36 -5.42
N ASP G 801 -18.27 50.69 -5.42
CA ASP G 801 -17.90 51.47 -4.26
C ASP G 801 -19.20 51.71 -3.52
N PRO G 802 -19.35 51.13 -2.31
CA PRO G 802 -20.53 51.23 -1.45
C PRO G 802 -20.92 52.61 -0.99
N THR G 803 -19.98 53.57 -1.12
CA THR G 803 -20.20 54.95 -0.70
C THR G 803 -21.48 55.52 -1.29
N GLY G 804 -22.32 56.07 -0.43
CA GLY G 804 -23.57 56.62 -0.90
C GLY G 804 -24.75 55.66 -0.93
N TYR G 805 -24.49 54.34 -0.99
CA TYR G 805 -25.57 53.37 -1.02
C TYR G 805 -26.28 53.31 0.33
N LEU G 806 -27.48 52.75 0.32
CA LEU G 806 -28.30 52.58 1.51
C LEU G 806 -28.30 51.10 1.84
N ILE G 807 -28.12 50.78 3.10
CA ILE G 807 -28.14 49.40 3.47
C ILE G 807 -29.55 49.02 3.87
N GLU G 808 -30.24 48.30 2.99
CA GLU G 808 -31.61 47.88 3.22
C GLU G 808 -31.67 46.88 4.35
N ASP G 809 -30.88 45.83 4.23
CA ASP G 809 -30.88 44.80 5.28
C ASP G 809 -29.68 43.89 5.19
N ILE G 810 -29.52 43.09 6.24
CA ILE G 810 -28.42 42.15 6.33
C ILE G 810 -29.02 40.80 6.73
N ASP G 811 -28.76 39.77 5.91
CA ASP G 811 -29.26 38.42 6.15
C ASP G 811 -30.76 38.39 6.40
N GLY G 812 -31.51 39.04 5.50
CA GLY G 812 -32.96 39.09 5.62
C GLY G 812 -33.50 39.97 6.72
N GLU G 813 -32.64 40.49 7.59
CA GLU G 813 -33.10 41.37 8.66
C GLU G 813 -32.96 42.83 8.32
N THR G 814 -34.07 43.56 8.40
CA THR G 814 -34.06 44.96 8.08
C THR G 814 -33.28 45.74 9.13
N VAL G 815 -32.39 46.62 8.67
CA VAL G 815 -31.63 47.47 9.58
C VAL G 815 -31.99 48.91 9.27
N GLY G 816 -31.92 49.77 10.27
CA GLY G 816 -32.26 51.15 10.04
C GLY G 816 -32.73 51.76 11.32
N ALA G 817 -33.58 52.79 11.21
CA ALA G 817 -34.15 53.52 12.35
C ALA G 817 -34.44 52.66 13.55
N GLY G 818 -35.06 51.52 13.34
CA GLY G 818 -35.36 50.70 14.49
C GLY G 818 -34.50 49.45 14.63
N SER G 819 -33.33 49.44 14.00
CA SER G 819 -32.48 48.25 14.07
C SER G 819 -30.98 48.54 13.95
N ASN G 820 -30.32 48.41 15.10
CA ASN G 820 -28.91 48.66 15.25
C ASN G 820 -28.04 47.87 14.32
N ILE G 821 -27.53 48.53 13.29
CA ILE G 821 -26.71 47.83 12.33
C ILE G 821 -25.43 47.32 12.95
N TYR G 822 -24.89 48.05 13.92
CA TYR G 822 -23.67 47.60 14.62
C TYR G 822 -23.88 46.22 15.30
N ARG G 823 -25.04 46.02 15.94
CA ARG G 823 -25.34 44.76 16.60
C ARG G 823 -25.53 43.64 15.60
N VAL G 824 -26.34 43.89 14.56
CA VAL G 824 -26.57 42.86 13.54
C VAL G 824 -25.20 42.41 12.98
N LEU G 825 -24.34 43.35 12.62
CA LEU G 825 -23.05 42.97 12.12
C LEU G 825 -22.30 42.23 13.19
N SER G 826 -22.43 42.71 14.41
CA SER G 826 -21.74 42.06 15.52
C SER G 826 -21.96 40.52 15.50
N GLU G 827 -23.22 40.11 15.28
CA GLU G 827 -23.61 38.73 15.29
C GLU G 827 -23.26 37.90 14.06
N LYS G 828 -22.68 38.53 13.06
CA LYS G 828 -22.29 37.87 11.80
C LYS G 828 -20.76 37.93 11.63
N ALA G 829 -20.07 38.58 12.55
CA ALA G 829 -18.63 38.68 12.45
C ALA G 829 -17.97 37.33 12.26
N GLY G 830 -17.04 37.28 11.31
CA GLY G 830 -16.34 36.05 11.03
C GLY G 830 -16.99 35.17 9.99
N THR G 831 -18.08 35.64 9.37
CA THR G 831 -18.80 34.85 8.35
C THR G 831 -19.23 35.78 7.23
N SER G 832 -19.92 35.25 6.24
CA SER G 832 -20.44 36.05 5.13
C SER G 832 -21.93 36.15 5.29
N ALA G 833 -22.44 37.36 5.06
CA ALA G 833 -23.85 37.61 5.18
C ALA G 833 -24.34 38.27 3.91
N ARG G 834 -25.58 38.00 3.56
CA ARG G 834 -26.18 38.60 2.39
C ARG G 834 -26.57 40.04 2.77
N ILE G 835 -26.01 41.02 2.08
CA ILE G 835 -26.32 42.42 2.34
C ILE G 835 -27.09 42.96 1.14
N ARG G 836 -28.19 43.66 1.39
CA ARG G 836 -28.98 44.27 0.32
C ARG G 836 -28.62 45.76 0.28
N LEU G 837 -28.12 46.24 -0.86
CA LEU G 837 -27.78 47.66 -0.99
C LEU G 837 -28.61 48.37 -2.08
N SER G 838 -28.80 49.69 -1.94
CA SER G 838 -29.55 50.49 -2.91
C SER G 838 -28.77 51.75 -3.22
N GLY G 839 -28.52 52.00 -4.50
CA GLY G 839 -27.81 53.21 -4.87
C GLY G 839 -28.63 54.14 -5.74
N LYS G 840 -27.95 54.82 -6.67
CA LYS G 840 -28.57 55.76 -7.61
C LYS G 840 -29.65 55.06 -8.43
N GLY G 841 -30.89 55.53 -8.27
CA GLY G 841 -32.02 54.96 -8.97
C GLY G 841 -32.34 53.54 -8.51
N GLY G 842 -32.82 52.74 -9.46
CA GLY G 842 -33.16 51.36 -9.16
C GLY G 842 -31.91 50.50 -9.04
N ASP G 843 -30.79 51.11 -8.66
CA ASP G 843 -29.55 50.38 -8.50
C ASP G 843 -29.58 49.55 -7.21
N LYS G 844 -30.08 48.31 -7.30
CA LYS G 844 -30.18 47.44 -6.13
C LYS G 844 -29.20 46.25 -6.22
N ARG G 845 -28.45 46.00 -5.15
CA ARG G 845 -27.48 44.90 -5.14
C ARG G 845 -27.71 43.92 -4.01
N ASP G 846 -27.43 42.66 -4.29
CA ASP G 846 -27.60 41.63 -3.30
C ASP G 846 -26.33 40.79 -3.27
N LEU G 847 -25.45 41.06 -2.30
CA LEU G 847 -24.16 40.38 -2.21
C LEU G 847 -23.84 39.65 -0.92
N MET G 848 -22.99 38.64 -1.02
CA MET G 848 -22.56 37.89 0.16
C MET G 848 -21.28 38.59 0.60
N ILE G 849 -21.36 39.35 1.69
CA ILE G 849 -20.22 40.10 2.15
C ILE G 849 -19.48 39.51 3.32
N ASP G 850 -18.17 39.51 3.24
CA ASP G 850 -17.40 39.00 4.37
C ASP G 850 -17.53 40.03 5.48
N ILE G 851 -17.81 39.57 6.68
CA ILE G 851 -17.92 40.48 7.79
C ILE G 851 -16.73 40.30 8.71
N LEU G 852 -15.80 41.25 8.66
CA LEU G 852 -14.59 41.17 9.44
C LEU G 852 -14.74 41.27 10.95
N ASP G 853 -13.76 40.74 11.69
CA ASP G 853 -13.80 40.82 13.16
C ASP G 853 -13.17 42.16 13.53
N ASP G 854 -12.38 42.72 12.63
CA ASP G 854 -11.72 43.98 12.86
C ASP G 854 -11.43 44.61 11.51
N ASP G 855 -11.18 45.92 11.47
CA ASP G 855 -10.89 46.62 10.23
C ASP G 855 -9.97 47.83 10.46
N ARG G 856 -9.28 47.81 11.59
CA ARG G 856 -8.33 48.88 11.96
C ARG G 856 -7.23 49.09 10.91
N PHE G 857 -6.66 48.00 10.46
CA PHE G 857 -5.58 48.07 9.49
C PHE G 857 -6.07 48.71 8.22
N ILE G 858 -7.30 48.36 7.79
CA ILE G 858 -7.86 48.94 6.58
C ILE G 858 -8.04 50.45 6.79
N ARG G 859 -8.54 50.86 7.95
CA ARG G 859 -8.68 52.29 8.20
C ARG G 859 -7.32 52.96 8.19
N TYR G 860 -6.34 52.31 8.82
CA TYR G 860 -5.00 52.85 8.88
C TYR G 860 -4.41 53.09 7.47
N ARG G 861 -4.37 52.05 6.64
CA ARG G 861 -3.78 52.20 5.31
C ARG G 861 -4.52 53.22 4.44
N SER G 862 -5.83 53.31 4.64
CA SER G 862 -6.67 54.28 3.95
C SER G 862 -6.13 55.67 4.33
N TRP G 863 -5.97 55.89 5.64
CA TRP G 863 -5.47 57.16 6.20
C TRP G 863 -4.10 57.48 5.59
N VAL G 864 -3.20 56.52 5.61
CA VAL G 864 -1.90 56.72 5.03
C VAL G 864 -2.00 57.13 3.54
N GLU G 865 -2.80 56.40 2.74
CA GLU G 865 -2.88 56.74 1.32
C GLU G 865 -3.55 58.09 1.09
N ALA G 866 -4.39 58.49 2.03
CA ALA G 866 -5.07 59.77 1.90
C ALA G 866 -4.03 60.86 2.11
N ASN G 867 -3.25 60.73 3.18
CA ASN G 867 -2.23 61.73 3.44
C ASN G 867 -1.18 61.72 2.35
N ARG G 868 -0.94 60.55 1.80
CA ARG G 868 0.04 60.46 0.77
C ARG G 868 -0.53 61.15 -0.47
N ARG G 869 -1.80 60.94 -0.79
CA ARG G 869 -2.31 61.63 -1.99
C ARG G 869 -2.27 63.15 -1.79
N TYR G 870 -2.65 63.56 -0.58
CA TYR G 870 -2.71 64.95 -0.21
C TYR G 870 -1.31 65.65 -0.36
N VAL G 871 -0.28 65.03 0.18
CA VAL G 871 1.01 65.60 0.08
C VAL G 871 1.43 65.74 -1.37
N HIS G 872 1.15 64.74 -2.19
CA HIS G 872 1.53 64.83 -3.61
C HIS G 872 0.76 65.98 -4.27
N GLU G 873 -0.49 66.18 -3.93
CA GLU G 873 -1.22 67.24 -4.57
C GLU G 873 -0.85 68.64 -4.11
N ARG G 874 -0.61 68.78 -2.81
CA ARG G 874 -0.28 70.09 -2.27
C ARG G 874 1.14 70.58 -2.65
N SER G 875 2.07 69.64 -2.84
CA SER G 875 3.45 69.98 -3.21
C SER G 875 3.57 69.92 -4.73
N LYS G 876 2.43 69.72 -5.39
CA LYS G 876 2.38 69.62 -6.85
C LYS G 876 3.28 68.49 -7.36
N GLY G 877 3.28 67.36 -6.65
CA GLY G 877 4.10 66.24 -7.05
C GLY G 877 5.59 66.39 -6.72
N THR G 878 5.94 67.29 -5.82
CA THR G 878 7.35 67.45 -5.52
C THR G 878 7.80 66.89 -4.17
N ILE G 879 6.87 66.39 -3.38
CA ILE G 879 7.19 65.86 -2.05
C ILE G 879 6.55 64.47 -1.77
N GLY G 880 7.36 63.57 -1.21
CA GLY G 880 6.91 62.25 -0.88
C GLY G 880 6.37 62.20 0.53
N TYR G 881 5.78 61.06 0.88
CA TYR G 881 5.26 60.87 2.21
C TYR G 881 5.33 59.40 2.66
N ILE G 882 5.74 59.22 3.91
CA ILE G 882 5.87 57.91 4.53
C ILE G 882 5.40 58.03 6.00
N HIS G 883 4.66 57.02 6.46
CA HIS G 883 4.23 57.00 7.82
C HIS G 883 4.75 55.76 8.52
N ILE G 884 5.13 55.88 9.78
CA ILE G 884 5.62 54.77 10.54
C ILE G 884 4.75 54.63 11.75
N PRO G 885 3.92 53.59 11.78
CA PRO G 885 2.98 53.29 12.88
C PRO G 885 3.64 52.85 14.17
N ASP G 886 4.72 52.09 14.06
CA ASP G 886 5.43 51.69 15.28
C ASP G 886 6.84 51.31 14.91
N MET G 887 7.63 50.87 15.88
CA MET G 887 9.01 50.51 15.62
C MET G 887 9.18 49.02 15.77
N GLY G 888 8.14 48.30 15.40
CA GLY G 888 8.14 46.85 15.48
C GLY G 888 8.08 46.34 14.07
N MET G 889 7.47 45.18 13.88
CA MET G 889 7.41 44.60 12.56
C MET G 889 6.49 45.41 11.66
N MET G 890 5.36 45.84 12.19
CA MET G 890 4.48 46.62 11.37
C MET G 890 5.17 47.88 10.85
N GLY G 891 6.02 48.49 11.68
CA GLY G 891 6.71 49.72 11.30
C GLY G 891 7.66 49.51 10.16
N LEU G 892 8.28 48.35 10.15
CA LEU G 892 9.26 47.96 9.14
C LEU G 892 8.52 47.72 7.82
N ASN G 893 7.31 47.14 7.90
CA ASN G 893 6.50 46.91 6.72
C ASN G 893 6.07 48.20 6.03
N GLU G 894 5.46 49.06 6.81
CA GLU G 894 4.93 50.33 6.34
C GLU G 894 6.01 51.26 5.87
N PHE G 895 7.10 51.34 6.62
CA PHE G 895 8.20 52.17 6.18
C PHE G 895 8.65 51.73 4.77
N TYR G 896 8.96 50.46 4.58
CA TYR G 896 9.38 50.08 3.24
C TYR G 896 8.25 50.13 2.20
N ARG G 897 7.04 49.77 2.60
CA ARG G 897 5.92 49.80 1.69
C ARG G 897 5.81 51.12 0.91
N LEU G 898 6.13 52.22 1.57
CA LEU G 898 6.10 53.52 0.91
C LEU G 898 7.49 54.03 0.59
N PHE G 899 8.47 53.75 1.44
CA PHE G 899 9.83 54.20 1.16
C PHE G 899 10.28 53.93 -0.26
N ILE G 900 10.06 52.71 -0.79
CA ILE G 900 10.47 52.38 -2.15
C ILE G 900 9.84 53.20 -3.26
N ASN G 901 8.87 54.03 -2.95
CA ASN G 901 8.24 54.83 -4.01
C ASN G 901 8.24 56.32 -3.71
N GLU G 902 8.54 56.69 -2.46
CA GLU G 902 8.47 58.07 -2.04
C GLU G 902 9.82 58.72 -1.73
N SER G 903 10.89 57.95 -1.83
CA SER G 903 12.18 58.46 -1.48
C SER G 903 12.83 59.33 -2.55
N SER G 904 12.32 59.30 -3.77
CA SER G 904 12.96 60.11 -4.81
C SER G 904 12.30 61.39 -5.27
N TYR G 905 11.59 62.03 -4.34
CA TYR G 905 10.97 63.30 -4.66
C TYR G 905 11.94 64.34 -4.16
N GLN G 906 11.71 65.59 -4.53
CA GLN G 906 12.57 66.68 -4.10
C GLN G 906 12.60 66.73 -2.57
N GLY G 907 11.48 66.43 -1.97
CA GLY G 907 11.43 66.43 -0.52
C GLY G 907 10.68 65.20 0.00
N LEU G 908 10.84 64.93 1.28
CA LEU G 908 10.20 63.80 1.86
C LEU G 908 9.72 64.07 3.26
N ILE G 909 8.49 63.66 3.55
CA ILE G 909 7.95 63.86 4.89
C ILE G 909 7.92 62.49 5.54
N VAL G 910 8.49 62.39 6.72
CA VAL G 910 8.52 61.16 7.46
C VAL G 910 7.66 61.43 8.67
N ASP G 911 6.41 60.98 8.58
CA ASP G 911 5.43 61.18 9.64
C ASP G 911 5.51 60.06 10.63
N VAL G 912 5.94 60.33 11.85
CA VAL G 912 5.97 59.24 12.80
C VAL G 912 5.01 59.47 13.94
N ARG G 913 3.95 60.24 13.67
CA ARG G 913 2.96 60.51 14.70
C ARG G 913 2.25 59.22 15.10
N PHE G 914 1.98 59.06 16.38
CA PHE G 914 1.26 57.87 16.93
C PHE G 914 2.11 56.63 16.93
N ASN G 915 3.40 56.83 16.70
CA ASN G 915 4.31 55.70 16.64
C ASN G 915 4.44 54.98 17.97
N GLY G 916 3.99 53.74 17.97
CA GLY G 916 4.00 52.97 19.20
C GLY G 916 5.31 52.46 19.74
N GLY G 917 6.44 52.90 19.20
CA GLY G 917 7.71 52.36 19.68
C GLY G 917 8.03 50.92 19.27
N GLY G 918 9.05 50.36 19.93
CA GLY G 918 9.51 49.02 19.65
C GLY G 918 11.03 48.99 19.72
N PHE G 919 11.71 48.80 18.57
CA PHE G 919 13.17 48.76 18.57
C PHE G 919 13.85 48.88 17.20
N VAL G 920 13.10 49.13 16.13
CA VAL G 920 13.77 49.20 14.86
C VAL G 920 14.08 50.58 14.36
N SER G 921 13.97 51.57 15.26
CA SER G 921 14.24 52.96 14.87
C SER G 921 15.64 53.07 14.28
N GLN G 922 16.59 52.38 14.89
CA GLN G 922 17.94 52.43 14.36
C GLN G 922 18.03 51.91 12.91
N LEU G 923 17.36 50.81 12.57
CA LEU G 923 17.40 50.27 11.23
C LEU G 923 16.78 51.24 10.22
N ILE G 924 15.78 52.02 10.63
CA ILE G 924 15.13 52.97 9.72
C ILE G 924 15.99 54.23 9.58
N ILE G 925 16.47 54.75 10.71
CA ILE G 925 17.33 55.93 10.74
C ILE G 925 18.52 55.69 9.75
N GLU G 926 19.03 54.47 9.69
CA GLU G 926 20.14 54.10 8.85
C GLU G 926 19.82 54.31 7.41
N LYS G 927 18.60 53.98 7.03
CA LYS G 927 18.15 54.15 5.65
C LYS G 927 18.08 55.63 5.36
N LEU G 928 17.40 56.39 6.24
CA LEU G 928 17.28 57.84 6.04
C LEU G 928 18.63 58.61 6.08
N MET G 929 19.64 57.97 6.66
CA MET G 929 20.96 58.56 6.78
C MET G 929 21.75 58.44 5.47
N ASN G 930 21.33 57.53 4.60
CA ASN G 930 22.04 57.34 3.35
C ASN G 930 22.03 58.62 2.53
N LYS G 931 23.22 59.16 2.28
CA LYS G 931 23.37 60.36 1.47
C LYS G 931 23.65 59.95 0.01
N ARG G 932 22.84 60.46 -0.91
CA ARG G 932 23.03 60.14 -2.32
C ARG G 932 24.27 60.87 -2.88
N ILE G 933 25.25 60.11 -3.37
CA ILE G 933 26.45 60.74 -3.88
C ILE G 933 26.80 60.33 -5.30
N GLY G 934 25.98 59.48 -5.88
CA GLY G 934 26.27 59.09 -7.25
C GLY G 934 25.05 58.62 -8.06
N TYR G 935 25.29 58.33 -9.33
CA TYR G 935 24.24 57.86 -10.20
C TYR G 935 24.85 56.88 -11.16
N ASP G 936 23.97 56.08 -11.74
CA ASP G 936 24.33 55.05 -12.69
C ASP G 936 23.69 55.44 -14.01
N ASN G 937 24.49 55.53 -15.07
CA ASN G 937 23.99 55.89 -16.39
C ASN G 937 23.93 54.72 -17.31
N PRO G 938 22.71 54.28 -17.67
CA PRO G 938 22.54 53.14 -18.56
C PRO G 938 22.39 53.49 -20.04
N ARG G 939 22.67 52.52 -20.89
CA ARG G 939 22.53 52.74 -22.32
C ARG G 939 21.06 52.96 -22.59
N ARG G 940 20.21 52.19 -21.90
CA ARG G 940 18.75 52.30 -22.06
C ARG G 940 18.13 52.30 -20.67
N GLY G 941 17.03 53.04 -20.49
CA GLY G 941 16.39 53.11 -19.19
C GLY G 941 16.67 54.43 -18.48
N THR G 942 16.53 54.45 -17.16
CA THR G 942 16.76 55.70 -16.43
C THR G 942 17.88 55.58 -15.38
N LEU G 943 18.26 56.71 -14.82
CA LEU G 943 19.32 56.72 -13.83
C LEU G 943 19.03 55.88 -12.63
N SER G 944 20.07 55.33 -12.02
CA SER G 944 19.92 54.55 -10.81
C SER G 944 20.71 55.31 -9.75
N PRO G 945 20.09 55.63 -8.61
CA PRO G 945 20.77 56.36 -7.54
C PRO G 945 21.69 55.49 -6.69
N TYR G 946 22.77 56.09 -6.20
CA TYR G 946 23.72 55.37 -5.36
C TYR G 946 23.93 56.19 -4.08
N PRO G 947 23.58 55.65 -2.91
CA PRO G 947 23.03 54.32 -2.70
C PRO G 947 21.56 54.29 -3.24
N THR G 948 21.10 53.06 -3.48
CA THR G 948 19.76 52.76 -3.95
C THR G 948 18.79 53.20 -2.80
N ASN G 949 19.17 52.87 -1.57
CA ASN G 949 18.33 53.23 -0.48
C ASN G 949 18.61 54.59 0.10
N SER G 950 18.65 55.59 -0.76
CA SER G 950 18.89 56.93 -0.25
C SER G 950 17.73 57.84 -0.61
N VAL G 951 17.57 58.85 0.22
CA VAL G 951 16.54 59.85 -0.02
C VAL G 951 17.18 60.83 -0.99
N ARG G 952 16.37 61.33 -1.90
CA ARG G 952 16.87 62.23 -2.90
C ARG G 952 17.12 63.68 -2.46
N GLY G 953 16.15 64.22 -1.72
CA GLY G 953 16.24 65.59 -1.27
C GLY G 953 16.11 65.87 0.22
N LYS G 954 15.39 66.92 0.56
CA LYS G 954 15.21 67.34 1.94
C LYS G 954 14.21 66.46 2.70
N ILE G 955 14.53 66.22 3.96
CA ILE G 955 13.64 65.41 4.76
C ILE G 955 13.00 66.22 5.88
N ILE G 956 11.75 65.93 6.20
CA ILE G 956 11.08 66.64 7.25
C ILE G 956 10.33 65.61 8.08
N ALA G 957 10.50 65.68 9.40
CA ALA G 957 9.85 64.74 10.30
C ALA G 957 8.72 65.38 11.09
N ILE G 958 7.65 64.60 11.27
CA ILE G 958 6.46 65.00 12.00
C ILE G 958 6.24 64.02 13.13
N THR G 959 6.07 64.55 14.35
CA THR G 959 5.87 63.73 15.53
C THR G 959 4.86 64.39 16.48
N ASN G 960 4.27 63.61 17.39
CA ASN G 960 3.36 64.16 18.37
C ASN G 960 3.55 63.45 19.71
N GLU G 961 2.68 63.80 20.67
CA GLU G 961 2.75 63.25 22.01
C GLU G 961 2.35 61.78 22.04
N TYR G 962 1.90 61.27 20.90
CA TYR G 962 1.49 59.88 20.83
C TYR G 962 2.57 58.98 20.23
N ALA G 963 3.72 59.57 19.91
CA ALA G 963 4.84 58.82 19.39
C ALA G 963 5.68 58.65 20.66
N GLY G 964 6.12 57.42 20.97
CA GLY G 964 6.86 57.25 22.20
C GLY G 964 7.80 56.07 22.18
N SER G 965 8.65 56.02 23.21
CA SER G 965 9.66 54.98 23.38
C SER G 965 10.62 54.94 22.18
N ASP G 966 10.62 53.85 21.42
CA ASP G 966 11.55 53.82 20.32
C ASP G 966 11.16 54.98 19.44
N GLY G 967 9.92 55.42 19.62
CA GLY G 967 9.43 56.59 18.90
C GLY G 967 10.12 57.85 19.43
N ASP G 968 10.49 57.82 20.70
CA ASP G 968 11.19 58.93 21.35
C ASP G 968 12.60 58.97 20.83
N ILE G 969 13.21 57.78 20.77
CA ILE G 969 14.57 57.59 20.33
C ILE G 969 14.74 58.01 18.89
N PHE G 970 13.86 57.55 18.01
CA PHE G 970 13.90 57.96 16.59
C PHE G 970 13.84 59.52 16.47
N SER G 971 12.95 60.10 17.24
CA SER G 971 12.72 61.54 17.23
C SER G 971 13.95 62.32 17.63
N PHE G 972 14.52 61.96 18.77
CA PHE G 972 15.74 62.59 19.26
C PHE G 972 16.88 62.40 18.21
N SER G 973 16.96 61.20 17.67
CA SER G 973 17.94 60.83 16.70
C SER G 973 17.91 61.68 15.45
N PHE G 974 16.71 61.84 14.90
CA PHE G 974 16.52 62.62 13.69
C PHE G 974 17.13 64.02 13.87
N LYS G 975 16.88 64.63 15.02
CA LYS G 975 17.44 65.95 15.25
C LYS G 975 18.93 65.82 15.45
N LYS G 976 19.34 64.95 16.36
CA LYS G 976 20.75 64.73 16.65
C LYS G 976 21.65 64.53 15.42
N LEU G 977 21.22 63.73 14.44
CA LEU G 977 22.02 63.48 13.25
C LEU G 977 21.84 64.53 12.18
N GLY G 978 20.97 65.51 12.47
CA GLY G 978 20.68 66.55 11.51
C GLY G 978 20.07 66.11 10.19
N LEU G 979 19.20 65.11 10.23
CA LEU G 979 18.54 64.63 9.03
C LEU G 979 17.50 65.66 8.48
N GLY G 980 17.02 66.55 9.34
CA GLY G 980 16.04 67.53 8.94
C GLY G 980 15.41 68.21 10.13
N LYS G 981 14.37 68.99 9.90
CA LYS G 981 13.65 69.64 10.99
C LYS G 981 12.57 68.71 11.54
N LEU G 982 12.33 68.78 12.84
CA LEU G 982 11.31 67.93 13.47
C LEU G 982 10.09 68.80 13.83
N ILE G 983 8.91 68.46 13.29
CA ILE G 983 7.67 69.23 13.48
C ILE G 983 6.64 68.49 14.34
N GLY G 984 5.82 69.24 15.09
CA GLY G 984 4.80 68.60 15.90
C GLY G 984 4.67 69.07 17.32
N THR G 985 4.62 68.10 18.23
CA THR G 985 4.49 68.34 19.67
C THR G 985 5.36 67.34 20.42
N ARG G 986 5.89 67.75 21.57
CA ARG G 986 6.78 66.91 22.36
C ARG G 986 6.20 65.51 22.50
N THR G 987 7.08 64.52 22.37
CA THR G 987 6.74 63.10 22.43
C THR G 987 6.58 62.54 23.82
N TRP G 988 5.99 61.35 23.87
CA TRP G 988 5.71 60.61 25.10
C TRP G 988 6.68 60.69 26.26
N GLY G 989 7.97 60.43 26.00
CA GLY G 989 8.98 60.44 27.03
C GLY G 989 9.21 59.17 27.82
N GLY G 990 9.08 57.99 27.21
CA GLY G 990 9.33 56.75 27.93
C GLY G 990 10.43 55.96 27.26
N VAL G 991 11.64 56.09 27.79
CA VAL G 991 12.75 55.39 27.15
C VAL G 991 13.58 54.47 28.04
N VAL G 992 12.90 53.68 28.84
CA VAL G 992 13.62 52.70 29.66
C VAL G 992 12.97 51.40 29.23
N GLY G 993 13.66 50.66 28.40
CA GLY G 993 13.11 49.43 27.87
C GLY G 993 12.94 48.22 28.77
N ILE G 994 12.27 47.24 28.20
CA ILE G 994 11.98 45.99 28.89
C ILE G 994 12.30 44.74 28.08
N THR G 995 12.47 43.64 28.81
CA THR G 995 12.71 42.31 28.26
C THR G 995 12.18 41.36 29.32
N PRO G 996 10.88 41.19 29.37
CA PRO G 996 10.39 40.29 30.40
C PRO G 996 10.85 38.84 30.25
N LYS G 997 10.99 38.14 31.37
CA LYS G 997 11.41 36.76 31.27
C LYS G 997 10.70 35.89 32.28
N ARG G 998 9.68 36.45 32.93
CA ARG G 998 8.84 35.74 33.89
C ARG G 998 7.37 36.12 33.87
N ARG G 999 6.52 35.14 34.13
CA ARG G 999 5.06 35.32 34.16
C ARG G 999 4.57 34.93 35.53
N LEU G 1000 3.48 35.53 35.98
CA LEU G 1000 2.95 35.16 37.30
C LEU G 1000 2.26 33.81 37.11
N ILE G 1001 1.99 33.13 38.22
CA ILE G 1001 1.36 31.82 38.17
C ILE G 1001 0.06 31.76 37.38
N ASP G 1002 -0.53 32.89 37.03
CA ASP G 1002 -1.77 32.94 36.29
C ASP G 1002 -1.63 33.35 34.84
N GLY G 1003 -0.38 33.46 34.38
CA GLY G 1003 -0.08 33.82 32.99
C GLY G 1003 0.31 35.27 32.84
N THR G 1004 -0.08 36.08 33.83
CA THR G 1004 0.24 37.49 33.78
C THR G 1004 1.70 37.78 33.46
N VAL G 1005 1.91 38.73 32.57
CA VAL G 1005 3.25 39.10 32.19
C VAL G 1005 3.43 40.53 32.66
N LEU G 1006 4.30 40.70 33.64
CA LEU G 1006 4.62 42.03 34.14
C LEU G 1006 5.93 42.52 33.47
N THR G 1007 6.08 43.82 33.23
CA THR G 1007 7.31 44.33 32.66
C THR G 1007 7.94 45.28 33.66
N GLN G 1008 9.25 45.32 33.64
CA GLN G 1008 10.02 46.19 34.54
C GLN G 1008 11.00 47.02 33.70
N PRO G 1009 11.03 48.34 33.91
CA PRO G 1009 11.98 49.18 33.14
C PRO G 1009 13.38 48.76 33.63
N GLU G 1010 14.04 47.95 32.80
CA GLU G 1010 15.34 47.37 33.05
C GLU G 1010 16.54 47.93 32.25
N PHE G 1011 16.27 48.59 31.14
CA PHE G 1011 17.34 49.11 30.29
C PHE G 1011 17.26 50.59 29.99
N ALA G 1012 17.86 51.42 30.82
CA ALA G 1012 17.77 52.85 30.64
C ALA G 1012 18.53 53.38 29.44
N PHE G 1013 17.84 54.01 28.51
CA PHE G 1013 18.50 54.57 27.35
C PHE G 1013 19.26 55.87 27.66
N TRP G 1014 20.51 55.92 27.21
CA TRP G 1014 21.33 57.05 27.47
C TRP G 1014 21.80 57.64 26.18
N PHE G 1015 21.48 58.91 26.01
CA PHE G 1015 21.86 59.61 24.81
C PHE G 1015 23.10 60.42 25.11
N ARG G 1016 24.06 60.41 24.20
CA ARG G 1016 25.26 61.18 24.42
C ARG G 1016 24.84 62.65 24.38
N ASP G 1017 25.22 63.43 25.40
CA ASP G 1017 24.85 64.85 25.45
C ASP G 1017 23.35 65.05 25.77
N ALA G 1018 22.85 64.28 26.73
CA ALA G 1018 21.47 64.35 27.15
C ALA G 1018 21.20 63.35 28.29
N GLY G 1019 22.15 62.44 28.48
CA GLY G 1019 22.02 61.45 29.53
C GLY G 1019 20.71 60.66 29.48
N PHE G 1020 20.02 60.58 30.59
CA PHE G 1020 18.78 59.87 30.61
C PHE G 1020 17.61 60.81 30.51
N GLY G 1021 17.96 62.08 30.36
CA GLY G 1021 17.00 63.17 30.25
C GLY G 1021 15.71 62.97 29.46
N VAL G 1022 15.77 62.25 28.34
CA VAL G 1022 14.58 62.02 27.55
C VAL G 1022 13.54 61.27 28.39
N GLU G 1023 13.99 60.45 29.34
CA GLU G 1023 13.04 59.74 30.17
C GLU G 1023 12.25 60.74 31.01
N ASN G 1024 10.94 60.56 30.96
CA ASN G 1024 9.99 61.39 31.68
C ASN G 1024 9.97 62.81 31.17
N TYR G 1025 10.23 62.99 29.89
CA TYR G 1025 10.20 64.29 29.31
C TYR G 1025 9.83 64.20 27.81
N GLY G 1026 10.55 63.38 27.07
CA GLY G 1026 10.27 63.26 25.66
C GLY G 1026 11.20 64.10 24.81
N VAL G 1027 10.81 64.28 23.55
CA VAL G 1027 11.59 65.06 22.63
C VAL G 1027 10.82 66.28 22.04
N ASP G 1028 11.40 67.46 22.23
CA ASP G 1028 10.86 68.71 21.75
C ASP G 1028 11.16 68.84 20.29
N PRO G 1029 10.17 69.24 19.50
CA PRO G 1029 10.33 69.43 18.06
C PRO G 1029 10.97 70.80 17.80
N ASP G 1030 11.66 70.95 16.68
CA ASP G 1030 12.27 72.21 16.33
C ASP G 1030 11.18 73.29 16.23
N VAL G 1031 10.05 72.92 15.62
CA VAL G 1031 8.94 73.83 15.46
C VAL G 1031 7.71 73.19 16.10
N GLU G 1032 7.17 73.82 17.11
CA GLU G 1032 6.00 73.29 17.79
C GLU G 1032 4.72 73.67 17.06
N ILE G 1033 3.92 72.67 16.71
CA ILE G 1033 2.69 72.96 16.01
C ILE G 1033 1.57 72.20 16.68
N GLU G 1034 0.86 72.88 17.56
CA GLU G 1034 -0.26 72.28 18.26
C GLU G 1034 -1.32 71.89 17.24
N TYR G 1035 -2.12 70.90 17.60
CA TYR G 1035 -3.25 70.44 16.80
C TYR G 1035 -4.41 70.68 17.76
N ALA G 1036 -4.93 71.91 17.79
CA ALA G 1036 -6.04 72.25 18.69
C ALA G 1036 -7.38 71.65 18.26
N PRO G 1037 -8.38 71.69 19.14
CA PRO G 1037 -9.72 71.16 18.85
C PRO G 1037 -10.39 71.90 17.67
N HIS G 1038 -10.15 73.21 17.56
CA HIS G 1038 -10.76 73.93 16.46
C HIS G 1038 -10.14 73.52 15.13
N ASP G 1039 -8.94 72.94 15.18
CA ASP G 1039 -8.28 72.49 13.97
C ASP G 1039 -9.06 71.28 13.47
N TYR G 1040 -9.45 70.42 14.39
CA TYR G 1040 -10.21 69.26 14.00
C TYR G 1040 -11.60 69.68 13.50
N LEU G 1041 -12.18 70.73 14.09
CA LEU G 1041 -13.50 71.20 13.68
C LEU G 1041 -13.51 71.73 12.25
N SER G 1042 -12.36 72.24 11.81
CA SER G 1042 -12.22 72.78 10.48
C SER G 1042 -11.75 71.73 9.48
N GLY G 1043 -11.55 70.51 9.97
CA GLY G 1043 -11.09 69.46 9.09
C GLY G 1043 -9.73 69.74 8.48
N LYS G 1044 -8.82 70.33 9.24
CA LYS G 1044 -7.49 70.61 8.70
C LYS G 1044 -6.37 70.05 9.58
N ASP G 1045 -5.36 69.47 8.96
CA ASP G 1045 -4.21 68.92 9.70
C ASP G 1045 -3.09 69.98 9.63
N PRO G 1046 -2.96 70.78 10.69
CA PRO G 1046 -1.94 71.83 10.73
C PRO G 1046 -0.52 71.31 10.73
N GLN G 1047 -0.30 70.13 11.30
CA GLN G 1047 1.06 69.59 11.34
C GLN G 1047 1.54 69.19 9.94
N ILE G 1048 0.68 68.53 9.18
CA ILE G 1048 1.10 68.11 7.86
C ILE G 1048 1.18 69.30 6.92
N ASP G 1049 0.30 70.28 7.09
CA ASP G 1049 0.33 71.47 6.24
C ASP G 1049 1.63 72.25 6.40
N TYR G 1050 2.06 72.38 7.65
CA TYR G 1050 3.26 73.09 7.94
C TYR G 1050 4.42 72.30 7.36
N ALA G 1051 4.35 70.98 7.51
CA ALA G 1051 5.41 70.14 6.99
C ALA G 1051 5.58 70.41 5.52
N ILE G 1052 4.47 70.40 4.78
CA ILE G 1052 4.50 70.62 3.34
C ILE G 1052 5.00 72.02 3.00
N ASP G 1053 4.37 73.02 3.61
CA ASP G 1053 4.75 74.40 3.36
C ASP G 1053 6.23 74.63 3.62
N ALA G 1054 6.72 74.12 4.74
CA ALA G 1054 8.13 74.25 5.11
C ALA G 1054 9.08 73.66 4.08
N LEU G 1055 8.77 72.46 3.58
CA LEU G 1055 9.65 71.83 2.60
C LEU G 1055 9.59 72.62 1.30
N ILE G 1056 8.40 73.06 0.93
CA ILE G 1056 8.25 73.82 -0.28
C ILE G 1056 9.17 75.02 -0.20
N GLU G 1057 9.16 75.69 0.94
CA GLU G 1057 10.02 76.86 1.13
C GLU G 1057 11.49 76.45 1.03
N GLU G 1058 11.83 75.28 1.58
CA GLU G 1058 13.22 74.81 1.53
C GLU G 1058 13.62 74.36 0.14
N LEU G 1059 12.63 74.05 -0.70
CA LEU G 1059 12.89 73.62 -2.07
C LEU G 1059 12.74 74.79 -3.06
N ARG G 1060 13.77 75.63 -3.11
CA ARG G 1060 13.81 76.76 -4.01
C ARG G 1060 15.27 77.02 -4.35
N ASN G 1061 16.00 75.93 -4.64
CA ASN G 1061 17.40 76.04 -4.99
C ASN G 1061 17.74 75.10 -6.14
N THR H 3 12.52 26.84 25.37
CA THR H 3 11.85 26.89 24.06
C THR H 3 12.81 27.40 22.96
N GLN H 4 13.25 26.47 22.09
CA GLN H 4 14.16 26.76 20.98
C GLN H 4 15.50 27.35 21.45
N LYS H 5 16.41 27.59 20.51
CA LYS H 5 17.73 28.15 20.82
C LYS H 5 17.99 29.38 19.96
N ALA H 6 16.91 29.95 19.45
CA ALA H 6 16.98 31.15 18.63
C ALA H 6 15.80 32.10 18.92
N ALA H 7 15.10 31.89 20.02
CA ALA H 7 13.99 32.76 20.41
C ALA H 7 14.57 34.09 20.91
N ALA H 8 14.95 34.95 19.96
CA ALA H 8 15.55 36.27 20.23
C ALA H 8 14.92 37.02 21.39
N GLU H 9 15.76 37.62 22.24
CA GLU H 9 15.28 38.40 23.38
C GLU H 9 15.98 39.75 23.43
N LEU H 10 15.47 40.69 22.63
CA LEU H 10 16.03 42.02 22.60
C LEU H 10 15.18 42.97 23.45
N THR H 11 15.73 44.14 23.77
CA THR H 11 15.05 45.14 24.57
C THR H 11 14.00 45.94 23.83
N PHE H 12 12.77 45.93 24.33
CA PHE H 12 11.71 46.67 23.70
C PHE H 12 11.55 48.06 24.27
N PHE H 13 11.22 49.00 23.40
CA PHE H 13 10.99 50.38 23.81
C PHE H 13 9.61 50.85 23.26
C1 0QE H 14 9.11 51.80 23.76
N MET I 39 -34.33 -57.71 -25.22
CA MET I 39 -33.04 -56.98 -24.99
C MET I 39 -31.94 -57.89 -24.40
N PRO I 40 -31.27 -58.69 -25.25
CA PRO I 40 -30.21 -59.59 -24.78
C PRO I 40 -28.92 -58.88 -24.40
N ASN I 41 -28.12 -59.52 -23.57
CA ASN I 41 -26.88 -58.92 -23.12
C ASN I 41 -25.69 -59.46 -23.88
N LEU I 42 -24.58 -58.74 -23.79
CA LEU I 42 -23.36 -59.16 -24.44
C LEU I 42 -22.64 -60.06 -23.43
N LEU I 43 -22.35 -61.29 -23.81
CA LEU I 43 -21.70 -62.19 -22.87
C LEU I 43 -20.29 -62.46 -23.38
N LEU I 44 -19.34 -62.51 -22.45
CA LEU I 44 -17.99 -62.78 -22.86
C LEU I 44 -17.12 -63.38 -21.80
N ASN I 45 -15.85 -63.61 -22.19
CA ASN I 45 -14.78 -64.17 -21.35
C ASN I 45 -15.24 -65.26 -20.38
N PRO I 46 -15.69 -66.38 -20.91
CA PRO I 46 -16.15 -67.44 -20.02
C PRO I 46 -15.10 -68.43 -19.52
N ASP I 47 -15.56 -69.26 -18.58
CA ASP I 47 -14.78 -70.32 -18.00
C ASP I 47 -15.81 -71.36 -17.56
N ILE I 48 -15.38 -72.61 -17.53
CA ILE I 48 -16.27 -73.72 -17.20
C ILE I 48 -15.66 -74.69 -16.21
N HIS I 49 -16.55 -75.34 -15.48
CA HIS I 49 -16.23 -76.36 -14.50
C HIS I 49 -17.44 -77.23 -14.27
N GLY I 50 -17.48 -78.38 -14.94
CA GLY I 50 -18.60 -79.30 -14.82
C GLY I 50 -19.77 -78.77 -15.59
N ASP I 51 -20.87 -78.52 -14.87
CA ASP I 51 -22.08 -77.97 -15.48
C ASP I 51 -22.21 -76.51 -15.16
N ARG I 52 -21.27 -75.97 -14.40
CA ARG I 52 -21.32 -74.57 -14.06
C ARG I 52 -20.40 -73.81 -14.99
N ILE I 53 -20.90 -72.68 -15.45
CA ILE I 53 -20.16 -71.82 -16.34
C ILE I 53 -20.23 -70.37 -15.92
N ILE I 54 -19.08 -69.77 -15.63
CA ILE I 54 -19.05 -68.36 -15.26
C ILE I 54 -18.65 -67.51 -16.46
N PHE I 55 -19.29 -66.35 -16.57
CA PHE I 55 -19.00 -65.47 -17.69
C PHE I 55 -19.18 -64.03 -17.24
N VAL I 56 -18.79 -63.08 -18.08
CA VAL I 56 -18.96 -61.67 -17.73
C VAL I 56 -20.17 -61.01 -18.43
N CYS I 57 -20.92 -60.21 -17.69
CA CYS I 57 -22.05 -59.49 -18.28
C CYS I 57 -22.22 -58.17 -17.52
N CYS I 58 -22.15 -57.05 -18.22
CA CYS I 58 -22.29 -55.75 -17.57
C CYS I 58 -21.23 -55.55 -16.52
N ASP I 59 -19.98 -55.88 -16.88
CA ASP I 59 -18.77 -55.75 -16.03
C ASP I 59 -18.81 -56.58 -14.76
N ASP I 60 -19.94 -57.27 -14.56
CA ASP I 60 -20.14 -58.13 -13.41
C ASP I 60 -20.02 -59.62 -13.76
N LEU I 61 -19.65 -60.43 -12.77
CA LEU I 61 -19.47 -61.87 -12.97
C LEU I 61 -20.71 -62.70 -12.72
N TRP I 62 -21.03 -63.52 -13.69
CA TRP I 62 -22.18 -64.39 -13.58
C TRP I 62 -21.85 -65.87 -13.65
N GLU I 63 -22.71 -66.68 -13.03
CA GLU I 63 -22.54 -68.12 -13.09
C GLU I 63 -23.81 -68.73 -13.67
N HIS I 64 -23.63 -69.68 -14.57
CA HIS I 64 -24.75 -70.35 -15.18
C HIS I 64 -24.65 -71.86 -15.03
N ASP I 65 -25.76 -72.48 -14.64
CA ASP I 65 -25.85 -73.93 -14.45
C ASP I 65 -26.57 -74.62 -15.61
N LEU I 66 -25.80 -75.36 -16.39
CA LEU I 66 -26.31 -76.12 -17.53
C LEU I 66 -27.43 -77.07 -17.11
N LYS I 67 -27.27 -77.69 -15.97
CA LYS I 67 -28.28 -78.60 -15.51
C LYS I 67 -29.67 -77.96 -15.36
N SER I 68 -29.79 -76.88 -14.58
CA SER I 68 -31.07 -76.22 -14.36
C SER I 68 -31.38 -75.05 -15.27
N GLY I 69 -30.38 -74.52 -15.96
CA GLY I 69 -30.61 -73.37 -16.82
C GLY I 69 -30.69 -72.06 -16.06
N SER I 70 -30.37 -72.09 -14.76
CA SER I 70 -30.42 -70.89 -13.92
C SER I 70 -29.15 -70.05 -14.07
N THR I 71 -29.33 -68.74 -14.00
CA THR I 71 -28.22 -67.83 -14.13
C THR I 71 -28.29 -66.81 -12.99
N ARG I 72 -27.14 -66.52 -12.39
CA ARG I 72 -27.12 -65.53 -11.31
C ARG I 72 -25.84 -64.72 -11.23
N LYS I 73 -25.94 -63.51 -10.71
CA LYS I 73 -24.79 -62.68 -10.55
C LYS I 73 -24.15 -63.07 -9.22
N ILE I 74 -22.90 -63.52 -9.26
CA ILE I 74 -22.20 -63.95 -8.04
C ILE I 74 -21.19 -62.95 -7.49
N VAL I 75 -20.92 -61.88 -8.22
CA VAL I 75 -19.99 -60.88 -7.75
C VAL I 75 -20.10 -59.61 -8.59
N SER I 76 -20.26 -58.46 -7.93
CA SER I 76 -20.42 -57.20 -8.62
C SER I 76 -19.95 -55.99 -7.83
N ASN I 77 -20.04 -54.82 -8.45
CA ASN I 77 -19.66 -53.57 -7.81
C ASN I 77 -18.18 -53.55 -7.42
N LEU I 78 -17.36 -54.32 -8.12
CA LEU I 78 -15.92 -54.34 -7.82
C LEU I 78 -15.19 -53.44 -8.81
N GLY I 79 -15.84 -53.22 -9.95
CA GLY I 79 -15.25 -52.45 -11.02
C GLY I 79 -15.45 -53.31 -12.25
N VAL I 80 -14.70 -53.05 -13.31
CA VAL I 80 -14.88 -53.87 -14.49
C VAL I 80 -14.02 -55.14 -14.45
N ILE I 81 -14.71 -56.26 -14.60
CA ILE I 81 -14.10 -57.57 -14.53
C ILE I 81 -14.02 -58.03 -15.94
N ASN I 82 -12.84 -58.48 -16.37
CA ASN I 82 -12.66 -58.96 -17.75
C ASN I 82 -12.21 -60.41 -17.78
N ASN I 83 -11.94 -61.01 -16.64
CA ASN I 83 -11.48 -62.37 -16.66
C ASN I 83 -11.76 -63.01 -15.34
N ALA I 84 -12.15 -64.27 -15.39
CA ALA I 84 -12.45 -65.00 -14.18
C ALA I 84 -12.04 -66.45 -14.46
N ARG I 85 -11.37 -67.04 -13.47
CA ARG I 85 -10.88 -68.38 -13.60
C ARG I 85 -11.16 -69.24 -12.41
N PHE I 86 -11.78 -70.39 -12.69
CA PHE I 86 -12.09 -71.39 -11.67
C PHE I 86 -10.79 -72.00 -11.12
N PHE I 87 -10.76 -72.23 -9.82
CA PHE I 87 -9.63 -72.93 -9.23
C PHE I 87 -9.85 -74.43 -9.50
N PRO I 88 -8.84 -75.27 -9.28
CA PRO I 88 -8.96 -76.71 -9.52
C PRO I 88 -10.25 -77.27 -8.92
N ASP I 89 -10.43 -77.14 -7.60
CA ASP I 89 -11.62 -77.66 -6.96
C ASP I 89 -12.94 -77.12 -7.49
N GLY I 90 -12.90 -76.02 -8.22
CA GLY I 90 -14.12 -75.45 -8.73
C GLY I 90 -14.93 -74.74 -7.63
N ARG I 91 -14.25 -74.32 -6.58
CA ARG I 91 -14.90 -73.64 -5.47
C ARG I 91 -14.54 -72.14 -5.49
N LYS I 92 -13.25 -71.84 -5.40
CA LYS I 92 -12.72 -70.49 -5.42
C LYS I 92 -12.58 -70.06 -6.87
N ILE I 93 -12.56 -68.75 -7.08
CA ILE I 93 -12.43 -68.20 -8.40
C ILE I 93 -11.51 -66.99 -8.39
N ALA I 94 -10.47 -67.01 -9.20
CA ALA I 94 -9.56 -65.89 -9.30
C ALA I 94 -10.21 -64.93 -10.29
N ILE I 95 -10.20 -63.65 -9.96
CA ILE I 95 -10.82 -62.61 -10.78
C ILE I 95 -9.89 -61.42 -11.06
N ARG I 96 -9.92 -60.94 -12.29
CA ARG I 96 -9.11 -59.78 -12.62
C ARG I 96 -10.07 -58.60 -12.78
N VAL I 97 -9.85 -57.54 -12.03
CA VAL I 97 -10.74 -56.40 -12.12
C VAL I 97 -9.98 -55.11 -12.33
N MET I 98 -10.51 -54.31 -13.22
CA MET I 98 -9.95 -53.03 -13.55
C MET I 98 -10.69 -51.86 -12.85
N ARG I 99 -9.93 -50.78 -12.57
CA ARG I 99 -10.43 -49.56 -11.93
C ARG I 99 -9.75 -48.31 -12.54
N GLY I 100 -10.31 -47.13 -12.23
CA GLY I 100 -9.82 -45.87 -12.80
C GLY I 100 -10.75 -45.55 -13.97
N SER I 101 -11.26 -44.34 -14.09
CA SER I 101 -12.22 -43.99 -15.17
C SER I 101 -11.93 -44.61 -16.50
N SER I 102 -10.64 -44.74 -16.81
CA SER I 102 -10.16 -45.34 -18.05
C SER I 102 -9.60 -46.75 -17.90
N LEU I 103 -9.91 -47.41 -16.79
CA LEU I 103 -9.42 -48.77 -16.53
C LEU I 103 -7.92 -48.83 -16.70
N ASN I 104 -7.25 -47.78 -16.22
CA ASN I 104 -5.80 -47.63 -16.27
C ASN I 104 -5.10 -48.50 -15.20
N THR I 105 -5.86 -49.02 -14.23
CA THR I 105 -5.27 -49.87 -13.19
C THR I 105 -6.02 -51.21 -13.01
N ALA I 106 -5.34 -52.18 -12.40
CA ALA I 106 -5.97 -53.47 -12.21
C ALA I 106 -5.31 -54.29 -11.10
N ASP I 107 -6.12 -55.17 -10.51
CA ASP I 107 -5.63 -56.10 -9.48
C ASP I 107 -6.54 -57.31 -9.41
N LEU I 108 -6.06 -58.33 -8.71
CA LEU I 108 -6.75 -59.57 -8.61
C LEU I 108 -7.46 -59.83 -7.29
N TYR I 109 -8.62 -60.48 -7.40
CA TYR I 109 -9.45 -60.83 -6.25
C TYR I 109 -9.74 -62.33 -6.28
N PHE I 110 -10.14 -62.83 -5.11
CA PHE I 110 -10.51 -64.22 -4.91
C PHE I 110 -11.95 -64.20 -4.51
N TYR I 111 -12.66 -65.22 -4.96
CA TYR I 111 -14.05 -65.39 -4.63
C TYR I 111 -14.24 -66.82 -4.17
N ASN I 112 -14.84 -66.98 -3.00
CA ASN I 112 -15.09 -68.29 -2.44
C ASN I 112 -16.58 -68.57 -2.55
N GLY I 113 -16.97 -69.33 -3.57
CA GLY I 113 -18.38 -69.64 -3.78
C GLY I 113 -19.08 -70.29 -2.60
N GLU I 114 -18.29 -70.84 -1.68
CA GLU I 114 -18.83 -71.51 -0.54
C GLU I 114 -19.49 -70.54 0.42
N ASN I 115 -18.75 -69.54 0.87
CA ASN I 115 -19.33 -68.56 1.79
C ASN I 115 -19.69 -67.23 1.10
N GLY I 116 -19.21 -67.06 -0.14
CA GLY I 116 -19.49 -65.84 -0.87
C GLY I 116 -18.54 -64.73 -0.47
N GLU I 117 -17.38 -65.13 0.00
CA GLU I 117 -16.40 -64.18 0.42
C GLU I 117 -15.58 -63.65 -0.74
N ILE I 118 -15.30 -62.34 -0.69
CA ILE I 118 -14.49 -61.67 -1.72
C ILE I 118 -13.27 -61.18 -1.01
N LYS I 119 -12.17 -61.03 -1.75
CA LYS I 119 -10.91 -60.61 -1.15
C LYS I 119 -9.86 -60.24 -2.18
N ARG I 120 -9.30 -59.03 -2.05
CA ARG I 120 -8.26 -58.54 -2.92
C ARG I 120 -6.97 -59.32 -2.60
N ILE I 121 -6.32 -59.85 -3.64
CA ILE I 121 -5.11 -60.63 -3.52
C ILE I 121 -3.85 -59.87 -3.86
N THR I 122 -3.89 -59.02 -4.88
CA THR I 122 -2.69 -58.24 -5.30
C THR I 122 -2.83 -56.71 -5.14
N TYR I 123 -1.79 -56.10 -4.60
CA TYR I 123 -1.83 -54.66 -4.43
C TYR I 123 -0.70 -54.08 -5.26
N PHE I 124 -0.64 -54.52 -6.51
CA PHE I 124 0.43 -54.11 -7.44
C PHE I 124 -0.03 -52.94 -8.28
N SER I 125 -1.36 -52.80 -8.38
CA SER I 125 -1.98 -51.73 -9.17
C SER I 125 -1.37 -51.77 -10.58
N GLY I 126 -1.26 -52.97 -11.16
CA GLY I 126 -0.66 -53.13 -12.48
C GLY I 126 -1.18 -52.20 -13.56
N LYS I 127 -0.28 -51.73 -14.43
CA LYS I 127 -0.67 -50.86 -15.54
C LYS I 127 -1.30 -51.69 -16.66
N SER I 128 -2.44 -51.25 -17.17
CA SER I 128 -3.09 -51.97 -18.24
C SER I 128 -3.73 -51.04 -19.27
N THR I 129 -3.93 -51.58 -20.46
CA THR I 129 -4.55 -50.86 -21.57
C THR I 129 -5.40 -51.90 -22.27
N GLY I 130 -6.37 -51.45 -23.06
CA GLY I 130 -7.23 -52.38 -23.77
C GLY I 130 -6.47 -53.51 -24.46
N ARG I 131 -5.51 -53.14 -25.30
CA ARG I 131 -4.71 -54.11 -26.04
C ARG I 131 -3.83 -54.97 -25.12
N ARG I 132 -3.30 -54.36 -24.06
CA ARG I 132 -2.45 -55.07 -23.12
C ARG I 132 -3.00 -55.05 -21.70
N MET I 133 -3.95 -55.93 -21.45
CA MET I 133 -4.58 -56.04 -20.13
C MET I 133 -3.77 -56.98 -19.22
N PHE I 134 -2.60 -56.50 -18.80
CA PHE I 134 -1.67 -57.25 -17.96
C PHE I 134 -2.05 -57.45 -16.48
N THR I 135 -1.27 -58.28 -15.80
CA THR I 135 -1.53 -58.65 -14.42
C THR I 135 -2.83 -59.45 -14.41
N ASP I 136 -2.71 -60.75 -14.71
CA ASP I 136 -3.85 -61.66 -14.80
C ASP I 136 -3.54 -63.06 -14.27
N VAL I 137 -4.53 -63.95 -14.39
CA VAL I 137 -4.33 -65.32 -13.96
C VAL I 137 -3.54 -66.01 -15.06
N ALA I 138 -2.46 -66.73 -14.72
CA ALA I 138 -1.67 -67.40 -15.76
C ALA I 138 -2.08 -68.88 -15.93
N GLY I 139 -2.48 -69.47 -14.81
CA GLY I 139 -2.93 -70.85 -14.77
C GLY I 139 -2.86 -71.33 -13.33
N PHE I 140 -2.90 -72.64 -13.14
CA PHE I 140 -2.81 -73.21 -11.80
C PHE I 140 -1.85 -74.36 -11.87
N ASP I 141 -1.09 -74.51 -10.80
CA ASP I 141 -0.10 -75.57 -10.72
C ASP I 141 -0.79 -76.88 -10.30
N PRO I 142 -0.06 -78.02 -10.40
CA PRO I 142 -0.66 -79.31 -10.02
C PRO I 142 -1.32 -79.27 -8.66
N ASP I 143 -0.60 -78.75 -7.69
CA ASP I 143 -1.08 -78.62 -6.31
C ASP I 143 -2.32 -77.72 -6.11
N GLY I 144 -2.83 -77.15 -7.20
CA GLY I 144 -4.00 -76.31 -7.08
C GLY I 144 -3.70 -74.87 -6.78
N ASN I 145 -2.42 -74.49 -6.79
CA ASN I 145 -2.03 -73.11 -6.50
C ASN I 145 -2.12 -72.19 -7.71
N LEU I 146 -2.55 -70.96 -7.46
CA LEU I 146 -2.71 -69.97 -8.51
C LEU I 146 -1.40 -69.36 -8.93
N ILE I 147 -1.19 -69.30 -10.24
CA ILE I 147 0.00 -68.71 -10.82
C ILE I 147 -0.44 -67.51 -11.62
N ILE I 148 0.15 -66.36 -11.30
CA ILE I 148 -0.20 -65.14 -12.01
C ILE I 148 0.92 -64.60 -12.86
N SER I 149 0.52 -63.82 -13.85
CA SER I 149 1.44 -63.16 -14.75
C SER I 149 1.33 -61.66 -14.45
N THR I 150 2.47 -61.03 -14.17
CA THR I 150 2.46 -59.59 -13.92
C THR I 150 3.83 -58.92 -14.15
N ASP I 151 3.77 -57.69 -14.62
CA ASP I 151 4.93 -56.88 -14.88
C ASP I 151 5.08 -55.86 -13.76
N ALA I 152 4.20 -55.95 -12.75
CA ALA I 152 4.21 -55.00 -11.63
C ALA I 152 5.58 -54.79 -10.98
N MET I 153 6.43 -55.82 -10.91
CA MET I 153 7.73 -55.65 -10.30
C MET I 153 8.85 -55.64 -11.34
N GLN I 154 8.50 -55.42 -12.60
CA GLN I 154 9.47 -55.42 -13.66
C GLN I 154 9.67 -54.05 -14.25
N PRO I 155 10.83 -53.82 -14.83
CA PRO I 155 11.09 -52.52 -15.43
C PRO I 155 10.32 -52.29 -16.71
N PHE I 156 9.84 -53.35 -17.34
CA PHE I 156 9.10 -53.21 -18.60
C PHE I 156 7.72 -53.84 -18.54
N SER I 157 6.74 -53.17 -19.14
CA SER I 157 5.36 -53.71 -19.09
C SER I 157 5.21 -55.07 -19.82
N SER I 158 5.96 -55.29 -20.89
CA SER I 158 5.93 -56.59 -21.59
C SER I 158 6.61 -57.72 -20.76
N MET I 159 7.37 -57.37 -19.74
CA MET I 159 7.99 -58.40 -18.93
C MET I 159 7.00 -58.99 -17.94
N THR I 160 5.88 -59.51 -18.44
CA THR I 160 4.89 -60.12 -17.57
C THR I 160 5.36 -61.50 -17.08
N CYS I 161 6.18 -61.48 -16.03
CA CYS I 161 6.75 -62.68 -15.45
C CYS I 161 5.79 -63.49 -14.60
N LEU I 162 6.03 -64.81 -14.51
CA LEU I 162 5.16 -65.70 -13.75
C LEU I 162 5.47 -65.79 -12.24
N TYR I 163 4.42 -65.67 -11.42
CA TYR I 163 4.57 -65.76 -9.99
C TYR I 163 3.58 -66.74 -9.38
N ARG I 164 4.02 -67.48 -8.36
CA ARG I 164 3.10 -68.38 -7.67
C ARG I 164 2.54 -67.60 -6.47
N VAL I 165 1.22 -67.47 -6.41
CA VAL I 165 0.60 -66.76 -5.31
C VAL I 165 0.61 -67.57 -4.03
N GLU I 166 0.89 -66.96 -2.89
CA GLU I 166 0.90 -67.67 -1.62
C GLU I 166 0.19 -66.92 -0.50
N ASN I 167 -0.42 -67.66 0.43
CA ASN I 167 -1.12 -67.10 1.58
C ASN I 167 -2.03 -65.98 1.17
N ASP I 168 -2.60 -66.12 -0.02
CA ASP I 168 -3.54 -65.13 -0.55
C ASP I 168 -2.94 -63.75 -0.76
N GLY I 169 -1.73 -63.69 -1.33
CA GLY I 169 -1.09 -62.42 -1.57
C GLY I 169 -0.05 -61.99 -0.56
N ILE I 170 0.16 -62.80 0.47
CA ILE I 170 1.15 -62.47 1.49
C ILE I 170 2.53 -62.56 0.89
N ASN I 171 2.70 -63.52 -0.01
CA ASN I 171 3.98 -63.79 -0.62
C ASN I 171 3.81 -64.22 -2.08
N PHE I 172 4.80 -63.88 -2.91
CA PHE I 172 4.81 -64.26 -4.33
C PHE I 172 6.08 -64.97 -4.70
N VAL I 173 5.99 -66.15 -5.28
CA VAL I 173 7.22 -66.86 -5.62
C VAL I 173 7.39 -66.89 -7.13
N PRO I 174 8.49 -66.31 -7.61
CA PRO I 174 8.78 -66.26 -9.05
C PRO I 174 9.11 -67.59 -9.66
N LEU I 175 8.63 -67.85 -10.87
CA LEU I 175 8.89 -69.10 -11.52
C LEU I 175 10.11 -68.99 -12.40
N ASN I 176 10.54 -67.76 -12.70
CA ASN I 176 11.73 -67.53 -13.55
C ASN I 176 11.68 -68.25 -14.88
N LEU I 177 10.57 -68.10 -15.60
CA LEU I 177 10.41 -68.75 -16.87
C LEU I 177 10.38 -67.67 -17.95
N GLY I 178 10.68 -66.44 -17.53
CA GLY I 178 10.63 -65.33 -18.45
C GLY I 178 9.20 -64.84 -18.66
N PRO I 179 8.98 -63.86 -19.53
CA PRO I 179 7.62 -63.34 -19.80
C PRO I 179 6.65 -64.36 -20.33
N ALA I 180 5.45 -64.39 -19.76
CA ALA I 180 4.47 -65.38 -20.20
C ALA I 180 3.01 -64.98 -19.93
N THR I 181 2.12 -65.41 -20.79
CA THR I 181 0.74 -65.08 -20.62
C THR I 181 -0.01 -66.27 -20.00
N HIS I 182 0.24 -67.48 -20.50
CA HIS I 182 -0.41 -68.66 -19.95
C HIS I 182 0.59 -69.73 -19.54
N ILE I 183 0.21 -70.48 -18.51
CA ILE I 183 1.01 -71.61 -18.07
C ILE I 183 0.07 -72.81 -17.84
N LEU I 184 0.38 -73.93 -18.50
CA LEU I 184 -0.42 -75.16 -18.41
C LEU I 184 0.47 -76.31 -17.95
N PHE I 185 -0.13 -77.39 -17.49
CA PHE I 185 0.64 -78.54 -17.06
C PHE I 185 0.13 -79.85 -17.68
N ALA I 186 1.01 -80.51 -18.41
CA ALA I 186 0.66 -81.76 -19.05
C ALA I 186 1.70 -82.80 -18.68
N ASP I 187 1.25 -83.86 -18.04
CA ASP I 187 2.14 -84.96 -17.64
C ASP I 187 3.43 -84.47 -16.95
N GLY I 188 3.25 -83.62 -15.94
CA GLY I 188 4.39 -83.10 -15.21
C GLY I 188 5.24 -82.15 -16.05
N ARG I 189 4.76 -81.80 -17.23
CA ARG I 189 5.53 -80.90 -18.06
C ARG I 189 4.90 -79.50 -18.10
N ARG I 190 5.74 -78.48 -17.99
CA ARG I 190 5.24 -77.10 -18.02
C ARG I 190 5.02 -76.65 -19.44
N VAL I 191 3.84 -76.11 -19.73
CA VAL I 191 3.55 -75.62 -21.07
C VAL I 191 3.48 -74.08 -20.92
N ILE I 192 4.34 -73.35 -21.65
CA ILE I 192 4.39 -71.89 -21.60
C ILE I 192 3.76 -71.21 -22.81
N GLY I 193 2.87 -70.25 -22.56
CA GLY I 193 2.24 -69.51 -23.63
C GLY I 193 2.73 -68.07 -23.60
N ARG I 194 3.52 -67.69 -24.59
CA ARG I 194 4.05 -66.34 -24.69
C ARG I 194 3.22 -65.41 -25.60
N ASN I 195 2.81 -64.26 -25.07
CA ASN I 195 2.03 -63.28 -25.80
C ASN I 195 0.78 -63.96 -26.37
N THR I 196 0.24 -64.92 -25.62
CA THR I 196 -0.90 -65.65 -26.12
C THR I 196 -2.24 -65.06 -25.78
N PHE I 197 -2.27 -63.78 -25.47
CA PHE I 197 -3.55 -63.14 -25.16
C PHE I 197 -4.23 -62.84 -26.49
N GLU I 198 -5.49 -62.44 -26.45
CA GLU I 198 -6.24 -62.13 -27.66
C GLU I 198 -5.82 -60.77 -28.22
N LEU I 199 -5.91 -60.64 -29.52
CA LEU I 199 -5.59 -59.39 -30.19
C LEU I 199 -6.74 -59.02 -31.15
N PRO I 200 -7.91 -58.66 -30.61
CA PRO I 200 -9.06 -58.29 -31.45
C PRO I 200 -8.85 -57.07 -32.31
N HIS I 201 -7.92 -56.21 -31.90
CA HIS I 201 -7.69 -54.99 -32.67
C HIS I 201 -6.81 -55.21 -33.88
N TRP I 202 -6.20 -56.37 -34.01
CA TRP I 202 -5.31 -56.62 -35.17
C TRP I 202 -5.49 -58.02 -35.70
N LYS I 203 -6.49 -58.20 -36.54
CA LYS I 203 -6.74 -59.53 -37.09
C LYS I 203 -5.69 -59.86 -38.16
N GLY I 204 -5.32 -61.14 -38.23
CA GLY I 204 -4.34 -61.55 -39.19
C GLY I 204 -2.93 -61.09 -38.87
N TYR I 205 -2.70 -60.74 -37.62
CA TYR I 205 -1.37 -60.28 -37.18
C TYR I 205 -0.31 -61.39 -37.39
N ARG I 206 0.83 -61.06 -38.01
CA ARG I 206 1.91 -62.02 -38.27
C ARG I 206 3.28 -61.48 -37.87
N GLY I 207 3.29 -60.49 -36.97
CA GLY I 207 4.55 -59.91 -36.49
C GLY I 207 5.34 -60.74 -35.50
N GLY I 208 6.51 -60.22 -35.13
CA GLY I 208 7.40 -60.92 -34.22
C GLY I 208 6.89 -61.21 -32.82
N THR I 209 5.82 -60.52 -32.39
CA THR I 209 5.25 -60.66 -31.04
C THR I 209 4.04 -61.60 -31.02
N ARG I 210 3.83 -62.31 -32.12
CA ARG I 210 2.71 -63.22 -32.22
C ARG I 210 2.81 -64.32 -31.19
N GLY I 211 1.65 -64.67 -30.60
CA GLY I 211 1.59 -65.74 -29.61
C GLY I 211 2.29 -67.03 -30.07
N LYS I 212 3.09 -67.63 -29.21
CA LYS I 212 3.82 -68.84 -29.50
C LYS I 212 3.71 -69.74 -28.29
N ILE I 213 3.92 -71.05 -28.46
CA ILE I 213 3.86 -71.94 -27.31
C ILE I 213 5.14 -72.74 -27.16
N TRP I 214 5.57 -72.91 -25.91
CA TRP I 214 6.76 -73.70 -25.58
C TRP I 214 6.37 -74.81 -24.61
N ILE I 215 7.13 -75.88 -24.63
CA ILE I 215 6.85 -76.97 -23.72
C ILE I 215 8.15 -77.49 -23.14
N GLU I 216 8.08 -77.94 -21.90
CA GLU I 216 9.24 -78.49 -21.21
C GLU I 216 9.43 -79.93 -21.73
N VAL I 217 10.68 -80.32 -21.89
CA VAL I 217 11.02 -81.67 -22.37
C VAL I 217 11.94 -82.39 -21.41
N ASN I 218 12.58 -81.61 -20.54
CA ASN I 218 13.49 -82.17 -19.56
C ASN I 218 13.65 -81.28 -18.31
N SER I 219 12.74 -81.51 -17.34
CA SER I 219 12.65 -80.78 -16.03
C SER I 219 13.52 -79.50 -15.92
N GLY I 220 13.44 -78.71 -16.99
CA GLY I 220 14.19 -77.48 -17.10
C GLY I 220 14.43 -77.22 -18.57
N ALA I 221 14.49 -78.23 -19.42
CA ALA I 221 14.72 -77.96 -20.83
C ALA I 221 13.43 -77.58 -21.59
N PHE I 222 13.44 -76.44 -22.31
CA PHE I 222 12.26 -76.00 -23.07
C PHE I 222 12.41 -75.95 -24.58
N LYS I 223 11.33 -76.24 -25.28
CA LYS I 223 11.36 -76.26 -26.72
C LYS I 223 10.10 -75.63 -27.27
N LYS I 224 10.26 -74.75 -28.23
CA LYS I 224 9.10 -74.10 -28.84
C LYS I 224 8.35 -75.10 -29.73
N ILE I 225 7.04 -75.29 -29.50
CA ILE I 225 6.26 -76.26 -30.25
C ILE I 225 5.12 -75.73 -31.09
N VAL I 226 4.76 -74.47 -30.91
CA VAL I 226 3.70 -73.92 -31.73
C VAL I 226 4.13 -72.51 -32.07
N ASP I 227 4.50 -72.34 -33.32
CA ASP I 227 4.98 -71.09 -33.81
C ASP I 227 4.54 -71.00 -35.26
N MET I 228 3.27 -70.65 -35.44
CA MET I 228 2.70 -70.52 -36.76
C MET I 228 2.96 -69.16 -37.33
N SER I 229 2.52 -69.01 -38.56
CA SER I 229 2.65 -67.78 -39.31
C SER I 229 1.91 -66.68 -38.58
N THR I 230 0.70 -67.01 -38.12
CA THR I 230 -0.12 -66.05 -37.38
C THR I 230 -0.09 -66.21 -35.86
N HIS I 231 -0.76 -65.27 -35.24
CA HIS I 231 -0.91 -65.20 -33.81
C HIS I 231 -1.79 -66.31 -33.19
N VAL I 232 -1.28 -66.95 -32.14
CA VAL I 232 -2.00 -68.00 -31.46
C VAL I 232 -2.44 -67.50 -30.10
N SER I 233 -3.71 -67.69 -29.73
CA SER I 233 -4.19 -67.20 -28.43
C SER I 233 -5.02 -68.19 -27.65
N SER I 234 -5.29 -67.86 -26.39
CA SER I 234 -6.13 -68.69 -25.52
C SER I 234 -5.86 -70.18 -25.60
N PRO I 235 -4.66 -70.61 -25.20
CA PRO I 235 -4.33 -72.04 -25.26
C PRO I 235 -4.93 -72.80 -24.07
N VAL I 236 -5.33 -74.04 -24.33
CA VAL I 236 -5.90 -74.94 -23.32
C VAL I 236 -5.52 -76.35 -23.69
N ILE I 237 -5.64 -77.24 -22.71
CA ILE I 237 -5.29 -78.64 -22.89
C ILE I 237 -6.40 -79.62 -22.55
N VAL I 238 -6.85 -80.38 -23.53
CA VAL I 238 -7.88 -81.38 -23.22
C VAL I 238 -7.30 -82.70 -23.70
N GLY I 239 -7.01 -83.56 -22.73
CA GLY I 239 -6.46 -84.85 -23.02
C GLY I 239 -5.00 -84.63 -23.24
N HIS I 240 -4.52 -84.98 -24.41
CA HIS I 240 -3.12 -84.78 -24.68
C HIS I 240 -2.93 -83.89 -25.89
N ARG I 241 -3.85 -82.94 -26.02
CA ARG I 241 -3.80 -81.98 -27.11
C ARG I 241 -3.96 -80.60 -26.56
N ILE I 242 -3.29 -79.67 -27.21
CA ILE I 242 -3.37 -78.26 -26.88
C ILE I 242 -4.32 -77.61 -27.89
N TYR I 243 -5.36 -76.95 -27.40
CA TYR I 243 -6.30 -76.27 -28.27
C TYR I 243 -6.06 -74.78 -28.16
N PHE I 244 -6.05 -74.09 -29.29
CA PHE I 244 -5.84 -72.67 -29.29
C PHE I 244 -6.59 -72.05 -30.46
N ILE I 245 -6.55 -70.73 -30.54
CA ILE I 245 -7.22 -70.03 -31.58
C ILE I 245 -6.23 -69.35 -32.51
N THR I 246 -6.60 -69.30 -33.79
CA THR I 246 -5.79 -68.61 -34.77
C THR I 246 -6.57 -68.33 -36.06
N ASP I 247 -6.07 -67.38 -36.85
CA ASP I 247 -6.71 -67.03 -38.09
C ASP I 247 -5.76 -67.21 -39.24
N ILE I 248 -4.99 -68.29 -39.17
CA ILE I 248 -4.05 -68.64 -40.22
C ILE I 248 -4.81 -68.79 -41.56
N ASP I 249 -6.08 -69.17 -41.52
CA ASP I 249 -6.89 -69.35 -42.72
C ASP I 249 -7.72 -68.14 -43.19
N GLY I 250 -7.68 -67.05 -42.43
CA GLY I 250 -8.42 -65.86 -42.81
C GLY I 250 -9.45 -65.43 -41.79
N PHE I 251 -9.74 -66.32 -40.87
CA PHE I 251 -10.75 -66.04 -39.86
C PHE I 251 -10.40 -66.85 -38.62
N GLY I 252 -10.90 -66.40 -37.47
CA GLY I 252 -10.62 -67.08 -36.23
C GLY I 252 -11.30 -68.42 -36.17
N GLN I 253 -10.52 -69.44 -35.81
CA GLN I 253 -11.02 -70.79 -35.69
C GLN I 253 -10.24 -71.46 -34.56
N ILE I 254 -10.78 -72.55 -34.04
CA ILE I 254 -10.12 -73.29 -32.98
C ILE I 254 -9.33 -74.43 -33.64
N TYR I 255 -8.13 -74.63 -33.14
CA TYR I 255 -7.25 -75.65 -33.69
C TYR I 255 -6.65 -76.40 -32.52
N SER I 256 -5.84 -77.43 -32.80
CA SER I 256 -5.21 -78.17 -31.75
C SER I 256 -4.08 -78.97 -32.33
N THR I 257 -3.14 -79.36 -31.47
CA THR I 257 -1.99 -80.17 -31.90
C THR I 257 -1.63 -81.02 -30.72
N ASP I 258 -0.79 -82.03 -30.92
CA ASP I 258 -0.37 -82.85 -29.79
C ASP I 258 0.64 -82.03 -28.96
N LEU I 259 1.13 -82.59 -27.88
CA LEU I 259 2.10 -81.88 -27.06
C LEU I 259 3.48 -81.69 -27.72
N ASP I 260 3.54 -81.88 -29.04
CA ASP I 260 4.78 -81.68 -29.78
C ASP I 260 4.53 -80.67 -30.86
N GLY I 261 3.32 -80.18 -30.95
CA GLY I 261 3.00 -79.18 -31.94
C GLY I 261 2.75 -79.84 -33.26
N LYS I 262 2.78 -81.17 -33.30
CA LYS I 262 2.52 -81.92 -34.52
C LYS I 262 1.03 -82.24 -34.66
N ASP I 263 0.62 -82.70 -35.86
CA ASP I 263 -0.76 -83.11 -36.11
C ASP I 263 -1.79 -81.98 -35.94
N LEU I 264 -1.64 -80.92 -36.72
CA LEU I 264 -2.55 -79.80 -36.65
C LEU I 264 -3.95 -80.20 -37.13
N ARG I 265 -4.97 -79.61 -36.52
CA ARG I 265 -6.36 -79.88 -36.86
C ARG I 265 -7.23 -78.65 -36.64
N LYS I 266 -8.16 -78.46 -37.56
CA LYS I 266 -9.10 -77.35 -37.53
C LYS I 266 -10.40 -77.93 -37.03
N HIS I 267 -10.95 -77.41 -35.95
CA HIS I 267 -12.21 -77.94 -35.42
C HIS I 267 -13.46 -77.10 -35.63
N THR I 268 -13.31 -75.88 -36.13
CA THR I 268 -14.46 -75.01 -36.31
C THR I 268 -14.39 -74.28 -37.64
N SER I 269 -15.54 -73.85 -38.13
CA SER I 269 -15.60 -73.12 -39.38
C SER I 269 -16.43 -71.83 -39.29
N PHE I 270 -16.25 -71.10 -38.21
CA PHE I 270 -16.99 -69.88 -37.99
C PHE I 270 -16.85 -68.93 -39.15
N THR I 271 -17.83 -68.04 -39.31
CA THR I 271 -17.74 -67.05 -40.37
C THR I 271 -18.35 -65.73 -39.96
N ASP I 272 -19.09 -65.75 -38.84
CA ASP I 272 -19.78 -64.56 -38.34
C ASP I 272 -18.93 -63.63 -37.48
N TYR I 273 -18.39 -64.16 -36.39
CA TYR I 273 -17.55 -63.41 -35.50
C TYR I 273 -16.44 -64.31 -35.01
N TYR I 274 -15.26 -63.73 -34.83
CA TYR I 274 -14.12 -64.50 -34.32
C TYR I 274 -14.42 -65.09 -32.94
N PRO I 275 -13.91 -66.28 -32.66
CA PRO I 275 -14.15 -66.87 -31.35
C PRO I 275 -13.08 -66.31 -30.39
N ARG I 276 -13.34 -66.26 -29.09
CA ARG I 276 -12.33 -65.72 -28.16
C ARG I 276 -12.38 -66.32 -26.77
N HIS I 277 -11.27 -66.17 -26.05
CA HIS I 277 -11.18 -66.59 -24.65
C HIS I 277 -11.41 -68.08 -24.41
N LEU I 278 -10.57 -68.96 -24.95
CA LEU I 278 -10.79 -70.39 -24.67
C LEU I 278 -10.51 -70.76 -23.24
N ASN I 279 -11.40 -71.55 -22.67
CA ASN I 279 -11.19 -72.00 -21.30
C ASN I 279 -11.79 -73.40 -21.21
N THR I 280 -11.27 -74.21 -20.27
CA THR I 280 -11.72 -75.56 -20.10
C THR I 280 -11.63 -76.06 -18.66
N ASP I 281 -12.24 -77.22 -18.41
CA ASP I 281 -12.24 -77.88 -17.09
C ASP I 281 -11.53 -79.23 -17.23
N GLY I 282 -11.12 -79.55 -18.45
CA GLY I 282 -10.44 -80.80 -18.70
C GLY I 282 -11.27 -81.76 -19.56
N ARG I 283 -12.54 -81.46 -19.73
CA ARG I 283 -13.43 -82.26 -20.53
C ARG I 283 -14.02 -81.43 -21.67
N ARG I 284 -14.65 -80.30 -21.34
CA ARG I 284 -15.22 -79.43 -22.38
C ARG I 284 -14.53 -78.07 -22.44
N ILE I 285 -14.63 -77.42 -23.58
CA ILE I 285 -14.00 -76.14 -23.86
C ILE I 285 -15.09 -75.09 -23.99
N LEU I 286 -14.86 -73.93 -23.40
CA LEU I 286 -15.81 -72.85 -23.42
C LEU I 286 -15.24 -71.66 -24.15
N PHE I 287 -16.09 -70.86 -24.76
CA PHE I 287 -15.59 -69.67 -25.46
C PHE I 287 -16.72 -68.70 -25.80
N SER I 288 -16.36 -67.48 -26.15
CA SER I 288 -17.38 -66.52 -26.46
C SER I 288 -17.29 -66.17 -27.94
N LYS I 289 -18.40 -65.71 -28.50
CA LYS I 289 -18.43 -65.32 -29.89
C LYS I 289 -19.65 -64.47 -30.17
N GLY I 290 -19.45 -63.31 -30.80
CA GLY I 290 -20.55 -62.43 -31.13
C GLY I 290 -21.48 -62.17 -29.96
N GLY I 291 -20.92 -62.12 -28.75
CA GLY I 291 -21.72 -61.84 -27.56
C GLY I 291 -22.46 -63.02 -26.97
N SER I 292 -22.06 -64.24 -27.34
CA SER I 292 -22.71 -65.43 -26.78
C SER I 292 -21.69 -66.43 -26.29
N ILE I 293 -22.13 -67.34 -25.44
CA ILE I 293 -21.25 -68.35 -24.90
C ILE I 293 -21.50 -69.69 -25.60
N TYR I 294 -20.42 -70.31 -26.05
CA TYR I 294 -20.49 -71.58 -26.73
C TYR I 294 -19.71 -72.67 -26.00
N ILE I 295 -20.04 -73.91 -26.31
CA ILE I 295 -19.36 -75.06 -25.75
C ILE I 295 -18.94 -75.95 -26.89
N PHE I 296 -17.72 -76.46 -26.75
CA PHE I 296 -17.11 -77.34 -27.72
C PHE I 296 -16.69 -78.61 -26.98
N ASN I 297 -17.22 -79.73 -27.41
CA ASN I 297 -16.86 -81.00 -26.79
C ASN I 297 -15.85 -81.67 -27.73
N PRO I 298 -14.59 -81.78 -27.30
CA PRO I 298 -13.53 -82.39 -28.09
C PRO I 298 -13.80 -83.83 -28.49
N ASP I 299 -14.40 -84.60 -27.59
CA ASP I 299 -14.70 -85.99 -27.87
C ASP I 299 -15.82 -86.19 -28.88
N THR I 300 -16.47 -85.12 -29.25
CA THR I 300 -17.57 -85.19 -30.18
C THR I 300 -17.41 -84.21 -31.30
N GLU I 301 -16.60 -83.18 -31.06
CA GLU I 301 -16.38 -82.15 -32.02
C GLU I 301 -17.69 -81.40 -32.23
N LYS I 302 -18.60 -81.50 -31.25
CA LYS I 302 -19.89 -80.80 -31.31
C LYS I 302 -19.82 -79.44 -30.59
N ILE I 303 -20.47 -78.44 -31.17
CA ILE I 303 -20.48 -77.10 -30.62
C ILE I 303 -21.88 -76.60 -30.50
N GLU I 304 -22.18 -75.98 -29.37
CA GLU I 304 -23.50 -75.44 -29.12
C GLU I 304 -23.50 -74.20 -28.27
N LYS I 305 -24.41 -73.30 -28.61
CA LYS I 305 -24.61 -72.04 -27.94
C LYS I 305 -25.35 -72.34 -26.68
N ILE I 306 -24.90 -71.77 -25.57
CA ILE I 306 -25.60 -71.96 -24.30
C ILE I 306 -26.72 -70.92 -24.28
N GLU I 307 -27.88 -71.29 -23.75
CA GLU I 307 -28.98 -70.34 -23.70
C GLU I 307 -28.97 -69.52 -22.45
N ILE I 308 -28.88 -68.20 -22.57
CA ILE I 308 -28.92 -67.36 -21.37
C ILE I 308 -30.05 -66.32 -21.43
N GLY I 309 -30.22 -65.68 -22.58
CA GLY I 309 -31.27 -64.69 -22.70
C GLY I 309 -31.03 -63.44 -21.87
N ASP I 310 -32.05 -62.59 -21.75
CA ASP I 310 -31.93 -61.37 -20.98
C ASP I 310 -31.42 -61.62 -19.60
N LEU I 311 -30.51 -60.77 -19.15
CA LEU I 311 -29.91 -60.92 -17.84
C LEU I 311 -29.97 -59.64 -17.02
N GLU I 312 -29.83 -58.52 -17.69
CA GLU I 312 -29.84 -57.27 -16.97
C GLU I 312 -29.97 -56.10 -17.92
N SER I 313 -30.90 -55.20 -17.61
CA SER I 313 -31.11 -54.03 -18.44
C SER I 313 -31.18 -52.83 -17.49
N PRO I 314 -30.04 -52.17 -17.27
CA PRO I 314 -30.02 -51.01 -16.38
C PRO I 314 -30.70 -49.79 -16.97
N GLU I 315 -30.90 -48.77 -16.12
CA GLU I 315 -31.53 -47.50 -16.49
C GLU I 315 -30.82 -46.89 -17.69
N ASP I 316 -31.56 -46.61 -18.75
CA ASP I 316 -30.95 -46.05 -19.95
C ASP I 316 -30.56 -44.60 -19.85
N ARG I 317 -31.33 -43.85 -19.06
CA ARG I 317 -31.12 -42.42 -18.84
C ARG I 317 -30.08 -42.22 -17.75
N ILE I 318 -28.96 -41.58 -18.11
CA ILE I 318 -27.87 -41.33 -17.18
C ILE I 318 -27.50 -39.88 -16.99
N ILE I 319 -26.94 -39.61 -15.81
CA ILE I 319 -26.53 -38.29 -15.40
C ILE I 319 -25.01 -38.22 -15.45
N SER I 320 -24.48 -37.07 -15.85
CA SER I 320 -23.02 -36.87 -15.94
C SER I 320 -22.62 -35.48 -15.52
N ILE I 321 -21.38 -35.35 -15.07
CA ILE I 321 -20.83 -34.08 -14.66
C ILE I 321 -20.39 -33.38 -15.93
N PRO I 322 -21.04 -32.27 -16.30
CA PRO I 322 -20.69 -31.51 -17.51
C PRO I 322 -19.20 -31.11 -17.63
N SER I 323 -18.56 -30.71 -16.54
CA SER I 323 -17.16 -30.32 -16.61
C SER I 323 -16.29 -31.51 -17.00
N LYS I 324 -16.63 -32.71 -16.55
CA LYS I 324 -15.88 -33.92 -16.89
C LYS I 324 -15.71 -34.14 -18.39
N PHE I 325 -16.67 -33.73 -19.20
CA PHE I 325 -16.57 -33.92 -20.64
C PHE I 325 -16.63 -32.63 -21.39
N ALA I 326 -16.44 -31.53 -20.69
CA ALA I 326 -16.52 -30.21 -21.32
C ALA I 326 -15.43 -29.95 -22.38
N GLU I 327 -15.80 -29.29 -23.45
CA GLU I 327 -14.89 -28.98 -24.53
C GLU I 327 -15.39 -27.72 -25.19
N ASP I 328 -14.49 -26.91 -25.72
CA ASP I 328 -14.94 -25.68 -26.36
C ASP I 328 -15.70 -24.79 -25.36
N PHE I 329 -15.12 -23.66 -24.97
CA PHE I 329 -15.77 -22.75 -24.04
C PHE I 329 -15.62 -21.39 -24.73
N SER I 330 -16.72 -20.73 -24.97
CA SER I 330 -16.67 -19.44 -25.65
C SER I 330 -17.54 -18.38 -24.97
N PRO I 331 -17.03 -17.14 -24.86
CA PRO I 331 -17.75 -16.01 -24.25
C PRO I 331 -18.74 -15.36 -25.25
N LEU I 332 -19.97 -15.10 -24.80
CA LEU I 332 -20.99 -14.50 -25.67
C LEU I 332 -21.32 -13.10 -25.18
N ASP I 333 -22.19 -12.40 -25.90
CA ASP I 333 -22.60 -11.05 -25.49
C ASP I 333 -23.34 -11.15 -24.14
N GLY I 334 -23.51 -10.01 -23.49
CA GLY I 334 -24.19 -10.00 -22.22
C GLY I 334 -23.54 -10.83 -21.14
N ASP I 335 -22.23 -11.03 -21.21
CA ASP I 335 -21.54 -11.81 -20.17
C ASP I 335 -22.07 -13.25 -20.09
N LEU I 336 -22.48 -13.82 -21.21
CA LEU I 336 -22.96 -15.19 -21.20
C LEU I 336 -21.85 -16.09 -21.67
N ILE I 337 -22.01 -17.36 -21.36
CA ILE I 337 -21.03 -18.36 -21.73
C ILE I 337 -21.66 -19.50 -22.53
N ALA I 338 -20.92 -20.01 -23.51
CA ALA I 338 -21.39 -21.16 -24.27
C ALA I 338 -20.29 -22.22 -24.12
N PHE I 339 -20.69 -23.48 -24.12
CA PHE I 339 -19.73 -24.56 -24.01
C PHE I 339 -20.35 -25.84 -24.47
N VAL I 340 -19.52 -26.72 -25.00
CA VAL I 340 -19.92 -28.03 -25.47
C VAL I 340 -19.46 -29.09 -24.46
N SER I 341 -20.30 -30.09 -24.24
CA SER I 341 -19.95 -31.20 -23.35
C SER I 341 -20.74 -32.44 -23.74
N ARG I 342 -20.02 -33.55 -23.90
CA ARG I 342 -20.62 -34.83 -24.25
C ARG I 342 -21.58 -34.76 -25.44
N GLY I 343 -21.19 -33.98 -26.44
CA GLY I 343 -22.01 -33.83 -27.63
C GLY I 343 -23.20 -32.88 -27.49
N GLN I 344 -23.33 -32.23 -26.34
CA GLN I 344 -24.42 -31.30 -26.12
C GLN I 344 -23.87 -29.90 -25.99
N ALA I 345 -24.70 -28.89 -26.17
CA ALA I 345 -24.24 -27.52 -26.05
C ALA I 345 -25.14 -26.76 -25.07
N PHE I 346 -24.56 -25.75 -24.42
CA PHE I 346 -25.31 -24.96 -23.47
C PHE I 346 -24.95 -23.48 -23.43
N ILE I 347 -25.96 -22.64 -23.21
CA ILE I 347 -25.78 -21.20 -23.10
C ILE I 347 -26.06 -20.96 -21.62
N GLN I 348 -25.13 -20.32 -20.90
CA GLN I 348 -25.36 -20.11 -19.46
C GLN I 348 -24.72 -18.84 -18.91
N ASP I 349 -25.08 -18.46 -17.70
CA ASP I 349 -24.49 -17.29 -17.09
C ASP I 349 -23.21 -17.84 -16.45
N VAL I 350 -22.23 -17.00 -16.08
CA VAL I 350 -21.00 -17.55 -15.50
C VAL I 350 -21.27 -18.45 -14.31
N SER I 351 -22.23 -18.07 -13.46
CA SER I 351 -22.52 -18.85 -12.27
C SER I 351 -23.09 -20.23 -12.54
N GLY I 352 -23.65 -20.44 -13.72
CA GLY I 352 -24.22 -21.72 -14.05
C GLY I 352 -25.58 -21.94 -13.38
N THR I 353 -26.23 -20.85 -13.03
CA THR I 353 -27.52 -20.93 -12.40
C THR I 353 -28.57 -20.87 -13.51
N TYR I 354 -28.38 -20.03 -14.52
CA TYR I 354 -29.31 -19.94 -15.64
C TYR I 354 -28.73 -20.65 -16.88
N VAL I 355 -29.23 -21.86 -17.16
CA VAL I 355 -28.71 -22.69 -18.25
C VAL I 355 -29.67 -23.08 -19.36
N LEU I 356 -29.24 -22.93 -20.61
CA LEU I 356 -30.06 -23.33 -21.76
C LEU I 356 -29.33 -24.36 -22.58
N LYS I 357 -30.01 -25.46 -22.85
CA LYS I 357 -29.44 -26.49 -23.68
C LYS I 357 -29.82 -26.17 -25.10
N VAL I 358 -28.90 -26.37 -26.04
CA VAL I 358 -29.21 -26.11 -27.43
C VAL I 358 -30.12 -27.25 -27.86
N PRO I 359 -31.25 -26.93 -28.49
CA PRO I 359 -32.23 -27.93 -28.96
C PRO I 359 -31.78 -28.57 -30.27
N GLU I 360 -30.80 -29.46 -30.18
CA GLU I 360 -30.26 -30.17 -31.36
C GLU I 360 -29.76 -31.53 -30.91
N PRO I 361 -30.10 -32.59 -31.66
CA PRO I 361 -29.72 -33.98 -31.37
C PRO I 361 -28.19 -34.16 -31.23
N LEU I 362 -27.77 -35.35 -30.80
CA LEU I 362 -26.36 -35.58 -30.60
C LEU I 362 -25.39 -35.22 -31.69
N ARG I 363 -24.26 -34.82 -31.13
CA ARG I 363 -23.03 -34.40 -31.74
C ARG I 363 -22.92 -32.98 -32.21
N ILE I 364 -22.79 -32.07 -31.27
CA ILE I 364 -22.58 -30.68 -31.59
C ILE I 364 -21.08 -30.61 -31.36
N ARG I 365 -20.34 -30.17 -32.37
CA ARG I 365 -18.90 -30.11 -32.20
C ARG I 365 -18.43 -28.76 -31.71
N TYR I 366 -19.03 -27.71 -32.25
CA TYR I 366 -18.65 -26.35 -31.92
C TYR I 366 -19.81 -25.37 -31.82
N VAL I 367 -19.59 -24.33 -31.02
CA VAL I 367 -20.58 -23.28 -30.79
C VAL I 367 -19.86 -21.95 -30.83
N ARG I 368 -20.44 -20.99 -31.53
CA ARG I 368 -19.83 -19.68 -31.70
C ARG I 368 -20.79 -18.51 -31.73
N ARG I 369 -20.41 -17.40 -31.09
CA ARG I 369 -21.22 -16.19 -31.08
C ARG I 369 -21.62 -15.82 -32.52
N GLY I 370 -22.92 -15.70 -32.78
CA GLY I 370 -23.40 -15.37 -34.12
C GLY I 370 -24.13 -14.04 -34.12
N GLY I 371 -24.36 -13.48 -32.95
CA GLY I 371 -25.06 -12.21 -32.88
C GLY I 371 -25.52 -11.87 -31.46
N ASP I 372 -26.27 -10.78 -31.30
CA ASP I 372 -26.77 -10.37 -29.99
C ASP I 372 -27.20 -11.55 -29.17
N THR I 373 -28.16 -12.31 -29.69
CA THR I 373 -28.67 -13.47 -28.97
C THR I 373 -28.67 -14.75 -29.85
N LYS I 374 -27.78 -14.78 -30.84
CA LYS I 374 -27.69 -15.92 -31.74
C LYS I 374 -26.33 -16.60 -31.65
N VAL I 375 -26.30 -17.90 -31.95
CA VAL I 375 -25.05 -18.65 -31.89
C VAL I 375 -25.02 -19.64 -33.04
N ALA I 376 -23.88 -19.75 -33.70
CA ALA I 376 -23.78 -20.71 -34.79
C ALA I 376 -23.13 -21.95 -34.22
N PHE I 377 -23.43 -23.11 -34.75
CA PHE I 377 -22.85 -24.32 -34.22
C PHE I 377 -22.60 -25.32 -35.32
N ILE I 378 -21.74 -26.28 -35.03
CA ILE I 378 -21.45 -27.32 -35.99
C ILE I 378 -22.03 -28.61 -35.45
N HIS I 379 -22.95 -29.20 -36.22
CA HIS I 379 -23.60 -30.45 -35.85
C HIS I 379 -23.04 -31.59 -36.67
N GLY I 380 -22.51 -32.61 -35.99
CA GLY I 380 -21.95 -33.76 -36.68
C GLY I 380 -22.83 -35.00 -36.70
N THR I 381 -22.90 -35.63 -37.86
CA THR I 381 -23.67 -36.87 -38.00
C THR I 381 -22.79 -37.85 -38.75
N ARG I 382 -23.35 -39.02 -39.04
CA ARG I 382 -22.61 -40.05 -39.75
C ARG I 382 -22.26 -39.57 -41.17
N GLU I 383 -23.12 -38.75 -41.75
CA GLU I 383 -22.89 -38.25 -43.11
C GLU I 383 -21.81 -37.15 -43.17
N GLY I 384 -21.67 -36.41 -42.07
CA GLY I 384 -20.71 -35.34 -41.99
C GLY I 384 -21.11 -34.20 -41.09
N ASP I 385 -20.38 -33.11 -41.22
CA ASP I 385 -20.62 -31.93 -40.39
C ASP I 385 -21.46 -30.87 -41.11
N PHE I 386 -22.35 -30.21 -40.37
CA PHE I 386 -23.24 -29.19 -40.94
C PHE I 386 -23.30 -27.94 -40.06
N LEU I 387 -23.49 -26.79 -40.71
CA LEU I 387 -23.57 -25.51 -40.02
C LEU I 387 -25.01 -25.31 -39.55
N GLY I 388 -25.15 -24.79 -38.33
CA GLY I 388 -26.46 -24.54 -37.74
C GLY I 388 -26.46 -23.21 -37.00
N ILE I 389 -27.65 -22.68 -36.75
CA ILE I 389 -27.77 -21.43 -36.04
C ILE I 389 -28.83 -21.59 -34.98
N TYR I 390 -28.66 -20.90 -33.87
CA TYR I 390 -29.65 -21.01 -32.83
C TYR I 390 -29.81 -19.69 -32.12
N ASP I 391 -31.07 -19.26 -31.98
CA ASP I 391 -31.34 -17.99 -31.31
C ASP I 391 -31.90 -18.30 -29.92
N TYR I 392 -31.06 -18.15 -28.90
CA TYR I 392 -31.50 -18.48 -27.56
C TYR I 392 -32.52 -17.53 -26.95
N ARG I 393 -32.79 -16.41 -27.60
CA ARG I 393 -33.78 -15.50 -27.05
C ARG I 393 -35.18 -15.97 -27.51
N THR I 394 -35.34 -16.13 -28.82
CA THR I 394 -36.61 -16.56 -29.39
C THR I 394 -36.85 -18.06 -29.28
N GLY I 395 -35.75 -18.80 -29.27
CA GLY I 395 -35.85 -20.24 -29.20
C GLY I 395 -35.71 -20.91 -30.57
N LYS I 396 -35.88 -20.17 -31.67
CA LYS I 396 -35.77 -20.73 -33.01
C LYS I 396 -34.38 -21.34 -33.21
N ALA I 397 -34.28 -22.32 -34.11
CA ALA I 397 -33.00 -22.98 -34.36
C ALA I 397 -33.00 -23.74 -35.67
N GLU I 398 -32.72 -23.03 -36.77
CA GLU I 398 -32.68 -23.66 -38.08
C GLU I 398 -31.39 -24.47 -38.16
N LYS I 399 -31.28 -25.34 -39.17
CA LYS I 399 -30.08 -26.15 -39.33
C LYS I 399 -29.89 -26.51 -40.79
N PHE I 400 -28.92 -25.89 -41.43
CA PHE I 400 -28.65 -26.12 -42.84
C PHE I 400 -28.37 -27.58 -43.15
N GLU I 401 -28.59 -27.95 -44.41
CA GLU I 401 -28.40 -29.34 -44.85
C GLU I 401 -27.17 -29.52 -45.76
N GLU I 402 -26.47 -28.44 -46.05
CA GLU I 402 -25.29 -28.52 -46.87
C GLU I 402 -24.15 -29.15 -46.05
N ASN I 403 -23.61 -30.25 -46.55
CA ASN I 403 -22.55 -30.97 -45.85
C ASN I 403 -21.21 -30.26 -46.01
N LEU I 404 -20.54 -29.95 -44.89
CA LEU I 404 -19.26 -29.24 -44.93
C LEU I 404 -18.04 -30.13 -44.83
N GLY I 405 -18.27 -31.42 -44.68
CA GLY I 405 -17.16 -32.33 -44.57
C GLY I 405 -16.84 -32.50 -43.11
N ASN I 406 -15.59 -32.81 -42.78
CA ASN I 406 -15.22 -32.97 -41.37
C ASN I 406 -14.62 -31.65 -40.92
N VAL I 407 -15.43 -30.87 -40.20
CA VAL I 407 -14.99 -29.56 -39.76
C VAL I 407 -14.08 -29.56 -38.55
N PHE I 408 -13.03 -28.76 -38.63
CA PHE I 408 -12.15 -28.68 -37.49
C PHE I 408 -12.01 -27.28 -36.93
N ALA I 409 -12.61 -26.30 -37.62
CA ALA I 409 -12.56 -24.92 -37.12
C ALA I 409 -13.77 -24.17 -37.66
N MET I 410 -14.18 -23.17 -36.89
CA MET I 410 -15.36 -22.41 -37.24
C MET I 410 -15.33 -21.03 -36.64
N GLY I 411 -15.82 -20.04 -37.38
CA GLY I 411 -15.85 -18.68 -36.88
C GLY I 411 -16.94 -17.90 -37.58
N VAL I 412 -17.45 -16.87 -36.94
CA VAL I 412 -18.52 -16.07 -37.51
C VAL I 412 -18.10 -14.61 -37.53
N ASP I 413 -18.47 -13.86 -38.56
CA ASP I 413 -18.03 -12.47 -38.59
C ASP I 413 -18.77 -11.65 -37.56
N ARG I 414 -18.13 -10.59 -37.10
CA ARG I 414 -18.75 -9.74 -36.08
C ARG I 414 -20.16 -9.24 -36.46
N ASN I 415 -20.44 -9.14 -37.76
CA ASN I 415 -21.73 -8.69 -38.23
C ASN I 415 -22.72 -9.81 -38.50
N GLY I 416 -22.43 -11.01 -38.01
CA GLY I 416 -23.33 -12.14 -38.19
C GLY I 416 -23.82 -12.42 -39.60
N LYS I 417 -23.03 -12.06 -40.61
CA LYS I 417 -23.43 -12.28 -42.00
C LYS I 417 -22.98 -13.65 -42.49
N PHE I 418 -21.72 -13.97 -42.30
CA PHE I 418 -21.25 -15.28 -42.75
C PHE I 418 -20.39 -15.95 -41.68
N ALA I 419 -19.99 -17.18 -41.95
CA ALA I 419 -19.11 -17.91 -41.05
C ALA I 419 -17.93 -18.38 -41.89
N VAL I 420 -16.86 -18.79 -41.22
CA VAL I 420 -15.69 -19.33 -41.91
C VAL I 420 -15.48 -20.71 -41.35
N VAL I 421 -15.23 -21.68 -42.22
CA VAL I 421 -15.04 -23.07 -41.83
C VAL I 421 -13.84 -23.78 -42.49
N ALA I 422 -13.16 -24.63 -41.72
CA ALA I 422 -12.03 -25.42 -42.18
C ALA I 422 -12.41 -26.89 -42.01
N ASN I 423 -12.03 -27.72 -42.99
CA ASN I 423 -12.32 -29.15 -42.94
C ASN I 423 -11.09 -29.97 -43.25
N ASP I 424 -11.24 -31.29 -43.21
CA ASP I 424 -10.10 -32.16 -43.46
C ASP I 424 -9.78 -32.33 -44.94
N ARG I 425 -10.46 -31.60 -45.79
CA ARG I 425 -10.17 -31.65 -47.20
C ARG I 425 -9.14 -30.54 -47.43
N PHE I 426 -8.73 -29.90 -46.33
CA PHE I 426 -7.74 -28.82 -46.39
C PHE I 426 -8.32 -27.54 -47.06
N GLU I 427 -9.65 -27.38 -46.96
CA GLU I 427 -10.34 -26.23 -47.54
C GLU I 427 -10.74 -25.22 -46.50
N ILE I 428 -10.71 -23.97 -46.89
CA ILE I 428 -11.13 -22.87 -46.03
C ILE I 428 -12.31 -22.26 -46.87
N MET I 429 -13.42 -21.95 -46.21
CA MET I 429 -14.57 -21.46 -46.93
C MET I 429 -15.45 -20.57 -46.08
N THR I 430 -16.36 -19.89 -46.76
CA THR I 430 -17.30 -19.02 -46.09
C THR I 430 -18.66 -19.61 -46.32
N VAL I 431 -19.50 -19.57 -45.29
CA VAL I 431 -20.83 -20.12 -45.42
C VAL I 431 -21.82 -19.01 -45.17
N ASP I 432 -22.63 -18.71 -46.17
CA ASP I 432 -23.61 -17.65 -46.05
C ASP I 432 -24.61 -18.00 -44.95
N LEU I 433 -24.51 -17.36 -43.80
CA LEU I 433 -25.41 -17.67 -42.69
C LEU I 433 -26.92 -17.47 -42.95
N GLU I 434 -27.24 -16.82 -44.07
CA GLU I 434 -28.61 -16.57 -44.46
C GLU I 434 -29.22 -17.79 -45.16
N THR I 435 -28.51 -18.30 -46.17
CA THR I 435 -28.94 -19.46 -46.95
C THR I 435 -28.29 -20.76 -46.47
N GLY I 436 -26.97 -20.78 -46.45
CA GLY I 436 -26.28 -21.97 -46.00
C GLY I 436 -25.27 -22.42 -47.05
N LYS I 437 -25.30 -21.76 -48.20
CA LYS I 437 -24.40 -22.09 -49.29
C LYS I 437 -22.94 -21.91 -48.93
N PRO I 438 -22.17 -23.00 -48.93
CA PRO I 438 -20.76 -22.86 -48.60
C PRO I 438 -20.05 -22.39 -49.85
N THR I 439 -18.93 -21.70 -49.68
CA THR I 439 -18.15 -21.22 -50.80
C THR I 439 -16.69 -21.28 -50.46
N VAL I 440 -16.02 -22.21 -51.12
CA VAL I 440 -14.60 -22.45 -50.90
C VAL I 440 -13.74 -21.28 -51.36
N ILE I 441 -12.88 -20.79 -50.46
CA ILE I 441 -11.98 -19.70 -50.76
C ILE I 441 -10.69 -20.27 -51.29
N GLU I 442 -10.08 -21.16 -50.52
CA GLU I 442 -8.85 -21.77 -50.96
C GLU I 442 -8.64 -23.13 -50.29
N ARG I 443 -7.85 -23.97 -50.95
CA ARG I 443 -7.57 -25.30 -50.48
C ARG I 443 -6.07 -25.52 -50.48
N SER I 444 -5.57 -26.03 -49.36
CA SER I 444 -4.15 -26.32 -49.17
C SER I 444 -3.99 -27.80 -49.52
N ARG I 445 -2.80 -28.24 -49.89
CA ARG I 445 -2.70 -29.64 -50.19
C ARG I 445 -1.77 -30.32 -49.19
N GLU I 446 -1.49 -29.62 -48.09
CA GLU I 446 -0.60 -30.15 -47.09
C GLU I 446 -1.27 -30.43 -45.76
N ALA I 447 -2.05 -29.47 -45.27
CA ALA I 447 -2.70 -29.62 -43.96
C ALA I 447 -3.95 -28.71 -43.84
N MET I 448 -4.67 -28.78 -42.72
CA MET I 448 -5.88 -27.99 -42.53
C MET I 448 -5.65 -26.52 -42.31
N ILE I 449 -6.58 -25.70 -42.79
CA ILE I 449 -6.49 -24.25 -42.63
C ILE I 449 -7.40 -23.86 -41.43
N THR I 450 -6.98 -24.22 -40.23
CA THR I 450 -7.72 -23.91 -39.03
C THR I 450 -7.32 -22.59 -38.31
N ASP I 451 -6.26 -21.89 -38.76
CA ASP I 451 -5.82 -20.65 -38.12
C ASP I 451 -6.23 -19.44 -38.94
N PHE I 452 -7.40 -18.89 -38.62
CA PHE I 452 -7.88 -17.75 -39.37
C PHE I 452 -8.58 -16.69 -38.55
N THR I 453 -8.73 -15.54 -39.17
CA THR I 453 -9.43 -14.46 -38.50
C THR I 453 -10.20 -13.56 -39.50
N ILE I 454 -11.24 -12.90 -39.02
CA ILE I 454 -12.06 -12.03 -39.86
C ILE I 454 -11.99 -10.61 -39.33
N SER I 455 -11.76 -9.64 -40.22
CA SER I 455 -11.70 -8.26 -39.80
C SER I 455 -13.09 -7.81 -39.27
N ASP I 456 -13.08 -6.76 -38.44
CA ASP I 456 -14.30 -6.24 -37.87
C ASP I 456 -15.28 -5.69 -38.91
N ASN I 457 -14.78 -5.15 -40.01
CA ASN I 457 -15.71 -4.67 -41.03
C ASN I 457 -16.17 -5.79 -41.96
N SER I 458 -15.76 -7.02 -41.64
CA SER I 458 -16.17 -8.22 -42.40
C SER I 458 -15.67 -8.26 -43.84
N ARG I 459 -14.70 -7.40 -44.16
CA ARG I 459 -14.16 -7.35 -45.51
C ARG I 459 -13.02 -8.31 -45.85
N PHE I 460 -12.16 -8.57 -44.89
CA PHE I 460 -11.04 -9.45 -45.16
C PHE I 460 -10.96 -10.70 -44.32
N ILE I 461 -10.34 -11.74 -44.85
CA ILE I 461 -10.14 -12.94 -44.07
C ILE I 461 -8.69 -13.34 -44.16
N ALA I 462 -8.02 -13.32 -43.00
CA ALA I 462 -6.60 -13.68 -42.95
C ALA I 462 -6.47 -15.05 -42.32
N TYR I 463 -5.66 -15.92 -42.93
CA TYR I 463 -5.46 -17.29 -42.42
C TYR I 463 -4.06 -17.84 -42.77
N GLY I 464 -3.62 -18.82 -41.98
CA GLY I 464 -2.34 -19.43 -42.27
C GLY I 464 -2.60 -20.47 -43.36
N PHE I 465 -1.76 -20.50 -44.38
CA PHE I 465 -1.93 -21.41 -45.49
C PHE I 465 -0.75 -22.39 -45.59
N PRO I 466 -0.92 -23.62 -45.07
CA PRO I 466 0.22 -24.56 -45.16
C PRO I 466 0.63 -24.87 -46.62
N LEU I 467 1.93 -24.96 -46.84
CA LEU I 467 2.45 -25.24 -48.18
C LEU I 467 3.83 -25.90 -48.12
N LYS I 468 4.25 -26.48 -49.24
CA LYS I 468 5.56 -27.11 -49.34
C LYS I 468 6.22 -26.59 -50.58
N HIS I 469 7.54 -26.53 -50.60
CA HIS I 469 8.21 -26.09 -51.79
C HIS I 469 8.23 -27.25 -52.76
N GLY I 470 8.49 -28.45 -52.23
CA GLY I 470 8.52 -29.62 -53.06
C GLY I 470 7.55 -30.64 -52.48
N GLU I 471 7.09 -31.58 -53.30
CA GLU I 471 6.16 -32.61 -52.85
C GLU I 471 6.71 -33.54 -51.79
N THR I 472 8.01 -33.82 -51.85
CA THR I 472 8.62 -34.72 -50.88
C THR I 472 9.40 -33.96 -49.84
N ASP I 473 9.12 -32.67 -49.70
CA ASP I 473 9.80 -31.79 -48.75
C ASP I 473 9.55 -32.25 -47.32
N GLY I 474 10.58 -32.22 -46.49
CA GLY I 474 10.42 -32.65 -45.10
C GLY I 474 9.76 -31.66 -44.16
N TYR I 475 9.59 -30.43 -44.62
CA TYR I 475 9.00 -29.42 -43.78
C TYR I 475 7.82 -28.75 -44.49
N VAL I 476 6.79 -28.42 -43.72
CA VAL I 476 5.65 -27.78 -44.30
C VAL I 476 5.77 -26.35 -43.87
N MET I 477 5.70 -25.43 -44.82
CA MET I 477 5.80 -24.03 -44.47
C MET I 477 4.41 -23.48 -44.28
N GLN I 478 4.30 -22.23 -43.88
CA GLN I 478 2.99 -21.65 -43.67
C GLN I 478 3.08 -20.15 -43.82
N ALA I 479 2.29 -19.65 -44.78
CA ALA I 479 2.27 -18.23 -45.08
C ALA I 479 0.88 -17.73 -44.78
N ILE I 480 0.77 -16.46 -44.37
CA ILE I 480 -0.55 -15.88 -44.12
C ILE I 480 -1.13 -15.37 -45.43
N HIS I 481 -2.39 -15.69 -45.68
CA HIS I 481 -3.08 -15.24 -46.89
C HIS I 481 -4.24 -14.32 -46.44
N VAL I 482 -4.63 -13.43 -47.32
CA VAL I 482 -5.73 -12.55 -47.02
C VAL I 482 -6.72 -12.60 -48.17
N TYR I 483 -7.98 -12.83 -47.82
CA TYR I 483 -9.06 -12.87 -48.82
C TYR I 483 -9.91 -11.64 -48.68
N ASP I 484 -10.07 -10.91 -49.78
CA ASP I 484 -10.89 -9.68 -49.83
C ASP I 484 -12.29 -10.01 -50.37
N MET I 485 -13.31 -9.96 -49.52
CA MET I 485 -14.66 -10.26 -49.98
C MET I 485 -15.05 -9.41 -51.22
N GLU I 486 -14.52 -8.21 -51.32
CA GLU I 486 -14.82 -7.38 -52.48
C GLU I 486 -13.69 -7.62 -53.46
N GLY I 487 -14.04 -8.03 -54.67
CA GLY I 487 -13.00 -8.29 -55.64
C GLY I 487 -12.72 -9.78 -55.58
N ARG I 488 -13.12 -10.38 -54.46
CA ARG I 488 -12.94 -11.81 -54.26
C ARG I 488 -11.57 -12.28 -54.76
N LYS I 489 -10.51 -11.65 -54.26
CA LYS I 489 -9.16 -12.07 -54.65
C LYS I 489 -8.28 -12.36 -53.42
N ILE I 490 -7.36 -13.28 -53.58
CA ILE I 490 -6.51 -13.65 -52.48
C ILE I 490 -5.13 -13.00 -52.59
N PHE I 491 -4.66 -12.38 -51.52
CA PHE I 491 -3.36 -11.74 -51.55
C PHE I 491 -2.41 -12.40 -50.58
N ALA I 492 -1.11 -12.26 -50.83
CA ALA I 492 -0.12 -12.87 -49.96
C ALA I 492 0.34 -11.86 -48.92
N ALA I 493 -0.09 -12.09 -47.69
CA ALA I 493 0.33 -11.20 -46.60
C ALA I 493 1.79 -11.43 -46.27
N THR I 494 2.27 -12.65 -46.50
CA THR I 494 3.62 -12.95 -46.12
C THR I 494 4.33 -13.91 -47.09
N THR I 495 5.67 -13.95 -47.05
CA THR I 495 6.43 -14.85 -47.95
C THR I 495 6.31 -16.32 -47.48
N GLU I 496 6.69 -17.27 -48.32
CA GLU I 496 6.53 -18.67 -47.92
C GLU I 496 7.78 -19.42 -47.48
N ASN I 497 8.64 -18.75 -46.73
CA ASN I 497 9.86 -19.36 -46.29
C ASN I 497 9.89 -19.83 -44.87
N SER I 498 8.79 -19.66 -44.16
CA SER I 498 8.78 -20.15 -42.83
C SER I 498 7.40 -20.38 -42.29
N HIS I 499 7.22 -20.15 -40.98
CA HIS I 499 5.96 -20.40 -40.34
C HIS I 499 5.37 -19.12 -39.79
N ASP I 500 4.31 -18.63 -40.45
CA ASP I 500 3.61 -17.42 -40.04
C ASP I 500 2.21 -17.83 -39.52
N TYR I 501 1.78 -17.22 -38.42
CA TYR I 501 0.50 -17.65 -37.85
C TYR I 501 -0.16 -16.66 -36.94
N ALA I 502 -1.26 -17.11 -36.37
CA ALA I 502 -2.07 -16.31 -35.44
C ALA I 502 -2.49 -14.93 -35.95
N PRO I 503 -2.87 -14.79 -37.24
CA PRO I 503 -3.27 -13.45 -37.71
C PRO I 503 -4.37 -12.77 -36.84
N ALA I 504 -4.34 -11.45 -36.77
CA ALA I 504 -5.32 -10.68 -36.01
C ALA I 504 -5.40 -9.25 -36.57
N PHE I 505 -6.62 -8.78 -36.82
CA PHE I 505 -6.81 -7.43 -37.35
C PHE I 505 -7.02 -6.48 -36.19
N ASP I 506 -6.70 -5.22 -36.37
CA ASP I 506 -6.97 -4.30 -35.26
C ASP I 506 -8.42 -3.89 -35.45
N ALA I 507 -9.04 -3.44 -34.38
CA ALA I 507 -10.45 -3.05 -34.42
C ALA I 507 -10.81 -2.17 -35.62
N ASP I 508 -9.96 -1.21 -35.94
CA ASP I 508 -10.23 -0.31 -37.08
C ASP I 508 -10.06 -0.99 -38.44
N SER I 509 -9.57 -2.22 -38.45
CA SER I 509 -9.36 -2.91 -39.73
C SER I 509 -8.32 -2.17 -40.61
N LYS I 510 -7.29 -1.58 -40.00
CA LYS I 510 -6.30 -0.88 -40.82
C LYS I 510 -4.94 -1.61 -40.88
N ASN I 511 -4.67 -2.45 -39.90
CA ASN I 511 -3.42 -3.19 -39.85
C ASN I 511 -3.63 -4.67 -39.55
N LEU I 512 -2.80 -5.52 -40.15
CA LEU I 512 -2.91 -6.96 -39.92
C LEU I 512 -1.75 -7.39 -39.06
N TYR I 513 -2.02 -7.88 -37.84
CA TYR I 513 -0.95 -8.35 -36.99
C TYR I 513 -0.89 -9.85 -37.07
N TYR I 514 0.28 -10.43 -36.80
CA TYR I 514 0.43 -11.90 -36.81
C TYR I 514 1.75 -12.26 -36.13
N LEU I 515 2.05 -13.56 -36.04
CA LEU I 515 3.32 -14.02 -35.42
C LEU I 515 4.12 -14.86 -36.41
N SER I 516 5.42 -15.01 -36.17
CA SER I 516 6.31 -15.83 -37.01
C SER I 516 7.43 -16.48 -36.21
N TYR I 517 7.94 -17.58 -36.72
CA TYR I 517 9.07 -18.25 -36.09
C TYR I 517 10.24 -17.91 -37.01
N ARG I 518 10.37 -16.64 -37.38
CA ARG I 518 11.41 -16.28 -38.31
C ARG I 518 12.64 -15.73 -37.65
N SER I 519 12.57 -15.42 -36.36
CA SER I 519 13.72 -14.83 -35.68
C SER I 519 14.78 -15.81 -35.21
N LEU I 520 15.37 -16.50 -36.18
CA LEU I 520 16.35 -17.49 -35.88
C LEU I 520 17.49 -16.97 -35.02
N ASP I 521 17.74 -17.71 -33.95
CA ASP I 521 18.79 -17.43 -33.00
C ASP I 521 18.84 -18.70 -32.17
N PRO I 522 19.99 -19.38 -32.19
CA PRO I 522 20.16 -20.64 -31.44
C PRO I 522 20.35 -20.58 -29.95
N SER I 523 19.88 -21.61 -29.25
CA SER I 523 20.06 -21.73 -27.80
C SER I 523 20.87 -22.99 -27.60
N PRO I 524 21.87 -22.95 -26.72
CA PRO I 524 22.73 -24.10 -26.44
C PRO I 524 22.07 -25.16 -25.54
N ASP I 525 22.44 -26.41 -25.76
CA ASP I 525 21.99 -27.58 -25.02
C ASP I 525 22.94 -27.66 -23.82
N ARG I 526 22.43 -27.92 -22.63
CA ARG I 526 23.30 -27.95 -21.47
C ARG I 526 24.07 -29.28 -21.25
N VAL I 527 23.71 -30.32 -21.99
CA VAL I 527 24.31 -31.63 -21.81
C VAL I 527 25.08 -32.17 -23.02
N VAL I 528 24.45 -32.03 -24.19
CA VAL I 528 24.99 -32.54 -25.44
C VAL I 528 25.45 -31.40 -26.31
N LEU I 529 26.45 -31.62 -27.17
CA LEU I 529 26.88 -30.56 -28.07
C LEU I 529 25.76 -30.39 -29.07
N ASN I 530 24.84 -29.46 -28.78
CA ASN I 530 23.72 -29.26 -29.68
C ASN I 530 23.13 -27.85 -29.52
N PHE I 531 22.24 -27.45 -30.45
CA PHE I 531 21.61 -26.15 -30.37
C PHE I 531 20.25 -26.24 -30.99
N SER I 532 19.28 -25.49 -30.49
CA SER I 532 17.96 -25.53 -31.13
C SER I 532 17.28 -24.17 -31.08
N PHE I 533 16.22 -24.01 -31.86
CA PHE I 533 15.49 -22.77 -31.87
C PHE I 533 14.37 -22.75 -30.83
N GLU I 534 14.64 -22.16 -29.68
CA GLU I 534 13.69 -22.10 -28.58
C GLU I 534 12.93 -20.78 -28.53
N VAL I 535 13.64 -19.66 -28.65
CA VAL I 535 12.98 -18.37 -28.58
C VAL I 535 13.22 -17.60 -29.84
N VAL I 536 12.43 -17.93 -30.86
CA VAL I 536 12.55 -17.32 -32.17
C VAL I 536 11.22 -16.83 -32.67
N SER I 537 10.32 -16.58 -31.75
CA SER I 537 9.00 -16.13 -32.14
C SER I 537 8.94 -14.62 -31.91
N LYS I 538 8.39 -13.92 -32.91
CA LYS I 538 8.30 -12.48 -32.80
C LYS I 538 7.07 -12.06 -33.56
N PRO I 539 6.46 -10.94 -33.14
CA PRO I 539 5.25 -10.40 -33.80
C PRO I 539 5.60 -9.43 -34.93
N PHE I 540 4.70 -9.33 -35.90
CA PHE I 540 4.91 -8.44 -37.05
C PHE I 540 3.60 -7.76 -37.36
N VAL I 541 3.66 -6.68 -38.12
CA VAL I 541 2.43 -6.02 -38.50
C VAL I 541 2.52 -5.62 -39.95
N ILE I 542 1.37 -5.41 -40.56
CA ILE I 542 1.29 -5.01 -41.96
C ILE I 542 0.14 -4.04 -42.11
N PRO I 543 0.43 -2.79 -42.50
CA PRO I 543 -0.61 -1.79 -42.70
C PRO I 543 -1.31 -2.04 -44.03
N LEU I 544 -2.65 -2.13 -43.97
CA LEU I 544 -3.48 -2.40 -45.12
C LEU I 544 -3.53 -1.23 -46.15
N ILE I 545 -3.08 -0.07 -45.72
CA ILE I 545 -3.01 1.10 -46.56
C ILE I 545 -1.55 1.47 -46.77
N PRO I 546 -1.02 1.23 -47.97
CA PRO I 546 0.37 1.54 -48.35
C PRO I 546 0.76 2.96 -47.96
N GLY I 547 1.98 3.12 -47.47
CA GLY I 547 2.42 4.45 -47.11
C GLY I 547 2.15 4.75 -45.67
N SER I 548 1.34 3.89 -45.08
CA SER I 548 1.02 4.03 -43.67
C SER I 548 2.13 3.26 -42.89
N PRO I 549 2.63 3.85 -41.80
CA PRO I 549 3.69 3.15 -41.06
C PRO I 549 3.23 2.15 -40.02
N ASN I 550 4.18 1.40 -39.50
CA ASN I 550 3.93 0.42 -38.46
C ASN I 550 3.44 1.25 -37.26
N PRO I 551 2.15 1.13 -36.89
CA PRO I 551 1.64 1.89 -35.75
C PRO I 551 2.48 1.82 -34.47
N THR I 552 3.04 0.66 -34.14
CA THR I 552 3.82 0.60 -32.92
C THR I 552 5.15 1.34 -32.99
N LYS I 553 5.52 1.84 -34.17
CA LYS I 553 6.79 2.59 -34.27
C LYS I 553 6.64 4.01 -33.73
N LEU I 554 5.40 4.44 -33.46
CA LEU I 554 5.18 5.77 -32.93
C LEU I 554 5.77 6.89 -33.77
N VAL I 555 5.50 6.86 -35.07
CA VAL I 555 6.00 7.89 -35.95
C VAL I 555 4.99 9.03 -35.82
N PRO I 556 5.45 10.24 -35.48
CA PRO I 556 4.56 11.40 -35.33
C PRO I 556 3.62 11.55 -36.52
N ARG I 557 2.35 11.71 -36.22
CA ARG I 557 1.34 11.85 -37.27
C ARG I 557 1.58 13.01 -38.22
N SER I 558 2.14 14.09 -37.70
CA SER I 558 2.41 15.29 -38.51
C SER I 558 3.49 14.99 -39.55
N MET I 559 4.34 14.03 -39.23
CA MET I 559 5.43 13.66 -40.12
C MET I 559 5.10 12.54 -41.10
N THR I 560 3.91 11.97 -40.98
CA THR I 560 3.50 10.90 -41.88
C THR I 560 2.33 11.36 -42.73
N SER I 561 2.42 11.18 -44.03
CA SER I 561 1.35 11.58 -44.91
C SER I 561 0.49 10.39 -45.29
N GLU I 562 -0.34 9.91 -44.36
CA GLU I 562 -1.20 8.76 -44.66
C GLU I 562 -2.41 9.23 -45.44
N ALA I 563 -3.58 8.74 -45.05
CA ALA I 563 -4.81 9.10 -45.70
C ALA I 563 -4.90 8.48 -47.09
N GLY I 564 -4.52 7.20 -47.20
CA GLY I 564 -4.59 6.51 -48.46
C GLY I 564 -5.79 5.57 -48.44
N GLU I 565 -5.79 4.61 -49.36
CA GLU I 565 -6.87 3.65 -49.44
C GLU I 565 -6.31 2.23 -49.43
N TYR I 566 -7.18 1.23 -49.22
CA TYR I 566 -6.76 -0.16 -49.19
C TYR I 566 -6.05 -0.65 -50.42
N ASP I 567 -4.95 -1.35 -50.22
CA ASP I 567 -4.20 -1.89 -51.33
C ASP I 567 -3.44 -3.07 -50.76
N LEU I 568 -3.88 -4.28 -51.06
CA LEU I 568 -3.21 -5.43 -50.54
C LEU I 568 -2.10 -5.99 -51.43
N ASN I 569 -1.77 -5.30 -52.51
CA ASN I 569 -0.71 -5.77 -53.39
C ASN I 569 0.68 -5.67 -52.78
N ASP I 570 1.47 -6.72 -52.92
CA ASP I 570 2.82 -6.72 -52.37
C ASP I 570 2.83 -6.23 -50.94
N MET I 571 1.79 -6.58 -50.19
CA MET I 571 1.73 -6.10 -48.81
C MET I 571 2.81 -6.76 -47.98
N TYR I 572 3.26 -7.95 -48.37
CA TYR I 572 4.32 -8.61 -47.62
C TYR I 572 5.59 -7.78 -47.67
N LYS I 573 5.67 -6.82 -48.58
CA LYS I 573 6.88 -6.00 -48.63
C LYS I 573 6.91 -4.92 -47.56
N ARG I 574 5.72 -4.48 -47.13
CA ARG I 574 5.55 -3.44 -46.11
C ARG I 574 5.59 -4.02 -44.71
N SER I 575 5.66 -5.33 -44.60
CA SER I 575 5.67 -5.96 -43.29
C SER I 575 6.73 -5.34 -42.45
N SER I 576 6.48 -5.30 -41.15
CA SER I 576 7.40 -4.69 -40.18
C SER I 576 7.22 -5.43 -38.83
N PRO I 577 8.29 -5.56 -38.04
CA PRO I 577 8.16 -6.25 -36.75
C PRO I 577 7.82 -5.32 -35.62
N ILE I 578 7.43 -5.86 -34.48
CA ILE I 578 7.18 -4.96 -33.39
C ILE I 578 8.27 -5.27 -32.39
N ASN I 579 8.84 -4.21 -31.84
CA ASN I 579 9.95 -4.27 -30.90
C ASN I 579 9.68 -4.98 -29.61
N VAL I 580 9.55 -6.28 -29.71
CA VAL I 580 9.30 -7.10 -28.56
C VAL I 580 10.34 -8.22 -28.54
N ASP I 581 10.87 -8.51 -27.38
CA ASP I 581 11.84 -9.57 -27.26
C ASP I 581 11.31 -10.88 -27.83
N PRO I 582 12.17 -11.62 -28.53
CA PRO I 582 11.78 -12.91 -29.12
C PRO I 582 11.38 -13.84 -27.99
N GLY I 583 10.41 -14.73 -28.24
CA GLY I 583 9.96 -15.68 -27.24
C GLY I 583 9.22 -16.80 -27.97
N ASP I 584 8.20 -17.38 -27.33
CA ASP I 584 7.37 -18.45 -27.92
C ASP I 584 5.93 -17.98 -27.68
N TYR I 585 5.44 -17.21 -28.64
CA TYR I 585 4.13 -16.63 -28.63
C TYR I 585 3.13 -17.41 -29.40
N ARG I 586 1.90 -17.51 -28.83
CA ARG I 586 0.83 -18.28 -29.50
C ARG I 586 -0.37 -17.42 -29.90
N MET I 587 -0.30 -16.13 -29.63
CA MET I 587 -1.43 -15.30 -29.97
C MET I 587 -1.11 -13.83 -29.74
N ILE I 588 -1.60 -12.98 -30.60
CA ILE I 588 -1.36 -11.56 -30.45
C ILE I 588 -2.72 -10.85 -30.60
N ILE I 589 -3.04 -10.00 -29.63
CA ILE I 589 -4.29 -9.26 -29.67
C ILE I 589 -4.03 -7.77 -29.61
N PRO I 590 -4.15 -7.11 -30.76
CA PRO I 590 -3.92 -5.68 -30.83
C PRO I 590 -5.10 -4.92 -30.23
N LEU I 591 -4.79 -4.01 -29.31
CA LEU I 591 -5.77 -3.19 -28.63
C LEU I 591 -5.42 -1.74 -28.89
N GLU I 592 -6.22 -0.83 -28.35
CA GLU I 592 -6.01 0.59 -28.58
C GLU I 592 -4.58 1.11 -28.36
N SER I 593 -4.12 1.15 -27.13
CA SER I 593 -2.79 1.65 -26.84
C SER I 593 -1.88 0.56 -26.29
N SER I 594 -2.28 -0.69 -26.52
CA SER I 594 -1.45 -1.81 -26.07
C SER I 594 -1.77 -3.03 -26.92
N ILE I 595 -0.98 -4.07 -26.71
CA ILE I 595 -1.10 -5.33 -27.43
C ILE I 595 -0.93 -6.46 -26.43
N LEU I 596 -1.84 -7.42 -26.46
CA LEU I 596 -1.75 -8.53 -25.57
C LEU I 596 -1.05 -9.64 -26.33
N ILE I 597 -0.18 -10.37 -25.64
CA ILE I 597 0.54 -11.48 -26.25
C ILE I 597 0.53 -12.66 -25.31
N TYR I 598 0.29 -13.84 -25.86
CA TYR I 598 0.27 -15.06 -25.08
C TYR I 598 1.66 -15.68 -25.27
N SER I 599 2.35 -15.89 -24.15
CA SER I 599 3.68 -16.43 -24.13
C SER I 599 3.83 -17.77 -23.39
N VAL I 600 4.61 -18.69 -23.96
CA VAL I 600 4.82 -19.97 -23.31
C VAL I 600 6.30 -20.14 -23.00
N PRO I 601 6.68 -20.11 -21.72
CA PRO I 601 8.06 -20.27 -21.25
C PRO I 601 8.64 -21.62 -21.75
N VAL I 602 9.95 -21.66 -21.98
CA VAL I 602 10.56 -22.90 -22.44
C VAL I 602 10.40 -23.94 -21.36
N HIS I 603 9.95 -25.13 -21.76
CA HIS I 603 9.71 -26.21 -20.80
C HIS I 603 10.03 -27.60 -21.40
N GLY I 604 10.26 -28.58 -20.52
CA GLY I 604 10.51 -29.93 -20.95
C GLY I 604 9.21 -30.54 -21.49
N GLU I 605 9.31 -31.64 -22.23
CA GLU I 605 8.13 -32.31 -22.79
C GLU I 605 7.75 -33.64 -22.12
N PHE I 606 8.52 -34.08 -21.13
CA PHE I 606 8.22 -35.34 -20.54
C PHE I 606 6.83 -35.49 -19.92
N ALA I 607 6.45 -34.50 -19.12
CA ALA I 607 5.16 -34.57 -18.46
C ALA I 607 4.02 -34.57 -19.47
N ALA I 608 4.15 -33.73 -20.50
CA ALA I 608 3.11 -33.63 -21.49
C ALA I 608 3.01 -34.84 -22.36
N TYR I 609 4.12 -35.55 -22.48
CA TYR I 609 4.20 -36.72 -23.34
C TYR I 609 3.74 -38.00 -22.64
N TYR I 610 3.97 -38.11 -21.35
CA TYR I 610 3.59 -39.30 -20.64
C TYR I 610 2.54 -39.07 -19.56
N GLN I 611 2.17 -37.82 -19.29
CA GLN I 611 1.18 -37.61 -18.25
C GLN I 611 0.12 -36.65 -18.70
N GLY I 612 0.01 -36.42 -20.00
CA GLY I 612 -0.99 -35.49 -20.48
C GLY I 612 -0.85 -34.07 -19.91
N ALA I 613 0.26 -33.74 -19.25
CA ALA I 613 0.44 -32.39 -18.70
C ALA I 613 0.24 -31.29 -19.72
N PRO I 614 -0.68 -30.35 -19.42
CA PRO I 614 -0.98 -29.22 -20.31
C PRO I 614 0.18 -28.24 -20.36
N GLU I 615 0.25 -27.47 -21.44
CA GLU I 615 1.29 -26.47 -21.65
C GLU I 615 0.91 -25.18 -20.89
N LYS I 616 1.80 -24.75 -19.98
CA LYS I 616 1.53 -23.52 -19.22
C LYS I 616 2.00 -22.25 -19.94
N GLY I 617 1.07 -21.31 -20.09
CA GLY I 617 1.36 -20.04 -20.73
C GLY I 617 1.08 -18.91 -19.77
N VAL I 618 1.32 -17.68 -20.21
CA VAL I 618 1.10 -16.49 -19.40
C VAL I 618 0.61 -15.45 -20.40
N LEU I 619 -0.24 -14.53 -19.95
CA LEU I 619 -0.76 -13.48 -20.82
C LEU I 619 0.07 -12.22 -20.56
N LEU I 620 0.69 -11.69 -21.60
CA LEU I 620 1.52 -10.49 -21.46
C LEU I 620 0.83 -9.27 -22.07
N LYS I 621 1.20 -8.10 -21.57
CA LYS I 621 0.67 -6.86 -22.11
C LYS I 621 1.84 -6.01 -22.56
N TYR I 622 1.76 -5.53 -23.80
CA TYR I 622 2.80 -4.69 -24.36
C TYR I 622 2.21 -3.30 -24.54
N ASP I 623 2.77 -2.34 -23.80
CA ASP I 623 2.32 -0.95 -23.86
C ASP I 623 2.94 -0.29 -25.10
N VAL I 624 2.12 0.10 -26.07
CA VAL I 624 2.69 0.67 -27.29
C VAL I 624 3.49 1.93 -27.07
N LYS I 625 3.04 2.73 -26.12
CA LYS I 625 3.67 4.01 -25.80
C LYS I 625 5.00 3.90 -25.03
N THR I 626 5.04 3.07 -23.99
CA THR I 626 6.25 2.93 -23.19
C THR I 626 7.09 1.75 -23.61
N ARG I 627 6.51 0.92 -24.46
CA ARG I 627 7.18 -0.28 -24.96
C ARG I 627 7.57 -1.23 -23.84
N LYS I 628 6.88 -1.09 -22.71
CA LYS I 628 7.15 -1.91 -21.54
C LYS I 628 6.19 -3.09 -21.49
N VAL I 629 6.73 -4.25 -21.18
CA VAL I 629 5.95 -5.48 -21.09
C VAL I 629 5.65 -5.87 -19.65
N THR I 630 4.47 -6.44 -19.42
CA THR I 630 4.12 -6.86 -18.08
C THR I 630 3.23 -8.08 -18.12
N GLU I 631 3.24 -8.82 -17.03
CA GLU I 631 2.47 -10.02 -16.90
C GLU I 631 1.06 -9.69 -16.45
N VAL I 632 0.06 -10.11 -17.22
CA VAL I 632 -1.35 -9.88 -16.90
C VAL I 632 -2.02 -11.09 -16.19
N LYS I 633 -1.57 -12.31 -16.48
CA LYS I 633 -2.17 -13.49 -15.88
C LYS I 633 -1.35 -14.75 -16.15
N ASN I 634 -1.00 -15.51 -15.13
CA ASN I 634 -0.22 -16.72 -15.39
C ASN I 634 -0.98 -18.05 -15.16
N ASN I 635 -0.26 -19.17 -15.25
CA ASN I 635 -0.83 -20.51 -15.09
C ASN I 635 -1.96 -20.74 -16.04
N LEU I 636 -1.88 -20.15 -17.23
CA LEU I 636 -2.92 -20.31 -18.21
C LEU I 636 -2.69 -21.52 -19.13
N THR I 637 -3.75 -22.11 -19.66
CA THR I 637 -3.53 -23.22 -20.56
C THR I 637 -4.30 -22.97 -21.83
N ASP I 638 -5.17 -21.96 -21.81
CA ASP I 638 -5.97 -21.62 -22.98
C ASP I 638 -6.66 -20.27 -22.79
N LEU I 639 -6.87 -19.53 -23.88
CA LEU I 639 -7.50 -18.22 -23.77
C LEU I 639 -8.44 -17.92 -24.95
N ARG I 640 -9.57 -17.29 -24.67
CA ARG I 640 -10.51 -16.94 -25.71
C ARG I 640 -10.83 -15.50 -25.46
N LEU I 641 -11.23 -14.78 -26.49
CA LEU I 641 -11.56 -13.39 -26.29
C LEU I 641 -12.92 -13.03 -26.90
N SER I 642 -13.64 -12.22 -26.16
CA SER I 642 -14.96 -11.71 -26.53
C SER I 642 -14.99 -11.08 -27.92
N ALA I 643 -16.20 -10.84 -28.44
CA ALA I 643 -16.37 -10.22 -29.75
C ALA I 643 -16.01 -8.74 -29.70
N ASP I 644 -16.39 -8.11 -28.61
CA ASP I 644 -16.09 -6.72 -28.44
C ASP I 644 -14.71 -6.52 -27.78
N ARG I 645 -13.92 -7.59 -27.72
CA ARG I 645 -12.59 -7.50 -27.10
C ARG I 645 -12.62 -7.00 -25.65
N LYS I 646 -13.79 -7.04 -25.00
CA LYS I 646 -13.88 -6.54 -23.62
C LYS I 646 -13.78 -7.62 -22.55
N THR I 647 -14.23 -8.82 -22.88
CA THR I 647 -14.21 -9.95 -21.94
C THR I 647 -13.19 -11.03 -22.29
N VAL I 648 -12.49 -11.50 -21.27
CA VAL I 648 -11.50 -12.54 -21.48
C VAL I 648 -11.92 -13.80 -20.74
N MET I 649 -11.86 -14.92 -21.41
CA MET I 649 -12.21 -16.21 -20.83
C MET I 649 -10.95 -17.04 -20.91
N VAL I 650 -10.62 -17.72 -19.82
CA VAL I 650 -9.40 -18.55 -19.83
C VAL I 650 -9.56 -19.84 -19.07
N ARG I 651 -8.60 -20.72 -19.26
CA ARG I 651 -8.56 -21.98 -18.55
C ARG I 651 -7.17 -21.97 -17.92
N LYS I 652 -7.10 -22.36 -16.67
CA LYS I 652 -5.82 -22.40 -16.02
C LYS I 652 -5.37 -23.83 -15.83
N ASP I 653 -4.16 -23.97 -15.29
CA ASP I 653 -3.53 -25.25 -15.06
C ASP I 653 -4.26 -26.15 -14.07
N ASP I 654 -5.24 -25.58 -13.37
CA ASP I 654 -6.02 -26.37 -12.44
C ASP I 654 -7.21 -26.97 -13.18
N GLY I 655 -7.28 -26.74 -14.49
CA GLY I 655 -8.38 -27.27 -15.26
C GLY I 655 -9.66 -26.45 -15.22
N LYS I 656 -9.72 -25.47 -14.32
CA LYS I 656 -10.92 -24.63 -14.20
C LYS I 656 -10.96 -23.47 -15.23
N ILE I 657 -12.17 -23.01 -15.52
CA ILE I 657 -12.39 -21.93 -16.47
C ILE I 657 -12.72 -20.65 -15.74
N TYR I 658 -12.08 -19.57 -16.18
CA TYR I 658 -12.30 -18.29 -15.56
C TYR I 658 -12.63 -17.23 -16.54
N THR I 659 -13.17 -16.13 -16.04
CA THR I 659 -13.51 -15.02 -16.90
C THR I 659 -13.19 -13.69 -16.19
N PHE I 660 -12.62 -12.75 -16.91
CA PHE I 660 -12.30 -11.46 -16.34
C PHE I 660 -12.38 -10.37 -17.39
N PRO I 661 -12.68 -9.13 -16.96
CA PRO I 661 -12.77 -8.01 -17.90
C PRO I 661 -11.35 -7.60 -18.30
N LEU I 662 -11.19 -7.23 -19.56
CA LEU I 662 -9.90 -6.83 -20.07
C LEU I 662 -9.45 -5.57 -19.33
N GLU I 663 -10.41 -4.80 -18.81
CA GLU I 663 -10.14 -3.56 -18.09
C GLU I 663 -9.63 -3.80 -16.66
N LYS I 664 -10.20 -4.79 -15.99
CA LYS I 664 -9.82 -5.11 -14.62
C LYS I 664 -9.60 -6.62 -14.44
N PRO I 665 -8.48 -7.15 -14.98
CA PRO I 665 -8.14 -8.57 -14.89
C PRO I 665 -8.06 -9.09 -13.48
N GLU I 666 -8.11 -8.21 -12.50
CA GLU I 666 -8.06 -8.64 -11.13
C GLU I 666 -9.43 -9.15 -10.71
N ASP I 667 -10.48 -8.73 -11.43
CA ASP I 667 -11.84 -9.17 -11.11
C ASP I 667 -12.32 -10.38 -11.94
N GLU I 668 -11.65 -11.52 -11.80
CA GLU I 668 -12.04 -12.69 -12.54
C GLU I 668 -13.02 -13.51 -11.71
N ARG I 669 -13.92 -14.23 -12.38
CA ARG I 669 -14.89 -15.10 -11.73
C ARG I 669 -14.67 -16.51 -12.30
N THR I 670 -15.05 -17.52 -11.53
CA THR I 670 -14.92 -18.91 -11.96
C THR I 670 -16.22 -19.31 -12.67
N VAL I 671 -16.10 -19.91 -13.84
CA VAL I 671 -17.28 -20.33 -14.58
C VAL I 671 -17.74 -21.65 -13.99
N GLU I 672 -18.94 -21.65 -13.40
CA GLU I 672 -19.49 -22.87 -12.80
C GLU I 672 -20.39 -23.55 -13.82
N THR I 673 -20.15 -24.82 -14.06
CA THR I 673 -20.92 -25.57 -15.04
C THR I 673 -21.61 -26.83 -14.48
N ASP I 674 -21.22 -27.24 -13.29
CA ASP I 674 -21.75 -28.46 -12.71
C ASP I 674 -22.94 -28.26 -11.79
N LYS I 675 -23.55 -27.09 -11.84
CA LYS I 675 -24.69 -26.86 -10.98
C LYS I 675 -25.86 -27.73 -11.48
N ARG I 676 -25.86 -28.00 -12.78
CA ARG I 676 -26.89 -28.80 -13.43
C ARG I 676 -26.30 -30.07 -14.03
N PRO I 677 -26.95 -31.21 -13.79
CA PRO I 677 -26.49 -32.51 -14.31
C PRO I 677 -26.62 -32.59 -15.83
N LEU I 678 -25.74 -33.34 -16.47
CA LEU I 678 -25.83 -33.52 -17.92
C LEU I 678 -26.75 -34.72 -18.07
N VAL I 679 -27.71 -34.63 -18.99
CA VAL I 679 -28.64 -35.77 -19.15
C VAL I 679 -28.56 -36.44 -20.51
N SER I 680 -28.40 -37.76 -20.53
CA SER I 680 -28.29 -38.47 -21.79
C SER I 680 -28.83 -39.91 -21.75
N SER I 681 -28.88 -40.53 -22.92
CA SER I 681 -29.33 -41.91 -23.12
C SER I 681 -28.18 -42.82 -23.52
N ILE I 682 -27.90 -43.83 -22.70
CA ILE I 682 -26.84 -44.77 -23.00
C ILE I 682 -26.91 -45.29 -24.44
N HIS I 683 -28.06 -45.83 -24.85
CA HIS I 683 -28.17 -46.36 -26.20
C HIS I 683 -28.04 -45.34 -27.31
N GLU I 684 -28.49 -44.11 -27.10
CA GLU I 684 -28.34 -43.13 -28.15
C GLU I 684 -26.85 -42.78 -28.32
N GLU I 685 -26.11 -42.72 -27.20
CA GLU I 685 -24.70 -42.39 -27.23
C GLU I 685 -23.88 -43.54 -27.83
N PHE I 686 -24.23 -44.74 -27.40
CA PHE I 686 -23.53 -45.92 -27.87
C PHE I 686 -23.60 -46.01 -29.40
N LEU I 687 -24.79 -45.77 -29.96
CA LEU I 687 -24.96 -45.84 -31.40
C LEU I 687 -24.14 -44.75 -32.01
N GLN I 688 -24.27 -43.55 -31.47
CA GLN I 688 -23.54 -42.40 -31.97
C GLN I 688 -22.03 -42.70 -31.94
N MET I 689 -21.52 -43.14 -30.78
CA MET I 689 -20.09 -43.41 -30.65
C MET I 689 -19.59 -44.48 -31.61
N TYR I 690 -20.37 -45.55 -31.74
CA TYR I 690 -20.00 -46.63 -32.66
C TYR I 690 -19.90 -46.06 -34.07
N ASP I 691 -20.93 -45.35 -34.50
CA ASP I 691 -20.90 -44.80 -35.83
C ASP I 691 -19.71 -43.89 -36.05
N GLU I 692 -19.33 -43.09 -35.03
CA GLU I 692 -18.20 -42.16 -35.16
C GLU I 692 -16.87 -42.91 -35.24
N ALA I 693 -16.73 -43.94 -34.42
CA ALA I 693 -15.53 -44.76 -34.41
C ALA I 693 -15.41 -45.39 -35.78
N TRP I 694 -16.51 -45.96 -36.24
CA TRP I 694 -16.53 -46.59 -37.54
C TRP I 694 -16.17 -45.58 -38.65
N LYS I 695 -16.72 -44.37 -38.56
CA LYS I 695 -16.49 -43.38 -39.57
C LYS I 695 -15.06 -42.88 -39.60
N LEU I 696 -14.45 -42.79 -38.41
CA LEU I 696 -13.08 -42.28 -38.29
C LEU I 696 -12.17 -43.34 -38.88
N ALA I 697 -12.41 -44.59 -38.47
CA ALA I 697 -11.63 -45.72 -38.93
C ALA I 697 -11.61 -45.72 -40.44
N ARG I 698 -12.73 -45.36 -41.06
CA ARG I 698 -12.79 -45.31 -42.51
C ARG I 698 -12.13 -44.07 -43.15
N ASP I 699 -12.45 -42.91 -42.60
CA ASP I 699 -11.95 -41.66 -43.11
C ASP I 699 -10.43 -41.49 -42.96
N ASN I 700 -9.85 -42.03 -41.90
CA ASN I 700 -8.42 -41.86 -41.68
C ASN I 700 -7.46 -42.98 -42.05
N TYR I 701 -8.00 -44.14 -42.43
CA TYR I 701 -7.17 -45.26 -42.81
C TYR I 701 -6.28 -44.79 -43.94
N TRP I 702 -5.00 -45.11 -43.84
CA TRP I 702 -4.03 -44.65 -44.83
C TRP I 702 -4.36 -44.96 -46.28
N ASN I 703 -5.05 -46.06 -46.52
CA ASN I 703 -5.41 -46.45 -47.87
C ASN I 703 -6.90 -46.30 -48.11
N GLU I 704 -7.27 -45.33 -48.93
CA GLU I 704 -8.65 -45.03 -49.25
C GLU I 704 -9.41 -46.18 -49.90
N ALA I 705 -8.83 -46.78 -50.94
CA ALA I 705 -9.50 -47.90 -51.58
C ALA I 705 -9.84 -48.98 -50.54
N VAL I 706 -8.84 -49.40 -49.79
CA VAL I 706 -9.05 -50.41 -48.79
C VAL I 706 -10.12 -49.99 -47.80
N ALA I 707 -10.09 -48.73 -47.42
CA ALA I 707 -11.06 -48.23 -46.46
C ALA I 707 -12.48 -48.34 -46.98
N LYS I 708 -12.65 -48.22 -48.30
CA LYS I 708 -13.99 -48.31 -48.91
C LYS I 708 -14.59 -49.71 -48.75
N GLU I 709 -13.82 -50.73 -49.10
CA GLU I 709 -14.32 -52.09 -48.98
C GLU I 709 -14.46 -52.56 -47.51
N ILE I 710 -13.38 -52.45 -46.74
CA ILE I 710 -13.38 -52.87 -45.34
C ILE I 710 -14.51 -52.25 -44.55
N SER I 711 -14.66 -50.93 -44.68
CA SER I 711 -15.71 -50.22 -43.94
C SER I 711 -17.11 -50.72 -44.24
N GLU I 712 -17.46 -50.77 -45.52
CA GLU I 712 -18.79 -51.22 -45.91
C GLU I 712 -19.10 -52.66 -45.58
N ARG I 713 -18.05 -53.45 -45.54
CA ARG I 713 -18.20 -54.85 -45.27
C ARG I 713 -18.29 -55.18 -43.77
N ILE I 714 -18.02 -54.22 -42.89
CA ILE I 714 -18.07 -54.51 -41.45
C ILE I 714 -19.08 -53.69 -40.65
N TYR I 715 -19.63 -52.65 -41.26
CA TYR I 715 -20.58 -51.79 -40.58
C TYR I 715 -21.68 -52.51 -39.85
N GLU I 716 -22.64 -53.04 -40.60
CA GLU I 716 -23.81 -53.76 -40.05
C GLU I 716 -23.45 -54.86 -39.08
N LYS I 717 -22.46 -55.67 -39.44
CA LYS I 717 -22.00 -56.77 -38.59
C LYS I 717 -21.74 -56.37 -37.13
N TYR I 718 -20.98 -55.31 -36.92
CA TYR I 718 -20.68 -54.88 -35.57
C TYR I 718 -21.71 -53.96 -34.98
N ARG I 719 -22.53 -53.34 -35.85
CA ARG I 719 -23.58 -52.45 -35.40
C ARG I 719 -24.64 -53.25 -34.70
N ASN I 720 -24.86 -54.49 -35.14
CA ASN I 720 -25.86 -55.35 -34.52
C ASN I 720 -25.57 -55.70 -33.10
N LEU I 721 -24.34 -55.53 -32.68
CA LEU I 721 -23.98 -55.85 -31.30
C LEU I 721 -24.18 -54.66 -30.36
N VAL I 722 -24.14 -53.46 -30.93
CA VAL I 722 -24.26 -52.25 -30.12
C VAL I 722 -25.47 -52.24 -29.18
N PRO I 723 -26.65 -52.64 -29.70
CA PRO I 723 -27.83 -52.64 -28.83
C PRO I 723 -27.72 -53.63 -27.66
N LEU I 724 -26.80 -54.58 -27.75
CA LEU I 724 -26.60 -55.51 -26.65
C LEU I 724 -25.66 -54.93 -25.60
N CYS I 725 -25.00 -53.82 -25.90
CA CYS I 725 -24.09 -53.23 -24.94
C CYS I 725 -24.83 -52.36 -23.95
N LYS I 726 -24.49 -52.50 -22.67
CA LYS I 726 -25.10 -51.68 -21.64
C LYS I 726 -24.04 -50.91 -20.89
N THR I 727 -22.78 -51.31 -21.05
CA THR I 727 -21.69 -50.60 -20.37
C THR I 727 -20.64 -50.13 -21.37
N ARG I 728 -19.85 -49.15 -20.97
CA ARG I 728 -18.79 -48.64 -21.83
C ARG I 728 -17.84 -49.76 -22.21
N TYR I 729 -17.50 -50.64 -21.28
CA TYR I 729 -16.63 -51.76 -21.54
C TYR I 729 -17.25 -52.63 -22.61
N ASP I 730 -18.57 -52.75 -22.62
CA ASP I 730 -19.29 -53.52 -23.65
C ASP I 730 -19.04 -52.91 -25.03
N LEU I 731 -19.26 -51.61 -25.13
CA LEU I 731 -19.07 -50.91 -26.39
C LEU I 731 -17.62 -51.05 -26.90
N SER I 732 -16.67 -51.04 -25.98
CA SER I 732 -15.27 -51.19 -26.27
C SER I 732 -15.03 -52.55 -26.94
N ASN I 733 -15.64 -53.61 -26.42
CA ASN I 733 -15.48 -54.94 -27.02
C ASN I 733 -15.97 -54.90 -28.43
N VAL I 734 -17.10 -54.25 -28.63
CA VAL I 734 -17.59 -54.16 -29.96
C VAL I 734 -16.72 -53.26 -30.85
N ILE I 735 -16.43 -52.03 -30.43
CA ILE I 735 -15.62 -51.15 -31.26
C ILE I 735 -14.22 -51.70 -31.64
N VAL I 736 -13.50 -52.28 -30.69
CA VAL I 736 -12.17 -52.79 -30.97
C VAL I 736 -12.17 -53.90 -32.00
N GLU I 737 -13.15 -54.76 -31.92
CA GLU I 737 -13.30 -55.85 -32.87
C GLU I 737 -13.57 -55.26 -34.26
N MET I 738 -14.35 -54.21 -34.34
CA MET I 738 -14.54 -53.64 -35.63
C MET I 738 -13.24 -52.97 -36.09
N GLN I 739 -12.46 -52.41 -35.18
CA GLN I 739 -11.20 -51.80 -35.57
C GLN I 739 -10.18 -52.87 -36.11
N GLY I 740 -10.23 -54.08 -35.52
CA GLY I 740 -9.37 -55.17 -35.96
C GLY I 740 -9.56 -55.57 -37.43
N GLU I 741 -10.76 -55.33 -37.95
CA GLU I 741 -11.06 -55.64 -39.33
C GLU I 741 -10.10 -54.96 -40.30
N TYR I 742 -9.38 -53.94 -39.85
CA TYR I 742 -8.43 -53.28 -40.75
C TYR I 742 -7.11 -54.01 -40.81
N ARG I 743 -6.96 -55.03 -39.96
CA ARG I 743 -5.78 -55.86 -39.97
C ARG I 743 -4.48 -55.07 -40.07
N THR I 744 -4.46 -53.91 -39.42
CA THR I 744 -3.29 -53.05 -39.44
C THR I 744 -2.92 -52.70 -38.01
N SER I 745 -1.67 -52.32 -37.79
CA SER I 745 -1.23 -51.93 -36.46
C SER I 745 -1.86 -50.58 -36.08
N HIS I 746 -1.49 -50.09 -34.90
CA HIS I 746 -1.92 -48.78 -34.36
C HIS I 746 -3.40 -48.39 -34.37
N SER I 747 -4.27 -49.36 -34.10
CA SER I 747 -5.71 -49.12 -34.02
C SER I 747 -6.03 -49.25 -32.54
N TYR I 748 -5.88 -48.16 -31.82
CA TYR I 748 -6.12 -48.23 -30.38
C TYR I 748 -7.35 -47.49 -29.89
N GLU I 749 -7.67 -47.74 -28.64
CA GLU I 749 -8.79 -47.07 -27.98
C GLU I 749 -8.24 -46.67 -26.60
N MET I 750 -8.09 -45.38 -26.39
CA MET I 750 -7.56 -44.84 -25.15
C MET I 750 -8.55 -43.90 -24.43
N GLY I 751 -8.37 -43.72 -23.13
CA GLY I 751 -9.24 -42.80 -22.41
C GLY I 751 -10.68 -43.27 -22.41
N GLY I 752 -11.59 -42.39 -22.05
CA GLY I 752 -12.99 -42.79 -22.01
C GLY I 752 -13.33 -43.00 -20.56
N THR I 753 -14.62 -43.10 -20.26
CA THR I 753 -15.06 -43.30 -18.89
C THR I 753 -15.76 -44.63 -18.81
N PHE I 754 -15.13 -45.63 -18.18
CA PHE I 754 -15.72 -46.97 -18.08
C PHE I 754 -16.26 -47.25 -16.70
N THR I 755 -15.73 -46.56 -15.72
CA THR I 755 -16.13 -46.80 -14.34
C THR I 755 -16.01 -45.53 -13.53
N ASP I 756 -16.59 -45.53 -12.34
CA ASP I 756 -16.47 -44.38 -11.49
C ASP I 756 -15.70 -44.82 -10.22
N LYS I 757 -15.06 -45.99 -10.30
CA LYS I 757 -14.28 -46.54 -9.18
C LYS I 757 -12.89 -45.92 -9.15
N ASP I 758 -12.42 -45.60 -7.94
CA ASP I 758 -11.08 -45.03 -7.83
C ASP I 758 -10.03 -46.05 -8.23
N PRO I 759 -9.02 -45.60 -8.98
CA PRO I 759 -7.98 -46.51 -9.38
C PRO I 759 -7.30 -47.20 -8.20
N PHE I 760 -6.84 -48.42 -8.44
CA PHE I 760 -6.12 -49.21 -7.46
C PHE I 760 -4.84 -48.47 -7.12
N ARG I 761 -4.44 -48.54 -5.86
CA ARG I 761 -3.21 -47.89 -5.42
C ARG I 761 -2.21 -48.97 -5.03
N SER I 762 -0.92 -48.66 -5.16
CA SER I 762 0.13 -49.60 -4.78
C SER I 762 1.19 -48.81 -4.00
N GLY I 763 1.67 -49.38 -2.91
CA GLY I 763 2.68 -48.71 -2.11
C GLY I 763 4.05 -49.23 -2.50
N ARG I 764 4.95 -48.38 -2.99
CA ARG I 764 6.25 -48.87 -3.35
C ARG I 764 7.44 -48.17 -2.75
N ILE I 765 8.49 -48.93 -2.45
CA ILE I 765 9.71 -48.36 -1.91
C ILE I 765 10.92 -48.90 -2.68
N ALA I 766 10.67 -49.33 -3.90
CA ALA I 766 11.72 -49.88 -4.76
C ALA I 766 12.51 -50.97 -4.04
N CYS I 767 11.81 -51.96 -3.52
CA CYS I 767 12.44 -53.07 -2.83
C CYS I 767 11.65 -54.31 -3.15
N ASP I 768 12.30 -55.46 -3.04
CA ASP I 768 11.64 -56.75 -3.26
C ASP I 768 11.63 -57.47 -1.92
N PHE I 769 10.44 -57.85 -1.48
CA PHE I 769 10.32 -58.53 -0.22
C PHE I 769 10.22 -60.02 -0.40
N LYS I 770 10.72 -60.75 0.59
CA LYS I 770 10.68 -62.22 0.61
C LYS I 770 10.17 -62.69 1.98
N LEU I 771 9.14 -63.51 1.97
CA LEU I 771 8.58 -64.01 3.20
C LEU I 771 9.42 -65.18 3.70
N ASP I 772 10.30 -64.88 4.65
CA ASP I 772 11.17 -65.88 5.21
C ASP I 772 10.78 -66.13 6.65
N GLY I 773 10.29 -67.32 6.95
CA GLY I 773 9.85 -67.57 8.32
C GLY I 773 8.55 -66.77 8.51
N ASP I 774 8.49 -65.87 9.48
CA ASP I 774 7.26 -65.10 9.66
C ASP I 774 7.54 -63.63 9.55
N HIS I 775 8.63 -63.33 8.85
CA HIS I 775 9.10 -61.97 8.65
C HIS I 775 9.43 -61.76 7.20
N TYR I 776 9.34 -60.51 6.77
CA TYR I 776 9.68 -60.13 5.42
C TYR I 776 11.12 -59.63 5.45
N VAL I 777 11.87 -60.03 4.47
CA VAL I 777 13.25 -59.60 4.36
C VAL I 777 13.39 -58.89 3.03
N VAL I 778 14.10 -57.79 3.02
CA VAL I 778 14.31 -57.08 1.78
C VAL I 778 15.26 -57.95 0.94
N ALA I 779 14.71 -58.56 -0.11
CA ALA I 779 15.45 -59.43 -1.00
C ALA I 779 16.35 -58.68 -1.96
N LYS I 780 15.91 -57.48 -2.32
CA LYS I 780 16.62 -56.63 -3.23
C LYS I 780 16.22 -55.16 -3.05
N ALA I 781 17.20 -54.25 -3.08
CA ALA I 781 17.00 -52.82 -2.91
C ALA I 781 17.50 -52.18 -4.19
N TYR I 782 16.59 -51.78 -5.07
CA TYR I 782 16.93 -51.18 -6.36
C TYR I 782 17.55 -49.78 -6.35
N ALA I 783 18.49 -49.56 -7.27
CA ALA I 783 19.21 -48.29 -7.43
C ALA I 783 19.87 -48.19 -8.82
N GLY I 784 19.66 -47.07 -9.49
CA GLY I 784 20.28 -46.85 -10.78
C GLY I 784 21.52 -45.97 -10.51
N ASP I 785 21.42 -44.68 -10.81
CA ASP I 785 22.51 -43.74 -10.53
C ASP I 785 22.16 -43.00 -9.24
N TYR I 786 22.82 -43.37 -8.15
CA TYR I 786 22.60 -42.76 -6.86
C TYR I 786 22.46 -41.23 -6.84
N SER I 787 23.13 -40.55 -7.76
CA SER I 787 23.07 -39.10 -7.81
C SER I 787 21.94 -38.52 -8.68
N ASN I 788 21.30 -39.35 -9.49
CA ASN I 788 20.18 -38.82 -10.25
C ASN I 788 18.95 -38.76 -9.34
N GLU I 789 17.93 -38.09 -9.86
CA GLU I 789 16.68 -37.91 -9.15
C GLU I 789 15.84 -39.14 -9.38
N GLY I 790 15.20 -39.62 -8.32
CA GLY I 790 14.33 -40.76 -8.42
C GLY I 790 14.83 -42.05 -9.03
N GLU I 791 16.03 -42.49 -8.64
CA GLU I 791 16.59 -43.74 -9.17
C GLU I 791 17.04 -44.70 -8.09
N LYS I 792 16.42 -44.64 -6.93
CA LYS I 792 16.80 -45.56 -5.89
C LYS I 792 15.70 -45.68 -4.85
N SER I 793 15.82 -46.64 -3.96
CA SER I 793 14.85 -46.78 -2.91
C SER I 793 15.04 -45.62 -1.97
N PRO I 794 13.95 -44.99 -1.53
CA PRO I 794 14.02 -43.85 -0.62
C PRO I 794 14.73 -44.14 0.70
N ILE I 795 14.95 -45.41 0.99
CA ILE I 795 15.65 -45.76 2.21
C ILE I 795 17.11 -45.32 2.11
N PHE I 796 17.67 -45.36 0.91
CA PHE I 796 19.06 -44.97 0.76
C PHE I 796 19.34 -43.58 1.33
N GLU I 797 18.38 -42.67 1.25
CA GLU I 797 18.59 -41.33 1.74
C GLU I 797 18.97 -41.27 3.24
N TYR I 798 18.76 -42.37 3.94
CA TYR I 798 19.12 -42.42 5.35
C TYR I 798 20.49 -43.02 5.55
N GLY I 799 21.17 -43.26 4.44
CA GLY I 799 22.50 -43.79 4.50
C GLY I 799 22.67 -45.26 4.82
N ILE I 800 21.78 -46.11 4.29
CA ILE I 800 21.92 -47.55 4.51
C ILE I 800 21.28 -48.29 3.36
N ASP I 801 21.83 -49.46 3.04
CA ASP I 801 21.28 -50.30 2.00
C ASP I 801 20.38 -51.30 2.73
N PRO I 802 19.05 -51.22 2.51
CA PRO I 802 18.05 -52.08 3.13
C PRO I 802 18.14 -53.56 2.83
N THR I 803 18.96 -53.93 1.83
CA THR I 803 19.12 -55.31 1.43
C THR I 803 19.49 -56.18 2.60
N GLY I 804 18.77 -57.27 2.77
CA GLY I 804 19.07 -58.14 3.88
C GLY I 804 18.38 -57.84 5.21
N TYR I 805 17.93 -56.59 5.40
CA TYR I 805 17.24 -56.23 6.64
C TYR I 805 15.85 -56.87 6.67
N LEU I 806 15.28 -56.95 7.88
CA LEU I 806 13.95 -57.51 8.09
C LEU I 806 13.04 -56.35 8.40
N ILE I 807 11.86 -56.37 7.79
CA ILE I 807 10.92 -55.30 8.06
C ILE I 807 10.02 -55.71 9.21
N GLU I 808 10.30 -55.16 10.39
CA GLU I 808 9.52 -55.46 11.57
C GLU I 808 8.10 -54.98 11.42
N ASP I 809 7.96 -53.70 11.13
CA ASP I 809 6.62 -53.14 10.98
C ASP I 809 6.61 -51.81 10.26
N ILE I 810 5.41 -51.37 9.91
CA ILE I 810 5.24 -50.12 9.21
C ILE I 810 4.14 -49.35 9.93
N ASP I 811 4.46 -48.12 10.36
CA ASP I 811 3.53 -47.26 11.09
C ASP I 811 2.89 -47.97 12.29
N GLY I 812 3.73 -48.58 13.12
CA GLY I 812 3.25 -49.28 14.29
C GLY I 812 2.54 -50.60 14.02
N GLU I 813 2.28 -50.94 12.75
CA GLU I 813 1.61 -52.20 12.44
C GLU I 813 2.58 -53.30 12.01
N THR I 814 2.55 -54.41 12.73
CA THR I 814 3.41 -55.51 12.44
C THR I 814 3.06 -56.12 11.10
N VAL I 815 4.10 -56.34 10.27
CA VAL I 815 3.93 -56.99 8.97
C VAL I 815 4.72 -58.29 9.01
N GLY I 816 4.25 -59.27 8.25
CA GLY I 816 4.95 -60.54 8.21
C GLY I 816 3.98 -61.66 7.91
N ALA I 817 4.31 -62.87 8.37
CA ALA I 817 3.50 -64.06 8.16
C ALA I 817 1.99 -63.83 8.14
N GLY I 818 1.48 -63.07 9.09
CA GLY I 818 0.05 -62.85 9.09
C GLY I 818 -0.35 -61.44 8.70
N SER I 819 0.48 -60.74 7.94
CA SER I 819 0.16 -59.37 7.56
C SER I 819 0.81 -58.92 6.26
N ASN I 820 -0.04 -58.85 5.25
CA ASN I 820 0.32 -58.49 3.89
C ASN I 820 1.03 -57.15 3.78
N ILE I 821 2.34 -57.18 3.60
CA ILE I 821 3.08 -55.93 3.50
C ILE I 821 2.67 -55.11 2.28
N TYR I 822 2.28 -55.80 1.20
CA TYR I 822 1.83 -55.12 -0.01
C TYR I 822 0.59 -54.25 0.27
N ARG I 823 -0.34 -54.75 1.08
CA ARG I 823 -1.54 -54.01 1.41
C ARG I 823 -1.23 -52.84 2.35
N VAL I 824 -0.44 -53.11 3.38
CA VAL I 824 -0.10 -52.05 4.32
C VAL I 824 0.55 -50.90 3.52
N LEU I 825 1.50 -51.21 2.65
CA LEU I 825 2.13 -50.18 1.88
C LEU I 825 1.09 -49.51 0.99
N SER I 826 0.23 -50.31 0.44
CA SER I 826 -0.81 -49.77 -0.45
C SER I 826 -1.54 -48.59 0.20
N GLU I 827 -1.89 -48.75 1.48
CA GLU I 827 -2.59 -47.74 2.23
C GLU I 827 -1.81 -46.51 2.71
N LYS I 828 -0.50 -46.48 2.46
CA LYS I 828 0.36 -45.38 2.87
C LYS I 828 0.98 -44.70 1.62
N ALA I 829 0.70 -45.26 0.45
CA ALA I 829 1.23 -44.68 -0.77
C ALA I 829 0.95 -43.19 -0.82
N GLY I 830 1.98 -42.46 -1.23
CA GLY I 830 1.87 -41.02 -1.34
C GLY I 830 2.22 -40.25 -0.08
N THR I 831 2.66 -40.95 0.96
CA THR I 831 3.00 -40.31 2.24
C THR I 831 4.23 -40.98 2.83
N SER I 832 4.65 -40.50 3.99
CA SER I 832 5.79 -41.08 4.69
C SER I 832 5.30 -41.86 5.86
N ALA I 833 5.87 -43.04 6.04
CA ALA I 833 5.48 -43.91 7.14
C ALA I 833 6.72 -44.31 7.89
N ARG I 834 6.56 -44.54 9.18
CA ARG I 834 7.67 -44.95 10.00
C ARG I 834 7.87 -46.47 9.74
N ILE I 835 9.06 -46.84 9.28
CA ILE I 835 9.36 -48.25 9.02
C ILE I 835 10.40 -48.71 10.04
N ARG I 836 10.19 -49.87 10.65
CA ARG I 836 11.15 -50.40 11.62
C ARG I 836 11.94 -51.50 10.89
N LEU I 837 13.26 -51.35 10.82
CA LEU I 837 14.09 -52.37 10.15
C LEU I 837 15.10 -53.01 11.12
N SER I 838 15.49 -54.26 10.85
CA SER I 838 16.47 -54.98 11.66
C SER I 838 17.50 -55.62 10.77
N GLY I 839 18.77 -55.34 11.01
CA GLY I 839 19.83 -55.94 10.21
C GLY I 839 20.77 -56.85 11.01
N LYS I 840 22.05 -56.85 10.62
CA LYS I 840 23.10 -57.65 11.29
C LYS I 840 23.18 -57.30 12.77
N GLY I 841 22.90 -58.28 13.61
CA GLY I 841 22.94 -58.08 15.06
C GLY I 841 21.86 -57.14 15.56
N GLY I 842 22.17 -56.41 16.62
CA GLY I 842 21.21 -55.46 17.19
C GLY I 842 21.08 -54.23 16.32
N ASP I 843 21.32 -54.37 15.02
CA ASP I 843 21.21 -53.24 14.10
C ASP I 843 19.73 -52.94 13.84
N LYS I 844 19.13 -52.08 14.65
CA LYS I 844 17.73 -51.72 14.48
C LYS I 844 17.55 -50.27 14.03
N ARG I 845 16.75 -50.04 12.99
CA ARG I 845 16.51 -48.69 12.48
C ARG I 845 15.06 -48.29 12.47
N ASP I 846 14.81 -47.02 12.72
CA ASP I 846 13.45 -46.49 12.75
C ASP I 846 13.40 -45.23 11.90
N LEU I 847 12.93 -45.37 10.68
CA LEU I 847 12.92 -44.24 9.74
C LEU I 847 11.57 -43.84 9.14
N MET I 848 11.48 -42.58 8.72
CA MET I 848 10.26 -42.12 8.07
C MET I 848 10.54 -42.27 6.57
N ILE I 849 9.96 -43.28 5.96
CA ILE I 849 10.19 -43.54 4.57
C ILE I 849 9.13 -43.06 3.61
N ASP I 850 9.55 -42.46 2.52
CA ASP I 850 8.58 -42.02 1.53
C ASP I 850 8.06 -43.28 0.86
N ILE I 851 6.75 -43.38 0.76
CA ILE I 851 6.18 -44.52 0.10
C ILE I 851 5.65 -44.08 -1.27
N LEU I 852 6.35 -44.47 -2.31
CA LEU I 852 5.99 -44.10 -3.67
C LEU I 852 4.70 -44.70 -4.22
N ASP I 853 4.10 -44.04 -5.21
CA ASP I 853 2.90 -44.57 -5.82
C ASP I 853 3.33 -45.54 -6.91
N ASP I 854 4.56 -45.38 -7.38
CA ASP I 854 5.12 -46.23 -8.42
C ASP I 854 6.63 -46.26 -8.29
N ASP I 855 7.27 -47.28 -8.85
CA ASP I 855 8.71 -47.38 -8.78
C ASP I 855 9.32 -48.07 -10.03
N ARG I 856 8.55 -48.10 -11.11
CA ARG I 856 8.95 -48.68 -12.39
C ARG I 856 10.26 -48.06 -12.91
N PHE I 857 10.30 -46.74 -12.92
CA PHE I 857 11.47 -46.05 -13.41
C PHE I 857 12.71 -46.42 -12.60
N ILE I 858 12.57 -46.55 -11.29
CA ILE I 858 13.71 -46.93 -10.48
C ILE I 858 14.14 -48.35 -10.87
N ARG I 859 13.20 -49.26 -11.06
CA ARG I 859 13.55 -50.61 -11.46
C ARG I 859 14.25 -50.55 -12.82
N TYR I 860 13.68 -49.77 -13.74
CA TYR I 860 14.25 -49.64 -15.05
C TYR I 860 15.73 -49.20 -15.02
N ARG I 861 16.02 -48.06 -14.39
CA ARG I 861 17.37 -47.51 -14.36
C ARG I 861 18.36 -48.43 -13.65
N SER I 862 17.85 -49.18 -12.68
CA SER I 862 18.63 -50.16 -11.94
C SER I 862 19.07 -51.19 -12.99
N TRP I 863 18.10 -51.69 -13.75
CA TRP I 863 18.33 -52.69 -14.78
C TRP I 863 19.37 -52.20 -15.75
N VAL I 864 19.15 -51.01 -16.26
CA VAL I 864 20.10 -50.45 -17.20
C VAL I 864 21.54 -50.40 -16.57
N GLU I 865 21.67 -49.90 -15.34
CA GLU I 865 22.99 -49.83 -14.75
C GLU I 865 23.60 -51.19 -14.48
N ALA I 866 22.77 -52.17 -14.27
CA ALA I 866 23.24 -53.52 -14.01
C ALA I 866 23.80 -54.06 -15.32
N ASN I 867 23.05 -53.92 -16.42
CA ASN I 867 23.55 -54.42 -17.70
C ASN I 867 24.79 -53.64 -18.12
N ARG I 868 24.80 -52.35 -17.80
CA ARG I 868 25.91 -51.52 -18.13
C ARG I 868 27.13 -51.98 -17.32
N ARG I 869 26.95 -52.29 -16.04
CA ARG I 869 28.13 -52.74 -15.29
C ARG I 869 28.63 -54.08 -15.86
N TYR I 870 27.67 -54.94 -16.17
CA TYR I 870 27.93 -56.25 -16.70
C TYR I 870 28.76 -56.20 -17.99
N VAL I 871 28.33 -55.38 -18.93
CA VAL I 871 29.04 -55.26 -20.17
C VAL I 871 30.45 -54.76 -19.95
N HIS I 872 30.64 -53.79 -19.06
CA HIS I 872 32.00 -53.29 -18.78
C HIS I 872 32.87 -54.39 -18.17
N GLU I 873 32.30 -55.24 -17.33
CA GLU I 873 33.13 -56.28 -16.75
C GLU I 873 33.44 -57.44 -17.67
N ARG I 874 32.47 -57.84 -18.48
CA ARG I 874 32.67 -58.97 -19.38
C ARG I 874 33.59 -58.63 -20.59
N SER I 875 33.60 -57.38 -21.03
CA SER I 875 34.44 -56.97 -22.14
C SER I 875 35.75 -56.40 -21.59
N LYS I 876 35.92 -56.55 -20.27
CA LYS I 876 37.12 -56.05 -19.59
C LYS I 876 37.30 -54.56 -19.78
N GLY I 877 36.20 -53.81 -19.78
CA GLY I 877 36.27 -52.38 -19.93
C GLY I 877 36.45 -51.95 -21.37
N THR I 878 36.17 -52.84 -22.32
CA THR I 878 36.38 -52.46 -23.71
C THR I 878 35.12 -52.15 -24.50
N ILE I 879 33.97 -52.40 -23.90
CA ILE I 879 32.67 -52.19 -24.57
C ILE I 879 31.64 -51.33 -23.78
N GLY I 880 31.00 -50.39 -24.46
CA GLY I 880 30.01 -49.54 -23.83
C GLY I 880 28.63 -50.12 -24.00
N TYR I 881 27.67 -49.56 -23.26
CA TYR I 881 26.30 -50.02 -23.34
C TYR I 881 25.28 -48.90 -23.16
N ILE I 882 24.27 -48.89 -24.03
CA ILE I 882 23.21 -47.91 -24.01
C ILE I 882 21.86 -48.62 -24.26
N HIS I 883 20.83 -48.23 -23.50
CA HIS I 883 19.55 -48.80 -23.72
C HIS I 883 18.53 -47.72 -24.08
N ILE I 884 17.66 -48.02 -25.02
CA ILE I 884 16.63 -47.08 -25.44
C ILE I 884 15.27 -47.70 -25.19
N PRO I 885 14.57 -47.24 -24.14
CA PRO I 885 13.24 -47.73 -23.72
C PRO I 885 12.13 -47.42 -24.73
N ASP I 886 12.15 -46.25 -25.32
CA ASP I 886 11.15 -45.97 -26.33
C ASP I 886 11.70 -44.92 -27.28
N MET I 887 10.88 -44.53 -28.25
CA MET I 887 11.31 -43.52 -29.22
C MET I 887 10.61 -42.22 -28.98
N GLY I 888 10.34 -41.95 -27.72
CA GLY I 888 9.65 -40.72 -27.37
C GLY I 888 10.61 -39.88 -26.57
N MET I 889 10.10 -39.12 -25.62
CA MET I 889 10.95 -38.28 -24.83
C MET I 889 11.81 -39.14 -23.88
N MET I 890 11.20 -40.11 -23.25
CA MET I 890 12.00 -40.95 -22.38
C MET I 890 13.20 -41.56 -23.12
N GLY I 891 12.99 -41.95 -24.38
CA GLY I 891 14.06 -42.56 -25.17
C GLY I 891 15.21 -41.63 -25.46
N LEU I 892 14.86 -40.37 -25.62
CA LEU I 892 15.81 -39.31 -25.90
C LEU I 892 16.63 -39.07 -24.63
N ASN I 893 15.98 -39.16 -23.46
CA ASN I 893 16.68 -38.95 -22.21
C ASN I 893 17.69 -40.02 -21.93
N GLU I 894 17.21 -41.25 -21.95
CA GLU I 894 18.02 -42.42 -21.71
C GLU I 894 19.16 -42.59 -22.70
N PHE I 895 18.85 -42.43 -23.98
CA PHE I 895 19.89 -42.52 -24.98
C PHE I 895 21.07 -41.55 -24.61
N TYR I 896 20.78 -40.26 -24.43
CA TYR I 896 21.86 -39.36 -24.11
C TYR I 896 22.43 -39.58 -22.73
N ARG I 897 21.60 -39.90 -21.77
CA ARG I 897 22.08 -40.15 -20.42
C ARG I 897 23.30 -41.09 -20.35
N LEU I 898 23.33 -42.07 -21.26
CA LEU I 898 24.44 -42.98 -21.30
C LEU I 898 25.34 -42.71 -22.51
N PHE I 899 24.76 -42.29 -23.63
CA PHE I 899 25.56 -42.03 -24.80
C PHE I 899 26.79 -41.16 -24.52
N ILE I 900 26.65 -40.11 -23.71
CA ILE I 900 27.77 -39.23 -23.42
C ILE I 900 28.92 -39.88 -22.64
N ASN I 901 28.73 -41.09 -22.16
CA ASN I 901 29.81 -41.75 -21.42
C ASN I 901 30.18 -43.11 -21.99
N GLU I 902 29.37 -43.61 -22.94
CA GLU I 902 29.59 -44.97 -23.46
C GLU I 902 29.98 -45.03 -24.92
N SER I 903 30.02 -43.88 -25.56
CA SER I 903 30.31 -43.86 -26.95
C SER I 903 31.79 -44.00 -27.31
N SER I 904 32.69 -43.84 -26.33
CA SER I 904 34.12 -43.92 -26.65
C SER I 904 34.88 -45.16 -26.27
N TYR I 905 34.18 -46.29 -26.25
CA TYR I 905 34.83 -47.56 -25.97
C TYR I 905 35.10 -48.15 -27.33
N GLN I 906 35.96 -49.16 -27.36
CA GLN I 906 36.30 -49.86 -28.60
C GLN I 906 35.02 -50.32 -29.29
N GLY I 907 34.03 -50.71 -28.50
CA GLY I 907 32.81 -51.19 -29.06
C GLY I 907 31.62 -50.67 -28.29
N LEU I 908 30.46 -50.72 -28.90
CA LEU I 908 29.26 -50.23 -28.27
C LEU I 908 28.07 -51.11 -28.52
N ILE I 909 27.32 -51.40 -27.47
CA ILE I 909 26.11 -52.20 -27.68
C ILE I 909 24.96 -51.21 -27.54
N VAL I 910 24.06 -51.25 -28.51
CA VAL I 910 22.90 -50.41 -28.47
C VAL I 910 21.74 -51.36 -28.31
N ASP I 911 21.27 -51.51 -27.09
CA ASP I 911 20.16 -52.39 -26.75
C ASP I 911 18.85 -51.65 -26.91
N VAL I 912 18.03 -52.04 -27.89
CA VAL I 912 16.74 -51.37 -27.98
C VAL I 912 15.60 -52.35 -27.72
N ARG I 913 15.87 -53.39 -26.93
CA ARG I 913 14.85 -54.36 -26.60
C ARG I 913 13.73 -53.72 -25.77
N PHE I 914 12.49 -54.08 -26.06
CA PHE I 914 11.32 -53.56 -25.33
C PHE I 914 11.03 -52.11 -25.68
N ASN I 915 11.68 -51.64 -26.74
CA ASN I 915 11.47 -50.28 -27.16
C ASN I 915 10.01 -49.99 -27.64
N GLY I 916 9.36 -49.14 -26.87
CA GLY I 916 7.99 -48.81 -27.18
C GLY I 916 7.67 -47.96 -28.38
N GLY I 917 8.65 -47.66 -29.23
CA GLY I 917 8.33 -46.84 -30.40
C GLY I 917 8.13 -45.37 -30.10
N GLY I 918 7.65 -44.63 -31.11
CA GLY I 918 7.42 -43.21 -30.98
C GLY I 918 7.77 -42.51 -32.29
N PHE I 919 8.81 -41.70 -32.31
CA PHE I 919 9.19 -41.04 -33.57
C PHE I 919 10.62 -40.47 -33.57
N VAL I 920 11.43 -40.69 -32.55
CA VAL I 920 12.75 -40.08 -32.58
C VAL I 920 13.88 -40.97 -33.05
N SER I 921 13.52 -42.11 -33.62
CA SER I 921 14.53 -43.06 -34.12
C SER I 921 15.48 -42.36 -35.09
N GLN I 922 14.92 -41.53 -35.94
CA GLN I 922 15.76 -40.84 -36.90
C GLN I 922 16.81 -39.92 -36.20
N LEU I 923 16.42 -39.22 -35.14
CA LEU I 923 17.34 -38.34 -34.44
C LEU I 923 18.44 -39.15 -33.75
N ILE I 924 18.13 -40.35 -33.33
CA ILE I 924 19.14 -41.18 -32.67
C ILE I 924 20.05 -41.85 -33.69
N ILE I 925 19.45 -42.37 -34.77
CA ILE I 925 20.20 -43.00 -35.84
C ILE I 925 21.26 -42.02 -36.36
N GLU I 926 20.91 -40.73 -36.41
CA GLU I 926 21.80 -39.67 -36.90
C GLU I 926 23.05 -39.56 -36.04
N LYS I 927 22.88 -39.73 -34.74
CA LYS I 927 24.01 -39.65 -33.83
C LYS I 927 24.88 -40.86 -34.09
N LEU I 928 24.28 -42.05 -34.14
CA LEU I 928 25.05 -43.28 -34.34
C LEU I 928 25.73 -43.36 -35.73
N MET I 929 25.23 -42.54 -36.65
CA MET I 929 25.75 -42.51 -38.00
C MET I 929 27.04 -41.70 -38.09
N ASN I 930 27.27 -40.82 -37.13
CA ASN I 930 28.45 -39.99 -37.13
C ASN I 930 29.71 -40.83 -37.13
N LYS I 931 30.50 -40.66 -38.20
CA LYS I 931 31.76 -41.38 -38.34
C LYS I 931 32.90 -40.50 -37.84
N ARG I 932 33.69 -41.02 -36.92
CA ARG I 932 34.81 -40.28 -36.36
C ARG I 932 35.93 -40.19 -37.41
N ILE I 933 36.34 -38.98 -37.79
CA ILE I 933 37.38 -38.86 -38.79
C ILE I 933 38.50 -37.92 -38.37
N GLY I 934 38.41 -37.38 -37.16
CA GLY I 934 39.46 -36.51 -36.70
C GLY I 934 39.58 -36.40 -35.19
N TYR I 935 40.62 -35.69 -34.77
CA TYR I 935 40.87 -35.47 -33.35
C TYR I 935 41.44 -34.08 -33.17
N ASP I 936 41.37 -33.64 -31.92
CA ASP I 936 41.80 -32.33 -31.51
C ASP I 936 42.92 -32.56 -30.51
N ASN I 937 44.09 -32.00 -30.77
CA ASN I 937 45.23 -32.12 -29.88
C ASN I 937 45.49 -30.87 -29.09
N PRO I 938 45.25 -30.93 -27.78
CA PRO I 938 45.46 -29.77 -26.90
C PRO I 938 46.83 -29.68 -26.27
N ARG I 939 47.20 -28.48 -25.83
CA ARG I 939 48.49 -28.32 -25.19
C ARG I 939 48.43 -29.09 -23.89
N ARG I 940 47.28 -29.00 -23.21
CA ARG I 940 47.07 -29.70 -21.93
C ARG I 940 45.71 -30.38 -21.98
N GLY I 941 45.59 -31.55 -21.37
CA GLY I 941 44.32 -32.26 -21.39
C GLY I 941 44.35 -33.46 -22.33
N THR I 942 43.18 -33.93 -22.77
CA THR I 942 43.14 -35.09 -23.65
C THR I 942 42.51 -34.82 -25.00
N LEU I 943 42.66 -35.76 -25.92
CA LEU I 943 42.11 -35.61 -27.26
C LEU I 943 40.62 -35.37 -27.27
N SER I 944 40.15 -34.61 -28.24
CA SER I 944 38.72 -34.37 -28.40
C SER I 944 38.40 -34.99 -29.77
N PRO I 945 37.38 -35.88 -29.83
CA PRO I 945 37.00 -36.52 -31.09
C PRO I 945 36.12 -35.67 -31.95
N TYR I 946 36.29 -35.81 -33.27
CA TYR I 946 35.50 -35.06 -34.21
C TYR I 946 34.83 -35.97 -35.24
N PRO I 947 33.49 -36.04 -35.24
CA PRO I 947 32.58 -35.21 -34.48
C PRO I 947 32.62 -35.66 -32.99
N THR I 948 32.18 -34.74 -32.13
CA THR I 948 32.06 -34.95 -30.69
C THR I 948 30.99 -36.05 -30.50
N ASN I 949 29.92 -35.99 -31.28
CA ASN I 949 28.91 -36.99 -31.12
C ASN I 949 29.08 -38.18 -32.01
N SER I 950 30.27 -38.76 -31.97
CA SER I 950 30.49 -39.95 -32.79
C SER I 950 30.86 -41.10 -31.93
N VAL I 951 30.56 -42.29 -32.43
CA VAL I 951 30.92 -43.50 -31.73
C VAL I 951 32.36 -43.79 -32.15
N ARG I 952 33.15 -44.27 -31.22
CA ARG I 952 34.54 -44.53 -31.48
C ARG I 952 34.81 -45.77 -32.31
N GLY I 953 34.13 -46.86 -31.99
CA GLY I 953 34.35 -48.15 -32.65
C GLY I 953 33.18 -48.89 -33.26
N LYS I 954 33.17 -50.22 -33.08
CA LYS I 954 32.12 -51.09 -33.60
C LYS I 954 30.84 -51.01 -32.79
N ILE I 955 29.72 -51.03 -33.50
CA ILE I 955 28.46 -50.96 -32.84
C ILE I 955 27.69 -52.26 -33.05
N ILE I 956 26.90 -52.63 -32.06
CA ILE I 956 26.13 -53.84 -32.18
C ILE I 956 24.77 -53.55 -31.56
N ALA I 957 23.72 -53.88 -32.30
CA ALA I 957 22.35 -53.64 -31.83
C ALA I 957 21.67 -54.91 -31.39
N ILE I 958 20.87 -54.77 -30.32
CA ILE I 958 20.10 -55.87 -29.76
C ILE I 958 18.63 -55.47 -29.79
N THR I 959 17.79 -56.37 -30.31
CA THR I 959 16.37 -56.11 -30.40
C THR I 959 15.56 -57.40 -30.15
N ASN I 960 14.28 -57.26 -29.79
CA ASN I 960 13.42 -58.40 -29.59
C ASN I 960 12.04 -58.09 -30.11
N GLU I 961 11.13 -59.05 -29.91
CA GLU I 961 9.75 -58.94 -30.38
C GLU I 961 8.98 -57.87 -29.60
N TYR I 962 9.61 -57.29 -28.58
CA TYR I 962 8.94 -56.28 -27.78
C TYR I 962 9.36 -54.87 -28.16
N ALA I 963 10.19 -54.77 -29.20
CA ALA I 963 10.60 -53.47 -29.71
C ALA I 963 9.68 -53.33 -30.93
N GLY I 964 9.00 -52.19 -31.06
CA GLY I 964 8.10 -52.08 -32.19
C GLY I 964 7.85 -50.68 -32.66
N SER I 965 7.18 -50.57 -33.80
CA SER I 965 6.85 -49.31 -34.43
C SER I 965 8.11 -48.48 -34.76
N ASP I 966 8.30 -47.34 -34.11
CA ASP I 966 9.48 -46.58 -34.42
C ASP I 966 10.64 -47.49 -34.02
N GLY I 967 10.33 -48.45 -33.16
CA GLY I 967 11.32 -49.44 -32.76
C GLY I 967 11.64 -50.35 -33.94
N ASP I 968 10.63 -50.58 -34.80
CA ASP I 968 10.76 -51.40 -36.00
C ASP I 968 11.62 -50.64 -37.00
N ILE I 969 11.30 -49.34 -37.11
CA ILE I 969 11.98 -48.45 -38.03
C ILE I 969 13.44 -48.34 -37.70
N PHE I 970 13.77 -48.05 -36.44
CA PHE I 970 15.15 -47.97 -35.99
C PHE I 970 15.90 -49.28 -36.35
N SER I 971 15.27 -50.39 -36.01
CA SER I 971 15.84 -51.71 -36.29
C SER I 971 16.18 -51.93 -37.76
N PHE I 972 15.21 -51.73 -38.63
CA PHE I 972 15.41 -51.87 -40.07
C PHE I 972 16.51 -50.91 -40.57
N SER I 973 16.51 -49.71 -40.02
CA SER I 973 17.46 -48.68 -40.36
C SER I 973 18.89 -49.03 -40.02
N PHE I 974 19.10 -49.53 -38.82
CA PHE I 974 20.42 -49.92 -38.37
C PHE I 974 21.01 -50.90 -39.40
N LYS I 975 20.24 -51.88 -39.82
CA LYS I 975 20.78 -52.80 -40.81
C LYS I 975 20.95 -52.07 -42.13
N LYS I 976 19.89 -51.45 -42.61
CA LYS I 976 19.96 -50.73 -43.88
C LYS I 976 21.16 -49.82 -44.07
N LEU I 977 21.53 -49.05 -43.04
CA LEU I 977 22.66 -48.13 -43.12
C LEU I 977 23.98 -48.81 -42.83
N GLY I 978 23.93 -50.09 -42.50
CA GLY I 978 25.15 -50.81 -42.17
C GLY I 978 25.92 -50.32 -40.92
N LEU I 979 25.18 -49.84 -39.91
CA LEU I 979 25.77 -49.36 -38.67
C LEU I 979 26.41 -50.53 -37.88
N GLY I 980 25.91 -51.74 -38.08
CA GLY I 980 26.45 -52.90 -37.37
C GLY I 980 25.56 -54.09 -37.54
N LYS I 981 25.81 -55.15 -36.78
CA LYS I 981 24.97 -56.34 -36.84
C LYS I 981 23.81 -56.15 -35.87
N LEU I 982 22.66 -56.72 -36.22
CA LEU I 982 21.47 -56.65 -35.36
C LEU I 982 21.26 -58.04 -34.73
N ILE I 983 21.21 -58.10 -33.40
CA ILE I 983 21.03 -59.36 -32.68
C ILE I 983 19.67 -59.43 -31.98
N GLY I 984 19.16 -60.65 -31.78
CA GLY I 984 17.90 -60.82 -31.07
C GLY I 984 16.84 -61.66 -31.75
N THR I 985 15.61 -61.14 -31.76
CA THR I 985 14.49 -61.83 -32.36
C THR I 985 13.68 -60.81 -33.15
N ARG I 986 12.96 -61.27 -34.18
CA ARG I 986 12.15 -60.40 -35.02
C ARG I 986 11.25 -59.49 -34.19
N THR I 987 11.18 -58.24 -34.61
CA THR I 987 10.44 -57.21 -33.91
C THR I 987 8.95 -57.21 -34.20
N TRP I 988 8.22 -56.45 -33.38
CA TRP I 988 6.75 -56.31 -33.43
C TRP I 988 6.08 -56.28 -34.80
N GLY I 989 6.54 -55.41 -35.69
CA GLY I 989 5.95 -55.29 -37.00
C GLY I 989 4.80 -54.32 -37.20
N GLY I 990 4.78 -53.21 -36.48
CA GLY I 990 3.67 -52.26 -36.63
C GLY I 990 4.19 -50.91 -37.05
N VAL I 991 4.14 -50.66 -38.35
CA VAL I 991 4.67 -49.41 -38.83
C VAL I 991 3.75 -48.50 -39.63
N VAL I 992 2.50 -48.39 -39.16
CA VAL I 992 1.57 -47.47 -39.81
C VAL I 992 1.21 -46.50 -38.69
N GLY I 993 1.80 -45.32 -38.73
CA GLY I 993 1.59 -44.34 -37.66
C GLY I 993 0.27 -43.64 -37.56
N ILE I 994 0.11 -42.96 -36.42
CA ILE I 994 -1.11 -42.23 -36.12
C ILE I 994 -0.90 -40.79 -35.67
N THR I 995 -1.96 -40.00 -35.82
CA THR I 995 -2.01 -38.60 -35.39
C THR I 995 -3.51 -38.34 -35.11
N PRO I 996 -3.99 -38.80 -33.97
CA PRO I 996 -5.41 -38.56 -33.73
C PRO I 996 -5.79 -37.10 -33.62
N LYS I 997 -6.99 -36.77 -34.07
CA LYS I 997 -7.42 -35.39 -33.96
C LYS I 997 -8.87 -35.25 -33.55
N ARG I 998 -9.43 -36.35 -33.07
CA ARG I 998 -10.79 -36.40 -32.57
C ARG I 998 -11.03 -37.37 -31.42
N ARG I 999 -11.89 -36.97 -30.50
CA ARG I 999 -12.23 -37.78 -29.33
C ARG I 999 -13.71 -38.07 -29.40
N LEU I 1000 -14.17 -39.18 -28.84
CA LEU I 1000 -15.59 -39.47 -28.84
C LEU I 1000 -16.19 -38.59 -27.76
N ILE I 1001 -17.52 -38.46 -27.78
CA ILE I 1001 -18.23 -37.63 -26.85
C ILE I 1001 -17.94 -37.89 -25.40
N ASP I 1002 -17.33 -39.00 -25.08
CA ASP I 1002 -17.02 -39.35 -23.68
C ASP I 1002 -15.55 -39.20 -23.30
N GLY I 1003 -14.77 -38.65 -24.22
CA GLY I 1003 -13.35 -38.43 -23.99
C GLY I 1003 -12.47 -39.43 -24.68
N THR I 1004 -13.05 -40.58 -24.97
CA THR I 1004 -12.31 -41.63 -25.66
C THR I 1004 -11.51 -41.14 -26.84
N VAL I 1005 -10.27 -41.59 -26.93
CA VAL I 1005 -9.42 -41.22 -28.03
C VAL I 1005 -9.15 -42.50 -28.81
N LEU I 1006 -9.66 -42.56 -30.03
CA LEU I 1006 -9.44 -43.67 -30.90
C LEU I 1006 -8.26 -43.32 -31.88
N THR I 1007 -7.48 -44.30 -32.32
CA THR I 1007 -6.41 -44.01 -33.26
C THR I 1007 -6.66 -44.84 -34.51
N GLN I 1008 -6.26 -44.29 -35.65
CA GLN I 1008 -6.44 -44.94 -36.93
C GLN I 1008 -5.09 -44.95 -37.67
N PRO I 1009 -4.69 -46.12 -38.20
CA PRO I 1009 -3.41 -46.19 -38.92
C PRO I 1009 -3.58 -45.37 -40.19
N GLU I 1010 -3.04 -44.15 -40.13
CA GLU I 1010 -3.15 -43.15 -41.18
C GLU I 1010 -1.90 -42.87 -42.02
N PHE I 1011 -0.73 -43.26 -41.51
CA PHE I 1011 0.52 -42.97 -42.20
C PHE I 1011 1.42 -44.18 -42.42
N ALA I 1012 1.25 -44.85 -43.55
CA ALA I 1012 2.01 -46.05 -43.84
C ALA I 1012 3.49 -45.79 -44.15
N PHE I 1013 4.37 -46.35 -43.34
CA PHE I 1013 5.78 -46.18 -43.55
C PHE I 1013 6.28 -47.04 -44.73
N TRP I 1014 7.05 -46.41 -45.60
CA TRP I 1014 7.52 -47.11 -46.76
C TRP I 1014 9.01 -47.05 -46.78
N PHE I 1015 9.62 -48.22 -46.78
CA PHE I 1015 11.07 -48.29 -46.82
C PHE I 1015 11.49 -48.55 -48.25
N ARG I 1016 12.51 -47.83 -48.68
CA ARG I 1016 13.00 -48.02 -50.04
C ARG I 1016 13.57 -49.43 -50.09
N ASP I 1017 13.14 -50.22 -51.06
CA ASP I 1017 13.64 -51.61 -51.18
C ASP I 1017 13.04 -52.53 -50.12
N ALA I 1018 11.75 -52.38 -49.88
CA ALA I 1018 11.02 -53.19 -48.89
C ALA I 1018 9.54 -52.80 -48.89
N GLY I 1019 9.23 -51.64 -49.47
CA GLY I 1019 7.84 -51.20 -49.53
C GLY I 1019 7.23 -51.06 -48.18
N PHE I 1020 6.06 -51.64 -48.01
CA PHE I 1020 5.37 -51.56 -46.73
C PHE I 1020 5.55 -52.82 -45.97
N GLY I 1021 6.34 -53.70 -46.58
CA GLY I 1021 6.61 -55.01 -46.03
C GLY I 1021 6.85 -55.20 -44.54
N VAL I 1022 7.49 -54.23 -43.88
CA VAL I 1022 7.76 -54.32 -42.47
C VAL I 1022 6.43 -54.41 -41.74
N GLU I 1023 5.39 -53.78 -42.28
CA GLU I 1023 4.10 -53.84 -41.61
C GLU I 1023 3.58 -55.29 -41.59
N ASN I 1024 3.19 -55.69 -40.40
CA ASN I 1024 2.68 -57.02 -40.15
C ASN I 1024 3.73 -58.09 -40.34
N TYR I 1025 4.98 -57.73 -40.09
CA TYR I 1025 6.04 -58.68 -40.18
C TYR I 1025 7.17 -58.33 -39.21
N GLY I 1026 7.66 -57.11 -39.27
CA GLY I 1026 8.72 -56.74 -38.37
C GLY I 1026 10.06 -56.77 -39.03
N VAL I 1027 11.11 -56.74 -38.21
CA VAL I 1027 12.47 -56.77 -38.71
C VAL I 1027 13.29 -57.97 -38.17
N ASP I 1028 13.78 -58.78 -39.10
CA ASP I 1028 14.59 -59.94 -38.79
C ASP I 1028 16.01 -59.50 -38.45
N PRO I 1029 16.58 -60.04 -37.38
CA PRO I 1029 17.94 -59.70 -36.96
C PRO I 1029 18.94 -60.52 -37.82
N ASP I 1030 20.15 -60.00 -37.96
CA ASP I 1030 21.17 -60.70 -38.70
C ASP I 1030 21.42 -62.07 -38.04
N VAL I 1031 21.47 -62.08 -36.72
CA VAL I 1031 21.69 -63.28 -35.96
C VAL I 1031 20.53 -63.47 -35.01
N GLU I 1032 19.80 -64.56 -35.16
CA GLU I 1032 18.66 -64.83 -34.30
C GLU I 1032 19.10 -65.51 -33.01
N ILE I 1033 18.71 -64.92 -31.89
CA ILE I 1033 19.08 -65.48 -30.60
C ILE I 1033 17.90 -65.51 -29.69
N GLU I 1034 17.22 -66.65 -29.69
CA GLU I 1034 16.06 -66.83 -28.84
C GLU I 1034 16.50 -66.65 -27.39
N TYR I 1035 15.53 -66.31 -26.55
CA TYR I 1035 15.72 -66.16 -25.12
C TYR I 1035 14.69 -67.16 -24.57
N ALA I 1036 15.02 -68.44 -24.54
CA ALA I 1036 14.10 -69.48 -24.07
C ALA I 1036 13.84 -69.44 -22.56
N PRO I 1037 12.81 -70.16 -22.10
CA PRO I 1037 12.45 -70.22 -20.68
C PRO I 1037 13.60 -70.78 -19.83
N HIS I 1038 14.34 -71.75 -20.36
CA HIS I 1038 15.42 -72.32 -19.57
C HIS I 1038 16.58 -71.30 -19.43
N ASP I 1039 16.60 -70.30 -20.30
CA ASP I 1039 17.62 -69.26 -20.20
C ASP I 1039 17.29 -68.43 -18.95
N TYR I 1040 16.02 -68.13 -18.79
CA TYR I 1040 15.64 -67.38 -17.61
C TYR I 1040 15.89 -68.21 -16.35
N LEU I 1041 15.68 -69.53 -16.42
CA LEU I 1041 15.85 -70.38 -15.26
C LEU I 1041 17.32 -70.46 -14.79
N SER I 1042 18.24 -70.20 -15.72
CA SER I 1042 19.63 -70.22 -15.41
C SER I 1042 20.14 -68.83 -15.10
N GLY I 1043 19.24 -67.87 -15.13
CA GLY I 1043 19.65 -66.50 -14.85
C GLY I 1043 20.70 -65.96 -15.81
N LYS I 1044 20.56 -66.27 -17.09
CA LYS I 1044 21.52 -65.77 -18.08
C LYS I 1044 20.82 -65.06 -19.25
N ASP I 1045 21.37 -63.93 -19.67
CA ASP I 1045 20.82 -63.18 -20.80
C ASP I 1045 21.66 -63.59 -22.04
N PRO I 1046 21.14 -64.50 -22.85
CA PRO I 1046 21.84 -64.97 -24.04
C PRO I 1046 22.02 -63.93 -25.10
N GLN I 1047 21.07 -63.00 -25.20
CA GLN I 1047 21.17 -61.96 -26.21
C GLN I 1047 22.34 -61.00 -25.88
N ILE I 1048 22.43 -60.57 -24.64
CA ILE I 1048 23.50 -59.65 -24.29
C ILE I 1048 24.87 -60.34 -24.31
N ASP I 1049 24.90 -61.63 -23.95
CA ASP I 1049 26.16 -62.37 -23.95
C ASP I 1049 26.73 -62.50 -25.37
N TYR I 1050 25.84 -62.82 -26.31
CA TYR I 1050 26.23 -62.98 -27.67
C TYR I 1050 26.70 -61.63 -28.16
N ALA I 1051 25.98 -60.56 -27.77
CA ALA I 1051 26.34 -59.22 -28.20
C ALA I 1051 27.76 -58.93 -27.78
N ILE I 1052 28.08 -59.21 -26.53
CA ILE I 1052 29.43 -58.96 -26.02
C ILE I 1052 30.48 -59.84 -26.71
N ASP I 1053 30.20 -61.13 -26.72
CA ASP I 1053 31.12 -62.06 -27.33
C ASP I 1053 31.43 -61.66 -28.78
N ALA I 1054 30.37 -61.34 -29.53
CA ALA I 1054 30.51 -60.96 -30.93
C ALA I 1054 31.38 -59.73 -31.15
N LEU I 1055 31.22 -58.71 -30.30
CA LEU I 1055 32.00 -57.51 -30.45
C LEU I 1055 33.42 -57.82 -30.09
N ILE I 1056 33.59 -58.61 -29.05
CA ILE I 1056 34.93 -58.97 -28.63
C ILE I 1056 35.65 -59.60 -29.80
N GLU I 1057 34.96 -60.51 -30.50
CA GLU I 1057 35.54 -61.16 -31.64
C GLU I 1057 35.88 -60.14 -32.73
N GLU I 1058 34.99 -59.18 -32.94
CA GLU I 1058 35.24 -58.16 -33.95
C GLU I 1058 36.34 -57.21 -33.56
N LEU I 1059 36.64 -57.12 -32.26
CA LEU I 1059 37.69 -56.24 -31.78
C LEU I 1059 38.99 -57.00 -31.57
N ARG I 1060 39.68 -57.25 -32.66
CA ARG I 1060 40.96 -57.93 -32.63
C ARG I 1060 41.78 -57.40 -33.81
N ASN I 1061 41.76 -56.08 -33.99
CA ASN I 1061 42.50 -55.44 -35.07
C ASN I 1061 43.18 -54.16 -34.61
N THR J 3 -6.40 -24.70 -29.43
CA THR J 3 -5.43 -24.67 -28.32
C THR J 3 -4.00 -24.35 -28.81
N GLN J 4 -3.55 -23.12 -28.55
CA GLN J 4 -2.22 -22.65 -28.94
C GLN J 4 -1.99 -22.69 -30.45
N LYS J 5 -0.83 -22.22 -30.89
CA LYS J 5 -0.48 -22.20 -32.31
C LYS J 5 0.86 -22.89 -32.55
N ALA J 6 1.26 -23.70 -31.56
CA ALA J 6 2.50 -24.45 -31.65
C ALA J 6 2.36 -25.86 -31.04
N ALA J 7 1.12 -26.32 -30.84
CA ALA J 7 0.87 -27.67 -30.31
C ALA J 7 1.17 -28.68 -31.42
N ALA J 8 2.47 -28.96 -31.60
CA ALA J 8 2.98 -29.88 -32.62
C ALA J 8 2.15 -31.15 -32.80
N GLU J 9 1.92 -31.54 -34.05
CA GLU J 9 1.15 -32.74 -34.37
C GLU J 9 1.89 -33.60 -35.38
N LEU J 10 2.82 -34.38 -34.88
CA LEU J 10 3.60 -35.27 -35.73
C LEU J 10 3.06 -36.69 -35.64
N THR J 11 3.47 -37.54 -36.58
CA THR J 11 3.00 -38.91 -36.64
C THR J 11 3.71 -39.83 -35.67
N PHE J 12 2.94 -40.51 -34.83
CA PHE J 12 3.52 -41.42 -33.87
C PHE J 12 3.59 -42.84 -34.40
N PHE J 13 4.65 -43.56 -34.02
CA PHE J 13 4.83 -44.95 -34.40
C PHE J 13 5.13 -45.78 -33.11
C1 0QE J 14 4.94 -46.97 -33.20
N MET K 39 66.34 7.70 -26.54
CA MET K 39 64.97 7.11 -26.65
C MET K 39 64.41 7.21 -28.09
N PRO K 40 64.82 6.29 -28.99
CA PRO K 40 64.34 6.30 -30.38
C PRO K 40 62.90 5.82 -30.51
N ASN K 41 62.25 6.23 -31.58
CA ASN K 41 60.87 5.85 -31.83
C ASN K 41 60.76 4.68 -32.81
N LEU K 42 59.58 4.05 -32.83
CA LEU K 42 59.31 2.94 -33.73
C LEU K 42 58.78 3.57 -35.02
N LEU K 43 59.45 3.34 -36.14
CA LEU K 43 58.99 3.94 -37.38
C LEU K 43 58.45 2.87 -38.25
N LEU K 44 57.40 3.18 -38.99
CA LEU K 44 56.84 2.15 -39.86
C LEU K 44 55.99 2.71 -40.97
N ASN K 45 55.41 1.77 -41.73
CA ASN K 45 54.52 2.01 -42.89
C ASN K 45 54.90 3.25 -43.71
N PRO K 46 56.07 3.21 -44.36
CA PRO K 46 56.45 4.38 -45.13
C PRO K 46 56.01 4.46 -46.58
N ASP K 47 56.23 5.65 -47.14
CA ASP K 47 55.98 5.94 -48.54
C ASP K 47 57.03 7.00 -48.89
N ILE K 48 57.38 7.04 -50.17
CA ILE K 48 58.38 7.97 -50.68
C ILE K 48 57.94 8.63 -51.97
N HIS K 49 58.50 9.82 -52.17
CA HIS K 49 58.28 10.66 -53.36
C HIS K 49 59.41 11.65 -53.49
N GLY K 50 60.41 11.28 -54.29
CA GLY K 50 61.57 12.15 -54.47
C GLY K 50 62.50 12.03 -53.27
N ASP K 51 62.73 13.16 -52.58
CA ASP K 51 63.58 13.18 -51.39
C ASP K 51 62.74 13.23 -50.14
N ARG K 52 61.42 13.32 -50.32
CA ARG K 52 60.51 13.38 -49.17
C ARG K 52 59.99 11.99 -48.87
N ILE K 53 59.98 11.68 -47.59
CA ILE K 53 59.52 10.38 -47.16
C ILE K 53 58.57 10.49 -45.98
N ILE K 54 57.33 9.99 -46.15
CA ILE K 54 56.36 10.03 -45.05
C ILE K 54 56.29 8.67 -44.38
N PHE K 55 56.19 8.68 -43.06
CA PHE K 55 56.13 7.45 -42.31
C PHE K 55 55.28 7.68 -41.05
N VAL K 56 54.96 6.61 -40.32
CA VAL K 56 54.15 6.73 -39.13
C VAL K 56 54.98 6.63 -37.84
N CYS K 57 54.71 7.53 -36.89
CA CYS K 57 55.41 7.47 -35.60
C CYS K 57 54.42 7.94 -34.54
N CYS K 58 54.19 7.12 -33.52
CA CYS K 58 53.23 7.47 -32.47
C CYS K 58 51.83 7.74 -33.05
N ASP K 59 51.36 6.86 -33.93
CA ASP K 59 50.04 6.93 -34.57
C ASP K 59 49.85 8.16 -35.42
N ASP K 60 50.83 9.05 -35.42
CA ASP K 60 50.78 10.30 -36.20
C ASP K 60 51.65 10.20 -37.44
N LEU K 61 51.30 10.97 -38.47
CA LEU K 61 52.02 10.99 -39.72
C LEU K 61 53.19 11.97 -39.77
N TRP K 62 54.34 11.50 -40.20
CA TRP K 62 55.48 12.37 -40.30
C TRP K 62 56.08 12.41 -41.72
N GLU K 63 56.78 13.48 -42.02
CA GLU K 63 57.45 13.64 -43.30
C GLU K 63 58.91 13.92 -43.06
N HIS K 64 59.77 13.24 -43.81
CA HIS K 64 61.22 13.44 -43.66
C HIS K 64 61.86 13.77 -45.00
N ASP K 65 62.72 14.79 -44.97
CA ASP K 65 63.43 15.27 -46.16
C ASP K 65 64.87 14.81 -46.21
N LEU K 66 65.15 13.87 -47.10
CA LEU K 66 66.49 13.33 -47.28
C LEU K 66 67.52 14.42 -47.52
N LYS K 67 67.13 15.43 -48.30
CA LYS K 67 68.03 16.51 -48.60
C LYS K 67 68.55 17.27 -47.36
N SER K 68 67.64 17.74 -46.50
CA SER K 68 68.06 18.49 -45.32
C SER K 68 68.13 17.67 -44.04
N GLY K 69 67.56 16.48 -44.05
CA GLY K 69 67.58 15.65 -42.86
C GLY K 69 66.54 16.10 -41.83
N SER K 70 65.64 17.01 -42.21
CA SER K 70 64.62 17.50 -41.29
C SER K 70 63.41 16.57 -41.25
N THR K 71 62.82 16.48 -40.07
CA THR K 71 61.67 15.63 -39.87
C THR K 71 60.56 16.43 -39.15
N ARG K 72 59.32 16.28 -39.58
CA ARG K 72 58.24 17.01 -38.93
C ARG K 72 56.92 16.26 -38.95
N LYS K 73 56.09 16.51 -37.95
CA LYS K 73 54.77 15.89 -37.94
C LYS K 73 53.85 16.75 -38.82
N ILE K 74 53.24 16.15 -39.83
CA ILE K 74 52.36 16.87 -40.73
C ILE K 74 50.86 16.63 -40.53
N VAL K 75 50.53 15.70 -39.66
CA VAL K 75 49.12 15.42 -39.40
C VAL K 75 49.02 14.54 -38.16
N SER K 76 48.16 14.95 -37.23
CA SER K 76 48.00 14.21 -35.98
C SER K 76 46.62 14.42 -35.35
N ASN K 77 46.40 13.76 -34.21
CA ASN K 77 45.14 13.88 -33.49
C ASN K 77 43.93 13.47 -34.31
N LEU K 78 44.15 12.59 -35.30
CA LEU K 78 43.05 12.11 -36.13
C LEU K 78 42.63 10.74 -35.64
N GLY K 79 43.55 10.07 -34.95
CA GLY K 79 43.32 8.73 -34.43
C GLY K 79 44.55 7.95 -34.85
N VAL K 80 44.47 6.63 -34.87
CA VAL K 80 45.64 5.87 -35.28
C VAL K 80 45.69 5.72 -36.80
N ILE K 81 46.80 6.20 -37.34
CA ILE K 81 47.09 6.16 -38.78
C ILE K 81 48.02 4.99 -39.01
N ASN K 82 47.67 4.11 -39.94
CA ASN K 82 48.52 2.95 -40.21
C ASN K 82 49.00 2.95 -41.67
N ASN K 83 48.52 3.89 -42.48
CA ASN K 83 48.93 3.87 -43.86
C ASN K 83 48.74 5.25 -44.45
N ALA K 84 49.69 5.65 -45.29
CA ALA K 84 49.65 6.95 -45.91
C ALA K 84 50.27 6.77 -47.30
N ARG K 85 49.60 7.34 -48.29
CA ARG K 85 50.05 7.21 -49.65
C ARG K 85 50.03 8.50 -50.44
N PHE K 86 51.21 8.84 -50.97
CA PHE K 86 51.42 10.04 -51.80
C PHE K 86 50.61 9.93 -53.10
N PHE K 87 49.99 11.03 -53.50
CA PHE K 87 49.29 11.07 -54.78
C PHE K 87 50.36 11.22 -55.86
N PRO K 88 49.97 11.04 -57.13
CA PRO K 88 50.94 11.17 -58.23
C PRO K 88 51.80 12.44 -58.09
N ASP K 89 51.14 13.60 -58.11
CA ASP K 89 51.86 14.85 -58.00
C ASP K 89 52.75 14.99 -56.75
N GLY K 90 52.56 14.12 -55.76
CA GLY K 90 53.36 14.21 -54.54
C GLY K 90 52.94 15.41 -53.68
N ARG K 91 51.70 15.88 -53.86
CA ARG K 91 51.19 17.02 -53.10
C ARG K 91 50.19 16.57 -52.04
N LYS K 92 49.09 15.95 -52.50
CA LYS K 92 48.04 15.42 -51.62
C LYS K 92 48.46 14.04 -51.12
N ILE K 93 47.90 13.64 -49.99
CA ILE K 93 48.23 12.34 -49.42
C ILE K 93 46.98 11.64 -48.90
N ALA K 94 46.75 10.42 -49.38
CA ALA K 94 45.62 9.61 -48.94
C ALA K 94 46.09 8.94 -47.65
N ILE K 95 45.23 9.03 -46.62
CA ILE K 95 45.52 8.49 -45.31
C ILE K 95 44.42 7.57 -44.76
N ARG K 96 44.81 6.43 -44.18
CA ARG K 96 43.85 5.52 -43.59
C ARG K 96 44.02 5.67 -42.09
N VAL K 97 42.94 6.03 -41.39
CA VAL K 97 43.01 6.22 -39.94
C VAL K 97 41.92 5.44 -39.23
N MET K 98 42.32 4.83 -38.12
CA MET K 98 41.45 4.01 -37.34
C MET K 98 40.95 4.68 -36.07
N ARG K 99 39.70 4.37 -35.69
CA ARG K 99 39.04 4.90 -34.47
C ARG K 99 38.21 3.83 -33.68
N GLY K 100 37.83 4.15 -32.43
CA GLY K 100 37.13 3.20 -31.57
C GLY K 100 38.21 2.67 -30.63
N SER K 101 38.00 2.64 -29.31
CA SER K 101 39.05 2.17 -28.39
C SER K 101 39.89 0.98 -28.88
N SER K 102 39.27 0.08 -29.64
CA SER K 102 39.95 -1.10 -30.18
C SER K 102 40.21 -1.02 -31.68
N LEU K 103 40.21 0.19 -32.23
CA LEU K 103 40.43 0.42 -33.65
C LEU K 103 39.54 -0.47 -34.49
N ASN K 104 38.30 -0.64 -34.01
CA ASN K 104 37.28 -1.43 -34.66
C ASN K 104 36.72 -0.75 -35.91
N THR K 105 36.95 0.55 -36.06
CA THR K 105 36.45 1.26 -37.25
C THR K 105 37.53 2.03 -38.04
N ALA K 106 37.25 2.33 -39.31
CA ALA K 106 38.24 3.07 -40.08
C ALA K 106 37.66 3.82 -41.26
N ASP K 107 38.34 4.89 -41.65
CA ASP K 107 37.95 5.69 -42.80
C ASP K 107 39.14 6.46 -43.38
N LEU K 108 38.94 6.99 -44.57
CA LEU K 108 40.03 7.63 -45.24
C LEU K 108 39.93 9.14 -45.25
N TYR K 109 41.11 9.77 -45.19
CA TYR K 109 41.26 11.21 -45.20
C TYR K 109 42.25 11.63 -46.28
N PHE K 110 42.13 12.91 -46.68
CA PHE K 110 43.01 13.54 -47.68
C PHE K 110 43.77 14.60 -46.94
N TYR K 111 45.01 14.79 -47.37
CA TYR K 111 45.89 15.80 -46.81
C TYR K 111 46.52 16.55 -47.95
N ASN K 112 46.35 17.86 -47.96
CA ASN K 112 46.91 18.71 -49.00
C ASN K 112 48.11 19.43 -48.42
N GLY K 113 49.31 18.92 -48.68
CA GLY K 113 50.51 19.52 -48.15
C GLY K 113 50.71 20.97 -48.50
N GLU K 114 49.96 21.45 -49.50
CA GLU K 114 50.07 22.82 -49.95
C GLU K 114 49.50 23.79 -48.91
N ASN K 115 48.25 23.60 -48.53
CA ASN K 115 47.64 24.48 -47.54
C ASN K 115 47.56 23.84 -46.16
N GLY K 116 47.81 22.53 -46.09
CA GLY K 116 47.77 21.82 -44.82
C GLY K 116 46.33 21.49 -44.45
N GLU K 117 45.50 21.34 -45.46
CA GLU K 117 44.12 21.02 -45.24
C GLU K 117 43.91 19.54 -45.07
N ILE K 118 43.04 19.18 -44.13
CA ILE K 118 42.71 17.78 -43.88
C ILE K 118 41.25 17.63 -44.27
N LYS K 119 40.82 16.42 -44.61
CA LYS K 119 39.44 16.22 -45.03
C LYS K 119 39.06 14.74 -45.13
N ARG K 120 37.98 14.35 -44.44
CA ARG K 120 37.53 12.97 -44.48
C ARG K 120 36.91 12.71 -45.86
N ILE K 121 37.28 11.59 -46.46
CA ILE K 121 36.81 11.21 -47.78
C ILE K 121 35.74 10.11 -47.79
N THR K 122 35.89 9.12 -46.88
CA THR K 122 34.90 8.02 -46.81
C THR K 122 34.11 7.95 -45.48
N TYR K 123 32.82 7.76 -45.58
CA TYR K 123 31.99 7.67 -44.39
C TYR K 123 31.38 6.29 -44.42
N PHE K 124 32.23 5.28 -44.61
CA PHE K 124 31.78 3.89 -44.68
C PHE K 124 31.91 3.20 -43.34
N SER K 125 32.77 3.76 -42.50
CA SER K 125 33.06 3.21 -41.18
C SER K 125 33.39 1.74 -41.35
N GLY K 126 34.27 1.42 -42.31
CA GLY K 126 34.65 0.04 -42.56
C GLY K 126 35.11 -0.79 -41.35
N LYS K 127 34.71 -2.04 -41.30
CA LYS K 127 35.11 -2.91 -40.19
C LYS K 127 36.54 -3.35 -40.39
N SER K 128 37.33 -3.29 -39.32
CA SER K 128 38.72 -3.71 -39.42
C SER K 128 39.20 -4.43 -38.16
N THR K 129 40.26 -5.23 -38.34
CA THR K 129 40.91 -5.97 -37.26
C THR K 129 42.40 -5.92 -37.57
N GLY K 130 43.23 -6.14 -36.55
CA GLY K 130 44.66 -6.12 -36.75
C GLY K 130 45.11 -6.87 -37.99
N ARG K 131 44.72 -8.14 -38.08
CA ARG K 131 45.09 -9.00 -39.21
C ARG K 131 44.47 -8.54 -40.54
N ARG K 132 43.24 -8.03 -40.48
CA ARG K 132 42.53 -7.56 -41.67
C ARG K 132 42.11 -6.10 -41.56
N MET K 133 43.07 -5.23 -41.83
CA MET K 133 42.85 -3.79 -41.77
C MET K 133 42.31 -3.27 -43.12
N PHE K 134 41.07 -3.64 -43.41
CA PHE K 134 40.40 -3.27 -44.65
C PHE K 134 39.96 -1.80 -44.82
N THR K 135 39.53 -1.46 -46.02
CA THR K 135 39.13 -0.09 -46.39
C THR K 135 40.40 0.76 -46.39
N ASP K 136 41.16 0.65 -47.50
CA ASP K 136 42.45 1.34 -47.64
C ASP K 136 42.69 1.89 -49.04
N VAL K 137 43.88 2.42 -49.23
CA VAL K 137 44.27 2.95 -50.53
C VAL K 137 44.67 1.74 -51.37
N ALA K 138 44.15 1.60 -52.59
CA ALA K 138 44.49 0.43 -53.42
C ALA K 138 45.62 0.79 -54.42
N GLY K 139 45.63 2.07 -54.80
CA GLY K 139 46.62 2.60 -55.74
C GLY K 139 46.06 3.84 -56.41
N PHE K 140 46.71 4.26 -57.49
CA PHE K 140 46.26 5.42 -58.26
C PHE K 140 46.25 5.07 -59.74
N ASP K 141 45.25 5.59 -60.44
CA ASP K 141 45.11 5.32 -61.86
C ASP K 141 46.03 6.28 -62.63
N PRO K 142 46.21 6.06 -63.93
CA PRO K 142 47.07 6.93 -64.75
C PRO K 142 46.74 8.40 -64.57
N ASP K 143 45.46 8.75 -64.66
CA ASP K 143 45.00 10.14 -64.50
C ASP K 143 45.26 10.73 -63.13
N GLY K 144 45.90 9.97 -62.24
CA GLY K 144 46.18 10.49 -60.91
C GLY K 144 45.06 10.32 -59.89
N ASN K 145 44.00 9.59 -60.25
CA ASN K 145 42.85 9.37 -59.35
C ASN K 145 43.05 8.26 -58.35
N LEU K 146 42.62 8.52 -57.12
CA LEU K 146 42.72 7.54 -56.06
C LEU K 146 41.74 6.37 -56.26
N ILE K 147 42.26 5.16 -56.07
CA ILE K 147 41.44 3.96 -56.16
C ILE K 147 41.56 3.29 -54.80
N ILE K 148 40.39 3.04 -54.19
CA ILE K 148 40.38 2.43 -52.88
C ILE K 148 39.85 1.01 -52.93
N SER K 149 40.19 0.28 -51.88
CA SER K 149 39.72 -1.07 -51.70
C SER K 149 38.83 -1.04 -50.46
N THR K 150 37.59 -1.52 -50.59
CA THR K 150 36.69 -1.58 -49.42
C THR K 150 35.56 -2.59 -49.55
N ASP K 151 35.20 -3.18 -48.41
CA ASP K 151 34.14 -4.17 -48.28
C ASP K 151 32.90 -3.51 -47.70
N ALA K 152 32.99 -2.19 -47.46
CA ALA K 152 31.91 -1.40 -46.86
C ALA K 152 30.55 -1.60 -47.51
N MET K 153 30.51 -1.79 -48.82
CA MET K 153 29.23 -1.98 -49.47
C MET K 153 29.00 -3.43 -49.89
N GLN K 154 29.78 -4.34 -49.31
CA GLN K 154 29.68 -5.75 -49.66
C GLN K 154 29.15 -6.59 -48.53
N PRO K 155 28.56 -7.74 -48.87
CA PRO K 155 28.02 -8.64 -47.85
C PRO K 155 29.14 -9.35 -47.07
N PHE K 156 30.35 -9.41 -47.64
CA PHE K 156 31.42 -10.10 -46.93
C PHE K 156 32.65 -9.20 -46.71
N SER K 157 33.28 -9.33 -45.54
CA SER K 157 34.43 -8.48 -45.28
C SER K 157 35.60 -8.75 -46.24
N SER K 158 35.78 -9.99 -46.67
CA SER K 158 36.87 -10.30 -47.61
C SER K 158 36.58 -9.73 -48.99
N MET K 159 35.34 -9.34 -49.27
CA MET K 159 35.04 -8.81 -50.60
C MET K 159 35.50 -7.38 -50.75
N THR K 160 36.76 -7.12 -50.46
CA THR K 160 37.28 -5.78 -50.59
C THR K 160 37.42 -5.40 -52.07
N CYS K 161 36.31 -4.97 -52.65
CA CYS K 161 36.27 -4.54 -54.04
C CYS K 161 36.90 -3.16 -54.33
N LEU K 162 37.33 -2.95 -55.57
CA LEU K 162 38.00 -1.69 -55.97
C LEU K 162 37.06 -0.58 -56.42
N TYR K 163 37.31 0.61 -55.90
CA TYR K 163 36.47 1.74 -56.25
C TYR K 163 37.31 2.96 -56.59
N ARG K 164 36.87 3.71 -57.59
CA ARG K 164 37.58 4.92 -57.94
C ARG K 164 36.93 6.10 -57.24
N VAL K 165 37.70 6.78 -56.38
CA VAL K 165 37.18 7.92 -55.64
C VAL K 165 36.91 9.13 -56.52
N GLU K 166 35.80 9.84 -56.29
CA GLU K 166 35.47 11.03 -57.10
C GLU K 166 34.98 12.17 -56.25
N ASN K 167 35.25 13.39 -56.71
CA ASN K 167 34.83 14.63 -56.03
C ASN K 167 35.08 14.53 -54.54
N ASP K 168 36.16 13.86 -54.18
CA ASP K 168 36.54 13.71 -52.78
C ASP K 168 35.50 12.98 -51.92
N GLY K 169 34.98 11.86 -52.42
CA GLY K 169 34.01 11.11 -51.65
C GLY K 169 32.56 11.33 -52.04
N ILE K 170 32.32 12.25 -52.96
CA ILE K 170 30.94 12.51 -53.37
C ILE K 170 30.38 11.30 -54.11
N ASN K 171 31.25 10.65 -54.88
CA ASN K 171 30.85 9.53 -55.71
C ASN K 171 31.94 8.48 -55.81
N PHE K 172 31.55 7.21 -55.88
CA PHE K 172 32.51 6.12 -55.99
C PHE K 172 32.20 5.28 -57.21
N VAL K 173 33.20 5.06 -58.06
CA VAL K 173 32.94 4.23 -59.26
C VAL K 173 33.64 2.88 -59.12
N PRO K 174 32.84 1.78 -59.19
CA PRO K 174 33.39 0.42 -59.05
C PRO K 174 34.21 0.00 -60.25
N LEU K 175 35.31 -0.69 -59.99
CA LEU K 175 36.13 -1.16 -61.10
C LEU K 175 35.70 -2.58 -61.51
N ASN K 176 34.92 -3.27 -60.67
CA ASN K 176 34.45 -4.60 -61.03
C ASN K 176 35.57 -5.55 -61.41
N LEU K 177 36.60 -5.63 -60.59
CA LEU K 177 37.71 -6.52 -60.85
C LEU K 177 37.77 -7.57 -59.73
N GLY K 178 36.70 -7.61 -58.93
CA GLY K 178 36.61 -8.55 -57.82
C GLY K 178 37.43 -8.06 -56.64
N PRO K 179 37.53 -8.86 -55.57
CA PRO K 179 38.31 -8.48 -54.38
C PRO K 179 39.80 -8.23 -54.67
N ALA K 180 40.34 -7.14 -54.14
CA ALA K 180 41.74 -6.81 -54.39
C ALA K 180 42.37 -5.90 -53.35
N THR K 181 43.63 -6.14 -53.03
CA THR K 181 44.30 -5.32 -52.06
C THR K 181 45.12 -4.20 -52.72
N HIS K 182 45.82 -4.51 -53.82
CA HIS K 182 46.60 -3.48 -54.54
C HIS K 182 46.31 -3.46 -56.01
N ILE K 183 46.32 -2.26 -56.57
CA ILE K 183 46.15 -2.10 -58.00
C ILE K 183 47.29 -1.20 -58.52
N LEU K 184 48.02 -1.70 -59.52
CA LEU K 184 49.15 -1.00 -60.15
C LEU K 184 48.91 -0.85 -61.66
N PHE K 185 49.64 0.04 -62.31
CA PHE K 185 49.48 0.21 -63.75
C PHE K 185 50.83 0.19 -64.45
N ALA K 186 50.95 -0.73 -65.39
CA ALA K 186 52.20 -0.87 -66.15
C ALA K 186 51.83 -0.90 -67.61
N ASP K 187 52.34 0.08 -68.34
CA ASP K 187 52.10 0.18 -69.79
C ASP K 187 50.61 0.02 -70.16
N GLY K 188 49.77 0.77 -69.47
CA GLY K 188 48.35 0.72 -69.73
C GLY K 188 47.75 -0.61 -69.30
N ARG K 189 48.51 -1.40 -68.56
CA ARG K 189 48.00 -2.69 -68.13
C ARG K 189 47.74 -2.69 -66.63
N ARG K 190 46.54 -3.15 -66.24
CA ARG K 190 46.18 -3.21 -64.83
C ARG K 190 46.84 -4.41 -64.14
N VAL K 191 47.52 -4.16 -63.03
CA VAL K 191 48.15 -5.22 -62.25
C VAL K 191 47.31 -5.31 -60.96
N ILE K 192 46.76 -6.50 -60.67
CA ILE K 192 45.91 -6.73 -59.49
C ILE K 192 46.63 -7.54 -58.43
N GLY K 193 46.62 -7.04 -57.20
CA GLY K 193 47.21 -7.77 -56.10
C GLY K 193 46.12 -8.26 -55.14
N ARG K 194 45.87 -9.56 -55.13
CA ARG K 194 44.84 -10.15 -54.25
C ARG K 194 45.43 -10.65 -52.92
N ASN K 195 44.83 -10.19 -51.80
CA ASN K 195 45.23 -10.60 -50.48
C ASN K 195 46.68 -10.32 -50.30
N THR K 196 47.14 -9.25 -50.92
CA THR K 196 48.57 -8.89 -50.85
C THR K 196 48.99 -7.98 -49.70
N PHE K 197 48.22 -7.98 -48.62
CA PHE K 197 48.57 -7.15 -47.47
C PHE K 197 49.56 -7.98 -46.66
N GLU K 198 50.19 -7.38 -45.66
CA GLU K 198 51.15 -8.09 -44.83
C GLU K 198 50.46 -9.01 -43.84
N LEU K 199 51.15 -10.10 -43.50
CA LEU K 199 50.66 -11.06 -42.55
C LEU K 199 51.74 -11.32 -41.49
N PRO K 200 52.01 -10.34 -40.63
CA PRO K 200 53.03 -10.52 -39.59
C PRO K 200 52.70 -11.55 -38.52
N HIS K 201 51.41 -11.86 -38.38
CA HIS K 201 51.04 -12.81 -37.34
C HIS K 201 51.20 -14.25 -37.81
N TRP K 202 51.41 -14.46 -39.11
CA TRP K 202 51.58 -15.83 -39.63
C TRP K 202 52.72 -15.89 -40.64
N LYS K 203 53.92 -16.04 -40.13
CA LYS K 203 55.09 -16.15 -41.00
C LYS K 203 55.16 -17.55 -41.70
N GLY K 204 55.63 -17.56 -42.93
CA GLY K 204 55.70 -18.82 -43.65
C GLY K 204 54.34 -19.37 -44.10
N TYR K 205 53.32 -18.52 -44.09
CA TYR K 205 51.96 -18.91 -44.49
C TYR K 205 51.91 -19.43 -45.95
N ARG K 206 51.33 -20.61 -46.17
CA ARG K 206 51.25 -21.17 -47.53
C ARG K 206 49.84 -21.64 -47.87
N GLY K 207 48.86 -21.04 -47.18
CA GLY K 207 47.45 -21.38 -47.39
C GLY K 207 46.80 -20.83 -48.65
N GLY K 208 45.59 -21.28 -48.91
CA GLY K 208 44.86 -20.87 -50.09
C GLY K 208 44.60 -19.39 -50.27
N THR K 209 44.68 -18.61 -49.18
CA THR K 209 44.46 -17.14 -49.21
C THR K 209 45.75 -16.32 -49.35
N ARG K 210 46.87 -16.99 -49.67
CA ARG K 210 48.16 -16.33 -49.82
C ARG K 210 48.13 -15.32 -50.96
N GLY K 211 48.77 -14.16 -50.74
CA GLY K 211 48.79 -13.12 -51.74
C GLY K 211 49.24 -13.63 -53.10
N LYS K 212 48.52 -13.24 -54.14
CA LYS K 212 48.82 -13.62 -55.50
C LYS K 212 48.74 -12.37 -56.38
N ILE K 213 49.37 -12.39 -57.57
CA ILE K 213 49.27 -11.21 -58.44
C ILE K 213 48.75 -11.64 -59.82
N TRP K 214 47.92 -10.78 -60.40
CA TRP K 214 47.37 -11.00 -61.72
C TRP K 214 47.70 -9.77 -62.58
N ILE K 215 47.74 -9.96 -63.89
CA ILE K 215 48.03 -8.85 -64.78
C ILE K 215 47.13 -8.94 -65.99
N GLU K 216 46.76 -7.78 -66.50
CA GLU K 216 45.91 -7.69 -67.66
C GLU K 216 46.78 -7.98 -68.88
N VAL K 217 46.22 -8.67 -69.86
CA VAL K 217 46.93 -9.03 -71.09
C VAL K 217 46.17 -8.57 -72.32
N ASN K 218 44.89 -8.27 -72.13
CA ASN K 218 44.08 -7.84 -73.25
C ASN K 218 42.85 -7.01 -72.80
N SER K 219 43.08 -5.70 -72.61
CA SER K 219 42.07 -4.73 -72.15
C SER K 219 40.77 -5.34 -71.57
N GLY K 220 40.97 -6.34 -70.71
CA GLY K 220 39.87 -7.03 -70.10
C GLY K 220 40.31 -8.44 -69.75
N ALA K 221 41.26 -9.00 -70.48
CA ALA K 221 41.71 -10.35 -70.18
C ALA K 221 42.78 -10.34 -69.08
N PHE K 222 42.61 -11.17 -68.06
CA PHE K 222 43.59 -11.25 -66.96
C PHE K 222 44.24 -12.60 -66.77
N LYS K 223 45.48 -12.58 -66.32
CA LYS K 223 46.22 -13.82 -66.14
C LYS K 223 47.03 -13.76 -64.86
N LYS K 224 46.96 -14.83 -64.09
CA LYS K 224 47.72 -14.85 -62.84
C LYS K 224 49.23 -15.01 -63.13
N ILE K 225 50.05 -14.08 -62.63
CA ILE K 225 51.48 -14.13 -62.91
C ILE K 225 52.39 -14.36 -61.71
N VAL K 226 51.86 -14.18 -60.51
CA VAL K 226 52.71 -14.44 -59.35
C VAL K 226 51.86 -15.22 -58.37
N ASP K 227 52.23 -16.49 -58.18
CA ASP K 227 51.52 -17.40 -57.33
C ASP K 227 52.54 -18.39 -56.82
N MET K 228 53.33 -17.93 -55.87
CA MET K 228 54.34 -18.78 -55.28
C MET K 228 53.76 -19.65 -54.20
N SER K 229 54.62 -20.50 -53.65
CA SER K 229 54.28 -21.41 -52.59
C SER K 229 53.84 -20.60 -51.37
N THR K 230 54.54 -19.49 -51.11
CA THR K 230 54.21 -18.66 -49.95
C THR K 230 53.47 -17.38 -50.32
N HIS K 231 53.14 -16.67 -49.26
CA HIS K 231 52.43 -15.42 -49.31
C HIS K 231 53.25 -14.26 -49.87
N VAL K 232 52.67 -13.51 -50.80
CA VAL K 232 53.33 -12.36 -51.40
C VAL K 232 52.65 -11.07 -50.98
N SER K 233 53.42 -10.12 -50.45
CA SER K 233 52.82 -8.86 -49.99
C SER K 233 53.52 -7.58 -50.50
N SER K 234 52.84 -6.45 -50.30
CA SER K 234 53.35 -5.14 -50.67
C SER K 234 53.97 -5.07 -52.04
N PRO K 235 53.19 -5.30 -53.08
CA PRO K 235 53.73 -5.25 -54.43
C PRO K 235 53.93 -3.80 -54.91
N VAL K 236 54.96 -3.61 -55.74
CA VAL K 236 55.30 -2.32 -56.34
C VAL K 236 56.01 -2.55 -57.68
N ILE K 237 56.00 -1.51 -58.50
CA ILE K 237 56.60 -1.60 -59.81
C ILE K 237 57.67 -0.52 -60.03
N VAL K 238 58.90 -0.94 -60.32
CA VAL K 238 59.95 0.02 -60.62
C VAL K 238 60.47 -0.42 -61.96
N GLY K 239 60.17 0.38 -62.97
CA GLY K 239 60.61 0.08 -64.32
C GLY K 239 59.64 -0.89 -64.92
N HIS K 240 60.13 -2.07 -65.25
CA HIS K 240 59.27 -3.07 -65.82
C HIS K 240 59.30 -4.34 -64.99
N ARG K 241 59.53 -4.14 -63.70
CA ARG K 241 59.57 -5.22 -62.75
C ARG K 241 58.66 -4.96 -61.55
N ILE K 242 58.08 -6.05 -61.05
CA ILE K 242 57.21 -5.99 -59.88
C ILE K 242 58.04 -6.44 -58.69
N TYR K 243 58.14 -5.59 -57.67
CA TYR K 243 58.87 -5.96 -56.49
C TYR K 243 57.87 -6.26 -55.38
N PHE K 244 58.12 -7.33 -54.64
CA PHE K 244 57.21 -7.72 -53.56
C PHE K 244 58.01 -8.40 -52.47
N ILE K 245 57.31 -8.75 -51.41
CA ILE K 245 57.95 -9.41 -50.30
C ILE K 245 57.42 -10.82 -50.11
N THR K 246 58.28 -11.70 -49.60
CA THR K 246 57.90 -13.08 -49.34
C THR K 246 58.96 -13.79 -48.53
N ASP K 247 58.58 -14.90 -47.92
CA ASP K 247 59.52 -15.65 -47.12
C ASP K 247 59.60 -17.09 -47.63
N ILE K 248 59.65 -17.21 -48.95
CA ILE K 248 59.74 -18.50 -49.61
C ILE K 248 61.02 -19.20 -49.14
N ASP K 249 62.02 -18.42 -48.71
CA ASP K 249 63.29 -19.00 -48.27
C ASP K 249 63.47 -19.17 -46.76
N GLY K 250 62.46 -18.78 -46.00
CA GLY K 250 62.54 -18.91 -44.54
C GLY K 250 62.49 -17.61 -43.78
N PHE K 251 62.67 -16.52 -44.52
CA PHE K 251 62.67 -15.22 -43.88
C PHE K 251 62.18 -14.18 -44.92
N GLY K 252 61.64 -13.07 -44.43
CA GLY K 252 61.17 -12.06 -45.34
C GLY K 252 62.32 -11.40 -46.11
N GLN K 253 62.16 -11.29 -47.43
CA GLN K 253 63.15 -10.71 -48.32
C GLN K 253 62.39 -10.06 -49.44
N ILE K 254 63.04 -9.15 -50.15
CA ILE K 254 62.39 -8.48 -51.28
C ILE K 254 62.77 -9.26 -52.53
N TYR K 255 61.82 -9.43 -53.44
CA TYR K 255 62.06 -10.15 -54.69
C TYR K 255 61.42 -9.32 -55.79
N SER K 256 61.57 -9.78 -57.03
CA SER K 256 60.95 -9.09 -58.13
C SER K 256 60.92 -10.04 -59.32
N THR K 257 60.04 -9.76 -60.28
CA THR K 257 59.94 -10.55 -61.50
C THR K 257 59.47 -9.59 -62.59
N ASP K 258 59.55 -10.01 -63.86
CA ASP K 258 59.11 -9.12 -64.93
C ASP K 258 57.60 -9.11 -64.88
N LEU K 259 56.97 -8.33 -65.76
CA LEU K 259 55.52 -8.27 -65.81
C LEU K 259 54.85 -9.56 -66.29
N ASP K 260 55.58 -10.68 -66.25
CA ASP K 260 55.03 -11.98 -66.66
C ASP K 260 55.24 -12.96 -65.54
N GLY K 261 55.84 -12.47 -64.46
CA GLY K 261 56.08 -13.33 -63.32
C GLY K 261 57.31 -14.19 -63.53
N LYS K 262 58.00 -14.00 -64.66
CA LYS K 262 59.20 -14.76 -64.95
C LYS K 262 60.45 -14.04 -64.41
N ASP K 263 61.59 -14.73 -64.43
CA ASP K 263 62.86 -14.15 -63.98
C ASP K 263 62.83 -13.67 -62.53
N LEU K 264 62.63 -14.60 -61.62
CA LEU K 264 62.61 -14.29 -60.21
C LEU K 264 63.99 -13.89 -59.73
N ARG K 265 64.05 -12.92 -58.81
CA ARG K 265 65.32 -12.46 -58.23
C ARG K 265 65.16 -12.04 -56.75
N LYS K 266 66.17 -12.39 -55.97
CA LYS K 266 66.22 -12.09 -54.56
C LYS K 266 67.15 -10.87 -54.36
N HIS K 267 66.64 -9.76 -53.84
CA HIS K 267 67.48 -8.57 -53.67
C HIS K 267 67.98 -8.24 -52.29
N THR K 268 67.52 -8.95 -51.28
CA THR K 268 67.94 -8.68 -49.91
C THR K 268 68.22 -9.96 -49.15
N SER K 269 68.96 -9.86 -48.05
CA SER K 269 69.29 -11.04 -47.28
C SER K 269 69.16 -10.74 -45.80
N PHE K 270 68.08 -10.04 -45.45
CA PHE K 270 67.80 -9.71 -44.06
C PHE K 270 67.81 -10.94 -43.14
N THR K 271 68.13 -10.73 -41.87
CA THR K 271 68.14 -11.84 -40.91
C THR K 271 67.64 -11.40 -39.53
N ASP K 272 67.53 -10.08 -39.32
CA ASP K 272 67.10 -9.54 -38.04
C ASP K 272 65.58 -9.41 -37.87
N TYR K 273 64.93 -8.69 -38.77
CA TYR K 273 63.50 -8.50 -38.73
C TYR K 273 62.94 -8.53 -40.14
N TYR K 274 61.77 -9.10 -40.31
CA TYR K 274 61.17 -9.15 -41.63
C TYR K 274 60.98 -7.75 -42.15
N PRO K 275 61.07 -7.56 -43.45
CA PRO K 275 60.87 -6.21 -43.97
C PRO K 275 59.35 -6.06 -44.18
N ARG K 276 58.81 -4.83 -44.22
CA ARG K 276 57.35 -4.68 -44.46
C ARG K 276 56.97 -3.39 -45.15
N HIS K 277 55.75 -3.37 -45.68
CA HIS K 277 55.17 -2.19 -46.32
C HIS K 277 55.99 -1.60 -47.49
N LEU K 278 56.15 -2.30 -48.60
CA LEU K 278 56.90 -1.70 -49.70
C LEU K 278 56.13 -0.57 -50.35
N ASN K 279 56.84 0.49 -50.71
CA ASN K 279 56.20 1.59 -51.40
C ASN K 279 57.29 2.27 -52.25
N THR K 280 56.87 2.91 -53.32
CA THR K 280 57.81 3.53 -54.22
C THR K 280 57.24 4.76 -54.92
N ASP K 281 58.14 5.51 -55.56
CA ASP K 281 57.78 6.73 -56.31
C ASP K 281 58.07 6.50 -57.79
N GLY K 282 58.60 5.32 -58.11
CA GLY K 282 58.93 5.00 -59.50
C GLY K 282 60.44 4.86 -59.72
N ARG K 283 61.22 5.37 -58.77
CA ARG K 283 62.66 5.29 -58.85
C ARG K 283 63.22 4.47 -57.67
N ARG K 284 62.88 4.85 -56.44
CA ARG K 284 63.36 4.12 -55.27
C ARG K 284 62.21 3.45 -54.49
N ILE K 285 62.57 2.43 -53.73
CA ILE K 285 61.61 1.66 -52.94
C ILE K 285 61.85 1.92 -51.47
N LEU K 286 60.77 2.13 -50.74
CA LEU K 286 60.87 2.41 -49.31
C LEU K 286 60.23 1.27 -48.51
N PHE K 287 60.72 1.04 -47.30
CA PHE K 287 60.14 -0.01 -46.48
C PHE K 287 60.58 0.11 -45.03
N SER K 288 59.88 -0.57 -44.12
CA SER K 288 60.26 -0.48 -42.71
C SER K 288 60.78 -1.81 -42.25
N LYS K 289 61.58 -1.78 -41.21
CA LYS K 289 62.11 -3.03 -40.68
C LYS K 289 62.64 -2.78 -39.28
N GLY K 290 62.27 -3.65 -38.34
CA GLY K 290 62.69 -3.50 -36.96
C GLY K 290 62.54 -2.09 -36.41
N GLY K 291 61.50 -1.38 -36.83
CA GLY K 291 61.29 -0.04 -36.34
C GLY K 291 62.14 1.06 -36.99
N SER K 292 62.64 0.82 -38.20
CA SER K 292 63.41 1.85 -38.89
C SER K 292 62.97 1.92 -40.35
N ILE K 293 63.32 2.99 -41.02
CA ILE K 293 62.95 3.14 -42.42
C ILE K 293 64.21 2.95 -43.28
N TYR K 294 64.06 2.11 -44.31
CA TYR K 294 65.14 1.80 -45.22
C TYR K 294 64.80 2.20 -46.64
N ILE K 295 65.84 2.35 -47.46
CA ILE K 295 65.68 2.67 -48.86
C ILE K 295 66.44 1.65 -49.69
N PHE K 296 65.82 1.24 -50.80
CA PHE K 296 66.39 0.27 -51.72
C PHE K 296 66.35 0.89 -53.11
N ASN K 297 67.53 1.02 -53.70
CA ASN K 297 67.64 1.58 -55.04
C ASN K 297 67.80 0.41 -56.00
N PRO K 298 66.78 0.14 -56.83
CA PRO K 298 66.81 -0.96 -57.78
C PRO K 298 67.97 -0.87 -58.77
N ASP K 299 68.27 0.35 -59.22
CA ASP K 299 69.34 0.53 -60.18
C ASP K 299 70.73 0.31 -59.60
N THR K 300 70.80 0.11 -58.29
CA THR K 300 72.08 -0.09 -57.64
C THR K 300 72.06 -1.30 -56.72
N GLU K 301 70.84 -1.69 -56.35
CA GLU K 301 70.66 -2.81 -55.46
C GLU K 301 71.29 -2.45 -54.10
N LYS K 302 71.40 -1.15 -53.83
CA LYS K 302 71.95 -0.68 -52.57
C LYS K 302 70.80 -0.37 -51.60
N ILE K 303 71.03 -0.69 -50.33
CA ILE K 303 70.04 -0.45 -49.30
C ILE K 303 70.64 0.31 -48.14
N GLU K 304 69.93 1.31 -47.68
CA GLU K 304 70.39 2.07 -46.55
C GLU K 304 69.28 2.58 -45.63
N LYS K 305 69.61 2.56 -44.34
CA LYS K 305 68.73 3.03 -43.28
C LYS K 305 68.72 4.55 -43.27
N ILE K 306 67.52 5.12 -43.25
CA ILE K 306 67.41 6.57 -43.19
C ILE K 306 67.58 6.98 -41.74
N GLU K 307 68.27 8.09 -41.50
CA GLU K 307 68.52 8.53 -40.13
C GLU K 307 67.43 9.42 -39.63
N ILE K 308 66.73 9.02 -38.57
CA ILE K 308 65.69 9.87 -38.03
C ILE K 308 65.92 10.22 -36.57
N GLY K 309 66.35 9.24 -35.77
CA GLY K 309 66.61 9.51 -34.36
C GLY K 309 65.35 9.86 -33.59
N ASP K 310 65.52 10.31 -32.35
CA ASP K 310 64.39 10.66 -31.50
C ASP K 310 63.44 11.60 -32.19
N LEU K 311 62.15 11.35 -32.02
CA LEU K 311 61.13 12.15 -32.65
C LEU K 311 60.05 12.62 -31.68
N GLU K 312 59.73 11.79 -30.71
CA GLU K 312 58.70 12.18 -29.80
C GLU K 312 58.67 11.23 -28.62
N SER K 313 58.69 11.79 -27.42
CA SER K 313 58.68 11.01 -26.21
C SER K 313 57.60 11.62 -25.29
N PRO K 314 56.34 11.14 -25.40
CA PRO K 314 55.25 11.66 -24.58
C PRO K 314 55.38 11.27 -23.11
N GLU K 315 54.54 11.90 -22.28
CA GLU K 315 54.48 11.67 -20.83
C GLU K 315 54.31 10.19 -20.52
N ASP K 316 55.24 9.62 -19.74
CA ASP K 316 55.19 8.21 -19.41
C ASP K 316 54.11 7.82 -18.40
N ARG K 317 53.83 8.75 -17.48
CA ARG K 317 52.83 8.57 -16.44
C ARG K 317 51.44 8.91 -16.97
N ILE K 318 50.56 7.90 -17.02
CA ILE K 318 49.20 8.07 -17.55
C ILE K 318 48.09 7.77 -16.53
N ILE K 319 46.97 8.43 -16.77
CA ILE K 319 45.78 8.32 -15.95
C ILE K 319 44.75 7.48 -16.70
N SER K 320 44.01 6.65 -15.98
CA SER K 320 42.99 5.78 -16.57
C SER K 320 41.77 5.67 -15.69
N ILE K 321 40.64 5.37 -16.31
CA ILE K 321 39.40 5.20 -15.57
C ILE K 321 39.36 3.76 -15.06
N PRO K 322 39.47 3.58 -13.74
CA PRO K 322 39.46 2.25 -13.11
C PRO K 322 38.34 1.31 -13.53
N SER K 323 37.13 1.85 -13.73
CA SER K 323 36.02 1.00 -14.13
C SER K 323 36.26 0.42 -15.53
N LYS K 324 36.86 1.21 -16.42
CA LYS K 324 37.17 0.75 -17.78
C LYS K 324 37.96 -0.56 -17.82
N PHE K 325 38.83 -0.79 -16.84
CA PHE K 325 39.64 -2.01 -16.85
C PHE K 325 39.38 -2.86 -15.63
N ALA K 326 38.29 -2.59 -14.93
CA ALA K 326 37.99 -3.33 -13.72
C ALA K 326 37.69 -4.82 -13.93
N GLU K 327 38.16 -5.64 -13.01
CA GLU K 327 37.98 -7.08 -13.08
C GLU K 327 38.01 -7.61 -11.65
N ASP K 328 37.26 -8.67 -11.38
CA ASP K 328 37.27 -9.19 -10.02
C ASP K 328 36.80 -8.14 -9.02
N PHE K 329 35.61 -8.29 -8.45
CA PHE K 329 35.07 -7.35 -7.46
C PHE K 329 34.62 -8.24 -6.29
N SER K 330 35.18 -8.01 -5.12
CA SER K 330 34.83 -8.84 -3.97
C SER K 330 34.52 -8.00 -2.73
N PRO K 331 33.49 -8.43 -1.96
CA PRO K 331 33.04 -7.74 -0.73
C PRO K 331 33.89 -8.19 0.46
N LEU K 332 34.32 -7.22 1.27
CA LEU K 332 35.14 -7.51 2.47
C LEU K 332 34.37 -7.20 3.74
N ASP K 333 34.95 -7.50 4.88
CA ASP K 333 34.29 -7.18 6.14
C ASP K 333 34.16 -5.67 6.26
N GLY K 334 33.33 -5.20 7.20
CA GLY K 334 33.14 -3.77 7.38
C GLY K 334 32.57 -3.05 6.17
N ASP K 335 31.82 -3.75 5.32
CA ASP K 335 31.21 -3.09 4.17
C ASP K 335 32.27 -2.49 3.24
N LEU K 336 33.44 -3.11 3.19
CA LEU K 336 34.46 -2.64 2.27
C LEU K 336 34.45 -3.48 1.02
N ILE K 337 35.00 -2.90 -0.05
CA ILE K 337 35.06 -3.54 -1.35
C ILE K 337 36.51 -3.65 -1.82
N ALA K 338 36.80 -4.74 -2.54
CA ALA K 338 38.13 -4.94 -3.12
C ALA K 338 37.87 -5.22 -4.59
N PHE K 339 38.78 -4.77 -5.45
CA PHE K 339 38.65 -4.96 -6.89
C PHE K 339 39.97 -4.76 -7.54
N VAL K 340 40.17 -5.46 -8.66
CA VAL K 340 41.38 -5.41 -9.43
C VAL K 340 41.10 -4.62 -10.69
N SER K 341 42.06 -3.81 -11.13
CA SER K 341 41.92 -3.04 -12.37
C SER K 341 43.29 -2.75 -12.96
N ARG K 342 43.46 -3.04 -14.25
CA ARG K 342 44.71 -2.78 -14.93
C ARG K 342 45.92 -3.27 -14.13
N GLY K 343 45.80 -4.46 -13.56
CA GLY K 343 46.90 -5.07 -12.83
C GLY K 343 47.12 -4.54 -11.44
N GLN K 344 46.30 -3.59 -11.02
CA GLN K 344 46.44 -3.01 -9.67
C GLN K 344 45.26 -3.44 -8.80
N ALA K 345 45.39 -3.34 -7.50
CA ALA K 345 44.30 -3.73 -6.62
C ALA K 345 43.99 -2.60 -5.65
N PHE K 346 42.75 -2.56 -5.18
CA PHE K 346 42.33 -1.52 -4.28
C PHE K 346 41.29 -1.95 -3.25
N ILE K 347 41.44 -1.41 -2.05
CA ILE K 347 40.49 -1.66 -0.98
C ILE K 347 39.75 -0.33 -0.80
N GLN K 348 38.42 -0.31 -0.93
CA GLN K 348 37.70 0.97 -0.80
C GLN K 348 36.33 0.84 -0.17
N ASP K 349 35.72 1.97 0.17
CA ASP K 349 34.35 1.95 0.73
C ASP K 349 33.46 1.95 -0.53
N VAL K 350 32.19 1.63 -0.39
CA VAL K 350 31.36 1.56 -1.59
C VAL K 350 31.35 2.85 -2.35
N SER K 351 31.36 3.98 -1.65
CA SER K 351 31.32 5.28 -2.34
C SER K 351 32.59 5.62 -3.15
N GLY K 352 33.69 4.92 -2.83
CA GLY K 352 34.93 5.16 -3.55
C GLY K 352 35.59 6.46 -3.10
N THR K 353 35.26 6.90 -1.88
CA THR K 353 35.82 8.12 -1.34
C THR K 353 37.08 7.76 -0.61
N TYR K 354 37.06 6.66 0.13
CA TYR K 354 38.25 6.19 0.89
C TYR K 354 38.88 5.00 0.15
N VAL K 355 39.97 5.25 -0.57
CA VAL K 355 40.65 4.20 -1.36
C VAL K 355 42.10 3.84 -0.99
N LEU K 356 42.40 2.54 -0.92
CA LEU K 356 43.76 2.09 -0.65
C LEU K 356 44.24 1.20 -1.76
N LYS K 357 45.42 1.54 -2.29
CA LYS K 357 46.03 0.75 -3.34
C LYS K 357 46.86 -0.30 -2.68
N VAL K 358 46.79 -1.52 -3.16
CA VAL K 358 47.61 -2.55 -2.57
C VAL K 358 49.07 -2.24 -2.97
N PRO K 359 49.99 -2.25 -2.02
CA PRO K 359 51.40 -1.96 -2.27
C PRO K 359 52.12 -3.16 -2.88
N GLU K 360 51.87 -3.44 -4.16
CA GLU K 360 52.52 -4.56 -4.87
C GLU K 360 52.67 -4.21 -6.33
N PRO K 361 53.84 -4.43 -6.90
CA PRO K 361 54.13 -4.15 -8.32
C PRO K 361 53.12 -4.79 -9.30
N LEU K 362 53.21 -4.41 -10.57
CA LEU K 362 52.28 -4.94 -11.56
C LEU K 362 52.02 -6.42 -11.59
N ARG K 363 50.76 -6.63 -11.99
CA ARG K 363 50.08 -7.88 -12.18
C ARG K 363 49.52 -8.59 -10.98
N ILE K 364 48.46 -8.03 -10.43
CA ILE K 364 47.74 -8.66 -9.31
C ILE K 364 46.59 -9.30 -10.08
N ARG K 365 46.40 -10.60 -9.96
CA ARG K 365 45.32 -11.21 -10.73
C ARG K 365 44.04 -11.30 -9.94
N TYR K 366 44.18 -11.63 -8.65
CA TYR K 366 43.05 -11.81 -7.76
C TYR K 366 43.26 -11.26 -6.36
N VAL K 367 42.14 -10.89 -5.72
CA VAL K 367 42.15 -10.37 -4.36
C VAL K 367 40.98 -11.04 -3.63
N ARG K 368 41.23 -11.47 -2.41
CA ARG K 368 40.24 -12.21 -1.61
C ARG K 368 40.30 -11.99 -0.11
N ARG K 369 39.14 -11.80 0.50
CA ARG K 369 39.06 -11.62 1.95
C ARG K 369 39.89 -12.68 2.70
N GLY K 370 40.85 -12.25 3.50
CA GLY K 370 41.70 -13.17 4.26
C GLY K 370 41.50 -13.05 5.76
N GLY K 371 40.73 -12.06 6.19
CA GLY K 371 40.49 -11.87 7.61
C GLY K 371 39.87 -10.52 7.89
N ASP K 372 39.73 -10.19 9.17
CA ASP K 372 39.16 -8.90 9.59
C ASP K 372 39.62 -7.75 8.72
N THR K 373 40.95 -7.56 8.64
CA THR K 373 41.50 -6.48 7.87
C THR K 373 42.59 -6.96 6.93
N LYS K 374 42.56 -8.25 6.59
CA LYS K 374 43.57 -8.87 5.71
C LYS K 374 43.00 -9.38 4.40
N VAL K 375 43.80 -9.39 3.36
CA VAL K 375 43.32 -9.84 2.06
C VAL K 375 44.43 -10.64 1.38
N ALA K 376 44.10 -11.76 0.75
CA ALA K 376 45.12 -12.54 0.08
C ALA K 376 44.99 -12.18 -1.37
N PHE K 377 46.09 -12.19 -2.10
CA PHE K 377 46.03 -11.86 -3.50
C PHE K 377 46.95 -12.74 -4.31
N ILE K 378 46.74 -12.76 -5.62
CA ILE K 378 47.61 -13.54 -6.48
C ILE K 378 48.39 -12.57 -7.32
N HIS K 379 49.72 -12.64 -7.22
CA HIS K 379 50.61 -11.75 -7.97
C HIS K 379 51.27 -12.51 -9.12
N GLY K 380 51.12 -11.99 -10.32
CA GLY K 380 51.69 -12.67 -11.49
C GLY K 380 52.89 -11.98 -12.09
N THR K 381 53.91 -12.78 -12.36
CA THR K 381 55.14 -12.27 -12.97
C THR K 381 55.43 -13.15 -14.17
N ARG K 382 56.56 -12.93 -14.79
CA ARG K 382 56.98 -13.73 -15.96
C ARG K 382 57.23 -15.21 -15.53
N GLU K 383 57.73 -15.41 -14.31
CA GLU K 383 58.02 -16.74 -13.78
C GLU K 383 56.75 -17.53 -13.41
N GLY K 384 55.69 -16.80 -13.08
CA GLY K 384 54.43 -17.44 -12.72
C GLY K 384 53.62 -16.69 -11.69
N ASP K 385 52.64 -17.38 -11.10
CA ASP K 385 51.78 -16.78 -10.12
C ASP K 385 52.23 -17.15 -8.72
N PHE K 386 52.05 -16.21 -7.79
CA PHE K 386 52.42 -16.37 -6.36
C PHE K 386 51.32 -15.83 -5.44
N LEU K 387 51.21 -16.47 -4.27
CA LEU K 387 50.21 -16.10 -3.28
C LEU K 387 50.81 -15.03 -2.38
N GLY K 388 50.00 -14.02 -2.08
CA GLY K 388 50.44 -12.91 -1.26
C GLY K 388 49.36 -12.53 -0.28
N ILE K 389 49.75 -11.81 0.77
CA ILE K 389 48.82 -11.38 1.79
C ILE K 389 49.04 -9.91 2.09
N TYR K 390 47.97 -9.19 2.40
CA TYR K 390 48.12 -7.80 2.69
C TYR K 390 47.16 -7.40 3.75
N ASP K 391 47.68 -6.72 4.77
CA ASP K 391 46.85 -6.25 5.87
C ASP K 391 46.66 -4.74 5.70
N TYR K 392 45.50 -4.33 5.19
CA TYR K 392 45.25 -2.91 4.97
C TYR K 392 45.12 -2.05 6.22
N ARG K 393 45.09 -2.67 7.40
CA ARG K 393 44.99 -1.87 8.62
C ARG K 393 46.38 -1.45 9.05
N THR K 394 47.27 -2.43 9.18
CA THR K 394 48.64 -2.15 9.59
C THR K 394 49.52 -1.67 8.45
N GLY K 395 49.17 -2.09 7.23
CA GLY K 395 49.94 -1.70 6.07
C GLY K 395 50.92 -2.79 5.62
N LYS K 396 51.22 -3.75 6.49
CA LYS K 396 52.16 -4.83 6.16
C LYS K 396 51.65 -5.61 4.96
N ALA K 397 52.56 -6.25 4.23
CA ALA K 397 52.20 -7.00 3.04
C ALA K 397 53.29 -7.94 2.59
N GLU K 398 53.35 -9.12 3.21
CA GLU K 398 54.35 -10.14 2.86
C GLU K 398 53.97 -10.75 1.53
N LYS K 399 54.87 -11.48 0.89
CA LYS K 399 54.55 -12.08 -0.40
C LYS K 399 55.38 -13.32 -0.62
N PHE K 400 54.73 -14.48 -0.47
CA PHE K 400 55.41 -15.76 -0.63
C PHE K 400 56.17 -15.87 -1.96
N GLU K 401 57.16 -16.76 -2.00
CA GLU K 401 58.00 -16.96 -3.19
C GLU K 401 57.74 -18.31 -3.86
N GLU K 402 56.90 -19.14 -3.27
CA GLU K 402 56.58 -20.43 -3.85
C GLU K 402 55.72 -20.22 -5.10
N ASN K 403 56.18 -20.71 -6.24
CA ASN K 403 55.48 -20.54 -7.50
C ASN K 403 54.28 -21.50 -7.60
N LEU K 404 53.08 -20.96 -7.85
CA LEU K 404 51.87 -21.78 -7.93
C LEU K 404 51.48 -22.20 -9.35
N GLY K 405 52.22 -21.71 -10.33
CA GLY K 405 51.91 -22.02 -11.71
C GLY K 405 50.96 -20.95 -12.19
N ASN K 406 50.16 -21.26 -13.20
CA ASN K 406 49.21 -20.30 -13.72
C ASN K 406 47.88 -20.44 -12.98
N VAL K 407 47.63 -19.53 -12.03
CA VAL K 407 46.43 -19.60 -11.22
C VAL K 407 45.17 -19.06 -11.85
N PHE K 408 44.11 -19.86 -11.78
CA PHE K 408 42.87 -19.38 -12.34
C PHE K 408 41.75 -19.22 -11.33
N ALA K 409 41.99 -19.69 -10.10
CA ALA K 409 41.00 -19.53 -9.05
C ALA K 409 41.70 -19.49 -7.71
N MET K 410 41.08 -18.83 -6.75
CA MET K 410 41.67 -18.68 -5.44
C MET K 410 40.62 -18.40 -4.39
N GLY K 411 40.76 -19.02 -3.22
CA GLY K 411 39.82 -18.80 -2.13
C GLY K 411 40.51 -18.92 -0.80
N VAL K 412 39.96 -18.32 0.24
CA VAL K 412 40.57 -18.40 1.56
C VAL K 412 39.54 -18.93 2.54
N ASP K 413 39.96 -19.72 3.53
CA ASP K 413 38.97 -20.24 4.46
C ASP K 413 38.50 -19.13 5.40
N ARG K 414 37.28 -19.24 5.88
CA ARG K 414 36.71 -18.24 6.74
C ARG K 414 37.58 -17.91 7.93
N ASN K 415 38.40 -18.88 8.35
CA ASN K 415 39.27 -18.69 9.51
C ASN K 415 40.67 -18.20 9.18
N GLY K 416 40.85 -17.68 7.98
CA GLY K 416 42.15 -17.18 7.58
C GLY K 416 43.38 -18.06 7.78
N LYS K 417 43.21 -19.38 7.83
CA LYS K 417 44.32 -20.30 8.01
C LYS K 417 44.97 -20.71 6.69
N PHE K 418 44.17 -21.09 5.70
CA PHE K 418 44.76 -21.49 4.44
C PHE K 418 43.98 -20.96 3.28
N ALA K 419 44.51 -21.17 2.09
CA ALA K 419 43.85 -20.74 0.85
C ALA K 419 43.75 -21.97 -0.04
N VAL K 420 42.91 -21.87 -1.07
CA VAL K 420 42.74 -22.95 -2.01
C VAL K 420 43.02 -22.32 -3.36
N VAL K 421 43.80 -23.02 -4.19
CA VAL K 421 44.19 -22.51 -5.50
C VAL K 421 44.11 -23.54 -6.63
N ALA K 422 43.71 -23.10 -7.82
CA ALA K 422 43.63 -23.98 -8.99
C ALA K 422 44.57 -23.37 -10.04
N ASN K 423 45.21 -24.22 -10.81
CA ASN K 423 46.11 -23.76 -11.87
C ASN K 423 45.87 -24.52 -13.17
N ASP K 424 46.62 -24.15 -14.20
CA ASP K 424 46.46 -24.78 -15.49
C ASP K 424 47.12 -26.14 -15.58
N ARG K 425 47.65 -26.62 -14.47
CA ARG K 425 48.23 -27.95 -14.45
C ARG K 425 47.08 -28.87 -14.05
N PHE K 426 45.90 -28.28 -13.90
CA PHE K 426 44.72 -29.06 -13.50
C PHE K 426 44.83 -29.54 -12.05
N GLU K 427 45.56 -28.81 -11.22
CA GLU K 427 45.72 -29.17 -9.81
C GLU K 427 44.90 -28.26 -8.91
N ILE K 428 44.44 -28.82 -7.80
CA ILE K 428 43.69 -28.08 -6.83
C ILE K 428 44.62 -28.27 -5.62
N MET K 429 44.84 -27.20 -4.86
CA MET K 429 45.73 -27.31 -3.70
C MET K 429 45.41 -26.34 -2.59
N THR K 430 46.04 -26.56 -1.46
CA THR K 430 45.87 -25.68 -0.32
C THR K 430 47.22 -25.03 -0.04
N VAL K 431 47.20 -23.74 0.26
CA VAL K 431 48.45 -23.06 0.55
C VAL K 431 48.38 -22.54 1.97
N ASP K 432 49.29 -23.03 2.81
CA ASP K 432 49.33 -22.60 4.20
C ASP K 432 49.58 -21.09 4.27
N LEU K 433 48.57 -20.29 4.60
CA LEU K 433 48.77 -18.84 4.65
C LEU K 433 49.83 -18.34 5.63
N GLU K 434 50.30 -19.23 6.50
CA GLU K 434 51.30 -18.89 7.51
C GLU K 434 52.70 -18.92 6.91
N THR K 435 53.02 -20.05 6.27
CA THR K 435 54.33 -20.26 5.65
C THR K 435 54.31 -19.94 4.16
N GLY K 436 53.44 -20.62 3.42
CA GLY K 436 53.36 -20.38 1.99
C GLY K 436 53.46 -21.71 1.24
N LYS K 437 53.77 -22.76 1.99
CA LYS K 437 53.92 -24.08 1.39
C LYS K 437 52.64 -24.57 0.73
N PRO K 438 52.69 -24.73 -0.59
CA PRO K 438 51.50 -25.23 -1.28
C PRO K 438 51.43 -26.75 -1.10
N THR K 439 50.23 -27.30 -1.11
CA THR K 439 50.04 -28.73 -0.97
C THR K 439 48.91 -29.19 -1.85
N VAL K 440 49.29 -29.93 -2.90
CA VAL K 440 48.36 -30.43 -3.88
C VAL K 440 47.43 -31.46 -3.29
N ILE K 441 46.13 -31.25 -3.50
CA ILE K 441 45.14 -32.18 -3.01
C ILE K 441 44.86 -33.20 -4.10
N GLU K 442 44.50 -32.69 -5.28
CA GLU K 442 44.20 -33.57 -6.38
C GLU K 442 44.41 -32.89 -7.71
N ARG K 443 44.68 -33.70 -8.74
CA ARG K 443 44.93 -33.21 -10.06
C ARG K 443 44.03 -33.93 -11.03
N SER K 444 43.39 -33.16 -11.91
CA SER K 444 42.49 -33.69 -12.93
C SER K 444 43.32 -33.77 -14.20
N ARG K 445 42.98 -34.65 -15.12
CA ARG K 445 43.77 -34.70 -16.33
C ARG K 445 42.97 -34.22 -17.54
N GLU K 446 41.82 -33.59 -17.27
CA GLU K 446 40.97 -33.11 -18.34
C GLU K 446 40.86 -31.58 -18.39
N ALA K 447 40.59 -30.97 -17.23
CA ALA K 447 40.40 -29.51 -17.16
C ALA K 447 40.71 -28.93 -15.78
N MET K 448 40.65 -27.61 -15.66
CA MET K 448 40.96 -26.97 -14.38
C MET K 448 39.89 -27.16 -13.31
N ILE K 449 40.34 -27.23 -12.06
CA ILE K 449 39.46 -27.41 -10.90
C ILE K 449 39.24 -26.03 -10.28
N THR K 450 38.48 -25.19 -10.98
CA THR K 450 38.21 -23.85 -10.50
C THR K 450 36.94 -23.68 -9.70
N ASP K 451 36.07 -24.71 -9.69
CA ASP K 451 34.81 -24.66 -8.95
C ASP K 451 34.90 -25.34 -7.58
N PHE K 452 35.19 -24.56 -6.55
CA PHE K 452 35.32 -25.15 -5.24
C PHE K 452 34.82 -24.29 -4.08
N THR K 453 34.66 -24.94 -2.94
CA THR K 453 34.21 -24.25 -1.77
C THR K 453 34.78 -24.87 -0.47
N ILE K 454 34.92 -24.05 0.55
CA ILE K 454 35.43 -24.50 1.84
C ILE K 454 34.34 -24.34 2.89
N SER K 455 34.16 -25.34 3.72
CA SER K 455 33.14 -25.27 4.76
C SER K 455 33.52 -24.18 5.78
N ASP K 456 32.55 -23.74 6.57
CA ASP K 456 32.80 -22.71 7.56
C ASP K 456 33.73 -23.17 8.69
N ASN K 457 33.70 -24.44 9.06
CA ASN K 457 34.64 -24.87 10.10
C ASN K 457 36.05 -25.22 9.52
N SER K 458 36.25 -24.91 8.25
CA SER K 458 37.52 -25.13 7.57
C SER K 458 37.97 -26.57 7.48
N ARG K 459 37.05 -27.50 7.68
CA ARG K 459 37.39 -28.91 7.64
C ARG K 459 37.29 -29.63 6.30
N PHE K 460 36.37 -29.22 5.46
CA PHE K 460 36.20 -29.90 4.20
C PHE K 460 36.34 -29.03 2.99
N ILE K 461 36.72 -29.63 1.87
CA ILE K 461 36.82 -28.85 0.67
C ILE K 461 36.07 -29.60 -0.43
N ALA K 462 34.98 -29.00 -0.94
CA ALA K 462 34.22 -29.61 -2.01
C ALA K 462 34.52 -28.87 -3.32
N TYR K 463 34.74 -29.63 -4.39
CA TYR K 463 35.08 -29.05 -5.71
C TYR K 463 34.68 -29.94 -6.89
N GLY K 464 34.44 -29.32 -8.04
CA GLY K 464 34.08 -30.09 -9.21
C GLY K 464 35.34 -30.70 -9.78
N PHE K 465 35.33 -32.00 -10.07
CA PHE K 465 36.51 -32.70 -10.57
C PHE K 465 36.28 -33.21 -11.98
N PRO K 466 36.76 -32.46 -12.98
CA PRO K 466 36.55 -32.93 -14.35
C PRO K 466 37.19 -34.28 -14.65
N LEU K 467 36.49 -35.14 -15.41
CA LEU K 467 36.98 -36.49 -15.71
C LEU K 467 36.34 -37.03 -16.98
N LYS K 468 36.90 -38.10 -17.50
CA LYS K 468 36.41 -38.73 -18.72
C LYS K 468 36.38 -40.21 -18.46
N HIS K 469 35.50 -40.91 -19.17
CA HIS K 469 35.45 -42.35 -18.96
C HIS K 469 36.55 -42.94 -19.80
N GLY K 470 36.68 -42.43 -21.02
CA GLY K 470 37.74 -42.90 -21.89
C GLY K 470 38.63 -41.74 -22.28
N GLU K 471 39.86 -42.02 -22.70
CA GLU K 471 40.78 -40.95 -23.09
C GLU K 471 40.33 -40.19 -24.33
N THR K 472 39.65 -40.87 -25.24
CA THR K 472 39.19 -40.21 -26.45
C THR K 472 37.70 -39.89 -26.41
N ASP K 473 37.16 -39.84 -25.20
CA ASP K 473 35.74 -39.56 -24.96
C ASP K 473 35.39 -38.16 -25.42
N GLY K 474 34.26 -38.01 -26.08
CA GLY K 474 33.86 -36.69 -26.56
C GLY K 474 33.25 -35.76 -25.53
N TYR K 475 33.01 -36.27 -24.33
CA TYR K 475 32.43 -35.44 -23.29
C TYR K 475 33.24 -35.56 -22.00
N VAL K 476 33.37 -34.43 -21.30
CA VAL K 476 34.10 -34.43 -20.04
C VAL K 476 33.04 -34.37 -18.96
N MET K 477 33.13 -35.28 -18.03
CA MET K 477 32.14 -35.33 -16.98
C MET K 477 32.68 -34.54 -15.84
N GLN K 478 31.89 -34.37 -14.78
CA GLN K 478 32.35 -33.64 -13.61
C GLN K 478 31.61 -34.14 -12.38
N ALA K 479 32.38 -34.56 -11.41
CA ALA K 479 31.80 -35.08 -10.20
C ALA K 479 32.33 -34.24 -9.04
N ILE K 480 31.52 -34.05 -7.99
CA ILE K 480 31.95 -33.28 -6.85
C ILE K 480 32.75 -34.17 -5.92
N HIS K 481 33.90 -33.67 -5.47
CA HIS K 481 34.79 -34.39 -4.56
C HIS K 481 34.87 -33.61 -3.27
N VAL K 482 35.11 -34.31 -2.18
CA VAL K 482 35.23 -33.59 -0.92
C VAL K 482 36.52 -34.03 -0.30
N TYR K 483 37.32 -33.06 0.14
CA TYR K 483 38.58 -33.34 0.81
C TYR K 483 38.44 -33.04 2.28
N ASP K 484 38.78 -34.03 3.11
CA ASP K 484 38.74 -33.86 4.58
C ASP K 484 40.13 -33.49 5.15
N MET K 485 40.31 -32.26 5.63
CA MET K 485 41.61 -31.86 6.19
C MET K 485 42.07 -32.84 7.29
N GLU K 486 41.13 -33.42 8.02
CA GLU K 486 41.49 -34.40 9.03
C GLU K 486 41.40 -35.76 8.36
N GLY K 487 42.47 -36.53 8.40
CA GLY K 487 42.43 -37.82 7.77
C GLY K 487 42.98 -37.62 6.39
N ARG K 488 42.97 -36.38 5.94
CA ARG K 488 43.51 -36.07 4.63
C ARG K 488 43.12 -37.11 3.56
N LYS K 489 41.81 -37.37 3.42
CA LYS K 489 41.33 -38.32 2.42
C LYS K 489 40.27 -37.66 1.55
N ILE K 490 40.17 -38.13 0.30
CA ILE K 490 39.22 -37.57 -0.64
C ILE K 490 37.99 -38.45 -0.80
N PHE K 491 36.80 -37.90 -0.67
CA PHE K 491 35.59 -38.71 -0.82
C PHE K 491 34.79 -38.28 -2.02
N ALA K 492 34.02 -39.21 -2.58
CA ALA K 492 33.20 -38.91 -3.76
C ALA K 492 31.82 -38.48 -3.30
N ALA K 493 31.55 -37.20 -3.48
CA ALA K 493 30.26 -36.66 -3.10
C ALA K 493 29.22 -37.09 -4.12
N THR K 494 29.66 -37.32 -5.33
CA THR K 494 28.70 -37.64 -6.35
C THR K 494 29.25 -38.63 -7.41
N THR K 495 28.37 -39.26 -8.19
CA THR K 495 28.78 -40.25 -9.19
C THR K 495 29.37 -39.52 -10.40
N GLU K 496 30.05 -40.25 -11.28
CA GLU K 496 30.69 -39.56 -12.40
C GLU K 496 30.04 -39.72 -13.75
N ASN K 497 28.71 -39.69 -13.76
CA ASN K 497 27.95 -39.86 -14.98
C ASN K 497 27.43 -38.58 -15.60
N SER K 498 27.70 -37.45 -14.98
CA SER K 498 27.23 -36.24 -15.60
C SER K 498 28.02 -34.99 -15.14
N HIS K 499 27.33 -33.87 -15.03
CA HIS K 499 27.95 -32.65 -14.68
C HIS K 499 27.42 -32.09 -13.38
N ASP K 500 28.23 -32.20 -12.33
CA ASP K 500 27.85 -31.72 -11.02
C ASP K 500 28.72 -30.49 -10.67
N TYR K 501 28.10 -29.42 -10.13
CA TYR K 501 28.88 -28.23 -9.87
C TYR K 501 28.32 -27.31 -8.75
N ALA K 502 28.95 -26.17 -8.62
CA ALA K 502 28.59 -25.18 -7.68
C ALA K 502 28.40 -25.63 -6.22
N PRO K 503 29.28 -26.50 -5.73
CA PRO K 503 29.12 -26.95 -4.33
C PRO K 503 29.04 -25.82 -3.34
N ALA K 504 28.32 -26.03 -2.25
CA ALA K 504 28.17 -25.00 -1.19
C ALA K 504 27.75 -25.66 0.13
N PHE K 505 28.45 -25.33 1.22
CA PHE K 505 28.15 -25.91 2.50
C PHE K 505 27.19 -24.99 3.23
N ASP K 506 26.40 -25.55 4.14
CA ASP K 506 25.54 -24.66 4.87
C ASP K 506 26.42 -24.11 5.98
N ALA K 507 26.01 -23.00 6.58
CA ALA K 507 26.79 -22.39 7.64
C ALA K 507 27.19 -23.37 8.74
N ASP K 508 26.28 -24.24 9.18
CA ASP K 508 26.59 -25.21 10.22
C ASP K 508 27.56 -26.31 9.80
N SER K 509 27.86 -26.39 8.51
CA SER K 509 28.77 -27.42 7.98
C SER K 509 28.18 -28.82 8.17
N LYS K 510 26.88 -28.98 8.02
CA LYS K 510 26.26 -30.29 8.19
C LYS K 510 25.79 -30.94 6.89
N ASN K 511 25.49 -30.11 5.90
CA ASN K 511 25.04 -30.58 4.60
C ASN K 511 25.80 -29.94 3.45
N LEU K 512 26.01 -30.71 2.38
CA LEU K 512 26.65 -30.17 1.21
C LEU K 512 25.60 -29.96 0.09
N TYR K 513 25.43 -28.72 -0.36
CA TYR K 513 24.52 -28.47 -1.44
C TYR K 513 25.32 -28.33 -2.74
N TYR K 514 24.69 -28.65 -3.88
CA TYR K 514 25.35 -28.45 -5.16
C TYR K 514 24.31 -28.52 -6.27
N LEU K 515 24.71 -28.22 -7.52
CA LEU K 515 23.80 -28.31 -8.66
C LEU K 515 24.24 -29.41 -9.65
N SER K 516 23.34 -29.83 -10.54
CA SER K 516 23.66 -30.86 -11.54
C SER K 516 22.76 -30.65 -12.75
N TYR K 517 23.20 -31.18 -13.89
CA TYR K 517 22.45 -31.12 -15.13
C TYR K 517 21.97 -32.57 -15.33
N ARG K 518 21.47 -33.19 -14.28
CA ARG K 518 21.08 -34.56 -14.44
C ARG K 518 19.63 -34.73 -14.70
N SER K 519 18.84 -33.66 -14.59
CA SER K 519 17.40 -33.80 -14.81
C SER K 519 16.98 -33.79 -16.25
N LEU K 520 17.41 -34.82 -16.98
CA LEU K 520 17.09 -34.85 -18.38
C LEU K 520 15.60 -34.80 -18.69
N ASP K 521 15.28 -33.85 -19.55
CA ASP K 521 13.95 -33.66 -20.08
C ASP K 521 14.12 -32.80 -21.34
N PRO K 522 13.70 -33.30 -22.50
CA PRO K 522 13.86 -32.52 -23.73
C PRO K 522 12.89 -31.36 -24.03
N SER K 523 13.38 -30.33 -24.71
CA SER K 523 12.53 -29.22 -25.10
C SER K 523 12.55 -29.24 -26.61
N PRO K 524 11.40 -29.04 -27.24
CA PRO K 524 11.28 -29.05 -28.70
C PRO K 524 11.77 -27.75 -29.37
N ASP K 525 12.31 -27.90 -30.57
CA ASP K 525 12.83 -26.83 -31.41
C ASP K 525 11.62 -26.32 -32.21
N ARG K 526 11.46 -25.00 -32.32
CA ARG K 526 10.31 -24.48 -33.00
C ARG K 526 10.34 -24.45 -34.50
N VAL K 527 11.51 -24.72 -35.08
CA VAL K 527 11.70 -24.65 -36.51
C VAL K 527 12.09 -25.93 -37.19
N VAL K 528 13.02 -26.60 -36.55
CA VAL K 528 13.59 -27.84 -37.09
C VAL K 528 13.18 -29.03 -36.25
N LEU K 529 13.02 -30.19 -36.86
CA LEU K 529 12.70 -31.37 -36.06
C LEU K 529 13.92 -31.67 -35.17
N ASN K 530 13.90 -31.18 -33.95
CA ASN K 530 15.03 -31.36 -33.07
C ASN K 530 14.63 -31.15 -31.63
N PHE K 531 15.50 -31.54 -30.69
CA PHE K 531 15.22 -31.38 -29.25
C PHE K 531 16.52 -31.16 -28.52
N SER K 532 16.49 -30.42 -27.42
CA SER K 532 17.71 -30.24 -26.68
C SER K 532 17.43 -30.07 -25.20
N PHE K 533 18.45 -30.23 -24.36
CA PHE K 533 18.29 -30.06 -22.93
C PHE K 533 18.52 -28.62 -22.49
N GLU K 534 17.41 -27.90 -22.32
CA GLU K 534 17.40 -26.50 -21.93
C GLU K 534 17.20 -26.32 -20.43
N VAL K 535 16.20 -27.00 -19.88
CA VAL K 535 15.94 -26.87 -18.45
C VAL K 535 16.07 -28.18 -17.76
N VAL K 536 17.30 -28.51 -17.38
CA VAL K 536 17.60 -29.79 -16.77
C VAL K 536 18.55 -29.61 -15.63
N SER K 537 18.53 -28.42 -15.05
CA SER K 537 19.40 -28.16 -13.92
C SER K 537 18.55 -28.24 -12.64
N LYS K 538 19.07 -28.94 -11.67
CA LYS K 538 18.35 -29.06 -10.44
C LYS K 538 19.33 -29.11 -9.27
N PRO K 539 18.93 -28.59 -8.10
CA PRO K 539 19.80 -28.61 -6.92
C PRO K 539 19.62 -29.93 -6.13
N PHE K 540 20.67 -30.33 -5.41
CA PHE K 540 20.66 -31.56 -4.62
C PHE K 540 21.37 -31.25 -3.32
N VAL K 541 21.17 -32.09 -2.32
CA VAL K 541 21.86 -31.89 -1.07
C VAL K 541 22.39 -33.23 -0.60
N ILE K 542 23.35 -33.20 0.32
CA ILE K 542 23.92 -34.40 0.88
C ILE K 542 24.28 -34.11 2.33
N PRO K 543 23.62 -34.80 3.27
CA PRO K 543 23.92 -34.59 4.69
C PRO K 543 25.22 -35.31 5.05
N LEU K 544 26.13 -34.57 5.69
CA LEU K 544 27.45 -35.08 6.07
C LEU K 544 27.43 -36.11 7.21
N ILE K 545 26.27 -36.22 7.87
CA ILE K 545 26.05 -37.15 8.95
C ILE K 545 24.99 -38.16 8.56
N PRO K 546 25.42 -39.38 8.23
CA PRO K 546 24.52 -40.46 7.82
C PRO K 546 23.30 -40.61 8.74
N GLY K 547 22.15 -40.88 8.15
CA GLY K 547 20.95 -41.04 8.96
C GLY K 547 20.23 -39.73 9.10
N SER K 548 20.88 -38.65 8.68
CA SER K 548 20.28 -37.35 8.78
C SER K 548 19.54 -37.15 7.45
N PRO K 549 18.34 -36.60 7.50
CA PRO K 549 17.59 -36.39 6.26
C PRO K 549 17.87 -35.11 5.53
N ASN K 550 17.35 -35.02 4.31
CA ASN K 550 17.46 -33.82 3.48
C ASN K 550 16.71 -32.72 4.27
N PRO K 551 17.44 -31.73 4.77
CA PRO K 551 16.79 -30.67 5.53
C PRO K 551 15.59 -30.00 4.86
N THR K 552 15.62 -29.83 3.53
CA THR K 552 14.49 -29.18 2.88
C THR K 552 13.29 -30.08 2.80
N LYS K 553 13.42 -31.33 3.21
CA LYS K 553 12.25 -32.22 3.20
C LYS K 553 11.32 -31.97 4.40
N LEU K 554 11.76 -31.14 5.34
CA LEU K 554 10.93 -30.83 6.50
C LEU K 554 10.40 -32.06 7.22
N VAL K 555 11.28 -32.99 7.53
CA VAL K 555 10.88 -34.17 8.26
C VAL K 555 10.89 -33.75 9.72
N PRO K 556 9.75 -33.91 10.43
CA PRO K 556 9.68 -33.54 11.85
C PRO K 556 10.83 -34.07 12.64
N ARG K 557 11.47 -33.20 13.43
CA ARG K 557 12.61 -33.59 14.23
C ARG K 557 12.34 -34.72 15.20
N SER K 558 11.14 -34.76 15.76
CA SER K 558 10.76 -35.79 16.71
C SER K 558 10.76 -37.17 16.06
N MET K 559 10.53 -37.19 14.75
CA MET K 559 10.46 -38.42 13.98
C MET K 559 11.77 -38.85 13.36
N THR K 560 12.81 -38.04 13.50
CA THR K 560 14.11 -38.38 12.96
C THR K 560 15.10 -38.56 14.11
N SER K 561 15.81 -39.68 14.10
CA SER K 561 16.78 -39.95 15.14
C SER K 561 18.19 -39.58 14.65
N GLU K 562 18.49 -38.29 14.55
CA GLU K 562 19.82 -37.89 14.10
C GLU K 562 20.83 -38.00 15.26
N ALA K 563 21.65 -36.96 15.41
CA ALA K 563 22.66 -36.93 16.46
C ALA K 563 23.78 -37.96 16.18
N GLY K 564 24.23 -38.00 14.93
CA GLY K 564 25.30 -38.91 14.57
C GLY K 564 26.58 -38.11 14.43
N GLU K 565 27.56 -38.69 13.76
CA GLU K 565 28.83 -38.04 13.55
C GLU K 565 29.21 -38.06 12.07
N TYR K 566 30.20 -37.25 11.67
CA TYR K 566 30.63 -37.17 10.26
C TYR K 566 31.04 -38.46 9.68
N ASP K 567 30.54 -38.74 8.50
CA ASP K 567 30.90 -39.96 7.78
C ASP K 567 30.71 -39.68 6.30
N LEU K 568 31.82 -39.45 5.58
CA LEU K 568 31.71 -39.16 4.18
C LEU K 568 31.74 -40.38 3.27
N ASN K 569 31.71 -41.58 3.83
CA ASN K 569 31.72 -42.78 2.97
C ASN K 569 30.41 -43.01 2.26
N ASP K 570 30.50 -43.33 0.98
CA ASP K 570 29.31 -43.58 0.18
C ASP K 570 28.29 -42.47 0.37
N MET K 571 28.78 -41.26 0.56
CA MET K 571 27.82 -40.17 0.78
C MET K 571 26.99 -39.90 -0.49
N TYR K 572 27.53 -40.22 -1.66
CA TYR K 572 26.78 -40.05 -2.90
C TYR K 572 25.52 -40.93 -2.90
N LYS K 573 25.44 -41.89 -2.00
CA LYS K 573 24.23 -42.72 -1.93
C LYS K 573 23.07 -42.04 -1.18
N ARG K 574 23.41 -41.12 -0.26
CA ARG K 574 22.45 -40.39 0.56
C ARG K 574 21.98 -39.14 -0.14
N SER K 575 22.57 -38.84 -1.29
CA SER K 575 22.18 -37.63 -2.00
C SER K 575 20.66 -37.58 -2.19
N SER K 576 20.14 -36.36 -2.25
CA SER K 576 18.74 -36.12 -2.38
C SER K 576 18.51 -34.76 -3.09
N PRO K 577 17.46 -34.63 -3.90
CA PRO K 577 17.22 -33.36 -4.58
C PRO K 577 16.38 -32.41 -3.75
N ILE K 578 16.31 -31.15 -4.15
CA ILE K 578 15.41 -30.28 -3.43
C ILE K 578 14.31 -29.98 -4.44
N ASN K 579 13.08 -29.94 -3.92
CA ASN K 579 11.89 -29.76 -4.72
C ASN K 579 11.76 -28.42 -5.34
N VAL K 580 12.57 -28.21 -6.36
CA VAL K 580 12.58 -26.97 -7.09
C VAL K 580 12.45 -27.28 -8.56
N ASP K 581 11.62 -26.53 -9.27
CA ASP K 581 11.46 -26.74 -10.69
C ASP K 581 12.82 -26.73 -11.42
N PRO K 582 12.97 -27.59 -12.40
CA PRO K 582 14.21 -27.66 -13.15
C PRO K 582 14.37 -26.34 -13.91
N GLY K 583 15.60 -25.90 -14.07
CA GLY K 583 15.89 -24.69 -14.80
C GLY K 583 17.36 -24.69 -15.24
N ASP K 584 18.00 -23.53 -15.31
CA ASP K 584 19.42 -23.39 -15.65
C ASP K 584 20.03 -22.53 -14.51
N TYR K 585 20.48 -23.23 -13.47
CA TYR K 585 21.04 -22.65 -12.28
C TYR K 585 22.53 -22.63 -12.26
N ARG K 586 23.09 -21.52 -11.79
CA ARG K 586 24.53 -21.38 -11.77
C ARG K 586 25.12 -21.25 -10.35
N MET K 587 24.26 -21.25 -9.33
CA MET K 587 24.76 -21.08 -7.97
C MET K 587 23.66 -21.33 -6.99
N ILE K 588 24.02 -21.93 -5.86
CA ILE K 588 23.04 -22.21 -4.85
C ILE K 588 23.65 -21.76 -3.55
N ILE K 589 22.91 -20.95 -2.79
CA ILE K 589 23.38 -20.45 -1.49
C ILE K 589 22.40 -20.80 -0.38
N PRO K 590 22.75 -21.82 0.41
CA PRO K 590 21.88 -22.25 1.49
C PRO K 590 21.96 -21.27 2.65
N LEU K 591 20.79 -20.83 3.08
CA LEU K 591 20.66 -19.90 4.20
C LEU K 591 19.81 -20.57 5.29
N GLU K 592 19.55 -19.86 6.37
CA GLU K 592 18.79 -20.43 7.48
C GLU K 592 17.46 -21.09 7.13
N SER K 593 16.48 -20.30 6.72
CA SER K 593 15.19 -20.87 6.40
C SER K 593 14.86 -20.67 4.93
N SER K 594 15.90 -20.43 4.14
CA SER K 594 15.70 -20.25 2.71
C SER K 594 16.96 -20.60 1.98
N ILE K 595 16.86 -20.67 0.65
CA ILE K 595 17.99 -20.99 -0.22
C ILE K 595 17.97 -20.08 -1.43
N LEU K 596 19.10 -19.41 -1.71
CA LEU K 596 19.13 -18.51 -2.83
C LEU K 596 19.66 -19.29 -4.02
N ILE K 597 19.09 -19.03 -5.19
CA ILE K 597 19.50 -19.69 -6.42
C ILE K 597 19.61 -18.68 -7.53
N TYR K 598 20.66 -18.81 -8.32
CA TYR K 598 20.90 -17.90 -9.44
C TYR K 598 20.42 -18.64 -10.67
N SER K 599 19.52 -18.01 -11.41
CA SER K 599 18.88 -18.62 -12.57
C SER K 599 19.07 -17.83 -13.84
N VAL K 600 19.30 -18.51 -14.95
CA VAL K 600 19.46 -17.86 -16.24
C VAL K 600 18.36 -18.36 -17.22
N PRO K 601 17.44 -17.48 -17.60
CA PRO K 601 16.36 -17.83 -18.53
C PRO K 601 16.93 -18.28 -19.85
N VAL K 602 16.23 -19.16 -20.53
CA VAL K 602 16.71 -19.62 -21.81
C VAL K 602 16.81 -18.42 -22.75
N HIS K 603 17.92 -18.32 -23.48
CA HIS K 603 18.10 -17.20 -24.40
C HIS K 603 18.93 -17.59 -25.64
N GLY K 604 18.82 -16.81 -26.71
CA GLY K 604 19.61 -17.04 -27.91
C GLY K 604 21.08 -16.70 -27.63
N GLU K 605 21.96 -17.16 -28.52
CA GLU K 605 23.40 -16.93 -28.36
C GLU K 605 24.01 -15.96 -29.34
N PHE K 606 23.21 -15.46 -30.28
CA PHE K 606 23.76 -14.55 -31.26
C PHE K 606 24.40 -13.30 -30.71
N ALA K 607 23.71 -12.61 -29.83
CA ALA K 607 24.27 -11.38 -29.27
C ALA K 607 25.55 -11.63 -28.48
N ALA K 608 25.59 -12.71 -27.75
CA ALA K 608 26.76 -13.01 -26.94
C ALA K 608 27.91 -13.48 -27.78
N TYR K 609 27.60 -14.01 -28.95
CA TYR K 609 28.59 -14.55 -29.86
C TYR K 609 29.21 -13.51 -30.79
N TYR K 610 28.42 -12.53 -31.19
CA TYR K 610 28.96 -11.50 -32.07
C TYR K 610 28.97 -10.07 -31.47
N GLN K 611 28.42 -9.90 -30.28
CA GLN K 611 28.39 -8.57 -29.70
C GLN K 611 28.86 -8.57 -28.29
N GLY K 612 29.44 -9.67 -27.85
CA GLY K 612 29.91 -9.74 -26.48
C GLY K 612 28.80 -9.54 -25.47
N ALA K 613 27.52 -9.69 -25.88
CA ALA K 613 26.41 -9.51 -24.93
C ALA K 613 26.48 -10.46 -23.72
N PRO K 614 26.50 -9.90 -22.51
CA PRO K 614 26.58 -10.70 -21.29
C PRO K 614 25.33 -11.53 -21.08
N GLU K 615 25.47 -12.59 -20.30
CA GLU K 615 24.37 -13.50 -19.99
C GLU K 615 23.52 -12.92 -18.84
N LYS K 616 22.22 -12.69 -19.07
CA LYS K 616 21.36 -12.14 -18.01
C LYS K 616 20.75 -13.20 -17.09
N GLY K 617 20.98 -13.01 -15.79
CA GLY K 617 20.49 -13.92 -14.79
C GLY K 617 19.57 -13.21 -13.83
N VAL K 618 19.02 -13.95 -12.88
CA VAL K 618 18.11 -13.36 -11.91
C VAL K 618 18.41 -14.14 -10.62
N LEU K 619 18.29 -13.49 -9.48
CA LEU K 619 18.51 -14.13 -8.19
C LEU K 619 17.16 -14.57 -7.62
N LEU K 620 17.00 -15.86 -7.37
CA LEU K 620 15.77 -16.41 -6.80
C LEU K 620 15.90 -16.80 -5.33
N LYS K 621 14.78 -16.78 -4.65
CA LYS K 621 14.77 -17.19 -3.27
C LYS K 621 13.78 -18.31 -3.11
N TYR K 622 14.23 -19.39 -2.49
CA TYR K 622 13.40 -20.54 -2.25
C TYR K 622 13.16 -20.64 -0.76
N ASP K 623 11.92 -20.45 -0.34
CA ASP K 623 11.54 -20.54 1.06
C ASP K 623 11.45 -22.01 1.46
N VAL K 624 12.28 -22.48 2.38
CA VAL K 624 12.27 -23.90 2.72
C VAL K 624 10.96 -24.38 3.34
N LYS K 625 10.31 -23.47 4.08
CA LYS K 625 9.06 -23.78 4.76
C LYS K 625 7.84 -23.83 3.86
N THR K 626 7.67 -22.80 3.01
CA THR K 626 6.51 -22.74 2.12
C THR K 626 6.78 -23.31 0.74
N ARG K 627 8.05 -23.59 0.47
CA ARG K 627 8.49 -24.12 -0.82
C ARG K 627 8.13 -23.21 -1.97
N LYS K 628 7.93 -21.93 -1.67
CA LYS K 628 7.57 -20.96 -2.67
C LYS K 628 8.81 -20.20 -3.14
N VAL K 629 8.87 -19.97 -4.44
CA VAL K 629 9.99 -19.29 -5.05
C VAL K 629 9.64 -17.87 -5.44
N THR K 630 10.59 -16.95 -5.29
CA THR K 630 10.33 -15.57 -5.67
C THR K 630 11.59 -14.91 -6.22
N GLU K 631 11.38 -13.87 -7.01
CA GLU K 631 12.47 -13.14 -7.61
C GLU K 631 13.00 -12.11 -6.65
N VAL K 632 14.28 -12.16 -6.35
CA VAL K 632 14.92 -11.20 -5.45
C VAL K 632 15.62 -10.05 -6.23
N LYS K 633 16.12 -10.32 -7.44
CA LYS K 633 16.85 -9.30 -8.20
C LYS K 633 17.09 -9.72 -9.65
N ASN K 634 16.75 -8.88 -10.62
CA ASN K 634 16.97 -9.27 -12.01
C ASN K 634 18.05 -8.45 -12.74
N ASN K 635 18.18 -8.70 -14.03
CA ASN K 635 19.18 -8.02 -14.84
C ASN K 635 20.58 -8.18 -14.30
N LEU K 636 20.82 -9.28 -13.63
CA LEU K 636 22.15 -9.54 -13.09
C LEU K 636 23.07 -10.20 -14.13
N THR K 637 24.38 -9.99 -14.01
CA THR K 637 25.30 -10.67 -14.91
C THR K 637 26.37 -11.39 -14.11
N ASP K 638 26.41 -11.11 -12.80
CA ASP K 638 27.40 -11.72 -11.91
C ASP K 638 27.06 -11.47 -10.42
N LEU K 639 27.39 -12.40 -9.54
CA LEU K 639 27.05 -12.23 -8.13
C LEU K 639 28.14 -12.78 -7.19
N ARG K 640 28.42 -12.07 -6.12
CA ARG K 640 29.43 -12.50 -5.14
C ARG K 640 28.78 -12.36 -3.82
N LEU K 641 29.20 -13.18 -2.85
CA LEU K 641 28.60 -13.11 -1.55
C LEU K 641 29.63 -13.00 -0.46
N SER K 642 29.31 -12.16 0.51
CA SER K 642 30.10 -11.87 1.70
C SER K 642 30.52 -13.13 2.43
N ALA K 643 31.49 -12.99 3.35
CA ALA K 643 32.00 -14.10 4.14
C ALA K 643 30.94 -14.51 5.18
N ASP K 644 30.30 -13.51 5.76
CA ASP K 644 29.28 -13.78 6.74
C ASP K 644 27.92 -13.97 6.06
N ARG K 645 27.90 -14.11 4.72
CA ARG K 645 26.64 -14.31 3.99
C ARG K 645 25.63 -13.20 4.24
N LYS K 646 26.07 -12.04 4.73
CA LYS K 646 25.13 -10.95 4.99
C LYS K 646 25.05 -9.91 3.89
N THR K 647 26.15 -9.71 3.17
CA THR K 647 26.22 -8.72 2.08
C THR K 647 26.29 -9.35 0.70
N VAL K 648 25.55 -8.78 -0.23
CA VAL K 648 25.55 -9.28 -1.59
C VAL K 648 26.12 -8.22 -2.52
N MET K 649 27.03 -8.63 -3.39
CA MET K 649 27.60 -7.72 -4.37
C MET K 649 27.22 -8.29 -5.73
N VAL K 650 26.77 -7.43 -6.64
CA VAL K 650 26.40 -7.92 -7.95
C VAL K 650 26.79 -6.95 -9.07
N ARG K 651 26.68 -7.43 -10.29
CA ARG K 651 26.93 -6.61 -11.45
C ARG K 651 25.68 -6.78 -12.29
N LYS K 652 25.16 -5.70 -12.83
CA LYS K 652 23.99 -5.84 -13.63
C LYS K 652 24.32 -5.67 -15.09
N ASP K 653 23.31 -5.84 -15.93
CA ASP K 653 23.45 -5.74 -17.37
C ASP K 653 23.87 -4.38 -17.86
N ASP K 654 23.88 -3.39 -16.97
CA ASP K 654 24.32 -2.05 -17.37
C ASP K 654 25.80 -1.92 -17.12
N GLY K 655 26.44 -3.02 -16.71
CA GLY K 655 27.86 -3.01 -16.45
C GLY K 655 28.27 -2.46 -15.09
N LYS K 656 27.31 -1.88 -14.37
CA LYS K 656 27.59 -1.30 -13.05
C LYS K 656 27.56 -2.34 -11.90
N ILE K 657 28.29 -2.03 -10.84
CA ILE K 657 28.38 -2.91 -9.68
C ILE K 657 27.54 -2.38 -8.55
N TYR K 658 26.81 -3.29 -7.90
CA TYR K 658 25.95 -2.90 -6.81
C TYR K 658 26.14 -3.75 -5.59
N THR K 659 25.67 -3.23 -4.48
CA THR K 659 25.77 -3.96 -3.24
C THR K 659 24.50 -3.78 -2.39
N PHE K 660 24.01 -4.87 -1.83
CA PHE K 660 22.82 -4.80 -1.01
C PHE K 660 22.86 -5.83 0.09
N PRO K 661 22.19 -5.54 1.22
CA PRO K 661 22.14 -6.47 2.35
C PRO K 661 21.21 -7.62 2.01
N LEU K 662 21.61 -8.82 2.39
CA LEU K 662 20.78 -9.97 2.10
C LEU K 662 19.41 -9.83 2.81
N GLU K 663 19.39 -9.06 3.88
CA GLU K 663 18.18 -8.82 4.67
C GLU K 663 17.20 -7.84 4.01
N LYS K 664 17.73 -6.80 3.37
CA LYS K 664 16.92 -5.79 2.69
C LYS K 664 17.47 -5.48 1.28
N PRO K 665 17.28 -6.41 0.34
CA PRO K 665 17.75 -6.25 -1.04
C PRO K 665 17.22 -5.01 -1.74
N GLU K 666 16.27 -4.33 -1.11
CA GLU K 666 15.73 -3.13 -1.71
C GLU K 666 16.69 -1.97 -1.45
N ASP K 667 17.56 -2.12 -0.45
CA ASP K 667 18.51 -1.05 -0.12
C ASP K 667 19.89 -1.27 -0.75
N GLU K 668 19.96 -1.32 -2.08
CA GLU K 668 21.25 -1.51 -2.74
C GLU K 668 21.90 -0.16 -3.04
N ARG K 669 23.23 -0.15 -3.04
CA ARG K 669 24.00 1.05 -3.36
C ARG K 669 24.90 0.73 -4.53
N THR K 670 25.23 1.75 -5.30
CA THR K 670 26.12 1.59 -6.45
C THR K 670 27.56 1.76 -6.01
N VAL K 671 28.41 0.80 -6.36
CA VAL K 671 29.82 0.89 -6.01
C VAL K 671 30.51 1.87 -6.96
N GLU K 672 31.01 2.98 -6.42
CA GLU K 672 31.69 4.00 -7.22
C GLU K 672 33.17 3.72 -7.15
N THR K 673 33.84 3.68 -8.31
CA THR K 673 35.25 3.36 -8.38
C THR K 673 36.06 4.40 -9.14
N ASP K 674 35.37 5.29 -9.85
CA ASP K 674 36.02 6.27 -10.69
C ASP K 674 36.24 7.60 -10.04
N LYS K 675 36.11 7.64 -8.72
CA LYS K 675 36.31 8.92 -8.04
C LYS K 675 37.79 9.30 -8.08
N ARG K 676 38.63 8.27 -8.08
CA ARG K 676 40.08 8.42 -8.11
C ARG K 676 40.63 7.87 -9.41
N PRO K 677 41.57 8.60 -10.04
CA PRO K 677 42.18 8.14 -11.30
C PRO K 677 43.09 6.95 -11.09
N LEU K 678 43.22 6.12 -12.09
CA LEU K 678 44.13 4.98 -11.99
C LEU K 678 45.48 5.54 -12.49
N VAL K 679 46.57 5.30 -11.78
CA VAL K 679 47.88 5.83 -12.21
C VAL K 679 48.88 4.75 -12.58
N SER K 680 49.43 4.86 -13.80
CA SER K 680 50.42 3.89 -14.25
C SER K 680 51.52 4.48 -15.17
N SER K 681 52.52 3.66 -15.48
CA SER K 681 53.66 3.99 -16.34
C SER K 681 53.61 3.24 -17.68
N ILE K 682 53.48 3.98 -18.77
CA ILE K 682 53.43 3.33 -20.08
C ILE K 682 54.49 2.25 -20.26
N HIS K 683 55.76 2.59 -20.03
CA HIS K 683 56.82 1.61 -20.23
C HIS K 683 56.79 0.44 -19.26
N GLU K 684 56.32 0.65 -18.05
CA GLU K 684 56.28 -0.48 -17.16
C GLU K 684 55.19 -1.47 -17.64
N GLU K 685 54.06 -0.94 -18.12
CA GLU K 685 52.96 -1.77 -18.60
C GLU K 685 53.33 -2.49 -19.88
N PHE K 686 53.90 -1.73 -20.82
CA PHE K 686 54.34 -2.26 -22.12
C PHE K 686 55.30 -3.46 -21.93
N LEU K 687 56.29 -3.32 -21.02
CA LEU K 687 57.17 -4.44 -20.75
C LEU K 687 56.37 -5.61 -20.19
N GLN K 688 55.54 -5.32 -19.20
CA GLN K 688 54.70 -6.33 -18.56
C GLN K 688 53.81 -7.03 -19.57
N MET K 689 53.13 -6.25 -20.43
CA MET K 689 52.22 -6.82 -21.43
C MET K 689 52.94 -7.70 -22.45
N TYR K 690 54.10 -7.22 -22.88
CA TYR K 690 54.89 -7.98 -23.85
C TYR K 690 55.28 -9.30 -23.20
N ASP K 691 55.82 -9.23 -22.00
CA ASP K 691 56.21 -10.47 -21.38
C ASP K 691 55.04 -11.42 -21.22
N GLU K 692 53.87 -10.90 -20.89
CA GLU K 692 52.71 -11.77 -20.70
C GLU K 692 52.30 -12.39 -22.01
N ALA K 693 52.23 -11.56 -23.04
CA ALA K 693 51.87 -12.03 -24.37
C ALA K 693 52.84 -13.15 -24.73
N TRP K 694 54.13 -12.86 -24.59
CA TRP K 694 55.18 -13.84 -24.93
C TRP K 694 55.02 -15.13 -24.11
N LYS K 695 54.64 -14.98 -22.83
CA LYS K 695 54.48 -16.14 -21.96
C LYS K 695 53.26 -16.98 -22.30
N LEU K 696 52.22 -16.31 -22.77
CA LEU K 696 51.01 -17.03 -23.10
C LEU K 696 51.27 -17.80 -24.36
N ALA K 697 51.90 -17.12 -25.32
CA ALA K 697 52.20 -17.73 -26.62
C ALA K 697 52.98 -19.02 -26.42
N ARG K 698 53.83 -19.02 -25.38
CA ARG K 698 54.64 -20.20 -25.10
C ARG K 698 53.87 -21.29 -24.31
N ASP K 699 53.26 -20.85 -23.22
CA ASP K 699 52.48 -21.75 -22.39
C ASP K 699 51.29 -22.45 -23.10
N ASN K 700 50.62 -21.79 -24.06
CA ASN K 700 49.46 -22.39 -24.70
C ASN K 700 49.60 -22.96 -26.08
N TYR K 701 50.78 -22.80 -26.71
CA TYR K 701 51.00 -23.33 -28.05
C TYR K 701 50.69 -24.79 -27.93
N TRP K 702 50.03 -25.34 -28.94
CA TRP K 702 49.65 -26.77 -28.91
C TRP K 702 50.83 -27.75 -28.75
N ASN K 703 51.96 -27.38 -29.34
CA ASN K 703 53.12 -28.23 -29.25
C ASN K 703 54.18 -27.71 -28.26
N GLU K 704 54.31 -28.39 -27.13
CA GLU K 704 55.26 -27.99 -26.10
C GLU K 704 56.73 -27.94 -26.57
N ALA K 705 57.19 -28.99 -27.24
CA ALA K 705 58.59 -28.99 -27.70
C ALA K 705 58.82 -27.75 -28.56
N VAL K 706 57.98 -27.59 -29.57
CA VAL K 706 58.10 -26.44 -30.45
C VAL K 706 58.07 -25.14 -29.67
N ALA K 707 57.17 -25.05 -28.70
CA ALA K 707 57.06 -23.84 -27.89
C ALA K 707 58.35 -23.54 -27.16
N LYS K 708 59.11 -24.56 -26.79
CA LYS K 708 60.38 -24.36 -26.07
C LYS K 708 61.45 -23.67 -26.94
N GLU K 709 61.60 -24.11 -28.16
CA GLU K 709 62.59 -23.52 -29.03
C GLU K 709 62.15 -22.17 -29.58
N ILE K 710 60.95 -22.10 -30.12
CA ILE K 710 60.43 -20.85 -30.70
C ILE K 710 60.47 -19.72 -29.70
N SER K 711 59.93 -19.97 -28.52
CA SER K 711 59.88 -18.95 -27.49
C SER K 711 61.27 -18.37 -27.11
N GLU K 712 62.21 -19.23 -26.73
CA GLU K 712 63.53 -18.79 -26.33
C GLU K 712 64.31 -18.11 -27.42
N ARG K 713 64.01 -18.49 -28.66
CA ARG K 713 64.68 -17.93 -29.81
C ARG K 713 64.08 -16.57 -30.26
N ILE K 714 62.98 -16.12 -29.68
CA ILE K 714 62.39 -14.86 -30.12
C ILE K 714 62.18 -13.83 -29.04
N TYR K 715 62.38 -14.25 -27.79
CA TYR K 715 62.18 -13.35 -26.68
C TYR K 715 62.93 -12.00 -26.78
N GLU K 716 64.25 -12.04 -26.60
CA GLU K 716 65.10 -10.86 -26.65
C GLU K 716 64.88 -10.04 -27.91
N LYS K 717 64.83 -10.73 -29.05
CA LYS K 717 64.68 -10.05 -30.34
C LYS K 717 63.57 -9.01 -30.34
N TYR K 718 62.38 -9.42 -29.91
CA TYR K 718 61.23 -8.53 -29.92
C TYR K 718 61.11 -7.68 -28.68
N ARG K 719 61.78 -8.11 -27.62
CA ARG K 719 61.76 -7.33 -26.38
C ARG K 719 62.50 -6.02 -26.60
N ASN K 720 63.57 -6.06 -27.40
CA ASN K 720 64.38 -4.86 -27.68
C ASN K 720 63.59 -3.74 -28.37
N LEU K 721 62.45 -4.08 -28.94
CA LEU K 721 61.67 -3.04 -29.61
C LEU K 721 60.66 -2.42 -28.68
N VAL K 722 60.35 -3.10 -27.59
CA VAL K 722 59.33 -2.60 -26.65
C VAL K 722 59.63 -1.20 -26.13
N PRO K 723 60.90 -0.95 -25.73
CA PRO K 723 61.22 0.40 -25.24
C PRO K 723 61.04 1.50 -26.33
N LEU K 724 60.99 1.13 -27.60
CA LEU K 724 60.77 2.13 -28.63
C LEU K 724 59.28 2.42 -28.78
N CYS K 725 58.44 1.59 -28.19
CA CYS K 725 56.98 1.80 -28.30
C CYS K 725 56.48 2.86 -27.34
N LYS K 726 55.72 3.79 -27.88
CA LYS K 726 55.14 4.82 -27.04
C LYS K 726 53.58 4.79 -27.05
N THR K 727 52.99 4.05 -27.99
CA THR K 727 51.56 3.93 -28.07
C THR K 727 51.16 2.46 -28.11
N ARG K 728 49.90 2.20 -27.78
CA ARG K 728 49.40 0.84 -27.75
C ARG K 728 49.57 0.22 -29.10
N TYR K 729 49.27 0.99 -30.17
CA TYR K 729 49.44 0.51 -31.55
C TYR K 729 50.90 0.11 -31.84
N ASP K 730 51.85 0.81 -31.21
CA ASP K 730 53.28 0.48 -31.34
C ASP K 730 53.53 -0.92 -30.75
N LEU K 731 52.97 -1.16 -29.55
CA LEU K 731 53.15 -2.45 -28.85
C LEU K 731 52.51 -3.57 -29.66
N SER K 732 51.44 -3.22 -30.36
CA SER K 732 50.74 -4.18 -31.16
C SER K 732 51.65 -4.67 -32.26
N ASN K 733 52.32 -3.72 -32.93
CA ASN K 733 53.23 -4.09 -34.03
C ASN K 733 54.29 -5.03 -33.49
N VAL K 734 54.79 -4.74 -32.31
CA VAL K 734 55.80 -5.61 -31.79
C VAL K 734 55.23 -6.98 -31.40
N ILE K 735 54.14 -7.00 -30.60
CA ILE K 735 53.57 -8.27 -30.15
C ILE K 735 53.10 -9.21 -31.30
N VAL K 736 52.43 -8.66 -32.30
CA VAL K 736 51.96 -9.52 -33.37
C VAL K 736 53.13 -10.16 -34.11
N GLU K 737 54.17 -9.39 -34.40
CA GLU K 737 55.36 -9.91 -35.08
C GLU K 737 55.95 -11.06 -34.24
N MET K 738 55.97 -10.92 -32.92
CA MET K 738 56.52 -12.01 -32.16
C MET K 738 55.52 -13.19 -32.23
N GLN K 739 54.22 -12.89 -32.37
CA GLN K 739 53.26 -14.01 -32.47
C GLN K 739 53.43 -14.77 -33.81
N GLY K 740 53.80 -14.03 -34.86
CA GLY K 740 54.01 -14.64 -36.17
C GLY K 740 55.10 -15.72 -36.15
N GLU K 741 56.04 -15.58 -35.23
CA GLU K 741 57.14 -16.51 -35.08
C GLU K 741 56.67 -17.96 -34.89
N TYR K 742 55.40 -18.16 -34.53
CA TYR K 742 54.90 -19.53 -34.34
C TYR K 742 54.42 -20.11 -35.69
N ARG K 743 54.44 -19.29 -36.74
CA ARG K 743 54.06 -19.74 -38.06
C ARG K 743 52.84 -20.64 -38.05
N THR K 744 51.89 -20.33 -37.19
CA THR K 744 50.67 -21.12 -37.10
C THR K 744 49.48 -20.16 -37.25
N SER K 745 48.31 -20.72 -37.57
CA SER K 745 47.08 -19.89 -37.68
C SER K 745 46.58 -19.53 -36.27
N HIS K 746 45.47 -18.79 -36.25
CA HIS K 746 44.80 -18.35 -35.02
C HIS K 746 45.59 -17.67 -33.92
N SER K 747 46.55 -16.83 -34.31
CA SER K 747 47.38 -16.05 -33.35
C SER K 747 46.86 -14.64 -33.53
N TYR K 748 45.84 -14.27 -32.76
CA TYR K 748 45.28 -12.94 -32.93
C TYR K 748 45.49 -12.04 -31.75
N GLU K 749 45.06 -10.80 -31.91
CA GLU K 749 45.15 -9.81 -30.86
C GLU K 749 43.85 -9.03 -31.02
N MET K 750 42.95 -9.17 -30.05
CA MET K 750 41.65 -8.49 -30.10
C MET K 750 41.44 -7.60 -28.87
N GLY K 751 40.57 -6.60 -29.02
CA GLY K 751 40.30 -5.70 -27.91
C GLY K 751 41.50 -4.84 -27.55
N GLY K 752 41.47 -4.26 -26.35
CA GLY K 752 42.57 -3.40 -25.93
C GLY K 752 42.13 -1.97 -26.16
N THR K 753 42.90 -1.03 -25.65
CA THR K 753 42.57 0.39 -25.76
C THR K 753 43.69 1.06 -26.49
N PHE K 754 43.47 1.41 -27.74
CA PHE K 754 44.53 2.03 -28.56
C PHE K 754 44.28 3.51 -28.72
N THR K 755 43.02 3.91 -28.60
CA THR K 755 42.67 5.32 -28.77
C THR K 755 41.47 5.73 -27.88
N ASP K 756 41.24 7.03 -27.79
CA ASP K 756 40.13 7.47 -26.99
C ASP K 756 39.20 8.20 -27.93
N LYS K 757 39.41 8.00 -29.22
CA LYS K 757 38.60 8.62 -30.27
C LYS K 757 37.30 7.84 -30.53
N ASP K 758 36.19 8.55 -30.64
CA ASP K 758 34.94 7.86 -30.94
C ASP K 758 35.00 7.19 -32.30
N PRO K 759 34.48 5.96 -32.36
CA PRO K 759 34.48 5.22 -33.63
C PRO K 759 33.77 5.99 -34.75
N PHE K 760 34.24 5.76 -35.96
CA PHE K 760 33.62 6.36 -37.14
C PHE K 760 32.20 5.84 -37.25
N ARG K 761 31.31 6.70 -37.71
CA ARG K 761 29.91 6.32 -37.89
C ARG K 761 29.61 6.32 -39.38
N SER K 762 28.64 5.52 -39.79
CA SER K 762 28.25 5.43 -41.19
C SER K 762 26.71 5.38 -41.23
N GLY K 763 26.12 6.13 -42.17
CA GLY K 763 24.68 6.18 -42.26
C GLY K 763 24.22 5.27 -43.35
N ARG K 764 23.45 4.24 -43.03
CA ARG K 764 23.00 3.32 -44.09
C ARG K 764 21.51 3.10 -44.20
N ILE K 765 21.04 2.92 -45.44
CA ILE K 765 19.64 2.65 -45.68
C ILE K 765 19.52 1.51 -46.69
N ALA K 766 20.56 0.68 -46.70
CA ALA K 766 20.61 -0.48 -47.59
C ALA K 766 20.27 -0.11 -49.02
N CYS K 767 20.98 0.87 -49.54
CA CYS K 767 20.74 1.27 -50.91
C CYS K 767 22.10 1.62 -51.48
N ASP K 768 22.18 1.64 -52.81
CA ASP K 768 23.40 2.03 -53.50
C ASP K 768 23.08 3.29 -54.25
N PHE K 769 23.85 4.34 -54.02
CA PHE K 769 23.59 5.60 -54.71
C PHE K 769 24.54 5.78 -55.87
N LYS K 770 24.05 6.47 -56.90
CA LYS K 770 24.81 6.75 -58.10
C LYS K 770 24.69 8.23 -58.43
N LEU K 771 25.83 8.92 -58.54
CA LEU K 771 25.82 10.36 -58.83
C LEU K 771 25.59 10.56 -60.31
N ASP K 772 24.34 10.79 -60.68
CA ASP K 772 23.98 11.01 -62.06
C ASP K 772 23.62 12.48 -62.29
N GLY K 773 24.44 13.21 -63.05
CA GLY K 773 24.13 14.61 -63.23
C GLY K 773 24.50 15.26 -61.92
N ASP K 774 23.56 15.96 -61.28
CA ASP K 774 23.86 16.63 -59.99
C ASP K 774 22.93 16.13 -58.92
N HIS K 775 22.43 14.93 -59.16
CA HIS K 775 21.52 14.26 -58.25
C HIS K 775 21.98 12.84 -58.02
N TYR K 776 21.62 12.30 -56.87
CA TYR K 776 21.94 10.93 -56.54
C TYR K 776 20.68 10.16 -56.89
N VAL K 777 20.88 8.97 -57.45
CA VAL K 777 19.79 8.13 -57.82
C VAL K 777 20.03 6.80 -57.12
N VAL K 778 18.97 6.19 -56.61
CA VAL K 778 19.11 4.93 -55.94
C VAL K 778 19.37 3.91 -57.03
N ALA K 779 20.61 3.44 -57.10
CA ALA K 779 21.05 2.46 -58.10
C ALA K 779 20.55 1.08 -57.79
N LYS K 780 20.45 0.78 -56.49
CA LYS K 780 20.01 -0.52 -56.01
C LYS K 780 19.41 -0.44 -54.59
N ALA K 781 18.27 -1.13 -54.40
CA ALA K 781 17.58 -1.18 -53.12
C ALA K 781 17.58 -2.64 -52.65
N TYR K 782 18.50 -2.95 -51.73
CA TYR K 782 18.66 -4.30 -51.22
C TYR K 782 17.53 -4.86 -50.39
N ALA K 783 17.26 -6.16 -50.57
CA ALA K 783 16.21 -6.89 -49.84
C ALA K 783 16.45 -8.41 -49.89
N GLY K 784 16.30 -9.08 -48.75
CA GLY K 784 16.44 -10.54 -48.69
C GLY K 784 15.00 -11.09 -48.66
N ASP K 785 14.59 -11.60 -47.50
CA ASP K 785 13.23 -12.10 -47.34
C ASP K 785 12.40 -10.94 -46.74
N TYR K 786 11.57 -10.30 -47.56
CA TYR K 786 10.74 -9.19 -47.11
C TYR K 786 10.03 -9.38 -45.74
N SER K 787 9.66 -10.61 -45.42
CA SER K 787 8.97 -10.90 -44.18
C SER K 787 9.89 -11.12 -42.97
N ASN K 788 11.18 -11.33 -43.18
CA ASN K 788 12.06 -11.48 -42.01
C ASN K 788 12.33 -10.11 -41.40
N GLU K 789 12.97 -10.12 -40.26
CA GLU K 789 13.34 -8.93 -39.57
C GLU K 789 14.69 -8.47 -40.12
N GLY K 790 14.84 -7.17 -40.30
CA GLY K 790 16.08 -6.59 -40.78
C GLY K 790 16.73 -7.14 -42.04
N GLU K 791 15.95 -7.33 -43.10
CA GLU K 791 16.47 -7.84 -44.38
C GLU K 791 16.05 -7.00 -45.58
N LYS K 792 15.92 -5.70 -45.39
CA LYS K 792 15.55 -4.88 -46.53
C LYS K 792 15.78 -3.40 -46.20
N SER K 793 15.74 -2.57 -47.22
CA SER K 793 15.90 -1.15 -46.96
C SER K 793 14.66 -0.65 -46.21
N PRO K 794 14.86 0.11 -45.13
CA PRO K 794 13.73 0.65 -44.35
C PRO K 794 12.70 1.42 -45.17
N ILE K 795 13.08 1.81 -46.39
CA ILE K 795 12.13 2.54 -47.24
C ILE K 795 10.97 1.62 -47.65
N PHE K 796 11.25 0.34 -47.82
CA PHE K 796 10.20 -0.60 -48.20
C PHE K 796 8.98 -0.54 -47.27
N GLU K 797 9.18 -0.27 -45.98
CA GLU K 797 8.06 -0.23 -45.04
C GLU K 797 7.01 0.78 -45.45
N TYR K 798 7.37 1.74 -46.30
CA TYR K 798 6.41 2.73 -46.75
C TYR K 798 5.68 2.31 -48.00
N GLY K 799 5.91 1.06 -48.40
CA GLY K 799 5.24 0.55 -49.57
C GLY K 799 5.76 0.98 -50.92
N ILE K 800 7.07 1.15 -51.07
CA ILE K 800 7.62 1.52 -52.37
C ILE K 800 9.06 1.04 -52.50
N ASP K 801 9.46 0.69 -53.72
CA ASP K 801 10.83 0.26 -54.00
C ASP K 801 11.54 1.50 -54.47
N PRO K 802 12.50 2.00 -53.68
CA PRO K 802 13.31 3.21 -53.95
C PRO K 802 14.19 3.16 -55.20
N THR K 803 14.36 1.96 -55.77
CA THR K 803 15.20 1.81 -56.94
C THR K 803 14.76 2.76 -58.01
N GLY K 804 15.72 3.49 -58.58
CA GLY K 804 15.40 4.41 -59.64
C GLY K 804 15.00 5.81 -59.21
N TYR K 805 14.54 5.98 -57.98
CA TYR K 805 14.18 7.31 -57.49
C TYR K 805 15.43 8.18 -57.31
N LEU K 806 15.20 9.49 -57.22
CA LEU K 806 16.26 10.46 -57.01
C LEU K 806 16.11 10.99 -55.59
N ILE K 807 17.22 11.10 -54.90
CA ILE K 807 17.15 11.59 -53.57
C ILE K 807 17.36 13.10 -53.60
N GLU K 808 16.26 13.85 -53.47
CA GLU K 808 16.32 15.31 -53.47
C GLU K 808 17.13 15.81 -52.29
N ASP K 809 16.71 15.44 -51.09
CA ASP K 809 17.40 15.89 -49.89
C ASP K 809 17.07 15.05 -48.66
N ILE K 810 17.84 15.28 -47.61
CA ILE K 810 17.68 14.57 -46.36
C ILE K 810 17.62 15.62 -45.25
N ASP K 811 16.55 15.58 -44.45
CA ASP K 811 16.31 16.50 -43.33
C ASP K 811 16.48 17.96 -43.77
N GLY K 812 15.82 18.33 -44.87
CA GLY K 812 15.89 19.69 -45.35
C GLY K 812 17.19 20.04 -46.07
N GLU K 813 18.21 19.19 -45.97
CA GLU K 813 19.48 19.51 -46.65
C GLU K 813 19.61 18.86 -48.02
N THR K 814 19.79 19.70 -49.03
CA THR K 814 19.95 19.19 -50.38
C THR K 814 21.22 18.36 -50.52
N VAL K 815 21.08 17.21 -51.17
CA VAL K 815 22.23 16.32 -51.39
C VAL K 815 22.35 16.15 -52.89
N GLY K 816 23.56 15.91 -53.37
CA GLY K 816 23.79 15.75 -54.80
C GLY K 816 25.19 16.20 -55.16
N ALA K 817 25.35 16.66 -56.40
CA ALA K 817 26.65 17.12 -56.93
C ALA K 817 27.53 17.87 -55.95
N GLY K 818 26.96 18.78 -55.17
CA GLY K 818 27.80 19.50 -54.22
C GLY K 818 27.56 19.10 -52.77
N SER K 819 27.00 17.92 -52.54
CA SER K 819 26.73 17.49 -51.16
C SER K 819 26.78 15.96 -50.97
N ASN K 820 27.87 15.54 -50.35
CA ASN K 820 28.17 14.16 -50.04
C ASN K 820 27.04 13.50 -49.24
N ILE K 821 26.25 12.69 -49.91
CA ILE K 821 25.17 12.02 -49.26
C ILE K 821 25.68 11.05 -48.18
N TYR K 822 26.83 10.45 -48.39
CA TYR K 822 27.38 9.53 -47.39
C TYR K 822 27.58 10.27 -46.05
N ARG K 823 28.08 11.50 -46.12
CA ARG K 823 28.32 12.29 -44.89
C ARG K 823 27.03 12.71 -44.20
N VAL K 824 26.07 13.20 -44.99
CA VAL K 824 24.78 13.59 -44.43
C VAL K 824 24.19 12.37 -43.67
N LEU K 825 24.12 11.22 -44.34
CA LEU K 825 23.62 10.02 -43.69
C LEU K 825 24.46 9.74 -42.45
N SER K 826 25.77 9.79 -42.61
CA SER K 826 26.66 9.57 -41.49
C SER K 826 26.19 10.29 -40.22
N GLU K 827 25.75 11.55 -40.35
CA GLU K 827 25.34 12.36 -39.21
C GLU K 827 23.90 12.12 -38.70
N LYS K 828 23.19 11.19 -39.35
CA LYS K 828 21.82 10.86 -38.98
C LYS K 828 21.70 9.39 -38.55
N ALA K 829 22.81 8.69 -38.61
CA ALA K 829 22.82 7.29 -38.23
C ALA K 829 22.26 7.10 -36.85
N GLY K 830 21.36 6.12 -36.75
CA GLY K 830 20.75 5.80 -35.47
C GLY K 830 19.45 6.55 -35.17
N THR K 831 18.98 7.35 -36.12
CA THR K 831 17.75 8.10 -35.95
C THR K 831 16.96 8.06 -37.26
N SER K 832 15.82 8.74 -37.29
CA SER K 832 15.00 8.82 -38.50
C SER K 832 15.13 10.22 -39.03
N ALA K 833 15.25 10.29 -40.35
CA ALA K 833 15.38 11.56 -41.02
C ALA K 833 14.35 11.63 -42.13
N ARG K 834 13.91 12.83 -42.41
CA ARG K 834 12.93 13.02 -43.49
C ARG K 834 13.71 13.00 -44.82
N ILE K 835 13.37 12.05 -45.69
CA ILE K 835 14.04 11.93 -46.98
C ILE K 835 13.04 12.33 -48.04
N ARG K 836 13.46 13.15 -49.01
CA ARG K 836 12.58 13.57 -50.10
C ARG K 836 13.00 12.75 -51.33
N LEU K 837 12.08 12.01 -51.92
CA LEU K 837 12.42 11.21 -53.12
C LEU K 837 11.55 11.60 -54.31
N SER K 838 12.08 11.39 -55.52
CA SER K 838 11.36 11.69 -56.77
C SER K 838 11.50 10.52 -57.72
N GLY K 839 10.37 10.02 -58.21
CA GLY K 839 10.40 8.89 -59.14
C GLY K 839 9.81 9.25 -60.50
N LYS K 840 9.18 8.25 -61.14
CA LYS K 840 8.53 8.42 -62.45
C LYS K 840 7.50 9.55 -62.41
N GLY K 841 7.73 10.57 -63.23
CA GLY K 841 6.83 11.70 -63.28
C GLY K 841 6.81 12.50 -61.99
N GLY K 842 5.65 13.11 -61.71
CA GLY K 842 5.49 13.89 -60.50
C GLY K 842 5.42 13.02 -59.26
N ASP K 843 6.01 11.84 -59.33
CA ASP K 843 6.02 10.92 -58.19
C ASP K 843 6.99 11.40 -57.12
N LYS K 844 6.51 12.23 -56.20
CA LYS K 844 7.37 12.75 -55.13
C LYS K 844 6.96 12.20 -53.76
N ARG K 845 7.93 11.73 -52.98
CA ARG K 845 7.63 11.19 -51.66
C ARG K 845 8.41 11.88 -50.55
N ASP K 846 7.76 11.98 -49.39
CA ASP K 846 8.38 12.61 -48.23
C ASP K 846 8.21 11.68 -47.01
N LEU K 847 9.25 10.89 -46.73
CA LEU K 847 9.19 9.91 -45.64
C LEU K 847 10.20 10.02 -44.51
N MET K 848 9.81 9.52 -43.34
CA MET K 848 10.74 9.52 -42.20
C MET K 848 11.39 8.16 -42.28
N ILE K 849 12.64 8.14 -42.69
CA ILE K 849 13.36 6.91 -42.85
C ILE K 849 14.35 6.58 -41.74
N ASP K 850 14.32 5.33 -41.31
CA ASP K 850 15.27 4.91 -40.31
C ASP K 850 16.64 4.86 -40.99
N ILE K 851 17.63 5.47 -40.36
CA ILE K 851 18.96 5.44 -40.90
C ILE K 851 19.82 4.50 -40.04
N LEU K 852 20.11 3.33 -40.59
CA LEU K 852 20.87 2.32 -39.86
C LEU K 852 22.32 2.65 -39.59
N ASP K 853 22.90 2.04 -38.57
CA ASP K 853 24.31 2.26 -38.28
C ASP K 853 25.10 1.29 -39.16
N ASP K 854 24.44 0.24 -39.64
CA ASP K 854 25.06 -0.79 -40.49
C ASP K 854 24.00 -1.46 -41.36
N ASP K 855 24.41 -2.07 -42.46
CA ASP K 855 23.46 -2.77 -43.32
C ASP K 855 24.07 -3.98 -44.03
N ARG K 856 25.17 -4.47 -43.46
CA ARG K 856 25.87 -5.63 -43.96
C ARG K 856 24.98 -6.85 -44.06
N PHE K 857 24.29 -7.17 -42.97
CA PHE K 857 23.42 -8.31 -42.95
C PHE K 857 22.37 -8.19 -44.04
N ILE K 858 21.79 -7.00 -44.24
CA ILE K 858 20.78 -6.82 -45.29
C ILE K 858 21.41 -7.15 -46.66
N ARG K 859 22.64 -6.66 -46.89
CA ARG K 859 23.30 -6.93 -48.16
C ARG K 859 23.53 -8.41 -48.28
N TYR K 860 24.00 -9.02 -47.19
CA TYR K 860 24.25 -10.45 -47.19
C TYR K 860 23.04 -11.27 -47.60
N ARG K 861 21.92 -11.09 -46.90
CA ARG K 861 20.70 -11.88 -47.17
C ARG K 861 20.18 -11.62 -48.57
N SER K 862 20.38 -10.39 -49.03
CA SER K 862 19.96 -10.00 -50.38
C SER K 862 20.75 -10.91 -51.37
N TRP K 863 22.06 -10.94 -51.16
CA TRP K 863 22.95 -11.75 -51.98
C TRP K 863 22.50 -13.21 -51.99
N VAL K 864 22.26 -13.74 -50.81
CA VAL K 864 21.85 -15.13 -50.71
C VAL K 864 20.54 -15.36 -51.48
N GLU K 865 19.57 -14.48 -51.33
CA GLU K 865 18.30 -14.69 -52.04
C GLU K 865 18.42 -14.51 -53.55
N ALA K 866 19.44 -13.74 -53.95
CA ALA K 866 19.70 -13.54 -55.37
C ALA K 866 20.28 -14.85 -55.90
N ASN K 867 21.31 -15.38 -55.23
CA ASN K 867 21.90 -16.62 -55.71
C ASN K 867 20.86 -17.73 -55.66
N ARG K 868 20.00 -17.68 -54.65
CA ARG K 868 19.01 -18.71 -54.52
C ARG K 868 18.02 -18.59 -55.66
N ARG K 869 17.63 -17.37 -56.02
CA ARG K 869 16.67 -17.28 -57.13
C ARG K 869 17.32 -17.77 -58.42
N TYR K 870 18.59 -17.36 -58.59
CA TYR K 870 19.38 -17.71 -59.76
C TYR K 870 19.49 -19.24 -59.93
N VAL K 871 19.90 -19.93 -58.87
CA VAL K 871 20.00 -21.38 -58.97
C VAL K 871 18.66 -22.03 -59.35
N HIS K 872 17.56 -21.54 -58.79
CA HIS K 872 16.24 -22.10 -59.12
C HIS K 872 15.92 -21.87 -60.58
N GLU K 873 16.29 -20.72 -61.13
CA GLU K 873 15.96 -20.46 -62.53
C GLU K 873 16.84 -21.17 -63.53
N ARG K 874 18.12 -21.27 -63.22
CA ARG K 874 19.05 -21.92 -64.13
C ARG K 874 18.90 -23.44 -64.17
N SER K 875 18.47 -24.06 -63.07
CA SER K 875 18.29 -25.50 -63.00
C SER K 875 16.82 -25.82 -63.31
N LYS K 876 16.07 -24.79 -63.71
CA LYS K 876 14.66 -24.92 -64.04
C LYS K 876 13.88 -25.49 -62.83
N GLY K 877 14.21 -25.01 -61.62
CA GLY K 877 13.51 -25.47 -60.44
C GLY K 877 13.91 -26.86 -59.96
N THR K 878 15.02 -27.38 -60.45
CA THR K 878 15.44 -28.70 -60.04
C THR K 878 16.56 -28.75 -58.98
N ILE K 879 17.11 -27.60 -58.63
CA ILE K 879 18.23 -27.54 -57.67
C ILE K 879 18.04 -26.49 -56.57
N GLY K 880 18.42 -26.88 -55.36
CA GLY K 880 18.28 -25.97 -54.24
C GLY K 880 19.57 -25.26 -53.97
N TYR K 881 19.52 -24.28 -53.05
CA TYR K 881 20.71 -23.54 -52.69
C TYR K 881 20.71 -23.07 -51.27
N ILE K 882 21.85 -23.29 -50.61
CA ILE K 882 22.06 -22.90 -49.23
C ILE K 882 23.48 -22.29 -49.06
N HIS K 883 23.57 -21.20 -48.30
CA HIS K 883 24.84 -20.58 -48.05
C HIS K 883 25.14 -20.59 -46.57
N ILE K 884 26.40 -20.84 -46.23
CA ILE K 884 26.83 -20.83 -44.82
C ILE K 884 27.95 -19.80 -44.65
N PRO K 885 27.62 -18.65 -44.04
CA PRO K 885 28.50 -17.51 -43.78
C PRO K 885 29.60 -17.81 -42.74
N ASP K 886 29.32 -18.63 -41.74
CA ASP K 886 30.38 -18.96 -40.82
C ASP K 886 30.00 -20.22 -40.08
N MET K 887 30.84 -20.68 -39.16
CA MET K 887 30.55 -21.89 -38.42
C MET K 887 30.19 -21.56 -36.99
N GLY K 888 29.63 -20.36 -36.83
CA GLY K 888 29.22 -19.89 -35.52
C GLY K 888 27.71 -19.89 -35.44
N MET K 889 27.13 -18.99 -34.67
CA MET K 889 25.69 -18.97 -34.53
C MET K 889 25.03 -18.49 -35.81
N MET K 890 25.67 -17.53 -36.46
CA MET K 890 25.09 -17.05 -37.70
C MET K 890 25.02 -18.18 -38.74
N GLY K 891 26.02 -19.05 -38.72
CA GLY K 891 26.06 -20.13 -39.67
C GLY K 891 24.94 -21.11 -39.47
N LEU K 892 24.62 -21.33 -38.20
CA LEU K 892 23.55 -22.23 -37.81
C LEU K 892 22.22 -21.63 -38.24
N ASN K 893 22.08 -20.29 -38.14
CA ASN K 893 20.82 -19.61 -38.53
C ASN K 893 20.54 -19.70 -40.00
N GLU K 894 21.54 -19.31 -40.77
CA GLU K 894 21.46 -19.29 -42.22
C GLU K 894 21.30 -20.70 -42.81
N PHE K 895 22.11 -21.63 -42.31
CA PHE K 895 22.00 -22.98 -42.78
C PHE K 895 20.55 -23.46 -42.63
N TYR K 896 19.98 -23.39 -41.42
CA TYR K 896 18.60 -23.86 -41.32
C TYR K 896 17.62 -22.97 -42.03
N ARG K 897 17.85 -21.66 -42.00
CA ARG K 897 16.93 -20.73 -42.65
C ARG K 897 16.57 -21.14 -44.07
N LEU K 898 17.52 -21.76 -44.76
CA LEU K 898 17.27 -22.21 -46.13
C LEU K 898 17.16 -23.73 -46.19
N PHE K 899 17.93 -24.43 -45.36
CA PHE K 899 17.87 -25.86 -45.39
C PHE K 899 16.45 -26.45 -45.36
N ILE K 900 15.55 -25.88 -44.56
CA ILE K 900 14.19 -26.39 -44.45
C ILE K 900 13.37 -26.19 -45.70
N ASN K 901 13.89 -25.47 -46.68
CA ASN K 901 13.14 -25.26 -47.93
C ASN K 901 13.87 -25.66 -49.18
N GLU K 902 15.15 -25.96 -49.06
CA GLU K 902 15.98 -26.28 -50.22
C GLU K 902 16.51 -27.69 -50.24
N SER K 903 16.21 -28.46 -49.22
CA SER K 903 16.75 -29.79 -49.15
C SER K 903 16.03 -30.83 -49.99
N SER K 904 14.86 -30.50 -50.51
CA SER K 904 14.12 -31.50 -51.28
C SER K 904 14.03 -31.35 -52.79
N TYR K 905 15.09 -30.76 -53.34
CA TYR K 905 15.16 -30.64 -54.78
C TYR K 905 16.00 -31.82 -55.25
N GLN K 906 15.96 -32.06 -56.54
CA GLN K 906 16.75 -33.14 -57.14
C GLN K 906 18.20 -32.97 -56.75
N GLY K 907 18.65 -31.72 -56.71
CA GLY K 907 20.01 -31.46 -56.31
C GLY K 907 20.11 -30.33 -55.34
N LEU K 908 21.25 -30.21 -54.68
CA LEU K 908 21.44 -29.15 -53.70
C LEU K 908 22.86 -28.60 -53.73
N ILE K 909 22.98 -27.29 -53.74
CA ILE K 909 24.28 -26.67 -53.72
C ILE K 909 24.44 -26.09 -52.35
N VAL K 910 25.56 -26.43 -51.71
CA VAL K 910 25.90 -25.95 -50.38
C VAL K 910 27.11 -25.08 -50.64
N ASP K 911 26.89 -23.77 -50.63
CA ASP K 911 27.89 -22.78 -50.87
C ASP K 911 28.49 -22.38 -49.56
N VAL K 912 29.76 -22.69 -49.32
CA VAL K 912 30.33 -22.22 -48.09
C VAL K 912 31.43 -21.23 -48.34
N ARG K 913 31.35 -20.50 -49.44
CA ARG K 913 32.40 -19.52 -49.74
C ARG K 913 32.37 -18.40 -48.73
N PHE K 914 33.54 -17.91 -48.36
CA PHE K 914 33.69 -16.80 -47.37
C PHE K 914 33.34 -17.24 -45.96
N ASN K 915 33.24 -18.54 -45.77
CA ASN K 915 32.90 -19.02 -44.48
C ASN K 915 33.94 -18.73 -43.40
N GLY K 916 33.57 -17.86 -42.46
CA GLY K 916 34.46 -17.48 -41.39
C GLY K 916 34.84 -18.50 -40.34
N GLY K 917 34.46 -19.76 -40.51
CA GLY K 917 34.82 -20.74 -39.47
C GLY K 917 34.05 -20.65 -38.14
N GLY K 918 34.56 -21.36 -37.13
CA GLY K 918 33.95 -21.37 -35.83
C GLY K 918 34.02 -22.79 -35.26
N PHE K 919 32.89 -23.49 -35.17
CA PHE K 919 32.94 -24.85 -34.62
C PHE K 919 31.71 -25.71 -34.90
N VAL K 920 30.70 -25.22 -35.62
CA VAL K 920 29.53 -26.07 -35.82
C VAL K 920 29.51 -26.90 -37.07
N SER K 921 30.62 -26.91 -37.77
CA SER K 921 30.70 -27.68 -39.02
C SER K 921 30.24 -29.11 -38.77
N GLN K 922 30.64 -29.72 -37.67
CA GLN K 922 30.21 -31.10 -37.42
C GLN K 922 28.69 -31.23 -37.33
N LEU K 923 28.01 -30.28 -36.69
CA LEU K 923 26.54 -30.33 -36.56
C LEU K 923 25.86 -30.18 -37.91
N ILE K 924 26.47 -29.42 -38.83
CA ILE K 924 25.87 -29.24 -40.14
C ILE K 924 26.14 -30.48 -41.02
N ILE K 925 27.39 -30.95 -40.99
CA ILE K 925 27.78 -32.13 -41.75
C ILE K 925 26.81 -33.29 -41.41
N GLU K 926 26.43 -33.37 -40.14
CA GLU K 926 25.51 -34.43 -39.64
C GLU K 926 24.18 -34.41 -40.33
N LYS K 927 23.66 -33.21 -40.57
CA LYS K 927 22.40 -33.06 -41.28
C LYS K 927 22.60 -33.51 -42.72
N LEU K 928 23.66 -33.01 -43.37
CA LEU K 928 23.92 -33.38 -44.78
C LEU K 928 24.20 -34.86 -44.97
N MET K 929 24.64 -35.51 -43.90
CA MET K 929 24.96 -36.93 -43.95
C MET K 929 23.72 -37.81 -43.94
N ASN K 930 22.59 -37.27 -43.47
CA ASN K 930 21.37 -38.06 -43.43
C ASN K 930 20.98 -38.58 -44.79
N LYS K 931 20.91 -39.88 -44.91
CA LYS K 931 20.52 -40.51 -46.15
C LYS K 931 19.02 -40.82 -46.11
N ARG K 932 18.29 -40.36 -47.10
CA ARG K 932 16.87 -40.61 -47.15
C ARG K 932 16.65 -42.06 -47.53
N ILE K 933 15.98 -42.83 -46.66
CA ILE K 933 15.72 -44.24 -46.95
C ILE K 933 14.25 -44.64 -46.84
N GLY K 934 13.39 -43.67 -46.59
CA GLY K 934 11.98 -44.01 -46.48
C GLY K 934 11.04 -42.84 -46.66
N TYR K 935 9.75 -43.15 -46.70
CA TYR K 935 8.73 -42.13 -46.84
C TYR K 935 7.52 -42.52 -46.02
N ASP K 936 6.70 -41.52 -45.79
CA ASP K 936 5.50 -41.68 -44.98
C ASP K 936 4.33 -41.39 -45.90
N ASN K 937 3.40 -42.33 -46.01
CA ASN K 937 2.23 -42.14 -46.85
C ASN K 937 0.97 -41.84 -46.10
N PRO K 938 0.48 -40.59 -46.19
CA PRO K 938 -0.73 -40.19 -45.48
C PRO K 938 -2.03 -40.42 -46.24
N ARG K 939 -3.14 -40.45 -45.50
CA ARG K 939 -4.45 -40.60 -46.13
C ARG K 939 -4.69 -39.34 -46.91
N ARG K 940 -4.32 -38.19 -46.33
CA ARG K 940 -4.49 -36.89 -46.99
C ARG K 940 -3.18 -36.11 -46.84
N GLY K 941 -2.84 -35.29 -47.83
CA GLY K 941 -1.60 -34.53 -47.74
C GLY K 941 -0.51 -35.12 -48.61
N THR K 942 0.74 -34.78 -48.36
CA THR K 942 1.83 -35.30 -49.17
C THR K 942 2.82 -36.19 -48.39
N LEU K 943 3.73 -36.83 -49.11
CA LEU K 943 4.73 -37.69 -48.50
C LEU K 943 5.63 -36.97 -47.52
N SER K 944 6.05 -37.68 -46.48
CA SER K 944 6.97 -37.12 -45.51
C SER K 944 8.24 -37.94 -45.64
N PRO K 945 9.38 -37.30 -45.84
CA PRO K 945 10.65 -38.03 -45.99
C PRO K 945 11.24 -38.48 -44.66
N TYR K 946 11.96 -39.60 -44.68
CA TYR K 946 12.58 -40.12 -43.48
C TYR K 946 14.06 -40.45 -43.78
N PRO K 947 14.99 -39.77 -43.09
CA PRO K 947 14.75 -38.83 -42.00
C PRO K 947 14.18 -37.52 -42.62
N THR K 948 13.57 -36.73 -41.75
CA THR K 948 12.97 -35.44 -42.09
C THR K 948 14.13 -34.53 -42.52
N ASN K 949 15.22 -34.60 -41.79
CA ASN K 949 16.34 -33.74 -42.07
C ASN K 949 17.30 -34.37 -43.03
N SER K 950 16.79 -34.82 -44.15
CA SER K 950 17.67 -35.44 -45.12
C SER K 950 17.58 -34.70 -46.46
N VAL K 951 18.70 -34.74 -47.19
CA VAL K 951 18.72 -34.13 -48.48
C VAL K 951 18.14 -35.17 -49.42
N ARG K 952 17.37 -34.70 -50.39
CA ARG K 952 16.71 -35.59 -51.33
C ARG K 952 17.60 -36.23 -52.40
N GLY K 953 18.44 -35.40 -53.01
CA GLY K 953 19.30 -35.87 -54.08
C GLY K 953 20.80 -35.63 -53.96
N LYS K 954 21.41 -35.24 -55.08
CA LYS K 954 22.85 -34.98 -55.18
C LYS K 954 23.26 -33.67 -54.55
N ILE K 955 24.37 -33.68 -53.84
CA ILE K 955 24.84 -32.47 -53.22
C ILE K 955 26.12 -32.00 -53.85
N ILE K 956 26.30 -30.69 -53.92
CA ILE K 956 27.52 -30.15 -54.50
C ILE K 956 27.98 -28.98 -53.62
N ALA K 957 29.24 -29.01 -53.22
CA ALA K 957 29.80 -27.97 -52.37
C ALA K 957 30.68 -27.00 -53.13
N ILE K 958 30.56 -25.72 -52.76
CA ILE K 958 31.32 -24.63 -53.34
C ILE K 958 32.11 -23.97 -52.22
N THR K 959 33.41 -23.76 -52.44
CA THR K 959 34.27 -23.15 -51.43
C THR K 959 35.34 -22.30 -52.14
N ASN K 960 35.99 -21.40 -51.39
CA ASN K 960 37.05 -20.57 -51.91
C ASN K 960 38.10 -20.30 -50.84
N GLU K 961 39.11 -19.50 -51.20
CA GLU K 961 40.23 -19.18 -50.31
C GLU K 961 39.78 -18.32 -49.15
N TYR K 962 38.53 -17.89 -49.15
CA TYR K 962 38.00 -17.08 -48.04
C TYR K 962 37.20 -17.90 -47.01
N ALA K 963 37.15 -19.21 -47.23
CA ALA K 963 36.47 -20.10 -46.31
C ALA K 963 37.63 -20.73 -45.50
N GLY K 964 37.62 -20.63 -44.18
CA GLY K 964 38.73 -21.19 -43.44
C GLY K 964 38.38 -21.70 -42.06
N SER K 965 39.38 -22.34 -41.45
CA SER K 965 39.26 -22.91 -40.10
C SER K 965 38.18 -23.98 -40.04
N ASP K 966 37.11 -23.75 -39.27
CA ASP K 966 36.08 -24.76 -39.21
C ASP K 966 35.58 -24.88 -40.65
N GLY K 967 35.85 -23.84 -41.45
CA GLY K 967 35.49 -23.80 -42.85
C GLY K 967 36.38 -24.75 -43.60
N ASP K 968 37.61 -24.94 -43.11
CA ASP K 968 38.57 -25.89 -43.75
C ASP K 968 38.13 -27.30 -43.40
N ILE K 969 37.81 -27.47 -42.11
CA ILE K 969 37.31 -28.73 -41.57
C ILE K 969 36.05 -29.22 -42.31
N PHE K 970 35.05 -28.36 -42.42
CA PHE K 970 33.85 -28.73 -43.16
C PHE K 970 34.19 -29.19 -44.60
N SER K 971 35.02 -28.40 -45.29
CA SER K 971 35.48 -28.66 -46.67
C SER K 971 36.16 -30.01 -46.81
N PHE K 972 37.14 -30.28 -45.94
CA PHE K 972 37.83 -31.55 -45.95
C PHE K 972 36.84 -32.72 -45.71
N SER K 973 35.98 -32.49 -44.73
CA SER K 973 34.97 -33.45 -44.33
C SER K 973 34.02 -33.83 -45.43
N PHE K 974 33.53 -32.84 -46.17
CA PHE K 974 32.58 -33.09 -47.25
C PHE K 974 33.18 -34.06 -48.23
N LYS K 975 34.45 -33.88 -48.57
CA LYS K 975 35.12 -34.79 -49.51
C LYS K 975 35.34 -36.12 -48.82
N LYS K 976 35.95 -36.10 -47.64
CA LYS K 976 36.24 -37.30 -46.91
C LYS K 976 35.04 -38.23 -46.74
N LEU K 977 33.85 -37.70 -46.49
CA LEU K 977 32.64 -38.52 -46.28
C LEU K 977 31.94 -38.80 -47.57
N GLY K 978 32.48 -38.26 -48.65
CA GLY K 978 31.90 -38.49 -49.95
C GLY K 978 30.49 -37.97 -50.15
N LEU K 979 30.19 -36.85 -49.49
CA LEU K 979 28.86 -36.24 -49.61
C LEU K 979 28.61 -35.70 -51.04
N GLY K 980 29.70 -35.42 -51.77
CA GLY K 980 29.58 -34.88 -53.12
C GLY K 980 30.89 -34.32 -53.60
N LYS K 981 30.88 -33.61 -54.74
CA LYS K 981 32.11 -32.99 -55.27
C LYS K 981 32.28 -31.61 -54.66
N LEU K 982 33.53 -31.20 -54.43
CA LEU K 982 33.82 -29.89 -53.87
C LEU K 982 34.36 -29.00 -55.02
N ILE K 983 33.72 -27.86 -55.23
CA ILE K 983 34.07 -26.90 -56.29
C ILE K 983 34.63 -25.57 -55.75
N GLY K 984 35.53 -24.94 -56.51
CA GLY K 984 36.07 -23.65 -56.09
C GLY K 984 37.58 -23.50 -56.14
N THR K 985 38.13 -22.99 -55.03
CA THR K 985 39.56 -22.79 -54.90
C THR K 985 40.02 -23.21 -53.49
N ARG K 986 41.27 -23.64 -53.37
CA ARG K 986 41.80 -24.10 -52.09
C ARG K 986 41.48 -23.09 -51.01
N THR K 987 41.12 -23.63 -49.86
CA THR K 987 40.74 -22.86 -48.69
C THR K 987 41.89 -22.32 -47.82
N TRP K 988 41.54 -21.38 -46.95
CA TRP K 988 42.45 -20.70 -46.04
C TRP K 988 43.61 -21.51 -45.44
N GLY K 989 43.30 -22.65 -44.83
CA GLY K 989 44.33 -23.48 -44.22
C GLY K 989 44.74 -23.21 -42.78
N GLY K 990 43.81 -22.71 -41.96
CA GLY K 990 44.13 -22.46 -40.56
C GLY K 990 43.30 -23.36 -39.64
N VAL K 991 43.83 -24.52 -39.27
CA VAL K 991 43.10 -25.41 -38.42
C VAL K 991 43.70 -25.73 -37.07
N VAL K 992 44.27 -24.73 -36.40
CA VAL K 992 44.71 -24.97 -35.02
C VAL K 992 43.86 -24.02 -34.16
N GLY K 993 42.85 -24.56 -33.49
CA GLY K 993 41.94 -23.74 -32.70
C GLY K 993 42.40 -23.09 -31.42
N ILE K 994 41.58 -22.17 -30.97
CA ILE K 994 41.83 -21.44 -29.75
C ILE K 994 40.67 -21.44 -28.70
N THR K 995 41.05 -21.15 -27.46
CA THR K 995 40.12 -21.03 -26.32
C THR K 995 40.86 -20.11 -25.36
N PRO K 996 40.83 -18.81 -25.64
CA PRO K 996 41.52 -17.90 -24.73
C PRO K 996 40.95 -17.89 -23.30
N LYS K 997 41.81 -17.69 -22.33
CA LYS K 997 41.32 -17.63 -20.99
C LYS K 997 41.98 -16.54 -20.15
N ARG K 998 42.74 -15.67 -20.82
CA ARG K 998 43.36 -14.52 -20.18
C ARG K 998 43.39 -13.26 -21.06
N ARG K 999 43.33 -12.11 -20.41
CA ARG K 999 43.34 -10.83 -21.10
C ARG K 999 44.52 -10.06 -20.52
N LEU K 1000 45.13 -9.18 -21.32
CA LEU K 1000 46.22 -8.37 -20.81
C LEU K 1000 45.57 -7.30 -19.89
N ILE K 1001 46.40 -6.69 -19.06
CA ILE K 1001 45.93 -5.69 -18.10
C ILE K 1001 45.09 -4.57 -18.72
N ASP K 1002 45.10 -4.42 -20.04
CA ASP K 1002 44.36 -3.35 -20.70
C ASP K 1002 43.11 -3.86 -21.43
N GLY K 1003 42.78 -5.11 -21.22
CA GLY K 1003 41.59 -5.66 -21.85
C GLY K 1003 41.88 -6.51 -23.06
N THR K 1004 43.03 -6.25 -23.65
CA THR K 1004 43.41 -6.98 -24.82
C THR K 1004 43.25 -8.49 -24.63
N VAL K 1005 42.72 -9.13 -25.67
CA VAL K 1005 42.53 -10.57 -25.67
C VAL K 1005 43.43 -11.14 -26.76
N LEU K 1006 44.46 -11.88 -26.34
CA LEU K 1006 45.36 -12.50 -27.30
C LEU K 1006 44.91 -13.97 -27.43
N THR K 1007 45.10 -14.57 -28.61
CA THR K 1007 44.73 -15.99 -28.79
C THR K 1007 46.00 -16.77 -29.12
N GLN K 1008 46.04 -18.03 -28.70
CA GLN K 1008 47.17 -18.88 -28.99
C GLN K 1008 46.67 -20.18 -29.63
N PRO K 1009 47.29 -20.60 -30.77
CA PRO K 1009 46.87 -21.85 -31.43
C PRO K 1009 47.24 -22.99 -30.46
N GLU K 1010 46.21 -23.45 -29.72
CA GLU K 1010 46.32 -24.46 -28.68
C GLU K 1010 45.79 -25.82 -28.97
N PHE K 1011 44.97 -25.96 -30.00
CA PHE K 1011 44.36 -27.27 -30.29
C PHE K 1011 44.52 -27.66 -31.72
N ALA K 1012 45.55 -28.44 -32.03
CA ALA K 1012 45.81 -28.81 -33.41
C ALA K 1012 44.87 -29.88 -33.96
N PHE K 1013 44.12 -29.54 -35.00
CA PHE K 1013 43.21 -30.50 -35.59
C PHE K 1013 43.95 -31.57 -36.37
N TRP K 1014 43.57 -32.82 -36.12
CA TRP K 1014 44.21 -33.92 -36.79
C TRP K 1014 43.19 -34.73 -37.55
N PHE K 1015 43.39 -34.84 -38.84
CA PHE K 1015 42.50 -35.59 -39.66
C PHE K 1015 43.12 -36.96 -39.89
N ARG K 1016 42.30 -37.99 -39.76
CA ARG K 1016 42.78 -39.34 -40.01
C ARG K 1016 43.15 -39.41 -41.50
N ASP K 1017 44.35 -39.89 -41.81
CA ASP K 1017 44.79 -39.98 -43.21
C ASP K 1017 45.14 -38.59 -43.80
N ALA K 1018 45.78 -37.75 -43.00
CA ALA K 1018 46.17 -36.40 -43.42
C ALA K 1018 46.93 -35.68 -42.30
N GLY K 1019 46.83 -36.22 -41.09
CA GLY K 1019 47.51 -35.64 -39.95
C GLY K 1019 47.17 -34.19 -39.73
N PHE K 1020 48.20 -33.35 -39.60
CA PHE K 1020 47.95 -31.95 -39.39
C PHE K 1020 48.11 -31.20 -40.70
N GLY K 1021 48.32 -32.00 -41.74
CA GLY K 1021 48.51 -31.49 -43.08
C GLY K 1021 47.70 -30.32 -43.55
N VAL K 1022 46.42 -30.26 -43.17
CA VAL K 1022 45.56 -29.17 -43.59
C VAL K 1022 46.11 -27.84 -43.06
N GLU K 1023 46.75 -27.88 -41.90
CA GLU K 1023 47.32 -26.65 -41.38
C GLU K 1023 48.37 -26.10 -42.33
N ASN K 1024 48.22 -24.81 -42.63
CA ASN K 1024 49.12 -24.08 -43.50
C ASN K 1024 49.04 -24.56 -44.92
N TYR K 1025 47.88 -25.09 -45.29
CA TYR K 1025 47.72 -25.53 -46.65
C TYR K 1025 46.31 -25.37 -47.13
N GLY K 1026 45.36 -25.88 -46.35
CA GLY K 1026 43.96 -25.74 -46.76
C GLY K 1026 43.42 -27.00 -47.37
N VAL K 1027 42.32 -26.88 -48.10
CA VAL K 1027 41.70 -28.02 -48.69
C VAL K 1027 41.45 -27.78 -50.17
N ASP K 1028 42.02 -28.69 -50.97
CA ASP K 1028 41.91 -28.64 -52.43
C ASP K 1028 40.56 -29.15 -52.89
N PRO K 1029 39.91 -28.42 -53.79
CA PRO K 1029 38.62 -28.83 -54.31
C PRO K 1029 38.83 -29.92 -55.36
N ASP K 1030 37.80 -30.72 -55.61
CA ASP K 1030 37.89 -31.77 -56.62
C ASP K 1030 38.08 -31.13 -57.97
N VAL K 1031 37.36 -30.03 -58.21
CA VAL K 1031 37.41 -29.31 -59.46
C VAL K 1031 37.78 -27.89 -59.15
N GLU K 1032 38.94 -27.43 -59.64
CA GLU K 1032 39.36 -26.06 -59.36
C GLU K 1032 38.71 -25.09 -60.34
N ILE K 1033 38.09 -24.06 -59.81
CA ILE K 1033 37.46 -23.08 -60.67
C ILE K 1033 37.80 -21.68 -60.20
N GLU K 1034 38.85 -21.12 -60.78
CA GLU K 1034 39.29 -19.77 -60.46
C GLU K 1034 38.15 -18.80 -60.76
N TYR K 1035 38.17 -17.68 -60.05
CA TYR K 1035 37.21 -16.60 -60.25
C TYR K 1035 38.12 -15.42 -60.60
N ALA K 1036 38.54 -15.34 -61.86
CA ALA K 1036 39.46 -14.28 -62.29
C ALA K 1036 38.80 -12.90 -62.36
N PRO K 1037 39.62 -11.84 -62.49
CA PRO K 1037 39.12 -10.47 -62.58
C PRO K 1037 38.21 -10.23 -63.78
N HIS K 1038 38.51 -10.88 -64.90
CA HIS K 1038 37.64 -10.67 -66.07
C HIS K 1038 36.26 -11.32 -65.84
N ASP K 1039 36.19 -12.27 -64.91
CA ASP K 1039 34.92 -12.92 -64.60
C ASP K 1039 34.03 -11.84 -63.94
N TYR K 1040 34.61 -11.11 -62.98
CA TYR K 1040 33.90 -10.05 -62.33
C TYR K 1040 33.50 -8.95 -63.32
N LEU K 1041 34.33 -8.67 -64.30
CA LEU K 1041 34.03 -7.63 -65.30
C LEU K 1041 32.86 -8.01 -66.19
N SER K 1042 32.65 -9.31 -66.37
CA SER K 1042 31.54 -9.76 -67.20
C SER K 1042 30.29 -10.01 -66.32
N GLY K 1043 30.40 -9.73 -65.03
CA GLY K 1043 29.27 -9.97 -64.16
C GLY K 1043 28.81 -11.43 -64.12
N LYS K 1044 29.76 -12.37 -64.11
CA LYS K 1044 29.40 -13.78 -64.07
C LYS K 1044 30.09 -14.54 -62.92
N ASP K 1045 29.34 -15.41 -62.24
CA ASP K 1045 29.90 -16.20 -61.16
C ASP K 1045 30.20 -17.58 -61.75
N PRO K 1046 31.47 -17.81 -62.12
CA PRO K 1046 31.88 -19.10 -62.71
C PRO K 1046 31.76 -20.25 -61.73
N GLN K 1047 31.99 -20.01 -60.45
CA GLN K 1047 31.92 -21.07 -59.47
C GLN K 1047 30.49 -21.61 -59.35
N ILE K 1048 29.52 -20.71 -59.28
CA ILE K 1048 28.16 -21.14 -59.13
C ILE K 1048 27.61 -21.74 -60.41
N ASP K 1049 28.06 -21.22 -61.54
CA ASP K 1049 27.60 -21.74 -62.82
C ASP K 1049 28.05 -23.17 -63.00
N TYR K 1050 29.30 -23.43 -62.65
CA TYR K 1050 29.83 -24.77 -62.78
C TYR K 1050 29.05 -25.67 -61.84
N ALA K 1051 28.84 -25.17 -60.62
CA ALA K 1051 28.09 -25.96 -59.63
C ALA K 1051 26.77 -26.42 -60.21
N ILE K 1052 26.02 -25.48 -60.80
CA ILE K 1052 24.73 -25.78 -61.40
C ILE K 1052 24.86 -26.75 -62.57
N ASP K 1053 25.71 -26.40 -63.53
CA ASP K 1053 25.90 -27.21 -64.70
C ASP K 1053 26.26 -28.63 -64.31
N ALA K 1054 27.18 -28.75 -63.36
CA ALA K 1054 27.65 -30.05 -62.91
C ALA K 1054 26.54 -30.93 -62.35
N LEU K 1055 25.67 -30.34 -61.53
CA LEU K 1055 24.58 -31.11 -60.93
C LEU K 1055 23.58 -31.48 -62.01
N ILE K 1056 23.34 -30.55 -62.92
CA ILE K 1056 22.41 -30.82 -63.97
C ILE K 1056 22.89 -32.04 -64.72
N GLU K 1057 24.19 -32.09 -65.01
CA GLU K 1057 24.75 -33.25 -65.70
C GLU K 1057 24.58 -34.52 -64.85
N GLU K 1058 24.77 -34.42 -63.54
CA GLU K 1058 24.63 -35.58 -62.67
C GLU K 1058 23.20 -36.00 -62.53
N LEU K 1059 22.26 -35.09 -62.81
CA LEU K 1059 20.85 -35.38 -62.70
C LEU K 1059 20.25 -35.73 -64.06
N ARG K 1060 20.49 -36.97 -64.48
CA ARG K 1060 19.96 -37.47 -65.73
C ARG K 1060 19.73 -38.98 -65.53
N ASN K 1061 19.20 -39.35 -64.38
CA ASN K 1061 18.94 -40.77 -64.10
C ASN K 1061 17.58 -40.97 -63.46
N THR L 3 32.67 -16.34 -13.28
CA THR L 3 31.43 -15.92 -13.93
C THR L 3 30.57 -17.14 -14.36
N GLN L 4 29.49 -17.37 -13.61
CA GLN L 4 28.55 -18.49 -13.86
C GLN L 4 29.22 -19.86 -13.81
N LYS L 5 28.43 -20.91 -13.95
CA LYS L 5 28.94 -22.27 -13.92
C LYS L 5 28.51 -23.02 -15.18
N ALA L 6 28.15 -22.26 -16.20
CA ALA L 6 27.76 -22.83 -17.48
C ALA L 6 28.27 -21.98 -18.66
N ALA L 7 29.23 -21.10 -18.41
CA ALA L 7 29.82 -20.28 -19.47
C ALA L 7 30.74 -21.19 -20.30
N ALA L 8 30.11 -21.96 -21.21
CA ALA L 8 30.79 -22.91 -22.11
C ALA L 8 32.12 -22.41 -22.68
N GLU L 9 33.13 -23.27 -22.70
CA GLU L 9 34.42 -22.89 -23.25
C GLU L 9 34.92 -23.96 -24.23
N LEU L 10 34.42 -23.90 -25.46
CA LEU L 10 34.82 -24.85 -26.48
C LEU L 10 35.89 -24.24 -27.38
N THR L 11 36.57 -25.07 -28.16
CA THR L 11 37.63 -24.62 -29.06
C THR L 11 37.10 -24.01 -30.34
N PHE L 12 37.54 -22.80 -30.64
CA PHE L 12 37.09 -22.12 -31.83
C PHE L 12 38.06 -22.31 -32.96
N PHE L 13 37.51 -22.43 -34.17
CA PHE L 13 38.32 -22.58 -35.39
C PHE L 13 37.86 -21.52 -36.44
C1 0QE L 14 38.68 -21.31 -37.32
#